data_6F41
#
_entry.id   6F41
#
_cell.length_a   1.000
_cell.length_b   1.000
_cell.length_c   1.000
_cell.angle_alpha   90.00
_cell.angle_beta   90.00
_cell.angle_gamma   90.00
#
_symmetry.space_group_name_H-M   'P 1'
#
loop_
_entity.id
_entity.type
_entity.pdbx_description
1 polymer 'DNA-directed RNA polymerase III subunit RPC1'
2 polymer 'DNA-directed RNA polymerase III subunit RPC2'
3 polymer 'DNA-directed RNA polymerases I and III subunit RPAC1'
4 polymer 'DNA-directed RNA polymerase III subunit RPC9'
5 polymer 'DNA-directed RNA polymerases I, II, and III subunit RPABC1'
6 polymer 'DNA-directed RNA polymerases I, II, and III subunit RPABC2'
7 polymer 'DNA-directed RNA polymerase III subunit RPC8'
8 polymer 'DNA-directed RNA polymerases I, II, and III subunit RPABC3'
9 polymer 'DNA-directed RNA polymerase III subunit RPC10'
10 polymer 'DNA-directed RNA polymerases I, II, and III subunit RPABC5'
11 polymer 'DNA-directed RNA polymerases I and III subunit RPAC2'
12 polymer 'DNA-directed RNA polymerases I, II, and III subunit RPABC4'
13 polymer 'DNA-directed RNA polymerase III subunit RPC5'
14 polymer 'DNA-directed RNA polymerase III subunit RPC4'
15 polymer 'DNA-directed RNA polymerase III subunit RPC3'
16 polymer 'DNA-directed RNA polymerase III subunit RPC6'
17 polymer 'DNA-directed RNA polymerase III subunit RPC7'
18 polymer 'TATA-box-binding protein'
19 polymer 'Transcription factor IIIB 70 kDa subunit'
20 polymer "Transcription factor TFIIIB component B''"
21 polymer RNA
22 polymer 'Non-Template DNA'
23 polymer Template-DNA
24 non-polymer 'ZINC ION'
#
loop_
_entity_poly.entity_id
_entity_poly.type
_entity_poly.pdbx_seq_one_letter_code
_entity_poly.pdbx_strand_id
1 'polypeptide(L)'
;MKEVVVSETPKRIKGLEFSALSAADIVAQSEVEVSTRDLFDLEKDRAPKANGALDPKMGVSSSSLECATCHGNLASCHGH
FGHLKLALPVFHIGYFKATIQILQGICKNCSAILLSETDKRQFLHELRRPGVDNLRRMGILKKILDQCKKQRRCLHCGAL
NGVVKKAAAGAGSAALKIIHDTFRWVGKKSAPEKDIWVGEWKEVLAHNPELERYVKRCMDDLNPLKTLNLFKQIKSADCE
LLGIDATVPSGRPETYIWRYLPAPPVCIRPSVMMQDSPASNEDDLTVKLTEIVWTSSLIKAGLDKGISINNMMEHWDYLQ
LTVAMYINSDSVNPAMLPGSSNGGGKVKPIRGFCQRLKGKQGRFRGNLSGKRVDFSGRTVISPDPNLSIDEVAVPDRVAK
VLTYPEKVTRYNRHKLQELIVNGPNVHPGANYLLKRNEDARRNLRYGDRMKLAKNLQIGDVVERHLEDGDVVLFNRQPSL
HRLSILSHYAKIRPWRTFRLNECVCTPYNADFDGDEMNLHVPQTEEARAEAINLMGVKNNLLTPKSGEPIIAATQDFITG
SYLISHKDSFYDRATLTQLLSMMSDGIEHFDIPPPAIMKPYYLWTGKQVFSLLIKPNHNSPVVINLDAKNKVFVPPKSKS
LPNEMSQNDGFVIIRGSQILSGVMDKSVLGDGKKHSVFYTILRDYGPQEAANAMNRMAKLCARFLGNRGFSIGINDVTPA
DDLKQKKEELVEIAYHKCDELITLFNKGELETQPGCNEEQTLEAKIGGLLSKVREEVGDVCINELDNWNAPLIMATCGSK
GSTLNVSQMVAVVGQQIISGNRVPDGFQDRSLPHFPKNSKTPQSKGFVRNSFFSGLSPPEFLFHAISGREGLVDTAVKTA
ETGYMSRRLMKSLEDLSCQYDNTVRTSANGIVQFTYGGDGLDPLEMEGNAQPVNFNRSWDHAYNITFNNQDKGLLPYAIM
ETANEILGPLEERLVRYDNSGCLVKREDLNKAEYVDQYDAERDFYHSLREYINGKATALANLRKSRGMLGLLEPPAKELQ
GIDPDETVPDNVKTSVSQLYRISEKSVRKFLEIALFKYRKARLEPGTAIGAIGAQSIGEPGTQMTLKTFHFAGVASMNVT
LGVPRIKEIINASKVISTPIINAVLVNDNDERAARVVKGRVEKTLLSDVAFYVQDVYKDNLSFIQVRIDLGTIDKLQLEL
TIEDIAVAITRASKLKIQASDVNIIGKDRIAINVFPEGYKAKSISTSAKEPSENDVFYRMQQLRRALPDVVVKGLPDISR
AVINIRDDGKRELLVEGYGLRDVMCTDGVIGSRTTTNHVLEVFSVLGIEAARYSIIREINYTMSNHGMSVDPRHIQLLGD
VMTYKGEVLGITRFGLSKMRDSVLQLASFEKTTDHLFDAAFYMKKDAVEGVSECIILGQTMSIGTGSFKVVKGTNISEKD
LVPKRCLFESLSNEAALKAN
;
A
2 'polypeptide(L)'
;MVAATKRRKTHIHKHVKDEAFDDLLKPVYKGKKLTDEINTAQDKWHLLPAFLKVKGLVKQHLDSFNYFVDTDLKKIIKAN
QLILSDVDPEFYLKYVDIRVGKKSSSSTKDYLTPPHECRLRDMTYSAPIYVDIEYTRGRNIIMHKDVEIGRMPIMLRSNK
CILYDADESKMAKLNECPLDPGGYFIVNGTEKVILVQEQLSKNRIIVEADEKKGIVQASVTSSTHERKSKTYVITKNGKI
YLKHNSIAEEIPIAIVLKACGILSDLEIMQLVCGNDSSYQDIFAVNLEESSKLDIYTQQQALEYIGAKVKTMRRQKLTIL
QEGIEAIATTVIAHLTVEALDFREKALYIAMMTRRVVMAMYNPKMIDDRDYVGNKRLELAGQLISLLFEDLFKKFNNDFK
LSIDKVLKKPNRAMEYDALLSINVHSNNITSGLNRAISTGNWSLKRFKMERAGVTHVLSRLSYISALGMMTRISSQFEKS
RKVSGPRALQPSQFGMLCTADTPEGEACGLVKNLALMTHITTDDEEEPIKKLCYVLGVEDITLIDSASLHLNYGVYLNGT
LIGSIRFPTKFVTQFRHLRRTGKVSEFISIYSNSHQMAVHIATDGGRICRPLIIVSDGQSRVKDIHLRKLLDGELDFDDF
LKLGLVEYLDVNEENDSYIALYEKDIVPSMTHLEIEPFTILGAVAGLIPYPHHNQSPRNTYQCAMGKQAIGAIAYNQFKR
IDTLLYLMTYPQQPMVKTKTIELIDYDKLPAGQNATVAVMSYSGYDIEDALVLNKSSIDRGFGRCETRRKTTTVLKRYAN
HTQDIIGGMRVDENGDPIWQHQSLGPDGLGEVGMKVQSGQIYINKSVPTNSADAPNPNNVNVQTQYREAPVIYRGPEPSH
IDQVMMSVSDNDQALIKVLLRQNRRPELGDKFSSRHGQKGVCGIIVKQEDMPFNDQGIVPDIIMNPHGFPSRMTVGKMIE
LISGKAGVLNGTLEYGTCFGGSKLEDMSKILVDQGFNYSGKDMLYSGITGECLQAYIFFGPIYYQKLKHMVLDKMHARAR
GPRAVLTRQPTEGRSRDGGLRLGEMERDCVIAYGASQLLLERLMISSDAFEVDVCDKCGLMGYSGWCTTCKSAENIIKMT
IPYAAKLLFQELLSMNIAPRLRLEDIFQQ
;
B
3 'polypeptide(L)'
;MSNIVGIEYNRVTNTTSTDFPGFSKDAENEWNVEKFKKDFEVNISSLDAREANFDLINIDTSIANAFRRIMISEVPSVAA
EYVYFFNNTSVIQDEVLAHRIGLVPLKVDPDMLTWVDSNLPDDEKFTDENTIVLSLNVKCTRNPDAPKGSTDPKELYNNA
HVYARDLKFEPQGRQSTTFADCPVVPADPDILLAKLRPGQEISLKAHCILGIGGDHAKFSPVSTASYRLLPQINILQPIK
GESARRFQKCFPPGVIGIDEGSDEAYVKDARKDTVSREVLRYEEFADKVKLGRVRNHFIFNVESAGAMTPEEIFFKSVRI
LKNKAEYLKNCPITQ
;
C
4 'polypeptide(L)'
;MKVLEERNAFLSDYEVLKFLTDLEKKHLWDQKSLAALKKSRSKGKQNRPYNHPELQGITRNVVNYLSINKNFINQEDEGE
ERESSGAKDAEKSGISKMSDESFAELMTKLNSFKLFKAEKLQIVNQLPANMVHLYSIVEECDARFDEKTIEEMLEIISGY
A
;
D
5 'polypeptide(L)'
;MDQENERNISRLWRAFRTVKEMVKDRGYFITQEEVELPLEDFKAKYCDSMGRPQRKMMSFQANPTEESISKFPDMGSLWV
EFCDEPSVGVKTMKTFVIHIQEKNFQTGIFVYQNNITPSAMKLVPSIPPATIETFNEAALVVNITHHELVPKHIRLSSDE
KRELLKRYRLKESQLPRIQRADPVALYLGLKRGEVVKIIRKSETSGRYASYRICM
;
E
6 'polypeptide(L)'
;MSDYEEAFNDGNENFEDFDVEHFSDEETYEEKPQFKDGETTDANGKTIVTGGNGPEDFQQHEQIRRKTLKEKAIPKDQRA
TTPYMTKYERARILGTRALQISMNAPVFVDLEGETDPLRIAMKELAEKKIPLVIRRYLPDGSFEDWSVEELIVDL
;
F
7 'polypeptide(L)'
;MFILSKIADLVRIPPDQFHRDTISAITHQLNNKFANKIIPNVGLCITIYDLLTVEEGQLKPGDGSSYINVTFRAVVFKPF
LGEIVTGWISKCTAEGIKVSLLGIFDDIFIPQNMLFEGCYYTPEESAWIWPMDEETKLYFDVNEKIRFRIEREVFVDVKP
KSPKERELEERAQLENEIEGKNEETPQNEKPPAYALLGSCQTDGMGLVSWWE
;
G
8 'polypeptide(L)'
;MSNTLFDDIFQVSEVDPGRYNKVCRIEAASTTQDQCKLTLDINVELFPVAAQDSLTVTIASSLNLEDTPANDSSATRSWR
PPQAGDRSLADDYDYVMYGTAYKFEEVSKDLIAVYYSFGGLLMRLEGNYRNLNNLKQENAYLLIRR
;
H
9 'polypeptide(L)'
;MLSFCPSCNNMLLITSGDSGVYTLACRSCPYEFPIEGIEIYDRKKLPRKEVDDVLGGGWDNVDQTKTQCPNYDTCGGESA
YFFQLQIRSADEPMTTFYKCVNCGHRWKEN
;
I
10 'polypeptide(L)' MIVPVRCFSCGKVVGDKWESYLNLLQEDELDEGTALSRLGLKRYCCRRMILTHVDLIEKFLRYNPLEKRD J
11 'polypeptide(L)'
;MTEDIEQKKTATEVTPQEPKHIQEEEEQDVDMTGDEEQEEEPDREKIKLLTQATSEDGTSASFQIVEEDHTLGNALRYVI
MKNPDVEFCGYSIPHPSENLLNIRIQTYGETTAVDALQKGLKDLMDLCDVVESKFTEKIKSM
;
K
12 'polypeptide(L)' MSREGFQIPTNLDAAAAGTSQARTATLKYICAECSSKLSLSRTDAVRCKDCGHRILLKARTKRLVQFEAR L
13 'polypeptide(L)'
;MSIDNKLFVTEEDEEDRTQDRADVEDESNDIDMIADENGTNSAIANEQEEKSEEVKAEDDTGEEEEDDPVIEEFPLKISG
EEESLHVFQYANRPRLVGRKPAEHPFISAARYKPKSHLWEIDIPLDEQAFYNKDKAESEWNGVNVQTLKGVGVENNGQYA
AFVKDMQVYLVPIERVAQLKPFFKYIDDANVTRKQEDARRNPNPSSQRAQVVTMSVKSVNDPSQNRLTGSLLAHKVADEE
ANIELTWAEGTFEQFKDTIVKEAEDKTLVALEKQEDYIDNLV
;
M
14 'polypeptide(L)'
;MSSNKGNGRLPSLKDSSSNGGGSAKPSLKFKPKAVARKSKEEREAAASKVKLEEESKRGNDKKHFNNKNKRVTGAGGQQR
RMAKYLNNTHVISSGPLAAGNFVSEKGDLRRGFIKSEGSGSSLVQKGLETIDNGAESSENEAEDDDNEGVASKSKKKFNM
GKEFEARNLIEDEDDGESEKSSDVDMDDEEWRSKRIEQLFPVRPVRVRHEDVETVKREIQEALSEKPTREPTPSVKTEPV
GTGLQSYLEERERQVNEKLADLGLEKEFQSVDGKEAAAELELLNADHQHILRKLKKMNNKPERFMVFQLPTRLPAFERPA
VKEEKEDMETQASDPSKKKKNIKKKDTKDALSTRELAGKVGSIRVHKSGKLSVKIGNVVMDIGKGAETTFLQDVIALSIA
DDASSAELLGRVDGKIVVTPQI
;
N
15 'polypeptide(L)'
;MDELLGEALSAENQTGESTVESEKLVTPEDVMTISSLEQRTLNPDLFLYKELVKAHLGERAASVIGMLVALGRLSVRELV
EKIDGMDVDSVKTTLVSLTQLRCVKYLQETAISGKKTTYYYYNEEGIHILLYSGLIIDEIITQMRVNDEEEHKQLVAEIV
QNVISLGSLTVEDYLSSVTSDSMKYTISSLFVQLCEMGYLIQISKLHYTPIEDLWQFLYEKHYKNIPRNSPLSDLKKRSQ
AKMNAKTDFAKIINKPNELSQILTVDPKTSLRIVKPTVSLTINLDRFMKGRRSKQLINLAKTRVGSVTAQVYKIALRLTE
QKSPKIRDPLTQTGLLQDLEEAKSFQDEAELVEEKTPGLTFNAIDLARHLPAELDLRGSLLSRKPSDNKKRSGSNAAASL
PSKKLKTEDGFVIPALPAAVSKSLQESGDTQEEDEEEEDLDADTEDPHSASLINSHLKILASSNFPFLNETKPGVYYVPY
SKLMPVLKSSVYEYVIASTLGPSAMRLSRCIRDNKLVSEKIINSTALMKEKDIRSTLASLIRYNSVEIQEVPRTADRSAS
RAVFLFRCKETHSYNFMRQNLEWNMANLLFKKEKLKQENSTLLKKANRDDVKGRENELLLPSELNQLKMVNERELNVFAR
LSRLLSLWEVFQMA
;
O
16 'polypeptide(L)'
;MSGMIENGLQLSDNAKTLHSQMMSKGIGALFTQQELQKQMGIGSLTDLMSIVQELLDKNLIKLVKQNDELKFQGVLESEA
QKKATMSAEEALVYSYIEASGREGIWSKTIKARTNLHQHVVLKCLKSLESQRYVKSVKSVKFPTRKIYMLYSLQPSVDIT
GGPWFTDGELDIEFINSLLTIVWRFISENTFPNGFKNFENGPKKNVFYAPNVKNYSTTQEILEFITAAQVANVELTPSNI
RSLCEVLVYDDKLEKVTHDCYRVTLESILQMNQGEGEPEAGNKALEDEEEFSIFNYFKMFPASKHDKEVVYFDEWTI
;
P
17 'polypeptide(L)'
;MSSYRGGSRGGGSNYMSNLPFGLGYGDVGKNHITEFPSIPLPINGPITNKERSLAVKYINFGKTVKDGPFYTGSMSLIID
QQENSKSGKRKPNIILDEDDTNDGIERYSDKYLKKRKIGISIDDHPYNLNLFPNELYNVMGINKKKLLAISKFNNADDVF
TGTGLQDENIGLSMLAKLKELAEDVDDASTGDGAAKGSKTGEGEDDDLADDDFEEDEDEEDDDDYNAEKYFNNGDDDDYG
DEEDPNEEAAF
;
Q
18 'polypeptide(L)'
;MADEERLKEFKEANKIVFDPNTRQVWENQNRDGTKPATTFQSEEDIKRAAPESEKDTSATSGIVPTLQNIVATVTLGCRL
DLKTVALHARNAEYNPKRFAAVIMRIREPKTTALIFASGKMVVTGAKSEDDSKLASRKYARIIQKIGFAAKFTDFKIQNI
VGSCDVKFPIRLEGLAFSHGTFSSYEPELFPGLIYRMVKPKIVLLIFVSGKIVLTGAKQREEIYQAFEAIYPVLSEFRKM
;
U
19 'polypeptide(L)'
;MPVCKNCHGTEFERDLSNANNDLVCKACGVVSEDNPIVSEVTFGETSAGAAVVQGSFIGAGQSHAAFGGSSALESREATL
NNARRKLRAVSYALHIPEYITDAAFQWYKLALANNFVQGRRSQNVIASCLYVACRKEKTHHMLIDFSSRLQVSVYSIGAT
FLKMVKKLHITELPLADPSLFIQHFAEKLDLADKKIKVVKDAVKLAQRMSKDWMFEGRRPAGIAGACILLACRMNNLRRT
HTEIVAVSHVAEETLQQRLNEFKNTKAAKLSVQKFRENDVEDGEARPPSFVKNRKKERKIKDSLDKEEMFQTSEEALNKN
PILTQVLGEQELSSKEVLFYLKQFSERRARVVERIKATNGIDGENIYHEGSENETRKRKLSEVSIQNEHVEGEDKETEGT
EEKVKKVKTKTSEEKKENESGHFQDAIDGYSLETDPYCPRNLHLLPTTDTYLSKVSDDPDNLEDVDDEELNAHLLNEEAS
KLKERIWIGLNADFLLEQESKRLKQEADIATGNTSVKKKRTRRRNNTRSDEPTKTVDAAAAIGLMSDLQDKSGLHAALKA
AEESGDFTTADSVKNMLQKASFSKKINYDAIDGLFR
;
V
20 'polypeptide(L)'
;MSSIVNKSGTRFAPKVRQRRAATGGTPTPKPRTPQLFIPESKEIEEDNSDNDKGVDENETAIVEKPSLVGERSLEGFTLT
GTNGHDNEIGDEGPIDASTQNPKADVIEDNVTLKPAPLQTHRDQKVPRSSRLASLSKDNESRPSFKPSFLDSSSNSNGTA
RRLSTISNKLPKKIRLGSITENDMNLKTFKRHRVLGKPSSAKKPAGAHRISIVSKISPPTAMTDSLDRNEFSSETSTSRE
ADENENYVISKVKDIPKKVRDGESAKYFIDEENFTMAELCKPNFPIGQISENFEKSKMAKKAKLEKRRHLRELRMRARQE
FKPLHSLTKEEQEEEEEKRKEERDKLLNADIPESDRKAHTAIQLKLNPDGTMAIDEETMVVDRHKNASIENEYKEKVDEN
PFANLYNYGSYGRGSYTDPWTVEEMIKFYKALSMWGTDFNLISQLYPYRSRKQVKAKFVNEEKKRPILIELALRSKLPPN
FDEYCCEIKKNIGTVADFNEKLIELQNEHKHHMKEIEEAKNTAKEEDQTAQRLNDANLNKKGSGGIMTNDLKVYRKTEVV
LGTIDDLKRKKLKERNNDDNEDNEGSEEEPEIDQ
;
W
21 'polyribonucleotide' GUUGCC R
22 'polydeoxyribonucleotide'
;(DC)(DG)(DT)(DC)(DC)(DA)(DC)(DT)(DA)(DT)(DT)(DT)(DT)(DC)(DG)(DG)(DC)(DT)(DA)(DC)
(DT)(DA)(DT)(DA)(DA)(DA)(DT)(DA)(DA)(DA)(DT)(DG)(DT)(DT)(DT)(DT)(DT)(DT)(DT)(DC)
(DG)(DC)(DA)(DG)(DT)(DC)(DT)(DA)(DT)(DG)(DC)(DG)(DG)(DT)(DT)(DA)(DA)(DC)(DA)(DG)
(DT)(DA)(DA)(DC)(DC)(DC)(DT)(DT)(DC)(DG)(DT)(DG)(DG)(DA)(DC)(DA)(DT)(DT)(DT)(DG)
(DG)
;
X
23 'polydeoxyribonucleotide'
;(DC)(DC)(DA)(DA)(DA)(DT)(DG)(DT)(DC)(DC)(DA)(DC)(DG)(DA)(DA)(DG)(DG)(DG)(DT)(DT)
(DA)(DC)(DT)(DT)(DC)(DG)(DG)(DC)(DA)(DA)(DC)(DC)(DC)(DA)(DT)(DA)(DG)(DT)(DT)(DG)
(DC)(DG)(DA)(DA)(DA)(DA)(DA)(DA)(DA)(DC)(DA)(DT)(DT)(DT)(DA)(DT)(DT)(DT)(DA)(DT)
(DA)(DG)(DT)(DA)(DG)(DC)(DC)(DG)(DA)(DA)(DA)(DA)(DT)(DA)(DG)(DT)(DG)(DG)(DA)(DC)
(DG)
;
Y
#
loop_
_chem_comp.id
_chem_comp.type
_chem_comp.name
_chem_comp.formula
C RNA linking CYTIDINE-5'-MONOPHOSPHATE 'C9 H14 N3 O8 P'
DA DNA linking 2'-DEOXYADENOSINE-5'-MONOPHOSPHATE 'C10 H14 N5 O6 P'
DC DNA linking 2'-DEOXYCYTIDINE-5'-MONOPHOSPHATE 'C9 H14 N3 O7 P'
DG DNA linking 2'-DEOXYGUANOSINE-5'-MONOPHOSPHATE 'C10 H14 N5 O7 P'
DT DNA linking THYMIDINE-5'-MONOPHOSPHATE 'C10 H15 N2 O8 P'
G RNA linking GUANOSINE-5'-MONOPHOSPHATE 'C10 H14 N5 O8 P'
U RNA linking URIDINE-5'-MONOPHOSPHATE 'C9 H13 N2 O9 P'
ZN non-polymer 'ZINC ION' 'Zn 2'
#
# COMPACT_ATOMS: atom_id res chain seq x y z
CA LYS A 2 -38.50 -0.11 -41.42
C LYS A 2 -39.92 -0.66 -41.35
N GLU A 3 -40.89 0.25 -41.32
CA GLU A 3 -42.32 -0.04 -41.16
C GLU A 3 -42.58 -1.08 -40.07
N VAL A 4 -41.77 -1.06 -39.01
CA VAL A 4 -41.89 -1.98 -37.90
C VAL A 4 -41.85 -1.20 -36.60
N VAL A 5 -42.61 -1.67 -35.61
CA VAL A 5 -42.70 -1.01 -34.32
C VAL A 5 -41.57 -1.51 -33.42
N VAL A 6 -40.96 -0.58 -32.69
CA VAL A 6 -39.94 -0.89 -31.69
C VAL A 6 -40.39 -0.28 -30.37
N SER A 7 -40.47 -1.11 -29.34
CA SER A 7 -41.01 -0.66 -28.06
C SER A 7 -40.29 -1.39 -26.93
N GLU A 8 -39.80 -0.62 -25.94
CA GLU A 8 -39.18 -1.19 -24.76
C GLU A 8 -39.56 -0.37 -23.55
N THR A 9 -39.73 -1.04 -22.40
CA THR A 9 -39.94 -0.36 -21.14
C THR A 9 -38.63 -0.19 -20.40
N PRO A 10 -38.48 0.88 -19.61
CA PRO A 10 -37.32 0.97 -18.73
C PRO A 10 -37.40 -0.06 -17.62
N LYS A 11 -36.23 -0.57 -17.23
CA LYS A 11 -36.16 -1.73 -16.35
C LYS A 11 -35.19 -1.44 -15.21
N ARG A 12 -35.08 -2.42 -14.30
CA ARG A 12 -34.37 -2.28 -13.04
C ARG A 12 -33.66 -3.60 -12.77
N ILE A 13 -32.92 -3.67 -11.67
CA ILE A 13 -32.24 -4.89 -11.25
C ILE A 13 -32.80 -5.28 -9.89
N LYS A 14 -33.46 -6.43 -9.82
CA LYS A 14 -34.04 -6.89 -8.56
C LYS A 14 -33.00 -7.41 -7.59
N GLY A 15 -31.84 -7.85 -8.07
CA GLY A 15 -30.86 -8.48 -7.21
C GLY A 15 -29.91 -9.40 -7.93
N LEU A 16 -28.68 -9.48 -7.44
CA LEU A 16 -27.65 -10.31 -8.06
C LEU A 16 -27.74 -11.74 -7.53
N GLU A 17 -27.35 -12.68 -8.39
CA GLU A 17 -27.08 -14.05 -7.96
C GLU A 17 -25.74 -14.50 -8.54
N PHE A 18 -24.89 -15.07 -7.70
CA PHE A 18 -23.55 -15.46 -8.13
C PHE A 18 -23.53 -16.91 -8.59
N SER A 19 -22.52 -17.21 -9.42
CA SER A 19 -22.35 -18.55 -9.98
C SER A 19 -20.93 -18.65 -10.51
N ALA A 20 -20.41 -19.87 -10.53
CA ALA A 20 -19.21 -20.18 -11.29
C ALA A 20 -19.60 -20.61 -12.70
N LEU A 21 -19.16 -19.86 -13.70
CA LEU A 21 -19.50 -20.18 -15.08
C LEU A 21 -18.73 -21.41 -15.56
N SER A 22 -19.33 -22.12 -16.50
CA SER A 22 -18.92 -23.48 -16.79
C SER A 22 -17.60 -23.49 -17.57
N ALA A 23 -17.07 -24.71 -17.75
CA ALA A 23 -15.87 -24.93 -18.55
C ALA A 23 -16.16 -24.95 -20.04
N ALA A 24 -17.43 -24.88 -20.44
CA ALA A 24 -17.81 -24.77 -21.84
C ALA A 24 -18.33 -23.39 -22.22
N ASP A 25 -18.75 -22.58 -21.25
CA ASP A 25 -19.22 -21.23 -21.53
C ASP A 25 -18.08 -20.25 -21.79
N ILE A 26 -16.84 -20.62 -21.47
CA ILE A 26 -15.72 -19.70 -21.64
C ILE A 26 -15.46 -19.44 -23.11
N VAL A 27 -15.37 -20.51 -23.91
CA VAL A 27 -15.24 -20.36 -25.35
C VAL A 27 -16.54 -19.86 -25.98
N ALA A 28 -17.66 -19.98 -25.27
CA ALA A 28 -18.92 -19.45 -25.76
C ALA A 28 -18.91 -17.93 -25.77
N GLN A 29 -18.27 -17.31 -24.78
CA GLN A 29 -18.28 -15.86 -24.66
C GLN A 29 -16.97 -15.21 -25.11
N SER A 30 -15.87 -15.96 -25.12
CA SER A 30 -14.68 -15.50 -25.83
C SER A 30 -14.86 -15.69 -27.34
N GLU A 31 -14.05 -14.99 -28.12
CA GLU A 31 -14.07 -15.16 -29.56
C GLU A 31 -12.69 -15.19 -30.22
N VAL A 32 -11.61 -14.91 -29.52
CA VAL A 32 -10.26 -15.12 -30.05
C VAL A 32 -9.56 -16.17 -29.19
N GLU A 33 -8.37 -16.58 -29.64
CA GLU A 33 -7.59 -17.56 -28.90
C GLU A 33 -6.12 -17.17 -28.95
N VAL A 34 -5.42 -17.48 -27.85
CA VAL A 34 -4.12 -16.86 -27.55
C VAL A 34 -3.05 -17.94 -27.40
N SER A 35 -3.07 -18.94 -28.30
CA SER A 35 -2.17 -20.08 -28.19
C SER A 35 -0.70 -19.66 -28.17
N THR A 36 -0.32 -18.68 -28.99
CA THR A 36 1.09 -18.33 -29.06
C THR A 36 1.49 -17.47 -27.86
N ARG A 37 2.79 -17.16 -27.78
CA ARG A 37 3.40 -16.59 -26.60
C ARG A 37 3.71 -15.10 -26.76
N ASP A 38 4.50 -14.75 -27.77
CA ASP A 38 5.27 -13.51 -27.74
C ASP A 38 4.39 -12.30 -28.01
N LEU A 39 4.70 -11.21 -27.31
CA LEU A 39 3.79 -10.07 -27.18
C LEU A 39 3.93 -9.09 -28.34
N PHE A 40 5.17 -8.81 -28.78
CA PHE A 40 5.42 -7.83 -29.83
C PHE A 40 6.26 -8.47 -30.92
N ASP A 41 5.74 -8.47 -32.13
CA ASP A 41 6.45 -9.00 -33.29
C ASP A 41 7.62 -8.09 -33.66
N LEU A 42 8.67 -8.69 -34.24
CA LEU A 42 9.82 -7.94 -34.70
C LEU A 42 9.63 -7.38 -36.10
N GLU A 43 8.37 -7.23 -36.53
CA GLU A 43 8.04 -6.62 -37.82
C GLU A 43 8.50 -5.17 -37.88
N LYS A 44 8.75 -4.54 -36.73
CA LYS A 44 9.01 -3.10 -36.62
C LYS A 44 7.82 -2.30 -37.13
N ASP A 45 6.62 -2.82 -36.88
CA ASP A 45 5.38 -2.09 -37.06
C ASP A 45 5.06 -1.35 -35.76
N ARG A 46 4.01 -0.51 -35.80
CA ARG A 46 3.68 0.24 -34.60
C ARG A 46 2.89 -0.59 -33.61
N ALA A 47 2.01 -1.47 -34.09
CA ALA A 47 1.19 -2.32 -33.23
C ALA A 47 1.41 -3.80 -33.55
N PRO A 48 2.64 -4.31 -33.42
CA PRO A 48 2.90 -5.66 -33.93
C PRO A 48 2.42 -6.75 -32.98
N LYS A 49 1.28 -7.35 -33.30
CA LYS A 49 0.64 -8.33 -32.43
C LYS A 49 -0.03 -9.39 -33.30
N ALA A 50 0.44 -10.64 -33.24
CA ALA A 50 -0.05 -11.64 -34.18
C ALA A 50 -1.36 -12.26 -33.71
N ASN A 51 -1.31 -13.08 -32.65
CA ASN A 51 -2.51 -13.78 -32.22
C ASN A 51 -2.68 -13.75 -30.70
N GLY A 52 -1.58 -13.93 -29.97
CA GLY A 52 -1.67 -14.23 -28.54
C GLY A 52 -1.16 -13.12 -27.65
N ALA A 53 -1.57 -11.88 -27.94
CA ALA A 53 -0.87 -10.72 -27.43
C ALA A 53 -1.91 -9.62 -27.19
N LEU A 54 -1.45 -8.37 -27.21
CA LEU A 54 -2.34 -7.21 -27.18
C LEU A 54 -3.08 -7.18 -28.51
N ASP A 55 -4.14 -7.99 -28.58
CA ASP A 55 -4.61 -8.40 -29.90
C ASP A 55 -5.61 -7.39 -30.43
N PRO A 56 -5.46 -6.92 -31.67
CA PRO A 56 -6.30 -5.82 -32.15
C PRO A 56 -7.75 -6.19 -32.40
N LYS A 57 -8.10 -7.47 -32.45
CA LYS A 57 -9.50 -7.86 -32.42
C LYS A 57 -9.91 -8.49 -31.09
N MET A 58 -9.07 -8.36 -30.05
CA MET A 58 -9.48 -8.55 -28.67
C MET A 58 -9.82 -7.22 -28.00
N GLY A 59 -9.01 -6.21 -28.24
CA GLY A 59 -9.28 -4.88 -27.75
C GLY A 59 -8.21 -3.94 -28.26
N VAL A 60 -8.09 -2.78 -27.62
CA VAL A 60 -7.08 -1.80 -28.00
C VAL A 60 -6.69 -1.00 -26.76
N SER A 61 -5.38 -0.92 -26.50
CA SER A 61 -4.87 -0.26 -25.31
C SER A 61 -4.22 1.10 -25.63
N SER A 62 -4.54 1.68 -26.79
CA SER A 62 -3.98 2.96 -27.18
C SER A 62 -5.06 3.81 -27.82
N SER A 63 -4.75 5.09 -28.04
CA SER A 63 -5.70 6.03 -28.59
C SER A 63 -5.72 6.06 -30.11
N SER A 64 -4.64 5.60 -30.76
CA SER A 64 -4.49 5.77 -32.20
C SER A 64 -4.80 4.51 -32.98
N LEU A 65 -5.18 3.42 -32.32
CA LEU A 65 -5.51 2.17 -32.98
C LEU A 65 -7.02 2.00 -33.02
N GLU A 66 -7.47 0.83 -33.48
CA GLU A 66 -8.90 0.58 -33.67
C GLU A 66 -9.19 -0.86 -33.27
N CYS A 67 -10.27 -1.06 -32.50
CA CYS A 67 -10.66 -2.41 -32.11
C CYS A 67 -11.28 -3.11 -33.31
N ALA A 68 -10.62 -4.16 -33.80
CA ALA A 68 -11.05 -4.83 -35.02
C ALA A 68 -12.27 -5.72 -34.83
N THR A 69 -12.79 -5.87 -33.62
CA THR A 69 -14.02 -6.63 -33.42
C THR A 69 -15.27 -5.75 -33.38
N CYS A 70 -15.36 -4.85 -32.39
CA CYS A 70 -16.63 -4.15 -32.17
C CYS A 70 -16.80 -2.96 -33.10
N HIS A 71 -16.15 -1.85 -32.75
CA HIS A 71 -15.44 -0.89 -33.59
C HIS A 71 -15.05 0.29 -32.73
N GLY A 72 -14.23 1.20 -33.25
CA GLY A 72 -13.89 2.39 -32.50
C GLY A 72 -12.58 2.26 -31.75
N ASN A 73 -12.05 3.41 -31.33
CA ASN A 73 -10.70 3.47 -30.76
C ASN A 73 -10.75 3.39 -29.24
N LEU A 74 -11.33 4.40 -28.59
CA LEU A 74 -11.51 4.37 -27.14
C LEU A 74 -12.88 4.81 -26.66
N ALA A 75 -13.67 5.53 -27.46
CA ALA A 75 -14.98 5.97 -27.01
C ALA A 75 -16.00 4.84 -27.02
N SER A 76 -15.80 3.81 -27.85
CA SER A 76 -16.82 2.80 -28.09
C SER A 76 -16.47 1.42 -27.55
N CYS A 77 -15.18 1.08 -27.48
CA CYS A 77 -14.78 -0.30 -27.23
C CYS A 77 -14.99 -0.65 -25.76
N HIS A 78 -15.91 -1.58 -25.50
CA HIS A 78 -16.16 -2.06 -24.15
C HIS A 78 -15.32 -3.28 -23.79
N GLY A 79 -14.42 -3.70 -24.67
CA GLY A 79 -13.54 -4.81 -24.41
C GLY A 79 -14.17 -6.16 -24.75
N HIS A 80 -13.31 -7.14 -24.98
CA HIS A 80 -13.74 -8.50 -25.30
C HIS A 80 -12.82 -9.50 -24.64
N PHE A 81 -13.39 -10.65 -24.26
CA PHE A 81 -12.67 -11.67 -23.52
C PHE A 81 -11.92 -12.59 -24.47
N GLY A 82 -10.75 -13.04 -24.04
CA GLY A 82 -10.03 -14.11 -24.70
C GLY A 82 -10.01 -15.37 -23.85
N HIS A 83 -9.78 -16.53 -24.47
CA HIS A 83 -9.73 -17.78 -23.72
C HIS A 83 -8.43 -18.51 -24.00
N LEU A 84 -8.00 -19.30 -23.02
CA LEU A 84 -6.81 -20.13 -23.06
C LEU A 84 -7.20 -21.61 -23.12
N LYS A 85 -6.18 -22.46 -23.17
CA LYS A 85 -6.36 -23.91 -23.12
C LYS A 85 -5.22 -24.51 -22.32
N LEU A 86 -5.51 -24.93 -21.09
CA LEU A 86 -4.50 -25.54 -20.24
C LEU A 86 -4.13 -26.94 -20.74
N ALA A 87 -2.92 -27.36 -20.42
CA ALA A 87 -2.42 -28.66 -20.86
C ALA A 87 -3.09 -29.79 -20.08
N LEU A 88 -3.07 -29.69 -18.74
CA LEU A 88 -3.69 -30.63 -17.84
C LEU A 88 -4.04 -29.89 -16.56
N PRO A 89 -5.16 -30.23 -15.91
CA PRO A 89 -5.80 -29.28 -15.00
C PRO A 89 -4.98 -28.99 -13.75
N VAL A 90 -5.33 -27.86 -13.12
CA VAL A 90 -4.71 -27.39 -11.89
C VAL A 90 -5.82 -27.05 -10.90
N PHE A 91 -5.43 -26.74 -9.67
CA PHE A 91 -6.39 -26.33 -8.65
C PHE A 91 -6.68 -24.84 -8.75
N HIS A 92 -7.86 -24.46 -8.26
CA HIS A 92 -8.24 -23.06 -8.11
C HIS A 92 -7.90 -22.59 -6.69
N ILE A 93 -7.18 -21.46 -6.60
CA ILE A 93 -6.68 -21.02 -5.30
C ILE A 93 -7.76 -20.36 -4.46
N GLY A 94 -8.82 -19.85 -5.08
CA GLY A 94 -9.94 -19.29 -4.35
C GLY A 94 -10.80 -20.39 -3.76
N TYR A 95 -11.01 -21.45 -4.52
CA TYR A 95 -11.77 -22.61 -4.09
C TYR A 95 -10.90 -23.63 -3.35
N PHE A 96 -9.63 -23.33 -3.12
CA PHE A 96 -8.74 -24.32 -2.52
C PHE A 96 -9.11 -24.62 -1.07
N LYS A 97 -9.66 -23.63 -0.36
CA LYS A 97 -10.26 -23.93 0.93
C LYS A 97 -11.50 -24.80 0.77
N ALA A 98 -12.28 -24.55 -0.28
CA ALA A 98 -13.56 -25.22 -0.49
C ALA A 98 -13.47 -26.45 -1.38
N THR A 99 -12.29 -26.77 -1.91
CA THR A 99 -12.11 -27.99 -2.69
C THR A 99 -11.74 -29.18 -1.82
N ILE A 100 -11.52 -28.98 -0.52
CA ILE A 100 -11.27 -30.09 0.39
C ILE A 100 -12.48 -30.39 1.28
N GLN A 101 -13.38 -29.42 1.50
CA GLN A 101 -14.68 -29.75 2.07
C GLN A 101 -15.51 -30.58 1.10
N ILE A 102 -15.32 -30.39 -0.20
CA ILE A 102 -16.06 -31.16 -1.20
C ILE A 102 -15.51 -32.57 -1.36
N LEU A 103 -14.39 -32.88 -0.72
CA LEU A 103 -13.76 -34.19 -0.83
C LEU A 103 -13.81 -35.01 0.45
N GLN A 104 -13.88 -34.35 1.61
CA GLN A 104 -13.96 -35.07 2.87
C GLN A 104 -15.31 -35.76 3.07
N GLY A 105 -16.30 -35.49 2.24
CA GLY A 105 -17.60 -36.09 2.41
C GLY A 105 -17.78 -37.34 1.57
N ILE A 106 -16.96 -37.51 0.55
CA ILE A 106 -17.20 -38.47 -0.51
C ILE A 106 -16.14 -39.57 -0.45
N CYS A 107 -16.51 -40.75 -0.95
CA CYS A 107 -15.60 -41.88 -0.95
C CYS A 107 -14.43 -41.64 -1.90
N LYS A 108 -13.24 -42.08 -1.48
CA LYS A 108 -12.04 -41.97 -2.30
C LYS A 108 -11.88 -43.11 -3.30
N ASN A 109 -12.83 -44.06 -3.32
CA ASN A 109 -12.78 -45.18 -4.25
C ASN A 109 -13.95 -45.16 -5.22
N CYS A 110 -15.18 -45.17 -4.71
CA CYS A 110 -16.38 -45.26 -5.53
C CYS A 110 -17.04 -43.90 -5.74
N SER A 111 -16.60 -42.88 -5.01
CA SER A 111 -17.13 -41.52 -5.09
C SER A 111 -18.64 -41.50 -4.80
N ALA A 112 -18.97 -41.93 -3.59
CA ALA A 112 -20.29 -41.74 -3.01
C ALA A 112 -20.13 -41.05 -1.66
N ILE A 113 -21.18 -40.36 -1.23
CA ILE A 113 -21.09 -39.60 0.01
C ILE A 113 -21.17 -40.57 1.20
N LEU A 114 -20.47 -40.22 2.29
CA LEU A 114 -20.30 -41.14 3.41
C LEU A 114 -21.48 -41.05 4.37
N LEU A 115 -22.65 -41.44 3.87
CA LEU A 115 -23.87 -41.43 4.66
C LEU A 115 -24.63 -42.72 4.43
N SER A 116 -25.51 -43.04 5.38
CA SER A 116 -26.51 -44.07 5.19
C SER A 116 -27.75 -43.46 4.53
N GLU A 117 -28.63 -44.33 4.04
CA GLU A 117 -29.76 -43.85 3.25
C GLU A 117 -30.82 -43.20 4.13
N THR A 118 -31.20 -43.88 5.21
CA THR A 118 -32.22 -43.33 6.11
C THR A 118 -31.71 -42.18 6.96
N ASP A 119 -30.41 -41.89 6.93
CA ASP A 119 -29.88 -40.70 7.59
C ASP A 119 -29.83 -39.49 6.66
N LYS A 120 -29.48 -39.70 5.39
CA LYS A 120 -29.34 -38.58 4.46
C LYS A 120 -30.68 -37.97 4.09
N ARG A 121 -31.77 -38.74 4.17
CA ARG A 121 -33.09 -38.21 3.88
C ARG A 121 -33.59 -37.28 4.98
N GLN A 122 -33.07 -37.42 6.20
CA GLN A 122 -33.43 -36.51 7.28
C GLN A 122 -32.80 -35.13 7.09
N PHE A 123 -31.58 -35.07 6.55
CA PHE A 123 -30.85 -33.80 6.49
C PHE A 123 -31.49 -32.83 5.50
N LEU A 124 -31.65 -33.26 4.25
CA LEU A 124 -32.07 -32.33 3.19
C LEU A 124 -33.53 -31.91 3.35
N HIS A 125 -34.29 -32.61 4.20
CA HIS A 125 -35.54 -32.06 4.71
C HIS A 125 -35.34 -30.68 5.35
N GLU A 126 -34.24 -30.48 6.07
CA GLU A 126 -33.97 -29.18 6.65
C GLU A 126 -33.51 -28.14 5.63
N LEU A 127 -33.39 -28.51 4.36
CA LEU A 127 -33.17 -27.53 3.30
C LEU A 127 -34.48 -27.05 2.67
N ARG A 128 -35.53 -27.86 2.71
CA ARG A 128 -36.72 -27.65 1.91
C ARG A 128 -37.77 -26.77 2.59
N ARG A 129 -37.63 -26.46 3.86
CA ARG A 129 -38.60 -25.59 4.51
C ARG A 129 -38.40 -24.14 4.07
N PRO A 130 -39.47 -23.36 4.03
CA PRO A 130 -39.36 -22.03 3.42
C PRO A 130 -38.50 -21.05 4.20
N GLY A 131 -38.50 -21.13 5.53
CA GLY A 131 -37.71 -20.18 6.30
C GLY A 131 -36.28 -20.65 6.52
N VAL A 132 -35.39 -20.23 5.63
CA VAL A 132 -33.97 -20.56 5.69
C VAL A 132 -33.19 -19.32 5.25
N ASP A 133 -32.37 -18.76 6.13
CA ASP A 133 -31.43 -17.73 5.74
C ASP A 133 -30.02 -18.32 5.65
N ASN A 134 -29.08 -17.49 5.22
CA ASN A 134 -27.71 -17.93 5.00
C ASN A 134 -26.99 -18.33 6.27
N LEU A 135 -27.44 -17.84 7.43
CA LEU A 135 -26.71 -18.07 8.67
C LEU A 135 -26.90 -19.48 9.20
N ARG A 136 -28.08 -20.08 9.02
CA ARG A 136 -28.30 -21.45 9.42
C ARG A 136 -28.18 -22.44 8.26
N ARG A 137 -28.22 -21.96 7.02
CA ARG A 137 -28.05 -22.85 5.88
C ARG A 137 -26.64 -23.43 5.83
N MET A 138 -25.62 -22.61 6.11
CA MET A 138 -24.28 -23.13 6.32
C MET A 138 -24.08 -23.70 7.73
N GLY A 139 -25.01 -23.45 8.64
CA GLY A 139 -24.92 -24.07 9.95
C GLY A 139 -25.12 -25.57 9.91
N ILE A 140 -26.09 -26.03 9.13
CA ILE A 140 -26.33 -27.46 8.98
C ILE A 140 -25.35 -28.11 8.00
N LEU A 141 -24.68 -27.32 7.16
CA LEU A 141 -23.58 -27.86 6.35
C LEU A 141 -22.33 -28.14 7.19
N LYS A 142 -22.27 -27.60 8.40
CA LYS A 142 -21.19 -27.98 9.32
C LYS A 142 -21.40 -29.38 9.84
N LYS A 143 -22.65 -29.74 10.13
CA LYS A 143 -22.97 -31.05 10.70
C LYS A 143 -22.90 -32.16 9.67
N ILE A 144 -23.07 -31.85 8.38
CA ILE A 144 -23.09 -32.89 7.36
C ILE A 144 -21.69 -33.42 7.05
N LEU A 145 -20.65 -32.63 7.33
CA LEU A 145 -19.28 -33.10 7.17
C LEU A 145 -18.67 -33.63 8.46
N ASP A 146 -19.26 -33.30 9.61
CA ASP A 146 -18.89 -33.98 10.84
C ASP A 146 -19.38 -35.43 10.84
N GLN A 147 -20.60 -35.65 10.34
CA GLN A 147 -21.18 -36.99 10.35
C GLN A 147 -20.42 -37.94 9.43
N CYS A 148 -19.94 -37.44 8.30
CA CYS A 148 -19.32 -38.31 7.30
C CYS A 148 -17.93 -38.77 7.74
N LYS A 149 -17.10 -37.85 8.25
CA LYS A 149 -15.72 -38.22 8.54
C LYS A 149 -15.59 -39.05 9.82
N LYS A 150 -16.64 -39.14 10.62
CA LYS A 150 -16.65 -40.02 11.78
C LYS A 150 -17.06 -41.44 11.42
N GLN A 151 -17.23 -41.74 10.13
CA GLN A 151 -17.71 -43.02 9.65
C GLN A 151 -16.67 -43.59 8.70
N ARG A 152 -16.11 -44.75 9.07
CA ARG A 152 -14.81 -45.16 8.55
C ARG A 152 -14.89 -45.72 7.13
N ARG A 153 -15.88 -46.56 6.84
CA ARG A 153 -15.92 -47.29 5.58
C ARG A 153 -17.19 -46.98 4.81
N CYS A 154 -17.11 -47.11 3.50
CA CYS A 154 -18.12 -46.60 2.58
C CYS A 154 -19.30 -47.58 2.48
N LEU A 155 -20.21 -47.32 1.55
CA LEU A 155 -21.49 -48.01 1.46
C LEU A 155 -21.68 -48.83 0.19
N HIS A 156 -20.86 -48.63 -0.84
CA HIS A 156 -21.07 -49.28 -2.13
C HIS A 156 -19.98 -50.29 -2.48
N CYS A 157 -18.72 -50.01 -2.15
CA CYS A 157 -17.65 -50.97 -2.36
C CYS A 157 -16.94 -51.37 -1.08
N GLY A 158 -17.37 -50.86 0.07
CA GLY A 158 -16.79 -51.28 1.34
C GLY A 158 -15.37 -50.81 1.59
N ALA A 159 -14.87 -49.87 0.81
CA ALA A 159 -13.47 -49.50 0.89
C ALA A 159 -13.21 -48.67 2.15
N LEU A 160 -11.95 -48.70 2.60
CA LEU A 160 -11.55 -47.88 3.73
C LEU A 160 -11.51 -46.40 3.33
N ASN A 161 -11.75 -45.54 4.32
CA ASN A 161 -11.68 -44.10 4.10
C ASN A 161 -11.22 -43.45 5.39
N GLY A 162 -10.03 -42.85 5.37
CA GLY A 162 -9.52 -42.16 6.54
C GLY A 162 -9.79 -40.67 6.49
N VAL A 163 -8.73 -39.87 6.42
CA VAL A 163 -8.84 -38.42 6.47
C VAL A 163 -7.99 -37.84 5.34
N VAL A 164 -8.27 -36.60 4.98
CA VAL A 164 -7.55 -35.89 3.94
C VAL A 164 -7.41 -34.42 4.35
N LYS A 165 -6.22 -33.87 4.22
CA LYS A 165 -5.95 -32.49 4.61
C LYS A 165 -4.85 -31.94 3.73
N LYS A 166 -4.45 -30.70 4.01
CA LYS A 166 -3.36 -30.07 3.29
C LYS A 166 -2.04 -30.77 3.59
N ALA A 167 -1.03 -30.46 2.77
CA ALA A 167 0.35 -30.90 2.98
C ALA A 167 1.21 -29.66 3.19
N ALA A 168 1.31 -29.20 4.43
CA ALA A 168 2.06 -28.00 4.75
C ALA A 168 3.55 -28.30 4.82
N ALA A 175 4.12 -27.34 -2.78
CA ALA A 175 3.13 -27.00 -1.76
C ALA A 175 1.73 -26.94 -2.35
N LEU A 176 0.75 -26.58 -1.50
CA LEU A 176 -0.65 -26.40 -1.87
C LEU A 176 -1.20 -27.62 -2.61
N LYS A 177 -0.68 -28.80 -2.28
CA LYS A 177 -1.31 -30.07 -2.60
C LYS A 177 -1.81 -30.74 -1.34
N ILE A 178 -2.80 -31.61 -1.51
CA ILE A 178 -3.48 -32.25 -0.39
C ILE A 178 -3.28 -33.75 -0.48
N ILE A 179 -3.19 -34.39 0.69
CA ILE A 179 -2.93 -35.82 0.78
C ILE A 179 -3.98 -36.47 1.67
N HIS A 180 -4.29 -37.72 1.36
CA HIS A 180 -5.29 -38.50 2.09
C HIS A 180 -4.59 -39.59 2.90
N ASP A 181 -4.72 -39.55 4.22
CA ASP A 181 -4.28 -40.64 5.08
C ASP A 181 -5.41 -41.66 5.17
N THR A 182 -5.26 -42.78 4.47
CA THR A 182 -6.22 -43.88 4.53
C THR A 182 -5.91 -44.88 5.63
N PHE A 183 -5.05 -44.51 6.58
CA PHE A 183 -4.53 -45.45 7.59
C PHE A 183 -5.03 -45.01 8.96
N ARG A 184 -6.17 -45.56 9.37
CA ARG A 184 -6.62 -45.49 10.76
C ARG A 184 -6.86 -46.91 11.27
N TRP A 185 -5.78 -47.58 11.67
CA TRP A 185 -5.89 -48.84 12.38
C TRP A 185 -5.96 -48.58 13.88
N VAL A 186 -6.82 -49.32 14.57
CA VAL A 186 -7.02 -49.10 16.00
C VAL A 186 -6.17 -50.10 16.77
N GLY A 187 -6.53 -51.38 16.69
CA GLY A 187 -5.68 -52.46 17.15
C GLY A 187 -5.79 -53.69 16.27
N LYS A 188 -6.63 -53.60 15.24
CA LYS A 188 -6.85 -54.68 14.29
C LYS A 188 -6.28 -54.28 12.94
N LYS A 189 -5.02 -54.68 12.70
CA LYS A 189 -4.39 -54.42 11.42
C LYS A 189 -4.82 -55.41 10.33
N SER A 190 -5.60 -56.43 10.69
CA SER A 190 -6.05 -57.44 9.73
C SER A 190 -7.21 -56.88 8.91
N ALA A 191 -6.86 -55.97 8.00
CA ALA A 191 -7.82 -55.34 7.10
C ALA A 191 -7.50 -55.70 5.66
N PRO A 192 -8.53 -55.83 4.81
CA PRO A 192 -8.27 -56.04 3.37
C PRO A 192 -7.63 -54.85 2.68
N GLU A 193 -7.64 -53.66 3.31
CA GLU A 193 -6.84 -52.55 2.81
C GLU A 193 -5.37 -52.75 3.13
N LYS A 194 -5.06 -53.16 4.36
CA LYS A 194 -3.69 -53.11 4.86
C LYS A 194 -2.83 -54.22 4.26
N ASP A 195 -3.40 -55.43 4.12
CA ASP A 195 -2.61 -56.56 3.63
C ASP A 195 -2.17 -56.36 2.18
N ILE A 196 -2.98 -55.67 1.39
CA ILE A 196 -2.59 -55.38 0.01
C ILE A 196 -1.54 -54.27 -0.02
N TRP A 197 -1.58 -53.36 0.95
CA TRP A 197 -0.62 -52.26 0.99
C TRP A 197 0.80 -52.77 1.22
N VAL A 198 0.96 -53.69 2.18
CA VAL A 198 2.26 -54.32 2.37
C VAL A 198 2.55 -55.32 1.25
N GLY A 199 1.50 -55.89 0.66
CA GLY A 199 1.71 -56.90 -0.36
C GLY A 199 2.33 -56.37 -1.64
N GLU A 200 2.01 -55.12 -1.99
CA GLU A 200 2.67 -54.46 -3.10
C GLU A 200 4.02 -53.89 -2.72
N TRP A 201 4.20 -53.50 -1.46
CA TRP A 201 5.30 -52.61 -1.09
C TRP A 201 6.63 -53.35 -0.97
N LYS A 202 6.61 -54.61 -0.53
CA LYS A 202 7.85 -55.37 -0.44
C LYS A 202 8.35 -55.82 -1.81
N GLU A 203 7.52 -55.73 -2.84
CA GLU A 203 7.96 -56.01 -4.21
C GLU A 203 8.98 -54.98 -4.68
N VAL A 204 8.76 -53.71 -4.36
CA VAL A 204 9.70 -52.66 -4.73
C VAL A 204 10.88 -52.56 -3.78
N LEU A 205 10.82 -53.20 -2.61
CA LEU A 205 11.92 -53.16 -1.66
C LEU A 205 13.01 -54.16 -2.03
N ALA A 206 12.70 -55.11 -2.92
CA ALA A 206 13.71 -56.02 -3.45
C ALA A 206 14.84 -55.26 -4.13
N HIS A 207 14.49 -54.47 -5.14
CA HIS A 207 15.43 -53.51 -5.69
C HIS A 207 15.56 -52.29 -4.78
N ASN A 208 16.60 -51.49 -5.06
CA ASN A 208 17.00 -50.20 -4.47
C ASN A 208 16.54 -50.05 -3.01
N PRO A 209 17.04 -50.91 -2.12
CA PRO A 209 16.42 -51.07 -0.80
C PRO A 209 16.84 -50.01 0.21
N GLU A 210 17.17 -48.80 -0.24
CA GLU A 210 17.47 -47.70 0.66
C GLU A 210 16.25 -46.92 1.13
N LEU A 211 15.04 -47.37 0.80
CA LEU A 211 13.86 -46.51 0.91
C LEU A 211 12.98 -46.81 2.11
N GLU A 212 13.46 -47.58 3.09
CA GLU A 212 12.57 -48.01 4.17
C GLU A 212 12.35 -46.95 5.23
N ARG A 213 13.22 -45.95 5.33
CA ARG A 213 13.04 -44.88 6.31
C ARG A 213 11.98 -43.86 5.89
N TYR A 214 11.43 -43.98 4.68
CA TYR A 214 10.43 -43.04 4.19
C TYR A 214 9.00 -43.53 4.34
N VAL A 215 8.80 -44.79 4.72
CA VAL A 215 7.55 -45.46 4.40
C VAL A 215 6.41 -44.94 5.27
N LYS A 216 6.68 -44.69 6.55
CA LYS A 216 5.64 -44.13 7.41
C LYS A 216 5.27 -42.71 7.01
N ARG A 217 6.20 -41.98 6.38
CA ARG A 217 5.89 -40.67 5.84
C ARG A 217 5.11 -40.74 4.54
N CYS A 218 5.45 -41.71 3.69
CA CYS A 218 4.90 -41.76 2.34
C CYS A 218 3.44 -42.16 2.35
N MET A 219 2.68 -41.60 1.41
CA MET A 219 1.23 -41.57 1.48
C MET A 219 0.68 -41.20 0.12
N ASP A 220 -0.45 -41.80 -0.24
CA ASP A 220 -1.00 -41.62 -1.58
C ASP A 220 -1.61 -40.23 -1.73
N ASP A 221 -1.33 -39.60 -2.86
CA ASP A 221 -1.71 -38.22 -3.13
C ASP A 221 -2.88 -38.16 -4.10
N LEU A 222 -3.42 -36.95 -4.27
CA LEU A 222 -4.57 -36.68 -5.13
C LEU A 222 -4.20 -35.49 -6.01
N ASN A 223 -3.60 -35.77 -7.16
CA ASN A 223 -3.17 -34.71 -8.05
C ASN A 223 -4.38 -34.08 -8.77
N PRO A 224 -4.21 -32.89 -9.34
CA PRO A 224 -5.33 -32.22 -10.03
C PRO A 224 -5.86 -32.96 -11.25
N LEU A 225 -5.23 -34.07 -11.64
CA LEU A 225 -5.78 -34.87 -12.73
C LEU A 225 -6.79 -35.92 -12.25
N LYS A 226 -6.47 -36.66 -11.19
CA LYS A 226 -7.37 -37.71 -10.74
C LYS A 226 -8.54 -37.16 -9.93
N THR A 227 -8.41 -35.97 -9.36
CA THR A 227 -9.53 -35.36 -8.63
C THR A 227 -10.63 -34.93 -9.59
N LEU A 228 -10.25 -34.44 -10.77
CA LEU A 228 -11.24 -34.18 -11.81
C LEU A 228 -11.90 -35.47 -12.28
N ASN A 229 -11.13 -36.55 -12.40
CA ASN A 229 -11.73 -37.84 -12.73
C ASN A 229 -12.49 -38.44 -11.58
N LEU A 230 -12.22 -38.01 -10.34
CA LEU A 230 -12.99 -38.45 -9.20
C LEU A 230 -14.28 -37.64 -9.05
N PHE A 231 -14.23 -36.35 -9.37
CA PHE A 231 -15.44 -35.53 -9.32
C PHE A 231 -16.40 -35.89 -10.44
N LYS A 232 -15.87 -36.20 -11.63
CA LYS A 232 -16.73 -36.44 -12.78
C LYS A 232 -17.46 -37.77 -12.69
N GLN A 233 -16.99 -38.68 -11.82
CA GLN A 233 -17.64 -39.97 -11.65
C GLN A 233 -18.98 -39.87 -10.93
N ILE A 234 -19.18 -38.82 -10.13
CA ILE A 234 -20.23 -38.84 -9.12
C ILE A 234 -21.60 -38.59 -9.77
N LYS A 235 -22.63 -39.05 -9.09
CA LYS A 235 -24.01 -38.84 -9.53
C LYS A 235 -24.50 -37.48 -9.05
N SER A 236 -25.56 -37.00 -9.71
CA SER A 236 -26.09 -35.68 -9.40
C SER A 236 -27.06 -35.69 -8.23
N ALA A 237 -27.47 -36.86 -7.76
CA ALA A 237 -28.57 -36.95 -6.80
C ALA A 237 -28.17 -36.40 -5.43
N ASP A 238 -26.93 -36.65 -5.01
CA ASP A 238 -26.45 -36.24 -3.70
C ASP A 238 -25.81 -34.84 -3.71
N CYS A 239 -26.02 -34.07 -4.77
CA CYS A 239 -25.33 -32.79 -4.91
C CYS A 239 -25.78 -31.78 -3.86
N GLU A 240 -27.08 -31.71 -3.60
CA GLU A 240 -27.63 -30.66 -2.73
C GLU A 240 -27.22 -30.86 -1.27
N LEU A 241 -26.90 -32.09 -0.89
CA LEU A 241 -26.52 -32.40 0.49
C LEU A 241 -25.17 -31.79 0.89
N LEU A 242 -24.31 -31.46 -0.08
CA LEU A 242 -23.01 -30.86 0.22
C LEU A 242 -22.82 -29.51 -0.48
N GLY A 243 -23.91 -28.82 -0.81
CA GLY A 243 -23.84 -27.39 -1.07
C GLY A 243 -24.29 -26.93 -2.45
N ILE A 244 -23.90 -27.64 -3.51
CA ILE A 244 -24.17 -27.19 -4.87
C ILE A 244 -25.45 -27.86 -5.35
N ASP A 245 -26.13 -27.22 -6.29
CA ASP A 245 -27.41 -27.71 -6.77
C ASP A 245 -27.39 -27.93 -8.28
N ALA A 246 -28.42 -28.63 -8.74
CA ALA A 246 -28.62 -28.95 -10.15
C ALA A 246 -29.47 -27.85 -10.81
N THR A 247 -30.05 -28.16 -11.97
CA THR A 247 -30.98 -27.34 -12.74
C THR A 247 -30.32 -26.12 -13.38
N VAL A 248 -29.00 -26.01 -13.28
CA VAL A 248 -28.24 -25.04 -14.08
C VAL A 248 -27.20 -25.83 -14.86
N PRO A 249 -26.71 -25.34 -16.00
CA PRO A 249 -25.69 -26.10 -16.74
C PRO A 249 -24.36 -26.16 -16.02
N SER A 250 -24.01 -25.12 -15.27
CA SER A 250 -22.72 -25.05 -14.60
C SER A 250 -22.75 -25.64 -13.19
N GLY A 251 -23.85 -26.28 -12.80
CA GLY A 251 -23.99 -26.75 -11.43
C GLY A 251 -23.17 -27.96 -11.07
N ARG A 252 -22.61 -28.66 -12.06
CA ARG A 252 -21.79 -29.82 -11.76
C ARG A 252 -20.52 -29.38 -11.04
N PRO A 253 -20.03 -30.16 -10.08
CA PRO A 253 -18.89 -29.71 -9.26
C PRO A 253 -17.52 -29.96 -9.88
N GLU A 254 -17.43 -30.28 -11.17
CA GLU A 254 -16.12 -30.40 -11.81
C GLU A 254 -15.57 -29.06 -12.26
N THR A 255 -16.42 -28.03 -12.34
CA THR A 255 -16.02 -26.73 -12.86
C THR A 255 -15.29 -25.88 -11.83
N TYR A 256 -15.15 -26.36 -10.59
CA TYR A 256 -14.53 -25.56 -9.54
C TYR A 256 -13.00 -25.62 -9.55
N ILE A 257 -12.41 -26.44 -10.42
CA ILE A 257 -10.97 -26.38 -10.67
C ILE A 257 -10.76 -25.98 -12.13
N TRP A 258 -9.60 -25.41 -12.41
CA TRP A 258 -9.35 -24.88 -13.74
C TRP A 258 -9.20 -25.99 -14.76
N ARG A 259 -9.84 -25.81 -15.90
CA ARG A 259 -9.42 -26.49 -17.12
C ARG A 259 -9.24 -25.52 -18.28
N TYR A 260 -10.12 -24.53 -18.40
CA TYR A 260 -9.92 -23.38 -19.28
C TYR A 260 -9.92 -22.12 -18.43
N LEU A 261 -9.07 -21.16 -18.78
CA LEU A 261 -9.13 -19.90 -18.08
C LEU A 261 -9.33 -18.75 -19.05
N PRO A 262 -10.16 -17.76 -18.70
CA PRO A 262 -10.41 -16.65 -19.62
C PRO A 262 -9.35 -15.56 -19.48
N ALA A 263 -9.15 -14.83 -20.58
CA ALA A 263 -8.23 -13.70 -20.60
C ALA A 263 -9.03 -12.40 -20.53
N PRO A 264 -8.70 -11.49 -19.61
CA PRO A 264 -9.53 -10.31 -19.42
C PRO A 264 -9.33 -9.33 -20.56
N PRO A 265 -10.33 -8.51 -20.87
CA PRO A 265 -10.17 -7.53 -21.94
C PRO A 265 -9.13 -6.48 -21.57
N VAL A 266 -8.48 -5.93 -22.60
CA VAL A 266 -7.22 -5.20 -22.38
C VAL A 266 -7.44 -3.81 -21.82
N CYS A 267 -8.69 -3.36 -21.69
CA CYS A 267 -8.95 -2.12 -20.96
C CYS A 267 -8.65 -2.27 -19.47
N ILE A 268 -8.75 -3.50 -18.95
CA ILE A 268 -8.41 -3.75 -17.55
C ILE A 268 -6.91 -3.64 -17.32
N ARG A 269 -6.10 -4.02 -18.31
CA ARG A 269 -4.64 -3.95 -18.22
C ARG A 269 -4.11 -3.03 -19.30
N PRO A 270 -4.16 -1.71 -19.08
CA PRO A 270 -3.76 -0.78 -20.14
C PRO A 270 -2.26 -0.75 -20.30
N SER A 271 -1.82 -0.65 -21.56
CA SER A 271 -0.39 -0.57 -21.87
C SER A 271 0.06 0.87 -21.64
N VAL A 272 0.53 1.13 -20.42
CA VAL A 272 0.99 2.48 -20.07
C VAL A 272 2.37 2.70 -20.66
N MET A 273 2.56 3.88 -21.26
CA MET A 273 3.87 4.32 -21.74
C MET A 273 4.43 5.37 -20.79
N MET A 274 5.58 5.08 -20.18
CA MET A 274 6.16 5.96 -19.17
C MET A 274 6.83 7.18 -19.78
N GLN A 275 7.06 7.16 -21.10
CA GLN A 275 7.58 8.31 -21.86
C GLN A 275 8.95 8.73 -21.33
N ASP A 276 9.76 7.75 -20.93
CA ASP A 276 11.20 7.96 -20.77
C ASP A 276 12.00 7.33 -21.90
N SER A 277 11.34 6.59 -22.79
CA SER A 277 11.95 5.77 -23.82
C SER A 277 10.86 5.34 -24.78
N PRO A 278 11.16 5.07 -26.06
CA PRO A 278 10.11 4.70 -27.00
C PRO A 278 9.68 3.24 -26.91
N ALA A 279 10.06 2.55 -25.84
CA ALA A 279 9.55 1.23 -25.50
C ALA A 279 8.51 1.36 -24.39
N SER A 280 7.45 0.57 -24.49
CA SER A 280 6.35 0.66 -23.53
C SER A 280 6.60 -0.28 -22.37
N ASN A 281 6.56 0.27 -21.15
CA ASN A 281 6.71 -0.53 -19.93
C ASN A 281 5.35 -1.14 -19.60
N GLU A 282 5.21 -2.43 -19.88
CA GLU A 282 3.93 -3.10 -19.71
C GLU A 282 3.72 -3.45 -18.24
N ASP A 283 2.46 -3.45 -17.82
CA ASP A 283 2.12 -3.67 -16.42
C ASP A 283 2.43 -5.10 -16.00
N ASP A 284 2.18 -5.38 -14.71
CA ASP A 284 2.53 -6.66 -14.11
C ASP A 284 1.70 -7.82 -14.67
N LEU A 285 0.48 -7.55 -15.13
CA LEU A 285 -0.51 -8.60 -15.29
C LEU A 285 -0.41 -9.33 -16.62
N THR A 286 0.22 -8.73 -17.63
CA THR A 286 0.36 -9.41 -18.91
C THR A 286 1.41 -10.51 -18.85
N VAL A 287 2.56 -10.22 -18.22
CA VAL A 287 3.65 -11.16 -18.18
C VAL A 287 3.38 -12.33 -17.25
N LYS A 288 2.43 -12.20 -16.33
CA LYS A 288 1.96 -13.39 -15.61
C LYS A 288 1.13 -14.29 -16.52
N LEU A 289 0.27 -13.68 -17.35
CA LEU A 289 -0.49 -14.47 -18.32
C LEU A 289 0.38 -14.91 -19.48
N THR A 290 1.46 -14.19 -19.78
CA THR A 290 2.34 -14.55 -20.88
C THR A 290 3.18 -15.78 -20.54
N GLU A 291 3.70 -15.85 -19.31
CA GLU A 291 4.57 -16.96 -18.94
C GLU A 291 3.82 -18.28 -18.74
N ILE A 292 2.50 -18.23 -18.56
CA ILE A 292 1.78 -19.48 -18.36
C ILE A 292 1.43 -20.14 -19.69
N VAL A 293 1.31 -19.37 -20.77
CA VAL A 293 1.09 -19.97 -22.08
C VAL A 293 2.38 -20.55 -22.65
N TRP A 294 3.54 -20.16 -22.12
CA TRP A 294 4.80 -20.77 -22.52
C TRP A 294 5.03 -22.08 -21.80
N THR A 295 4.72 -22.13 -20.50
CA THR A 295 4.86 -23.36 -19.73
C THR A 295 3.86 -24.42 -20.19
N SER A 296 2.62 -24.00 -20.46
CA SER A 296 1.60 -24.94 -20.92
C SER A 296 1.88 -25.44 -22.32
N SER A 297 2.53 -24.62 -23.16
CA SER A 297 2.82 -25.04 -24.52
C SER A 297 3.94 -26.07 -24.55
N LEU A 298 4.99 -25.87 -23.75
CA LEU A 298 6.09 -26.81 -23.72
C LEU A 298 5.76 -28.08 -22.94
N ILE A 299 4.74 -28.02 -22.07
CA ILE A 299 4.20 -29.24 -21.48
C ILE A 299 3.39 -30.01 -22.52
N LYS A 300 2.60 -29.30 -23.34
CA LYS A 300 1.81 -29.97 -24.36
C LYS A 300 2.70 -30.57 -25.43
N ALA A 301 3.80 -29.89 -25.77
CA ALA A 301 4.84 -30.48 -26.60
C ALA A 301 5.65 -31.53 -25.83
N GLY A 302 5.67 -31.44 -24.50
CA GLY A 302 6.50 -32.35 -23.73
C GLY A 302 6.00 -33.78 -23.71
N LEU A 303 4.68 -33.97 -23.57
CA LEU A 303 4.15 -35.33 -23.59
C LEU A 303 4.02 -35.89 -24.99
N ASP A 304 4.11 -35.05 -26.03
CA ASP A 304 3.86 -35.52 -27.39
C ASP A 304 5.13 -36.10 -28.00
N LYS A 305 6.25 -35.38 -27.89
CA LYS A 305 7.54 -35.95 -28.24
C LYS A 305 8.00 -36.96 -27.21
N GLY A 306 7.83 -36.64 -25.93
CA GLY A 306 8.25 -37.52 -24.86
C GLY A 306 9.30 -36.90 -23.97
N ILE A 307 8.93 -36.56 -22.73
CA ILE A 307 9.85 -36.01 -21.75
C ILE A 307 9.74 -36.83 -20.46
N SER A 308 10.67 -36.58 -19.55
CA SER A 308 10.77 -37.37 -18.34
C SER A 308 9.65 -37.04 -17.38
N ILE A 309 9.14 -38.08 -16.70
CA ILE A 309 8.06 -37.87 -15.73
C ILE A 309 8.60 -37.20 -14.48
N ASN A 310 9.86 -37.46 -14.11
CA ASN A 310 10.47 -36.77 -12.99
C ASN A 310 10.82 -35.32 -13.34
N ASN A 311 10.75 -34.94 -14.62
CA ASN A 311 10.97 -33.58 -15.06
C ASN A 311 9.67 -32.80 -15.15
N MET A 312 8.65 -33.38 -15.78
CA MET A 312 7.42 -32.65 -16.04
C MET A 312 6.57 -32.47 -14.79
N MET A 313 6.72 -33.33 -13.78
CA MET A 313 5.93 -33.19 -12.56
C MET A 313 6.25 -31.92 -11.79
N GLU A 314 7.44 -31.35 -11.98
CA GLU A 314 7.72 -30.03 -11.43
C GLU A 314 7.42 -28.90 -12.41
N HIS A 315 7.37 -29.20 -13.71
CA HIS A 315 6.81 -28.23 -14.65
C HIS A 315 5.31 -28.11 -14.48
N TRP A 316 4.64 -29.21 -14.16
CA TRP A 316 3.21 -29.17 -13.84
C TRP A 316 2.97 -28.70 -12.41
N ASP A 317 3.97 -28.77 -11.54
CA ASP A 317 3.94 -28.05 -10.28
C ASP A 317 4.14 -26.55 -10.47
N TYR A 318 4.79 -26.15 -11.57
CA TYR A 318 5.15 -24.75 -11.75
C TYR A 318 3.92 -23.90 -12.04
N LEU A 319 3.15 -24.27 -13.06
CA LEU A 319 1.98 -23.49 -13.43
C LEU A 319 0.83 -23.67 -12.45
N GLN A 320 0.82 -24.78 -11.70
CA GLN A 320 -0.05 -24.88 -10.53
C GLN A 320 0.29 -23.81 -9.51
N LEU A 321 1.59 -23.58 -9.26
CA LEU A 321 2.02 -22.51 -8.37
C LEU A 321 1.87 -21.15 -9.03
N THR A 322 1.89 -21.09 -10.37
CA THR A 322 1.91 -19.82 -11.07
C THR A 322 0.50 -19.26 -11.24
N VAL A 323 -0.47 -20.11 -11.59
CA VAL A 323 -1.82 -19.64 -11.79
C VAL A 323 -2.49 -19.28 -10.46
N ALA A 324 -1.97 -19.81 -9.35
CA ALA A 324 -2.46 -19.42 -8.03
C ALA A 324 -1.87 -18.09 -7.57
N MET A 325 -1.00 -17.48 -8.37
CA MET A 325 -0.48 -16.15 -8.13
C MET A 325 -1.16 -15.08 -8.98
N TYR A 326 -1.71 -15.49 -10.13
CA TYR A 326 -2.45 -14.57 -10.98
C TYR A 326 -3.73 -14.09 -10.30
N ILE A 327 -4.28 -14.89 -9.38
CA ILE A 327 -5.49 -14.53 -8.66
C ILE A 327 -5.10 -13.84 -7.36
N ASN A 328 -4.38 -14.56 -6.49
CA ASN A 328 -4.06 -14.07 -5.15
C ASN A 328 -2.56 -14.24 -4.93
N SER A 329 -1.86 -13.12 -4.81
CA SER A 329 -0.40 -13.09 -4.78
C SER A 329 0.17 -13.31 -3.39
N ASP A 330 -0.67 -13.70 -2.42
CA ASP A 330 -0.18 -14.04 -1.08
C ASP A 330 0.42 -15.43 -1.00
N SER A 331 0.23 -16.27 -2.02
CA SER A 331 0.68 -17.65 -2.00
C SER A 331 2.02 -17.82 -2.72
N VAL A 332 2.90 -16.82 -2.63
CA VAL A 332 4.24 -16.98 -3.18
C VAL A 332 5.07 -17.90 -2.31
N ASN A 333 4.77 -17.96 -1.01
CA ASN A 333 5.62 -18.59 0.01
C ASN A 333 7.05 -18.08 -0.10
N PRO A 334 7.32 -16.83 0.33
CA PRO A 334 8.59 -16.16 0.05
C PRO A 334 9.72 -16.61 0.99
N LYS A 348 8.34 -5.48 -5.16
CA LYS A 348 8.82 -6.74 -5.73
C LYS A 348 7.84 -7.92 -5.68
N PRO A 349 6.79 -7.86 -4.85
CA PRO A 349 5.66 -8.77 -5.08
C PRO A 349 4.76 -8.27 -6.20
N ILE A 350 4.29 -9.22 -7.02
CA ILE A 350 3.43 -8.88 -8.14
C ILE A 350 2.04 -8.52 -7.64
N ARG A 351 1.44 -7.50 -8.25
CA ARG A 351 0.06 -7.16 -7.97
C ARG A 351 -0.88 -8.12 -8.69
N GLY A 352 -1.84 -8.68 -7.94
CA GLY A 352 -2.79 -9.62 -8.47
C GLY A 352 -4.21 -9.10 -8.38
N PHE A 353 -5.15 -9.96 -8.81
CA PHE A 353 -6.57 -9.61 -8.69
C PHE A 353 -6.97 -9.41 -7.24
N CYS A 354 -6.68 -10.40 -6.39
CA CYS A 354 -6.99 -10.31 -4.97
C CYS A 354 -6.18 -9.23 -4.25
N GLN A 355 -5.07 -8.78 -4.84
CA GLN A 355 -4.28 -7.69 -4.28
C GLN A 355 -4.84 -6.30 -4.60
N ARG A 356 -5.98 -6.20 -5.30
CA ARG A 356 -6.48 -4.87 -5.61
C ARG A 356 -7.99 -4.69 -5.42
N LEU A 357 -8.76 -5.75 -5.16
CA LEU A 357 -10.14 -5.55 -4.72
C LEU A 357 -10.19 -5.10 -3.27
N LYS A 358 -9.28 -5.58 -2.43
CA LYS A 358 -9.28 -5.30 -1.01
C LYS A 358 -8.23 -4.23 -0.69
N GLY A 359 -8.04 -3.96 0.58
CA GLY A 359 -6.84 -3.33 1.06
C GLY A 359 -6.97 -1.83 1.25
N LYS A 360 -5.81 -1.17 1.31
CA LYS A 360 -5.74 0.29 1.49
C LYS A 360 -6.15 0.98 0.19
N GLN A 361 -7.46 1.10 0.00
CA GLN A 361 -8.05 1.82 -1.14
C GLN A 361 -7.62 1.22 -2.47
N GLY A 362 -7.79 -0.10 -2.59
CA GLY A 362 -7.65 -0.72 -3.91
C GLY A 362 -8.94 -0.63 -4.68
N ARG A 363 -9.99 -1.25 -4.16
CA ARG A 363 -11.36 -1.02 -4.61
C ARG A 363 -12.26 -0.92 -3.38
N PHE A 364 -13.54 -0.68 -3.61
CA PHE A 364 -14.61 -0.75 -2.62
C PHE A 364 -14.48 0.32 -1.54
N ARG A 365 -13.43 1.12 -1.54
CA ARG A 365 -13.39 2.39 -0.83
C ARG A 365 -12.90 3.54 -1.68
N GLY A 366 -11.96 3.30 -2.58
CA GLY A 366 -11.33 4.37 -3.34
C GLY A 366 -11.93 4.61 -4.70
N ASN A 367 -12.76 3.67 -5.17
CA ASN A 367 -13.39 3.80 -6.47
C ASN A 367 -14.88 3.47 -6.49
N LEU A 368 -15.40 2.74 -5.51
CA LEU A 368 -16.80 2.32 -5.55
C LEU A 368 -17.62 2.86 -4.39
N SER A 369 -17.08 2.87 -3.17
CA SER A 369 -17.78 3.52 -2.07
C SER A 369 -17.60 5.03 -2.16
N GLY A 370 -16.37 5.50 -2.08
CA GLY A 370 -16.08 6.92 -2.19
C GLY A 370 -15.34 7.21 -3.49
N LYS A 371 -15.92 8.04 -4.34
CA LYS A 371 -15.42 8.19 -5.70
C LYS A 371 -14.65 9.51 -5.84
N ARG A 372 -14.11 9.73 -7.03
CA ARG A 372 -13.53 11.00 -7.44
C ARG A 372 -14.42 11.63 -8.51
N VAL A 373 -14.58 12.95 -8.44
CA VAL A 373 -15.75 13.61 -9.02
C VAL A 373 -15.29 14.86 -9.79
N ASP A 374 -16.16 15.29 -10.70
CA ASP A 374 -15.97 16.51 -11.47
C ASP A 374 -16.59 17.72 -10.77
N PHE A 375 -16.25 18.90 -11.27
CA PHE A 375 -16.86 20.16 -10.86
C PHE A 375 -16.68 20.42 -9.36
N SER A 376 -15.42 20.53 -8.95
CA SER A 376 -15.08 20.90 -7.58
C SER A 376 -14.03 22.01 -7.60
N GLY A 377 -13.70 22.51 -6.41
CA GLY A 377 -12.67 23.51 -6.26
C GLY A 377 -12.24 23.59 -4.82
N ARG A 378 -11.11 24.29 -4.60
CA ARG A 378 -10.44 24.22 -3.30
C ARG A 378 -9.58 25.46 -3.13
N THR A 379 -10.01 26.39 -2.28
CA THR A 379 -9.18 27.50 -1.82
C THR A 379 -9.27 27.59 -0.31
N VAL A 380 -8.48 28.51 0.26
CA VAL A 380 -8.43 28.70 1.71
C VAL A 380 -9.56 29.63 2.16
N ILE A 381 -9.79 29.70 3.46
CA ILE A 381 -10.95 30.39 4.03
C ILE A 381 -10.45 31.65 4.74
N SER A 382 -11.28 32.70 4.70
CA SER A 382 -11.08 33.90 5.50
C SER A 382 -12.45 34.41 5.94
N PRO A 383 -12.55 35.00 7.13
CA PRO A 383 -13.86 35.36 7.66
C PRO A 383 -14.48 36.54 6.93
N ASP A 384 -15.77 36.73 7.17
CA ASP A 384 -16.50 37.92 6.76
C ASP A 384 -17.79 38.02 7.58
N PRO A 385 -17.99 39.11 8.33
CA PRO A 385 -19.24 39.24 9.09
C PRO A 385 -20.37 39.81 8.25
N ASN A 386 -20.03 40.65 7.27
CA ASN A 386 -20.99 41.53 6.63
C ASN A 386 -22.03 40.81 5.79
N LEU A 387 -21.82 39.54 5.46
CA LEU A 387 -22.81 38.74 4.73
C LEU A 387 -23.54 37.80 5.68
N SER A 388 -24.77 37.46 5.31
CA SER A 388 -25.67 36.75 6.20
C SER A 388 -25.26 35.28 6.31
N ILE A 389 -25.88 34.58 7.26
CA ILE A 389 -25.80 33.13 7.31
C ILE A 389 -26.63 32.55 6.17
N ASP A 390 -26.21 31.37 5.70
CA ASP A 390 -26.59 30.58 4.51
C ASP A 390 -25.86 31.09 3.28
N GLU A 391 -25.05 32.15 3.41
CA GLU A 391 -24.43 32.83 2.29
C GLU A 391 -22.93 32.59 2.36
N VAL A 392 -22.42 31.68 1.53
CA VAL A 392 -20.98 31.55 1.33
C VAL A 392 -20.57 32.43 0.17
N ALA A 393 -19.41 33.08 0.29
CA ALA A 393 -18.88 33.94 -0.75
C ALA A 393 -17.86 33.17 -1.59
N VAL A 394 -18.01 33.26 -2.91
CA VAL A 394 -17.18 32.51 -3.86
C VAL A 394 -16.41 33.53 -4.69
N PRO A 395 -15.09 33.37 -4.82
CA PRO A 395 -14.33 34.32 -5.66
C PRO A 395 -14.68 34.16 -7.13
N ASP A 396 -14.39 35.20 -7.90
CA ASP A 396 -14.85 35.23 -9.28
C ASP A 396 -14.00 34.38 -10.22
N ARG A 397 -12.70 34.22 -9.93
CA ARG A 397 -11.85 33.47 -10.85
C ARG A 397 -12.19 31.98 -10.86
N VAL A 398 -12.65 31.44 -9.74
CA VAL A 398 -13.25 30.10 -9.74
C VAL A 398 -14.70 30.14 -10.22
N ALA A 399 -15.37 31.29 -10.14
CA ALA A 399 -16.79 31.37 -10.44
C ALA A 399 -17.10 31.35 -11.93
N LYS A 400 -16.12 31.57 -12.79
CA LYS A 400 -16.32 31.40 -14.22
C LYS A 400 -15.64 30.14 -14.75
N VAL A 401 -15.53 29.11 -13.91
CA VAL A 401 -15.15 27.76 -14.34
C VAL A 401 -16.25 26.76 -14.03
N LEU A 402 -16.74 26.75 -12.80
CA LEU A 402 -17.78 25.84 -12.34
C LEU A 402 -19.12 26.25 -12.94
N THR A 403 -19.55 25.55 -13.98
CA THR A 403 -20.78 25.92 -14.68
C THR A 403 -21.95 25.06 -14.19
N TYR A 404 -23.12 25.29 -14.78
CA TYR A 404 -24.31 24.57 -14.39
C TYR A 404 -25.25 24.39 -15.59
N PRO A 405 -25.70 23.16 -15.87
CA PRO A 405 -26.62 22.96 -16.99
C PRO A 405 -27.98 23.55 -16.67
N GLU A 406 -28.60 24.15 -17.68
CA GLU A 406 -29.85 24.88 -17.47
C GLU A 406 -30.60 24.92 -18.79
N LYS A 407 -31.85 24.44 -18.80
CA LYS A 407 -32.59 24.29 -20.04
C LYS A 407 -33.24 25.61 -20.43
N VAL A 408 -33.69 25.68 -21.67
CA VAL A 408 -34.36 26.87 -22.20
C VAL A 408 -35.86 26.72 -22.04
N THR A 409 -36.51 27.79 -21.60
CA THR A 409 -37.97 27.84 -21.50
C THR A 409 -38.42 29.24 -21.88
N ARG A 410 -39.73 29.39 -22.12
CA ARG A 410 -40.28 30.72 -22.37
C ARG A 410 -40.26 31.59 -21.12
N TYR A 411 -40.13 31.00 -19.93
CA TYR A 411 -40.02 31.79 -18.71
C TYR A 411 -38.69 32.52 -18.61
N ASN A 412 -37.64 31.97 -19.23
CA ASN A 412 -36.29 32.50 -19.10
C ASN A 412 -35.59 32.65 -20.45
N ARG A 413 -36.34 32.68 -21.54
CA ARG A 413 -35.73 32.89 -22.84
C ARG A 413 -35.12 34.28 -22.95
N HIS A 414 -35.78 35.30 -22.41
CA HIS A 414 -35.31 36.67 -22.57
C HIS A 414 -34.04 36.93 -21.77
N LYS A 415 -33.74 36.10 -20.77
CA LYS A 415 -32.51 36.23 -20.00
C LYS A 415 -31.34 35.55 -20.71
N LEU A 416 -31.55 34.32 -21.16
CA LEU A 416 -30.46 33.53 -21.73
C LEU A 416 -29.93 34.13 -23.03
N GLN A 417 -30.77 34.85 -23.77
CA GLN A 417 -30.28 35.50 -24.99
C GLN A 417 -29.32 36.65 -24.66
N GLU A 418 -29.63 37.43 -23.62
CA GLU A 418 -28.71 38.47 -23.20
C GLU A 418 -27.48 37.90 -22.53
N LEU A 419 -27.59 36.71 -21.93
CA LEU A 419 -26.45 36.11 -21.25
C LEU A 419 -25.50 35.41 -22.21
N ILE A 420 -26.02 34.81 -23.29
CA ILE A 420 -25.18 34.11 -24.24
C ILE A 420 -24.39 35.07 -25.12
N VAL A 421 -24.83 36.32 -25.26
CA VAL A 421 -24.08 37.29 -26.05
C VAL A 421 -22.95 37.94 -25.26
N ASN A 422 -22.89 37.73 -23.95
CA ASN A 422 -21.76 38.23 -23.17
C ASN A 422 -20.47 37.51 -23.53
N GLY A 423 -20.52 36.17 -23.55
CA GLY A 423 -19.37 35.37 -23.88
C GLY A 423 -18.46 35.15 -22.67
N PRO A 424 -17.58 34.14 -22.77
CA PRO A 424 -16.77 33.72 -21.61
C PRO A 424 -15.49 34.55 -21.39
N ASN A 425 -15.64 35.86 -21.44
CA ASN A 425 -14.56 36.73 -20.95
C ASN A 425 -15.05 37.78 -19.97
N VAL A 426 -16.22 38.36 -20.20
CA VAL A 426 -16.93 39.13 -19.19
C VAL A 426 -17.60 38.18 -18.22
N HIS A 427 -18.06 38.69 -17.07
CA HIS A 427 -18.42 37.80 -15.96
C HIS A 427 -19.72 37.06 -16.25
N PRO A 428 -20.88 37.73 -16.43
CA PRO A 428 -22.13 36.95 -16.50
C PRO A 428 -22.39 36.33 -17.87
N GLY A 429 -21.68 35.23 -18.15
CA GLY A 429 -21.74 34.61 -19.46
C GLY A 429 -21.86 33.10 -19.39
N ALA A 430 -21.69 32.44 -20.54
CA ALA A 430 -21.82 30.98 -20.63
C ALA A 430 -20.56 30.41 -21.26
N ASN A 431 -20.49 29.09 -21.34
CA ASN A 431 -19.33 28.42 -21.92
C ASN A 431 -19.70 27.42 -23.00
N TYR A 432 -20.81 26.69 -22.83
CA TYR A 432 -21.20 25.65 -23.75
C TYR A 432 -22.71 25.65 -23.90
N LEU A 433 -23.19 25.17 -25.05
CA LEU A 433 -24.61 24.99 -25.27
C LEU A 433 -24.83 23.72 -26.08
N LEU A 434 -26.03 23.17 -25.95
CA LEU A 434 -26.47 22.00 -26.72
C LEU A 434 -27.77 22.35 -27.42
N LYS A 435 -27.73 22.41 -28.75
CA LYS A 435 -28.98 22.40 -29.50
C LYS A 435 -29.57 21.00 -29.51
N ARG A 436 -30.83 20.91 -29.97
CA ARG A 436 -31.56 19.65 -29.85
C ARG A 436 -31.01 18.61 -30.81
N ASN A 437 -30.77 18.99 -32.07
CA ASN A 437 -30.38 17.99 -33.06
C ASN A 437 -28.91 17.60 -32.95
N GLU A 438 -28.04 18.53 -32.57
CA GLU A 438 -26.63 18.20 -32.39
C GLU A 438 -26.44 17.32 -31.16
N ASP A 439 -25.25 16.75 -31.04
CA ASP A 439 -25.06 15.63 -30.11
C ASP A 439 -23.90 15.77 -29.14
N ALA A 440 -22.94 16.67 -29.38
CA ALA A 440 -21.73 16.70 -28.56
C ALA A 440 -21.69 17.90 -27.63
N ARG A 441 -21.48 19.11 -28.18
CA ARG A 441 -21.47 20.40 -27.49
C ARG A 441 -21.19 21.52 -28.50
N ARG A 442 -21.22 22.77 -28.04
CA ARG A 442 -20.80 23.92 -28.83
C ARG A 442 -19.91 24.80 -27.96
N ASN A 443 -18.68 25.03 -28.42
CA ASN A 443 -17.77 25.93 -27.75
C ASN A 443 -18.13 27.38 -28.05
N LEU A 444 -18.12 28.21 -27.01
CA LEU A 444 -18.58 29.59 -27.14
C LEU A 444 -17.44 30.59 -27.35
N ARG A 445 -16.21 30.23 -26.98
CA ARG A 445 -15.09 31.13 -27.24
C ARG A 445 -14.70 31.16 -28.71
N TYR A 446 -15.15 30.17 -29.49
CA TYR A 446 -14.85 30.08 -30.91
C TYR A 446 -16.12 30.31 -31.73
N GLY A 447 -15.94 30.75 -32.96
CA GLY A 447 -17.06 30.92 -33.86
C GLY A 447 -17.83 32.19 -33.59
N ASP A 448 -18.91 32.37 -34.34
CA ASP A 448 -19.77 33.54 -34.18
C ASP A 448 -20.80 33.25 -33.10
N ARG A 449 -20.94 34.19 -32.16
CA ARG A 449 -21.86 34.06 -31.04
C ARG A 449 -23.21 34.71 -31.32
N MET A 450 -23.20 35.93 -31.86
CA MET A 450 -24.43 36.69 -32.02
C MET A 450 -25.39 36.01 -32.99
N LYS A 451 -24.87 35.41 -34.06
CA LYS A 451 -25.71 34.61 -34.94
C LYS A 451 -26.21 33.36 -34.24
N LEU A 452 -25.34 32.70 -33.47
CA LEU A 452 -25.77 31.53 -32.70
C LEU A 452 -26.73 31.93 -31.57
N ALA A 453 -26.64 33.17 -31.10
CA ALA A 453 -27.59 33.67 -30.10
C ALA A 453 -29.00 33.81 -30.66
N LYS A 454 -29.13 34.07 -31.98
CA LYS A 454 -30.42 34.46 -32.51
C LYS A 454 -31.38 33.29 -32.62
N ASN A 455 -30.88 32.07 -32.81
CA ASN A 455 -31.78 30.94 -33.07
C ASN A 455 -32.37 30.40 -31.77
N LEU A 456 -31.54 29.77 -30.94
CA LEU A 456 -31.90 29.34 -29.59
C LEU A 456 -33.24 28.59 -29.58
N GLN A 457 -33.21 27.41 -30.18
CA GLN A 457 -34.40 26.55 -30.17
C GLN A 457 -34.83 26.26 -28.73
N ILE A 458 -36.14 26.17 -28.52
CA ILE A 458 -36.69 26.30 -27.17
C ILE A 458 -36.40 25.08 -26.31
N GLY A 459 -36.07 23.94 -26.91
CA GLY A 459 -35.85 22.73 -26.14
C GLY A 459 -34.42 22.51 -25.69
N ASP A 460 -33.59 23.55 -25.75
CA ASP A 460 -32.15 23.38 -25.68
C ASP A 460 -31.67 23.58 -24.25
N VAL A 461 -30.37 23.40 -24.05
CA VAL A 461 -29.73 23.60 -22.75
C VAL A 461 -28.42 24.36 -22.95
N VAL A 462 -28.20 25.37 -22.10
CA VAL A 462 -26.94 26.09 -22.09
C VAL A 462 -26.20 25.75 -20.80
N GLU A 463 -24.97 26.24 -20.68
CA GLU A 463 -24.19 26.11 -19.44
C GLU A 463 -23.73 27.50 -19.02
N ARG A 464 -24.55 28.19 -18.24
CA ARG A 464 -24.18 29.47 -17.65
C ARG A 464 -23.08 29.27 -16.59
N HIS A 465 -22.50 30.38 -16.15
CA HIS A 465 -21.57 30.31 -15.04
C HIS A 465 -22.34 30.24 -13.72
N LEU A 466 -21.61 30.10 -12.62
CA LEU A 466 -22.19 30.32 -11.31
C LEU A 466 -22.57 31.79 -11.16
N GLU A 467 -23.79 32.06 -10.70
CA GLU A 467 -24.20 33.42 -10.38
C GLU A 467 -24.89 33.43 -9.04
N ASP A 468 -25.14 34.63 -8.52
CA ASP A 468 -25.63 34.78 -7.15
C ASP A 468 -27.07 34.27 -7.06
N GLY A 469 -27.24 33.09 -6.46
CA GLY A 469 -28.56 32.50 -6.33
C GLY A 469 -28.59 31.00 -6.45
N ASP A 470 -27.52 30.41 -6.99
CA ASP A 470 -27.45 28.97 -7.15
C ASP A 470 -27.10 28.31 -5.82
N VAL A 471 -26.80 27.02 -5.86
CA VAL A 471 -26.69 26.18 -4.67
C VAL A 471 -25.28 25.63 -4.59
N VAL A 472 -24.61 25.84 -3.46
CA VAL A 472 -23.23 25.41 -3.27
C VAL A 472 -23.17 24.57 -2.00
N LEU A 473 -22.60 23.37 -2.11
CA LEU A 473 -22.26 22.60 -0.93
C LEU A 473 -20.85 22.94 -0.45
N PHE A 474 -20.59 22.65 0.83
CA PHE A 474 -19.41 23.15 1.50
C PHE A 474 -19.19 22.29 2.73
N ASN A 475 -18.01 21.67 2.85
CA ASN A 475 -17.71 20.91 4.04
C ASN A 475 -16.22 20.93 4.34
N ARG A 476 -15.89 20.76 5.63
CA ARG A 476 -14.54 20.43 6.05
C ARG A 476 -14.20 19.02 5.58
N GLN A 477 -12.91 18.79 5.30
CA GLN A 477 -12.54 17.48 4.74
C GLN A 477 -12.48 16.41 5.82
N PRO A 478 -11.86 16.63 6.99
CA PRO A 478 -12.07 15.67 8.09
C PRO A 478 -13.47 15.81 8.66
N SER A 479 -14.37 14.92 8.28
CA SER A 479 -15.79 15.07 8.57
C SER A 479 -16.16 14.21 9.78
N LEU A 480 -16.43 14.87 10.91
CA LEU A 480 -16.65 14.14 12.16
C LEU A 480 -18.00 13.43 12.13
N HIS A 481 -19.08 14.20 11.95
CA HIS A 481 -20.44 13.69 12.10
C HIS A 481 -21.29 14.07 10.91
N ARG A 482 -22.60 13.77 10.96
CA ARG A 482 -23.48 14.04 9.83
C ARG A 482 -23.59 15.53 9.51
N LEU A 483 -23.34 16.40 10.48
CA LEU A 483 -23.57 17.84 10.34
C LEU A 483 -22.29 18.57 9.92
N SER A 484 -21.25 17.83 9.54
CA SER A 484 -20.04 18.45 9.01
C SER A 484 -20.19 18.91 7.56
N ILE A 485 -21.25 18.51 6.87
CA ILE A 485 -21.56 19.03 5.54
C ILE A 485 -22.89 19.77 5.61
N LEU A 486 -22.98 20.89 4.90
CA LEU A 486 -24.23 21.60 4.72
C LEU A 486 -24.07 22.56 3.55
N SER A 487 -25.20 22.95 2.96
CA SER A 487 -25.22 23.64 1.69
C SER A 487 -25.62 25.10 1.91
N HIS A 488 -25.16 25.96 1.00
CA HIS A 488 -25.32 27.40 1.16
C HIS A 488 -25.74 28.00 -0.18
N TYR A 489 -26.08 29.29 -0.15
CA TYR A 489 -26.18 30.10 -1.36
C TYR A 489 -24.85 30.77 -1.65
N ALA A 490 -24.67 31.17 -2.91
CA ALA A 490 -23.45 31.78 -3.38
C ALA A 490 -23.69 33.22 -3.81
N LYS A 491 -22.66 34.05 -3.62
CA LYS A 491 -22.63 35.40 -4.16
C LYS A 491 -21.18 35.79 -4.39
N ILE A 492 -20.93 36.44 -5.51
CA ILE A 492 -19.60 36.51 -6.12
C ILE A 492 -18.94 37.83 -5.77
N ARG A 493 -17.69 37.77 -5.33
CA ARG A 493 -16.90 38.90 -4.89
C ARG A 493 -15.57 38.88 -5.61
N PRO A 494 -14.96 40.04 -5.87
CA PRO A 494 -13.81 40.11 -6.76
C PRO A 494 -12.47 39.76 -6.13
N TRP A 495 -12.43 39.25 -4.91
CA TRP A 495 -11.17 38.80 -4.33
C TRP A 495 -10.95 37.33 -4.70
N ARG A 496 -10.06 36.63 -3.99
CA ARG A 496 -9.56 35.35 -4.45
C ARG A 496 -9.90 34.17 -3.55
N THR A 497 -10.36 34.39 -2.32
CA THR A 497 -10.51 33.31 -1.36
C THR A 497 -11.97 33.10 -0.97
N PHE A 498 -12.23 31.94 -0.38
CA PHE A 498 -13.56 31.62 0.13
C PHE A 498 -13.85 32.44 1.37
N ARG A 499 -15.01 33.10 1.41
CA ARG A 499 -15.47 33.77 2.61
C ARG A 499 -16.80 33.19 3.06
N LEU A 500 -16.95 33.01 4.38
CA LEU A 500 -18.19 32.56 4.98
C LEU A 500 -18.51 33.41 6.20
N ASN A 501 -19.77 33.38 6.61
CA ASN A 501 -20.17 34.08 7.82
C ASN A 501 -19.73 33.30 9.05
N GLU A 502 -19.45 34.04 10.12
CA GLU A 502 -18.63 33.47 11.20
C GLU A 502 -19.42 32.53 12.10
N CYS A 503 -20.74 32.73 12.23
CA CYS A 503 -21.54 31.93 13.15
C CYS A 503 -21.62 30.46 12.75
N VAL A 504 -21.25 30.10 11.53
CA VAL A 504 -21.30 28.70 11.10
C VAL A 504 -19.97 27.98 11.28
N CYS A 505 -18.97 28.64 11.86
CA CYS A 505 -17.64 28.04 11.95
C CYS A 505 -17.56 26.94 12.99
N THR A 506 -18.43 26.95 13.99
CA THR A 506 -18.35 25.99 15.09
C THR A 506 -18.64 24.55 14.66
N PRO A 507 -19.59 24.30 13.74
CA PRO A 507 -19.65 22.94 13.16
C PRO A 507 -18.42 22.57 12.37
N TYR A 508 -17.91 23.47 11.53
CA TYR A 508 -16.72 23.17 10.73
C TYR A 508 -15.45 23.07 11.57
N ASN A 509 -15.52 23.49 12.83
CA ASN A 509 -14.41 23.78 13.75
C ASN A 509 -13.20 24.35 13.01
N ALA A 510 -13.43 25.33 12.14
CA ALA A 510 -12.36 26.01 11.44
C ALA A 510 -11.55 26.88 12.39
N ASP A 511 -10.32 27.18 12.00
CA ASP A 511 -9.46 28.01 12.83
C ASP A 511 -8.61 28.98 12.03
N PHE A 512 -8.85 29.10 10.72
CA PHE A 512 -8.30 30.17 9.88
C PHE A 512 -6.76 30.23 9.91
N ASP A 513 -6.10 29.11 10.17
CA ASP A 513 -4.65 29.09 10.33
C ASP A 513 -3.94 28.46 9.14
N GLY A 514 -4.55 28.53 7.95
CA GLY A 514 -4.01 27.93 6.76
C GLY A 514 -4.73 26.69 6.27
N ASP A 515 -5.86 26.35 6.85
CA ASP A 515 -6.69 25.26 6.33
C ASP A 515 -7.51 25.73 5.14
N GLU A 516 -7.87 24.77 4.27
CA GLU A 516 -8.71 25.04 3.12
C GLU A 516 -9.85 24.04 3.07
N MET A 517 -10.98 24.49 2.54
CA MET A 517 -12.15 23.64 2.34
C MET A 517 -12.61 23.73 0.90
N ASN A 518 -13.36 22.72 0.48
CA ASN A 518 -13.81 22.59 -0.90
C ASN A 518 -15.27 23.02 -1.02
N LEU A 519 -15.71 23.21 -2.26
CA LEU A 519 -17.11 23.52 -2.54
C LEU A 519 -17.63 22.61 -3.65
N HIS A 520 -18.93 22.35 -3.61
CA HIS A 520 -19.58 21.48 -4.57
C HIS A 520 -20.75 22.22 -5.23
N VAL A 521 -21.16 21.75 -6.40
CA VAL A 521 -22.33 22.30 -7.07
C VAL A 521 -23.08 21.22 -7.83
N PRO A 522 -24.34 20.95 -7.50
CA PRO A 522 -25.07 19.87 -8.17
C PRO A 522 -25.39 20.25 -9.61
N GLN A 523 -25.65 19.23 -10.43
CA GLN A 523 -25.86 19.46 -11.85
C GLN A 523 -27.09 18.70 -12.36
N THR A 524 -28.14 18.66 -11.56
CA THR A 524 -29.49 18.44 -12.05
C THR A 524 -30.37 19.60 -11.57
N GLU A 525 -31.68 19.44 -11.71
CA GLU A 525 -32.60 20.36 -11.05
C GLU A 525 -33.21 19.78 -9.77
N GLU A 526 -33.41 18.47 -9.73
CA GLU A 526 -33.99 17.83 -8.55
C GLU A 526 -33.00 17.67 -7.41
N ALA A 527 -31.70 17.77 -7.69
CA ALA A 527 -30.71 17.91 -6.62
C ALA A 527 -30.54 19.34 -6.16
N ARG A 528 -30.82 20.31 -7.05
CA ARG A 528 -30.77 21.71 -6.66
C ARG A 528 -31.85 22.05 -5.64
N ALA A 529 -33.01 21.40 -5.74
CA ALA A 529 -34.07 21.62 -4.76
C ALA A 529 -33.83 20.87 -3.46
N GLU A 530 -33.26 19.66 -3.54
CA GLU A 530 -33.13 18.83 -2.35
C GLU A 530 -31.97 19.27 -1.47
N ALA A 531 -30.94 19.89 -2.06
CA ALA A 531 -29.80 20.35 -1.27
C ALA A 531 -30.19 21.52 -0.36
N ILE A 532 -31.11 22.37 -0.80
CA ILE A 532 -31.53 23.51 0.01
C ILE A 532 -32.36 23.06 1.20
N ASN A 533 -33.45 22.32 0.93
CA ASN A 533 -34.46 22.05 1.95
C ASN A 533 -34.03 21.01 2.96
N LEU A 534 -32.92 20.30 2.72
CA LEU A 534 -32.40 19.33 3.66
C LEU A 534 -31.03 19.67 4.23
N MET A 535 -30.26 20.55 3.57
CA MET A 535 -28.91 20.86 4.02
C MET A 535 -28.64 22.36 4.11
N GLY A 536 -29.67 23.20 3.97
CA GLY A 536 -29.52 24.59 4.32
C GLY A 536 -29.30 24.77 5.80
N VAL A 537 -28.55 25.83 6.15
CA VAL A 537 -28.22 26.07 7.56
C VAL A 537 -29.45 26.45 8.38
N LYS A 538 -30.50 26.97 7.74
CA LYS A 538 -31.72 27.33 8.46
C LYS A 538 -32.44 26.09 8.98
N ASN A 539 -32.47 25.02 8.19
CA ASN A 539 -33.11 23.79 8.63
C ASN A 539 -32.24 22.97 9.58
N ASN A 540 -31.00 23.38 9.83
CA ASN A 540 -30.05 22.60 10.62
C ASN A 540 -29.45 23.46 11.73
N LEU A 541 -30.29 24.17 12.48
CA LEU A 541 -29.79 24.83 13.69
C LEU A 541 -29.58 23.87 14.85
N LEU A 542 -29.88 22.59 14.66
CA LEU A 542 -29.84 21.61 15.75
C LEU A 542 -28.95 20.45 15.33
N THR A 543 -27.90 20.20 16.10
CA THR A 543 -27.28 18.89 15.91
C THR A 543 -28.14 17.82 16.57
N PRO A 544 -28.27 16.64 15.95
CA PRO A 544 -29.06 15.58 16.55
C PRO A 544 -28.24 14.69 17.47
N LYS A 545 -27.04 15.14 17.82
CA LYS A 545 -26.26 14.41 18.83
C LYS A 545 -27.00 14.38 20.16
N SER A 546 -27.46 15.54 20.63
CA SER A 546 -28.21 15.60 21.88
C SER A 546 -29.50 16.39 21.71
N GLY A 547 -29.51 17.33 20.76
CA GLY A 547 -30.64 18.22 20.61
C GLY A 547 -30.28 19.66 20.88
N GLU A 548 -28.99 19.97 20.90
CA GLU A 548 -28.48 21.29 21.24
C GLU A 548 -28.29 22.14 19.98
N PRO A 549 -28.61 23.43 20.05
CA PRO A 549 -28.20 24.36 19.00
C PRO A 549 -26.70 24.63 19.06
N ILE A 550 -26.06 24.58 17.89
CA ILE A 550 -24.61 24.64 17.80
C ILE A 550 -24.12 25.66 16.78
N ILE A 551 -25.02 26.30 16.04
CA ILE A 551 -24.69 27.54 15.33
C ILE A 551 -25.15 28.69 16.21
N ALA A 552 -24.18 29.37 16.83
CA ALA A 552 -24.46 30.46 17.76
C ALA A 552 -23.32 31.48 17.65
N ALA A 553 -23.29 32.41 18.61
CA ALA A 553 -22.21 33.39 18.66
C ALA A 553 -20.93 32.73 19.16
N THR A 554 -19.80 33.16 18.61
CA THR A 554 -18.51 32.61 18.98
C THR A 554 -17.66 33.65 19.71
N GLN A 555 -16.43 33.26 20.01
CA GLN A 555 -15.60 33.87 21.06
C GLN A 555 -15.34 35.36 20.90
N ASP A 556 -15.78 35.97 19.79
CA ASP A 556 -15.78 37.42 19.68
C ASP A 556 -17.16 38.05 19.77
N PHE A 557 -18.21 37.34 19.35
CA PHE A 557 -19.53 37.96 19.33
C PHE A 557 -20.11 38.07 20.74
N ILE A 558 -19.73 37.18 21.65
CA ILE A 558 -20.19 37.27 23.03
C ILE A 558 -19.61 38.50 23.73
N THR A 559 -18.28 38.65 23.68
CA THR A 559 -17.65 39.79 24.33
C THR A 559 -17.91 41.11 23.61
N GLY A 560 -18.41 41.08 22.36
CA GLY A 560 -18.87 42.31 21.75
C GLY A 560 -20.20 42.76 22.32
N SER A 561 -21.12 41.82 22.52
CA SER A 561 -22.43 42.11 23.05
C SER A 561 -22.45 42.19 24.58
N TYR A 562 -21.30 42.09 25.23
CA TYR A 562 -21.23 42.19 26.67
C TYR A 562 -20.92 43.60 27.16
N LEU A 563 -20.05 44.32 26.45
CA LEU A 563 -19.79 45.71 26.83
C LEU A 563 -21.02 46.57 26.63
N ILE A 564 -21.87 46.21 25.65
CA ILE A 564 -23.14 46.91 25.49
C ILE A 564 -24.10 46.55 26.62
N SER A 565 -24.20 45.27 26.95
CA SER A 565 -25.07 44.79 28.01
C SER A 565 -24.50 45.00 29.41
N HIS A 566 -23.35 45.66 29.54
CA HIS A 566 -22.85 46.02 30.86
C HIS A 566 -23.77 47.06 31.49
N LYS A 567 -23.87 47.02 32.82
CA LYS A 567 -24.90 47.79 33.49
C LYS A 567 -24.61 49.29 33.47
N ASP A 568 -23.33 49.66 33.38
CA ASP A 568 -22.93 51.07 33.43
C ASP A 568 -22.58 51.62 32.06
N SER A 569 -23.31 51.22 31.01
CA SER A 569 -23.13 51.77 29.67
C SER A 569 -24.35 52.60 29.31
N PHE A 570 -24.14 53.89 29.06
CA PHE A 570 -25.22 54.81 28.78
C PHE A 570 -25.00 55.48 27.43
N TYR A 571 -26.09 55.77 26.73
CA TYR A 571 -26.02 56.35 25.39
C TYR A 571 -27.04 57.47 25.27
N ASP A 572 -26.68 58.48 24.49
CA ASP A 572 -27.61 59.56 24.16
C ASP A 572 -28.52 59.09 23.02
N ARG A 573 -29.24 60.02 22.40
CA ARG A 573 -29.96 59.68 21.18
C ARG A 573 -29.01 59.58 19.99
N ALA A 574 -27.90 60.30 20.02
CA ALA A 574 -26.99 60.36 18.87
C ALA A 574 -26.26 59.04 18.68
N THR A 575 -25.54 58.60 19.71
CA THR A 575 -24.77 57.36 19.61
C THR A 575 -25.69 56.14 19.50
N LEU A 576 -26.87 56.18 20.11
CA LEU A 576 -27.83 55.09 19.96
C LEU A 576 -28.20 54.91 18.49
N THR A 577 -28.56 56.01 17.82
CA THR A 577 -28.98 55.93 16.43
C THR A 577 -27.88 55.38 15.54
N GLN A 578 -26.64 55.82 15.75
CA GLN A 578 -25.52 55.22 15.04
C GLN A 578 -25.33 53.76 15.43
N LEU A 579 -25.57 53.42 16.69
CA LEU A 579 -25.47 52.03 17.12
C LEU A 579 -26.64 51.20 16.59
N LEU A 580 -27.85 51.74 16.69
CA LEU A 580 -29.04 50.99 16.29
C LEU A 580 -29.17 50.90 14.77
N SER A 581 -28.47 51.74 14.02
CA SER A 581 -28.52 51.67 12.57
C SER A 581 -27.57 50.64 11.99
N MET A 582 -26.54 50.23 12.73
CA MET A 582 -25.56 49.28 12.20
C MET A 582 -25.99 47.83 12.33
N MET A 583 -27.00 47.51 13.13
CA MET A 583 -27.53 46.15 13.10
C MET A 583 -28.30 45.86 11.82
N SER A 584 -28.83 46.90 11.18
CA SER A 584 -29.28 46.84 9.81
C SER A 584 -28.26 47.51 8.89
N ASP A 585 -28.64 47.77 7.66
CA ASP A 585 -27.86 48.60 6.74
C ASP A 585 -28.76 49.63 6.05
N GLY A 586 -29.58 50.31 6.85
CA GLY A 586 -30.46 51.33 6.31
C GLY A 586 -31.69 50.79 5.60
N ILE A 587 -32.22 49.65 6.03
CA ILE A 587 -33.39 49.04 5.41
C ILE A 587 -34.54 48.86 6.40
N GLU A 588 -34.25 48.33 7.58
CA GLU A 588 -35.29 48.02 8.55
C GLU A 588 -35.81 49.28 9.23
N HIS A 589 -37.11 49.30 9.50
CA HIS A 589 -37.75 50.44 10.14
C HIS A 589 -37.76 50.22 11.64
N PHE A 590 -37.57 51.30 12.40
CA PHE A 590 -37.49 51.22 13.84
C PHE A 590 -38.40 52.25 14.49
N ASP A 591 -38.72 52.00 15.76
CA ASP A 591 -39.45 52.94 16.59
C ASP A 591 -38.83 52.94 17.99
N ILE A 592 -38.46 54.12 18.47
CA ILE A 592 -37.66 54.26 19.68
C ILE A 592 -38.56 54.13 20.90
N PRO A 593 -38.29 53.19 21.81
CA PRO A 593 -38.95 53.23 23.11
C PRO A 593 -38.45 54.38 23.95
N PRO A 594 -39.25 54.87 24.89
CA PRO A 594 -38.83 56.01 25.70
C PRO A 594 -37.63 55.66 26.56
N PRO A 595 -36.76 56.62 26.82
CA PRO A 595 -35.46 56.33 27.45
C PRO A 595 -35.63 55.96 28.91
N ALA A 596 -34.53 55.49 29.51
CA ALA A 596 -34.57 55.00 30.88
C ALA A 596 -34.68 56.16 31.87
N ILE A 597 -33.73 57.10 31.82
CA ILE A 597 -33.76 58.26 32.69
C ILE A 597 -34.24 59.45 31.87
N MET A 598 -34.91 60.39 32.52
CA MET A 598 -35.61 61.38 31.72
C MET A 598 -35.39 62.83 32.19
N LYS A 599 -35.33 63.07 33.49
CA LYS A 599 -35.24 64.47 33.91
C LYS A 599 -33.86 65.10 33.79
N PRO A 600 -32.77 64.46 34.27
CA PRO A 600 -31.47 65.13 34.17
C PRO A 600 -31.01 65.27 32.73
N TYR A 601 -31.02 64.16 31.99
CA TYR A 601 -30.79 64.16 30.56
C TYR A 601 -31.77 63.17 29.95
N TYR A 602 -31.61 62.89 28.66
CA TYR A 602 -32.27 61.77 28.01
C TYR A 602 -31.21 60.73 27.71
N LEU A 603 -31.17 59.65 28.48
CA LEU A 603 -30.24 58.56 28.24
C LEU A 603 -30.97 57.23 28.19
N TRP A 604 -30.60 56.40 27.22
CA TRP A 604 -31.04 55.02 27.18
C TRP A 604 -30.05 54.14 27.92
N THR A 605 -30.41 52.88 28.10
CA THR A 605 -29.57 51.91 28.77
C THR A 605 -29.07 50.87 27.78
N GLY A 606 -28.04 50.13 28.19
CA GLY A 606 -27.38 49.23 27.27
C GLY A 606 -28.09 47.91 27.08
N LYS A 607 -29.39 47.88 27.35
CA LYS A 607 -30.18 46.66 27.20
C LYS A 607 -31.46 46.92 26.41
N GLN A 608 -31.97 48.15 26.48
CA GLN A 608 -33.01 48.57 25.55
C GLN A 608 -32.51 48.59 24.12
N VAL A 609 -31.23 48.96 23.93
CA VAL A 609 -30.61 48.84 22.61
C VAL A 609 -30.43 47.38 22.20
N PHE A 610 -30.37 46.46 23.16
CA PHE A 610 -30.40 45.03 22.86
C PHE A 610 -31.81 44.46 22.88
N SER A 611 -32.80 45.24 23.32
CA SER A 611 -34.20 44.89 23.19
C SER A 611 -34.77 45.22 21.82
N LEU A 612 -34.04 45.93 20.98
CA LEU A 612 -34.54 46.33 19.66
C LEU A 612 -34.20 45.34 18.56
N LEU A 613 -33.10 44.60 18.67
CA LEU A 613 -32.78 43.61 17.64
C LEU A 613 -33.60 42.34 17.77
N ILE A 614 -34.44 42.23 18.80
CA ILE A 614 -35.38 41.13 18.93
C ILE A 614 -36.69 41.45 18.24
N LYS A 615 -37.27 42.61 18.58
CA LYS A 615 -38.53 43.08 18.01
C LYS A 615 -38.31 44.50 17.52
N PRO A 616 -38.03 44.69 16.23
CA PRO A 616 -37.67 46.02 15.75
C PRO A 616 -38.84 46.98 15.69
N ASN A 617 -40.04 46.49 15.44
CA ASN A 617 -41.24 47.33 15.47
C ASN A 617 -42.44 46.45 15.77
N HIS A 618 -43.64 47.03 15.64
CA HIS A 618 -44.87 46.29 15.88
C HIS A 618 -45.17 45.30 14.76
N ASN A 619 -44.69 45.58 13.55
CA ASN A 619 -44.95 44.68 12.42
C ASN A 619 -44.15 43.39 12.47
N SER A 620 -43.13 43.28 13.33
CA SER A 620 -42.51 41.98 13.47
C SER A 620 -43.34 41.08 14.38
N PRO A 621 -43.55 39.82 14.02
CA PRO A 621 -44.44 38.95 14.81
C PRO A 621 -43.80 38.35 16.03
N VAL A 622 -42.52 38.64 16.31
CA VAL A 622 -41.75 37.91 17.31
C VAL A 622 -41.98 38.52 18.68
N VAL A 623 -42.46 37.71 19.62
CA VAL A 623 -42.38 38.02 21.05
C VAL A 623 -42.04 36.73 21.78
N ILE A 624 -41.01 36.78 22.63
CA ILE A 624 -40.52 35.60 23.31
C ILE A 624 -40.40 35.89 24.80
N ASN A 625 -40.24 34.82 25.58
CA ASN A 625 -40.08 34.89 27.03
C ASN A 625 -39.03 33.86 27.44
N LEU A 626 -38.23 34.20 28.44
CA LEU A 626 -37.01 33.43 28.68
C LEU A 626 -36.55 33.62 30.12
N ASP A 627 -36.07 32.52 30.71
CA ASP A 627 -35.49 32.50 32.05
C ASP A 627 -34.23 31.66 32.00
N ALA A 628 -33.08 32.26 32.26
CA ALA A 628 -31.82 31.58 32.04
C ALA A 628 -30.75 32.06 33.02
N LYS A 629 -29.83 31.15 33.33
CA LYS A 629 -28.76 31.37 34.29
C LYS A 629 -27.46 31.67 33.54
N ASN A 630 -26.67 32.59 34.08
CA ASN A 630 -25.46 33.04 33.41
C ASN A 630 -24.32 32.05 33.62
N LYS A 631 -23.10 32.46 33.26
CA LYS A 631 -21.93 31.62 33.47
C LYS A 631 -21.36 31.73 34.89
N VAL A 632 -21.34 32.93 35.46
CA VAL A 632 -20.74 33.12 36.77
C VAL A 632 -21.77 32.95 37.87
N PHE A 633 -22.77 33.83 37.92
CA PHE A 633 -23.96 33.65 38.74
C PHE A 633 -23.60 33.47 40.22
N VAL A 634 -23.16 34.58 40.82
CA VAL A 634 -23.10 34.62 42.28
C VAL A 634 -24.51 34.62 42.85
N PRO A 635 -24.82 33.77 43.83
CA PRO A 635 -26.18 33.71 44.35
C PRO A 635 -26.45 34.87 45.30
N PRO A 636 -27.71 35.27 45.45
CA PRO A 636 -28.07 36.30 46.43
C PRO A 636 -27.98 35.79 47.86
N LYS A 637 -28.51 36.57 48.82
CA LYS A 637 -28.45 36.17 50.22
C LYS A 637 -29.35 34.96 50.50
N SER A 638 -30.12 34.53 49.51
CA SER A 638 -30.59 33.16 49.26
C SER A 638 -31.77 32.69 50.08
N LYS A 639 -32.42 33.53 50.89
CA LYS A 639 -33.58 33.05 51.65
C LYS A 639 -34.87 33.72 51.22
N SER A 640 -34.99 35.04 51.36
CA SER A 640 -36.25 35.70 51.04
C SER A 640 -36.24 36.39 49.69
N LEU A 641 -35.14 37.07 49.38
CA LEU A 641 -34.96 37.69 48.07
C LEU A 641 -34.91 36.61 46.98
N PRO A 642 -35.50 36.86 45.81
CA PRO A 642 -35.59 35.80 44.80
C PRO A 642 -34.34 35.69 43.97
N ASN A 643 -34.38 34.87 42.91
CA ASN A 643 -33.18 34.61 42.12
C ASN A 643 -32.67 35.85 41.40
N GLU A 644 -33.53 36.85 41.15
CA GLU A 644 -33.12 37.99 40.35
C GLU A 644 -32.22 38.94 41.12
N MET A 645 -32.29 38.94 42.45
CA MET A 645 -31.62 39.97 43.24
C MET A 645 -30.16 39.65 43.48
N SER A 646 -29.41 39.38 42.41
CA SER A 646 -28.02 39.00 42.54
C SER A 646 -27.15 40.21 42.85
N GLN A 647 -25.86 39.95 43.12
CA GLN A 647 -24.94 41.04 43.39
C GLN A 647 -24.42 41.65 42.09
N ASN A 648 -24.10 40.81 41.11
CA ASN A 648 -23.94 41.26 39.73
C ASN A 648 -25.31 41.28 39.07
N ASP A 649 -25.34 41.37 37.73
CA ASP A 649 -26.64 41.43 37.06
C ASP A 649 -27.31 40.06 37.08
N GLY A 650 -26.54 38.99 36.90
CA GLY A 650 -27.01 37.66 37.24
C GLY A 650 -28.11 37.15 36.32
N PHE A 651 -29.22 36.75 36.94
CA PHE A 651 -30.30 36.08 36.22
C PHE A 651 -30.97 37.02 35.24
N VAL A 652 -31.38 36.48 34.09
CA VAL A 652 -31.97 37.26 33.01
C VAL A 652 -33.48 37.05 33.01
N ILE A 653 -34.22 38.12 32.77
CA ILE A 653 -35.68 38.11 32.73
C ILE A 653 -36.13 38.73 31.42
N ILE A 654 -36.87 37.97 30.64
CA ILE A 654 -37.41 38.45 29.37
C ILE A 654 -38.93 38.36 29.43
N ARG A 655 -39.59 39.52 29.41
CA ARG A 655 -41.04 39.60 29.40
C ARG A 655 -41.45 40.57 28.30
N GLY A 656 -42.25 40.09 27.34
CA GLY A 656 -42.63 40.93 26.22
C GLY A 656 -41.51 41.24 25.26
N SER A 657 -40.45 40.42 25.27
CA SER A 657 -39.26 40.62 24.44
C SER A 657 -38.64 41.99 24.65
N GLN A 658 -38.27 42.26 25.89
CA GLN A 658 -37.26 43.25 26.24
C GLN A 658 -36.30 42.59 27.22
N ILE A 659 -35.22 43.29 27.56
CA ILE A 659 -34.29 42.81 28.57
C ILE A 659 -34.64 43.48 29.89
N LEU A 660 -34.85 42.67 30.94
CA LEU A 660 -35.19 43.23 32.24
C LEU A 660 -34.14 42.96 33.31
N SER A 661 -33.25 41.99 33.08
CA SER A 661 -32.11 41.76 33.96
C SER A 661 -31.07 40.98 33.16
N GLY A 662 -29.94 40.69 33.81
CA GLY A 662 -28.96 39.78 33.25
C GLY A 662 -28.13 40.40 32.14
N VAL A 663 -27.06 39.69 31.78
CA VAL A 663 -26.17 40.12 30.71
C VAL A 663 -26.14 39.04 29.63
N MET A 664 -25.29 39.23 28.62
CA MET A 664 -25.20 38.34 27.46
C MET A 664 -23.80 37.73 27.41
N ASP A 665 -23.65 36.55 27.98
CA ASP A 665 -22.31 36.01 28.28
C ASP A 665 -22.25 34.52 27.94
N LYS A 666 -22.65 34.18 26.71
CA LYS A 666 -22.40 32.88 26.08
C LYS A 666 -23.27 31.78 26.67
N SER A 667 -23.92 32.04 27.80
CA SER A 667 -24.90 31.13 28.36
C SER A 667 -26.30 31.31 27.78
N VAL A 668 -26.56 32.41 27.08
CA VAL A 668 -27.91 32.68 26.58
C VAL A 668 -27.86 33.05 25.10
N LEU A 669 -26.65 33.27 24.58
CA LEU A 669 -26.43 33.49 23.16
C LEU A 669 -25.62 32.40 22.50
N GLY A 670 -24.75 31.73 23.24
CA GLY A 670 -23.78 30.81 22.68
C GLY A 670 -24.29 29.38 22.60
N ASP A 671 -23.33 28.45 22.58
CA ASP A 671 -23.61 27.02 22.45
C ASP A 671 -23.94 26.43 23.81
N GLY A 672 -23.94 25.10 23.89
CA GLY A 672 -23.90 24.42 25.16
C GLY A 672 -25.21 24.35 25.92
N LYS A 673 -25.85 25.49 26.21
CA LYS A 673 -27.05 25.48 27.02
C LYS A 673 -28.29 25.55 26.15
N LYS A 674 -29.24 24.64 26.41
CA LYS A 674 -30.48 24.55 25.63
C LYS A 674 -31.26 25.86 25.61
N HIS A 675 -31.36 26.52 26.77
CA HIS A 675 -32.23 27.69 26.94
C HIS A 675 -31.54 28.98 26.53
N SER A 676 -31.12 29.04 25.27
CA SER A 676 -30.49 30.25 24.76
C SER A 676 -31.53 31.14 24.08
N VAL A 677 -31.09 32.34 23.70
CA VAL A 677 -31.96 33.25 22.93
C VAL A 677 -32.25 32.68 21.55
N PHE A 678 -31.20 32.33 20.81
CA PHE A 678 -31.33 31.84 19.44
C PHE A 678 -32.10 30.52 19.36
N TYR A 679 -32.16 29.75 20.44
CA TYR A 679 -33.02 28.58 20.45
C TYR A 679 -34.50 28.94 20.54
N THR A 680 -34.83 30.00 21.26
CA THR A 680 -36.25 30.29 21.54
C THR A 680 -36.97 30.83 20.31
N ILE A 681 -36.33 31.74 19.57
CA ILE A 681 -36.91 32.24 18.32
C ILE A 681 -37.06 31.11 17.31
N LEU A 682 -36.06 30.23 17.23
CA LEU A 682 -36.14 29.07 16.33
C LEU A 682 -37.27 28.13 16.71
N ARG A 683 -37.58 28.03 18.00
CA ARG A 683 -38.59 27.07 18.44
C ARG A 683 -40.01 27.56 18.21
N ASP A 684 -40.26 28.85 18.36
CA ASP A 684 -41.63 29.38 18.35
C ASP A 684 -41.93 30.28 17.16
N TYR A 685 -40.98 30.49 16.25
CA TYR A 685 -41.27 31.33 15.09
C TYR A 685 -40.69 30.80 13.79
N GLY A 686 -40.29 29.54 13.74
CA GLY A 686 -39.76 28.95 12.53
C GLY A 686 -38.30 29.27 12.29
N PRO A 687 -37.77 28.79 11.16
CA PRO A 687 -36.33 28.94 10.91
C PRO A 687 -35.96 30.31 10.37
N GLN A 688 -36.86 30.95 9.61
CA GLN A 688 -36.48 32.14 8.88
C GLN A 688 -36.23 33.32 9.81
N GLU A 689 -37.01 33.43 10.88
CA GLU A 689 -36.79 34.50 11.85
C GLU A 689 -35.60 34.25 12.77
N ALA A 690 -35.10 33.00 12.81
CA ALA A 690 -33.91 32.72 13.63
C ALA A 690 -32.66 33.33 13.01
N ALA A 691 -32.40 33.02 11.73
CA ALA A 691 -31.22 33.54 11.08
C ALA A 691 -31.27 35.04 10.88
N ASN A 692 -32.48 35.61 10.75
CA ASN A 692 -32.59 37.07 10.75
C ASN A 692 -32.25 37.67 12.11
N ALA A 693 -32.56 36.97 13.20
CA ALA A 693 -32.23 37.45 14.52
C ALA A 693 -30.75 37.27 14.85
N MET A 694 -30.03 36.42 14.12
CA MET A 694 -28.64 36.14 14.45
C MET A 694 -27.68 37.05 13.68
N ASN A 695 -27.88 37.20 12.37
CA ASN A 695 -26.98 38.05 11.59
C ASN A 695 -27.18 39.53 11.89
N ARG A 696 -28.32 39.91 12.49
CA ARG A 696 -28.50 41.28 12.94
C ARG A 696 -27.56 41.65 14.07
N MET A 697 -27.10 40.66 14.84
CA MET A 697 -26.07 40.88 15.83
C MET A 697 -24.68 40.96 15.19
N ALA A 698 -24.40 40.06 14.24
CA ALA A 698 -23.04 39.99 13.67
C ALA A 698 -22.71 41.23 12.85
N LYS A 699 -23.71 41.87 12.24
CA LYS A 699 -23.46 43.16 11.60
C LYS A 699 -23.22 44.25 12.63
N LEU A 700 -23.80 44.12 13.82
CA LEU A 700 -23.59 45.08 14.89
C LEU A 700 -22.26 44.86 15.60
N CYS A 701 -22.04 43.64 16.09
CA CYS A 701 -20.85 43.32 16.87
C CYS A 701 -19.57 43.31 16.06
N ALA A 702 -19.65 43.37 14.73
CA ALA A 702 -18.46 43.59 13.93
C ALA A 702 -18.05 45.06 13.95
N ARG A 703 -19.00 45.96 13.67
CA ARG A 703 -18.69 47.36 13.48
C ARG A 703 -18.53 48.12 14.79
N PHE A 704 -19.09 47.63 15.89
CA PHE A 704 -19.19 48.45 17.10
C PHE A 704 -17.84 48.57 17.81
N LEU A 705 -17.30 47.47 18.32
CA LEU A 705 -16.15 47.57 19.20
C LEU A 705 -14.84 47.76 18.44
N GLY A 706 -14.88 47.84 17.10
CA GLY A 706 -13.80 48.50 16.39
C GLY A 706 -13.78 50.00 16.57
N ASN A 707 -14.88 50.58 17.05
CA ASN A 707 -14.93 52.00 17.40
C ASN A 707 -14.96 52.25 18.89
N ARG A 708 -15.19 51.23 19.70
CA ARG A 708 -15.28 51.43 21.15
C ARG A 708 -13.90 51.26 21.79
N GLY A 709 -13.26 50.11 21.57
CA GLY A 709 -11.91 49.88 22.08
C GLY A 709 -11.77 48.77 23.09
N PHE A 710 -10.77 47.92 22.87
CA PHE A 710 -10.53 46.74 23.68
C PHE A 710 -9.13 46.19 23.40
N SER A 711 -8.33 46.00 24.44
CA SER A 711 -6.98 45.47 24.27
C SER A 711 -6.55 44.81 25.57
N ILE A 712 -5.34 44.25 25.55
CA ILE A 712 -4.81 43.48 26.67
C ILE A 712 -3.32 43.79 26.77
N GLY A 713 -2.82 43.95 27.99
CA GLY A 713 -1.44 44.36 28.15
C GLY A 713 -0.86 43.93 29.49
N ILE A 714 0.39 44.31 29.68
CA ILE A 714 1.12 43.97 30.90
C ILE A 714 0.52 44.69 32.10
N ASN A 715 -0.08 45.86 31.87
CA ASN A 715 -0.65 46.65 32.97
C ASN A 715 -1.78 45.93 33.70
N ASP A 716 -2.40 44.92 33.09
CA ASP A 716 -3.40 44.13 33.78
C ASP A 716 -3.23 42.65 33.49
N VAL A 717 -1.99 42.17 33.54
CA VAL A 717 -1.73 40.74 33.57
C VAL A 717 -0.68 40.48 34.65
N THR A 718 -0.09 41.56 35.16
CA THR A 718 0.82 41.50 36.30
C THR A 718 0.04 41.37 37.61
N PRO A 719 0.66 40.80 38.63
CA PRO A 719 0.14 40.95 39.99
C PRO A 719 0.34 42.36 40.52
N ALA A 720 -0.50 42.74 41.47
CA ALA A 720 -0.52 44.09 42.02
C ALA A 720 0.35 44.23 43.26
N ASP A 721 1.30 43.30 43.44
CA ASP A 721 2.38 43.24 44.43
C ASP A 721 1.86 42.99 45.84
N ASP A 722 0.54 43.03 46.02
CA ASP A 722 -0.05 42.53 47.25
C ASP A 722 -0.39 41.05 47.15
N LEU A 723 -0.69 40.56 45.94
CA LEU A 723 -0.85 39.14 45.71
C LEU A 723 0.48 38.40 45.67
N LYS A 724 1.54 39.07 45.20
CA LYS A 724 2.87 38.46 45.16
C LYS A 724 3.39 38.18 46.56
N GLN A 725 3.08 39.05 47.53
CA GLN A 725 3.44 38.76 48.91
C GLN A 725 2.65 37.58 49.45
N LYS A 726 1.37 37.46 49.06
CA LYS A 726 0.55 36.38 49.60
C LYS A 726 0.82 35.06 48.89
N LYS A 727 1.17 35.11 47.60
CA LYS A 727 1.51 33.89 46.88
C LYS A 727 2.80 33.28 47.40
N GLU A 728 3.73 34.12 47.86
CA GLU A 728 5.03 33.62 48.29
C GLU A 728 4.93 32.82 49.59
N GLU A 729 4.06 33.26 50.50
CA GLU A 729 3.94 32.57 51.78
C GLU A 729 3.02 31.35 51.70
N LEU A 730 2.03 31.38 50.80
CA LEU A 730 1.05 30.31 50.76
C LEU A 730 1.59 29.07 50.06
N VAL A 731 2.61 29.23 49.20
CA VAL A 731 3.33 28.07 48.67
C VAL A 731 4.45 27.62 49.60
N GLU A 732 4.94 28.51 50.47
CA GLU A 732 5.95 28.12 51.45
C GLU A 732 5.33 27.28 52.57
N ILE A 733 4.11 27.61 52.98
CA ILE A 733 3.39 26.77 53.93
C ILE A 733 2.91 25.48 53.29
N ALA A 734 2.84 25.44 51.95
CA ALA A 734 2.60 24.18 51.26
C ALA A 734 3.85 23.31 51.29
N TYR A 735 5.03 23.93 51.18
CA TYR A 735 6.28 23.23 51.45
C TYR A 735 6.38 22.83 52.92
N HIS A 736 5.90 23.68 53.82
CA HIS A 736 6.08 23.45 55.25
C HIS A 736 5.21 22.30 55.75
N LYS A 737 4.10 22.01 55.07
CA LYS A 737 3.33 20.80 55.35
C LYS A 737 3.86 19.59 54.59
N CYS A 738 4.56 19.82 53.47
CA CYS A 738 5.12 18.72 52.69
C CYS A 738 6.34 18.12 53.37
N ASP A 739 7.30 18.96 53.75
CA ASP A 739 8.60 18.46 54.21
C ASP A 739 8.48 17.74 55.54
N GLU A 740 7.49 18.09 56.36
CA GLU A 740 7.23 17.34 57.58
C GLU A 740 6.69 15.95 57.26
N LEU A 741 5.97 15.79 56.15
CA LEU A 741 5.40 14.51 55.79
C LEU A 741 6.44 13.60 55.15
N ILE A 742 7.45 14.17 54.48
CA ILE A 742 8.39 13.38 53.71
C ILE A 742 9.47 12.73 54.56
N THR A 743 9.62 13.16 55.81
CA THR A 743 10.67 12.65 56.70
C THR A 743 10.26 11.41 57.48
N LEU A 744 8.98 11.03 57.45
CA LEU A 744 8.54 9.85 58.19
C LEU A 744 8.63 8.57 57.35
N PHE A 745 9.81 8.37 56.75
CA PHE A 745 10.21 7.08 56.22
C PHE A 745 11.11 6.32 57.18
N ASN A 746 11.98 7.02 57.91
CA ASN A 746 12.71 6.38 59.00
C ASN A 746 11.78 6.05 60.17
N LYS A 747 10.81 6.93 60.44
CA LYS A 747 9.75 6.59 61.38
C LYS A 747 8.85 5.49 60.82
N GLY A 748 8.64 5.47 59.51
CA GLY A 748 7.91 4.37 58.89
C GLY A 748 6.42 4.37 59.13
N GLU A 749 5.80 5.54 59.22
CA GLU A 749 4.34 5.61 59.33
C GLU A 749 3.72 5.38 57.96
N LEU A 750 2.60 4.64 57.95
CA LEU A 750 1.80 4.46 56.75
C LEU A 750 0.32 4.51 57.12
N GLU A 751 -0.41 5.45 56.52
CA GLU A 751 -1.80 5.67 56.90
C GLU A 751 -2.69 4.51 56.43
N THR A 752 -2.30 3.83 55.36
CA THR A 752 -2.98 2.65 54.84
C THR A 752 -4.45 2.95 54.51
N GLN A 753 -4.60 3.77 53.47
CA GLN A 753 -5.91 3.97 52.88
C GLN A 753 -6.47 2.63 52.39
N PRO A 754 -7.78 2.42 52.51
CA PRO A 754 -8.39 1.23 51.89
C PRO A 754 -8.28 1.31 50.38
N GLY A 755 -7.61 0.32 49.79
CA GLY A 755 -7.25 0.40 48.39
C GLY A 755 -5.82 0.00 48.11
N CYS A 756 -5.16 -0.62 49.09
CA CYS A 756 -3.88 -1.31 48.94
C CYS A 756 -2.80 -0.34 48.42
N ASN A 757 -2.42 0.57 49.31
CA ASN A 757 -1.35 1.54 49.04
C ASN A 757 -0.02 0.85 48.78
N GLU A 758 0.53 0.20 49.81
CA GLU A 758 1.90 -0.31 49.83
C GLU A 758 2.89 0.77 49.41
N GLU A 759 3.01 1.77 50.29
CA GLU A 759 3.93 2.89 50.15
C GLU A 759 3.63 3.70 48.89
N GLN A 760 2.38 4.20 48.82
CA GLN A 760 2.08 5.28 47.89
C GLN A 760 1.08 6.29 48.47
N THR A 761 0.75 6.18 49.76
CA THR A 761 0.04 7.27 50.43
C THR A 761 0.84 8.57 50.38
N LEU A 762 2.15 8.49 50.62
CA LEU A 762 3.03 9.63 50.44
C LEU A 762 3.11 10.10 48.98
N GLU A 763 2.71 9.25 48.03
CA GLU A 763 2.52 9.73 46.67
C GLU A 763 1.16 10.41 46.51
N ALA A 764 0.09 9.81 47.04
CA ALA A 764 -1.25 10.31 46.76
C ALA A 764 -1.66 11.47 47.65
N LYS A 765 -1.03 11.61 48.83
CA LYS A 765 -1.36 12.72 49.72
C LYS A 765 -0.69 14.01 49.27
N ILE A 766 0.55 13.91 48.77
CA ILE A 766 1.21 15.08 48.17
C ILE A 766 0.49 15.49 46.89
N GLY A 767 -0.01 14.52 46.13
CA GLY A 767 -0.77 14.86 44.93
C GLY A 767 -2.07 15.57 45.25
N GLY A 768 -2.72 15.21 46.35
CA GLY A 768 -3.85 15.99 46.83
C GLY A 768 -3.43 17.29 47.48
N LEU A 769 -2.20 17.37 47.99
CA LEU A 769 -1.73 18.58 48.63
C LEU A 769 -1.34 19.65 47.62
N LEU A 770 -0.68 19.24 46.52
CA LEU A 770 -0.24 20.22 45.52
C LEU A 770 -1.34 20.58 44.54
N SER A 771 -2.37 19.75 44.41
CA SER A 771 -3.56 20.14 43.65
C SER A 771 -4.53 20.95 44.49
N LYS A 772 -4.23 21.19 45.77
CA LYS A 772 -4.94 22.15 46.59
C LYS A 772 -4.35 23.56 46.47
N VAL A 773 -3.04 23.68 46.69
CA VAL A 773 -2.40 25.00 46.74
C VAL A 773 -2.54 25.73 45.41
N ARG A 774 -2.71 25.00 44.32
CA ARG A 774 -2.98 25.62 43.03
C ARG A 774 -4.37 26.25 42.98
N GLU A 775 -5.31 25.77 43.80
CA GLU A 775 -6.70 26.21 43.68
C GLU A 775 -7.01 27.48 44.46
N GLU A 776 -6.62 27.55 45.73
CA GLU A 776 -6.90 28.77 46.50
C GLU A 776 -6.03 29.93 46.07
N VAL A 777 -4.85 29.68 45.52
CA VAL A 777 -4.08 30.74 44.87
C VAL A 777 -4.82 31.26 43.64
N GLY A 778 -5.48 30.37 42.89
CA GLY A 778 -6.39 30.80 41.86
C GLY A 778 -7.63 31.49 42.37
N ASP A 779 -7.99 31.27 43.63
CA ASP A 779 -9.13 31.96 44.23
C ASP A 779 -8.79 33.37 44.67
N VAL A 780 -7.50 33.65 44.94
CA VAL A 780 -7.09 35.02 45.26
C VAL A 780 -7.09 35.88 44.01
N CYS A 781 -6.68 35.32 42.87
CA CYS A 781 -6.52 36.13 41.67
C CYS A 781 -7.86 36.57 41.09
N ILE A 782 -8.90 35.79 41.32
CA ILE A 782 -10.22 36.15 40.78
C ILE A 782 -10.87 37.24 41.61
N ASN A 783 -10.93 37.07 42.93
CA ASN A 783 -11.67 38.02 43.75
C ASN A 783 -10.86 39.28 44.04
N GLU A 784 -9.56 39.14 44.28
CA GLU A 784 -8.72 40.29 44.60
C GLU A 784 -8.12 40.88 43.32
N LEU A 785 -9.00 41.48 42.53
CA LEU A 785 -8.63 41.98 41.22
C LEU A 785 -9.67 43.01 40.78
N ASP A 786 -9.20 44.09 40.18
CA ASP A 786 -10.12 45.12 39.73
C ASP A 786 -10.89 44.66 38.49
N ASN A 787 -11.92 45.41 38.15
CA ASN A 787 -12.61 45.23 36.88
C ASN A 787 -11.76 45.75 35.73
N TRP A 788 -12.25 45.54 34.50
CA TRP A 788 -11.57 45.92 33.27
C TRP A 788 -10.20 45.25 33.13
N ASN A 789 -10.04 44.07 33.73
CA ASN A 789 -8.94 43.18 33.40
C ASN A 789 -9.39 42.32 32.22
N ALA A 790 -8.61 42.35 31.12
CA ALA A 790 -9.05 41.76 29.86
C ALA A 790 -9.15 40.23 29.89
N PRO A 791 -8.25 39.51 30.56
CA PRO A 791 -8.55 38.09 30.84
C PRO A 791 -9.68 37.88 31.83
N LEU A 792 -10.01 38.87 32.66
CA LEU A 792 -11.13 38.72 33.58
C LEU A 792 -12.47 38.91 32.88
N ILE A 793 -12.54 39.78 31.87
CA ILE A 793 -13.81 40.10 31.25
C ILE A 793 -14.22 39.09 30.19
N MET A 794 -13.28 38.34 29.63
CA MET A 794 -13.61 37.27 28.69
C MET A 794 -13.59 35.90 29.33
N ALA A 795 -13.25 35.80 30.62
CA ALA A 795 -13.53 34.60 31.39
C ALA A 795 -14.76 34.72 32.27
N THR A 796 -15.26 35.95 32.51
CA THR A 796 -16.61 36.11 33.04
C THR A 796 -17.64 35.65 32.01
N CYS A 797 -17.43 35.98 30.74
CA CYS A 797 -18.16 35.36 29.65
C CYS A 797 -17.55 34.00 29.31
N GLY A 798 -18.23 33.29 28.42
CA GLY A 798 -17.73 31.99 27.99
C GLY A 798 -17.10 32.02 26.63
N SER A 799 -16.54 33.18 26.26
CA SER A 799 -15.91 33.35 24.95
C SER A 799 -14.70 32.44 24.82
N LYS A 800 -13.66 32.70 25.61
CA LYS A 800 -12.44 31.91 25.59
C LYS A 800 -11.70 32.15 26.89
N GLY A 801 -11.08 31.08 27.41
CA GLY A 801 -10.37 31.16 28.68
C GLY A 801 -11.17 30.54 29.81
N SER A 802 -10.52 30.48 30.97
CA SER A 802 -11.15 29.94 32.17
C SER A 802 -10.42 30.48 33.39
N THR A 803 -10.97 30.17 34.56
CA THR A 803 -10.35 30.58 35.83
C THR A 803 -9.07 29.81 36.11
N LEU A 804 -8.84 28.69 35.42
CA LEU A 804 -7.54 28.02 35.48
C LEU A 804 -6.52 28.68 34.56
N ASN A 805 -6.94 29.07 33.36
CA ASN A 805 -5.99 29.60 32.39
C ASN A 805 -5.48 30.99 32.79
N VAL A 806 -6.32 31.80 33.42
CA VAL A 806 -5.87 33.09 33.94
C VAL A 806 -5.05 32.94 35.21
N SER A 807 -5.25 31.86 35.97
CA SER A 807 -4.48 31.63 37.19
C SER A 807 -3.07 31.14 36.93
N GLN A 808 -2.79 30.64 35.73
CA GLN A 808 -1.44 30.18 35.37
C GLN A 808 -0.63 31.25 34.67
N MET A 809 -1.21 32.41 34.38
CA MET A 809 -0.46 33.51 33.76
C MET A 809 0.02 34.56 34.73
N VAL A 810 -0.54 34.62 35.94
CA VAL A 810 -0.24 35.72 36.86
C VAL A 810 0.36 35.21 38.16
N ALA A 811 -0.01 34.00 38.59
CA ALA A 811 0.37 33.53 39.92
C ALA A 811 1.23 32.27 39.87
N VAL A 812 0.72 31.18 39.31
CA VAL A 812 1.42 29.89 39.40
C VAL A 812 0.91 29.00 38.28
N VAL A 813 1.83 28.32 37.61
CA VAL A 813 1.47 27.42 36.51
C VAL A 813 0.97 26.08 37.03
N GLY A 814 1.35 25.69 38.25
CA GLY A 814 0.89 24.43 38.80
C GLY A 814 1.84 23.27 38.62
N GLN A 815 1.31 22.05 38.61
CA GLN A 815 2.10 20.84 38.58
C GLN A 815 1.72 20.02 37.36
N GLN A 816 2.72 19.53 36.64
CA GLN A 816 2.47 18.79 35.41
C GLN A 816 2.11 17.34 35.70
N ILE A 817 1.16 16.82 34.92
CA ILE A 817 0.66 15.45 35.06
C ILE A 817 1.04 14.67 33.80
N ILE A 818 1.51 13.45 34.00
CA ILE A 818 1.83 12.55 32.88
C ILE A 818 0.99 11.29 33.07
N SER A 819 -0.19 11.28 32.44
CA SER A 819 -1.11 10.14 32.47
C SER A 819 -1.45 9.73 33.91
N GLY A 820 -1.66 10.72 34.77
CA GLY A 820 -1.92 10.43 36.17
C GLY A 820 -0.68 10.14 36.98
N ASN A 821 0.42 10.84 36.70
CA ASN A 821 1.66 10.61 37.42
C ASN A 821 2.46 11.91 37.49
N ARG A 822 3.16 12.09 38.60
CA ARG A 822 3.86 13.35 38.88
C ARG A 822 5.33 13.24 38.47
N VAL A 823 5.53 13.05 37.17
CA VAL A 823 6.84 13.06 36.53
C VAL A 823 7.76 12.04 37.18
N PRO A 824 7.65 10.75 36.85
CA PRO A 824 8.53 9.74 37.43
C PRO A 824 9.98 9.96 37.01
N ASP A 825 10.86 9.19 37.65
CA ASP A 825 12.29 9.46 37.57
C ASP A 825 12.82 9.14 36.17
N GLY A 826 13.91 9.81 35.81
CA GLY A 826 14.66 9.46 34.62
C GLY A 826 15.76 8.44 34.87
N PHE A 827 16.48 8.61 35.98
CA PHE A 827 17.58 7.72 36.32
C PHE A 827 17.83 7.82 37.82
N GLN A 828 18.12 6.66 38.44
CA GLN A 828 18.71 6.60 39.78
C GLN A 828 17.80 7.24 40.82
N ASP A 829 16.49 7.06 40.64
CA ASP A 829 15.47 7.63 41.52
C ASP A 829 15.63 9.14 41.64
N ARG A 830 15.94 9.81 40.54
CA ARG A 830 15.88 11.26 40.47
C ARG A 830 15.55 11.67 39.04
N SER A 831 15.21 12.94 38.88
CA SER A 831 14.68 13.43 37.61
C SER A 831 15.73 14.10 36.74
N LEU A 832 16.72 14.76 37.33
CA LEU A 832 17.62 15.65 36.59
C LEU A 832 18.88 15.82 37.41
N PRO A 833 20.04 16.02 36.77
CA PRO A 833 21.30 16.05 37.54
C PRO A 833 21.49 17.32 38.36
N HIS A 834 20.42 18.08 38.59
CA HIS A 834 20.46 19.24 39.47
C HIS A 834 20.15 18.90 40.91
N PHE A 835 19.58 17.73 41.17
CA PHE A 835 18.86 17.49 42.41
C PHE A 835 19.45 16.30 43.17
N PRO A 836 19.40 16.32 44.49
CA PRO A 836 20.10 15.30 45.28
C PRO A 836 19.45 13.93 45.15
N LYS A 837 20.20 12.92 45.58
CA LYS A 837 19.81 11.53 45.41
C LYS A 837 18.58 11.19 46.25
N ASN A 838 17.74 10.30 45.69
CA ASN A 838 16.46 9.83 46.22
C ASN A 838 15.68 10.87 47.02
N SER A 839 15.56 12.09 46.49
CA SER A 839 14.96 13.20 47.20
C SER A 839 13.56 13.40 46.63
N LYS A 840 12.55 12.88 47.34
CA LYS A 840 11.20 12.79 46.80
C LYS A 840 10.37 14.02 47.20
N THR A 841 10.85 15.18 46.78
CA THR A 841 10.13 16.41 47.10
C THR A 841 9.58 17.05 45.82
N PRO A 842 8.43 17.72 45.91
CA PRO A 842 8.04 18.64 44.83
C PRO A 842 8.80 19.96 44.90
N GLN A 843 8.95 20.56 43.72
CA GLN A 843 10.02 21.45 43.23
C GLN A 843 11.23 20.65 42.77
N SER A 844 11.23 19.33 42.91
CA SER A 844 12.28 18.51 42.32
C SER A 844 11.77 17.53 41.27
N LYS A 845 10.60 16.93 41.47
CA LYS A 845 10.05 15.98 40.51
C LYS A 845 9.07 16.63 39.54
N GLY A 846 7.95 17.15 40.05
CA GLY A 846 6.89 17.58 39.17
C GLY A 846 6.48 19.04 39.26
N PHE A 847 6.60 19.64 40.43
CA PHE A 847 5.99 20.94 40.68
C PHE A 847 6.92 22.09 40.29
N VAL A 848 6.34 23.10 39.66
CA VAL A 848 7.03 24.32 39.27
C VAL A 848 6.25 25.51 39.82
N ARG A 849 6.92 26.37 40.58
CA ARG A 849 6.24 27.24 41.54
C ARG A 849 5.98 28.64 41.01
N ASN A 850 6.80 29.15 40.09
CA ASN A 850 6.68 30.53 39.67
C ASN A 850 5.80 30.67 38.43
N SER A 851 5.42 31.91 38.13
CA SER A 851 4.42 32.21 37.12
C SER A 851 5.08 32.45 35.76
N PHE A 852 4.26 32.52 34.72
CA PHE A 852 4.77 32.86 33.39
C PHE A 852 5.26 34.30 33.33
N PHE A 853 4.62 35.21 34.07
CA PHE A 853 5.09 36.60 34.10
C PHE A 853 6.43 36.71 34.81
N SER A 854 6.65 35.88 35.83
CA SER A 854 7.93 35.86 36.52
C SER A 854 9.02 35.29 35.62
N GLY A 855 8.85 34.05 35.15
CA GLY A 855 9.86 33.37 34.38
C GLY A 855 10.02 31.92 34.81
N LEU A 856 10.85 31.18 34.09
CA LEU A 856 11.13 29.78 34.40
C LEU A 856 12.63 29.55 34.53
N SER A 857 13.00 28.69 35.46
CA SER A 857 14.38 28.29 35.66
C SER A 857 14.74 27.14 34.73
N PRO A 858 16.03 26.98 34.41
CA PRO A 858 16.45 25.91 33.49
C PRO A 858 16.04 24.52 33.95
N PRO A 859 15.97 24.23 35.26
CA PRO A 859 15.40 22.92 35.62
C PRO A 859 13.89 22.82 35.42
N GLU A 860 13.14 23.85 35.77
CA GLU A 860 11.68 23.74 35.70
C GLU A 860 11.13 23.96 34.29
N PHE A 861 11.95 24.44 33.36
CA PHE A 861 11.49 24.61 31.98
C PHE A 861 11.24 23.27 31.31
N LEU A 862 12.05 22.25 31.64
CA LEU A 862 11.93 20.96 30.97
C LEU A 862 10.69 20.20 31.43
N PHE A 863 10.29 20.38 32.69
CA PHE A 863 9.16 19.62 33.21
C PHE A 863 7.84 20.14 32.64
N HIS A 864 7.75 21.43 32.32
CA HIS A 864 6.64 21.91 31.50
C HIS A 864 6.76 21.42 30.06
N ALA A 865 7.99 21.23 29.58
CA ALA A 865 8.24 20.76 28.23
C ALA A 865 8.01 19.26 28.05
N ILE A 866 7.58 18.56 29.11
CA ILE A 866 7.19 17.16 28.97
C ILE A 866 5.69 17.03 28.76
N SER A 867 4.88 17.65 29.61
CA SER A 867 3.44 17.66 29.41
C SER A 867 3.01 18.45 28.18
N GLY A 868 3.88 19.32 27.66
CA GLY A 868 3.68 19.87 26.33
C GLY A 868 3.87 18.88 25.20
N ARG A 869 4.48 17.72 25.47
CA ARG A 869 4.68 16.72 24.43
C ARG A 869 3.50 15.77 24.29
N GLU A 870 3.03 15.18 25.40
CA GLU A 870 1.92 14.24 25.30
C GLU A 870 0.58 14.92 25.06
N GLY A 871 0.53 16.26 25.11
CA GLY A 871 -0.61 16.96 24.54
C GLY A 871 -0.67 16.86 23.03
N LEU A 872 0.47 16.65 22.39
CA LEU A 872 0.53 16.42 20.95
C LEU A 872 0.52 14.94 20.58
N VAL A 873 0.94 14.07 21.48
CA VAL A 873 1.08 12.65 21.14
C VAL A 873 -0.29 12.00 21.01
N ASP A 874 -1.20 12.30 21.94
CA ASP A 874 -2.48 11.58 21.98
C ASP A 874 -3.34 11.86 20.76
N THR A 875 -3.15 13.00 20.10
CA THR A 875 -3.86 13.26 18.85
C THR A 875 -3.40 12.33 17.72
N ALA A 876 -2.20 11.78 17.80
CA ALA A 876 -1.73 10.79 16.84
C ALA A 876 -2.12 9.36 17.20
N VAL A 877 -2.91 9.17 18.25
CA VAL A 877 -3.40 7.83 18.59
C VAL A 877 -4.89 7.79 18.87
N LYS A 878 -5.54 8.92 19.17
CA LYS A 878 -6.99 8.92 19.34
C LYS A 878 -7.73 9.20 18.04
N THR A 879 -7.22 10.14 17.23
CA THR A 879 -7.90 10.47 15.98
C THR A 879 -7.80 9.35 14.96
N ALA A 880 -6.74 8.54 15.02
CA ALA A 880 -6.61 7.42 14.09
C ALA A 880 -7.61 6.32 14.41
N GLU A 881 -7.85 6.05 15.70
CA GLU A 881 -8.78 4.99 16.07
C GLU A 881 -10.23 5.46 16.02
N THR A 882 -10.48 6.76 16.24
CA THR A 882 -11.86 7.25 16.31
C THR A 882 -12.53 7.22 14.95
N GLY A 883 -11.83 7.70 13.92
CA GLY A 883 -12.38 7.62 12.58
C GLY A 883 -12.59 6.20 12.09
N TYR A 884 -11.77 5.26 12.58
CA TYR A 884 -12.02 3.86 12.30
C TYR A 884 -13.19 3.32 13.11
N MET A 885 -13.28 3.73 14.38
CA MET A 885 -14.38 3.29 15.24
C MET A 885 -15.71 3.89 14.80
N SER A 886 -15.70 5.08 14.21
CA SER A 886 -16.92 5.75 13.76
C SER A 886 -17.46 5.19 12.46
N ARG A 887 -16.68 4.41 11.71
CA ARG A 887 -17.19 3.72 10.53
C ARG A 887 -17.35 2.22 10.72
N ARG A 888 -16.77 1.64 11.77
CA ARG A 888 -16.97 0.22 12.03
C ARG A 888 -18.43 -0.07 12.37
N LEU A 889 -18.95 0.56 13.42
CA LEU A 889 -20.33 0.34 13.85
C LEU A 889 -21.36 0.99 12.92
N MET A 890 -20.92 1.86 12.01
CA MET A 890 -21.81 2.37 10.97
C MET A 890 -22.36 1.24 10.11
N LYS A 891 -21.51 0.28 9.74
CA LYS A 891 -21.86 -0.72 8.74
C LYS A 891 -22.72 -1.85 9.30
N SER A 892 -22.84 -1.94 10.62
CA SER A 892 -23.74 -2.93 11.22
C SER A 892 -25.20 -2.49 11.14
N LEU A 893 -25.47 -1.19 11.13
CA LEU A 893 -26.84 -0.69 11.25
C LEU A 893 -27.10 0.46 10.28
N GLU A 894 -26.40 0.49 9.15
CA GLU A 894 -26.47 1.60 8.21
C GLU A 894 -27.87 1.79 7.63
N ASP A 895 -28.69 0.74 7.60
CA ASP A 895 -30.03 0.80 7.02
C ASP A 895 -31.05 0.43 8.09
N LEU A 896 -31.45 1.43 8.88
CA LEU A 896 -32.54 1.31 9.84
C LEU A 896 -33.43 2.54 9.65
N SER A 897 -34.52 2.36 8.92
CA SER A 897 -35.39 3.46 8.51
C SER A 897 -36.80 3.24 9.03
N CYS A 898 -37.37 4.31 9.57
CA CYS A 898 -38.74 4.26 10.07
C CYS A 898 -39.73 4.20 8.92
N GLN A 899 -40.60 3.18 8.95
CA GLN A 899 -41.63 3.03 7.93
C GLN A 899 -42.89 3.80 8.35
N TYR A 900 -43.88 3.81 7.46
CA TYR A 900 -45.07 4.62 7.70
C TYR A 900 -45.98 4.05 8.78
N ASP A 901 -45.80 2.79 9.16
CA ASP A 901 -46.48 2.24 10.31
C ASP A 901 -45.73 2.49 11.61
N ASN A 902 -44.76 3.41 11.59
CA ASN A 902 -44.07 3.90 12.79
C ASN A 902 -43.31 2.76 13.47
N THR A 903 -42.55 2.01 12.68
CA THR A 903 -41.80 0.85 13.19
C THR A 903 -40.48 0.76 12.43
N VAL A 904 -39.37 0.98 13.13
CA VAL A 904 -38.06 0.91 12.47
C VAL A 904 -37.72 -0.54 12.18
N ARG A 905 -37.07 -0.77 11.04
CA ARG A 905 -36.77 -2.13 10.62
C ARG A 905 -35.58 -2.11 9.67
N THR A 906 -35.06 -3.30 9.39
CA THR A 906 -33.92 -3.46 8.49
C THR A 906 -34.38 -3.33 7.04
N SER A 907 -33.41 -3.42 6.12
CA SER A 907 -33.73 -3.36 4.70
C SER A 907 -34.45 -4.62 4.22
N ALA A 908 -34.27 -5.74 4.92
CA ALA A 908 -34.98 -6.98 4.62
C ALA A 908 -36.31 -7.08 5.37
N ASN A 909 -36.89 -5.94 5.77
CA ASN A 909 -38.25 -5.87 6.28
C ASN A 909 -38.43 -6.68 7.56
N GLY A 910 -37.37 -6.85 8.33
CA GLY A 910 -37.43 -7.56 9.60
C GLY A 910 -37.43 -6.57 10.76
N ILE A 911 -38.30 -6.82 11.74
CA ILE A 911 -38.54 -5.84 12.79
C ILE A 911 -37.34 -5.82 13.73
N VAL A 912 -36.87 -4.61 14.05
CA VAL A 912 -35.86 -4.41 15.09
C VAL A 912 -36.49 -4.05 16.43
N GLN A 913 -37.33 -3.02 16.44
CA GLN A 913 -38.20 -2.72 17.57
C GLN A 913 -39.44 -2.00 17.05
N PHE A 914 -40.53 -2.12 17.81
CA PHE A 914 -41.82 -1.68 17.29
C PHE A 914 -41.95 -0.16 17.31
N THR A 915 -41.53 0.48 18.41
CA THR A 915 -41.37 1.92 18.47
C THR A 915 -39.91 2.26 18.74
N TYR A 916 -39.48 3.42 18.24
CA TYR A 916 -38.15 3.92 18.56
C TYR A 916 -38.13 4.36 20.02
N GLY A 917 -37.50 3.57 20.87
CA GLY A 917 -37.65 3.77 22.30
C GLY A 917 -39.05 3.38 22.75
N GLY A 918 -39.47 3.97 23.86
CA GLY A 918 -40.76 3.63 24.42
C GLY A 918 -41.93 4.28 23.72
N ASP A 919 -41.72 5.45 23.11
CA ASP A 919 -42.82 6.23 22.56
C ASP A 919 -42.65 6.64 21.10
N GLY A 920 -41.45 6.61 20.55
CA GLY A 920 -41.26 7.01 19.17
C GLY A 920 -41.40 8.51 18.96
N LEU A 921 -40.45 9.29 19.46
CA LEU A 921 -40.34 10.70 19.11
C LEU A 921 -38.90 11.02 18.71
N ASP A 922 -38.77 12.00 17.81
CA ASP A 922 -37.47 12.35 17.25
C ASP A 922 -36.58 12.96 18.32
N PRO A 923 -35.31 12.54 18.42
CA PRO A 923 -34.45 13.04 19.50
C PRO A 923 -34.02 14.48 19.32
N LEU A 924 -33.90 14.96 18.07
CA LEU A 924 -33.42 16.32 17.85
C LEU A 924 -34.47 17.36 18.19
N GLU A 925 -35.75 17.05 18.01
CA GLU A 925 -36.82 18.00 18.28
C GLU A 925 -37.42 17.73 19.66
N MET A 926 -36.59 17.95 20.67
CA MET A 926 -36.99 17.78 22.06
C MET A 926 -36.42 18.92 22.89
N GLU A 927 -37.10 19.21 23.99
CA GLU A 927 -36.71 20.25 24.93
C GLU A 927 -35.97 19.62 26.12
N GLY A 928 -35.77 20.43 27.16
CA GLY A 928 -34.76 20.10 28.16
C GLY A 928 -35.11 18.87 28.97
N ASN A 929 -34.07 18.12 29.33
CA ASN A 929 -34.17 16.94 30.19
C ASN A 929 -35.06 15.87 29.59
N ALA A 930 -35.03 15.75 28.25
CA ALA A 930 -35.65 14.65 27.51
C ALA A 930 -37.16 14.60 27.71
N GLN A 931 -37.80 15.76 27.88
CA GLN A 931 -39.25 15.82 27.79
C GLN A 931 -39.66 16.91 26.80
N PRO A 932 -40.56 16.63 25.87
CA PRO A 932 -40.81 17.55 24.76
C PRO A 932 -41.81 18.64 25.14
N VAL A 933 -41.71 19.19 26.34
CA VAL A 933 -42.69 20.16 26.81
C VAL A 933 -42.05 21.43 27.36
N ASN A 934 -41.18 21.28 28.37
CA ASN A 934 -40.62 22.42 29.11
C ASN A 934 -41.74 23.32 29.64
N PHE A 935 -42.45 22.77 30.63
CA PHE A 935 -43.62 23.44 31.21
C PHE A 935 -43.32 24.86 31.65
N ASN A 936 -42.16 25.09 32.27
CA ASN A 936 -41.93 26.35 32.96
C ASN A 936 -41.73 27.51 32.00
N ARG A 937 -41.12 27.27 30.84
CA ARG A 937 -41.06 28.29 29.81
C ARG A 937 -42.39 28.41 29.07
N SER A 938 -43.01 27.28 28.74
CA SER A 938 -44.22 27.31 27.92
C SER A 938 -45.40 27.95 28.66
N TRP A 939 -45.44 27.83 29.99
CA TRP A 939 -46.44 28.55 30.76
C TRP A 939 -46.22 30.06 30.70
N ASP A 940 -44.98 30.50 30.87
CA ASP A 940 -44.70 31.93 30.86
C ASP A 940 -44.85 32.54 29.46
N HIS A 941 -44.60 31.75 28.41
CA HIS A 941 -44.90 32.22 27.06
C HIS A 941 -46.40 32.27 26.81
N ALA A 942 -47.16 31.36 27.44
CA ALA A 942 -48.62 31.42 27.34
C ALA A 942 -49.18 32.57 28.18
N TYR A 943 -48.56 32.87 29.32
CA TYR A 943 -49.09 33.88 30.23
C TYR A 943 -48.86 35.29 29.72
N ASN A 944 -47.75 35.53 29.02
CA ASN A 944 -47.42 36.87 28.57
C ASN A 944 -48.12 37.24 27.26
N ILE A 945 -48.54 36.24 26.47
CA ILE A 945 -49.12 36.53 25.16
C ILE A 945 -50.59 36.92 25.25
N THR A 946 -51.22 36.68 26.41
CA THR A 946 -52.63 37.00 26.61
C THR A 946 -52.83 37.88 27.85
N PHE A 947 -51.80 38.60 28.26
CA PHE A 947 -51.84 39.35 29.50
C PHE A 947 -52.71 40.59 29.37
N ASN A 948 -53.54 40.82 30.39
CA ASN A 948 -54.50 41.93 30.36
C ASN A 948 -54.98 42.17 31.79
N ASN A 949 -55.27 43.44 32.09
CA ASN A 949 -55.95 43.81 33.32
C ASN A 949 -57.44 44.04 33.14
N GLN A 950 -57.93 44.11 31.90
CA GLN A 950 -59.36 44.21 31.67
C GLN A 950 -60.06 42.87 31.91
N ASP A 951 -59.37 41.76 31.68
CA ASP A 951 -59.98 40.45 31.82
C ASP A 951 -60.21 40.10 33.29
N LYS A 952 -61.09 39.13 33.51
CA LYS A 952 -61.61 38.85 34.85
C LYS A 952 -60.68 37.93 35.62
N GLY A 953 -60.48 36.71 35.13
CA GLY A 953 -59.87 35.65 35.90
C GLY A 953 -60.89 34.60 36.30
N LEU A 954 -60.40 33.57 37.00
CA LEU A 954 -61.23 32.42 37.34
C LEU A 954 -60.88 31.97 38.75
N LEU A 955 -61.33 30.77 39.09
CA LEU A 955 -61.33 30.19 40.42
C LEU A 955 -60.55 28.89 40.41
N PRO A 956 -60.01 28.45 41.57
CA PRO A 956 -59.18 27.25 41.59
C PRO A 956 -59.89 25.99 41.09
N TYR A 957 -61.15 25.78 41.46
CA TYR A 957 -61.88 24.66 40.85
C TYR A 957 -62.22 24.96 39.40
N ALA A 958 -62.40 26.23 39.05
CA ALA A 958 -63.02 26.58 37.78
C ALA A 958 -62.08 26.33 36.60
N ILE A 959 -60.78 26.50 36.81
CA ILE A 959 -59.81 26.29 35.73
C ILE A 959 -59.61 24.82 35.43
N MET A 960 -59.95 23.92 36.37
CA MET A 960 -59.64 22.51 36.18
C MET A 960 -60.55 21.85 35.16
N GLU A 961 -61.84 22.20 35.16
CA GLU A 961 -62.76 21.56 34.22
C GLU A 961 -62.64 22.14 32.81
N THR A 962 -62.13 23.36 32.67
CA THR A 962 -61.88 23.91 31.34
C THR A 962 -60.77 23.16 30.62
N ALA A 963 -59.82 22.60 31.38
CA ALA A 963 -58.90 21.63 30.82
C ALA A 963 -59.63 20.36 30.40
N ASN A 964 -60.42 19.78 31.31
CA ASN A 964 -61.04 18.49 31.09
C ASN A 964 -62.05 18.50 29.95
N GLU A 965 -62.44 19.67 29.47
CA GLU A 965 -63.24 19.78 28.26
C GLU A 965 -62.43 19.59 26.99
N ILE A 966 -61.10 19.61 27.06
CA ILE A 966 -60.24 19.49 25.89
C ILE A 966 -59.48 18.16 25.90
N LEU A 967 -58.62 17.95 26.91
CA LEU A 967 -57.83 16.72 26.93
C LEU A 967 -58.62 15.52 27.46
N GLY A 968 -59.87 15.74 27.86
CA GLY A 968 -60.82 14.67 28.06
C GLY A 968 -61.06 13.87 26.81
N PRO A 969 -61.68 14.50 25.79
CA PRO A 969 -61.94 13.79 24.54
C PRO A 969 -60.68 13.37 23.80
N LEU A 970 -59.55 14.03 24.06
CA LEU A 970 -58.28 13.53 23.56
C LEU A 970 -57.90 12.20 24.23
N GLU A 971 -58.22 12.07 25.52
CA GLU A 971 -57.93 10.83 26.23
C GLU A 971 -58.94 9.74 25.91
N GLU A 972 -60.16 10.12 25.54
CA GLU A 972 -61.23 9.17 25.28
C GLU A 972 -61.09 8.48 23.92
N ARG A 973 -60.24 9.00 23.04
CA ARG A 973 -59.98 8.32 21.78
C ARG A 973 -59.24 7.01 21.99
N LEU A 974 -58.49 6.90 23.08
CA LEU A 974 -57.91 5.62 23.47
C LEU A 974 -59.01 4.62 23.78
N VAL A 975 -58.75 3.36 23.43
CA VAL A 975 -59.76 2.30 23.60
C VAL A 975 -59.28 1.24 24.59
N ARG A 976 -57.95 1.06 24.68
CA ARG A 976 -57.34 0.07 25.58
C ARG A 976 -57.88 -1.33 25.29
N TYR A 977 -57.51 -1.83 24.11
CA TYR A 977 -57.89 -3.18 23.74
C TYR A 977 -57.10 -4.20 24.55
N ASP A 978 -57.56 -5.44 24.53
CA ASP A 978 -56.87 -6.53 25.21
C ASP A 978 -55.91 -7.22 24.23
N ASN A 979 -55.43 -8.40 24.63
CA ASN A 979 -54.62 -9.21 23.73
C ASN A 979 -55.44 -9.86 22.62
N SER A 980 -56.75 -10.01 22.81
CA SER A 980 -57.62 -10.68 21.83
C SER A 980 -58.85 -9.82 21.56
N GLY A 981 -58.71 -8.87 20.63
CA GLY A 981 -59.85 -8.19 20.06
C GLY A 981 -60.58 -7.18 20.92
N CYS A 982 -61.24 -7.65 21.98
CA CYS A 982 -62.29 -6.85 22.63
C CYS A 982 -61.74 -5.81 23.59
N LEU A 983 -62.61 -5.29 24.46
CA LEU A 983 -62.25 -4.28 25.45
C LEU A 983 -61.68 -4.93 26.70
N VAL A 984 -61.44 -4.11 27.73
CA VAL A 984 -61.01 -4.56 29.03
C VAL A 984 -61.93 -3.95 30.08
N LYS A 985 -61.91 -4.52 31.28
CA LYS A 985 -62.87 -4.13 32.31
C LYS A 985 -62.48 -2.79 32.95
N ARG A 986 -63.47 -2.22 33.65
CA ARG A 986 -63.27 -0.97 34.37
C ARG A 986 -62.25 -1.12 35.49
N GLU A 987 -62.25 -2.27 36.17
CA GLU A 987 -61.33 -2.55 37.26
C GLU A 987 -60.11 -3.32 36.76
N ASP A 988 -58.99 -3.12 37.46
CA ASP A 988 -57.76 -3.88 37.25
C ASP A 988 -57.18 -3.60 35.86
N LEU A 989 -57.05 -2.32 35.55
CA LEU A 989 -56.41 -1.87 34.32
C LEU A 989 -54.90 -1.99 34.39
N ASN A 990 -54.27 -1.23 35.29
CA ASN A 990 -52.81 -1.20 35.42
C ASN A 990 -52.32 -2.46 36.13
N LYS A 991 -52.10 -3.51 35.34
CA LYS A 991 -51.65 -4.80 35.85
C LYS A 991 -50.40 -5.30 35.12
N ALA A 992 -49.86 -4.50 34.20
CA ALA A 992 -48.72 -4.85 33.34
C ALA A 992 -48.98 -6.12 32.53
N GLU A 993 -50.24 -6.38 32.18
CA GLU A 993 -50.59 -7.42 31.23
C GLU A 993 -51.22 -6.87 29.96
N TYR A 994 -51.87 -5.71 30.03
CA TYR A 994 -52.58 -5.08 28.92
C TYR A 994 -51.97 -3.73 28.59
N VAL A 995 -50.65 -3.61 28.72
CA VAL A 995 -49.93 -2.45 28.21
C VAL A 995 -49.64 -2.68 26.74
N ASP A 996 -50.32 -1.91 25.88
CA ASP A 996 -50.34 -2.14 24.45
C ASP A 996 -49.21 -1.36 23.76
N GLN A 997 -49.29 -1.22 22.44
CA GLN A 997 -48.23 -0.63 21.62
C GLN A 997 -47.90 0.81 22.02
N TYR A 998 -48.80 1.51 22.71
CA TYR A 998 -48.46 2.83 23.23
C TYR A 998 -49.14 3.06 24.58
N ASP A 999 -48.33 3.44 25.56
CA ASP A 999 -48.79 3.81 26.90
C ASP A 999 -48.17 5.10 27.41
N ALA A 1000 -47.00 5.49 26.90
CA ALA A 1000 -46.39 6.76 27.29
C ALA A 1000 -47.21 7.94 26.76
N GLU A 1001 -47.77 7.81 25.56
CA GLU A 1001 -48.66 8.84 25.04
C GLU A 1001 -49.92 8.97 25.89
N ARG A 1002 -50.41 7.86 26.45
CA ARG A 1002 -51.45 7.96 27.47
C ARG A 1002 -50.89 8.59 28.75
N ASP A 1003 -49.65 8.26 29.10
CA ASP A 1003 -49.05 8.75 30.32
C ASP A 1003 -48.66 10.22 30.22
N PHE A 1004 -48.54 10.75 29.00
CA PHE A 1004 -48.26 12.18 28.82
C PHE A 1004 -49.44 13.03 29.27
N TYR A 1005 -50.68 12.54 29.12
CA TYR A 1005 -51.83 13.32 29.55
C TYR A 1005 -52.04 13.27 31.06
N HIS A 1006 -51.45 12.28 31.72
CA HIS A 1006 -51.41 12.26 33.18
C HIS A 1006 -50.44 13.29 33.75
N SER A 1007 -49.45 13.71 32.95
CA SER A 1007 -48.42 14.61 33.45
C SER A 1007 -48.93 16.05 33.49
N LEU A 1008 -49.41 16.59 32.36
CA LEU A 1008 -49.74 18.00 32.31
C LEU A 1008 -51.06 18.30 33.02
N ARG A 1009 -51.93 17.31 33.18
CA ARG A 1009 -53.11 17.49 34.03
C ARG A 1009 -52.69 17.65 35.49
N GLU A 1010 -51.64 16.94 35.90
CA GLU A 1010 -51.14 17.04 37.26
C GLU A 1010 -50.42 18.37 37.50
N TYR A 1011 -49.76 18.92 36.47
CA TYR A 1011 -49.06 20.18 36.65
C TYR A 1011 -50.04 21.34 36.82
N ILE A 1012 -51.15 21.32 36.10
CA ILE A 1012 -52.16 22.36 36.29
C ILE A 1012 -52.82 22.20 37.65
N ASN A 1013 -53.00 20.95 38.10
CA ASN A 1013 -53.44 20.70 39.48
C ASN A 1013 -52.43 21.21 40.48
N GLY A 1014 -51.14 21.09 40.18
CA GLY A 1014 -50.11 21.59 41.08
C GLY A 1014 -50.05 23.11 41.15
N LYS A 1015 -50.53 23.80 40.12
CA LYS A 1015 -50.63 25.25 40.17
C LYS A 1015 -52.01 25.71 40.63
N ALA A 1016 -53.03 24.83 40.55
CA ALA A 1016 -54.35 25.18 41.05
C ALA A 1016 -54.34 25.34 42.55
N THR A 1017 -53.54 24.53 43.25
CA THR A 1017 -53.44 24.63 44.70
C THR A 1017 -52.70 25.89 45.15
N ALA A 1018 -51.88 26.47 44.26
CA ALA A 1018 -51.18 27.70 44.64
C ALA A 1018 -52.13 28.88 44.78
N LEU A 1019 -53.19 28.91 43.96
CA LEU A 1019 -54.18 29.98 44.08
C LEU A 1019 -55.08 29.73 45.29
N ALA A 1020 -55.48 28.49 45.52
CA ALA A 1020 -56.44 28.19 46.58
C ALA A 1020 -55.80 28.35 47.95
N ASN A 1021 -54.53 27.98 48.09
CA ASN A 1021 -53.82 28.20 49.35
C ASN A 1021 -53.51 29.67 49.58
N LEU A 1022 -53.56 30.50 48.54
CA LEU A 1022 -53.39 31.93 48.71
C LEU A 1022 -54.66 32.57 49.24
N ARG A 1023 -55.78 32.38 48.53
CA ARG A 1023 -57.02 33.07 48.88
C ARG A 1023 -57.61 32.58 50.18
N LYS A 1024 -57.23 31.37 50.63
CA LYS A 1024 -57.69 30.87 51.93
C LYS A 1024 -57.11 31.70 53.07
N SER A 1025 -55.77 31.78 53.14
CA SER A 1025 -55.11 32.45 54.25
C SER A 1025 -55.30 33.97 54.22
N ARG A 1026 -55.62 34.53 53.06
CA ARG A 1026 -55.79 35.97 52.91
C ARG A 1026 -57.22 36.42 53.19
N GLY A 1027 -58.06 35.55 53.77
CA GLY A 1027 -59.37 35.95 54.22
C GLY A 1027 -60.52 35.23 53.52
N MET A 1028 -60.39 35.03 52.22
CA MET A 1028 -61.49 34.47 51.44
C MET A 1028 -61.57 32.96 51.68
N LEU A 1029 -62.69 32.37 51.29
CA LEU A 1029 -62.88 30.92 51.39
C LEU A 1029 -62.07 30.23 50.31
N GLY A 1030 -61.06 29.45 50.73
CA GLY A 1030 -60.25 28.70 49.79
C GLY A 1030 -60.89 27.39 49.37
N LEU A 1031 -61.53 27.39 48.20
CA LEU A 1031 -62.40 26.29 47.78
C LEU A 1031 -61.65 25.43 46.76
N LEU A 1032 -61.18 24.26 47.20
CA LEU A 1032 -60.48 23.34 46.32
C LEU A 1032 -61.45 22.56 45.43
N GLU A 1033 -62.53 22.04 46.01
CA GLU A 1033 -63.39 21.07 45.37
C GLU A 1033 -64.56 21.76 44.68
N PRO A 1034 -65.05 21.17 43.58
CA PRO A 1034 -66.13 21.80 42.82
C PRO A 1034 -67.46 21.67 43.54
N PRO A 1035 -68.29 22.70 43.51
CA PRO A 1035 -69.62 22.61 44.12
C PRO A 1035 -70.58 21.77 43.30
N ALA A 1036 -71.54 21.18 44.01
CA ALA A 1036 -72.52 20.27 43.44
C ALA A 1036 -73.71 21.08 42.91
N LYS A 1037 -74.84 20.41 42.68
CA LYS A 1037 -76.08 21.09 42.33
C LYS A 1037 -76.63 21.85 43.54
N GLU A 1038 -76.30 23.14 43.60
CA GLU A 1038 -76.70 24.01 44.70
C GLU A 1038 -77.07 25.37 44.12
N LEU A 1039 -77.24 26.37 44.98
CA LEU A 1039 -77.54 27.73 44.53
C LEU A 1039 -76.33 28.31 43.82
N GLN A 1040 -76.38 28.33 42.49
CA GLN A 1040 -75.24 28.68 41.66
C GLN A 1040 -75.08 30.20 41.60
N GLY A 1041 -73.87 30.62 41.24
CA GLY A 1041 -73.49 32.01 41.39
C GLY A 1041 -73.18 32.38 42.84
N ILE A 1042 -72.26 31.63 43.45
CA ILE A 1042 -71.85 31.93 44.82
C ILE A 1042 -71.17 33.29 44.88
N ASP A 1043 -70.14 33.49 44.04
CA ASP A 1043 -69.48 34.78 43.86
C ASP A 1043 -69.05 35.38 45.19
N PRO A 1044 -67.97 34.89 45.80
CA PRO A 1044 -67.66 35.26 47.18
C PRO A 1044 -67.18 36.71 47.32
N ASP A 1045 -67.30 37.50 46.26
CA ASP A 1045 -66.79 38.87 46.28
C ASP A 1045 -67.60 39.76 47.22
N GLU A 1046 -68.88 39.45 47.44
CA GLU A 1046 -69.66 40.27 48.36
C GLU A 1046 -69.40 39.91 49.82
N THR A 1047 -68.78 38.77 50.09
CA THR A 1047 -68.50 38.37 51.47
C THR A 1047 -67.38 39.21 52.06
N VAL A 1048 -66.19 39.14 51.43
CA VAL A 1048 -65.05 39.94 51.85
C VAL A 1048 -65.19 41.34 51.26
N PRO A 1049 -64.53 42.36 51.82
CA PRO A 1049 -64.54 43.68 51.18
C PRO A 1049 -63.66 43.74 49.94
N ASP A 1050 -63.69 44.88 49.24
CA ASP A 1050 -62.92 45.04 48.02
C ASP A 1050 -61.41 45.12 48.26
N ASN A 1051 -60.97 45.20 49.52
CA ASN A 1051 -59.56 45.08 49.82
C ASN A 1051 -59.00 43.73 49.39
N VAL A 1052 -59.82 42.67 49.48
CA VAL A 1052 -59.34 41.34 49.16
C VAL A 1052 -59.33 41.10 47.65
N LYS A 1053 -60.31 41.64 46.94
CA LYS A 1053 -60.33 41.49 45.49
C LYS A 1053 -59.19 42.26 44.84
N THR A 1054 -58.74 43.36 45.45
CA THR A 1054 -57.51 44.03 45.06
C THR A 1054 -56.29 43.46 45.78
N SER A 1055 -56.37 42.23 46.27
CA SER A 1055 -55.23 41.49 46.79
C SER A 1055 -54.96 40.20 46.05
N VAL A 1056 -56.00 39.42 45.75
CA VAL A 1056 -55.84 38.22 44.93
C VAL A 1056 -55.53 38.60 43.48
N SER A 1057 -56.39 39.42 42.88
CA SER A 1057 -56.20 39.81 41.49
C SER A 1057 -55.02 40.76 41.32
N GLN A 1058 -54.58 41.43 42.40
CA GLN A 1058 -53.32 42.17 42.36
C GLN A 1058 -52.14 41.22 42.27
N LEU A 1059 -52.15 40.14 43.06
CA LEU A 1059 -50.98 39.27 43.18
C LEU A 1059 -50.79 38.44 41.91
N TYR A 1060 -51.73 37.54 41.62
CA TYR A 1060 -51.72 36.85 40.35
C TYR A 1060 -53.09 36.27 40.07
N ARG A 1061 -53.37 36.03 38.79
CA ARG A 1061 -54.62 35.47 38.33
C ARG A 1061 -54.39 34.76 37.01
N ILE A 1062 -55.29 33.83 36.68
CA ILE A 1062 -55.14 32.98 35.51
C ILE A 1062 -56.40 33.12 34.67
N SER A 1063 -56.28 33.73 33.49
CA SER A 1063 -57.41 33.91 32.60
C SER A 1063 -57.84 32.58 32.01
N GLU A 1064 -59.08 32.53 31.53
CA GLU A 1064 -59.52 31.36 30.79
C GLU A 1064 -58.84 31.27 29.43
N LYS A 1065 -58.52 32.42 28.83
CA LYS A 1065 -57.87 32.43 27.53
C LYS A 1065 -56.45 31.89 27.60
N SER A 1066 -55.79 32.04 28.76
CA SER A 1066 -54.46 31.48 28.94
C SER A 1066 -54.47 29.97 28.94
N VAL A 1067 -55.38 29.36 29.71
CA VAL A 1067 -55.46 27.90 29.76
C VAL A 1067 -55.85 27.33 28.41
N ARG A 1068 -56.61 28.09 27.61
CA ARG A 1068 -56.79 27.73 26.21
C ARG A 1068 -55.47 27.80 25.46
N LYS A 1069 -54.79 28.94 25.53
CA LYS A 1069 -53.53 29.13 24.82
C LYS A 1069 -52.35 28.38 25.45
N PHE A 1070 -52.50 27.88 26.68
CA PHE A 1070 -51.44 27.05 27.25
C PHE A 1070 -51.38 25.68 26.61
N LEU A 1071 -52.42 24.86 26.81
CA LEU A 1071 -52.40 23.49 26.36
C LEU A 1071 -52.83 23.33 24.90
N GLU A 1072 -52.95 24.44 24.16
CA GLU A 1072 -52.95 24.35 22.70
C GLU A 1072 -51.54 24.25 22.15
N ILE A 1073 -50.66 25.17 22.54
CA ILE A 1073 -49.27 25.12 22.09
C ILE A 1073 -48.50 24.02 22.81
N ALA A 1074 -48.90 23.66 24.04
CA ALA A 1074 -48.24 22.56 24.72
C ALA A 1074 -48.59 21.22 24.09
N LEU A 1075 -49.77 21.12 23.48
CA LEU A 1075 -50.10 19.96 22.67
C LEU A 1075 -49.48 20.04 21.28
N PHE A 1076 -49.23 21.25 20.79
CA PHE A 1076 -48.71 21.43 19.45
C PHE A 1076 -47.28 20.94 19.31
N LYS A 1077 -46.46 21.10 20.35
CA LYS A 1077 -45.07 20.65 20.26
C LYS A 1077 -44.94 19.16 20.45
N TYR A 1078 -45.72 18.59 21.38
CA TYR A 1078 -45.73 17.14 21.57
C TYR A 1078 -46.31 16.42 20.36
N ARG A 1079 -47.30 17.04 19.70
CA ARG A 1079 -47.85 16.48 18.47
C ARG A 1079 -46.84 16.50 17.34
N LYS A 1080 -46.00 17.53 17.27
CA LYS A 1080 -44.96 17.58 16.26
C LYS A 1080 -43.69 16.85 16.67
N ALA A 1081 -43.62 16.37 17.91
CA ALA A 1081 -42.41 15.70 18.39
C ALA A 1081 -42.26 14.30 17.81
N ARG A 1082 -43.30 13.76 17.17
CA ARG A 1082 -43.33 12.36 16.80
C ARG A 1082 -42.32 12.07 15.69
N LEU A 1083 -41.80 10.84 15.69
CA LEU A 1083 -40.97 10.35 14.60
C LEU A 1083 -41.69 10.48 13.27
N GLU A 1084 -41.12 11.28 12.37
CA GLU A 1084 -41.66 11.34 11.01
C GLU A 1084 -41.15 10.15 10.20
N PRO A 1085 -42.03 9.48 9.45
CA PRO A 1085 -41.63 8.26 8.74
C PRO A 1085 -40.66 8.58 7.60
N GLY A 1086 -39.49 7.96 7.63
CA GLY A 1086 -38.48 8.14 6.61
C GLY A 1086 -37.19 8.79 7.08
N THR A 1087 -37.04 9.14 8.35
CA THR A 1087 -35.74 9.58 8.86
C THR A 1087 -34.82 8.38 9.00
N ALA A 1088 -33.65 8.45 8.37
CA ALA A 1088 -32.66 7.36 8.46
C ALA A 1088 -32.04 7.42 9.85
N ILE A 1089 -32.77 6.86 10.82
CA ILE A 1089 -32.41 7.05 12.22
C ILE A 1089 -31.19 6.23 12.62
N GLY A 1090 -30.86 5.18 11.86
CA GLY A 1090 -29.63 4.45 12.13
C GLY A 1090 -28.39 5.25 11.79
N ALA A 1091 -28.39 5.89 10.62
CA ALA A 1091 -27.23 6.67 10.20
C ALA A 1091 -27.02 7.89 11.08
N ILE A 1092 -28.10 8.46 11.62
CA ILE A 1092 -27.95 9.47 12.67
C ILE A 1092 -27.38 8.85 13.94
N GLY A 1093 -27.83 7.64 14.28
CA GLY A 1093 -27.47 7.06 15.57
C GLY A 1093 -26.03 6.60 15.65
N ALA A 1094 -25.47 6.14 14.53
CA ALA A 1094 -24.10 5.65 14.54
C ALA A 1094 -23.09 6.76 14.73
N GLN A 1095 -23.33 7.93 14.14
CA GLN A 1095 -22.46 9.08 14.36
C GLN A 1095 -22.78 9.83 15.64
N SER A 1096 -23.85 9.49 16.34
CA SER A 1096 -24.19 10.15 17.59
C SER A 1096 -23.31 9.67 18.75
N ILE A 1097 -22.89 8.41 18.73
CA ILE A 1097 -21.99 7.90 19.76
C ILE A 1097 -20.53 7.97 19.34
N GLY A 1098 -20.24 8.12 18.05
CA GLY A 1098 -18.87 8.26 17.60
C GLY A 1098 -18.43 9.69 17.46
N GLU A 1099 -17.78 10.23 18.50
CA GLU A 1099 -17.21 11.58 18.48
C GLU A 1099 -16.26 11.76 19.65
N PRO A 1100 -15.18 12.54 19.48
CA PRO A 1100 -14.24 12.83 20.56
C PRO A 1100 -14.84 13.73 21.64
N MET A 1117 -10.35 -2.30 41.85
CA MET A 1117 -9.67 -1.11 42.36
C MET A 1117 -9.57 -0.02 41.30
N ASN A 1118 -9.24 -0.43 40.07
CA ASN A 1118 -9.08 0.50 38.96
C ASN A 1118 -9.60 -0.13 37.68
N VAL A 1119 -10.12 0.72 36.79
CA VAL A 1119 -10.77 0.27 35.58
C VAL A 1119 -10.68 1.38 34.54
N THR A 1120 -10.55 0.99 33.28
CA THR A 1120 -10.59 1.96 32.20
C THR A 1120 -12.03 2.36 31.89
N LEU A 1121 -12.18 3.56 31.33
CA LEU A 1121 -13.51 4.14 31.13
C LEU A 1121 -13.63 4.91 29.83
N GLY A 1122 -12.60 4.90 28.98
CA GLY A 1122 -12.62 5.71 27.78
C GLY A 1122 -12.79 5.00 26.46
N VAL A 1123 -11.95 5.37 25.49
CA VAL A 1123 -11.91 4.64 24.22
C VAL A 1123 -11.62 3.17 24.38
N PRO A 1124 -10.73 2.72 25.30
CA PRO A 1124 -10.67 1.28 25.59
C PRO A 1124 -11.74 0.76 26.54
N ARG A 1125 -12.82 1.50 26.72
CA ARG A 1125 -14.03 0.96 27.33
C ARG A 1125 -15.15 0.74 26.33
N ILE A 1126 -15.26 1.63 25.34
CA ILE A 1126 -16.24 1.47 24.27
C ILE A 1126 -15.87 0.30 23.36
N LYS A 1127 -14.58 0.03 23.19
CA LYS A 1127 -14.12 -0.85 22.11
C LYS A 1127 -14.56 -2.29 22.32
N GLU A 1128 -14.59 -2.76 23.56
CA GLU A 1128 -14.87 -4.17 23.83
C GLU A 1128 -16.34 -4.47 24.06
N ILE A 1129 -17.18 -3.45 24.29
CA ILE A 1129 -18.61 -3.70 24.35
C ILE A 1129 -19.19 -3.84 22.95
N ILE A 1130 -18.72 -3.02 22.00
CA ILE A 1130 -19.08 -3.19 20.60
C ILE A 1130 -18.50 -4.48 20.04
N ASN A 1131 -17.29 -4.84 20.44
CA ASN A 1131 -16.69 -6.09 19.97
C ASN A 1131 -17.23 -7.31 20.70
N ALA A 1132 -17.79 -7.15 21.89
CA ALA A 1132 -18.24 -8.28 22.71
C ALA A 1132 -17.13 -9.31 22.91
N SER A 1133 -15.94 -8.82 23.25
CA SER A 1133 -14.75 -9.66 23.24
C SER A 1133 -14.74 -10.59 24.45
N LYS A 1134 -14.09 -11.75 24.27
CA LYS A 1134 -14.14 -12.82 25.26
C LYS A 1134 -13.38 -12.47 26.52
N VAL A 1135 -12.10 -12.12 26.39
CA VAL A 1135 -11.23 -11.88 27.54
C VAL A 1135 -11.22 -10.37 27.81
N ILE A 1136 -12.12 -9.94 28.69
CA ILE A 1136 -12.30 -8.51 28.93
C ILE A 1136 -11.28 -8.05 29.97
N SER A 1137 -11.02 -6.75 30.00
CA SER A 1137 -10.09 -6.19 30.97
C SER A 1137 -10.81 -5.69 32.21
N THR A 1138 -10.33 -6.15 33.38
CA THR A 1138 -10.90 -5.87 34.71
C THR A 1138 -12.40 -6.10 34.77
N PRO A 1139 -12.88 -7.34 34.77
CA PRO A 1139 -14.32 -7.57 35.00
C PRO A 1139 -14.68 -7.57 36.47
N ILE A 1140 -14.95 -6.40 37.04
CA ILE A 1140 -15.40 -6.30 38.42
C ILE A 1140 -16.86 -6.71 38.52
N ILE A 1141 -17.22 -7.38 39.60
CA ILE A 1141 -18.60 -7.80 39.86
C ILE A 1141 -19.02 -7.22 41.20
N ASN A 1142 -20.26 -6.74 41.28
CA ASN A 1142 -20.76 -6.04 42.45
C ASN A 1142 -21.86 -6.88 43.08
N ALA A 1143 -21.60 -7.36 44.30
CA ALA A 1143 -22.57 -8.13 45.07
C ALA A 1143 -22.75 -7.49 46.43
N VAL A 1144 -24.02 -7.29 46.83
CA VAL A 1144 -24.35 -6.64 48.08
C VAL A 1144 -24.59 -7.69 49.14
N LEU A 1145 -24.49 -7.27 50.41
CA LEU A 1145 -24.52 -8.19 51.54
C LEU A 1145 -25.96 -8.48 51.94
N VAL A 1146 -26.15 -9.09 53.11
CA VAL A 1146 -27.48 -9.20 53.70
C VAL A 1146 -27.76 -8.05 54.65
N ASN A 1147 -26.88 -7.80 55.60
CA ASN A 1147 -27.11 -6.82 56.66
C ASN A 1147 -26.20 -5.60 56.48
N ASP A 1148 -26.31 -4.67 57.42
CA ASP A 1148 -25.64 -3.38 57.31
C ASP A 1148 -24.43 -3.23 58.22
N ASN A 1149 -24.49 -3.81 59.42
CA ASN A 1149 -23.42 -3.63 60.40
C ASN A 1149 -22.19 -4.44 59.99
N ASP A 1150 -21.23 -4.55 60.90
CA ASP A 1150 -20.00 -5.30 60.68
C ASP A 1150 -19.97 -6.62 61.43
N GLU A 1151 -20.35 -6.62 62.71
CA GLU A 1151 -20.91 -7.77 63.43
C GLU A 1151 -19.89 -8.90 63.57
N ARG A 1152 -18.65 -8.68 63.14
CA ARG A 1152 -17.64 -9.72 63.02
C ARG A 1152 -18.08 -10.83 62.05
N ALA A 1153 -18.99 -10.52 61.13
CA ALA A 1153 -19.31 -11.43 60.04
C ALA A 1153 -19.62 -10.73 58.73
N ALA A 1154 -19.42 -9.41 58.64
CA ALA A 1154 -19.58 -8.75 57.34
C ALA A 1154 -18.44 -9.09 56.39
N ARG A 1155 -17.25 -9.38 56.93
CA ARG A 1155 -16.12 -9.81 56.12
C ARG A 1155 -15.88 -11.33 56.21
N VAL A 1156 -16.85 -12.08 56.75
CA VAL A 1156 -16.72 -13.53 56.79
C VAL A 1156 -17.10 -14.17 55.47
N VAL A 1157 -17.81 -13.45 54.60
CA VAL A 1157 -18.09 -13.96 53.26
C VAL A 1157 -16.92 -13.71 52.31
N LYS A 1158 -16.05 -12.76 52.63
CA LYS A 1158 -14.86 -12.52 51.82
C LYS A 1158 -13.90 -13.69 51.89
N GLY A 1159 -13.85 -14.40 53.02
CA GLY A 1159 -13.08 -15.63 53.09
C GLY A 1159 -13.69 -16.77 52.32
N ARG A 1160 -15.02 -16.81 52.24
CA ARG A 1160 -15.74 -17.89 51.56
C ARG A 1160 -15.79 -17.72 50.05
N VAL A 1161 -15.28 -16.62 49.52
CA VAL A 1161 -15.36 -16.37 48.08
C VAL A 1161 -14.00 -16.09 47.46
N GLU A 1162 -13.00 -15.63 48.21
CA GLU A 1162 -11.71 -15.33 47.61
C GLU A 1162 -10.89 -16.61 47.47
N LYS A 1163 -9.82 -16.53 46.69
CA LYS A 1163 -8.93 -17.67 46.47
C LYS A 1163 -8.03 -17.84 47.69
N THR A 1164 -8.51 -18.60 48.66
CA THR A 1164 -7.77 -18.87 49.88
C THR A 1164 -6.61 -19.80 49.56
N LEU A 1165 -5.41 -19.24 49.44
CA LEU A 1165 -4.25 -20.02 49.05
C LEU A 1165 -3.57 -20.60 50.28
N LEU A 1166 -3.16 -21.88 50.18
CA LEU A 1166 -2.72 -22.62 51.35
C LEU A 1166 -1.34 -22.18 51.83
N SER A 1167 -0.58 -21.48 50.99
CA SER A 1167 0.70 -20.94 51.43
C SER A 1167 0.53 -19.83 52.46
N ASP A 1168 -0.64 -19.20 52.53
CA ASP A 1168 -0.93 -18.28 53.62
C ASP A 1168 -1.25 -19.01 54.92
N VAL A 1169 -1.80 -20.21 54.85
CA VAL A 1169 -2.18 -20.94 56.06
C VAL A 1169 -1.12 -21.95 56.49
N ALA A 1170 -0.19 -22.30 55.62
CA ALA A 1170 0.96 -23.11 56.01
C ALA A 1170 2.12 -22.19 56.41
N PHE A 1171 3.05 -22.75 57.19
CA PHE A 1171 4.19 -21.96 57.63
C PHE A 1171 5.52 -22.65 57.40
N TYR A 1172 5.56 -23.98 57.52
CA TYR A 1172 6.84 -24.68 57.58
C TYR A 1172 6.68 -26.03 56.89
N VAL A 1173 7.12 -26.13 55.64
CA VAL A 1173 7.01 -27.35 54.84
C VAL A 1173 8.41 -27.92 54.63
N GLN A 1174 8.58 -29.19 54.95
CA GLN A 1174 9.90 -29.80 54.93
C GLN A 1174 9.78 -31.29 54.66
N ASP A 1175 10.87 -31.87 54.17
CA ASP A 1175 10.95 -33.29 53.90
C ASP A 1175 11.74 -33.97 55.01
N VAL A 1176 11.26 -35.13 55.46
CA VAL A 1176 11.91 -35.87 56.53
C VAL A 1176 11.97 -37.34 56.17
N TYR A 1177 13.07 -38.00 56.52
CA TYR A 1177 13.25 -39.43 56.34
C TYR A 1177 13.58 -40.05 57.69
N LYS A 1178 13.10 -41.28 57.92
CA LYS A 1178 13.60 -42.02 59.08
C LYS A 1178 14.69 -42.98 58.62
N ASP A 1179 14.30 -44.05 57.92
CA ASP A 1179 15.25 -44.90 57.21
C ASP A 1179 14.73 -45.40 55.86
N ASN A 1180 13.41 -45.53 55.68
CA ASN A 1180 12.84 -46.08 54.47
C ASN A 1180 11.56 -45.35 54.06
N LEU A 1181 11.41 -44.09 54.47
CA LEU A 1181 10.17 -43.35 54.26
C LEU A 1181 10.43 -42.17 53.33
N SER A 1182 9.56 -42.01 52.34
CA SER A 1182 9.61 -40.89 51.40
C SER A 1182 8.24 -40.20 51.45
N PHE A 1183 8.09 -39.29 52.41
CA PHE A 1183 6.85 -38.55 52.58
C PHE A 1183 7.18 -37.10 52.89
N ILE A 1184 6.48 -36.18 52.24
CA ILE A 1184 6.56 -34.76 52.55
C ILE A 1184 5.59 -34.46 53.68
N GLN A 1185 5.94 -33.48 54.51
CA GLN A 1185 5.14 -33.08 55.65
C GLN A 1185 4.86 -31.59 55.60
N VAL A 1186 3.61 -31.22 55.88
CA VAL A 1186 3.18 -29.84 55.94
C VAL A 1186 2.46 -29.61 57.26
N ARG A 1187 2.59 -28.40 57.79
CA ARG A 1187 1.87 -27.99 58.99
C ARG A 1187 1.18 -26.65 58.74
N ILE A 1188 0.11 -26.41 59.49
CA ILE A 1188 -0.67 -25.20 59.37
C ILE A 1188 -0.56 -24.39 60.65
N ASP A 1189 -0.85 -23.10 60.51
CA ASP A 1189 -0.95 -22.18 61.64
C ASP A 1189 -2.39 -22.16 62.12
N LEU A 1190 -2.68 -22.90 63.19
CA LEU A 1190 -4.04 -23.00 63.69
C LEU A 1190 -4.51 -21.69 64.33
N GLY A 1191 -3.57 -20.87 64.81
CA GLY A 1191 -3.93 -19.61 65.41
C GLY A 1191 -4.22 -18.50 64.43
N THR A 1192 -4.22 -18.79 63.13
CA THR A 1192 -4.47 -17.80 62.10
C THR A 1192 -5.87 -17.90 61.53
N ILE A 1193 -6.51 -19.08 61.64
CA ILE A 1193 -7.85 -19.29 61.10
C ILE A 1193 -8.84 -18.29 61.70
N ASP A 1194 -8.75 -18.07 63.01
CA ASP A 1194 -9.64 -17.12 63.68
C ASP A 1194 -9.26 -15.65 63.43
N LYS A 1195 -8.06 -15.39 62.90
CA LYS A 1195 -7.65 -14.01 62.70
C LYS A 1195 -8.31 -13.38 61.47
N LEU A 1196 -8.16 -14.02 60.31
CA LEU A 1196 -8.90 -13.61 59.13
C LEU A 1196 -10.27 -14.27 59.04
N GLN A 1197 -10.67 -15.02 60.09
CA GLN A 1197 -12.05 -15.35 60.38
C GLN A 1197 -12.69 -16.26 59.33
N LEU A 1198 -11.89 -16.99 58.55
CA LEU A 1198 -12.44 -18.05 57.72
C LEU A 1198 -12.82 -19.24 58.59
N GLU A 1199 -13.71 -20.08 58.07
CA GLU A 1199 -14.19 -21.25 58.79
C GLU A 1199 -14.09 -22.48 57.91
N LEU A 1200 -13.30 -23.46 58.35
CA LEU A 1200 -13.09 -24.69 57.62
C LEU A 1200 -12.52 -25.72 58.58
N THR A 1201 -12.79 -27.00 58.28
CA THR A 1201 -12.28 -28.08 59.12
C THR A 1201 -10.82 -28.38 58.73
N ILE A 1202 -10.30 -29.50 59.21
CA ILE A 1202 -8.98 -29.96 58.80
C ILE A 1202 -9.06 -30.96 57.65
N GLU A 1203 -10.17 -31.69 57.55
CA GLU A 1203 -10.26 -32.77 56.57
C GLU A 1203 -10.43 -32.24 55.15
N ASP A 1204 -11.03 -31.06 54.98
CA ASP A 1204 -11.25 -30.52 53.66
C ASP A 1204 -9.96 -30.05 52.98
N ILE A 1205 -8.92 -29.73 53.76
CA ILE A 1205 -7.60 -29.56 53.17
C ILE A 1205 -7.11 -30.88 52.59
N ALA A 1206 -7.26 -31.96 53.35
CA ALA A 1206 -6.87 -33.29 52.86
C ALA A 1206 -7.73 -33.75 51.70
N VAL A 1207 -8.92 -33.19 51.54
CA VAL A 1207 -9.65 -33.32 50.28
C VAL A 1207 -8.96 -32.55 49.16
N ALA A 1208 -8.50 -31.33 49.46
CA ALA A 1208 -8.15 -30.39 48.41
C ALA A 1208 -6.85 -30.76 47.70
N ILE A 1209 -5.97 -31.53 48.34
CA ILE A 1209 -4.74 -31.94 47.67
C ILE A 1209 -5.03 -32.86 46.49
N THR A 1210 -5.91 -33.85 46.66
CA THR A 1210 -6.34 -34.67 45.55
C THR A 1210 -7.39 -34.01 44.67
N ARG A 1211 -7.81 -32.77 45.00
CA ARG A 1211 -8.59 -31.94 44.09
C ARG A 1211 -7.71 -31.07 43.20
N ALA A 1212 -6.46 -31.49 42.94
CA ALA A 1212 -5.56 -30.79 42.05
C ALA A 1212 -5.13 -31.73 40.93
N SER A 1213 -5.64 -31.49 39.72
CA SER A 1213 -5.33 -32.34 38.58
C SER A 1213 -3.93 -32.11 38.03
N LYS A 1214 -3.27 -31.01 38.41
CA LYS A 1214 -1.93 -30.74 37.91
C LYS A 1214 -0.91 -31.70 38.51
N LEU A 1215 -1.05 -32.03 39.79
CA LEU A 1215 -0.23 -33.04 40.43
C LEU A 1215 -0.86 -34.42 40.23
N LYS A 1216 -0.13 -35.31 39.58
CA LYS A 1216 -0.60 -36.66 39.25
C LYS A 1216 -0.21 -37.63 40.35
N ILE A 1217 -1.03 -37.68 41.40
CA ILE A 1217 -0.77 -38.57 42.53
C ILE A 1217 -1.95 -39.53 42.66
N GLN A 1218 -1.85 -40.48 43.60
CA GLN A 1218 -2.94 -41.39 43.86
C GLN A 1218 -4.06 -40.66 44.62
N ALA A 1219 -5.28 -41.20 44.51
CA ALA A 1219 -6.45 -40.48 44.97
C ALA A 1219 -6.47 -40.35 46.49
N SER A 1220 -6.30 -41.45 47.22
CA SER A 1220 -6.41 -41.44 48.69
C SER A 1220 -5.24 -42.21 49.30
N ASP A 1221 -4.16 -41.49 49.60
CA ASP A 1221 -3.13 -41.96 50.52
C ASP A 1221 -2.94 -41.03 51.71
N VAL A 1222 -3.87 -40.09 51.91
CA VAL A 1222 -3.69 -39.02 52.89
C VAL A 1222 -4.07 -39.52 54.27
N ASN A 1223 -3.19 -39.31 55.25
CA ASN A 1223 -3.37 -39.83 56.60
C ASN A 1223 -3.09 -38.70 57.58
N ILE A 1224 -4.10 -38.36 58.39
CA ILE A 1224 -3.98 -37.27 59.35
C ILE A 1224 -3.25 -37.76 60.59
N ILE A 1225 -2.38 -36.90 61.13
CA ILE A 1225 -1.59 -37.22 62.33
C ILE A 1225 -1.85 -36.10 63.33
N GLY A 1226 -2.90 -36.25 64.13
CA GLY A 1226 -3.26 -35.26 65.13
C GLY A 1226 -4.12 -34.14 64.58
N LYS A 1227 -3.99 -32.94 65.15
CA LYS A 1227 -4.90 -31.84 64.86
C LYS A 1227 -4.33 -30.86 63.84
N ASP A 1228 -3.01 -30.76 63.73
CA ASP A 1228 -2.38 -29.75 62.88
C ASP A 1228 -1.26 -30.31 62.01
N ARG A 1229 -0.87 -31.56 62.18
CA ARG A 1229 0.19 -32.18 61.40
C ARG A 1229 -0.42 -33.13 60.38
N ILE A 1230 0.00 -33.00 59.12
CA ILE A 1230 -0.58 -33.78 58.03
C ILE A 1230 0.55 -34.12 57.06
N ALA A 1231 0.56 -35.37 56.59
CA ALA A 1231 1.62 -35.88 55.74
C ALA A 1231 1.01 -36.65 54.58
N ILE A 1232 1.74 -36.67 53.45
CA ILE A 1232 1.38 -37.48 52.29
C ILE A 1232 2.66 -38.04 51.68
N ASN A 1233 2.63 -39.32 51.35
CA ASN A 1233 3.81 -40.03 50.86
C ASN A 1233 3.75 -40.24 49.37
N VAL A 1234 4.87 -40.66 48.80
CA VAL A 1234 4.97 -41.03 47.40
C VAL A 1234 5.82 -42.29 47.29
N PHE A 1235 5.46 -43.17 46.35
CA PHE A 1235 6.23 -44.36 46.07
C PHE A 1235 5.89 -44.84 44.67
N PRO A 1236 6.85 -45.43 43.94
CA PRO A 1236 6.61 -45.91 42.58
C PRO A 1236 5.84 -47.24 42.56
N GLU A 1253 13.93 -44.39 34.83
CA GLU A 1253 14.07 -44.71 36.24
C GLU A 1253 14.27 -43.45 37.09
N ASN A 1254 14.69 -43.65 38.34
CA ASN A 1254 14.96 -42.55 39.27
C ASN A 1254 13.73 -41.69 39.47
N ASP A 1255 12.59 -42.35 39.72
CA ASP A 1255 11.35 -41.63 39.97
C ASP A 1255 11.38 -40.90 41.31
N VAL A 1256 12.02 -41.52 42.32
CA VAL A 1256 11.67 -41.24 43.70
C VAL A 1256 12.14 -39.84 44.10
N PHE A 1257 13.36 -39.46 43.70
CA PHE A 1257 13.85 -38.12 44.03
C PHE A 1257 13.13 -37.05 43.24
N TYR A 1258 12.83 -37.32 41.96
CA TYR A 1258 12.24 -36.30 41.11
C TYR A 1258 10.78 -36.06 41.45
N ARG A 1259 10.06 -37.11 41.85
CA ARG A 1259 8.64 -37.00 42.17
C ARG A 1259 8.38 -36.46 43.57
N MET A 1260 9.41 -36.39 44.42
CA MET A 1260 9.34 -35.61 45.65
C MET A 1260 9.96 -34.23 45.52
N GLN A 1261 10.53 -33.88 44.37
CA GLN A 1261 11.10 -32.55 44.17
C GLN A 1261 10.21 -31.68 43.30
N GLN A 1262 9.58 -32.26 42.27
CA GLN A 1262 8.51 -31.58 41.56
C GLN A 1262 7.35 -31.31 42.51
N LEU A 1263 7.11 -32.23 43.44
CA LEU A 1263 6.03 -32.12 44.41
C LEU A 1263 6.26 -31.00 45.42
N ARG A 1264 7.52 -30.58 45.62
CA ARG A 1264 7.82 -29.67 46.73
C ARG A 1264 7.31 -28.25 46.45
N ARG A 1265 7.47 -27.76 45.23
CA ARG A 1265 6.99 -26.43 44.90
C ARG A 1265 5.61 -26.42 44.28
N ALA A 1266 5.14 -27.55 43.73
CA ALA A 1266 3.80 -27.64 43.18
C ALA A 1266 2.72 -27.83 44.25
N LEU A 1267 3.08 -28.00 45.51
CA LEU A 1267 2.12 -28.03 46.60
C LEU A 1267 1.69 -26.65 47.11
N PRO A 1268 2.61 -25.70 47.41
CA PRO A 1268 2.13 -24.45 48.00
C PRO A 1268 1.57 -23.46 47.00
N ASP A 1269 0.77 -23.94 46.03
CA ASP A 1269 0.02 -23.05 45.16
C ASP A 1269 -1.32 -23.65 44.75
N VAL A 1270 -1.92 -24.48 45.61
CA VAL A 1270 -3.21 -25.09 45.34
C VAL A 1270 -4.30 -24.39 46.13
N VAL A 1271 -5.48 -24.24 45.52
CA VAL A 1271 -6.61 -23.65 46.22
C VAL A 1271 -7.17 -24.67 47.20
N VAL A 1272 -7.61 -24.21 48.36
CA VAL A 1272 -8.24 -25.09 49.33
C VAL A 1272 -9.71 -24.74 49.56
N LYS A 1273 -10.10 -23.47 49.50
CA LYS A 1273 -11.46 -23.06 49.76
C LYS A 1273 -11.71 -21.74 49.06
N GLY A 1274 -12.90 -21.58 48.51
CA GLY A 1274 -13.23 -20.41 47.73
C GLY A 1274 -13.27 -20.72 46.24
N LEU A 1275 -13.44 -19.65 45.46
CA LEU A 1275 -13.54 -19.81 44.02
C LEU A 1275 -12.18 -20.15 43.43
N PRO A 1276 -12.13 -21.02 42.42
CA PRO A 1276 -10.88 -21.28 41.71
C PRO A 1276 -10.58 -20.31 40.56
N ASP A 1277 -11.37 -19.24 40.43
CA ASP A 1277 -11.29 -18.35 39.27
C ASP A 1277 -10.90 -16.93 39.66
N ILE A 1278 -11.53 -16.36 40.69
CA ILE A 1278 -11.42 -14.93 40.96
C ILE A 1278 -10.12 -14.67 41.71
N SER A 1279 -9.77 -13.39 41.85
CA SER A 1279 -8.46 -13.01 42.37
C SER A 1279 -8.52 -12.30 43.72
N ARG A 1280 -9.26 -11.19 43.83
CA ARG A 1280 -9.08 -10.30 44.97
C ARG A 1280 -10.39 -9.59 45.29
N ALA A 1281 -10.88 -9.79 46.51
CA ALA A 1281 -12.10 -9.16 47.00
C ALA A 1281 -11.75 -7.93 47.83
N VAL A 1282 -12.53 -6.86 47.68
CA VAL A 1282 -12.27 -5.60 48.36
C VAL A 1282 -13.59 -5.04 48.89
N ILE A 1283 -13.62 -4.73 50.19
CA ILE A 1283 -14.79 -4.14 50.84
C ILE A 1283 -14.55 -2.64 51.00
N ASN A 1284 -15.52 -1.83 50.58
CA ASN A 1284 -15.44 -0.39 50.75
C ASN A 1284 -16.78 0.15 51.25
N ILE A 1285 -16.83 1.46 51.47
CA ILE A 1285 -18.02 2.15 51.96
C ILE A 1285 -18.36 3.27 50.98
N ARG A 1286 -19.63 3.38 50.61
CA ARG A 1286 -20.10 4.48 49.79
C ARG A 1286 -20.57 5.63 50.69
N ASP A 1287 -21.34 6.57 50.12
CA ASP A 1287 -21.91 7.67 50.88
C ASP A 1287 -23.01 7.24 51.86
N ASP A 1288 -23.41 5.97 51.84
CA ASP A 1288 -24.24 5.40 52.89
C ASP A 1288 -23.41 4.43 53.74
N GLY A 1289 -24.00 3.98 54.84
CA GLY A 1289 -23.34 3.01 55.69
C GLY A 1289 -23.33 1.60 55.15
N LYS A 1290 -24.06 1.34 54.07
CA LYS A 1290 -24.09 -0.01 53.50
C LYS A 1290 -22.72 -0.34 52.93
N ARG A 1291 -22.33 -1.61 53.07
CA ARG A 1291 -21.11 -2.10 52.44
C ARG A 1291 -21.42 -3.18 51.41
N GLU A 1292 -20.69 -3.14 50.30
CA GLU A 1292 -20.82 -4.07 49.20
C GLU A 1292 -19.65 -5.08 49.27
N LEU A 1293 -19.51 -5.89 48.22
CA LEU A 1293 -18.36 -6.77 48.09
C LEU A 1293 -17.89 -6.78 46.64
N LEU A 1294 -16.78 -6.09 46.38
CA LEU A 1294 -16.10 -6.21 45.09
C LEU A 1294 -15.41 -7.57 44.96
N VAL A 1295 -15.49 -8.13 43.77
CA VAL A 1295 -14.63 -9.25 43.36
C VAL A 1295 -14.15 -8.97 41.94
N GLU A 1296 -12.83 -8.99 41.74
CA GLU A 1296 -12.24 -8.83 40.42
C GLU A 1296 -11.96 -10.21 39.84
N GLY A 1297 -13.01 -10.80 39.27
CA GLY A 1297 -12.95 -12.16 38.77
C GLY A 1297 -13.81 -12.37 37.55
N TYR A 1298 -13.96 -13.62 37.11
CA TYR A 1298 -14.72 -13.93 35.91
C TYR A 1298 -16.06 -14.58 36.23
N GLY A 1299 -16.09 -15.61 37.07
CA GLY A 1299 -17.30 -16.37 37.25
C GLY A 1299 -18.35 -15.61 38.03
N LEU A 1300 -19.61 -15.87 37.69
CA LEU A 1300 -20.74 -15.18 38.32
C LEU A 1300 -21.73 -16.18 38.87
N ARG A 1301 -21.82 -17.36 38.24
CA ARG A 1301 -22.81 -18.36 38.64
C ARG A 1301 -22.57 -18.84 40.06
N ASP A 1302 -21.31 -19.05 40.44
CA ASP A 1302 -21.00 -19.50 41.78
C ASP A 1302 -20.94 -18.36 42.80
N VAL A 1303 -20.90 -17.11 42.35
CA VAL A 1303 -21.00 -15.99 43.28
C VAL A 1303 -22.39 -15.88 43.86
N MET A 1304 -23.42 -16.14 43.04
CA MET A 1304 -24.80 -15.99 43.49
C MET A 1304 -25.21 -17.10 44.45
N CYS A 1305 -24.71 -18.32 44.23
CA CYS A 1305 -25.19 -19.48 44.96
C CYS A 1305 -24.67 -19.57 46.39
N THR A 1306 -23.66 -18.79 46.75
CA THR A 1306 -23.07 -18.93 48.07
C THR A 1306 -23.87 -18.13 49.11
N ASP A 1307 -23.66 -18.49 50.37
CA ASP A 1307 -24.36 -17.86 51.48
C ASP A 1307 -23.82 -16.45 51.75
N GLY A 1308 -24.56 -15.71 52.57
CA GLY A 1308 -24.17 -14.38 52.99
C GLY A 1308 -24.39 -13.27 51.99
N VAL A 1309 -24.71 -13.58 50.73
CA VAL A 1309 -24.97 -12.57 49.73
C VAL A 1309 -26.29 -12.89 49.02
N ILE A 1310 -27.09 -11.87 48.78
CA ILE A 1310 -28.40 -12.03 48.17
C ILE A 1310 -28.27 -12.02 46.66
N GLY A 1311 -28.92 -12.97 46.00
CA GLY A 1311 -28.85 -13.11 44.56
C GLY A 1311 -29.88 -12.31 43.80
N SER A 1312 -30.58 -11.39 44.47
CA SER A 1312 -31.54 -10.52 43.78
C SER A 1312 -30.85 -9.31 43.16
N ARG A 1313 -29.91 -8.69 43.88
CA ARG A 1313 -29.23 -7.46 43.45
C ARG A 1313 -27.74 -7.76 43.32
N THR A 1314 -27.36 -8.31 42.16
CA THR A 1314 -25.97 -8.59 41.83
C THR A 1314 -25.73 -8.12 40.39
N THR A 1315 -25.33 -6.87 40.24
CA THR A 1315 -24.92 -6.34 38.93
C THR A 1315 -23.47 -6.71 38.66
N THR A 1316 -22.99 -6.36 37.47
CA THR A 1316 -21.66 -6.80 37.03
C THR A 1316 -21.26 -5.97 35.81
N ASN A 1317 -20.13 -6.35 35.21
CA ASN A 1317 -19.69 -5.94 33.90
C ASN A 1317 -19.56 -7.17 33.01
N HIS A 1318 -18.93 -7.00 31.84
CA HIS A 1318 -18.59 -8.10 30.94
C HIS A 1318 -19.88 -8.82 30.49
N VAL A 1319 -20.56 -8.11 29.58
CA VAL A 1319 -21.88 -8.44 29.04
C VAL A 1319 -22.09 -9.91 28.75
N LEU A 1320 -21.16 -10.53 28.03
CA LEU A 1320 -21.43 -11.83 27.43
C LEU A 1320 -21.24 -13.01 28.39
N GLU A 1321 -21.18 -12.77 29.71
CA GLU A 1321 -21.53 -13.82 30.65
C GLU A 1321 -22.92 -13.66 31.23
N VAL A 1322 -23.46 -12.44 31.23
CA VAL A 1322 -24.86 -12.22 31.64
C VAL A 1322 -25.81 -12.91 30.69
N PHE A 1323 -25.46 -12.97 29.40
CA PHE A 1323 -26.25 -13.72 28.44
C PHE A 1323 -26.30 -15.21 28.76
N SER A 1324 -25.23 -15.75 29.35
CA SER A 1324 -25.23 -17.16 29.71
C SER A 1324 -26.06 -17.43 30.96
N VAL A 1325 -26.13 -16.48 31.88
CA VAL A 1325 -26.69 -16.72 33.21
C VAL A 1325 -28.10 -16.15 33.34
N LEU A 1326 -28.31 -14.92 32.89
CA LEU A 1326 -29.57 -14.21 33.11
C LEU A 1326 -30.40 -14.06 31.83
N GLY A 1327 -30.42 -15.11 31.01
CA GLY A 1327 -31.22 -15.07 29.80
C GLY A 1327 -30.61 -14.15 28.74
N ILE A 1328 -31.50 -13.50 27.98
CA ILE A 1328 -31.11 -12.57 26.94
C ILE A 1328 -31.58 -11.15 27.22
N GLU A 1329 -32.77 -11.00 27.81
CA GLU A 1329 -33.32 -9.68 28.08
C GLU A 1329 -32.47 -8.89 29.06
N ALA A 1330 -31.76 -9.58 29.95
CA ALA A 1330 -30.80 -8.90 30.82
C ALA A 1330 -29.59 -8.40 30.04
N ALA A 1331 -29.15 -9.14 29.03
CA ALA A 1331 -27.97 -8.73 28.27
C ALA A 1331 -28.26 -7.48 27.44
N ARG A 1332 -29.51 -7.27 27.04
CA ARG A 1332 -29.85 -6.05 26.32
C ARG A 1332 -29.83 -4.84 27.24
N TYR A 1333 -30.42 -4.97 28.44
CA TYR A 1333 -30.48 -3.87 29.38
C TYR A 1333 -29.12 -3.53 29.97
N SER A 1334 -28.19 -4.49 29.99
CA SER A 1334 -26.86 -4.21 30.53
C SER A 1334 -26.08 -3.26 29.61
N ILE A 1335 -26.13 -3.49 28.30
CA ILE A 1335 -25.37 -2.64 27.38
C ILE A 1335 -25.96 -1.25 27.26
N ILE A 1336 -27.23 -1.09 27.63
CA ILE A 1336 -27.78 0.25 27.83
C ILE A 1336 -27.08 0.93 29.00
N ARG A 1337 -27.07 0.29 30.16
CA ARG A 1337 -26.63 0.92 31.40
C ARG A 1337 -25.11 1.11 31.44
N GLU A 1338 -24.36 0.40 30.60
CA GLU A 1338 -22.91 0.55 30.57
C GLU A 1338 -22.44 1.67 29.65
N ILE A 1339 -23.10 1.87 28.51
CA ILE A 1339 -22.63 2.87 27.56
C ILE A 1339 -22.89 4.28 28.09
N ASN A 1340 -24.10 4.52 28.60
CA ASN A 1340 -24.40 5.81 29.20
C ASN A 1340 -23.75 6.01 30.56
N TYR A 1341 -23.17 4.95 31.13
CA TYR A 1341 -22.29 5.11 32.30
C TYR A 1341 -20.97 5.74 31.92
N THR A 1342 -20.29 5.17 30.91
CA THR A 1342 -19.00 5.69 30.48
C THR A 1342 -19.11 6.89 29.54
N MET A 1343 -20.32 7.35 29.24
CA MET A 1343 -20.51 8.69 28.67
C MET A 1343 -20.95 9.71 29.71
N SER A 1344 -21.42 9.26 30.87
CA SER A 1344 -21.85 10.17 31.93
C SER A 1344 -20.67 10.91 32.55
N ASN A 1345 -19.52 10.24 32.66
CA ASN A 1345 -18.35 10.80 33.34
C ASN A 1345 -17.28 11.28 32.37
N HIS A 1346 -17.68 11.66 31.15
CA HIS A 1346 -16.77 12.35 30.24
C HIS A 1346 -17.24 13.77 29.92
N GLY A 1347 -18.38 14.18 30.47
CA GLY A 1347 -18.89 15.54 30.34
C GLY A 1347 -20.03 15.71 29.36
N MET A 1348 -19.93 15.06 28.19
CA MET A 1348 -20.98 15.19 27.20
C MET A 1348 -22.11 14.19 27.48
N SER A 1349 -23.24 14.41 26.79
CA SER A 1349 -24.42 13.59 26.97
C SER A 1349 -25.01 13.32 25.59
N VAL A 1350 -25.19 12.04 25.24
CA VAL A 1350 -25.65 11.71 23.91
C VAL A 1350 -27.17 11.67 23.88
N ASP A 1351 -27.75 10.62 24.46
CA ASP A 1351 -29.19 10.37 24.53
C ASP A 1351 -29.39 9.09 25.33
N PRO A 1352 -30.52 8.91 26.02
CA PRO A 1352 -30.92 7.54 26.37
C PRO A 1352 -31.46 6.74 25.19
N ARG A 1353 -31.93 7.39 24.14
CA ARG A 1353 -32.57 6.71 23.03
C ARG A 1353 -31.59 6.24 21.96
N HIS A 1354 -30.45 6.91 21.81
CA HIS A 1354 -29.44 6.52 20.83
C HIS A 1354 -28.64 5.31 21.24
N ILE A 1355 -28.94 4.70 22.39
CA ILE A 1355 -28.33 3.45 22.79
C ILE A 1355 -29.40 2.38 22.90
N GLN A 1356 -30.63 2.79 23.23
CA GLN A 1356 -31.78 1.88 23.12
C GLN A 1356 -31.99 1.38 21.70
N LEU A 1357 -31.63 2.18 20.69
CA LEU A 1357 -31.59 1.63 19.33
C LEU A 1357 -30.40 0.70 19.15
N LEU A 1358 -29.25 1.06 19.75
CA LEU A 1358 -28.08 0.20 19.69
C LEU A 1358 -28.26 -1.04 20.56
N GLY A 1359 -29.10 -0.95 21.59
CA GLY A 1359 -29.23 -2.06 22.52
C GLY A 1359 -29.80 -3.32 21.92
N ASP A 1360 -30.79 -3.19 21.03
CA ASP A 1360 -31.41 -4.36 20.43
C ASP A 1360 -30.95 -4.60 18.99
N VAL A 1361 -30.11 -3.75 18.43
CA VAL A 1361 -29.54 -4.05 17.12
C VAL A 1361 -28.47 -5.14 17.22
N MET A 1362 -27.93 -5.36 18.42
CA MET A 1362 -26.99 -6.44 18.66
C MET A 1362 -27.66 -7.71 19.19
N THR A 1363 -28.86 -7.60 19.75
CA THR A 1363 -29.54 -8.71 20.41
C THR A 1363 -30.95 -8.90 19.84
N TYR A 1364 -31.07 -8.92 18.51
CA TYR A 1364 -32.33 -9.26 17.88
C TYR A 1364 -32.30 -10.60 17.16
N LYS A 1365 -31.16 -11.27 17.08
CA LYS A 1365 -31.06 -12.57 16.45
C LYS A 1365 -30.63 -13.64 17.46
N GLY A 1366 -31.12 -13.51 18.70
CA GLY A 1366 -31.06 -14.59 19.65
C GLY A 1366 -29.84 -14.62 20.54
N GLU A 1367 -28.75 -13.96 20.14
CA GLU A 1367 -27.54 -13.97 20.95
C GLU A 1367 -26.74 -12.70 20.69
N VAL A 1368 -26.15 -12.16 21.76
CA VAL A 1368 -25.37 -10.94 21.65
C VAL A 1368 -24.07 -11.21 20.91
N LEU A 1369 -23.79 -10.41 19.90
CA LEU A 1369 -22.70 -10.67 18.97
C LEU A 1369 -22.03 -9.35 18.60
N GLY A 1370 -20.73 -9.42 18.34
CA GLY A 1370 -19.93 -8.23 18.13
C GLY A 1370 -20.12 -7.64 16.76
N ILE A 1371 -19.28 -6.64 16.45
CA ILE A 1371 -19.37 -5.92 15.19
C ILE A 1371 -18.07 -6.17 14.44
N THR A 1372 -17.53 -7.38 14.61
CA THR A 1372 -16.28 -7.76 13.97
C THR A 1372 -16.59 -8.45 12.64
N ARG A 1373 -15.57 -9.06 12.03
CA ARG A 1373 -15.81 -9.99 10.93
C ARG A 1373 -16.70 -11.14 11.38
N PHE A 1374 -16.38 -11.75 12.53
CA PHE A 1374 -17.17 -12.87 13.03
C PHE A 1374 -18.60 -12.45 13.38
N GLY A 1375 -18.81 -11.18 13.73
CA GLY A 1375 -20.13 -10.70 14.06
C GLY A 1375 -20.98 -10.30 12.86
N LEU A 1376 -20.38 -9.61 11.90
CA LEU A 1376 -21.09 -9.20 10.70
C LEU A 1376 -21.50 -10.37 9.82
N SER A 1377 -20.79 -11.50 9.91
CA SER A 1377 -21.20 -12.71 9.21
C SER A 1377 -22.46 -13.34 9.79
N LYS A 1378 -22.86 -12.96 11.00
CA LYS A 1378 -24.05 -13.54 11.61
C LYS A 1378 -25.25 -12.60 11.67
N MET A 1379 -25.06 -11.29 11.49
CA MET A 1379 -26.21 -10.39 11.39
C MET A 1379 -26.82 -10.43 10.00
N ARG A 1380 -26.07 -9.98 9.01
CA ARG A 1380 -26.61 -9.75 7.67
C ARG A 1380 -25.77 -10.48 6.65
N ASP A 1381 -26.44 -11.12 5.69
CA ASP A 1381 -25.78 -11.91 4.65
C ASP A 1381 -26.22 -11.36 3.30
N SER A 1382 -25.54 -10.30 2.85
CA SER A 1382 -25.68 -9.75 1.51
C SER A 1382 -24.29 -9.49 0.96
N VAL A 1383 -23.87 -10.30 -0.01
CA VAL A 1383 -22.45 -10.53 -0.23
C VAL A 1383 -21.74 -9.38 -0.91
N LEU A 1384 -22.48 -8.41 -1.46
CA LEU A 1384 -21.82 -7.21 -1.97
C LEU A 1384 -21.49 -6.23 -0.86
N GLN A 1385 -22.27 -6.25 0.23
CA GLN A 1385 -21.98 -5.42 1.38
C GLN A 1385 -20.80 -5.96 2.18
N LEU A 1386 -20.75 -7.28 2.36
CA LEU A 1386 -19.65 -7.90 3.09
C LEU A 1386 -18.33 -7.80 2.35
N ALA A 1387 -18.36 -7.77 1.01
CA ALA A 1387 -17.13 -7.55 0.27
C ALA A 1387 -16.67 -6.11 0.37
N SER A 1388 -17.61 -5.18 0.57
CA SER A 1388 -17.26 -3.79 0.85
C SER A 1388 -16.66 -3.60 2.25
N PHE A 1389 -16.75 -4.62 3.10
CA PHE A 1389 -16.08 -4.63 4.39
C PHE A 1389 -14.65 -5.12 4.20
N GLU A 1390 -13.99 -5.52 5.29
CA GLU A 1390 -12.52 -5.54 5.33
C GLU A 1390 -11.97 -6.69 4.49
N LYS A 1391 -12.30 -7.92 4.85
CA LYS A 1391 -11.88 -9.08 4.05
C LYS A 1391 -12.86 -9.24 2.90
N THR A 1392 -12.35 -9.12 1.68
CA THR A 1392 -13.20 -8.98 0.49
C THR A 1392 -13.41 -10.29 -0.25
N THR A 1393 -12.32 -10.89 -0.76
CA THR A 1393 -12.46 -12.03 -1.65
C THR A 1393 -12.87 -13.31 -0.92
N ASP A 1394 -12.62 -13.39 0.39
CA ASP A 1394 -13.00 -14.59 1.13
C ASP A 1394 -14.51 -14.71 1.32
N HIS A 1395 -15.27 -13.65 1.09
CA HIS A 1395 -16.72 -13.71 1.02
C HIS A 1395 -17.25 -13.80 -0.41
N LEU A 1396 -16.40 -13.68 -1.42
CA LEU A 1396 -16.85 -13.78 -2.80
C LEU A 1396 -16.79 -15.20 -3.34
N PHE A 1397 -15.66 -15.88 -3.15
CA PHE A 1397 -15.49 -17.22 -3.72
C PHE A 1397 -16.48 -18.21 -3.12
N ASP A 1398 -16.59 -18.23 -1.79
CA ASP A 1398 -17.55 -19.13 -1.15
C ASP A 1398 -18.99 -18.71 -1.35
N ALA A 1399 -19.25 -17.49 -1.83
CA ALA A 1399 -20.61 -17.11 -2.18
C ALA A 1399 -21.07 -17.84 -3.44
N ALA A 1400 -20.26 -17.77 -4.50
CA ALA A 1400 -20.57 -18.48 -5.73
C ALA A 1400 -20.32 -19.98 -5.63
N PHE A 1401 -19.51 -20.41 -4.66
CA PHE A 1401 -19.36 -21.85 -4.43
C PHE A 1401 -20.65 -22.47 -3.93
N TYR A 1402 -21.33 -21.82 -2.98
CA TYR A 1402 -22.65 -22.25 -2.57
C TYR A 1402 -23.76 -21.76 -3.51
N MET A 1403 -23.41 -20.89 -4.48
CA MET A 1403 -24.36 -20.30 -5.42
C MET A 1403 -25.46 -19.56 -4.67
N LYS A 1404 -25.04 -18.50 -3.98
CA LYS A 1404 -25.94 -17.69 -3.17
C LYS A 1404 -26.78 -16.78 -4.06
N LYS A 1405 -27.70 -16.05 -3.43
CA LYS A 1405 -28.64 -15.19 -4.14
C LYS A 1405 -29.13 -14.13 -3.16
N ASP A 1406 -28.80 -12.88 -3.44
CA ASP A 1406 -29.22 -11.76 -2.60
C ASP A 1406 -29.89 -10.69 -3.44
N ALA A 1407 -31.03 -10.19 -2.96
CA ALA A 1407 -31.61 -9.00 -3.57
C ALA A 1407 -30.81 -7.77 -3.13
N VAL A 1408 -30.88 -6.72 -3.95
CA VAL A 1408 -30.20 -5.47 -3.64
C VAL A 1408 -31.20 -4.54 -2.95
N GLU A 1409 -31.19 -4.55 -1.61
CA GLU A 1409 -32.11 -3.74 -0.83
C GLU A 1409 -31.42 -2.90 0.25
N GLY A 1410 -30.23 -3.28 0.70
CA GLY A 1410 -29.47 -2.45 1.59
C GLY A 1410 -28.86 -1.26 0.87
N VAL A 1411 -28.40 -0.30 1.67
CA VAL A 1411 -27.99 0.97 1.09
C VAL A 1411 -26.63 0.85 0.40
N SER A 1412 -25.69 0.11 1.01
CA SER A 1412 -24.31 0.13 0.55
C SER A 1412 -24.07 -0.71 -0.70
N GLU A 1413 -25.10 -1.40 -1.22
CA GLU A 1413 -25.00 -2.01 -2.54
C GLU A 1413 -25.87 -1.31 -3.57
N CYS A 1414 -26.81 -0.47 -3.15
CA CYS A 1414 -27.50 0.43 -4.05
C CYS A 1414 -26.62 1.59 -4.49
N ILE A 1415 -25.52 1.83 -3.78
CA ILE A 1415 -24.56 2.83 -4.22
C ILE A 1415 -23.83 2.37 -5.47
N ILE A 1416 -23.26 1.17 -5.44
CA ILE A 1416 -22.33 0.78 -6.50
C ILE A 1416 -23.07 0.28 -7.73
N LEU A 1417 -24.26 -0.30 -7.57
CA LEU A 1417 -25.13 -0.51 -8.73
C LEU A 1417 -25.68 0.81 -9.26
N GLY A 1418 -25.83 1.82 -8.40
CA GLY A 1418 -26.37 3.09 -8.84
C GLY A 1418 -27.85 2.99 -9.16
N GLN A 1419 -28.69 2.82 -8.15
CA GLN A 1419 -30.13 2.87 -8.32
C GLN A 1419 -30.73 3.87 -7.33
N THR A 1420 -32.04 4.05 -7.46
CA THR A 1420 -32.80 4.89 -6.51
C THR A 1420 -32.82 4.21 -5.15
N MET A 1421 -32.42 4.95 -4.12
CA MET A 1421 -32.25 4.37 -2.80
C MET A 1421 -33.60 4.06 -2.15
N SER A 1422 -33.61 3.00 -1.34
CA SER A 1422 -34.86 2.50 -0.76
C SER A 1422 -35.37 3.40 0.37
N ILE A 1423 -34.49 4.13 1.04
CA ILE A 1423 -34.87 4.77 2.30
C ILE A 1423 -34.72 6.29 2.21
N GLY A 1424 -34.97 6.96 3.32
CA GLY A 1424 -34.85 8.42 3.35
C GLY A 1424 -36.01 9.04 2.61
N THR A 1425 -35.72 9.94 1.67
CA THR A 1425 -36.71 10.45 0.74
C THR A 1425 -36.85 9.57 -0.50
N GLY A 1426 -36.34 8.35 -0.46
CA GLY A 1426 -36.54 7.38 -1.53
C GLY A 1426 -37.50 6.27 -1.15
N SER A 1427 -38.29 6.50 -0.11
CA SER A 1427 -39.30 5.52 0.29
C SER A 1427 -40.52 5.59 -0.62
N PHE A 1428 -41.17 6.76 -0.68
CA PHE A 1428 -42.41 6.90 -1.41
C PHE A 1428 -42.13 7.08 -2.90
N LYS A 1429 -43.19 7.23 -3.68
CA LYS A 1429 -43.10 7.51 -5.11
C LYS A 1429 -44.04 8.64 -5.48
N VAL A 1430 -43.81 9.19 -6.68
CA VAL A 1430 -44.48 10.39 -7.16
C VAL A 1430 -45.44 9.98 -8.27
N VAL A 1431 -46.71 10.30 -8.09
CA VAL A 1431 -47.79 9.84 -8.95
C VAL A 1431 -48.53 11.06 -9.49
N LYS A 1432 -48.80 11.07 -10.79
CA LYS A 1432 -49.48 12.19 -11.44
C LYS A 1432 -50.98 11.93 -11.51
N GLY A 1433 -51.76 12.98 -11.25
CA GLY A 1433 -53.19 12.92 -11.49
C GLY A 1433 -53.51 12.84 -12.98
N THR A 1434 -54.52 12.03 -13.31
CA THR A 1434 -54.88 11.75 -14.68
C THR A 1434 -56.23 12.36 -15.07
N ASN A 1435 -56.81 13.17 -14.18
CA ASN A 1435 -57.99 14.02 -14.39
C ASN A 1435 -59.05 13.44 -15.33
N ILE A 1436 -59.42 12.18 -15.13
CA ILE A 1436 -60.35 11.51 -16.04
C ILE A 1436 -61.15 10.48 -15.25
N SER A 1437 -62.36 10.21 -15.72
CA SER A 1437 -63.23 9.21 -15.11
C SER A 1437 -63.87 8.40 -16.24
N GLU A 1438 -64.85 7.57 -15.86
CA GLU A 1438 -65.50 6.65 -16.80
C GLU A 1438 -66.51 7.35 -17.70
N LYS A 1439 -66.75 8.64 -17.52
CA LYS A 1439 -67.83 9.30 -18.23
C LYS A 1439 -67.59 9.40 -19.73
N ASP A 1440 -66.33 9.29 -20.18
CA ASP A 1440 -66.03 9.27 -21.60
C ASP A 1440 -65.13 8.09 -21.96
N LEU A 1441 -65.28 6.98 -21.24
CA LEU A 1441 -64.51 5.76 -21.49
C LEU A 1441 -65.38 4.65 -22.07
N VAL A 1442 -66.45 5.00 -22.78
CA VAL A 1442 -67.25 4.02 -23.51
C VAL A 1442 -66.66 3.80 -24.90
N PRO A 1443 -66.79 2.60 -25.47
CA PRO A 1443 -66.23 2.36 -26.81
C PRO A 1443 -67.04 3.04 -27.91
N LYS A 1444 -66.62 2.86 -29.15
CA LYS A 1444 -67.36 3.33 -30.33
C LYS A 1444 -68.17 2.19 -30.96
N ARG A 1445 -68.76 1.34 -30.12
CA ARG A 1445 -69.40 0.11 -30.58
C ARG A 1445 -70.58 0.41 -31.49
N CYS A 1446 -70.54 -0.13 -32.71
CA CYS A 1446 -71.61 0.08 -33.68
C CYS A 1446 -71.50 -1.00 -34.74
N LEU A 1447 -72.63 -1.66 -35.01
CA LEU A 1447 -72.85 -2.44 -36.23
C LEU A 1447 -71.79 -3.55 -36.37
N PHE A 1448 -71.87 -4.49 -35.44
CA PHE A 1448 -70.86 -5.53 -35.33
C PHE A 1448 -71.07 -6.61 -36.40
N GLU A 1449 -72.25 -7.21 -36.43
CA GLU A 1449 -72.53 -8.30 -37.37
C GLU A 1449 -73.89 -8.22 -38.03
N SER A 1450 -74.90 -7.63 -37.38
CA SER A 1450 -76.29 -7.68 -37.84
C SER A 1450 -76.74 -9.09 -38.19
N ASP B 36 36.15 48.15 32.39
CA ASP B 36 36.41 46.80 31.90
C ASP B 36 36.93 45.90 33.02
N GLU B 37 36.29 45.97 34.19
CA GLU B 37 36.62 45.12 35.31
C GLU B 37 35.87 43.79 35.16
N ILE B 38 36.58 42.74 34.77
CA ILE B 38 35.97 41.47 34.42
C ILE B 38 35.83 40.62 35.68
N ASN B 39 34.86 39.71 35.65
CA ASN B 39 34.77 38.66 36.66
C ASN B 39 34.21 37.40 36.01
N THR B 40 34.30 36.29 36.73
CA THR B 40 33.76 35.02 36.27
C THR B 40 32.29 34.84 36.63
N ALA B 41 31.60 35.92 37.03
CA ALA B 41 30.22 35.81 37.49
C ALA B 41 29.25 35.79 36.31
N GLN B 42 29.42 36.69 35.36
CA GLN B 42 28.56 36.75 34.19
C GLN B 42 29.31 36.71 32.87
N ASP B 43 30.64 36.59 32.88
CA ASP B 43 31.43 36.65 31.66
C ASP B 43 31.99 35.29 31.26
N LYS B 44 31.40 34.20 31.77
CA LYS B 44 31.67 32.87 31.23
C LYS B 44 31.09 32.71 29.83
N TRP B 45 30.11 33.55 29.47
CA TRP B 45 29.49 33.50 28.15
C TRP B 45 30.49 33.76 27.03
N HIS B 46 31.53 34.55 27.29
CA HIS B 46 32.46 34.94 26.23
C HIS B 46 33.43 33.84 25.83
N LEU B 47 33.29 32.63 26.36
CA LEU B 47 34.06 31.49 25.87
C LEU B 47 33.21 30.56 25.02
N LEU B 48 31.89 30.66 25.12
CA LEU B 48 31.00 29.95 24.22
C LEU B 48 31.25 30.22 22.74
N PRO B 49 31.53 31.45 22.29
CA PRO B 49 31.93 31.63 20.89
C PRO B 49 33.32 31.11 20.57
N ALA B 50 34.20 30.96 21.56
CA ALA B 50 35.50 30.36 21.28
C ALA B 50 35.37 28.87 21.00
N PHE B 51 34.35 28.23 21.58
CA PHE B 51 34.09 26.83 21.28
C PHE B 51 33.54 26.65 19.86
N LEU B 52 32.76 27.61 19.37
CA LEU B 52 32.18 27.54 18.04
C LEU B 52 33.05 28.17 16.96
N LYS B 53 34.14 28.85 17.33
CA LYS B 53 35.00 29.45 16.33
C LYS B 53 35.88 28.41 15.66
N VAL B 54 36.59 27.61 16.46
CA VAL B 54 37.48 26.58 15.92
C VAL B 54 36.75 25.27 15.69
N LYS B 55 35.54 25.11 16.22
CA LYS B 55 34.79 23.85 16.21
C LYS B 55 33.32 24.21 15.94
N GLY B 56 32.95 24.21 14.67
CA GLY B 56 31.82 24.98 14.17
C GLY B 56 30.44 24.41 14.43
N LEU B 57 29.60 24.38 13.39
CA LEU B 57 28.22 23.93 13.49
C LEU B 57 27.95 22.64 12.73
N VAL B 58 28.89 22.17 11.92
CA VAL B 58 28.69 21.03 11.04
C VAL B 58 29.68 19.97 11.51
N LYS B 59 29.94 19.97 12.81
CA LYS B 59 31.05 19.23 13.41
C LYS B 59 31.00 17.75 13.09
N GLN B 60 29.82 17.14 13.19
CA GLN B 60 29.70 15.70 12.96
C GLN B 60 29.80 15.33 11.49
N HIS B 61 29.42 16.24 10.58
CA HIS B 61 29.42 15.84 9.18
C HIS B 61 30.82 15.89 8.56
N LEU B 62 31.61 16.93 8.87
CA LEU B 62 32.89 17.06 8.17
C LEU B 62 34.00 16.26 8.84
N ASP B 63 34.01 16.19 10.18
CA ASP B 63 35.10 15.53 10.90
C ASP B 63 35.05 14.01 10.81
N SER B 64 33.97 13.44 10.30
CA SER B 64 33.96 12.02 9.96
C SER B 64 34.49 11.76 8.56
N PHE B 65 34.08 12.57 7.59
CA PHE B 65 34.57 12.43 6.22
C PHE B 65 36.05 12.78 6.13
N ASN B 66 36.51 13.71 6.97
CA ASN B 66 37.94 13.99 7.02
C ASN B 66 38.71 12.88 7.69
N TYR B 67 38.06 12.12 8.59
CA TYR B 67 38.69 10.92 9.12
C TYR B 67 38.67 9.77 8.11
N PHE B 68 37.76 9.82 7.13
CA PHE B 68 37.67 8.75 6.15
C PHE B 68 38.77 8.85 5.11
N VAL B 69 38.98 10.03 4.55
CA VAL B 69 39.81 10.15 3.36
C VAL B 69 41.29 10.02 3.71
N ASP B 70 41.68 10.37 4.94
CA ASP B 70 43.09 10.37 5.28
C ASP B 70 43.54 9.02 5.84
N THR B 71 42.86 8.54 6.88
CA THR B 71 43.35 7.38 7.63
C THR B 71 42.60 6.10 7.32
N ASP B 72 41.30 6.19 7.01
CA ASP B 72 40.44 5.02 6.99
C ASP B 72 40.56 4.23 5.68
N LEU B 73 41.19 4.80 4.65
CA LEU B 73 41.33 4.08 3.40
C LEU B 73 42.52 3.15 3.39
N LYS B 74 43.60 3.51 4.10
CA LYS B 74 44.74 2.61 4.21
C LYS B 74 44.41 1.34 4.98
N LYS B 75 43.45 1.41 5.89
CA LYS B 75 43.04 0.24 6.68
C LYS B 75 42.11 -0.69 5.93
N ILE B 76 41.82 -0.41 4.66
CA ILE B 76 40.93 -1.24 3.85
C ILE B 76 41.68 -1.97 2.75
N ILE B 77 42.65 -1.31 2.12
CA ILE B 77 43.51 -1.99 1.16
C ILE B 77 44.40 -3.01 1.85
N LYS B 78 44.73 -2.78 3.13
CA LYS B 78 45.47 -3.75 3.92
C LYS B 78 44.61 -4.92 4.39
N ALA B 79 43.31 -4.92 4.11
CA ALA B 79 42.43 -6.02 4.47
C ALA B 79 41.86 -6.76 3.26
N ASN B 80 42.20 -6.34 2.05
CA ASN B 80 41.78 -7.04 0.84
C ASN B 80 42.92 -7.07 -0.19
N GLN B 81 44.16 -7.12 0.27
CA GLN B 81 45.31 -7.07 -0.62
C GLN B 81 45.60 -8.47 -1.18
N LEU B 82 46.46 -8.49 -2.20
CA LEU B 82 46.99 -9.72 -2.81
C LEU B 82 45.86 -10.59 -3.37
N ILE B 83 45.23 -10.08 -4.41
CA ILE B 83 44.36 -10.92 -5.24
C ILE B 83 45.22 -11.93 -5.99
N LEU B 84 44.75 -13.17 -6.07
CA LEU B 84 45.56 -14.25 -6.63
C LEU B 84 44.75 -15.04 -7.65
N SER B 85 45.48 -15.65 -8.58
CA SER B 85 44.91 -16.54 -9.58
C SER B 85 45.50 -17.93 -9.39
N ASP B 86 44.62 -18.92 -9.24
CA ASP B 86 45.10 -20.30 -9.03
C ASP B 86 45.72 -20.87 -10.29
N VAL B 87 45.09 -20.63 -11.46
CA VAL B 87 45.79 -20.85 -12.72
C VAL B 87 46.95 -19.87 -12.85
N ASP B 88 48.10 -20.36 -13.31
CA ASP B 88 49.33 -19.61 -13.50
C ASP B 88 49.73 -18.96 -12.18
N PRO B 89 50.19 -19.75 -11.19
CA PRO B 89 50.16 -19.28 -9.80
C PRO B 89 51.18 -18.20 -9.47
N GLU B 90 52.05 -17.80 -10.41
CA GLU B 90 53.07 -16.80 -10.12
C GLU B 90 52.64 -15.38 -10.50
N PHE B 91 51.35 -15.08 -10.42
CA PHE B 91 50.83 -13.76 -10.77
C PHE B 91 50.12 -13.18 -9.58
N TYR B 92 50.50 -11.97 -9.18
CA TYR B 92 49.93 -11.36 -7.98
C TYR B 92 49.86 -9.85 -8.13
N LEU B 93 48.70 -9.28 -7.77
CA LEU B 93 48.50 -7.84 -7.73
C LEU B 93 48.25 -7.44 -6.28
N LYS B 94 49.14 -6.61 -5.72
CA LYS B 94 48.98 -6.13 -4.36
C LYS B 94 49.07 -4.62 -4.31
N TYR B 95 48.33 -4.04 -3.37
CA TYR B 95 48.16 -2.60 -3.27
C TYR B 95 49.03 -2.07 -2.14
N VAL B 96 49.86 -1.07 -2.43
CA VAL B 96 50.79 -0.56 -1.42
C VAL B 96 50.21 0.62 -0.68
N ASP B 97 49.44 1.47 -1.34
CA ASP B 97 48.81 2.62 -0.67
C ASP B 97 47.63 3.09 -1.53
N ILE B 98 46.96 4.12 -1.04
CA ILE B 98 45.80 4.71 -1.71
C ILE B 98 45.72 6.18 -1.33
N ARG B 99 45.44 7.03 -2.31
CA ARG B 99 45.31 8.46 -2.06
C ARG B 99 44.14 9.02 -2.86
N VAL B 100 43.54 10.08 -2.33
CA VAL B 100 42.46 10.80 -2.99
C VAL B 100 42.91 12.24 -3.18
N GLY B 101 42.89 12.69 -4.44
CA GLY B 101 43.25 14.07 -4.72
C GLY B 101 44.49 14.26 -5.58
N LYS B 102 45.55 14.79 -4.98
CA LYS B 102 46.73 15.19 -5.72
C LYS B 102 47.59 13.99 -6.09
N LYS B 103 48.41 14.18 -7.12
CA LYS B 103 49.29 13.14 -7.63
C LYS B 103 50.55 13.04 -6.77
N SER B 104 51.44 12.13 -7.15
CA SER B 104 52.78 12.06 -6.59
C SER B 104 53.86 12.50 -7.57
N SER B 105 53.50 12.74 -8.83
CA SER B 105 54.45 13.19 -9.84
C SER B 105 54.54 14.70 -9.87
N SER B 106 53.42 15.38 -10.14
CA SER B 106 53.42 16.82 -10.32
C SER B 106 53.48 17.55 -8.98
N SER B 107 52.83 16.99 -7.95
CA SER B 107 52.75 17.61 -6.62
C SER B 107 52.17 19.02 -6.68
N THR B 108 51.22 19.22 -7.59
CA THR B 108 50.38 20.42 -7.55
C THR B 108 49.25 20.21 -6.55
N LYS B 109 48.57 21.28 -6.18
CA LYS B 109 47.48 21.18 -5.22
C LYS B 109 46.36 20.30 -5.76
N ASP B 110 45.67 20.78 -6.80
CA ASP B 110 44.64 19.99 -7.47
C ASP B 110 44.27 20.69 -8.76
N TYR B 111 43.71 19.92 -9.71
CA TYR B 111 43.12 20.45 -10.91
C TYR B 111 41.65 20.06 -10.91
N LEU B 112 40.77 21.05 -10.83
CA LEU B 112 39.41 20.77 -10.37
C LEU B 112 38.44 21.79 -10.94
N THR B 113 37.22 21.32 -11.21
CA THR B 113 36.07 22.16 -11.49
C THR B 113 35.53 22.74 -10.18
N PRO B 114 35.18 24.03 -10.16
CA PRO B 114 34.60 24.59 -8.94
C PRO B 114 33.19 24.07 -8.75
N PRO B 115 32.70 24.04 -7.50
CA PRO B 115 31.40 23.38 -7.25
C PRO B 115 30.22 24.15 -7.78
N HIS B 116 30.24 25.50 -7.73
CA HIS B 116 29.12 26.25 -8.29
C HIS B 116 29.11 26.22 -9.81
N GLU B 117 30.28 26.07 -10.44
CA GLU B 117 30.32 25.74 -11.85
C GLU B 117 29.83 24.32 -12.13
N CYS B 118 29.86 23.45 -11.13
CA CYS B 118 29.40 22.07 -11.27
C CYS B 118 27.93 21.88 -10.94
N ARG B 119 27.38 22.69 -10.04
CA ARG B 119 26.02 22.46 -9.56
C ARG B 119 24.94 22.97 -10.52
N LEU B 120 25.32 23.63 -11.62
CA LEU B 120 24.36 24.03 -12.64
C LEU B 120 24.60 23.33 -13.98
N ARG B 121 25.46 22.31 -14.02
CA ARG B 121 25.65 21.50 -15.20
C ARG B 121 25.27 20.05 -14.98
N ASP B 122 24.63 19.74 -13.84
CA ASP B 122 24.16 18.39 -13.51
C ASP B 122 25.31 17.38 -13.47
N MET B 123 26.48 17.82 -13.03
CA MET B 123 27.63 16.95 -12.87
C MET B 123 27.87 16.67 -11.39
N THR B 124 28.82 15.77 -11.12
CA THR B 124 29.19 15.42 -9.75
C THR B 124 30.52 16.06 -9.41
N TYR B 125 30.55 16.83 -8.33
CA TYR B 125 31.81 17.39 -7.83
C TYR B 125 32.67 16.24 -7.34
N SER B 126 33.71 15.89 -8.11
CA SER B 126 34.52 14.73 -7.80
C SER B 126 36.00 15.01 -8.03
N ALA B 127 36.84 14.33 -7.25
CA ALA B 127 38.27 14.24 -7.50
C ALA B 127 38.66 12.77 -7.58
N PRO B 128 39.57 12.40 -8.48
CA PRO B 128 39.83 10.97 -8.70
C PRO B 128 40.65 10.36 -7.56
N ILE B 129 40.49 9.05 -7.41
CA ILE B 129 41.25 8.28 -6.44
C ILE B 129 42.47 7.68 -7.14
N TYR B 130 43.65 7.84 -6.55
CA TYR B 130 44.87 7.31 -7.13
C TYR B 130 45.47 6.27 -6.19
N VAL B 131 45.91 5.16 -6.78
CA VAL B 131 46.63 4.11 -6.06
C VAL B 131 47.97 3.88 -6.73
N ASP B 132 48.85 3.16 -6.04
CA ASP B 132 50.09 2.66 -6.61
C ASP B 132 50.13 1.15 -6.46
N ILE B 133 50.57 0.46 -7.50
CA ILE B 133 50.48 -1.00 -7.56
C ILE B 133 51.78 -1.58 -8.11
N GLU B 134 52.07 -2.80 -7.70
CA GLU B 134 53.21 -3.56 -8.21
C GLU B 134 52.76 -4.99 -8.45
N TYR B 135 53.35 -5.62 -9.47
CA TYR B 135 52.82 -6.88 -9.99
C TYR B 135 53.86 -7.49 -10.92
N THR B 136 53.55 -8.69 -11.43
CA THR B 136 54.43 -9.46 -12.29
C THR B 136 53.93 -9.28 -13.72
N ARG B 137 54.61 -8.41 -14.49
CA ARG B 137 54.27 -8.26 -15.89
C ARG B 137 54.69 -9.49 -16.71
N GLY B 138 55.74 -10.17 -16.30
CA GLY B 138 56.46 -11.03 -17.23
C GLY B 138 57.81 -11.50 -16.71
N ARG B 139 58.86 -11.20 -17.49
CA ARG B 139 60.23 -11.46 -17.09
C ARG B 139 60.54 -11.01 -15.65
N ASN B 140 59.94 -9.92 -15.20
CA ASN B 140 60.21 -9.41 -13.87
C ASN B 140 59.00 -8.66 -13.35
N ILE B 141 59.06 -8.29 -12.07
CA ILE B 141 58.04 -7.48 -11.44
C ILE B 141 58.37 -6.00 -11.58
N ILE B 142 57.34 -5.19 -11.81
CA ILE B 142 57.47 -3.74 -11.92
C ILE B 142 56.44 -3.11 -10.98
N MET B 143 56.72 -1.87 -10.59
CA MET B 143 55.77 -1.06 -9.84
C MET B 143 55.33 0.15 -10.67
N HIS B 144 54.05 0.48 -10.57
CA HIS B 144 53.45 1.56 -11.35
C HIS B 144 52.75 2.50 -10.38
N LYS B 145 52.87 3.81 -10.63
CA LYS B 145 52.37 4.81 -9.72
C LYS B 145 51.18 5.56 -10.30
N ASP B 146 50.29 5.99 -9.40
CA ASP B 146 49.20 6.93 -9.70
C ASP B 146 48.25 6.38 -10.75
N VAL B 147 47.64 5.23 -10.43
CA VAL B 147 46.66 4.59 -11.29
C VAL B 147 45.29 5.16 -10.95
N GLU B 148 44.54 5.59 -11.97
CA GLU B 148 43.16 5.97 -11.76
C GLU B 148 42.28 4.74 -11.58
N ILE B 149 41.39 4.79 -10.60
CA ILE B 149 40.40 3.74 -10.42
C ILE B 149 38.98 4.26 -10.28
N GLY B 150 38.76 5.50 -9.90
CA GLY B 150 37.42 6.00 -9.67
C GLY B 150 37.45 7.46 -9.29
N ARG B 151 36.26 8.01 -9.09
CA ARG B 151 36.08 9.45 -8.81
C ARG B 151 35.12 9.59 -7.63
N MET B 152 35.68 9.91 -6.47
CA MET B 152 34.93 10.10 -5.23
C MET B 152 34.30 11.50 -5.19
N PRO B 153 33.07 11.62 -4.71
CA PRO B 153 32.53 12.94 -4.42
C PRO B 153 33.02 13.48 -3.08
N ILE B 154 33.24 14.79 -3.04
CA ILE B 154 33.79 15.47 -1.88
C ILE B 154 32.79 16.51 -1.41
N MET B 155 32.42 16.43 -0.14
CA MET B 155 31.48 17.40 0.44
C MET B 155 32.16 18.75 0.64
N LEU B 156 31.39 19.81 0.45
CA LEU B 156 31.88 21.17 0.58
C LEU B 156 32.34 21.44 2.01
N ARG B 157 33.36 22.30 2.13
CA ARG B 157 34.05 22.66 3.37
C ARG B 157 34.81 21.50 4.01
N SER B 158 34.89 20.34 3.37
CA SER B 158 35.89 19.36 3.74
C SER B 158 37.23 19.71 3.11
N ASN B 159 38.31 19.30 3.77
CA ASN B 159 39.63 19.84 3.46
C ASN B 159 40.19 19.38 2.12
N LYS B 160 39.54 18.43 1.45
CA LYS B 160 39.93 18.03 0.11
C LYS B 160 39.20 18.81 -0.97
N CYS B 161 38.45 19.84 -0.62
CA CYS B 161 37.84 20.73 -1.60
C CYS B 161 38.64 22.03 -1.70
N ILE B 162 38.27 22.85 -2.69
CA ILE B 162 38.93 24.14 -2.85
C ILE B 162 38.50 25.09 -1.75
N LEU B 163 37.25 24.99 -1.29
CA LEU B 163 36.65 25.95 -0.38
C LEU B 163 37.17 25.85 1.05
N TYR B 164 38.12 24.96 1.32
CA TYR B 164 38.70 24.84 2.66
C TYR B 164 39.73 25.95 2.87
N ASP B 165 39.54 26.72 3.93
CA ASP B 165 40.44 27.82 4.31
C ASP B 165 40.57 28.82 3.15
N ALA B 166 39.45 29.44 2.83
CA ALA B 166 39.39 30.60 1.94
C ALA B 166 38.98 31.84 2.71
N ASP B 167 39.36 33.00 2.17
CA ASP B 167 39.20 34.26 2.87
C ASP B 167 38.39 35.22 2.00
N GLU B 168 37.28 34.72 1.47
CA GLU B 168 36.27 35.47 0.70
C GLU B 168 36.88 36.26 -0.46
N SER B 169 38.12 35.96 -0.85
CA SER B 169 38.71 36.52 -2.07
C SER B 169 38.83 35.49 -3.18
N LYS B 170 39.37 34.31 -2.88
CA LYS B 170 39.22 33.17 -3.78
C LYS B 170 37.75 32.77 -3.90
N MET B 171 37.02 32.84 -2.79
CA MET B 171 35.61 32.45 -2.77
C MET B 171 34.74 33.46 -3.53
N ALA B 172 35.17 34.72 -3.62
CA ALA B 172 34.46 35.66 -4.48
C ALA B 172 34.66 35.33 -5.95
N LYS B 173 35.82 34.79 -6.31
CA LYS B 173 36.02 34.36 -7.69
C LYS B 173 35.14 33.15 -8.02
N LEU B 174 34.99 32.25 -7.05
CA LEU B 174 34.22 31.01 -7.21
C LEU B 174 32.75 31.21 -6.90
N ASN B 175 32.30 32.46 -6.80
CA ASN B 175 30.91 32.90 -6.56
C ASN B 175 30.10 31.98 -5.67
N GLU B 176 30.70 31.58 -4.54
CA GLU B 176 29.99 30.82 -3.51
C GLU B 176 29.92 31.68 -2.25
N CYS B 177 28.81 31.56 -1.52
CA CYS B 177 28.57 32.45 -0.40
C CYS B 177 29.51 32.12 0.76
N PRO B 178 30.06 33.12 1.44
CA PRO B 178 30.85 32.84 2.65
C PRO B 178 30.04 32.25 3.78
N LEU B 179 28.75 32.59 3.88
CA LEU B 179 27.91 32.15 4.98
C LEU B 179 27.24 30.80 4.73
N ASP B 180 27.68 30.05 3.71
CA ASP B 180 27.10 28.74 3.49
C ASP B 180 27.58 27.76 4.57
N PRO B 181 26.69 26.91 5.10
CA PRO B 181 27.14 26.01 6.17
C PRO B 181 28.08 24.93 5.69
N GLY B 182 27.80 24.34 4.52
CA GLY B 182 28.62 23.29 3.97
C GLY B 182 28.30 21.93 4.57
N GLY B 183 28.83 20.89 3.94
CA GLY B 183 28.66 19.55 4.46
C GLY B 183 27.64 18.73 3.69
N TYR B 184 27.59 18.88 2.37
CA TYR B 184 26.51 18.31 1.59
C TYR B 184 26.99 18.00 0.17
N PHE B 185 26.56 16.84 -0.33
CA PHE B 185 26.87 16.42 -1.69
C PHE B 185 25.96 17.13 -2.69
N ILE B 186 26.48 17.30 -3.91
CA ILE B 186 25.75 17.99 -4.97
C ILE B 186 25.61 17.05 -6.16
N VAL B 187 25.46 15.75 -5.87
CA VAL B 187 25.59 14.70 -6.87
C VAL B 187 24.68 14.97 -8.06
N ASN B 188 25.28 14.98 -9.25
CA ASN B 188 24.69 15.21 -10.58
C ASN B 188 23.53 16.20 -10.61
N GLY B 189 23.77 17.41 -10.12
CA GLY B 189 22.72 18.42 -10.08
C GLY B 189 22.21 18.79 -8.71
N THR B 190 21.03 18.27 -8.36
CA THR B 190 20.40 18.61 -7.08
C THR B 190 21.26 18.15 -5.91
N GLU B 191 21.34 18.99 -4.88
CA GLU B 191 22.26 18.80 -3.78
C GLU B 191 21.58 18.05 -2.64
N LYS B 192 22.28 17.08 -2.07
CA LYS B 192 21.71 16.22 -1.04
C LYS B 192 22.66 16.13 0.15
N VAL B 193 22.20 15.46 1.19
CA VAL B 193 23.00 15.20 2.39
C VAL B 193 22.47 13.93 3.03
N ILE B 194 23.37 13.11 3.58
CA ILE B 194 22.94 11.98 4.38
C ILE B 194 22.71 12.43 5.81
N LEU B 195 21.77 11.78 6.48
CA LEU B 195 21.44 12.12 7.86
C LEU B 195 22.29 11.33 8.84
N VAL B 196 22.36 11.85 10.07
CA VAL B 196 23.04 11.17 11.17
C VAL B 196 22.08 10.14 11.75
N GLN B 197 22.15 8.91 11.27
CA GLN B 197 21.25 7.86 11.73
C GLN B 197 21.82 7.17 12.96
N GLU B 198 20.92 6.63 13.78
CA GLU B 198 21.29 5.93 15.00
C GLU B 198 20.46 4.67 15.13
N GLN B 199 20.95 3.74 15.95
CA GLN B 199 20.25 2.49 16.25
C GLN B 199 20.51 2.15 17.71
N LEU B 200 19.94 1.02 18.14
CA LEU B 200 20.16 0.54 19.50
C LEU B 200 21.64 0.15 19.66
N SER B 201 22.11 0.21 20.90
CA SER B 201 23.54 0.06 21.18
C SER B 201 23.95 -1.38 20.90
N LYS B 202 24.75 -1.57 19.86
CA LYS B 202 25.28 -2.89 19.55
C LYS B 202 26.36 -3.29 20.55
N ASN B 203 26.64 -4.60 20.57
CA ASN B 203 27.74 -5.19 21.34
C ASN B 203 27.58 -4.95 22.85
N ARG B 204 26.34 -4.83 23.32
CA ARG B 204 26.06 -4.75 24.74
C ARG B 204 24.82 -5.59 25.03
N ILE B 205 24.28 -5.44 26.24
CA ILE B 205 23.12 -6.21 26.68
C ILE B 205 22.03 -5.24 27.13
N ILE B 206 20.79 -5.74 27.12
CA ILE B 206 19.67 -5.09 27.77
C ILE B 206 18.91 -6.14 28.58
N VAL B 207 17.79 -5.72 29.17
CA VAL B 207 16.82 -6.65 29.72
C VAL B 207 15.43 -6.32 29.17
N GLU B 208 14.57 -7.33 29.12
CA GLU B 208 13.20 -7.19 28.62
C GLU B 208 12.24 -7.81 29.61
N ALA B 209 11.08 -7.19 29.79
CA ALA B 209 10.05 -7.69 30.69
C ALA B 209 8.71 -7.74 29.97
N ASP B 210 8.12 -8.93 29.92
CA ASP B 210 6.83 -9.14 29.26
C ASP B 210 5.96 -10.00 30.18
N GLU B 211 4.66 -9.72 30.20
CA GLU B 211 3.78 -10.41 31.14
C GLU B 211 3.32 -11.76 30.60
N LYS B 212 2.71 -11.79 29.42
CA LYS B 212 2.00 -12.98 28.96
C LYS B 212 2.91 -13.98 28.24
N LYS B 213 4.19 -13.64 28.05
CA LYS B 213 5.08 -14.40 27.20
C LYS B 213 6.29 -14.95 27.92
N GLY B 214 6.59 -14.45 29.12
CA GLY B 214 7.87 -14.70 29.75
C GLY B 214 8.87 -13.61 29.38
N ILE B 215 9.98 -13.58 30.11
CA ILE B 215 10.89 -12.45 30.04
C ILE B 215 12.21 -12.89 29.44
N VAL B 216 12.78 -12.02 28.62
CA VAL B 216 13.98 -12.29 27.85
C VAL B 216 14.98 -11.16 28.13
N GLN B 217 16.21 -11.33 27.66
CA GLN B 217 17.15 -10.23 27.58
C GLN B 217 17.97 -10.36 26.30
N ALA B 218 18.03 -9.27 25.54
CA ALA B 218 18.72 -9.25 24.27
C ALA B 218 20.20 -8.96 24.46
N SER B 219 21.01 -9.51 23.55
CA SER B 219 22.41 -9.12 23.45
C SER B 219 22.82 -9.26 21.98
N VAL B 220 22.67 -8.18 21.23
CA VAL B 220 23.08 -8.13 19.84
C VAL B 220 24.55 -7.74 19.76
N THR B 221 25.30 -8.44 18.91
CA THR B 221 26.72 -8.20 18.75
C THR B 221 27.06 -8.21 17.26
N SER B 222 28.18 -7.58 16.92
CA SER B 222 28.58 -7.45 15.53
C SER B 222 30.10 -7.49 15.46
N SER B 223 30.65 -8.63 15.05
CA SER B 223 32.01 -8.67 14.57
C SER B 223 32.11 -7.89 13.26
N THR B 224 33.27 -7.28 13.04
CA THR B 224 33.38 -6.36 11.91
C THR B 224 33.44 -7.06 10.55
N HIS B 225 33.18 -8.35 10.42
CA HIS B 225 33.14 -9.00 9.11
C HIS B 225 31.99 -9.99 9.06
N GLU B 226 31.01 -9.70 8.19
CA GLU B 226 29.99 -10.63 7.68
C GLU B 226 29.06 -11.23 8.73
N ARG B 227 29.23 -10.89 10.00
CA ARG B 227 28.36 -11.43 11.05
C ARG B 227 27.44 -10.34 11.60
N LYS B 228 26.16 -10.68 11.74
CA LYS B 228 25.21 -9.95 12.59
C LYS B 228 24.46 -10.98 13.42
N SER B 229 24.96 -11.27 14.62
CA SER B 229 24.38 -12.32 15.46
C SER B 229 23.84 -11.70 16.74
N LYS B 230 22.64 -12.15 17.14
CA LYS B 230 21.98 -11.70 18.35
C LYS B 230 21.51 -12.90 19.17
N THR B 231 21.72 -12.85 20.47
CA THR B 231 21.46 -13.96 21.37
C THR B 231 20.30 -13.64 22.31
N TYR B 232 19.60 -14.68 22.76
CA TYR B 232 18.42 -14.49 23.58
C TYR B 232 18.35 -15.58 24.66
N VAL B 233 17.89 -15.19 25.84
CA VAL B 233 17.78 -16.05 27.01
C VAL B 233 16.34 -16.00 27.50
N ILE B 234 15.64 -17.14 27.44
CA ILE B 234 14.20 -17.18 27.64
C ILE B 234 13.91 -18.01 28.88
N THR B 235 12.90 -17.59 29.64
CA THR B 235 12.36 -18.33 30.79
C THR B 235 11.02 -18.94 30.41
N LYS B 236 11.05 -20.15 29.87
CA LYS B 236 9.83 -20.92 29.67
C LYS B 236 9.45 -21.64 30.96
N ASN B 237 8.20 -21.40 31.41
CA ASN B 237 7.55 -21.98 32.58
C ASN B 237 8.48 -22.22 33.76
N GLY B 238 9.30 -21.23 34.10
CA GLY B 238 10.09 -21.27 35.31
C GLY B 238 11.48 -21.86 35.17
N LYS B 239 12.01 -21.96 33.96
CA LYS B 239 13.33 -22.52 33.72
C LYS B 239 14.10 -21.64 32.75
N ILE B 240 15.37 -21.40 33.04
CA ILE B 240 16.20 -20.55 32.19
C ILE B 240 16.62 -21.34 30.97
N TYR B 241 16.56 -20.71 29.79
CA TYR B 241 16.87 -21.38 28.54
C TYR B 241 17.75 -20.47 27.69
N LEU B 242 18.03 -20.93 26.47
CA LEU B 242 18.96 -20.24 25.58
C LEU B 242 18.69 -20.71 24.15
N LYS B 243 18.50 -19.75 23.25
CA LYS B 243 18.36 -20.05 21.83
C LYS B 243 19.22 -19.10 21.02
N HIS B 244 19.38 -19.43 19.74
CA HIS B 244 20.22 -18.68 18.83
C HIS B 244 19.80 -19.00 17.41
N ASN B 245 20.15 -18.10 16.49
CA ASN B 245 19.70 -18.18 15.11
C ASN B 245 20.66 -18.99 14.24
N SER B 246 21.59 -19.71 14.87
CA SER B 246 22.42 -20.68 14.19
C SER B 246 22.30 -22.09 14.76
N ILE B 247 21.66 -22.25 15.91
CA ILE B 247 21.41 -23.56 16.50
C ILE B 247 20.03 -24.04 16.05
N ALA B 248 19.92 -25.33 15.75
CA ALA B 248 18.66 -25.85 15.22
C ALA B 248 17.52 -25.80 16.23
N GLU B 249 17.78 -25.97 17.52
CA GLU B 249 16.74 -25.75 18.52
C GLU B 249 17.37 -25.20 19.79
N GLU B 250 16.58 -25.20 20.87
CA GLU B 250 16.97 -24.64 22.15
C GLU B 250 17.91 -25.56 22.90
N ILE B 251 18.88 -24.97 23.60
CA ILE B 251 19.84 -25.72 24.40
C ILE B 251 19.89 -25.12 25.80
N PRO B 252 19.59 -25.88 26.85
CA PRO B 252 19.47 -25.31 28.20
C PRO B 252 20.83 -24.94 28.79
N ILE B 253 20.75 -24.27 29.94
CA ILE B 253 21.81 -23.35 30.39
C ILE B 253 22.94 -24.09 31.10
N ALA B 254 22.63 -25.17 31.84
CA ALA B 254 23.69 -25.89 32.53
C ALA B 254 24.64 -26.60 31.57
N ILE B 255 24.20 -26.91 30.36
CA ILE B 255 25.11 -27.50 29.38
C ILE B 255 26.14 -26.48 28.91
N VAL B 256 25.68 -25.29 28.53
CA VAL B 256 26.53 -24.32 27.84
C VAL B 256 27.49 -23.60 28.79
N LEU B 257 27.39 -23.84 30.09
CA LEU B 257 28.41 -23.42 31.04
C LEU B 257 29.37 -24.55 31.41
N LYS B 258 28.92 -25.81 31.38
CA LYS B 258 29.84 -26.93 31.54
C LYS B 258 30.70 -27.12 30.30
N ALA B 259 30.21 -26.69 29.14
CA ALA B 259 31.02 -26.70 27.92
C ALA B 259 32.04 -25.57 27.91
N CYS B 260 31.82 -24.50 28.68
CA CYS B 260 32.76 -23.40 28.82
C CYS B 260 33.76 -23.63 29.95
N GLY B 261 33.75 -24.80 30.58
CA GLY B 261 34.77 -25.16 31.53
C GLY B 261 34.27 -25.25 32.96
N ILE B 262 33.35 -24.38 33.34
CA ILE B 262 32.84 -24.35 34.71
C ILE B 262 31.89 -25.54 34.86
N LEU B 263 32.38 -26.59 35.53
CA LEU B 263 31.70 -27.89 35.52
C LEU B 263 31.28 -28.38 36.90
N SER B 264 31.77 -27.78 37.98
CA SER B 264 31.65 -28.36 39.30
C SER B 264 30.22 -28.29 39.85
N ASP B 265 29.37 -27.46 39.25
CA ASP B 265 27.92 -27.47 39.45
C ASP B 265 27.55 -26.90 40.82
N LEU B 266 28.54 -26.65 41.66
CA LEU B 266 28.37 -25.70 42.76
C LEU B 266 28.80 -24.30 42.36
N GLU B 267 29.79 -24.20 41.46
CA GLU B 267 30.23 -22.91 40.96
C GLU B 267 29.16 -22.25 40.10
N ILE B 268 28.31 -23.06 39.46
CA ILE B 268 27.21 -22.52 38.66
C ILE B 268 26.27 -21.70 39.54
N MET B 269 25.81 -22.31 40.65
CA MET B 269 25.01 -21.59 41.63
C MET B 269 25.82 -20.49 42.32
N GLN B 270 27.13 -20.68 42.46
CA GLN B 270 27.94 -19.69 43.15
C GLN B 270 28.11 -18.41 42.33
N LEU B 271 28.23 -18.54 41.01
CA LEU B 271 28.25 -17.35 40.15
C LEU B 271 26.91 -16.61 40.18
N VAL B 272 25.82 -17.31 39.83
CA VAL B 272 24.60 -16.59 39.47
C VAL B 272 23.83 -16.11 40.70
N CYS B 273 23.86 -16.85 41.80
CA CYS B 273 23.00 -16.55 42.94
C CYS B 273 23.71 -15.83 44.07
N GLY B 274 24.90 -16.25 44.43
CA GLY B 274 25.61 -15.72 45.59
C GLY B 274 25.28 -16.52 46.84
N ASN B 275 24.78 -15.84 47.86
CA ASN B 275 24.54 -16.51 49.14
C ASN B 275 23.46 -15.78 49.90
N ASP B 276 22.70 -16.54 50.69
CA ASP B 276 21.67 -16.03 51.61
C ASP B 276 20.68 -15.12 50.89
N SER B 277 19.90 -15.72 50.00
CA SER B 277 18.98 -14.95 49.16
C SER B 277 17.82 -15.86 48.78
N SER B 278 16.94 -15.35 47.91
CA SER B 278 15.89 -16.14 47.29
C SER B 278 16.28 -16.66 45.91
N TYR B 279 17.45 -16.28 45.41
CA TYR B 279 17.89 -16.71 44.09
C TYR B 279 18.17 -18.20 44.04
N GLN B 280 18.57 -18.80 45.16
CA GLN B 280 18.72 -20.25 45.21
C GLN B 280 17.39 -20.96 45.01
N ASP B 281 16.29 -20.38 45.49
CA ASP B 281 15.00 -21.05 45.36
C ASP B 281 14.48 -21.00 43.93
N ILE B 282 14.86 -19.97 43.17
CA ILE B 282 14.38 -19.85 41.79
C ILE B 282 15.26 -20.64 40.84
N PHE B 283 16.57 -20.64 41.06
CA PHE B 283 17.51 -21.16 40.07
C PHE B 283 17.74 -22.66 40.17
N ALA B 284 17.45 -23.28 41.32
CA ALA B 284 17.86 -24.66 41.55
C ALA B 284 17.09 -25.65 40.68
N VAL B 285 16.03 -25.21 39.99
CA VAL B 285 15.32 -26.08 39.07
C VAL B 285 16.21 -26.44 37.88
N ASN B 286 17.08 -25.52 37.45
CA ASN B 286 17.90 -25.73 36.26
C ASN B 286 18.97 -26.80 36.44
N LEU B 287 19.38 -27.08 37.68
CA LEU B 287 20.56 -27.90 37.91
C LEU B 287 20.29 -29.38 37.65
N GLU B 288 19.05 -29.83 37.77
CA GLU B 288 18.74 -31.25 37.65
C GLU B 288 18.58 -31.71 36.20
N GLU B 289 18.47 -30.78 35.24
CA GLU B 289 18.51 -31.17 33.83
C GLU B 289 19.89 -31.62 33.39
N SER B 290 20.95 -31.24 34.12
CA SER B 290 22.24 -31.91 33.96
C SER B 290 22.14 -33.37 34.36
N SER B 291 21.39 -33.67 35.42
CA SER B 291 21.16 -35.05 35.82
C SER B 291 20.19 -35.78 34.90
N LYS B 292 19.32 -35.04 34.20
CA LYS B 292 18.45 -35.69 33.22
C LYS B 292 19.23 -36.20 32.02
N LEU B 293 20.23 -35.44 31.57
CA LEU B 293 20.97 -35.78 30.36
C LEU B 293 22.26 -36.55 30.65
N ASP B 294 22.65 -36.64 31.92
CA ASP B 294 23.77 -37.47 32.38
C ASP B 294 25.07 -37.08 31.66
N ILE B 295 25.53 -35.87 31.97
CA ILE B 295 26.68 -35.27 31.29
C ILE B 295 27.86 -35.15 32.24
N TYR B 296 27.72 -34.34 33.29
CA TYR B 296 28.53 -34.37 34.51
C TYR B 296 29.98 -33.96 34.31
N THR B 297 30.43 -33.69 33.08
CA THR B 297 31.83 -33.38 32.87
C THR B 297 31.99 -32.45 31.67
N GLN B 298 33.19 -31.87 31.57
CA GLN B 298 33.46 -30.86 30.55
C GLN B 298 33.62 -31.49 29.17
N GLN B 299 34.01 -32.76 29.11
CA GLN B 299 34.14 -33.45 27.83
C GLN B 299 32.77 -33.70 27.20
N GLN B 300 31.83 -34.22 27.98
CA GLN B 300 30.53 -34.60 27.43
C GLN B 300 29.62 -33.42 27.18
N ALA B 301 29.98 -32.23 27.68
CA ALA B 301 29.09 -31.08 27.59
C ALA B 301 29.02 -30.52 26.17
N LEU B 302 30.12 -30.61 25.41
CA LEU B 302 30.20 -29.93 24.12
C LEU B 302 29.33 -30.61 23.08
N GLU B 303 29.45 -31.93 22.94
CA GLU B 303 28.80 -32.63 21.83
C GLU B 303 27.29 -32.71 21.99
N TYR B 304 26.75 -32.33 23.16
CA TYR B 304 25.32 -32.12 23.26
C TYR B 304 24.85 -30.97 22.38
N ILE B 305 25.68 -29.93 22.24
CA ILE B 305 25.34 -28.83 21.34
C ILE B 305 25.44 -29.28 19.88
N GLY B 306 26.61 -29.78 19.49
CA GLY B 306 26.87 -30.13 18.11
C GLY B 306 26.08 -31.31 17.58
N ALA B 307 25.45 -32.09 18.47
CA ALA B 307 24.45 -33.06 18.02
C ALA B 307 23.24 -32.36 17.40
N LYS B 308 22.88 -31.19 17.92
CA LYS B 308 21.70 -30.46 17.44
C LYS B 308 22.06 -29.07 16.90
N VAL B 309 23.30 -28.87 16.47
CA VAL B 309 23.64 -27.65 15.74
C VAL B 309 23.04 -27.70 14.35
N LYS B 310 22.60 -26.55 13.84
CA LYS B 310 22.17 -26.45 12.45
C LYS B 310 23.39 -26.28 11.55
N THR B 311 23.57 -27.24 10.64
CA THR B 311 24.80 -27.36 9.86
C THR B 311 24.71 -26.48 8.62
N MET B 312 25.35 -25.32 8.66
CA MET B 312 25.68 -24.59 7.44
C MET B 312 26.82 -25.31 6.72
N ARG B 313 26.58 -25.73 5.48
CA ARG B 313 27.55 -26.56 4.76
C ARG B 313 28.70 -25.71 4.25
N ARG B 314 29.90 -26.01 4.73
CA ARG B 314 31.14 -25.43 4.22
C ARG B 314 31.74 -26.22 3.08
N GLN B 315 31.06 -27.28 2.64
CA GLN B 315 31.30 -28.13 1.47
C GLN B 315 32.57 -28.96 1.61
N LYS B 316 33.34 -28.78 2.68
CA LYS B 316 34.42 -29.69 3.05
C LYS B 316 33.94 -30.66 4.12
N LEU B 317 33.51 -30.13 5.25
CA LEU B 317 32.72 -30.82 6.27
C LEU B 317 33.44 -32.08 6.80
N THR B 318 34.65 -31.85 7.32
CA THR B 318 35.38 -32.90 8.02
C THR B 318 35.03 -32.92 9.50
N ILE B 319 33.75 -32.71 9.82
CA ILE B 319 33.33 -32.41 11.19
C ILE B 319 33.79 -33.49 12.15
N LEU B 320 34.38 -33.05 13.27
CA LEU B 320 35.15 -33.90 14.16
C LEU B 320 34.27 -34.54 15.22
N GLN B 321 33.13 -33.93 15.53
CA GLN B 321 32.23 -34.18 16.65
C GLN B 321 32.88 -33.76 17.96
N GLU B 322 34.05 -33.12 17.89
CA GLU B 322 34.63 -32.39 19.01
C GLU B 322 35.08 -30.98 18.62
N GLY B 323 35.37 -30.73 17.34
CA GLY B 323 35.86 -29.46 16.86
C GLY B 323 34.77 -28.49 16.44
N ILE B 324 33.62 -29.02 16.00
CA ILE B 324 32.53 -28.16 15.57
C ILE B 324 31.74 -27.61 16.75
N GLU B 325 31.95 -28.16 17.95
CA GLU B 325 31.31 -27.66 19.15
C GLU B 325 32.11 -26.54 19.80
N ALA B 326 33.45 -26.63 19.72
CA ALA B 326 34.31 -25.56 20.19
C ALA B 326 34.13 -24.29 19.37
N ILE B 327 33.90 -24.43 18.07
CA ILE B 327 33.59 -23.24 17.27
C ILE B 327 32.14 -22.80 17.49
N ALA B 328 31.24 -23.74 17.78
CA ALA B 328 29.89 -23.35 18.14
C ALA B 328 29.85 -22.63 19.48
N THR B 329 30.87 -22.85 20.31
CA THR B 329 31.12 -22.07 21.52
C THR B 329 32.19 -21.01 21.26
N THR B 330 32.43 -20.67 19.99
CA THR B 330 33.24 -19.53 19.60
C THR B 330 32.48 -18.52 18.76
N VAL B 331 31.66 -18.94 17.80
CA VAL B 331 30.80 -18.00 17.06
C VAL B 331 29.50 -17.91 17.86
N ILE B 332 29.57 -17.19 18.97
CA ILE B 332 28.45 -16.90 19.84
C ILE B 332 28.88 -15.78 20.78
N ALA B 333 28.02 -14.77 20.98
CA ALA B 333 28.32 -13.64 21.84
C ALA B 333 29.69 -13.03 21.48
N HIS B 334 29.74 -12.48 20.27
CA HIS B 334 31.00 -12.07 19.63
C HIS B 334 31.66 -10.86 20.26
N LEU B 335 31.27 -10.43 21.47
CA LEU B 335 32.11 -9.52 22.23
C LEU B 335 33.49 -10.11 22.50
N THR B 336 33.52 -11.36 22.96
CA THR B 336 34.74 -12.00 23.43
C THR B 336 35.10 -13.18 22.54
N VAL B 337 36.39 -13.33 22.26
CA VAL B 337 36.94 -14.53 21.64
C VAL B 337 38.05 -15.08 22.53
N GLU B 338 38.35 -16.36 22.33
CA GLU B 338 39.13 -17.13 23.29
C GLU B 338 40.26 -17.85 22.57
N ALA B 339 41.34 -18.11 23.30
CA ALA B 339 42.43 -18.94 22.79
C ALA B 339 42.29 -20.40 23.21
N LEU B 340 42.38 -20.68 24.51
CA LEU B 340 42.32 -22.05 25.01
C LEU B 340 41.32 -22.24 26.12
N ASP B 341 41.22 -21.30 27.06
CA ASP B 341 40.78 -21.60 28.42
C ASP B 341 39.29 -21.39 28.61
N PHE B 342 38.63 -20.70 27.68
CA PHE B 342 37.19 -20.49 27.67
C PHE B 342 36.70 -19.66 28.85
N ARG B 343 37.60 -19.21 29.73
CA ARG B 343 37.14 -18.86 31.07
C ARG B 343 36.47 -17.50 31.10
N GLU B 344 37.06 -16.52 30.40
CA GLU B 344 36.50 -15.17 30.43
C GLU B 344 35.21 -15.07 29.63
N LYS B 345 35.01 -15.98 28.67
CA LYS B 345 33.73 -16.11 27.99
C LYS B 345 32.69 -16.79 28.88
N ALA B 346 33.13 -17.65 29.80
CA ALA B 346 32.21 -18.42 30.61
C ALA B 346 31.43 -17.53 31.57
N LEU B 347 32.12 -16.74 32.38
CA LEU B 347 31.43 -15.93 33.37
C LEU B 347 30.78 -14.69 32.76
N TYR B 348 31.11 -14.36 31.52
CA TYR B 348 30.33 -13.36 30.80
C TYR B 348 28.90 -13.84 30.56
N ILE B 349 28.73 -15.13 30.31
CA ILE B 349 27.40 -15.71 30.27
C ILE B 349 26.78 -15.75 31.66
N ALA B 350 27.61 -15.96 32.70
CA ALA B 350 27.09 -16.06 34.05
C ALA B 350 26.58 -14.73 34.56
N MET B 351 27.23 -13.63 34.17
CA MET B 351 26.72 -12.31 34.52
C MET B 351 25.46 -11.96 33.72
N MET B 352 25.36 -12.48 32.49
CA MET B 352 24.15 -12.26 31.71
C MET B 352 22.95 -13.02 32.27
N THR B 353 23.18 -14.17 32.91
CA THR B 353 22.09 -14.92 33.51
C THR B 353 21.87 -14.58 34.98
N ARG B 354 22.67 -13.67 35.55
CA ARG B 354 22.35 -13.13 36.86
C ARG B 354 21.21 -12.13 36.77
N ARG B 355 21.22 -11.28 35.75
CA ARG B 355 20.19 -10.25 35.59
C ARG B 355 18.86 -10.82 35.13
N VAL B 356 18.82 -12.08 34.68
CA VAL B 356 17.54 -12.68 34.31
C VAL B 356 16.82 -13.27 35.51
N VAL B 357 17.52 -13.53 36.61
CA VAL B 357 16.88 -13.95 37.85
C VAL B 357 16.68 -12.77 38.81
N MET B 358 17.43 -11.68 38.63
CA MET B 358 17.16 -10.45 39.36
C MET B 358 15.83 -9.82 38.92
N ALA B 359 15.45 -10.01 37.66
CA ALA B 359 14.19 -9.46 37.17
C ALA B 359 13.00 -10.29 37.61
N MET B 360 13.16 -11.61 37.71
CA MET B 360 12.04 -12.45 38.13
C MET B 360 11.75 -12.31 39.63
N TYR B 361 12.70 -11.75 40.39
CA TYR B 361 12.46 -11.50 41.81
C TYR B 361 11.49 -10.34 41.99
N ASN B 362 11.76 -9.22 41.33
CA ASN B 362 10.84 -8.10 41.25
C ASN B 362 11.00 -7.44 39.90
N PRO B 363 9.90 -6.98 39.28
CA PRO B 363 10.01 -6.37 37.95
C PRO B 363 10.49 -4.93 37.97
N LYS B 364 11.06 -4.47 39.09
CA LYS B 364 11.62 -3.13 39.13
C LYS B 364 12.98 -3.03 38.45
N MET B 365 13.68 -4.15 38.29
CA MET B 365 15.03 -4.15 37.74
C MET B 365 15.04 -3.97 36.23
N ILE B 366 13.88 -3.78 35.60
CA ILE B 366 13.82 -3.66 34.15
C ILE B 366 14.47 -2.37 33.68
N ASP B 367 15.09 -2.42 32.51
CA ASP B 367 15.57 -1.25 31.79
C ASP B 367 14.67 -1.00 30.58
N ASP B 368 14.70 0.24 30.09
CA ASP B 368 14.01 0.59 28.86
C ASP B 368 15.01 0.70 27.71
N ARG B 369 14.55 0.36 26.51
CA ARG B 369 15.37 0.42 25.31
C ARG B 369 15.28 1.75 24.59
N ASP B 370 14.80 2.80 25.27
CA ASP B 370 14.84 4.16 24.73
C ASP B 370 15.54 5.13 25.67
N TYR B 371 16.18 4.63 26.72
CA TYR B 371 17.08 5.47 27.51
C TYR B 371 18.29 5.86 26.69
N VAL B 372 18.77 7.09 26.90
CA VAL B 372 19.76 7.67 25.99
C VAL B 372 21.10 6.95 26.13
N GLY B 373 21.37 6.37 27.29
CA GLY B 373 22.57 5.57 27.46
C GLY B 373 22.59 4.31 26.62
N ASN B 374 21.42 3.83 26.20
CA ASN B 374 21.31 2.70 25.29
C ASN B 374 21.03 3.16 23.86
N LYS B 375 21.56 4.32 23.48
CA LYS B 375 21.47 4.84 22.13
C LYS B 375 22.87 5.17 21.64
N ARG B 376 23.13 4.92 20.36
CA ARG B 376 24.44 5.20 19.76
C ARG B 376 24.23 5.97 18.46
N LEU B 377 24.45 7.28 18.52
CA LEU B 377 24.59 8.07 17.31
C LEU B 377 25.88 7.67 16.59
N GLU B 378 25.76 7.44 15.28
CA GLU B 378 26.95 7.19 14.48
C GLU B 378 26.85 7.92 13.15
N LEU B 379 27.96 8.55 12.78
CA LEU B 379 28.02 9.71 11.92
C LEU B 379 28.41 9.31 10.50
N ALA B 380 28.74 10.31 9.67
CA ALA B 380 28.63 10.18 8.22
C ALA B 380 29.72 9.27 7.65
N GLY B 381 30.99 9.65 7.82
CA GLY B 381 32.05 9.00 7.07
C GLY B 381 32.31 7.56 7.49
N GLN B 382 32.00 7.22 8.74
CA GLN B 382 32.11 5.84 9.20
C GLN B 382 30.84 5.05 8.90
N LEU B 383 29.94 5.60 8.09
CA LEU B 383 28.74 4.94 7.62
C LEU B 383 28.71 4.74 6.11
N ILE B 384 29.37 5.61 5.34
CA ILE B 384 29.61 5.34 3.93
C ILE B 384 30.77 4.38 3.74
N SER B 385 31.61 4.21 4.77
CA SER B 385 32.69 3.24 4.72
C SER B 385 32.19 1.82 4.56
N LEU B 386 31.00 1.51 5.10
CA LEU B 386 30.42 0.19 4.90
C LEU B 386 30.01 -0.01 3.45
N LEU B 387 29.50 1.03 2.79
CA LEU B 387 29.11 0.88 1.40
C LEU B 387 30.34 0.77 0.49
N PHE B 388 31.47 1.33 0.92
CA PHE B 388 32.69 1.26 0.13
C PHE B 388 33.24 -0.16 0.09
N GLU B 389 32.95 -0.97 1.11
CA GLU B 389 33.39 -2.36 1.13
C GLU B 389 32.72 -3.16 0.01
N ASP B 390 31.39 -3.14 -0.03
CA ASP B 390 30.66 -4.03 -0.93
C ASP B 390 30.84 -3.64 -2.40
N LEU B 391 31.29 -2.42 -2.68
CA LEU B 391 31.72 -2.07 -4.03
C LEU B 391 33.17 -2.47 -4.28
N PHE B 392 34.05 -2.29 -3.29
CA PHE B 392 35.47 -2.49 -3.52
C PHE B 392 35.80 -3.97 -3.66
N LYS B 393 35.13 -4.84 -2.89
CA LYS B 393 35.29 -6.27 -3.12
C LYS B 393 34.61 -6.73 -4.39
N LYS B 394 33.61 -5.99 -4.87
CA LYS B 394 33.02 -6.26 -6.18
C LYS B 394 33.87 -5.73 -7.32
N PHE B 395 34.80 -4.82 -7.02
CA PHE B 395 35.76 -4.39 -8.04
C PHE B 395 36.77 -5.48 -8.36
N ASN B 396 37.53 -5.92 -7.36
CA ASN B 396 38.68 -6.77 -7.58
C ASN B 396 38.34 -8.26 -7.61
N ASN B 397 37.10 -8.62 -7.90
CA ASN B 397 36.77 -10.00 -8.23
C ASN B 397 36.31 -10.19 -9.66
N ASP B 398 35.52 -9.25 -10.21
CA ASP B 398 35.25 -9.25 -11.63
C ASP B 398 36.48 -8.85 -12.43
N PHE B 399 37.34 -8.02 -11.84
CA PHE B 399 38.66 -7.78 -12.42
C PHE B 399 39.52 -9.04 -12.39
N LYS B 400 39.39 -9.84 -11.32
CA LYS B 400 40.05 -11.14 -11.30
C LYS B 400 39.43 -12.08 -12.32
N LEU B 401 38.11 -12.00 -12.53
CA LEU B 401 37.47 -12.88 -13.50
C LEU B 401 37.83 -12.49 -14.93
N SER B 402 38.27 -11.25 -15.15
CA SER B 402 38.77 -10.85 -16.46
C SER B 402 40.22 -11.27 -16.68
N ILE B 403 40.96 -11.56 -15.61
CA ILE B 403 42.36 -11.95 -15.75
C ILE B 403 42.46 -13.37 -16.28
N ASP B 404 41.85 -14.33 -15.58
CA ASP B 404 42.01 -15.73 -15.94
C ASP B 404 41.30 -16.07 -17.25
N LYS B 405 40.33 -15.26 -17.67
CA LYS B 405 39.76 -15.43 -19.01
C LYS B 405 40.78 -15.09 -20.09
N VAL B 406 41.72 -14.20 -19.80
CA VAL B 406 42.81 -13.94 -20.73
C VAL B 406 43.91 -14.98 -20.57
N LEU B 407 44.25 -15.34 -19.34
CA LEU B 407 45.36 -16.26 -19.08
C LEU B 407 45.04 -17.71 -19.38
N LYS B 408 43.84 -18.01 -19.89
CA LYS B 408 43.55 -19.36 -20.38
C LYS B 408 43.85 -19.48 -21.88
N LYS B 409 45.04 -19.03 -22.26
CA LYS B 409 45.53 -19.10 -23.62
C LYS B 409 46.98 -19.55 -23.60
N PRO B 410 47.38 -20.44 -24.51
CA PRO B 410 48.77 -20.93 -24.47
C PRO B 410 49.77 -19.90 -24.98
N ASN B 411 49.47 -19.24 -26.10
CA ASN B 411 50.38 -18.24 -26.64
C ASN B 411 50.38 -16.96 -25.80
N ARG B 412 49.25 -16.64 -25.17
CA ARG B 412 49.10 -15.40 -24.41
C ARG B 412 49.55 -15.64 -22.96
N ALA B 413 50.87 -15.78 -22.81
CA ALA B 413 51.42 -16.06 -21.49
C ALA B 413 52.73 -15.35 -21.16
N MET B 414 53.41 -14.71 -22.12
CA MET B 414 54.78 -14.27 -21.90
C MET B 414 54.91 -12.77 -21.68
N GLU B 415 54.43 -11.96 -22.63
CA GLU B 415 54.61 -10.52 -22.57
C GLU B 415 53.28 -9.80 -22.31
N TYR B 416 52.26 -10.51 -21.85
CA TYR B 416 50.98 -9.89 -21.56
C TYR B 416 51.09 -8.95 -20.36
N ASP B 417 50.40 -7.82 -20.45
CA ASP B 417 50.22 -6.90 -19.33
C ASP B 417 48.76 -6.89 -18.93
N ALA B 418 48.49 -6.84 -17.63
CA ALA B 418 47.12 -6.89 -17.13
C ALA B 418 46.52 -5.51 -16.85
N LEU B 419 47.31 -4.44 -16.93
CA LEU B 419 46.79 -3.16 -16.48
C LEU B 419 45.88 -2.49 -17.50
N LEU B 420 45.88 -2.97 -18.74
CA LEU B 420 45.14 -2.28 -19.80
C LEU B 420 43.65 -2.54 -19.73
N SER B 421 43.22 -3.56 -19.00
CA SER B 421 41.81 -3.85 -18.75
C SER B 421 41.39 -3.49 -17.32
N ILE B 422 41.96 -2.43 -16.75
CA ILE B 422 41.46 -1.93 -15.47
C ILE B 422 40.45 -0.80 -15.66
N ASN B 423 40.43 -0.14 -16.82
CA ASN B 423 39.53 0.98 -17.05
C ASN B 423 38.10 0.51 -17.29
N VAL B 424 37.92 -0.73 -17.73
CA VAL B 424 36.58 -1.29 -17.92
C VAL B 424 35.90 -1.54 -16.58
N HIS B 425 36.67 -1.88 -15.55
CA HIS B 425 36.11 -2.08 -14.21
C HIS B 425 36.22 -0.84 -13.34
N SER B 426 36.70 0.28 -13.88
CA SER B 426 37.01 1.43 -13.04
C SER B 426 35.72 2.09 -12.55
N ASN B 427 34.76 2.31 -13.44
CA ASN B 427 33.62 3.16 -13.12
C ASN B 427 32.54 2.44 -12.33
N ASN B 428 32.73 1.15 -12.02
CA ASN B 428 31.78 0.45 -11.16
C ASN B 428 31.75 1.06 -9.77
N ILE B 429 32.90 1.57 -9.31
CA ILE B 429 32.94 2.30 -8.04
C ILE B 429 32.18 3.61 -8.16
N THR B 430 32.36 4.31 -9.29
CA THR B 430 31.73 5.62 -9.46
C THR B 430 30.22 5.51 -9.58
N SER B 431 29.75 4.68 -10.52
CA SER B 431 28.30 4.59 -10.74
C SER B 431 27.60 3.89 -9.59
N GLY B 432 28.32 3.11 -8.79
CA GLY B 432 27.75 2.60 -7.55
C GLY B 432 27.54 3.70 -6.53
N LEU B 433 28.54 4.57 -6.37
CA LEU B 433 28.48 5.62 -5.35
C LEU B 433 27.47 6.69 -5.71
N ASN B 434 27.34 7.01 -7.01
CA ASN B 434 26.50 8.13 -7.40
C ASN B 434 25.01 7.80 -7.23
N ARG B 435 24.60 6.58 -7.56
CA ARG B 435 23.22 6.20 -7.28
C ARG B 435 23.00 5.92 -5.80
N ALA B 436 24.09 5.66 -5.06
CA ALA B 436 23.98 5.42 -3.62
C ALA B 436 23.69 6.71 -2.85
N ILE B 437 23.91 7.87 -3.47
CA ILE B 437 23.56 9.15 -2.88
C ILE B 437 22.29 9.69 -3.53
N SER B 438 22.10 9.39 -4.81
CA SER B 438 20.91 9.88 -5.51
C SER B 438 19.65 9.20 -4.98
N THR B 439 19.54 7.89 -5.17
CA THR B 439 18.42 7.12 -4.64
C THR B 439 18.81 6.60 -3.27
N GLY B 440 18.13 7.08 -2.23
CA GLY B 440 18.56 6.83 -0.88
C GLY B 440 18.26 5.42 -0.37
N ASN B 441 18.84 4.41 -1.02
CA ASN B 441 18.69 3.03 -0.58
C ASN B 441 19.98 2.28 -0.86
N TRP B 442 20.45 1.52 0.13
CA TRP B 442 21.79 0.95 0.11
C TRP B 442 21.69 -0.57 0.13
N SER B 443 22.13 -1.21 -0.95
CA SER B 443 22.09 -2.66 -1.08
C SER B 443 23.41 -3.22 -0.57
N LEU B 444 23.46 -3.50 0.73
CA LEU B 444 24.62 -4.15 1.31
C LEU B 444 24.54 -5.67 1.12
N LYS B 445 25.69 -6.33 1.27
CA LYS B 445 25.79 -7.77 1.11
C LYS B 445 26.36 -8.48 2.33
N ARG B 446 27.37 -7.91 2.98
CA ARG B 446 27.96 -8.58 4.14
C ARG B 446 27.03 -8.57 5.35
N PHE B 447 26.05 -7.66 5.40
CA PHE B 447 24.96 -7.76 6.35
C PHE B 447 23.64 -8.14 5.71
N LYS B 448 23.49 -7.96 4.40
CA LYS B 448 22.22 -8.13 3.68
C LYS B 448 21.13 -7.28 4.32
N MET B 449 21.30 -5.96 4.18
CA MET B 449 20.44 -5.01 4.88
C MET B 449 20.11 -3.85 3.95
N GLU B 450 18.89 -3.33 4.09
CA GLU B 450 18.22 -2.56 3.05
C GLU B 450 17.69 -1.24 3.60
N ARG B 451 18.56 -0.47 4.27
CA ARG B 451 18.12 0.81 4.84
C ARG B 451 17.80 1.78 3.70
N ALA B 452 16.53 2.13 3.56
CA ALA B 452 16.08 3.09 2.58
C ALA B 452 15.81 4.43 3.25
N GLY B 453 15.69 5.48 2.44
CA GLY B 453 15.48 6.80 2.98
C GLY B 453 16.65 7.35 3.75
N VAL B 454 17.89 7.04 3.33
CA VAL B 454 19.07 7.42 4.10
C VAL B 454 19.55 8.83 3.77
N THR B 455 19.07 9.43 2.68
CA THR B 455 19.42 10.79 2.34
C THR B 455 18.16 11.59 2.04
N HIS B 456 18.33 12.90 1.91
CA HIS B 456 17.23 13.79 1.56
C HIS B 456 17.77 14.94 0.73
N VAL B 457 16.85 15.66 0.07
CA VAL B 457 17.18 16.89 -0.62
C VAL B 457 17.03 18.03 0.36
N LEU B 458 18.09 18.81 0.52
CA LEU B 458 18.13 19.84 1.56
C LEU B 458 17.28 21.04 1.16
N SER B 459 16.70 21.69 2.16
CA SER B 459 15.75 22.77 1.96
C SER B 459 16.51 24.09 1.84
N ARG B 460 16.49 24.68 0.65
CA ARG B 460 16.96 26.06 0.44
C ARG B 460 15.80 27.05 0.41
N LEU B 461 14.80 26.85 1.26
CA LEU B 461 13.69 27.78 1.31
C LEU B 461 14.05 29.02 2.14
N SER B 462 14.70 28.83 3.27
CA SER B 462 15.22 29.90 4.11
C SER B 462 16.71 29.71 4.31
N TYR B 463 17.30 30.55 5.16
CA TYR B 463 18.69 30.35 5.57
C TYR B 463 18.79 29.25 6.63
N ILE B 464 18.11 29.43 7.76
CA ILE B 464 18.21 28.47 8.86
C ILE B 464 17.54 27.14 8.52
N SER B 465 16.71 27.10 7.48
CA SER B 465 16.23 25.82 6.96
C SER B 465 17.34 25.04 6.28
N ALA B 466 18.36 25.72 5.75
CA ALA B 466 19.53 25.04 5.21
C ALA B 466 20.52 24.63 6.29
N LEU B 467 20.30 25.05 7.54
CA LEU B 467 21.14 24.62 8.66
C LEU B 467 20.41 23.75 9.67
N GLY B 468 19.09 23.90 9.78
CA GLY B 468 18.34 23.03 10.69
C GLY B 468 18.34 21.58 10.26
N MET B 469 18.24 21.33 8.95
CA MET B 469 18.26 19.96 8.46
C MET B 469 19.65 19.35 8.54
N MET B 470 20.69 20.18 8.65
CA MET B 470 22.05 19.66 8.82
C MET B 470 22.25 19.03 10.19
N THR B 471 21.48 19.47 11.18
CA THR B 471 21.53 18.90 12.54
C THR B 471 20.16 18.31 12.86
N ARG B 472 19.94 17.08 12.43
CA ARG B 472 18.75 16.33 12.80
C ARG B 472 19.08 14.85 12.83
N ILE B 473 18.26 14.09 13.54
CA ILE B 473 18.51 12.68 13.82
C ILE B 473 17.31 11.88 13.36
N SER B 474 17.55 10.88 12.51
CA SER B 474 16.51 9.97 12.03
C SER B 474 16.62 8.65 12.77
N SER B 475 15.52 8.18 13.34
CA SER B 475 15.48 6.93 14.06
C SER B 475 15.34 5.77 13.08
N GLN B 476 15.02 4.58 13.60
CA GLN B 476 15.12 3.35 12.84
C GLN B 476 13.76 2.78 12.42
N PHE B 477 12.70 3.13 13.14
CA PHE B 477 11.34 2.62 12.89
C PHE B 477 11.31 1.08 12.86
N GLU B 478 11.44 0.49 14.06
CA GLU B 478 11.30 -0.95 14.22
C GLU B 478 9.87 -1.36 14.54
N LYS B 479 8.89 -0.64 14.01
CA LYS B 479 7.48 -1.03 14.01
C LYS B 479 6.89 -1.09 15.41
N SER B 480 7.33 -0.21 16.30
CA SER B 480 6.67 -0.01 17.59
C SER B 480 5.69 1.14 17.54
N ARG B 481 4.76 1.12 16.58
CA ARG B 481 3.84 2.24 16.42
C ARG B 481 2.82 2.33 17.56
N LYS B 482 2.53 1.22 18.24
CA LYS B 482 1.64 1.27 19.39
C LYS B 482 2.30 1.89 20.61
N VAL B 483 3.59 1.66 20.80
CA VAL B 483 4.30 2.13 21.98
C VAL B 483 4.64 3.61 21.83
N SER B 484 4.08 4.44 22.71
CA SER B 484 4.39 5.87 22.74
C SER B 484 5.56 6.19 23.66
N GLY B 485 6.35 5.19 24.05
CA GLY B 485 7.53 5.40 24.84
C GLY B 485 8.57 6.28 24.16
N PRO B 486 9.14 5.80 23.04
CA PRO B 486 10.07 6.67 22.28
C PRO B 486 9.39 7.84 21.61
N ARG B 487 8.07 7.82 21.46
CA ARG B 487 7.35 9.03 21.05
C ARG B 487 7.46 10.12 22.11
N ALA B 488 7.54 9.75 23.38
CA ALA B 488 7.71 10.69 24.47
C ALA B 488 9.15 11.17 24.56
N LEU B 489 9.41 12.07 25.50
CA LEU B 489 10.69 12.73 25.67
C LEU B 489 11.17 12.47 27.10
N GLN B 490 12.40 11.92 27.22
CA GLN B 490 12.89 11.54 28.55
C GLN B 490 13.72 12.66 29.17
N PRO B 491 13.71 12.73 30.50
CA PRO B 491 14.40 13.83 31.20
C PRO B 491 15.91 13.77 31.12
N SER B 492 16.49 12.63 30.73
CA SER B 492 17.94 12.51 30.57
C SER B 492 18.39 13.08 29.22
N GLN B 493 18.06 14.36 29.02
CA GLN B 493 18.21 15.01 27.73
C GLN B 493 18.59 16.48 27.86
N PHE B 494 18.77 16.98 29.07
CA PHE B 494 19.02 18.40 29.34
C PHE B 494 20.39 18.81 28.80
N GLY B 495 20.42 19.45 27.64
CA GLY B 495 21.66 19.85 27.01
C GLY B 495 22.30 18.85 26.08
N MET B 496 21.90 17.58 26.14
CA MET B 496 22.40 16.62 25.16
C MET B 496 21.91 16.95 23.76
N LEU B 497 20.60 16.98 23.56
CA LEU B 497 20.01 17.36 22.29
C LEU B 497 18.72 18.11 22.55
N CYS B 498 18.29 18.92 21.58
CA CYS B 498 17.31 19.95 21.85
C CYS B 498 15.97 19.36 22.25
N THR B 499 15.27 20.08 23.13
CA THR B 499 14.02 19.63 23.71
C THR B 499 12.79 20.40 23.23
N ALA B 500 12.97 21.62 22.74
CA ALA B 500 11.88 22.42 22.19
C ALA B 500 11.70 22.26 20.69
N ASP B 501 12.48 21.39 20.04
CA ASP B 501 12.37 21.18 18.60
C ASP B 501 11.99 19.73 18.35
N THR B 502 10.85 19.53 17.68
CA THR B 502 10.41 18.26 17.12
C THR B 502 9.25 18.53 16.18
N PRO B 503 9.25 17.96 14.97
CA PRO B 503 8.06 18.04 14.11
C PRO B 503 6.91 17.25 14.69
N GLU B 504 5.74 17.41 14.05
CA GLU B 504 4.52 16.78 14.48
C GLU B 504 3.83 16.11 13.29
N GLY B 505 2.75 15.40 13.58
CA GLY B 505 1.96 14.77 12.53
C GLY B 505 2.41 13.36 12.21
N GLU B 506 3.16 13.22 11.11
CA GLU B 506 3.63 11.89 10.71
C GLU B 506 4.72 11.38 11.63
N ALA B 507 5.56 12.26 12.16
CA ALA B 507 6.51 11.93 13.21
C ALA B 507 6.43 13.00 14.27
N CYS B 508 5.95 12.63 15.47
CA CYS B 508 5.76 13.58 16.55
C CYS B 508 6.82 13.47 17.65
N GLY B 509 7.61 12.41 17.68
CA GLY B 509 8.67 12.29 18.66
C GLY B 509 9.88 11.55 18.15
N LEU B 510 9.90 11.24 16.86
CA LEU B 510 10.95 10.41 16.27
C LEU B 510 11.90 11.19 15.38
N VAL B 511 11.74 12.51 15.30
CA VAL B 511 12.69 13.39 14.63
C VAL B 511 13.19 14.39 15.67
N LYS B 512 14.48 14.30 16.02
CA LYS B 512 15.05 15.10 17.09
C LYS B 512 16.26 15.85 16.55
N ASN B 513 16.71 16.84 17.33
CA ASN B 513 17.68 17.81 16.85
C ASN B 513 18.76 18.03 17.91
N LEU B 514 20.00 18.21 17.46
CA LEU B 514 21.12 18.41 18.37
C LEU B 514 21.01 19.75 19.08
N ALA B 515 21.61 19.81 20.27
CA ALA B 515 21.69 21.05 21.02
C ALA B 515 22.78 21.94 20.46
N LEU B 516 22.93 23.14 21.04
CA LEU B 516 23.87 24.12 20.50
C LEU B 516 25.30 23.74 20.81
N MET B 517 25.59 23.41 22.07
CA MET B 517 26.91 22.91 22.47
C MET B 517 26.84 21.39 22.57
N THR B 518 27.39 20.72 21.56
CA THR B 518 27.18 19.28 21.42
C THR B 518 28.32 18.69 20.59
N HIS B 519 28.96 17.64 21.12
CA HIS B 519 30.01 16.94 20.41
C HIS B 519 29.73 15.44 20.48
N ILE B 520 30.04 14.73 19.38
CA ILE B 520 29.86 13.28 19.32
C ILE B 520 31.22 12.62 19.50
N THR B 521 31.27 11.59 20.33
CA THR B 521 32.53 10.94 20.63
C THR B 521 33.02 10.11 19.44
N THR B 522 34.19 9.51 19.59
CA THR B 522 34.71 8.56 18.62
C THR B 522 35.60 7.56 19.36
N ASP B 523 35.74 6.37 18.79
CA ASP B 523 36.52 5.34 19.43
C ASP B 523 38.00 5.71 19.48
N ASP B 524 38.68 5.27 20.53
CA ASP B 524 40.10 5.54 20.72
C ASP B 524 40.91 4.25 20.64
N GLU B 525 40.72 3.35 21.59
CA GLU B 525 41.48 2.10 21.73
C GLU B 525 40.93 1.42 22.98
N GLU B 526 41.31 0.15 23.18
CA GLU B 526 40.90 -0.51 24.42
C GLU B 526 41.99 -1.31 25.13
N GLU B 527 43.03 -1.78 24.45
CA GLU B 527 44.06 -2.55 25.12
C GLU B 527 45.00 -1.75 26.04
N PRO B 528 45.26 -0.45 25.81
CA PRO B 528 46.10 0.27 26.80
C PRO B 528 45.42 0.47 28.14
N ILE B 529 44.13 0.82 28.15
CA ILE B 529 43.46 1.06 29.43
C ILE B 529 43.27 -0.23 30.21
N LYS B 530 43.16 -1.37 29.51
CA LYS B 530 43.16 -2.65 30.20
C LYS B 530 44.51 -2.96 30.83
N LYS B 531 45.61 -2.55 30.18
CA LYS B 531 46.91 -2.57 30.84
C LYS B 531 47.03 -1.47 31.88
N LEU B 532 46.30 -0.37 31.74
CA LEU B 532 46.46 0.74 32.67
C LEU B 532 45.70 0.49 33.97
N CYS B 533 44.54 -0.15 33.90
CA CYS B 533 43.76 -0.40 35.11
C CYS B 533 44.44 -1.45 36.00
N TYR B 534 45.17 -2.39 35.40
CA TYR B 534 46.00 -3.30 36.18
C TYR B 534 47.03 -2.54 37.00
N VAL B 535 47.58 -1.46 36.45
CA VAL B 535 48.58 -0.68 37.17
C VAL B 535 47.96 0.05 38.36
N LEU B 536 46.71 0.49 38.24
CA LEU B 536 46.07 1.23 39.32
C LEU B 536 45.60 0.36 40.47
N GLY B 537 45.92 -0.93 40.49
CA GLY B 537 45.70 -1.73 41.68
C GLY B 537 44.59 -2.76 41.57
N VAL B 538 44.28 -3.20 40.37
CA VAL B 538 43.26 -4.22 40.17
C VAL B 538 43.93 -5.52 39.74
N GLU B 539 43.23 -6.63 39.98
CA GLU B 539 43.74 -7.96 39.68
C GLU B 539 43.07 -8.49 38.42
N ASP B 540 43.33 -9.76 38.11
CA ASP B 540 42.74 -10.43 36.95
C ASP B 540 41.64 -11.38 37.39
N ILE B 541 40.76 -11.69 36.44
CA ILE B 541 39.63 -12.59 36.72
C ILE B 541 40.12 -14.02 36.95
N THR B 542 41.23 -14.41 36.34
CA THR B 542 41.70 -15.79 36.44
C THR B 542 42.44 -16.08 37.74
N LEU B 543 42.24 -15.28 38.78
CA LEU B 543 42.89 -15.52 40.07
C LEU B 543 41.85 -15.57 41.18
N ILE B 544 40.75 -14.86 41.00
CA ILE B 544 39.73 -14.68 42.04
C ILE B 544 38.64 -15.74 41.86
N ASP B 545 38.16 -16.28 42.97
CA ASP B 545 36.98 -17.12 42.98
C ASP B 545 35.73 -16.28 43.14
N SER B 546 34.61 -16.81 42.66
CA SER B 546 33.33 -16.13 42.74
C SER B 546 32.73 -16.10 44.13
N ALA B 547 33.45 -16.56 45.16
CA ALA B 547 32.96 -16.45 46.52
C ALA B 547 32.87 -15.01 47.00
N SER B 548 33.60 -14.08 46.37
CA SER B 548 33.62 -12.71 46.86
C SER B 548 33.48 -11.64 45.78
N LEU B 549 33.29 -12.00 44.51
CA LEU B 549 33.04 -10.97 43.52
C LEU B 549 31.69 -10.31 43.71
N HIS B 550 30.71 -11.06 44.23
CA HIS B 550 29.45 -10.45 44.66
C HIS B 550 29.60 -9.69 45.97
N LEU B 551 30.61 -10.03 46.77
CA LEU B 551 30.94 -9.21 47.93
C LEU B 551 31.60 -7.91 47.50
N ASN B 552 32.40 -7.96 46.44
CA ASN B 552 33.16 -6.82 45.95
C ASN B 552 32.39 -6.14 44.82
N TYR B 553 33.05 -5.22 44.12
CA TYR B 553 32.48 -4.63 42.91
C TYR B 553 33.08 -5.30 41.68
N GLY B 554 32.83 -4.72 40.51
CA GLY B 554 33.43 -5.20 39.28
C GLY B 554 33.46 -4.16 38.17
N VAL B 555 34.61 -3.94 37.55
CA VAL B 555 34.69 -3.07 36.40
C VAL B 555 34.17 -3.83 35.18
N TYR B 556 33.39 -3.13 34.35
CA TYR B 556 32.90 -3.65 33.08
C TYR B 556 33.48 -2.80 31.95
N LEU B 557 34.48 -3.34 31.25
CA LEU B 557 35.02 -2.71 30.05
C LEU B 557 34.17 -3.16 28.87
N ASN B 558 33.34 -2.25 28.37
CA ASN B 558 32.38 -2.52 27.30
C ASN B 558 31.46 -3.69 27.66
N GLY B 559 31.12 -3.80 28.93
CA GLY B 559 30.18 -4.78 29.41
C GLY B 559 30.76 -6.12 29.80
N THR B 560 32.09 -6.23 29.89
CA THR B 560 32.74 -7.48 30.27
C THR B 560 33.55 -7.28 31.54
N LEU B 561 33.45 -8.24 32.46
CA LEU B 561 34.12 -8.15 33.75
C LEU B 561 35.59 -8.51 33.55
N ILE B 562 36.48 -7.59 33.93
CA ILE B 562 37.91 -7.85 33.77
C ILE B 562 38.73 -7.65 35.05
N GLY B 563 38.28 -6.86 36.02
CA GLY B 563 39.15 -6.59 37.15
C GLY B 563 38.63 -6.96 38.53
N SER B 564 37.33 -6.81 38.76
CA SER B 564 36.70 -7.06 40.05
C SER B 564 37.40 -6.26 41.16
N ILE B 565 37.28 -4.94 41.05
CA ILE B 565 37.90 -4.03 42.01
C ILE B 565 37.00 -3.87 43.23
N ARG B 566 37.63 -3.60 44.38
CA ARG B 566 36.96 -3.12 45.57
C ARG B 566 37.48 -1.72 45.92
N PHE B 567 36.73 -1.03 46.79
CA PHE B 567 36.88 0.38 47.16
C PHE B 567 37.06 1.26 45.92
N PRO B 568 35.98 1.53 45.19
CA PRO B 568 36.11 2.23 43.90
C PRO B 568 36.34 3.72 44.04
N THR B 569 35.96 4.33 45.17
CA THR B 569 36.03 5.78 45.28
C THR B 569 37.47 6.27 45.45
N LYS B 570 38.37 5.43 45.97
CA LYS B 570 39.79 5.71 45.80
C LYS B 570 40.22 5.47 44.36
N PHE B 571 39.61 4.49 43.68
CA PHE B 571 40.06 4.08 42.36
C PHE B 571 39.59 5.05 41.28
N VAL B 572 38.31 5.42 41.30
CA VAL B 572 37.76 6.21 40.21
C VAL B 572 38.21 7.66 40.27
N THR B 573 38.55 8.16 41.46
CA THR B 573 39.04 9.53 41.56
C THR B 573 40.48 9.65 41.11
N GLN B 574 41.28 8.59 41.26
CA GLN B 574 42.60 8.58 40.65
C GLN B 574 42.55 8.43 39.14
N PHE B 575 41.45 7.92 38.59
CA PHE B 575 41.35 7.79 37.14
C PHE B 575 41.01 9.12 36.48
N ARG B 576 40.13 9.91 37.10
CA ARG B 576 39.84 11.24 36.58
C ARG B 576 41.08 12.13 36.58
N HIS B 577 41.89 12.05 37.64
CA HIS B 577 43.03 12.95 37.76
C HIS B 577 44.12 12.64 36.74
N LEU B 578 44.16 11.42 36.22
CA LEU B 578 44.97 11.17 35.03
C LEU B 578 44.33 11.77 33.79
N ARG B 579 43.00 11.74 33.71
CA ARG B 579 42.31 12.26 32.52
C ARG B 579 42.33 13.78 32.50
N ARG B 580 42.23 14.43 33.66
CA ARG B 580 42.32 15.88 33.72
C ARG B 580 43.69 16.37 33.26
N THR B 581 44.74 15.63 33.59
CA THR B 581 46.07 15.95 33.08
C THR B 581 46.28 15.45 31.65
N GLY B 582 45.40 14.59 31.15
CA GLY B 582 45.40 14.24 29.75
C GLY B 582 46.38 13.16 29.36
N LYS B 583 46.65 12.19 30.25
CA LYS B 583 47.41 11.02 29.86
C LYS B 583 46.56 10.04 29.06
N VAL B 584 45.27 9.96 29.37
CA VAL B 584 44.32 9.15 28.62
C VAL B 584 43.44 10.10 27.81
N SER B 585 42.83 9.56 26.76
CA SER B 585 41.89 10.33 25.96
C SER B 585 40.66 10.67 26.79
N GLU B 586 40.04 11.80 26.47
CA GLU B 586 39.07 12.44 27.35
C GLU B 586 37.64 11.95 27.12
N PHE B 587 37.42 11.08 26.14
CA PHE B 587 36.06 10.61 25.83
C PHE B 587 35.74 9.30 26.54
N ILE B 588 35.96 9.28 27.86
CA ILE B 588 35.80 8.08 28.67
C ILE B 588 34.85 8.41 29.81
N SER B 589 34.01 7.44 30.19
CA SER B 589 33.00 7.65 31.22
C SER B 589 33.12 6.59 32.30
N ILE B 590 32.88 7.00 33.55
CA ILE B 590 33.13 6.17 34.72
C ILE B 590 31.81 6.02 35.47
N TYR B 591 30.74 5.76 34.73
CA TYR B 591 29.45 5.44 35.35
C TYR B 591 29.59 4.34 36.38
N SER B 592 29.06 4.60 37.58
CA SER B 592 29.27 3.74 38.75
C SER B 592 27.95 3.69 39.52
N ASN B 593 27.12 2.69 39.21
CA ASN B 593 25.84 2.55 39.87
C ASN B 593 25.98 1.73 41.14
N SER B 594 24.92 1.72 41.95
CA SER B 594 24.91 0.98 43.21
C SER B 594 23.68 0.11 43.41
N HIS B 595 22.71 0.14 42.48
CA HIS B 595 21.64 -0.86 42.51
C HIS B 595 22.18 -2.27 42.30
N GLN B 596 23.20 -2.40 41.47
CA GLN B 596 24.03 -3.61 41.42
C GLN B 596 25.45 -3.28 41.84
N MET B 597 26.22 -4.33 42.12
CA MET B 597 27.56 -4.18 42.68
C MET B 597 28.60 -4.14 41.57
N ALA B 598 28.51 -3.10 40.74
CA ALA B 598 29.31 -3.04 39.52
C ALA B 598 29.60 -1.60 39.17
N VAL B 599 30.69 -1.41 38.42
CA VAL B 599 31.06 -0.12 37.86
C VAL B 599 31.36 -0.35 36.37
N HIS B 600 31.22 0.71 35.58
CA HIS B 600 31.26 0.57 34.13
C HIS B 600 32.32 1.49 33.53
N ILE B 601 32.92 1.02 32.44
CA ILE B 601 33.84 1.78 31.62
C ILE B 601 33.31 1.77 30.18
N ALA B 602 33.49 2.88 29.48
CA ALA B 602 33.03 2.97 28.10
C ALA B 602 34.09 3.64 27.24
N THR B 603 34.44 3.01 26.12
CA THR B 603 35.42 3.55 25.20
C THR B 603 35.04 3.27 23.74
N ASP B 604 33.77 2.95 23.47
CA ASP B 604 33.40 2.41 22.17
C ASP B 604 33.24 3.49 21.12
N GLY B 605 32.92 4.72 21.52
CA GLY B 605 32.78 5.80 20.57
C GLY B 605 31.46 5.77 19.83
N GLY B 606 31.01 6.93 19.35
CA GLY B 606 29.67 7.04 18.80
C GLY B 606 28.58 7.22 19.84
N ARG B 607 28.83 8.03 20.87
CA ARG B 607 27.83 8.35 21.87
C ARG B 607 27.91 9.84 22.19
N ILE B 608 26.87 10.35 22.83
CA ILE B 608 26.62 11.79 22.89
C ILE B 608 27.20 12.33 24.20
N CYS B 609 27.71 13.56 24.14
CA CYS B 609 28.31 14.18 25.32
C CYS B 609 28.35 15.69 25.14
N ARG B 610 28.52 16.38 26.25
CA ARG B 610 28.73 17.82 26.29
C ARG B 610 29.81 18.09 27.32
N PRO B 611 30.47 19.25 27.24
CA PRO B 611 31.46 19.61 28.27
C PRO B 611 30.89 20.45 29.41
N LEU B 612 31.51 20.28 30.57
CA LEU B 612 31.21 21.05 31.77
C LEU B 612 32.51 21.44 32.44
N ILE B 613 32.45 22.50 33.25
CA ILE B 613 33.63 23.00 33.95
C ILE B 613 33.74 22.33 35.31
N ILE B 614 34.96 21.94 35.66
CA ILE B 614 35.20 21.15 36.87
C ILE B 614 35.02 22.03 38.10
N VAL B 615 34.29 21.52 39.09
CA VAL B 615 34.19 22.14 40.41
C VAL B 615 34.72 21.13 41.42
N SER B 616 35.86 21.45 42.04
CA SER B 616 36.55 20.51 42.90
C SER B 616 35.98 20.49 44.32
N ASP B 617 35.67 21.67 44.86
CA ASP B 617 35.16 21.79 46.22
C ASP B 617 34.20 22.98 46.27
N GLY B 618 34.00 23.52 47.46
CA GLY B 618 33.15 24.69 47.61
C GLY B 618 33.57 25.93 46.83
N GLN B 619 34.70 25.87 46.14
CA GLN B 619 35.05 26.87 45.15
C GLN B 619 35.30 26.18 43.81
N SER B 620 34.82 26.80 42.74
CA SER B 620 35.01 26.24 41.40
C SER B 620 36.45 26.47 40.94
N ARG B 621 36.77 25.89 39.78
CA ARG B 621 38.04 26.15 39.10
C ARG B 621 37.84 27.13 37.95
N VAL B 622 37.01 28.14 38.17
CA VAL B 622 36.74 29.15 37.15
C VAL B 622 37.97 30.03 36.92
N LYS B 623 38.43 30.71 37.98
CA LYS B 623 39.72 31.41 37.99
C LYS B 623 39.76 32.46 36.87
N ASP B 624 38.98 33.53 37.10
CA ASP B 624 38.73 34.55 36.09
C ASP B 624 40.00 35.19 35.54
N ILE B 625 41.15 35.04 36.20
CA ILE B 625 42.40 35.48 35.59
C ILE B 625 42.75 34.62 34.39
N HIS B 626 42.31 33.36 34.36
CA HIS B 626 42.37 32.59 33.12
C HIS B 626 41.40 33.15 32.08
N LEU B 627 40.22 33.60 32.51
CA LEU B 627 39.19 34.03 31.58
C LEU B 627 39.50 35.39 30.98
N ARG B 628 40.25 36.22 31.68
CA ARG B 628 40.72 37.48 31.10
C ARG B 628 41.80 37.24 30.05
N LYS B 629 42.61 36.19 30.22
CA LYS B 629 43.63 35.85 29.24
C LYS B 629 43.03 35.25 27.97
N LEU B 630 41.77 34.81 28.02
CA LEU B 630 41.12 34.29 26.81
C LEU B 630 40.68 35.43 25.90
N LEU B 631 40.16 36.52 26.46
CA LEU B 631 39.72 37.63 25.63
C LEU B 631 40.89 38.43 25.06
N ASP B 632 42.08 38.29 25.64
CA ASP B 632 43.28 38.79 24.98
C ASP B 632 43.61 37.98 23.74
N GLY B 633 43.30 36.69 23.73
CA GLY B 633 43.24 35.91 22.51
C GLY B 633 44.33 34.86 22.35
N GLU B 634 45.23 34.69 23.30
CA GLU B 634 46.38 33.81 23.07
C GLU B 634 46.06 32.34 23.31
N LEU B 635 45.03 32.02 24.09
CA LEU B 635 44.64 30.65 24.34
C LEU B 635 43.17 30.46 23.99
N ASP B 636 42.89 29.48 23.14
CA ASP B 636 41.53 29.22 22.69
C ASP B 636 40.82 28.31 23.72
N PHE B 637 39.66 27.77 23.32
CA PHE B 637 38.97 26.82 24.17
C PHE B 637 39.76 25.53 24.35
N ASP B 638 40.60 25.18 23.37
CA ASP B 638 41.29 23.90 23.39
C ASP B 638 42.32 23.83 24.51
N ASP B 639 42.86 24.98 24.92
CA ASP B 639 43.84 24.98 26.02
C ASP B 639 43.18 24.78 27.38
N PHE B 640 41.87 25.00 27.51
CA PHE B 640 41.22 24.83 28.80
C PHE B 640 41.14 23.36 29.19
N LEU B 641 40.86 22.48 28.22
CA LEU B 641 40.84 21.05 28.50
C LEU B 641 42.23 20.44 28.57
N LYS B 642 43.27 21.19 28.22
CA LYS B 642 44.63 20.72 28.41
C LYS B 642 45.09 20.93 29.85
N LEU B 643 44.71 22.06 30.46
CA LEU B 643 45.16 22.36 31.81
C LEU B 643 44.34 21.64 32.87
N GLY B 644 43.06 21.38 32.60
CA GLY B 644 42.23 20.68 33.56
C GLY B 644 41.09 21.51 34.09
N LEU B 645 40.52 22.38 33.24
CA LEU B 645 39.43 23.25 33.63
C LEU B 645 38.09 22.84 33.05
N VAL B 646 38.07 21.89 32.11
CA VAL B 646 36.83 21.46 31.46
C VAL B 646 37.03 20.04 30.95
N GLU B 647 35.98 19.22 31.09
CA GLU B 647 35.96 17.88 30.54
C GLU B 647 34.56 17.56 30.06
N TYR B 648 34.48 16.58 29.15
CA TYR B 648 33.21 16.21 28.53
C TYR B 648 32.48 15.20 29.40
N LEU B 649 31.16 15.31 29.42
CA LEU B 649 30.30 14.40 30.18
C LEU B 649 29.25 13.82 29.24
N ASP B 650 29.12 12.50 29.23
CA ASP B 650 28.09 11.84 28.45
C ASP B 650 26.84 11.64 29.31
N VAL B 651 25.90 10.83 28.82
CA VAL B 651 24.65 10.63 29.54
C VAL B 651 24.84 9.74 30.76
N ASN B 652 25.81 8.83 30.72
CA ASN B 652 26.05 7.97 31.87
C ASN B 652 26.73 8.72 33.00
N GLU B 653 27.73 9.53 32.68
CA GLU B 653 28.49 10.23 33.72
C GLU B 653 27.69 11.36 34.36
N GLU B 654 26.56 11.77 33.76
CA GLU B 654 25.62 12.63 34.47
C GLU B 654 25.03 11.98 35.69
N ASN B 655 24.98 10.65 35.74
CA ASN B 655 24.25 9.97 36.82
C ASN B 655 25.06 9.91 38.10
N ASP B 656 26.39 9.89 38.00
CA ASP B 656 27.24 9.97 39.17
C ASP B 656 27.50 11.40 39.62
N SER B 657 27.37 12.37 38.73
CA SER B 657 27.74 13.74 39.04
C SER B 657 26.55 14.52 39.61
N TYR B 658 26.86 15.73 40.08
CA TYR B 658 25.91 16.53 40.86
C TYR B 658 25.98 17.98 40.36
N ILE B 659 25.68 18.15 39.06
CA ILE B 659 26.09 19.35 38.35
C ILE B 659 25.33 20.57 38.84
N ALA B 660 25.98 21.73 38.75
CA ALA B 660 25.53 22.96 39.40
C ALA B 660 25.13 24.00 38.37
N LEU B 661 24.01 24.68 38.62
CA LEU B 661 23.52 25.71 37.73
C LEU B 661 24.43 26.95 37.71
N TYR B 662 24.50 27.65 38.84
CA TYR B 662 25.12 28.97 38.90
C TYR B 662 26.15 29.01 40.02
N GLU B 663 27.07 29.97 39.92
CA GLU B 663 28.12 30.10 40.92
C GLU B 663 27.59 30.59 42.26
N LYS B 664 26.40 31.20 42.28
CA LYS B 664 25.75 31.63 43.51
C LYS B 664 24.93 30.52 44.16
N ASP B 665 25.19 29.26 43.79
CA ASP B 665 24.48 28.10 44.33
C ASP B 665 25.45 26.96 44.61
N ILE B 666 26.71 27.28 44.87
CA ILE B 666 27.70 26.24 45.13
C ILE B 666 27.48 25.66 46.52
N VAL B 667 27.43 24.33 46.59
CA VAL B 667 27.44 23.57 47.83
C VAL B 667 28.84 23.03 48.02
N PRO B 668 29.33 22.82 49.24
CA PRO B 668 30.65 22.18 49.40
C PRO B 668 30.68 20.74 48.93
N SER B 669 29.53 20.13 48.64
CA SER B 669 29.45 18.85 47.94
C SER B 669 28.68 19.10 46.66
N MET B 670 29.38 19.61 45.64
CA MET B 670 28.74 20.07 44.41
C MET B 670 29.78 20.24 43.32
N THR B 671 29.70 19.45 42.24
CA THR B 671 30.65 19.53 41.15
C THR B 671 30.00 20.09 39.89
N HIS B 672 30.83 20.34 38.88
CA HIS B 672 30.43 20.41 37.47
C HIS B 672 29.42 21.54 37.24
N LEU B 673 29.92 22.77 37.36
CA LEU B 673 29.06 23.93 37.16
C LEU B 673 28.65 24.02 35.70
N GLU B 674 27.46 24.57 35.46
CA GLU B 674 26.93 24.66 34.10
C GLU B 674 27.67 25.73 33.30
N ILE B 675 28.12 25.37 32.10
CA ILE B 675 28.95 26.28 31.33
C ILE B 675 28.12 27.47 30.84
N GLU B 676 26.87 27.22 30.45
CA GLU B 676 25.91 28.26 30.10
C GLU B 676 24.53 27.63 30.05
N PRO B 677 23.53 28.19 30.75
CA PRO B 677 22.26 27.46 30.91
C PRO B 677 21.35 27.46 29.68
N PHE B 678 21.47 28.43 28.77
CA PHE B 678 20.58 28.47 27.62
C PHE B 678 21.09 27.65 26.45
N THR B 679 22.01 26.71 26.68
CA THR B 679 22.55 25.87 25.62
C THR B 679 21.73 24.59 25.41
N ILE B 680 20.45 24.61 25.75
CA ILE B 680 19.59 23.44 25.61
C ILE B 680 18.73 23.50 24.35
N LEU B 681 18.82 24.59 23.60
CA LEU B 681 18.03 24.81 22.40
C LEU B 681 18.94 24.83 21.18
N GLY B 682 18.55 24.12 20.13
CA GLY B 682 19.37 24.02 18.94
C GLY B 682 19.40 25.31 18.14
N ALA B 683 20.16 25.27 17.05
CA ALA B 683 20.43 26.48 16.27
C ALA B 683 19.22 26.94 15.46
N VAL B 684 18.15 26.15 15.39
CA VAL B 684 16.96 26.55 14.65
C VAL B 684 15.80 26.93 15.57
N ALA B 685 15.89 26.63 16.87
CA ALA B 685 14.93 27.14 17.84
C ALA B 685 15.40 28.38 18.56
N GLY B 686 16.67 28.78 18.37
CA GLY B 686 17.28 29.85 19.14
C GLY B 686 16.77 31.24 18.83
N LEU B 687 16.06 31.41 17.71
CA LEU B 687 15.56 32.74 17.34
C LEU B 687 14.28 33.12 18.05
N ILE B 688 13.75 32.28 18.92
CA ILE B 688 12.57 32.67 19.71
C ILE B 688 13.01 33.63 20.81
N PRO B 689 12.39 34.81 20.93
CA PRO B 689 12.76 35.72 22.02
C PRO B 689 12.00 35.45 23.31
N TYR B 690 12.75 35.42 24.42
CA TYR B 690 12.24 35.04 25.74
C TYR B 690 11.43 33.75 25.71
N PRO B 691 12.04 32.60 25.42
CA PRO B 691 11.25 31.36 25.38
C PRO B 691 10.94 30.77 26.75
N HIS B 692 11.50 31.34 27.82
CA HIS B 692 11.24 30.87 29.17
C HIS B 692 10.00 31.51 29.80
N HIS B 693 9.28 32.35 29.06
CA HIS B 693 8.02 32.90 29.55
C HIS B 693 6.79 32.27 28.91
N ASN B 694 6.85 31.87 27.65
CA ASN B 694 5.67 31.43 26.93
C ASN B 694 5.34 29.98 27.31
N GLN B 695 4.23 29.47 26.77
CA GLN B 695 3.84 28.10 27.02
C GLN B 695 4.72 27.16 26.20
N SER B 696 4.93 25.95 26.74
CA SER B 696 5.89 25.00 26.17
C SER B 696 5.52 24.39 24.82
N PRO B 697 4.24 24.16 24.50
CA PRO B 697 3.93 23.72 23.12
C PRO B 697 4.06 24.80 22.06
N ARG B 698 3.94 26.07 22.44
CA ARG B 698 3.99 27.15 21.45
C ARG B 698 5.42 27.58 21.11
N ASN B 699 6.42 26.76 21.42
CA ASN B 699 7.73 26.83 20.78
C ASN B 699 7.93 25.77 19.70
N THR B 700 7.36 24.58 19.87
CA THR B 700 7.47 23.55 18.85
C THR B 700 6.71 23.91 17.58
N TYR B 701 5.57 24.60 17.71
CA TYR B 701 4.82 25.01 16.54
C TYR B 701 5.53 26.08 15.71
N GLN B 702 6.56 26.74 16.25
CA GLN B 702 7.34 27.67 15.46
C GLN B 702 8.56 27.03 14.81
N CYS B 703 9.11 25.98 15.42
CA CYS B 703 10.24 25.26 14.82
C CYS B 703 9.85 24.58 13.50
N ALA B 704 8.60 24.13 13.39
CA ALA B 704 8.13 23.61 12.11
C ALA B 704 7.91 24.69 11.06
N MET B 705 7.75 25.96 11.48
CA MET B 705 7.42 27.02 10.56
C MET B 705 8.48 28.09 10.40
N GLY B 706 9.48 28.14 11.29
CA GLY B 706 10.66 28.93 11.02
C GLY B 706 11.42 28.44 9.81
N LYS B 707 11.42 27.12 9.59
CA LYS B 707 12.10 26.49 8.48
C LYS B 707 11.35 26.63 7.15
N GLN B 708 10.19 27.28 7.15
CA GLN B 708 9.46 27.58 5.93
C GLN B 708 9.20 29.09 5.77
N ALA B 709 10.13 29.91 6.26
CA ALA B 709 9.98 31.36 6.23
C ALA B 709 10.67 31.90 4.99
N ILE B 710 9.93 32.70 4.21
CA ILE B 710 10.55 33.45 3.12
C ILE B 710 11.51 34.48 3.69
N GLY B 711 12.69 34.57 3.06
CA GLY B 711 13.69 35.57 3.37
C GLY B 711 14.80 35.55 2.33
N ALA B 712 16.05 35.58 2.78
CA ALA B 712 17.20 35.50 1.90
C ALA B 712 17.84 34.13 2.03
N ILE B 713 18.74 33.83 1.09
CA ILE B 713 19.31 32.49 1.00
C ILE B 713 20.83 32.57 1.16
N ALA B 714 21.48 33.34 0.30
CA ALA B 714 22.93 33.46 0.32
C ALA B 714 23.31 34.76 -0.37
N TYR B 715 24.62 35.07 -0.35
CA TYR B 715 25.09 36.25 -1.04
C TYR B 715 25.04 36.09 -2.56
N ASN B 716 25.14 34.86 -3.06
CA ASN B 716 25.09 34.60 -4.49
C ASN B 716 23.71 34.16 -4.96
N GLN B 717 22.65 34.64 -4.32
CA GLN B 717 21.34 34.03 -4.51
C GLN B 717 20.68 34.44 -5.83
N PHE B 718 21.14 35.53 -6.45
CA PHE B 718 20.69 35.86 -7.80
C PHE B 718 21.49 35.15 -8.89
N LYS B 719 22.46 34.32 -8.52
CA LYS B 719 23.27 33.60 -9.49
C LYS B 719 22.83 32.16 -9.72
N ARG B 720 22.32 31.49 -8.69
CA ARG B 720 22.07 30.06 -8.77
C ARG B 720 20.81 29.77 -9.60
N ILE B 721 20.79 28.59 -10.20
CA ILE B 721 19.69 28.12 -11.03
C ILE B 721 19.16 26.85 -10.37
N ASP B 722 18.23 27.00 -9.43
CA ASP B 722 17.65 25.87 -8.75
C ASP B 722 16.13 25.84 -8.98
N THR B 723 15.50 24.81 -8.42
CA THR B 723 14.17 24.39 -8.88
C THR B 723 13.11 25.44 -8.56
N LEU B 724 12.94 25.76 -7.27
CA LEU B 724 11.91 26.72 -6.86
C LEU B 724 12.37 27.45 -5.61
N LEU B 725 12.75 28.71 -5.76
CA LEU B 725 13.18 29.55 -4.67
C LEU B 725 12.23 30.73 -4.53
N TYR B 726 11.92 31.08 -3.28
CA TYR B 726 11.23 32.33 -2.97
C TYR B 726 12.24 33.36 -2.46
N LEU B 727 12.16 34.57 -3.01
CA LEU B 727 13.04 35.66 -2.62
C LEU B 727 12.20 36.86 -2.18
N MET B 728 12.77 37.69 -1.32
CA MET B 728 12.01 38.74 -0.66
C MET B 728 12.73 40.06 -0.82
N THR B 729 11.95 41.12 -1.08
CA THR B 729 12.52 42.36 -1.60
C THR B 729 13.25 43.14 -0.51
N TYR B 730 12.53 43.57 0.53
CA TYR B 730 13.05 44.44 1.58
C TYR B 730 13.03 43.71 2.91
N PRO B 731 14.08 42.98 3.27
CA PRO B 731 14.10 42.30 4.56
C PRO B 731 14.50 43.26 5.68
N GLN B 732 14.32 42.79 6.92
CA GLN B 732 14.72 43.52 8.10
C GLN B 732 15.32 42.55 9.11
N GLN B 733 16.39 42.97 9.78
CA GLN B 733 16.86 42.23 10.94
C GLN B 733 15.89 42.41 12.11
N PRO B 734 15.66 41.37 12.90
CA PRO B 734 14.67 41.46 13.98
C PRO B 734 15.11 42.40 15.08
N MET B 735 14.14 42.88 15.85
CA MET B 735 14.39 43.98 16.77
C MET B 735 15.04 43.49 18.05
N VAL B 736 14.48 42.46 18.67
CA VAL B 736 15.04 41.85 19.86
C VAL B 736 15.82 40.62 19.40
N LYS B 737 17.13 40.66 19.59
CA LYS B 737 17.99 39.57 19.16
C LYS B 737 18.12 38.51 20.27
N THR B 738 18.96 37.52 20.00
CA THR B 738 19.27 36.46 20.94
C THR B 738 20.75 36.15 20.81
N LYS B 739 21.33 35.59 21.87
CA LYS B 739 22.73 35.20 21.79
C LYS B 739 22.93 34.00 20.88
N THR B 740 21.86 33.27 20.54
CA THR B 740 21.97 32.19 19.57
C THR B 740 22.18 32.71 18.16
N ILE B 741 21.43 33.74 17.76
CA ILE B 741 21.38 34.13 16.36
C ILE B 741 22.60 34.93 15.92
N GLU B 742 23.39 35.44 16.87
CA GLU B 742 24.66 36.08 16.55
C GLU B 742 25.81 35.09 16.44
N LEU B 743 25.55 33.80 16.70
CA LEU B 743 26.55 32.76 16.48
C LEU B 743 26.51 32.23 15.06
N ILE B 744 25.33 32.20 14.44
CA ILE B 744 25.12 31.65 13.11
C ILE B 744 24.80 32.74 12.10
N ASP B 745 24.93 34.01 12.50
CA ASP B 745 24.82 35.15 11.59
C ASP B 745 23.45 35.21 10.94
N TYR B 746 22.42 34.91 11.73
CA TYR B 746 21.04 35.02 11.25
C TYR B 746 20.66 36.46 10.95
N ASP B 747 21.24 37.41 11.68
CA ASP B 747 20.93 38.83 11.47
C ASP B 747 21.47 39.34 10.15
N LYS B 748 22.55 38.73 9.64
CA LYS B 748 23.21 39.28 8.47
C LYS B 748 22.47 38.98 7.17
N LEU B 749 21.54 38.02 7.18
CA LEU B 749 20.64 37.78 6.06
C LEU B 749 19.32 37.23 6.59
N PRO B 750 18.52 38.08 7.25
CA PRO B 750 17.37 37.56 8.00
C PRO B 750 16.15 37.32 7.13
N ALA B 751 15.01 37.04 7.77
CA ALA B 751 13.76 36.79 7.08
C ALA B 751 12.65 37.51 7.82
N GLY B 752 11.93 38.41 7.15
CA GLY B 752 10.79 39.04 7.75
C GLY B 752 11.06 40.47 8.19
N GLN B 753 10.00 41.24 8.31
CA GLN B 753 10.07 42.63 8.73
C GLN B 753 9.55 42.76 10.15
N ASN B 754 9.63 43.98 10.69
CA ASN B 754 9.13 44.26 12.04
C ASN B 754 8.19 45.46 11.95
N ALA B 755 6.90 45.19 11.74
CA ALA B 755 5.92 46.22 11.51
C ALA B 755 5.25 46.62 12.82
N THR B 756 4.37 47.62 12.74
CA THR B 756 3.75 48.19 13.92
C THR B 756 2.46 47.42 14.19
N VAL B 757 2.35 46.87 15.40
CA VAL B 757 1.20 46.04 15.78
C VAL B 757 0.47 46.70 16.94
N ALA B 758 -0.83 46.88 16.78
CA ALA B 758 -1.72 47.42 17.81
C ALA B 758 -2.82 46.39 18.04
N VAL B 759 -2.68 45.59 19.09
CA VAL B 759 -3.56 44.43 19.28
C VAL B 759 -4.92 44.91 19.77
N MET B 760 -5.94 44.71 18.96
CA MET B 760 -7.32 45.07 19.25
C MET B 760 -8.23 44.37 18.25
N SER B 761 -9.48 44.22 18.61
CA SER B 761 -10.46 43.74 17.64
C SER B 761 -10.90 44.89 16.74
N TYR B 762 -11.26 44.56 15.51
CA TYR B 762 -11.58 45.58 14.51
C TYR B 762 -12.47 44.98 13.45
N SER B 763 -13.65 45.56 13.24
CA SER B 763 -14.51 45.33 12.09
C SER B 763 -14.97 43.88 11.95
N GLY B 764 -14.76 43.05 12.97
CA GLY B 764 -15.27 41.69 12.94
C GLY B 764 -14.50 40.71 12.09
N TYR B 765 -13.56 41.17 11.27
CA TYR B 765 -12.83 40.30 10.36
C TYR B 765 -11.71 39.53 11.06
N ASP B 766 -11.48 39.76 12.35
CA ASP B 766 -10.51 39.01 13.14
C ASP B 766 -11.24 38.38 14.32
N ILE B 767 -11.70 37.15 14.14
CA ILE B 767 -12.47 36.45 15.17
C ILE B 767 -11.55 35.51 15.94
N GLU B 768 -10.93 34.56 15.25
CA GLU B 768 -9.77 33.85 15.76
C GLU B 768 -8.59 34.06 14.82
N ASP B 769 -7.46 34.48 15.40
CA ASP B 769 -6.13 34.58 14.80
C ASP B 769 -6.14 34.99 13.33
N ALA B 770 -7.03 35.90 12.96
CA ALA B 770 -6.92 36.66 11.73
C ALA B 770 -6.27 38.01 12.02
N LEU B 771 -5.93 38.73 10.96
CA LEU B 771 -5.10 39.92 11.13
C LEU B 771 -5.26 40.84 9.92
N VAL B 772 -5.39 42.13 10.19
CA VAL B 772 -5.84 43.12 9.23
C VAL B 772 -4.70 44.09 8.99
N LEU B 773 -4.33 44.30 7.73
CA LEU B 773 -3.25 45.22 7.42
C LEU B 773 -3.63 46.12 6.26
N ASN B 774 -3.04 47.31 6.25
CA ASN B 774 -3.55 48.42 5.45
C ASN B 774 -3.27 48.20 3.97
N LYS B 775 -3.95 49.00 3.15
CA LYS B 775 -3.67 49.07 1.72
C LYS B 775 -2.44 49.91 1.41
N SER B 776 -2.04 50.78 2.35
CA SER B 776 -0.96 51.73 2.08
C SER B 776 0.42 51.11 2.29
N SER B 777 0.65 50.45 3.42
CA SER B 777 2.03 50.08 3.77
C SER B 777 2.55 48.96 2.88
N ILE B 778 1.67 48.07 2.42
CA ILE B 778 2.09 47.09 1.42
C ILE B 778 2.34 47.77 0.08
N ASP B 779 1.67 48.88 -0.19
CA ASP B 779 1.99 49.68 -1.37
C ASP B 779 3.33 50.38 -1.23
N ARG B 780 3.75 50.71 -0.01
CA ARG B 780 5.09 51.24 0.19
C ARG B 780 6.18 50.19 0.14
N GLY B 781 5.82 48.91 0.07
CA GLY B 781 6.82 47.86 -0.01
C GLY B 781 6.90 46.96 1.20
N PHE B 782 5.77 46.66 1.84
CA PHE B 782 5.74 45.78 2.99
C PHE B 782 5.57 44.34 2.51
N GLY B 783 6.67 43.61 2.43
CA GLY B 783 6.63 42.18 2.17
C GLY B 783 6.30 41.84 0.74
N ARG B 784 7.01 42.44 -0.22
CA ARG B 784 6.88 42.06 -1.62
C ARG B 784 7.76 40.85 -1.87
N CYS B 785 7.16 39.67 -1.92
CA CYS B 785 7.92 38.46 -2.18
C CYS B 785 8.15 38.29 -3.68
N GLU B 786 9.01 37.33 -4.02
CA GLU B 786 9.46 37.13 -5.40
C GLU B 786 9.73 35.65 -5.61
N THR B 787 9.20 35.10 -6.69
CA THR B 787 9.22 33.66 -6.92
C THR B 787 10.09 33.35 -8.12
N ARG B 788 10.96 32.36 -7.99
CA ARG B 788 11.87 31.95 -9.04
C ARG B 788 11.70 30.47 -9.31
N ARG B 789 11.67 30.09 -10.59
CA ARG B 789 11.38 28.73 -10.98
C ARG B 789 12.35 28.31 -12.06
N LYS B 790 12.83 27.06 -11.96
CA LYS B 790 13.64 26.47 -13.01
C LYS B 790 12.78 25.67 -13.98
N THR B 791 13.19 25.67 -15.25
CA THR B 791 12.76 24.67 -16.20
C THR B 791 13.95 24.33 -17.09
N THR B 792 14.01 23.08 -17.53
CA THR B 792 15.18 22.60 -18.24
C THR B 792 14.77 21.59 -19.31
N THR B 793 15.56 21.54 -20.37
CA THR B 793 15.44 20.50 -21.40
C THR B 793 16.83 20.03 -21.76
N VAL B 794 16.89 18.89 -22.45
CA VAL B 794 18.14 18.30 -22.90
C VAL B 794 18.01 17.97 -24.38
N LEU B 795 18.94 18.46 -25.19
CA LEU B 795 18.97 18.13 -26.61
C LEU B 795 19.67 16.79 -26.79
N LYS B 796 18.91 15.79 -27.23
CA LYS B 796 19.36 14.41 -27.24
C LYS B 796 19.79 14.00 -28.65
N ARG B 797 20.84 13.20 -28.74
CA ARG B 797 21.32 12.68 -30.01
C ARG B 797 20.93 11.22 -30.12
N TYR B 798 20.22 10.87 -31.19
CA TYR B 798 19.62 9.56 -31.35
C TYR B 798 20.64 8.59 -31.97
N ALA B 799 20.14 7.44 -32.43
CA ALA B 799 21.02 6.40 -32.97
C ALA B 799 21.46 6.73 -34.39
N ASN B 800 20.54 7.20 -35.23
CA ASN B 800 20.83 7.43 -36.64
C ASN B 800 21.48 8.80 -36.89
N HIS B 801 22.09 9.40 -35.87
CA HIS B 801 22.84 10.64 -35.99
C HIS B 801 21.95 11.80 -36.44
N THR B 802 20.85 12.01 -35.71
CA THR B 802 19.97 13.15 -35.93
C THR B 802 19.93 13.97 -34.65
N GLN B 803 20.06 15.29 -34.79
CA GLN B 803 20.14 16.18 -33.65
C GLN B 803 18.75 16.69 -33.26
N ASP B 804 18.71 17.66 -32.35
CA ASP B 804 17.52 18.43 -32.03
C ASP B 804 17.82 19.90 -32.31
N ILE B 805 16.85 20.61 -32.86
CA ILE B 805 17.09 21.92 -33.45
C ILE B 805 16.18 22.94 -32.78
N ILE B 806 16.61 24.20 -32.82
CA ILE B 806 15.96 25.28 -32.11
C ILE B 806 15.45 26.32 -33.12
N GLY B 807 15.06 25.86 -34.31
CA GLY B 807 14.49 26.78 -35.27
C GLY B 807 13.12 27.28 -34.84
N GLY B 808 12.76 28.43 -35.37
CA GLY B 808 11.52 29.05 -34.93
C GLY B 808 11.11 30.21 -35.82
N MET B 809 10.13 30.95 -35.32
CA MET B 809 9.63 32.19 -35.91
C MET B 809 9.08 31.98 -37.32
N ARG B 810 7.94 31.28 -37.36
CA ARG B 810 7.12 31.26 -38.54
C ARG B 810 6.37 32.60 -38.68
N VAL B 811 6.00 32.93 -39.91
CA VAL B 811 5.49 34.27 -40.21
C VAL B 811 4.06 34.15 -40.69
N ASP B 812 3.36 35.28 -40.72
CA ASP B 812 2.09 35.39 -41.44
C ASP B 812 1.77 36.84 -41.72
N GLU B 813 1.48 37.15 -42.98
CA GLU B 813 0.89 38.43 -43.40
C GLU B 813 1.78 39.61 -42.98
N ASN B 814 2.96 39.64 -43.60
CA ASN B 814 4.04 40.62 -43.46
C ASN B 814 4.65 40.65 -42.06
N GLY B 815 4.18 39.79 -41.16
CA GLY B 815 4.63 39.86 -39.79
C GLY B 815 5.04 38.51 -39.23
N ASP B 816 6.27 38.44 -38.71
CA ASP B 816 6.71 37.24 -38.01
C ASP B 816 5.95 37.00 -36.71
N PRO B 817 5.82 37.97 -35.78
CA PRO B 817 5.27 37.63 -34.45
C PRO B 817 3.78 37.32 -34.47
N ILE B 818 3.46 36.02 -34.32
CA ILE B 818 2.09 35.59 -34.05
C ILE B 818 1.84 35.83 -32.57
N TRP B 819 0.59 35.71 -32.12
CA TRP B 819 0.28 35.92 -30.71
C TRP B 819 1.02 34.93 -29.82
N GLN B 820 1.35 33.75 -30.34
CA GLN B 820 2.15 32.78 -29.61
C GLN B 820 3.66 33.00 -29.75
N HIS B 821 4.10 34.00 -30.54
CA HIS B 821 5.52 34.13 -30.87
C HIS B 821 6.09 35.52 -30.61
N GLN B 822 5.56 36.25 -29.62
CA GLN B 822 6.16 37.54 -29.30
C GLN B 822 7.45 37.42 -28.49
N SER B 823 7.80 36.24 -28.00
CA SER B 823 8.99 36.10 -27.16
C SER B 823 9.75 34.82 -27.50
N LEU B 824 10.06 34.62 -28.79
CA LEU B 824 10.89 33.50 -29.20
C LEU B 824 12.35 33.87 -29.40
N GLY B 825 12.65 35.11 -29.81
CA GLY B 825 14.00 35.51 -30.09
C GLY B 825 14.47 35.01 -31.45
N PRO B 826 15.64 35.46 -31.89
CA PRO B 826 16.13 35.04 -33.22
C PRO B 826 16.71 33.63 -33.17
N ASP B 827 17.17 33.22 -32.00
CA ASP B 827 17.90 31.98 -31.81
C ASP B 827 17.00 30.81 -31.44
N GLY B 828 15.70 31.06 -31.23
CA GLY B 828 14.79 30.08 -30.71
C GLY B 828 14.66 30.12 -29.20
N LEU B 829 15.73 30.46 -28.50
CA LEU B 829 15.68 30.69 -27.06
C LEU B 829 14.93 32.00 -26.80
N GLY B 830 13.83 31.92 -26.05
CA GLY B 830 13.01 33.09 -25.82
C GLY B 830 13.72 34.19 -25.04
N GLU B 831 13.70 35.39 -25.60
CA GLU B 831 14.65 36.41 -25.20
C GLU B 831 14.34 36.97 -23.81
N VAL B 832 15.40 37.35 -23.11
CA VAL B 832 15.32 37.68 -21.69
C VAL B 832 14.89 39.13 -21.53
N GLY B 833 13.89 39.36 -20.67
CA GLY B 833 13.55 40.72 -20.29
C GLY B 833 12.08 41.10 -20.40
N MET B 834 11.30 40.36 -21.17
CA MET B 834 9.91 40.68 -21.40
C MET B 834 9.01 39.64 -20.76
N LYS B 835 7.73 40.01 -20.61
CA LYS B 835 6.77 39.18 -19.90
C LYS B 835 6.24 38.06 -20.78
N VAL B 836 5.63 37.07 -20.13
CA VAL B 836 4.96 35.97 -20.80
C VAL B 836 3.56 35.84 -20.23
N GLN B 837 2.70 35.14 -20.99
CA GLN B 837 1.35 34.83 -20.56
C GLN B 837 1.07 33.35 -20.74
N SER B 838 -0.19 32.93 -20.59
CA SER B 838 -0.56 31.58 -20.98
C SER B 838 -0.43 31.44 -22.49
N GLY B 839 0.00 30.26 -22.94
CA GLY B 839 0.51 30.15 -24.29
C GLY B 839 1.90 30.76 -24.37
N GLN B 840 2.26 31.21 -25.58
CA GLN B 840 3.50 31.95 -25.81
C GLN B 840 4.72 31.15 -25.36
N ILE B 841 5.01 30.10 -26.15
CA ILE B 841 6.15 29.25 -25.85
C ILE B 841 7.44 30.08 -25.87
N TYR B 842 8.45 29.58 -25.14
CA TYR B 842 9.69 30.32 -24.96
C TYR B 842 10.95 29.49 -25.17
N ILE B 843 10.85 28.18 -25.35
CA ILE B 843 11.92 27.38 -25.92
C ILE B 843 11.31 26.50 -27.00
N ASN B 844 11.67 26.77 -28.26
CA ASN B 844 11.14 26.04 -29.40
C ASN B 844 11.99 24.80 -29.64
N LYS B 845 11.38 23.62 -29.57
CA LYS B 845 12.09 22.36 -29.59
C LYS B 845 11.47 21.46 -30.66
N SER B 846 12.33 20.84 -31.47
CA SER B 846 11.88 19.95 -32.53
C SER B 846 12.68 18.65 -32.49
N VAL B 847 11.97 17.54 -32.65
CA VAL B 847 12.55 16.21 -32.55
C VAL B 847 12.31 15.48 -33.86
N PRO B 848 13.26 14.67 -34.34
CA PRO B 848 13.01 13.93 -35.58
C PRO B 848 11.93 12.86 -35.39
N THR B 849 11.37 12.43 -36.53
CA THR B 849 10.31 11.43 -36.51
C THR B 849 10.82 10.00 -36.61
N ASN B 850 12.03 9.79 -37.13
CA ASN B 850 12.60 8.45 -37.23
C ASN B 850 13.53 8.16 -36.05
N SER B 851 12.95 8.20 -34.85
CA SER B 851 13.73 8.05 -33.63
C SER B 851 14.15 6.60 -33.36
N ALA B 852 13.47 5.61 -33.96
CA ALA B 852 13.74 4.22 -33.68
C ALA B 852 13.93 3.38 -34.93
N ASP B 853 14.23 4.01 -36.07
CA ASP B 853 14.43 3.28 -37.31
C ASP B 853 15.88 2.82 -37.44
N ALA B 854 16.10 1.81 -38.27
CA ALA B 854 17.45 1.34 -38.52
C ALA B 854 18.20 2.34 -39.38
N PRO B 855 19.49 2.58 -39.10
CA PRO B 855 20.27 3.49 -39.94
C PRO B 855 20.54 2.91 -41.32
N ASN B 856 19.88 3.45 -42.34
CA ASN B 856 20.16 3.06 -43.71
C ASN B 856 21.43 3.78 -44.19
N PRO B 857 22.52 3.06 -44.49
CA PRO B 857 23.77 3.74 -44.81
C PRO B 857 23.74 4.44 -46.16
N ASN B 858 22.97 5.53 -46.25
CA ASN B 858 22.94 6.37 -47.44
C ASN B 858 22.57 7.78 -47.02
N ASN B 859 22.41 8.65 -48.01
CA ASN B 859 21.99 10.04 -47.77
C ASN B 859 20.92 10.36 -48.81
N VAL B 860 19.66 10.08 -48.48
CA VAL B 860 18.60 10.12 -49.47
C VAL B 860 17.52 11.12 -49.07
N ASN B 861 16.86 10.90 -47.93
CA ASN B 861 15.74 11.73 -47.48
C ASN B 861 15.97 12.09 -46.00
N VAL B 862 16.78 13.12 -45.77
CA VAL B 862 16.80 13.83 -44.49
C VAL B 862 16.80 15.32 -44.82
N GLN B 863 15.60 15.88 -44.98
CA GLN B 863 15.48 17.32 -45.20
C GLN B 863 14.38 17.96 -44.36
N THR B 864 13.28 17.22 -44.12
CA THR B 864 12.14 17.76 -43.39
C THR B 864 11.47 16.64 -42.59
N GLN B 865 11.89 16.50 -41.33
CA GLN B 865 11.43 15.38 -40.51
C GLN B 865 11.13 15.80 -39.09
N TYR B 866 11.12 17.09 -38.79
CA TYR B 866 11.02 17.59 -37.42
C TYR B 866 9.55 17.88 -37.10
N ARG B 867 8.96 17.09 -36.22
CA ARG B 867 7.67 17.42 -35.66
C ARG B 867 7.86 18.33 -34.45
N GLU B 868 6.95 19.28 -34.27
CA GLU B 868 7.13 20.28 -33.24
C GLU B 868 6.73 19.74 -31.88
N ALA B 869 7.45 20.18 -30.85
CA ALA B 869 7.10 19.95 -29.46
C ALA B 869 7.71 21.04 -28.58
N PRO B 870 7.11 22.21 -28.51
CA PRO B 870 7.63 23.28 -27.66
C PRO B 870 7.24 23.05 -26.20
N VAL B 871 7.65 23.99 -25.35
CA VAL B 871 7.29 23.99 -23.94
C VAL B 871 6.47 25.24 -23.65
N ILE B 872 5.24 25.03 -23.16
CA ILE B 872 4.29 26.11 -22.94
C ILE B 872 4.40 26.56 -21.49
N TYR B 873 4.21 27.86 -21.28
CA TYR B 873 4.07 28.41 -19.92
C TYR B 873 2.59 28.41 -19.54
N ARG B 874 2.23 27.54 -18.61
CA ARG B 874 0.92 27.60 -17.97
C ARG B 874 0.97 28.61 -16.82
N GLY B 875 -0.08 28.61 -15.99
CA GLY B 875 -0.10 29.45 -14.81
C GLY B 875 -1.21 30.48 -14.86
N PRO B 876 -1.67 30.90 -13.68
CA PRO B 876 -2.80 31.85 -13.61
C PRO B 876 -2.41 33.31 -13.64
N GLU B 877 -1.13 33.65 -13.80
CA GLU B 877 -0.68 35.02 -13.64
C GLU B 877 0.54 35.25 -14.53
N PRO B 878 0.60 36.39 -15.23
CA PRO B 878 1.73 36.63 -16.15
C PRO B 878 3.03 36.87 -15.38
N SER B 879 4.09 36.20 -15.83
CA SER B 879 5.40 36.27 -15.19
C SER B 879 6.44 36.75 -16.19
N HIS B 880 7.64 36.96 -15.69
CA HIS B 880 8.80 37.28 -16.50
C HIS B 880 9.78 36.11 -16.49
N ILE B 881 10.75 36.16 -17.38
CA ILE B 881 11.85 35.20 -17.41
C ILE B 881 13.12 35.95 -17.03
N ASP B 882 13.89 35.39 -16.09
CA ASP B 882 14.90 36.21 -15.43
C ASP B 882 16.24 36.17 -16.17
N GLN B 883 16.72 34.98 -16.49
CA GLN B 883 17.94 34.83 -17.29
C GLN B 883 17.96 33.44 -17.90
N VAL B 884 18.59 33.33 -19.07
CA VAL B 884 18.65 32.07 -19.81
C VAL B 884 20.10 31.77 -20.13
N MET B 885 20.54 30.56 -19.78
CA MET B 885 21.88 30.09 -20.08
C MET B 885 21.82 28.77 -20.83
N MET B 886 22.87 28.49 -21.60
CA MET B 886 23.05 27.18 -22.20
C MET B 886 24.50 26.75 -22.05
N SER B 887 24.70 25.45 -21.84
CA SER B 887 26.02 24.88 -21.65
C SER B 887 25.96 23.40 -22.01
N VAL B 888 26.99 22.65 -21.63
CA VAL B 888 27.08 21.24 -21.99
C VAL B 888 27.27 20.41 -20.72
N SER B 889 26.76 19.18 -20.76
CA SER B 889 26.75 18.29 -19.62
C SER B 889 28.05 17.48 -19.60
N ASP B 890 28.07 16.39 -18.84
CA ASP B 890 29.27 15.55 -18.68
C ASP B 890 29.66 14.94 -20.01
N ASN B 891 28.83 14.05 -20.55
CA ASN B 891 28.94 13.68 -21.95
C ASN B 891 28.20 14.71 -22.80
N ASP B 892 28.71 14.92 -24.01
CA ASP B 892 28.46 16.18 -24.72
C ASP B 892 27.06 16.19 -25.32
N GLN B 893 26.13 16.80 -24.58
CA GLN B 893 24.78 17.09 -25.03
C GLN B 893 24.48 18.54 -24.66
N ALA B 894 23.81 19.26 -25.56
CA ALA B 894 23.52 20.65 -25.26
C ALA B 894 22.44 20.76 -24.18
N LEU B 895 22.65 21.67 -23.24
CA LEU B 895 21.71 21.94 -22.16
C LEU B 895 20.99 23.26 -22.39
N ILE B 896 19.73 23.31 -21.94
CA ILE B 896 18.94 24.55 -21.98
C ILE B 896 18.32 24.72 -20.61
N LYS B 897 18.65 25.81 -19.93
CA LYS B 897 18.11 26.11 -18.60
C LYS B 897 17.74 27.58 -18.53
N VAL B 898 16.44 27.87 -18.56
CA VAL B 898 15.94 29.23 -18.44
C VAL B 898 15.18 29.35 -17.12
N LEU B 899 15.31 30.49 -16.46
CA LEU B 899 14.81 30.69 -15.11
C LEU B 899 13.68 31.73 -15.15
N LEU B 900 12.51 31.34 -14.65
CA LEU B 900 11.35 32.21 -14.67
C LEU B 900 11.29 33.01 -13.37
N ARG B 901 10.48 34.07 -13.39
CA ARG B 901 10.48 35.02 -12.29
C ARG B 901 9.15 35.75 -12.26
N GLN B 902 8.59 35.91 -11.06
CA GLN B 902 7.39 36.71 -10.87
C GLN B 902 7.35 37.21 -9.43
N ASN B 903 6.79 38.40 -9.25
CA ASN B 903 6.55 38.94 -7.92
C ASN B 903 5.07 39.27 -7.77
N ARG B 904 4.66 39.55 -6.54
CA ARG B 904 3.24 39.67 -6.23
C ARG B 904 3.08 40.53 -4.98
N ARG B 905 1.90 41.13 -4.87
CA ARG B 905 1.66 41.91 -3.67
C ARG B 905 0.90 41.07 -2.65
N PRO B 906 1.16 41.26 -1.35
CA PRO B 906 0.50 40.40 -0.34
C PRO B 906 -0.97 40.75 -0.12
N GLU B 907 -1.82 40.24 -1.01
CA GLU B 907 -3.26 40.36 -0.86
C GLU B 907 -3.78 39.31 0.12
N LEU B 908 -5.09 39.30 0.33
CA LEU B 908 -5.67 38.54 1.43
C LEU B 908 -5.66 37.05 1.12
N GLY B 909 -5.65 36.24 2.18
CA GLY B 909 -5.51 34.81 2.07
C GLY B 909 -4.18 34.26 2.52
N ASP B 910 -3.12 35.07 2.48
CA ASP B 910 -1.78 34.57 2.70
C ASP B 910 -1.54 34.34 4.19
N LYS B 911 -0.48 33.59 4.50
CA LYS B 911 -0.25 33.07 5.84
C LYS B 911 0.88 33.86 6.48
N PHE B 912 0.52 34.75 7.41
CA PHE B 912 1.49 35.49 8.21
C PHE B 912 1.70 34.80 9.55
N SER B 913 2.84 35.10 10.17
CA SER B 913 3.25 34.44 11.39
C SER B 913 3.76 35.48 12.37
N SER B 914 4.15 35.03 13.57
CA SER B 914 4.51 35.94 14.64
C SER B 914 5.75 35.50 15.40
N ARG B 915 6.44 34.46 14.95
CA ARG B 915 7.67 33.91 15.51
C ARG B 915 7.45 33.30 16.90
N HIS B 916 6.24 33.31 17.44
CA HIS B 916 5.90 32.52 18.62
C HIS B 916 4.79 31.51 18.36
N GLY B 917 4.40 31.29 17.10
CA GLY B 917 3.40 30.28 16.83
C GLY B 917 1.98 30.80 16.89
N GLN B 918 1.73 31.94 16.25
CA GLN B 918 0.36 32.44 16.04
C GLN B 918 0.15 32.64 14.55
N LYS B 919 -0.37 31.62 13.88
CA LYS B 919 -0.65 31.68 12.46
C LYS B 919 -1.79 32.67 12.18
N GLY B 920 -1.87 33.11 10.92
CA GLY B 920 -2.94 33.99 10.53
C GLY B 920 -3.16 34.12 9.04
N VAL B 921 -4.40 33.96 8.60
CA VAL B 921 -4.81 34.31 7.24
C VAL B 921 -5.17 35.79 7.21
N CYS B 922 -4.64 36.52 6.24
CA CYS B 922 -4.99 37.92 6.07
C CYS B 922 -6.48 38.10 5.80
N GLY B 923 -7.19 38.73 6.74
CA GLY B 923 -8.63 38.76 6.69
C GLY B 923 -9.21 39.70 5.65
N ILE B 924 -8.81 40.97 5.72
CA ILE B 924 -9.28 41.99 4.80
C ILE B 924 -8.24 43.10 4.72
N ILE B 925 -8.19 43.77 3.58
CA ILE B 925 -7.30 44.91 3.36
C ILE B 925 -8.15 46.17 3.28
N VAL B 926 -7.96 47.06 4.24
CA VAL B 926 -8.74 48.30 4.34
C VAL B 926 -7.83 49.48 4.04
N LYS B 927 -8.46 50.62 3.74
CA LYS B 927 -7.74 51.83 3.37
C LYS B 927 -7.10 52.48 4.59
N GLN B 928 -6.34 53.54 4.35
CA GLN B 928 -5.43 54.07 5.37
C GLN B 928 -6.16 54.89 6.42
N GLU B 929 -7.26 55.55 6.06
CA GLU B 929 -7.93 56.47 6.96
C GLU B 929 -8.74 55.78 8.04
N ASP B 930 -8.97 54.47 7.93
CA ASP B 930 -9.88 53.77 8.82
C ASP B 930 -9.23 53.24 10.08
N MET B 931 -7.92 53.04 10.10
CA MET B 931 -7.25 52.56 11.29
C MET B 931 -7.16 53.65 12.35
N PRO B 932 -6.94 53.28 13.61
CA PRO B 932 -6.60 54.28 14.64
C PRO B 932 -5.30 55.03 14.35
N PHE B 933 -5.00 56.01 15.20
CA PHE B 933 -3.88 56.92 14.99
C PHE B 933 -3.59 57.61 16.31
N ASN B 934 -2.30 57.73 16.64
CA ASN B 934 -1.90 58.21 17.95
C ASN B 934 -1.70 59.73 17.93
N ASP B 935 -1.05 60.26 18.97
CA ASP B 935 -0.81 61.70 19.05
C ASP B 935 0.18 62.19 18.00
N GLN B 936 1.06 61.32 17.49
CA GLN B 936 2.07 61.74 16.54
C GLN B 936 1.74 61.35 15.11
N GLY B 937 0.68 60.58 14.88
CA GLY B 937 0.23 60.24 13.56
C GLY B 937 0.61 58.86 13.07
N ILE B 938 1.10 57.98 13.94
CA ILE B 938 1.54 56.66 13.51
C ILE B 938 0.32 55.79 13.23
N VAL B 939 0.24 55.28 12.01
CA VAL B 939 -0.78 54.31 11.62
C VAL B 939 -0.26 52.90 11.95
N PRO B 940 -0.99 52.10 12.71
CA PRO B 940 -0.55 50.72 12.94
C PRO B 940 -0.69 49.90 11.68
N ASP B 941 0.30 49.03 11.44
CA ASP B 941 0.33 48.27 10.20
C ASP B 941 -0.58 47.06 10.26
N ILE B 942 -0.43 46.22 11.28
CA ILE B 942 -1.11 44.93 11.36
C ILE B 942 -1.79 44.83 12.71
N ILE B 943 -3.07 44.47 12.70
CA ILE B 943 -3.92 44.48 13.89
C ILE B 943 -4.29 43.04 14.22
N MET B 944 -4.00 42.62 15.45
CA MET B 944 -4.42 41.33 15.96
C MET B 944 -5.55 41.49 16.97
N ASN B 945 -6.51 40.57 16.93
CA ASN B 945 -7.53 40.59 17.97
C ASN B 945 -6.95 40.02 19.27
N PRO B 946 -7.46 40.44 20.43
CA PRO B 946 -6.90 39.99 21.70
C PRO B 946 -7.36 38.60 22.15
N HIS B 947 -8.00 37.82 21.28
CA HIS B 947 -8.58 36.54 21.66
C HIS B 947 -7.57 35.39 21.58
N GLY B 948 -6.28 35.68 21.60
CA GLY B 948 -5.28 34.62 21.58
C GLY B 948 -4.49 34.46 22.86
N PHE B 949 -4.21 35.59 23.53
CA PHE B 949 -3.25 35.62 24.62
C PHE B 949 -3.71 34.89 25.89
N PRO B 950 -5.02 34.87 26.22
CA PRO B 950 -5.43 34.02 27.35
C PRO B 950 -5.32 32.53 27.06
N SER B 951 -5.74 32.08 25.87
CA SER B 951 -5.74 30.65 25.61
C SER B 951 -4.33 30.13 25.33
N ARG B 952 -3.63 30.76 24.38
CA ARG B 952 -2.32 30.30 23.97
C ARG B 952 -1.23 30.63 24.99
N MET B 953 -1.52 31.51 25.96
CA MET B 953 -0.61 31.84 27.05
C MET B 953 0.72 32.38 26.55
N THR B 954 0.69 33.08 25.41
CA THR B 954 1.91 33.54 24.75
C THR B 954 2.35 34.88 25.38
N VAL B 955 2.88 34.78 26.60
CA VAL B 955 3.30 35.97 27.30
C VAL B 955 4.59 36.53 26.70
N GLY B 956 5.31 35.74 25.91
CA GLY B 956 6.55 36.20 25.32
C GLY B 956 6.35 37.33 24.33
N LYS B 957 5.29 37.26 23.53
CA LYS B 957 4.93 38.39 22.68
C LYS B 957 4.62 39.64 23.49
N MET B 958 3.99 39.48 24.65
CA MET B 958 3.71 40.64 25.48
C MET B 958 4.99 41.22 26.09
N ILE B 959 6.01 40.40 26.26
CA ILE B 959 7.31 40.87 26.71
C ILE B 959 8.22 41.26 25.54
N GLU B 960 7.96 40.73 24.35
CA GLU B 960 8.66 41.19 23.15
C GLU B 960 8.38 42.67 22.88
N LEU B 961 7.15 43.10 23.11
CA LEU B 961 6.76 44.44 22.70
C LEU B 961 7.27 45.49 23.67
N ILE B 962 7.30 45.18 24.98
CA ILE B 962 7.80 46.14 25.95
C ILE B 962 9.29 46.38 25.75
N SER B 963 10.04 45.31 25.47
CA SER B 963 11.43 45.48 25.05
C SER B 963 11.53 45.93 23.60
N GLY B 964 10.46 45.81 22.82
CA GLY B 964 10.47 46.21 21.43
C GLY B 964 10.35 47.71 21.25
N LYS B 965 9.44 48.33 22.01
CA LYS B 965 9.24 49.77 21.92
C LYS B 965 10.44 50.52 22.46
N ALA B 966 11.07 49.99 23.51
CA ALA B 966 12.11 50.72 24.22
C ALA B 966 13.42 50.77 23.44
N GLY B 967 13.66 49.84 22.53
CA GLY B 967 14.94 49.75 21.88
C GLY B 967 15.15 50.80 20.82
N VAL B 968 14.19 50.96 19.90
CA VAL B 968 14.37 51.93 18.82
C VAL B 968 14.16 53.36 19.31
N LEU B 969 13.49 53.55 20.45
CA LEU B 969 13.45 54.87 21.05
C LEU B 969 14.80 55.25 21.66
N ASN B 970 15.47 54.29 22.30
CA ASN B 970 16.83 54.51 22.77
C ASN B 970 17.85 54.32 21.66
N GLY B 971 17.46 53.79 20.51
CA GLY B 971 18.37 53.62 19.39
C GLY B 971 19.31 52.44 19.49
N THR B 972 19.14 51.57 20.49
CA THR B 972 20.00 50.40 20.64
C THR B 972 19.16 49.13 20.60
N LEU B 973 19.60 48.17 19.79
CA LEU B 973 19.03 46.84 19.80
C LEU B 973 19.19 46.20 21.18
N GLU B 974 18.22 45.35 21.55
CA GLU B 974 18.12 44.82 22.89
C GLU B 974 18.23 43.29 22.86
N TYR B 975 18.81 42.73 23.91
CA TYR B 975 19.08 41.30 24.00
C TYR B 975 17.98 40.62 24.80
N GLY B 976 17.07 39.95 24.11
CA GLY B 976 16.16 39.01 24.73
C GLY B 976 16.59 37.58 24.48
N THR B 977 17.25 36.98 25.47
CA THR B 977 17.83 35.66 25.33
C THR B 977 16.91 34.59 25.92
N CYS B 978 17.43 33.37 26.02
CA CYS B 978 16.76 32.30 26.76
C CYS B 978 17.25 32.27 28.20
N PHE B 979 16.33 32.00 29.13
CA PHE B 979 16.65 31.83 30.55
C PHE B 979 17.27 33.08 31.15
N GLY B 980 16.87 34.25 30.64
CA GLY B 980 17.40 35.52 31.12
C GLY B 980 17.09 36.66 30.19
N GLY B 981 18.10 37.46 29.86
CA GLY B 981 17.96 38.52 28.89
C GLY B 981 17.69 39.87 29.53
N SER B 982 17.17 40.78 28.70
CA SER B 982 16.90 42.14 29.15
C SER B 982 15.70 42.13 30.10
N LYS B 983 15.91 42.60 31.33
CA LYS B 983 14.89 42.56 32.35
C LYS B 983 13.82 43.63 32.08
N LEU B 984 12.70 43.51 32.80
CA LEU B 984 11.53 44.34 32.54
C LEU B 984 11.55 45.65 33.32
N GLU B 985 12.06 45.63 34.56
CA GLU B 985 11.89 46.78 35.45
C GLU B 985 12.77 47.95 35.02
N ASP B 986 13.96 47.67 34.48
CA ASP B 986 14.80 48.73 33.92
C ASP B 986 14.44 49.08 32.48
N MET B 987 13.55 48.32 31.85
CA MET B 987 13.09 48.62 30.50
C MET B 987 11.89 49.57 30.48
N SER B 988 11.11 49.60 31.56
CA SER B 988 10.00 50.54 31.66
C SER B 988 10.48 51.97 31.89
N LYS B 989 11.65 52.16 32.49
CA LYS B 989 12.11 53.49 32.85
C LYS B 989 12.51 54.30 31.61
N ILE B 990 13.10 53.64 30.61
CA ILE B 990 13.49 54.36 29.39
C ILE B 990 12.28 54.71 28.55
N LEU B 991 11.18 53.96 28.68
CA LEU B 991 9.94 54.32 28.00
C LEU B 991 9.31 55.57 28.61
N VAL B 992 9.28 55.64 29.94
CA VAL B 992 8.59 56.74 30.62
C VAL B 992 9.42 58.03 30.60
N ASP B 993 10.72 57.93 30.31
CA ASP B 993 11.53 59.15 30.22
C ASP B 993 11.25 59.93 28.94
N GLN B 994 10.59 59.34 27.97
CA GLN B 994 10.24 60.02 26.72
C GLN B 994 8.83 60.59 26.75
N GLY B 995 7.92 59.98 27.49
CA GLY B 995 6.56 60.47 27.61
C GLY B 995 5.51 59.40 27.37
N PHE B 996 5.94 58.23 26.92
CA PHE B 996 5.01 57.15 26.63
C PHE B 996 4.60 56.45 27.93
N ASN B 997 3.70 55.49 27.82
CA ASN B 997 3.17 54.81 28.99
C ASN B 997 4.23 53.89 29.58
N TYR B 998 4.06 53.55 30.86
CA TYR B 998 5.05 52.72 31.54
C TYR B 998 4.88 51.24 31.20
N SER B 999 3.69 50.82 30.78
CA SER B 999 3.43 49.45 30.37
C SER B 999 3.24 49.34 28.86
N GLY B 1000 3.74 50.32 28.10
CA GLY B 1000 3.60 50.34 26.66
C GLY B 1000 2.22 50.65 26.15
N LYS B 1001 1.22 50.76 27.03
CA LYS B 1001 -0.18 50.83 26.63
C LYS B 1001 -0.55 52.28 26.37
N ASP B 1002 -0.32 52.74 25.15
CA ASP B 1002 -0.63 54.12 24.79
C ASP B 1002 -2.10 54.23 24.40
N MET B 1003 -2.60 55.46 24.36
CA MET B 1003 -3.98 55.68 23.94
C MET B 1003 -4.03 55.97 22.44
N LEU B 1004 -5.24 55.90 21.89
CA LEU B 1004 -5.44 56.06 20.46
C LEU B 1004 -6.75 56.79 20.22
N TYR B 1005 -6.90 57.29 19.00
CA TYR B 1005 -8.17 57.80 18.51
C TYR B 1005 -8.73 56.82 17.48
N SER B 1006 -9.98 57.02 17.09
CA SER B 1006 -10.60 56.15 16.10
C SER B 1006 -10.59 56.80 14.73
N GLY B 1007 -10.13 56.06 13.72
CA GLY B 1007 -10.01 56.59 12.38
C GLY B 1007 -11.33 56.65 11.64
N ILE B 1008 -12.32 55.92 12.10
CA ILE B 1008 -13.65 55.91 11.49
C ILE B 1008 -14.44 57.14 11.90
N THR B 1009 -14.52 57.42 13.21
CA THR B 1009 -15.45 58.41 13.73
C THR B 1009 -14.80 59.62 14.37
N GLY B 1010 -13.52 59.56 14.74
CA GLY B 1010 -12.78 60.77 15.10
C GLY B 1010 -12.48 60.94 16.57
N GLU B 1011 -13.26 60.36 17.47
CA GLU B 1011 -13.03 60.55 18.89
C GLU B 1011 -12.12 59.45 19.46
N CYS B 1012 -11.95 59.47 20.78
CA CYS B 1012 -11.12 58.53 21.50
C CYS B 1012 -11.76 57.14 21.55
N LEU B 1013 -10.99 56.20 22.09
CA LEU B 1013 -11.49 54.88 22.45
C LEU B 1013 -11.75 54.83 23.95
N GLN B 1014 -12.84 54.15 24.32
CA GLN B 1014 -13.18 54.05 25.74
C GLN B 1014 -12.13 53.27 26.54
N ALA B 1015 -11.38 52.39 25.88
CA ALA B 1015 -10.28 51.69 26.51
C ALA B 1015 -8.97 52.07 25.82
N TYR B 1016 -7.87 51.58 26.38
CA TYR B 1016 -6.54 51.81 25.84
C TYR B 1016 -6.10 50.61 25.01
N ILE B 1017 -5.02 50.80 24.24
CA ILE B 1017 -4.58 49.81 23.28
C ILE B 1017 -3.11 49.50 23.53
N PHE B 1018 -2.78 48.21 23.58
CA PHE B 1018 -1.40 47.77 23.67
C PHE B 1018 -0.77 47.92 22.29
N PHE B 1019 0.45 48.46 22.25
CA PHE B 1019 0.90 49.16 21.04
C PHE B 1019 2.39 49.01 20.83
N GLY B 1020 2.78 48.98 19.56
CA GLY B 1020 4.16 49.08 19.16
C GLY B 1020 4.56 48.16 18.02
N PRO B 1021 5.86 47.88 17.89
CA PRO B 1021 6.34 46.99 16.82
C PRO B 1021 6.54 45.54 17.23
N ILE B 1022 6.06 44.61 16.40
CA ILE B 1022 6.31 43.18 16.58
C ILE B 1022 6.96 42.67 15.31
N TYR B 1023 7.92 41.75 15.46
CA TYR B 1023 8.62 41.17 14.33
C TYR B 1023 7.71 40.14 13.66
N TYR B 1024 7.23 40.44 12.45
CA TYR B 1024 6.40 39.54 11.67
C TYR B 1024 7.17 39.05 10.46
N GLN B 1025 7.43 37.74 10.41
CA GLN B 1025 7.94 37.14 9.19
C GLN B 1025 6.80 36.61 8.33
N LYS B 1026 6.92 36.82 7.03
CA LYS B 1026 6.01 36.18 6.09
C LYS B 1026 6.32 34.69 6.02
N LEU B 1027 5.32 33.88 5.68
CA LEU B 1027 5.51 32.45 5.57
C LEU B 1027 5.11 31.99 4.16
N LYS B 1028 5.21 30.67 3.94
CA LYS B 1028 4.89 30.06 2.66
C LYS B 1028 3.37 29.92 2.49
N HIS B 1029 2.96 29.09 1.53
CA HIS B 1029 1.55 28.68 1.38
C HIS B 1029 0.68 29.87 0.96
N MET B 1030 1.20 30.70 0.06
CA MET B 1030 0.40 31.74 -0.56
C MET B 1030 -0.67 31.12 -1.46
N VAL B 1031 -1.68 31.92 -1.79
CA VAL B 1031 -2.95 31.34 -2.22
C VAL B 1031 -3.03 31.06 -3.72
N LEU B 1032 -2.27 31.78 -4.55
CA LEU B 1032 -2.52 31.69 -5.98
C LEU B 1032 -2.01 30.39 -6.59
N ASP B 1033 -1.08 29.70 -5.92
CA ASP B 1033 -0.71 28.33 -6.27
C ASP B 1033 -1.38 27.31 -5.36
N LYS B 1034 -2.54 27.65 -4.81
CA LYS B 1034 -3.46 26.68 -4.26
C LYS B 1034 -4.89 26.86 -4.75
N MET B 1035 -5.19 27.92 -5.50
CA MET B 1035 -6.51 28.05 -6.11
C MET B 1035 -6.65 27.02 -7.23
N HIS B 1036 -7.72 26.24 -7.18
CA HIS B 1036 -7.87 25.10 -8.07
C HIS B 1036 -9.33 24.91 -8.43
N ALA B 1037 -9.57 24.48 -9.66
CA ALA B 1037 -10.91 24.34 -10.21
C ALA B 1037 -10.83 23.45 -11.43
N ARG B 1038 -11.76 22.50 -11.53
CA ARG B 1038 -11.81 21.56 -12.65
C ARG B 1038 -13.26 21.37 -13.05
N ALA B 1039 -13.62 21.85 -14.24
CA ALA B 1039 -15.00 21.70 -14.71
C ALA B 1039 -15.20 20.32 -15.32
N ARG B 1040 -14.57 20.05 -16.46
CA ARG B 1040 -14.76 18.79 -17.17
C ARG B 1040 -13.44 18.47 -17.88
N GLY B 1041 -12.59 17.70 -17.19
CA GLY B 1041 -11.19 17.63 -17.55
C GLY B 1041 -10.75 16.23 -17.94
N PRO B 1042 -9.54 15.87 -17.55
CA PRO B 1042 -9.01 14.54 -17.90
C PRO B 1042 -9.67 13.44 -17.09
N ARG B 1043 -9.62 12.23 -17.65
CA ARG B 1043 -10.06 11.02 -16.97
C ARG B 1043 -8.92 10.01 -17.00
N ALA B 1044 -8.86 9.18 -15.96
CA ALA B 1044 -7.82 8.16 -15.90
C ALA B 1044 -8.08 7.08 -16.94
N VAL B 1045 -7.00 6.41 -17.35
CA VAL B 1045 -7.11 5.45 -18.45
C VAL B 1045 -7.74 4.14 -17.98
N LEU B 1046 -7.63 3.80 -16.70
CA LEU B 1046 -8.07 2.49 -16.25
C LEU B 1046 -9.51 2.52 -15.72
N THR B 1047 -9.84 3.49 -14.87
CA THR B 1047 -11.15 3.53 -14.24
C THR B 1047 -11.98 4.76 -14.60
N ARG B 1048 -11.48 5.66 -15.44
CA ARG B 1048 -12.25 6.75 -16.04
C ARG B 1048 -12.76 7.78 -15.03
N GLN B 1049 -12.29 7.74 -13.78
CA GLN B 1049 -12.58 8.83 -12.85
C GLN B 1049 -11.66 10.02 -13.13
N PRO B 1050 -11.99 11.19 -12.57
CA PRO B 1050 -11.04 12.31 -12.57
C PRO B 1050 -9.74 11.97 -11.86
N THR B 1051 -8.70 12.72 -12.21
CA THR B 1051 -7.32 12.37 -11.97
C THR B 1051 -6.77 13.19 -10.81
N GLU B 1052 -6.04 12.53 -9.91
CA GLU B 1052 -5.55 13.18 -8.70
C GLU B 1052 -4.31 14.02 -9.04
N GLY B 1053 -4.24 15.21 -8.45
CA GLY B 1053 -3.03 16.00 -8.61
C GLY B 1053 -3.36 17.33 -9.28
N ARG B 1054 -2.86 18.40 -8.68
CA ARG B 1054 -3.08 19.74 -9.21
C ARG B 1054 -2.45 19.91 -10.59
N SER B 1055 -1.18 19.52 -10.72
CA SER B 1055 -0.53 19.54 -12.03
C SER B 1055 -1.16 18.53 -12.97
N ARG B 1056 -1.75 17.47 -12.42
CA ARG B 1056 -2.58 16.52 -13.17
C ARG B 1056 -4.01 17.03 -13.37
N ASP B 1057 -4.26 18.30 -13.10
CA ASP B 1057 -5.54 18.97 -13.38
C ASP B 1057 -6.67 18.41 -12.53
N GLY B 1058 -6.33 17.90 -11.36
CA GLY B 1058 -7.23 17.76 -10.23
C GLY B 1058 -8.59 17.13 -10.45
N GLY B 1059 -9.53 17.47 -9.58
CA GLY B 1059 -10.74 16.69 -9.40
C GLY B 1059 -10.71 16.07 -8.02
N LEU B 1060 -11.76 16.25 -7.22
CA LEU B 1060 -11.68 15.99 -5.80
C LEU B 1060 -12.21 14.59 -5.49
N ARG B 1061 -11.69 14.01 -4.41
CA ARG B 1061 -12.11 12.69 -3.94
C ARG B 1061 -13.21 12.84 -2.92
N LEU B 1062 -14.43 12.46 -3.29
CA LEU B 1062 -15.54 12.42 -2.35
C LEU B 1062 -15.47 11.08 -1.62
N GLY B 1063 -15.07 11.12 -0.35
CA GLY B 1063 -14.61 9.93 0.34
C GLY B 1063 -15.74 9.06 0.87
N GLU B 1064 -15.37 8.17 1.77
CA GLU B 1064 -16.27 7.10 2.21
C GLU B 1064 -17.11 7.50 3.42
N MET B 1065 -16.51 8.19 4.39
CA MET B 1065 -17.31 8.79 5.46
C MET B 1065 -18.05 10.03 5.01
N GLU B 1066 -17.67 10.64 3.88
CA GLU B 1066 -18.52 11.65 3.28
C GLU B 1066 -19.74 11.01 2.62
N ARG B 1067 -19.60 9.76 2.17
CA ARG B 1067 -20.77 8.97 1.81
C ARG B 1067 -21.58 8.61 3.04
N ASP B 1068 -20.93 8.49 4.20
CA ASP B 1068 -21.64 8.33 5.46
C ASP B 1068 -22.25 9.63 5.96
N CYS B 1069 -21.76 10.78 5.49
CA CYS B 1069 -22.26 12.04 6.01
C CYS B 1069 -23.56 12.43 5.33
N VAL B 1070 -23.72 12.06 4.06
CA VAL B 1070 -24.93 12.40 3.31
C VAL B 1070 -26.10 11.52 3.75
N ILE B 1071 -25.83 10.23 4.01
CA ILE B 1071 -26.89 9.25 4.22
C ILE B 1071 -27.72 9.55 5.46
N ALA B 1072 -27.16 10.25 6.44
CA ALA B 1072 -27.94 10.58 7.62
C ALA B 1072 -28.94 11.70 7.36
N TYR B 1073 -28.80 12.44 6.25
CA TYR B 1073 -29.75 13.48 5.89
C TYR B 1073 -31.01 12.92 5.24
N GLY B 1074 -31.04 11.62 4.95
CA GLY B 1074 -32.15 11.00 4.26
C GLY B 1074 -32.23 11.30 2.79
N ALA B 1075 -31.21 11.94 2.21
CA ALA B 1075 -31.26 12.36 0.82
C ALA B 1075 -31.09 11.16 -0.10
N SER B 1076 -31.90 11.10 -1.16
CA SER B 1076 -31.86 9.97 -2.09
C SER B 1076 -31.82 10.42 -3.55
N GLN B 1077 -31.39 11.65 -3.82
CA GLN B 1077 -31.25 11.98 -5.24
C GLN B 1077 -29.89 12.56 -5.61
N LEU B 1078 -29.37 13.50 -4.82
CA LEU B 1078 -28.06 14.07 -5.16
C LEU B 1078 -26.94 13.12 -4.80
N LEU B 1079 -27.20 12.13 -3.94
CA LEU B 1079 -26.26 11.05 -3.71
C LEU B 1079 -26.07 10.19 -4.96
N LEU B 1080 -27.14 10.01 -5.74
CA LEU B 1080 -27.03 9.23 -6.97
C LEU B 1080 -26.32 10.00 -8.08
N GLU B 1081 -26.60 11.31 -8.20
CA GLU B 1081 -26.00 12.05 -9.31
C GLU B 1081 -24.51 12.28 -9.09
N ARG B 1082 -24.10 12.42 -7.82
CA ARG B 1082 -22.71 12.73 -7.50
C ARG B 1082 -21.84 11.48 -7.44
N LEU B 1083 -22.46 10.30 -7.51
CA LEU B 1083 -21.74 9.03 -7.61
C LEU B 1083 -22.00 8.27 -8.91
N MET B 1084 -22.93 8.73 -9.76
CA MET B 1084 -23.02 8.18 -11.10
C MET B 1084 -22.98 9.26 -12.18
N ILE B 1085 -23.76 10.32 -12.01
CA ILE B 1085 -24.05 11.20 -13.14
C ILE B 1085 -22.96 12.25 -13.32
N SER B 1086 -22.58 12.97 -12.26
CA SER B 1086 -21.62 14.04 -12.41
C SER B 1086 -20.19 13.55 -12.58
N SER B 1087 -19.92 12.27 -12.30
CA SER B 1087 -18.54 11.79 -12.21
C SER B 1087 -18.23 10.71 -13.22
N ASP B 1088 -19.05 9.66 -13.30
CA ASP B 1088 -18.60 8.37 -13.82
C ASP B 1088 -19.68 7.70 -14.67
N ALA B 1089 -20.49 8.48 -15.37
CA ALA B 1089 -21.63 7.90 -16.08
C ALA B 1089 -21.17 7.09 -17.28
N PHE B 1090 -21.86 5.98 -17.53
CA PHE B 1090 -21.47 5.05 -18.58
C PHE B 1090 -22.68 4.27 -19.04
N GLU B 1091 -22.75 3.97 -20.34
CA GLU B 1091 -23.95 3.42 -20.96
C GLU B 1091 -23.70 1.95 -21.27
N VAL B 1092 -24.51 1.07 -20.68
CA VAL B 1092 -24.35 -0.37 -20.83
C VAL B 1092 -25.65 -0.97 -21.36
N ASP B 1093 -25.55 -1.75 -22.43
CA ASP B 1093 -26.62 -2.61 -22.90
C ASP B 1093 -26.39 -4.03 -22.40
N VAL B 1094 -27.36 -4.58 -21.69
CA VAL B 1094 -27.21 -5.88 -21.04
C VAL B 1094 -28.38 -6.77 -21.43
N CYS B 1095 -28.16 -8.08 -21.37
CA CYS B 1095 -29.14 -9.07 -21.79
C CYS B 1095 -30.03 -9.48 -20.62
N ASP B 1096 -31.16 -10.11 -20.96
CA ASP B 1096 -32.14 -10.52 -19.96
C ASP B 1096 -31.90 -11.97 -19.50
N LYS B 1097 -32.01 -12.93 -20.41
CA LYS B 1097 -31.70 -14.31 -20.07
C LYS B 1097 -30.20 -14.53 -20.04
N CYS B 1098 -29.76 -15.41 -19.12
CA CYS B 1098 -28.35 -15.63 -18.83
C CYS B 1098 -27.61 -14.31 -18.71
N GLY B 1099 -27.96 -13.52 -17.69
CA GLY B 1099 -27.70 -12.10 -17.75
C GLY B 1099 -26.28 -11.69 -17.41
N LEU B 1100 -25.48 -11.52 -18.45
CA LEU B 1100 -24.19 -10.86 -18.35
C LEU B 1100 -24.05 -9.91 -19.53
N MET B 1101 -22.99 -9.10 -19.51
CA MET B 1101 -22.92 -7.95 -20.39
C MET B 1101 -22.73 -8.36 -21.85
N GLY B 1102 -23.00 -7.40 -22.74
CA GLY B 1102 -22.69 -7.55 -24.14
C GLY B 1102 -22.34 -6.20 -24.73
N TYR B 1103 -21.71 -6.23 -25.89
CA TYR B 1103 -21.29 -5.00 -26.54
C TYR B 1103 -22.38 -4.47 -27.45
N SER B 1104 -22.02 -3.51 -28.32
CA SER B 1104 -22.93 -2.59 -28.98
C SER B 1104 -24.28 -3.17 -29.39
N GLY B 1105 -24.29 -4.38 -29.96
CA GLY B 1105 -25.55 -4.96 -30.38
C GLY B 1105 -25.69 -6.46 -30.24
N TRP B 1106 -24.94 -7.09 -29.35
CA TRP B 1106 -24.97 -8.54 -29.23
C TRP B 1106 -25.19 -8.95 -27.78
N CYS B 1107 -25.20 -10.27 -27.57
CA CYS B 1107 -24.97 -10.90 -26.28
C CYS B 1107 -23.67 -11.70 -26.23
N THR B 1108 -23.18 -12.14 -27.38
CA THR B 1108 -21.94 -12.91 -27.59
C THR B 1108 -21.76 -14.08 -26.61
N THR B 1109 -22.85 -14.59 -26.01
CA THR B 1109 -22.77 -15.91 -25.42
C THR B 1109 -23.99 -16.75 -25.81
N CYS B 1110 -25.10 -16.10 -26.09
CA CYS B 1110 -26.19 -16.66 -26.89
C CYS B 1110 -26.34 -15.75 -28.11
N LYS B 1111 -25.73 -16.15 -29.23
CA LYS B 1111 -25.57 -15.23 -30.34
C LYS B 1111 -26.88 -15.00 -31.09
N SER B 1112 -27.81 -14.30 -30.43
CA SER B 1112 -29.14 -14.04 -30.94
C SER B 1112 -29.45 -12.55 -31.05
N ALA B 1113 -28.88 -11.73 -30.16
CA ALA B 1113 -28.93 -10.28 -30.21
C ALA B 1113 -30.35 -9.73 -30.18
N GLU B 1114 -31.24 -10.43 -29.46
CA GLU B 1114 -32.64 -10.04 -29.39
C GLU B 1114 -32.97 -9.39 -28.05
N ASN B 1115 -32.72 -10.11 -26.95
CA ASN B 1115 -33.09 -9.69 -25.60
C ASN B 1115 -32.02 -8.72 -25.09
N ILE B 1116 -32.13 -7.46 -25.50
CA ILE B 1116 -31.19 -6.43 -25.09
C ILE B 1116 -31.96 -5.28 -24.45
N ILE B 1117 -31.56 -4.91 -23.23
CA ILE B 1117 -32.26 -3.90 -22.45
C ILE B 1117 -31.23 -2.87 -21.99
N LYS B 1118 -31.40 -1.63 -22.40
CA LYS B 1118 -30.42 -0.58 -22.16
C LYS B 1118 -30.58 0.01 -20.77
N MET B 1119 -29.46 0.15 -20.05
CA MET B 1119 -29.46 0.85 -18.76
C MET B 1119 -28.22 1.74 -18.72
N THR B 1120 -27.95 2.29 -17.54
CA THR B 1120 -26.73 3.06 -17.32
C THR B 1120 -26.15 2.77 -15.93
N ILE B 1121 -24.85 2.50 -15.88
CA ILE B 1121 -24.17 2.14 -14.64
C ILE B 1121 -22.82 2.85 -14.61
N PRO B 1122 -22.23 3.00 -13.43
CA PRO B 1122 -20.90 3.62 -13.36
C PRO B 1122 -19.83 2.75 -13.98
N TYR B 1123 -18.77 3.40 -14.47
CA TYR B 1123 -17.66 2.65 -15.08
C TYR B 1123 -16.95 1.78 -14.06
N ALA B 1124 -16.92 2.20 -12.80
CA ALA B 1124 -16.34 1.37 -11.74
C ALA B 1124 -17.23 0.19 -11.37
N ALA B 1125 -18.48 0.16 -11.83
CA ALA B 1125 -19.31 -1.02 -11.66
C ALA B 1125 -19.24 -1.96 -12.85
N LYS B 1126 -19.02 -1.43 -14.06
CA LYS B 1126 -18.73 -2.30 -15.19
C LYS B 1126 -17.42 -3.04 -15.00
N LEU B 1127 -16.38 -2.35 -14.55
CA LEU B 1127 -15.05 -2.94 -14.49
C LEU B 1127 -14.93 -3.97 -13.38
N LEU B 1128 -15.74 -3.86 -12.33
CA LEU B 1128 -15.87 -4.97 -11.39
C LEU B 1128 -16.50 -6.18 -12.05
N PHE B 1129 -17.51 -5.97 -12.90
CA PHE B 1129 -18.23 -7.06 -13.55
C PHE B 1129 -17.45 -7.71 -14.68
N GLN B 1130 -16.19 -7.34 -14.89
CA GLN B 1130 -15.34 -8.02 -15.87
C GLN B 1130 -14.14 -8.72 -15.25
N GLU B 1131 -13.41 -8.04 -14.36
CA GLU B 1131 -12.25 -8.68 -13.73
C GLU B 1131 -12.67 -9.68 -12.65
N LEU B 1132 -13.86 -9.54 -12.08
CA LEU B 1132 -14.43 -10.59 -11.26
C LEU B 1132 -14.92 -11.77 -12.09
N LEU B 1133 -15.24 -11.54 -13.36
CA LEU B 1133 -15.51 -12.62 -14.31
C LEU B 1133 -14.23 -13.23 -14.87
N SER B 1134 -13.08 -12.59 -14.67
CA SER B 1134 -11.82 -13.17 -15.14
C SER B 1134 -11.42 -14.38 -14.32
N MET B 1135 -11.60 -14.34 -13.00
CA MET B 1135 -11.64 -15.59 -12.28
C MET B 1135 -13.05 -16.18 -12.33
N ASN B 1136 -13.16 -17.45 -11.96
CA ASN B 1136 -14.31 -18.26 -12.36
C ASN B 1136 -15.48 -18.08 -11.38
N ILE B 1137 -15.92 -16.82 -11.26
CA ILE B 1137 -17.21 -16.50 -10.65
C ILE B 1137 -17.94 -15.51 -11.56
N ALA B 1138 -19.25 -15.69 -11.68
CA ALA B 1138 -20.03 -15.00 -12.72
C ALA B 1138 -21.09 -14.14 -12.06
N PRO B 1139 -21.09 -12.82 -12.27
CA PRO B 1139 -22.20 -12.01 -11.77
C PRO B 1139 -23.41 -12.04 -12.70
N ARG B 1140 -24.27 -13.04 -12.54
CA ARG B 1140 -25.47 -13.13 -13.36
C ARG B 1140 -26.46 -12.03 -12.97
N LEU B 1141 -26.80 -11.17 -13.93
CA LEU B 1141 -27.75 -10.10 -13.70
C LEU B 1141 -29.18 -10.57 -13.96
N ARG B 1142 -30.11 -10.07 -13.15
CA ARG B 1142 -31.53 -10.33 -13.33
C ARG B 1142 -32.28 -9.00 -13.29
N LEU B 1143 -33.29 -8.87 -14.14
CA LEU B 1143 -33.89 -7.57 -14.39
C LEU B 1143 -35.41 -7.62 -14.21
N GLU B 1144 -35.95 -6.63 -13.51
CA GLU B 1144 -37.37 -6.36 -13.44
C GLU B 1144 -37.64 -4.99 -14.03
N ASP B 1145 -38.92 -4.73 -14.34
CA ASP B 1145 -39.31 -3.40 -14.75
C ASP B 1145 -39.75 -2.58 -13.54
N ILE B 1146 -39.73 -1.25 -13.71
CA ILE B 1146 -40.10 -0.37 -12.61
C ILE B 1146 -41.60 -0.40 -12.36
N PHE B 1147 -42.38 -0.33 -13.44
CA PHE B 1147 -43.80 -0.01 -13.32
C PHE B 1147 -44.60 -1.26 -12.99
N GLN B 1148 -45.92 -1.08 -12.84
CA GLN B 1148 -46.86 -2.08 -12.34
C GLN B 1148 -46.31 -2.78 -11.09
N GLN B 1149 -46.08 -1.97 -10.06
CA GLN B 1149 -45.67 -2.48 -8.75
C GLN B 1149 -46.64 -3.52 -8.22
N MET C 1 -21.34 66.25 30.08
CA MET C 1 -21.16 67.50 29.34
C MET C 1 -19.89 68.22 29.80
N SER C 2 -19.85 69.54 29.55
CA SER C 2 -18.68 70.37 29.84
C SER C 2 -17.44 69.87 29.10
N ASN C 3 -17.66 69.18 27.97
CA ASN C 3 -16.67 68.82 26.94
C ASN C 3 -15.27 68.54 27.49
N ILE C 4 -15.18 67.76 28.56
CA ILE C 4 -13.91 67.31 29.12
C ILE C 4 -13.90 65.80 29.06
N VAL C 5 -13.07 65.24 28.18
CA VAL C 5 -12.86 63.79 28.13
C VAL C 5 -12.05 63.39 29.36
N GLY C 6 -12.67 62.62 30.27
CA GLY C 6 -12.12 62.42 31.58
C GLY C 6 -11.06 61.33 31.62
N ILE C 7 -9.79 61.73 31.64
CA ILE C 7 -8.71 60.76 31.74
C ILE C 7 -8.65 60.21 33.17
N GLU C 8 -8.64 58.89 33.28
CA GLU C 8 -8.28 58.21 34.52
C GLU C 8 -7.56 56.92 34.16
N TYR C 9 -7.24 56.12 35.20
CA TYR C 9 -6.12 55.21 35.09
C TYR C 9 -6.42 53.98 34.23
N ASN C 10 -7.68 53.71 33.90
CA ASN C 10 -7.99 52.54 33.09
C ASN C 10 -9.09 52.74 32.06
N ARG C 11 -9.62 53.96 31.90
CA ARG C 11 -10.58 54.25 30.84
C ARG C 11 -10.65 55.75 30.64
N VAL C 12 -11.51 56.16 29.70
CA VAL C 12 -11.93 57.55 29.55
C VAL C 12 -13.45 57.60 29.59
N THR C 13 -14.00 58.80 29.71
CA THR C 13 -15.43 58.97 29.87
C THR C 13 -16.00 59.89 28.80
N ASN C 14 -17.34 59.92 28.75
CA ASN C 14 -18.19 60.84 28.00
C ASN C 14 -17.61 61.29 26.66
N THR C 15 -17.19 60.33 25.83
CA THR C 15 -16.44 60.68 24.63
C THR C 15 -17.31 61.22 23.51
N THR C 16 -18.62 60.98 23.55
CA THR C 16 -19.46 61.21 22.40
C THR C 16 -19.81 62.70 22.25
N SER C 17 -20.81 62.99 21.42
CA SER C 17 -21.02 64.34 20.92
C SER C 17 -21.68 65.23 21.98
N THR C 18 -22.82 64.79 22.50
CA THR C 18 -23.75 65.58 23.31
C THR C 18 -23.83 67.02 22.82
N ASP C 19 -24.14 67.17 21.54
CA ASP C 19 -24.16 68.46 20.86
C ASP C 19 -25.40 68.57 19.98
N PHE C 20 -26.57 68.24 20.54
CA PHE C 20 -27.77 68.15 19.72
C PHE C 20 -29.00 68.35 20.58
N PRO C 21 -30.05 68.98 20.06
CA PRO C 21 -31.32 69.04 20.78
C PRO C 21 -32.01 67.68 20.77
N GLY C 22 -32.81 67.43 21.81
CA GLY C 22 -33.27 66.09 22.08
C GLY C 22 -32.42 65.33 23.09
N PHE C 23 -31.34 65.93 23.58
CA PHE C 23 -30.49 65.36 24.62
C PHE C 23 -31.01 65.70 26.02
N SER C 24 -31.46 66.93 26.23
CA SER C 24 -32.19 67.29 27.44
C SER C 24 -33.50 67.97 27.07
N LYS C 25 -34.37 68.12 28.08
CA LYS C 25 -35.71 68.63 27.83
C LYS C 25 -35.70 70.08 27.37
N ASP C 26 -34.86 70.90 27.99
CA ASP C 26 -34.67 72.27 27.53
C ASP C 26 -33.87 72.27 26.23
N ALA C 27 -34.58 72.31 25.10
CA ALA C 27 -33.96 72.08 23.80
C ALA C 27 -33.09 73.29 23.46
N GLU C 28 -31.88 73.27 24.00
CA GLU C 28 -30.89 74.30 23.74
C GLU C 28 -30.10 73.91 22.48
N ASN C 29 -28.98 74.59 22.25
CA ASN C 29 -27.99 74.35 21.20
C ASN C 29 -28.57 73.82 19.90
N GLU C 30 -29.58 74.50 19.37
CA GLU C 30 -30.04 74.22 18.02
C GLU C 30 -29.01 74.74 17.01
N TRP C 31 -29.22 74.40 15.75
CA TRP C 31 -28.34 74.92 14.70
C TRP C 31 -28.66 76.37 14.40
N ASN C 32 -27.62 77.19 14.32
CA ASN C 32 -27.73 78.56 13.84
C ASN C 32 -26.36 78.99 13.33
N VAL C 33 -26.31 79.51 12.10
CA VAL C 33 -25.03 79.84 11.50
C VAL C 33 -24.40 81.04 12.22
N GLU C 34 -25.23 81.98 12.65
CA GLU C 34 -24.71 83.13 13.38
C GLU C 34 -24.24 82.75 14.79
N LYS C 35 -24.90 81.77 15.42
CA LYS C 35 -24.45 81.30 16.72
C LYS C 35 -23.19 80.46 16.64
N PHE C 36 -22.83 79.97 15.46
CA PHE C 36 -21.54 79.32 15.27
C PHE C 36 -20.43 80.31 14.92
N LYS C 37 -20.75 81.35 14.14
CA LYS C 37 -19.75 82.30 13.69
C LYS C 37 -19.14 83.07 14.86
N LYS C 38 -19.91 83.30 15.92
CA LYS C 38 -19.39 83.99 17.10
C LYS C 38 -18.39 83.14 17.88
N ASP C 39 -18.40 81.82 17.70
CA ASP C 39 -17.64 80.92 18.55
C ASP C 39 -16.44 80.30 17.86
N PHE C 40 -16.43 80.23 16.53
CA PHE C 40 -15.36 79.56 15.81
C PHE C 40 -14.20 80.53 15.59
N GLU C 41 -12.98 80.05 15.86
CA GLU C 41 -11.80 80.88 15.69
C GLU C 41 -10.60 79.98 15.40
N VAL C 42 -9.55 80.58 14.82
CA VAL C 42 -8.40 79.85 14.33
C VAL C 42 -7.16 80.49 14.92
N ASN C 43 -6.34 79.68 15.61
CA ASN C 43 -5.02 80.09 16.07
C ASN C 43 -3.95 79.31 15.31
N ILE C 44 -2.96 80.04 14.78
CA ILE C 44 -1.89 79.45 13.99
C ILE C 44 -0.60 79.55 14.82
N SER C 45 0.07 78.42 14.99
CA SER C 45 1.35 78.38 15.67
C SER C 45 2.49 78.58 14.67
N SER C 46 3.71 78.21 15.06
CA SER C 46 4.89 78.27 14.20
C SER C 46 4.62 77.65 12.84
N LEU C 47 4.77 78.46 11.79
CA LEU C 47 4.42 78.05 10.44
C LEU C 47 5.54 78.45 9.49
N ASP C 48 5.93 77.52 8.62
CA ASP C 48 6.93 77.79 7.59
C ASP C 48 6.61 76.90 6.39
N ALA C 49 7.59 76.69 5.52
CA ALA C 49 7.49 75.69 4.47
C ALA C 49 7.55 74.28 5.04
N ARG C 50 6.90 73.35 4.33
CA ARG C 50 7.05 71.91 4.46
C ARG C 50 6.39 71.35 5.72
N GLU C 51 5.98 72.23 6.65
CA GLU C 51 5.20 71.79 7.80
C GLU C 51 4.29 72.92 8.24
N ALA C 52 3.19 72.56 8.88
CA ALA C 52 2.23 73.52 9.38
C ALA C 52 1.86 73.19 10.83
N ASN C 53 1.50 74.23 11.58
CA ASN C 53 1.05 74.07 12.96
C ASN C 53 -0.03 75.09 13.23
N PHE C 54 -1.28 74.65 13.31
CA PHE C 54 -2.39 75.56 13.51
C PHE C 54 -3.51 74.84 14.26
N ASP C 55 -4.39 75.62 14.88
CA ASP C 55 -5.38 75.11 15.81
C ASP C 55 -6.78 75.54 15.37
N LEU C 56 -7.76 74.69 15.69
CA LEU C 56 -9.16 74.95 15.39
C LEU C 56 -9.98 74.74 16.65
N ILE C 57 -10.92 75.65 16.89
CA ILE C 57 -11.63 75.74 18.17
C ILE C 57 -13.12 75.56 17.93
N ASN C 58 -13.78 74.89 18.89
CA ASN C 58 -15.25 74.85 18.98
C ASN C 58 -15.88 74.09 17.81
N ILE C 59 -15.28 72.97 17.42
CA ILE C 59 -15.87 72.05 16.46
C ILE C 59 -16.13 70.73 17.18
N ASP C 60 -17.24 70.07 16.83
CA ASP C 60 -17.45 68.70 17.28
C ASP C 60 -16.49 67.75 16.57
N THR C 61 -16.24 66.61 17.23
CA THR C 61 -15.25 65.64 16.76
C THR C 61 -15.61 65.00 15.43
N SER C 62 -16.84 65.17 14.94
CA SER C 62 -17.27 64.44 13.76
C SER C 62 -16.66 65.01 12.48
N ILE C 63 -16.94 66.28 12.18
CA ILE C 63 -16.50 66.86 10.90
C ILE C 63 -15.04 67.26 10.92
N ALA C 64 -14.41 67.31 12.09
CA ALA C 64 -12.97 67.52 12.15
C ALA C 64 -12.20 66.33 11.57
N ASN C 65 -12.72 65.12 11.78
CA ASN C 65 -12.12 63.95 11.15
C ASN C 65 -12.29 63.98 9.63
N ALA C 66 -13.40 64.53 9.14
CA ALA C 66 -13.62 64.61 7.70
C ALA C 66 -12.68 65.58 7.02
N PHE C 67 -12.11 66.54 7.76
CA PHE C 67 -11.02 67.34 7.22
C PHE C 67 -9.74 66.51 7.10
N ARG C 68 -9.52 65.58 8.02
CA ARG C 68 -8.32 64.74 7.97
C ARG C 68 -8.44 63.66 6.90
N ARG C 69 -9.61 63.03 6.80
CA ARG C 69 -9.74 61.79 6.04
C ARG C 69 -9.58 62.01 4.53
N ILE C 70 -9.78 63.24 4.06
CA ILE C 70 -9.64 63.53 2.63
C ILE C 70 -8.29 64.14 2.28
N MET C 71 -7.56 64.68 3.26
CA MET C 71 -6.20 65.15 2.99
C MET C 71 -5.28 64.01 2.58
N ILE C 72 -5.56 62.79 3.05
CA ILE C 72 -4.78 61.64 2.62
C ILE C 72 -5.40 60.95 1.41
N SER C 73 -6.73 60.97 1.29
CA SER C 73 -7.41 60.26 0.22
C SER C 73 -7.56 61.10 -1.04
N GLU C 74 -8.16 62.29 -0.94
CA GLU C 74 -8.88 62.87 -2.06
C GLU C 74 -8.11 63.95 -2.80
N VAL C 75 -7.14 64.60 -2.16
CA VAL C 75 -6.41 65.69 -2.81
C VAL C 75 -5.34 65.09 -3.70
N PRO C 76 -5.36 65.35 -5.00
CA PRO C 76 -4.51 64.60 -5.93
C PRO C 76 -3.09 65.15 -5.98
N SER C 77 -2.23 64.39 -6.66
CA SER C 77 -0.84 64.75 -6.89
C SER C 77 -0.35 63.95 -8.09
N VAL C 78 0.93 64.14 -8.43
CA VAL C 78 1.51 63.49 -9.60
C VAL C 78 2.68 62.61 -9.16
N ALA C 79 2.84 61.49 -9.86
CA ALA C 79 3.93 60.55 -9.62
C ALA C 79 3.98 59.60 -10.79
N ALA C 80 5.00 58.75 -10.81
CA ALA C 80 5.24 57.86 -11.94
C ALA C 80 4.16 56.79 -11.98
N GLU C 81 3.68 56.49 -13.19
CA GLU C 81 2.61 55.52 -13.35
C GLU C 81 2.93 54.50 -14.43
N TYR C 82 3.69 54.89 -15.44
CA TYR C 82 4.13 53.98 -16.49
C TYR C 82 5.62 54.18 -16.71
N VAL C 83 6.39 53.11 -16.55
CA VAL C 83 7.84 53.14 -16.68
C VAL C 83 8.25 52.30 -17.87
N TYR C 84 8.84 52.95 -18.88
CA TYR C 84 9.32 52.29 -20.07
C TYR C 84 10.82 52.07 -19.91
N PHE C 85 11.27 50.82 -20.06
CA PHE C 85 12.66 50.48 -19.84
C PHE C 85 13.42 50.36 -21.16
N PHE C 86 14.56 51.04 -21.22
CA PHE C 86 15.65 50.83 -22.17
C PHE C 86 16.70 49.92 -21.52
N ASN C 87 17.92 49.95 -22.04
CA ASN C 87 19.01 49.11 -21.53
C ASN C 87 19.19 49.30 -20.04
N ASN C 88 18.96 48.22 -19.29
CA ASN C 88 19.08 48.20 -17.83
C ASN C 88 19.66 46.84 -17.46
N THR C 89 20.96 46.82 -17.12
CA THR C 89 21.66 45.61 -16.69
C THR C 89 22.12 45.72 -15.24
N SER C 90 21.27 46.29 -14.39
CA SER C 90 21.58 46.46 -12.98
C SER C 90 21.44 45.13 -12.24
N VAL C 91 22.05 45.06 -11.05
CA VAL C 91 21.78 43.95 -10.15
C VAL C 91 20.40 44.08 -9.49
N ILE C 92 19.88 45.29 -9.40
CA ILE C 92 18.48 45.49 -9.05
C ILE C 92 17.63 45.19 -10.28
N GLN C 93 16.66 44.29 -10.13
CA GLN C 93 15.78 44.00 -11.25
C GLN C 93 14.82 45.17 -11.49
N ASP C 94 14.24 45.18 -12.69
CA ASP C 94 13.70 46.42 -13.23
C ASP C 94 12.35 46.79 -12.61
N GLU C 95 11.51 45.80 -12.31
CA GLU C 95 10.19 46.12 -11.78
C GLU C 95 10.24 46.51 -10.31
N VAL C 96 11.34 46.25 -9.60
CA VAL C 96 11.53 46.83 -8.29
C VAL C 96 12.02 48.27 -8.41
N LEU C 97 12.94 48.52 -9.33
CA LEU C 97 13.33 49.89 -9.68
C LEU C 97 12.13 50.71 -10.15
N ALA C 98 11.28 50.12 -10.98
CA ALA C 98 10.10 50.83 -11.46
C ALA C 98 9.07 51.06 -10.36
N HIS C 99 9.06 50.21 -9.33
CA HIS C 99 8.13 50.43 -8.23
C HIS C 99 8.54 51.64 -7.40
N ARG C 100 9.82 51.75 -7.07
CA ARG C 100 10.29 52.79 -6.17
C ARG C 100 10.61 54.10 -6.88
N ILE C 101 10.52 54.14 -8.21
CA ILE C 101 10.46 55.43 -8.91
C ILE C 101 9.15 56.12 -8.61
N GLY C 102 8.04 55.38 -8.61
CA GLY C 102 6.72 55.99 -8.49
C GLY C 102 6.44 56.58 -7.13
N LEU C 103 7.22 56.22 -6.12
CA LEU C 103 7.07 56.77 -4.79
C LEU C 103 7.93 58.02 -4.55
N VAL C 104 8.69 58.45 -5.54
CA VAL C 104 9.47 59.68 -5.40
C VAL C 104 8.52 60.87 -5.54
N PRO C 105 8.54 61.83 -4.62
CA PRO C 105 7.70 63.02 -4.78
C PRO C 105 8.24 63.94 -5.86
N LEU C 106 7.34 64.76 -6.40
CA LEU C 106 7.68 65.73 -7.43
C LEU C 106 7.14 67.09 -7.04
N LYS C 107 7.92 68.14 -7.34
CA LYS C 107 7.62 69.47 -6.83
C LYS C 107 6.50 70.15 -7.62
N VAL C 108 6.29 69.74 -8.87
CA VAL C 108 5.36 70.43 -9.76
C VAL C 108 3.94 70.28 -9.22
N ASP C 109 3.27 71.40 -9.02
CA ASP C 109 1.98 71.39 -8.34
C ASP C 109 0.87 70.95 -9.30
N PRO C 110 -0.15 70.26 -8.80
CA PRO C 110 -1.35 70.01 -9.61
C PRO C 110 -2.19 71.27 -9.75
N ASP C 111 -3.18 71.15 -10.63
CA ASP C 111 -3.95 72.14 -11.40
C ASP C 111 -3.19 72.61 -12.64
N MET C 112 -1.93 72.19 -12.83
CA MET C 112 -1.24 72.41 -14.09
C MET C 112 -1.59 71.37 -15.14
N LEU C 113 -2.26 70.28 -14.75
CA LEU C 113 -2.63 69.18 -15.62
C LEU C 113 -4.13 68.96 -15.51
N THR C 114 -4.61 67.92 -16.19
CA THR C 114 -6.00 67.51 -16.08
C THR C 114 -6.06 66.00 -15.83
N TRP C 115 -7.26 65.53 -15.49
CA TRP C 115 -7.48 64.10 -15.32
C TRP C 115 -7.40 63.38 -16.65
N VAL C 116 -6.72 62.23 -16.64
CA VAL C 116 -6.66 61.39 -17.83
C VAL C 116 -7.97 60.63 -17.99
N ASP C 117 -8.28 60.26 -19.23
CA ASP C 117 -9.47 59.47 -19.55
C ASP C 117 -9.00 58.10 -20.05
N SER C 118 -9.24 57.07 -19.26
CA SER C 118 -8.79 55.73 -19.60
C SER C 118 -9.73 55.00 -20.56
N ASN C 119 -10.85 55.62 -20.93
CA ASN C 119 -11.77 54.99 -21.87
C ASN C 119 -11.27 55.07 -23.31
N LEU C 120 -10.43 56.06 -23.61
CA LEU C 120 -9.86 56.18 -24.95
C LEU C 120 -8.88 55.05 -25.22
N PRO C 121 -8.66 54.70 -26.49
CA PRO C 121 -7.58 53.78 -26.81
C PRO C 121 -6.21 54.40 -26.56
N ASP C 122 -5.23 53.53 -26.33
CA ASP C 122 -3.96 53.95 -25.73
C ASP C 122 -3.01 54.54 -26.76
N ASP C 123 -3.50 55.48 -27.58
CA ASP C 123 -2.63 56.19 -28.51
C ASP C 123 -2.87 57.69 -28.42
N GLU C 124 -4.10 58.10 -28.10
CA GLU C 124 -4.41 59.48 -27.72
C GLU C 124 -4.87 59.59 -26.28
N LYS C 125 -4.65 58.56 -25.46
CA LYS C 125 -4.95 58.67 -24.03
C LYS C 125 -3.95 59.60 -23.34
N PHE C 126 -2.68 59.51 -23.70
CA PHE C 126 -1.64 60.37 -23.12
C PHE C 126 -1.45 61.57 -24.03
N THR C 127 -2.24 62.61 -23.78
CA THR C 127 -2.21 63.80 -24.63
C THR C 127 -0.99 64.66 -24.26
N ASP C 128 -0.90 65.86 -24.84
CA ASP C 128 0.20 66.76 -24.56
C ASP C 128 0.00 67.59 -23.30
N GLU C 129 -1.20 67.60 -22.72
CA GLU C 129 -1.51 68.51 -21.63
C GLU C 129 -1.62 67.84 -20.27
N ASN C 130 -1.94 66.54 -20.22
CA ASN C 130 -2.08 65.83 -18.96
C ASN C 130 -0.90 64.92 -18.65
N THR C 131 0.21 65.07 -19.37
CA THR C 131 1.32 64.12 -19.25
C THR C 131 2.62 64.88 -19.41
N ILE C 132 3.41 64.94 -18.34
CA ILE C 132 4.78 65.46 -18.39
C ILE C 132 5.74 64.28 -18.33
N VAL C 133 6.80 64.34 -19.14
CA VAL C 133 7.67 63.20 -19.39
C VAL C 133 9.07 63.54 -18.88
N LEU C 134 9.63 62.65 -18.07
CA LEU C 134 10.99 62.82 -17.56
C LEU C 134 11.67 61.45 -17.54
N SER C 135 12.99 61.47 -17.66
CA SER C 135 13.77 60.26 -17.87
C SER C 135 15.11 60.41 -17.15
N LEU C 136 15.96 59.40 -17.30
CA LEU C 136 17.34 59.48 -16.84
C LEU C 136 18.17 58.49 -17.63
N ASN C 137 19.47 58.79 -17.74
CA ASN C 137 20.44 57.90 -18.37
C ASN C 137 21.76 57.99 -17.62
N VAL C 138 22.36 56.83 -17.34
CA VAL C 138 23.60 56.79 -16.59
C VAL C 138 24.33 55.50 -16.94
N LYS C 139 25.65 55.60 -17.08
CA LYS C 139 26.52 54.46 -17.31
C LYS C 139 27.72 54.57 -16.38
N CYS C 140 28.04 53.48 -15.68
CA CYS C 140 29.13 53.47 -14.72
C CYS C 140 30.36 52.81 -15.33
N THR C 141 31.50 53.47 -15.20
CA THR C 141 32.77 52.96 -15.72
C THR C 141 33.84 52.95 -14.64
N ARG C 142 35.08 52.65 -15.03
CA ARG C 142 36.21 52.73 -14.11
C ARG C 142 36.79 54.14 -14.10
N ASN C 143 37.18 54.60 -12.92
CA ASN C 143 37.91 55.85 -12.77
C ASN C 143 39.40 55.57 -12.89
N PRO C 144 40.09 56.09 -13.92
CA PRO C 144 41.51 55.78 -14.15
C PRO C 144 42.47 56.62 -13.30
N ASP C 145 42.21 56.70 -12.00
CA ASP C 145 43.08 57.39 -11.07
C ASP C 145 43.71 56.37 -10.12
N ALA C 146 44.63 56.85 -9.27
CA ALA C 146 45.37 56.02 -8.33
C ALA C 146 45.17 56.50 -6.90
N PRO C 147 44.00 56.25 -6.30
CA PRO C 147 43.94 56.04 -4.85
C PRO C 147 44.26 54.58 -4.54
N LYS C 148 44.27 54.26 -3.24
CA LYS C 148 44.56 52.91 -2.80
C LYS C 148 43.27 52.18 -2.46
N GLY C 149 43.40 50.89 -2.16
CA GLY C 149 42.24 50.04 -2.00
C GLY C 149 41.56 50.22 -0.65
N SER C 150 40.46 49.47 -0.48
CA SER C 150 39.65 49.47 0.73
C SER C 150 39.06 50.85 1.05
N THR C 151 39.01 51.76 0.08
CA THR C 151 38.55 53.11 0.35
C THR C 151 37.06 53.24 0.03
N ASP C 152 36.59 54.48 -0.03
CA ASP C 152 35.21 54.77 -0.36
C ASP C 152 34.89 54.30 -1.77
N PRO C 153 33.84 53.49 -1.97
CA PRO C 153 33.38 53.20 -3.34
C PRO C 153 32.68 54.38 -3.97
N LYS C 154 33.38 55.51 -4.05
CA LYS C 154 32.90 56.70 -4.76
C LYS C 154 33.94 57.33 -5.68
N GLU C 155 35.24 57.08 -5.48
CA GLU C 155 36.29 57.62 -6.34
C GLU C 155 37.00 56.57 -7.15
N LEU C 156 36.86 55.29 -6.81
CA LEU C 156 37.27 54.23 -7.72
C LEU C 156 36.37 54.21 -8.96
N TYR C 157 35.11 54.60 -8.80
CA TYR C 157 34.06 54.45 -9.80
C TYR C 157 33.42 55.82 -9.98
N ASN C 158 33.33 56.28 -11.23
CA ASN C 158 32.51 57.45 -11.52
C ASN C 158 31.03 57.10 -11.51
N ASN C 159 30.23 58.07 -11.05
CA ASN C 159 28.78 58.07 -10.91
C ASN C 159 28.20 56.70 -10.58
N ALA C 160 28.80 56.01 -9.61
CA ALA C 160 28.31 54.69 -9.23
C ALA C 160 27.13 54.76 -8.26
N HIS C 161 26.84 55.95 -7.72
CA HIS C 161 25.66 56.18 -6.88
C HIS C 161 24.69 57.08 -7.65
N VAL C 162 23.61 56.49 -8.15
CA VAL C 162 22.57 57.30 -8.77
C VAL C 162 21.74 57.97 -7.69
N TYR C 163 21.05 59.05 -8.08
CA TYR C 163 20.19 59.79 -7.15
C TYR C 163 18.97 60.29 -7.91
N ALA C 164 18.08 60.98 -7.17
CA ALA C 164 16.87 61.51 -7.78
C ALA C 164 17.17 62.65 -8.75
N ARG C 165 18.28 63.37 -8.54
CA ARG C 165 18.59 64.49 -9.42
C ARG C 165 19.01 64.05 -10.81
N ASP C 166 19.25 62.75 -11.04
CA ASP C 166 19.51 62.25 -12.37
C ASP C 166 18.28 62.28 -13.26
N LEU C 167 17.09 62.50 -12.70
CA LEU C 167 15.85 62.53 -13.46
C LEU C 167 15.75 63.85 -14.21
N LYS C 168 16.32 63.88 -15.41
CA LYS C 168 16.26 65.07 -16.24
C LYS C 168 14.86 65.22 -16.83
N PHE C 169 14.28 66.41 -16.68
CA PHE C 169 13.03 66.72 -17.34
C PHE C 169 13.23 66.89 -18.84
N GLU C 170 12.57 66.03 -19.63
CA GLU C 170 12.59 66.11 -21.07
C GLU C 170 11.32 66.82 -21.54
N PRO C 171 11.37 68.08 -21.94
CA PRO C 171 10.14 68.81 -22.25
C PRO C 171 9.49 68.28 -23.53
N GLN C 172 8.16 68.19 -23.49
CA GLN C 172 7.35 67.99 -24.68
C GLN C 172 6.85 69.34 -25.17
N GLY C 173 6.27 69.34 -26.37
CA GLY C 173 5.79 70.59 -26.94
C GLY C 173 4.60 71.15 -26.17
N ARG C 174 4.21 72.36 -26.59
CA ARG C 174 2.99 73.03 -26.13
C ARG C 174 3.09 73.44 -24.67
N GLN C 175 4.17 73.03 -24.00
CA GLN C 175 4.34 73.31 -22.58
C GLN C 175 5.74 73.77 -22.21
N SER C 176 6.67 73.83 -23.16
CA SER C 176 8.01 74.35 -22.85
C SER C 176 7.97 75.84 -22.53
N THR C 177 6.99 76.57 -23.06
CA THR C 177 6.79 77.96 -22.67
C THR C 177 5.92 78.14 -21.44
N THR C 178 5.20 77.10 -21.01
CA THR C 178 4.41 77.21 -19.79
C THR C 178 5.25 76.96 -18.55
N PHE C 179 6.02 75.86 -18.55
CA PHE C 179 6.90 75.55 -17.45
C PHE C 179 8.27 76.21 -17.57
N ALA C 180 8.40 77.22 -18.43
CA ALA C 180 9.66 77.94 -18.55
C ALA C 180 10.01 78.72 -17.30
N ASP C 181 9.03 79.10 -16.49
CA ASP C 181 9.32 79.74 -15.22
C ASP C 181 9.74 78.74 -14.14
N CYS C 182 9.09 77.58 -14.10
CA CYS C 182 9.43 76.54 -13.13
C CYS C 182 9.42 75.17 -13.79
N PRO C 183 10.58 74.66 -14.20
CA PRO C 183 10.65 73.25 -14.62
C PRO C 183 10.56 72.35 -13.40
N VAL C 184 10.29 71.07 -13.67
CA VAL C 184 9.98 70.15 -12.58
C VAL C 184 11.27 69.63 -11.95
N VAL C 185 11.20 69.36 -10.65
CA VAL C 185 12.27 68.69 -9.94
C VAL C 185 11.67 67.64 -9.01
N PRO C 186 12.44 66.62 -8.67
CA PRO C 186 12.05 65.78 -7.52
C PRO C 186 12.09 66.57 -6.22
N ALA C 187 11.09 66.34 -5.38
CA ALA C 187 10.90 67.20 -4.20
C ALA C 187 12.00 67.04 -3.17
N ASP C 188 12.83 66.00 -3.29
CA ASP C 188 13.97 65.80 -2.41
C ASP C 188 15.04 65.10 -3.24
N PRO C 189 16.00 65.84 -3.79
CA PRO C 189 16.83 65.31 -4.88
C PRO C 189 17.92 64.34 -4.43
N ASP C 190 18.00 63.99 -3.15
CA ASP C 190 19.11 63.21 -2.63
C ASP C 190 18.70 61.78 -2.30
N ILE C 191 17.59 61.30 -2.86
CA ILE C 191 17.12 59.96 -2.56
C ILE C 191 18.02 58.95 -3.24
N LEU C 192 18.59 58.03 -2.46
CA LEU C 192 19.31 56.91 -3.04
C LEU C 192 18.35 55.98 -3.77
N LEU C 193 18.69 55.61 -4.99
CA LEU C 193 17.77 54.90 -5.87
C LEU C 193 18.31 53.55 -6.32
N ALA C 194 19.60 53.46 -6.59
CA ALA C 194 20.23 52.20 -6.99
C ALA C 194 21.74 52.34 -6.79
N LYS C 195 22.43 51.22 -6.93
CA LYS C 195 23.89 51.20 -6.95
C LYS C 195 24.36 50.36 -8.13
N LEU C 196 25.51 50.74 -8.69
CA LEU C 196 26.05 50.05 -9.85
C LEU C 196 27.53 49.72 -9.64
N ARG C 197 28.01 48.81 -10.48
CA ARG C 197 29.41 48.47 -10.65
C ARG C 197 29.76 48.54 -12.14
N PRO C 198 31.02 48.81 -12.47
CA PRO C 198 31.34 49.22 -13.85
C PRO C 198 31.08 48.11 -14.85
N GLY C 199 30.61 48.52 -16.02
CA GLY C 199 30.09 47.64 -17.04
C GLY C 199 28.58 47.59 -17.10
N GLN C 200 27.90 48.37 -16.26
CA GLN C 200 26.46 48.29 -16.07
C GLN C 200 25.86 49.68 -16.26
N GLU C 201 24.72 49.74 -16.94
CA GLU C 201 24.07 51.02 -17.20
C GLU C 201 22.57 50.88 -17.00
N ILE C 202 21.93 52.01 -16.75
CA ILE C 202 20.48 52.08 -16.57
C ILE C 202 19.92 53.12 -17.51
N SER C 203 18.86 52.77 -18.23
CA SER C 203 18.22 53.71 -19.15
C SER C 203 16.73 53.43 -19.18
N LEU C 204 15.93 54.47 -19.00
CA LEU C 204 14.47 54.31 -19.02
C LEU C 204 13.84 55.67 -19.29
N LYS C 205 12.53 55.66 -19.48
CA LYS C 205 11.73 56.88 -19.47
C LYS C 205 10.38 56.58 -18.83
N ALA C 206 9.75 57.62 -18.28
CA ALA C 206 8.55 57.47 -17.47
C ALA C 206 7.50 58.47 -17.93
N HIS C 207 6.23 58.08 -17.76
CA HIS C 207 5.09 58.94 -18.05
C HIS C 207 4.30 59.14 -16.77
N CYS C 208 4.57 60.24 -16.07
CA CYS C 208 3.88 60.53 -14.81
C CYS C 208 2.68 61.41 -15.09
N ILE C 209 1.54 61.07 -14.48
CA ILE C 209 0.27 61.74 -14.73
C ILE C 209 -0.33 62.15 -13.38
N LEU C 210 -1.54 62.69 -13.45
CA LEU C 210 -2.27 63.15 -12.27
C LEU C 210 -3.14 62.02 -11.76
N GLY C 211 -3.10 61.79 -10.44
CA GLY C 211 -3.91 60.74 -9.85
C GLY C 211 -4.28 61.06 -8.42
N ILE C 212 -5.25 60.30 -7.92
CA ILE C 212 -5.86 60.55 -6.61
C ILE C 212 -5.16 59.68 -5.56
N GLY C 213 -4.99 60.26 -4.36
CA GLY C 213 -4.25 59.58 -3.31
C GLY C 213 -4.99 58.40 -2.71
N GLY C 214 -6.32 58.49 -2.62
CA GLY C 214 -7.11 57.42 -2.05
C GLY C 214 -7.15 56.16 -2.88
N ASP C 215 -6.83 56.26 -4.18
CA ASP C 215 -6.63 55.06 -4.99
C ASP C 215 -5.42 54.28 -4.52
N HIS C 216 -4.30 54.96 -4.27
CA HIS C 216 -2.99 54.34 -4.31
C HIS C 216 -1.99 55.29 -3.67
N ALA C 217 -1.08 54.74 -2.89
CA ALA C 217 -0.30 55.53 -1.93
C ALA C 217 0.84 56.30 -2.56
N LYS C 218 1.02 56.21 -3.89
CA LYS C 218 1.96 57.11 -4.55
C LYS C 218 1.49 58.56 -4.49
N PHE C 219 0.17 58.78 -4.53
CA PHE C 219 -0.40 60.07 -4.90
C PHE C 219 -0.86 60.89 -3.70
N SER C 220 -0.66 60.41 -2.47
CA SER C 220 -0.98 61.22 -1.30
C SER C 220 0.02 62.36 -1.15
N PRO C 221 -0.41 63.62 -1.21
CA PRO C 221 0.57 64.72 -1.29
C PRO C 221 1.18 65.10 0.04
N VAL C 222 0.53 64.77 1.16
CA VAL C 222 1.05 65.07 2.49
C VAL C 222 2.00 63.97 2.94
N SER C 223 2.97 64.35 3.77
CA SER C 223 3.79 63.36 4.47
C SER C 223 2.93 62.54 5.43
N THR C 224 2.22 63.21 6.33
CA THR C 224 1.14 62.62 7.10
C THR C 224 0.24 63.74 7.60
N ALA C 225 -0.90 63.36 8.17
CA ALA C 225 -1.83 64.33 8.72
C ALA C 225 -2.63 63.70 9.84
N SER C 226 -2.53 64.27 11.04
CA SER C 226 -3.25 63.80 12.21
C SER C 226 -3.50 64.99 13.13
N TYR C 227 -4.13 64.72 14.27
CA TYR C 227 -4.44 65.79 15.21
C TYR C 227 -4.41 65.25 16.63
N ARG C 228 -4.25 66.17 17.58
CA ARG C 228 -4.33 65.90 19.00
C ARG C 228 -5.47 66.72 19.61
N LEU C 229 -5.68 66.53 20.92
CA LEU C 229 -6.57 67.38 21.69
C LEU C 229 -5.82 67.96 22.88
N LEU C 230 -6.26 69.11 23.36
CA LEU C 230 -5.53 69.83 24.39
C LEU C 230 -5.71 69.16 25.74
N PRO C 231 -4.63 68.89 26.48
CA PRO C 231 -4.77 68.34 27.83
C PRO C 231 -5.11 69.41 28.84
N GLN C 232 -5.97 69.07 29.79
CA GLN C 232 -6.40 70.00 30.83
C GLN C 232 -6.13 69.40 32.20
N ILE C 233 -5.34 70.11 32.99
CA ILE C 233 -4.90 69.64 34.31
C ILE C 233 -5.68 70.41 35.37
N ASN C 234 -6.17 69.68 36.38
CA ASN C 234 -6.80 70.29 37.55
C ASN C 234 -6.08 69.85 38.81
N ILE C 235 -5.79 70.81 39.68
CA ILE C 235 -5.09 70.58 40.94
C ILE C 235 -6.07 70.86 42.06
N LEU C 236 -6.31 69.86 42.92
CA LEU C 236 -7.26 70.03 44.02
C LEU C 236 -6.61 70.74 45.21
N GLN C 237 -5.62 70.10 45.83
CA GLN C 237 -5.03 70.71 47.01
C GLN C 237 -3.63 71.24 46.70
N PRO C 238 -3.22 72.33 47.37
CA PRO C 238 -1.83 72.77 47.28
C PRO C 238 -0.88 71.75 47.88
N ILE C 239 -0.01 71.20 47.04
CA ILE C 239 1.05 70.30 47.49
C ILE C 239 2.30 71.12 47.77
N LYS C 240 2.98 70.78 48.87
CA LYS C 240 4.07 71.60 49.38
C LYS C 240 5.20 70.71 49.88
N GLY C 241 6.43 71.11 49.57
CA GLY C 241 7.61 70.48 50.14
C GLY C 241 8.36 69.58 49.19
N GLU C 242 8.86 68.45 49.70
CA GLU C 242 9.68 67.57 48.87
C GLU C 242 8.84 66.85 47.82
N SER C 243 7.55 66.63 48.11
CA SER C 243 6.66 66.00 47.14
C SER C 243 6.38 66.90 45.94
N ALA C 244 6.59 68.21 46.08
CA ALA C 244 6.45 69.10 44.92
C ALA C 244 7.53 68.85 43.89
N ARG C 245 8.76 68.55 44.32
CA ARG C 245 9.77 68.13 43.36
C ARG C 245 9.54 66.70 42.88
N ARG C 246 8.89 65.87 43.70
CA ARG C 246 8.47 64.55 43.22
C ARG C 246 7.40 64.66 42.15
N PHE C 247 6.56 65.69 42.24
CA PHE C 247 5.52 65.93 41.24
C PHE C 247 6.09 66.39 39.90
N GLN C 248 7.32 66.91 39.91
CA GLN C 248 7.87 67.48 38.68
C GLN C 248 8.51 66.42 37.79
N LYS C 249 9.18 65.42 38.37
CA LYS C 249 9.88 64.47 37.54
C LYS C 249 9.00 63.36 36.97
N CYS C 250 7.69 63.42 37.20
CA CYS C 250 6.75 62.47 36.60
C CYS C 250 6.01 63.09 35.43
N PHE C 251 6.68 63.96 34.67
CA PHE C 251 6.09 64.60 33.51
C PHE C 251 7.19 64.83 32.50
N PRO C 252 6.83 65.18 31.26
CA PRO C 252 7.79 65.89 30.42
C PRO C 252 8.22 67.18 31.08
N PRO C 253 9.48 67.59 30.91
CA PRO C 253 10.06 68.61 31.79
C PRO C 253 9.56 70.02 31.54
N GLY C 254 8.74 70.27 30.51
CA GLY C 254 8.36 71.61 30.15
C GLY C 254 6.96 72.05 30.51
N VAL C 255 6.22 71.28 31.30
CA VAL C 255 4.79 71.51 31.43
C VAL C 255 4.46 72.25 32.72
N ILE C 256 5.25 72.01 33.77
CA ILE C 256 4.99 72.58 35.09
C ILE C 256 6.30 73.03 35.71
N GLY C 257 6.20 73.99 36.63
CA GLY C 257 7.37 74.55 37.27
C GLY C 257 7.04 74.99 38.68
N ILE C 258 8.04 74.85 39.56
CA ILE C 258 7.85 75.21 40.96
C ILE C 258 7.82 76.73 41.10
N ASP C 259 6.82 77.24 41.83
CA ASP C 259 6.78 78.66 42.12
C ASP C 259 7.92 79.04 43.06
N GLU C 260 8.59 80.16 42.75
CA GLU C 260 9.78 80.54 43.50
C GLU C 260 9.43 81.07 44.89
N GLY C 261 8.33 81.81 45.01
CA GLY C 261 7.94 82.36 46.29
C GLY C 261 7.50 81.33 47.31
N SER C 262 6.34 80.73 47.07
CA SER C 262 5.84 79.62 47.89
C SER C 262 6.10 78.29 47.20
N ASP C 263 6.47 77.28 47.97
CA ASP C 263 6.80 75.98 47.42
C ASP C 263 5.50 75.28 47.03
N GLU C 264 5.00 75.64 45.85
CA GLU C 264 3.76 75.07 45.33
C GLU C 264 3.88 74.99 43.81
N ALA C 265 3.47 73.84 43.26
CA ALA C 265 3.57 73.62 41.83
C ALA C 265 2.36 74.16 41.11
N TYR C 266 2.61 74.79 39.95
CA TYR C 266 1.55 75.29 39.08
C TYR C 266 1.84 74.83 37.65
N VAL C 267 0.93 75.13 36.74
CA VAL C 267 1.03 74.68 35.36
C VAL C 267 1.75 75.75 34.55
N LYS C 268 2.87 75.37 33.95
CA LYS C 268 3.58 76.19 32.96
C LYS C 268 2.91 76.10 31.60
N ASP C 269 3.66 76.41 30.55
CA ASP C 269 3.22 76.19 29.18
C ASP C 269 2.67 74.78 29.00
N ALA C 270 1.39 74.71 28.65
CA ALA C 270 0.72 73.44 28.37
C ALA C 270 1.03 72.93 26.97
N ARG C 271 0.19 72.01 26.47
CA ARG C 271 0.20 71.52 25.09
C ARG C 271 1.42 70.67 24.78
N LYS C 272 2.21 70.30 25.79
CA LYS C 272 3.40 69.48 25.60
C LYS C 272 3.32 68.10 26.24
N ASP C 273 2.35 67.87 27.12
CA ASP C 273 2.16 66.56 27.74
C ASP C 273 1.36 65.66 26.80
N THR C 274 2.02 64.63 26.26
CA THR C 274 1.33 63.38 25.99
C THR C 274 0.95 62.73 27.32
N VAL C 275 -0.15 61.99 27.31
CA VAL C 275 -0.74 61.57 28.58
C VAL C 275 0.01 60.39 29.18
N SER C 276 1.02 60.69 29.99
CA SER C 276 1.87 59.68 30.60
C SER C 276 1.15 58.92 31.72
N ARG C 277 0.03 59.46 32.21
CA ARG C 277 -0.78 58.94 33.31
C ARG C 277 0.07 58.38 34.45
N GLU C 278 1.22 59.01 34.69
CA GLU C 278 2.18 58.51 35.68
C GLU C 278 1.75 58.84 37.10
N VAL C 279 0.99 59.93 37.27
CA VAL C 279 0.52 60.35 38.58
C VAL C 279 -0.52 59.39 39.16
N LEU C 280 -1.13 58.55 38.34
CA LEU C 280 -2.12 57.59 38.83
C LEU C 280 -1.49 56.32 39.37
N ARG C 281 -0.17 56.16 39.27
CA ARG C 281 0.46 54.97 39.81
C ARG C 281 0.75 55.11 41.30
N TYR C 282 1.09 56.32 41.75
CA TYR C 282 1.73 56.50 43.04
C TYR C 282 0.74 56.54 44.18
N GLU C 283 -0.56 56.57 43.90
CA GLU C 283 -1.69 56.38 44.83
C GLU C 283 -1.67 57.39 45.97
N GLU C 284 -0.69 58.30 45.98
CA GLU C 284 -0.72 59.45 46.87
C GLU C 284 -1.21 60.73 46.20
N PHE C 285 -1.19 60.78 44.87
CA PHE C 285 -1.81 61.85 44.11
C PHE C 285 -3.21 61.51 43.63
N ALA C 286 -3.82 60.45 44.17
CA ALA C 286 -5.08 59.97 43.62
C ALA C 286 -6.23 60.94 43.86
N ASP C 287 -6.13 61.76 44.90
CA ASP C 287 -7.10 62.84 45.10
C ASP C 287 -6.52 64.22 44.80
N LYS C 288 -5.20 64.34 44.67
CA LYS C 288 -4.59 65.66 44.52
C LYS C 288 -4.77 66.21 43.11
N VAL C 289 -4.66 65.34 42.10
CA VAL C 289 -4.67 65.73 40.70
C VAL C 289 -5.73 64.93 39.98
N LYS C 290 -6.63 65.60 39.28
CA LYS C 290 -7.60 64.97 38.39
C LYS C 290 -7.44 65.60 37.02
N LEU C 291 -6.60 64.99 36.19
CA LEU C 291 -6.26 65.52 34.88
C LEU C 291 -7.27 65.06 33.84
N GLY C 292 -7.29 65.76 32.72
CA GLY C 292 -8.25 65.48 31.67
C GLY C 292 -7.83 66.10 30.36
N ARG C 293 -8.76 66.03 29.39
CA ARG C 293 -8.47 66.45 28.03
C ARG C 293 -9.73 67.08 27.44
N VAL C 294 -9.63 68.33 27.01
CA VAL C 294 -10.79 69.05 26.49
C VAL C 294 -11.09 68.56 25.08
N ARG C 295 -12.35 68.67 24.68
CA ARG C 295 -12.85 68.01 23.48
C ARG C 295 -13.04 68.98 22.30
N ASN C 296 -12.81 70.27 22.49
CA ASN C 296 -13.05 71.22 21.40
C ASN C 296 -11.84 72.13 21.16
N HIS C 297 -10.64 71.66 21.48
CA HIS C 297 -9.41 72.41 21.21
C HIS C 297 -8.51 71.53 20.34
N PHE C 298 -8.78 71.52 19.04
CA PHE C 298 -8.07 70.63 18.13
C PHE C 298 -6.68 71.18 17.81
N ILE C 299 -5.72 70.27 17.69
CA ILE C 299 -4.32 70.64 17.40
C ILE C 299 -3.97 69.93 16.08
N PHE C 300 -4.19 70.62 14.97
CA PHE C 300 -3.78 70.07 13.69
C PHE C 300 -2.26 70.16 13.51
N ASN C 301 -1.70 69.16 12.83
CA ASN C 301 -0.26 69.12 12.58
C ASN C 301 -0.05 68.34 11.27
N VAL C 302 0.07 69.05 10.16
CA VAL C 302 0.28 68.42 8.87
C VAL C 302 1.70 68.71 8.38
N GLU C 303 2.18 67.85 7.49
CA GLU C 303 3.46 68.04 6.83
C GLU C 303 3.31 67.66 5.36
N SER C 304 4.14 68.26 4.52
CA SER C 304 4.06 68.03 3.09
C SER C 304 5.13 67.04 2.64
N ALA C 305 4.88 66.40 1.50
CA ALA C 305 5.92 65.70 0.77
C ALA C 305 6.85 66.65 0.03
N GLY C 306 6.38 67.85 -0.29
CA GLY C 306 7.17 68.86 -0.97
C GLY C 306 6.55 69.35 -2.27
N ALA C 307 5.39 68.82 -2.67
CA ALA C 307 4.77 69.23 -3.92
C ALA C 307 4.17 70.62 -3.83
N MET C 308 3.63 70.97 -2.66
CA MET C 308 3.15 72.32 -2.41
C MET C 308 3.20 72.60 -0.92
N THR C 309 3.02 73.87 -0.57
CA THR C 309 3.18 74.29 0.81
C THR C 309 2.01 73.80 1.67
N PRO C 310 2.27 73.45 2.93
CA PRO C 310 1.24 72.77 3.74
C PRO C 310 0.06 73.66 4.11
N GLU C 311 0.18 74.99 4.01
CA GLU C 311 -1.00 75.83 4.18
C GLU C 311 -1.93 75.76 2.98
N GLU C 312 -1.45 75.33 1.82
CA GLU C 312 -2.27 75.31 0.61
C GLU C 312 -3.08 74.03 0.46
N ILE C 313 -2.58 72.90 0.96
CA ILE C 313 -3.37 71.68 0.97
C ILE C 313 -4.56 71.82 1.90
N PHE C 314 -4.38 72.51 3.03
CA PHE C 314 -5.47 72.67 3.98
C PHE C 314 -6.55 73.59 3.43
N PHE C 315 -6.16 74.61 2.66
CA PHE C 315 -7.16 75.42 1.96
C PHE C 315 -7.78 74.65 0.81
N LYS C 316 -7.01 73.74 0.19
CA LYS C 316 -7.59 72.84 -0.80
C LYS C 316 -8.36 71.69 -0.16
N SER C 317 -8.06 71.39 1.11
CA SER C 317 -8.79 70.34 1.81
C SER C 317 -10.26 70.74 2.01
N VAL C 318 -10.49 71.88 2.65
CA VAL C 318 -11.85 72.28 2.98
C VAL C 318 -12.62 72.67 1.72
N ARG C 319 -11.92 73.06 0.66
CA ARG C 319 -12.60 73.52 -0.56
C ARG C 319 -13.23 72.35 -1.30
N ILE C 320 -12.58 71.19 -1.32
CA ILE C 320 -13.15 70.02 -1.99
C ILE C 320 -14.14 69.26 -1.13
N LEU C 321 -14.33 69.66 0.13
CA LEU C 321 -15.51 69.22 0.86
C LEU C 321 -16.78 69.86 0.30
N LYS C 322 -16.70 71.14 -0.05
CA LYS C 322 -17.88 71.85 -0.54
C LYS C 322 -18.34 71.30 -1.88
N ASN C 323 -17.40 71.06 -2.80
CA ASN C 323 -17.77 70.49 -4.09
C ASN C 323 -18.20 69.04 -3.95
N LYS C 324 -17.70 68.33 -2.92
CA LYS C 324 -18.25 67.02 -2.61
C LYS C 324 -19.63 67.12 -1.97
N ALA C 325 -19.96 68.27 -1.38
CA ALA C 325 -21.28 68.51 -0.81
C ALA C 325 -22.25 69.14 -1.79
N GLU C 326 -21.75 69.84 -2.81
CA GLU C 326 -22.61 70.55 -3.74
C GLU C 326 -22.98 69.71 -4.95
N TYR C 327 -22.14 68.73 -5.32
CA TYR C 327 -22.40 67.95 -6.53
C TYR C 327 -23.67 67.12 -6.42
N LEU C 328 -24.07 66.78 -5.19
CA LEU C 328 -25.28 66.00 -4.95
C LEU C 328 -26.45 66.87 -4.50
N LYS C 329 -26.26 68.18 -4.42
CA LYS C 329 -27.36 69.12 -4.19
C LYS C 329 -28.20 69.35 -5.44
N ASN C 330 -27.66 69.05 -6.62
CA ASN C 330 -28.31 69.39 -7.90
C ASN C 330 -28.55 68.13 -8.73
N CYS C 331 -28.79 67.00 -8.07
CA CYS C 331 -29.14 65.76 -8.73
C CYS C 331 -30.48 65.24 -8.22
N PRO C 332 -31.31 64.67 -9.08
CA PRO C 332 -32.66 64.27 -8.67
C PRO C 332 -32.63 62.98 -7.86
N ILE C 333 -33.82 62.50 -7.52
CA ILE C 333 -34.01 61.22 -6.84
C ILE C 333 -34.90 60.34 -7.71
N THR C 334 -34.38 59.17 -8.09
CA THR C 334 -35.09 58.23 -8.93
C THR C 334 -35.57 57.05 -8.08
N GLN C 335 -36.77 56.55 -8.41
CA GLN C 335 -37.31 55.38 -7.74
C GLN C 335 -37.04 54.11 -8.55
N MET D 1 -45.63 -4.22 -23.72
CA MET D 1 -46.26 -4.65 -24.96
C MET D 1 -46.83 -6.07 -24.82
N LYS D 2 -48.15 -6.15 -24.63
CA LYS D 2 -48.84 -7.42 -24.47
C LYS D 2 -50.06 -7.43 -25.37
N VAL D 3 -50.16 -8.44 -26.22
CA VAL D 3 -51.36 -8.68 -27.03
C VAL D 3 -52.25 -9.65 -26.26
N LEU D 4 -53.36 -9.15 -25.74
CA LEU D 4 -54.26 -10.00 -24.97
C LEU D 4 -55.07 -10.93 -25.85
N GLU D 5 -55.75 -10.38 -26.85
CA GLU D 5 -56.53 -11.19 -27.78
C GLU D 5 -56.54 -10.51 -29.15
N GLU D 6 -56.55 -11.32 -30.20
CA GLU D 6 -56.36 -10.85 -31.55
C GLU D 6 -57.67 -10.62 -32.30
N ARG D 7 -58.66 -11.51 -32.11
CA ARG D 7 -59.81 -11.63 -33.00
C ARG D 7 -61.09 -11.50 -32.19
N ASN D 8 -61.21 -10.39 -31.46
CA ASN D 8 -62.37 -10.18 -30.60
C ASN D 8 -63.67 -10.14 -31.41
N ALA D 9 -63.70 -9.36 -32.49
CA ALA D 9 -64.91 -9.21 -33.28
C ALA D 9 -64.52 -8.81 -34.69
N PHE D 10 -65.52 -8.45 -35.49
CA PHE D 10 -65.35 -7.92 -36.84
C PHE D 10 -65.80 -6.47 -36.88
N LEU D 11 -65.52 -5.81 -38.00
CA LEU D 11 -65.96 -4.45 -38.22
C LEU D 11 -66.21 -4.26 -39.71
N SER D 12 -67.39 -3.73 -40.05
CA SER D 12 -67.83 -3.62 -41.43
C SER D 12 -67.10 -2.50 -42.16
N ASP D 13 -67.06 -2.61 -43.48
CA ASP D 13 -66.25 -1.71 -44.30
C ASP D 13 -66.85 -0.33 -44.43
N TYR D 14 -68.09 -0.13 -43.98
CA TYR D 14 -68.65 1.23 -43.96
C TYR D 14 -67.97 2.09 -42.90
N GLU D 15 -67.68 1.51 -41.72
CA GLU D 15 -67.01 2.26 -40.67
C GLU D 15 -65.53 2.48 -41.00
N VAL D 16 -64.95 1.67 -41.89
CA VAL D 16 -63.64 1.97 -42.44
C VAL D 16 -63.68 3.28 -43.23
N LEU D 17 -64.81 3.58 -43.87
CA LEU D 17 -65.03 4.92 -44.40
C LEU D 17 -65.57 5.87 -43.34
N LYS D 18 -66.49 5.40 -42.49
CA LYS D 18 -67.23 6.32 -41.63
C LYS D 18 -66.36 6.87 -40.51
N PHE D 19 -65.68 5.99 -39.77
CA PHE D 19 -64.78 6.45 -38.71
C PHE D 19 -63.58 7.21 -39.28
N LEU D 20 -63.17 6.90 -40.50
CA LEU D 20 -62.09 7.63 -41.16
C LEU D 20 -62.56 8.94 -41.79
N THR D 21 -63.86 9.03 -42.11
CA THR D 21 -64.42 10.31 -42.54
C THR D 21 -64.32 11.35 -41.44
N ASP D 22 -64.62 10.98 -40.20
CA ASP D 22 -64.45 11.90 -39.09
C ASP D 22 -62.97 12.16 -38.80
N LEU D 23 -62.10 11.20 -39.11
CA LEU D 23 -60.67 11.46 -39.03
C LEU D 23 -60.20 12.41 -40.11
N GLU D 24 -60.87 12.41 -41.28
CA GLU D 24 -60.60 13.40 -42.30
C GLU D 24 -61.15 14.77 -41.95
N LYS D 25 -62.05 14.84 -40.96
CA LYS D 25 -62.64 16.13 -40.59
C LYS D 25 -61.64 16.98 -39.82
N LYS D 26 -61.21 16.51 -38.65
CA LYS D 26 -60.40 17.31 -37.73
C LYS D 26 -58.91 17.15 -38.03
N HIS D 27 -58.53 17.43 -39.28
CA HIS D 27 -57.15 17.27 -39.72
C HIS D 27 -56.70 18.46 -40.56
N LEU D 28 -57.25 19.64 -40.29
CA LEU D 28 -56.85 20.90 -40.90
C LEU D 28 -57.04 20.87 -42.42
N TRP D 29 -58.29 20.66 -42.83
CA TRP D 29 -58.76 20.91 -44.19
C TRP D 29 -57.97 20.08 -45.20
N ASP D 30 -58.18 18.76 -45.09
CA ASP D 30 -57.48 17.80 -45.93
C ASP D 30 -57.82 17.98 -47.42
N GLN D 31 -56.85 17.64 -48.26
CA GLN D 31 -57.04 17.41 -49.69
C GLN D 31 -57.29 18.70 -50.47
N LYS D 32 -57.48 19.82 -49.76
CA LYS D 32 -57.88 21.06 -50.40
C LYS D 32 -57.03 22.25 -49.95
N SER D 33 -55.89 22.01 -49.31
CA SER D 33 -54.94 23.06 -48.94
C SER D 33 -53.77 23.14 -49.91
N LEU D 34 -53.96 22.70 -51.16
CA LEU D 34 -52.93 22.81 -52.18
C LEU D 34 -52.88 24.19 -52.82
N ALA D 35 -53.84 25.06 -52.53
CA ALA D 35 -53.83 26.42 -53.05
C ALA D 35 -54.31 27.42 -52.01
N PRO D 53 -48.21 14.75 -40.19
CA PRO D 53 -46.87 14.24 -40.51
C PRO D 53 -46.91 13.09 -41.52
N GLU D 54 -46.20 12.00 -41.21
CA GLU D 54 -46.26 10.81 -42.03
C GLU D 54 -47.59 10.08 -41.90
N LEU D 55 -48.29 10.26 -40.79
CA LEU D 55 -49.55 9.57 -40.56
C LEU D 55 -50.66 10.08 -41.47
N GLN D 56 -50.54 11.30 -41.99
CA GLN D 56 -51.54 11.83 -42.91
C GLN D 56 -51.50 11.10 -44.25
N GLY D 57 -50.30 10.83 -44.77
CA GLY D 57 -50.17 10.29 -46.11
C GLY D 57 -50.67 8.87 -46.23
N ILE D 58 -50.49 8.06 -45.18
CA ILE D 58 -51.02 6.70 -45.19
C ILE D 58 -52.54 6.71 -45.02
N THR D 59 -53.05 7.61 -44.19
CA THR D 59 -54.47 7.58 -43.84
C THR D 59 -55.36 8.16 -44.93
N ARG D 60 -54.80 8.84 -45.92
CA ARG D 60 -55.54 9.24 -47.10
C ARG D 60 -55.47 8.21 -48.23
N ASN D 61 -54.43 7.38 -48.23
CA ASN D 61 -54.31 6.31 -49.22
C ASN D 61 -55.30 5.18 -48.94
N VAL D 62 -55.83 5.11 -47.73
CA VAL D 62 -56.86 4.11 -47.41
C VAL D 62 -58.23 4.59 -47.86
N VAL D 63 -58.55 5.86 -47.62
CA VAL D 63 -59.93 6.31 -47.80
C VAL D 63 -60.28 6.40 -49.28
N ASN D 64 -59.32 6.71 -50.14
CA ASN D 64 -59.62 6.89 -51.55
C ASN D 64 -59.68 5.56 -52.29
N TYR D 65 -58.91 4.57 -51.86
CA TYR D 65 -58.82 3.31 -52.59
C TYR D 65 -60.13 2.53 -52.51
N LEU D 66 -60.73 2.48 -51.32
CA LEU D 66 -61.96 1.70 -51.14
C LEU D 66 -63.18 2.46 -51.64
N SER D 67 -63.12 3.79 -51.69
CA SER D 67 -64.27 4.58 -52.11
C SER D 67 -64.47 4.50 -53.62
N ILE D 68 -63.37 4.42 -54.38
CA ILE D 68 -63.47 4.27 -55.83
C ILE D 68 -64.07 2.92 -56.18
N ASN D 69 -63.75 1.88 -55.41
CA ASN D 69 -64.39 0.58 -55.60
C ASN D 69 -65.88 0.66 -55.29
N LYS D 70 -66.26 1.47 -54.30
CA LYS D 70 -67.67 1.65 -53.98
C LYS D 70 -68.38 2.48 -55.04
N ASN D 71 -67.67 3.41 -55.68
CA ASN D 71 -68.25 4.26 -56.71
C ASN D 71 -68.16 3.60 -58.09
N PHE D 72 -66.98 3.13 -58.47
CA PHE D 72 -66.77 2.56 -59.79
C PHE D 72 -66.73 1.03 -59.72
N MET D 98 -74.67 8.27 -48.84
CA MET D 98 -75.35 7.03 -48.49
C MET D 98 -75.62 6.95 -46.99
N SER D 99 -76.63 6.15 -46.63
CA SER D 99 -77.04 6.00 -45.24
C SER D 99 -76.79 4.58 -44.78
N ASP D 100 -76.55 4.42 -43.47
CA ASP D 100 -76.23 3.12 -42.91
C ASP D 100 -77.45 2.28 -42.61
N GLU D 101 -78.64 2.89 -42.53
CA GLU D 101 -79.85 2.11 -42.24
C GLU D 101 -80.18 1.19 -43.40
N SER D 102 -80.19 1.71 -44.64
CA SER D 102 -80.50 0.91 -45.80
C SER D 102 -79.43 -0.14 -46.08
N PHE D 103 -78.21 0.05 -45.55
CA PHE D 103 -77.21 -1.00 -45.58
C PHE D 103 -77.60 -2.18 -44.70
N ALA D 104 -78.36 -1.94 -43.63
CA ALA D 104 -78.45 -2.90 -42.54
C ALA D 104 -79.44 -4.01 -42.83
N GLU D 105 -80.58 -3.70 -43.46
CA GLU D 105 -81.61 -4.71 -43.66
C GLU D 105 -81.28 -5.67 -44.79
N LEU D 106 -80.45 -5.27 -45.75
CA LEU D 106 -79.99 -6.20 -46.78
C LEU D 106 -78.93 -7.15 -46.27
N MET D 107 -78.31 -6.86 -45.12
CA MET D 107 -77.49 -7.87 -44.44
C MET D 107 -78.35 -8.94 -43.77
N THR D 108 -79.54 -8.56 -43.30
CA THR D 108 -80.39 -9.54 -42.61
C THR D 108 -80.98 -10.55 -43.58
N LYS D 109 -81.35 -10.11 -44.79
CA LYS D 109 -81.89 -11.03 -45.77
C LYS D 109 -80.82 -12.00 -46.28
N LEU D 110 -79.55 -11.57 -46.28
CA LEU D 110 -78.52 -12.30 -46.98
C LEU D 110 -78.07 -13.52 -46.19
N ASN D 111 -77.85 -13.35 -44.89
CA ASN D 111 -77.26 -14.40 -44.05
C ASN D 111 -78.33 -15.40 -43.64
N SER D 112 -78.82 -16.14 -44.64
CA SER D 112 -79.82 -17.17 -44.44
C SER D 112 -79.21 -18.54 -44.18
N PHE D 113 -77.91 -18.61 -43.90
CA PHE D 113 -77.25 -19.88 -43.69
C PHE D 113 -77.67 -20.48 -42.34
N LYS D 114 -77.38 -21.78 -42.19
CA LYS D 114 -77.61 -22.46 -40.92
C LYS D 114 -76.64 -21.97 -39.85
N LEU D 115 -75.34 -22.19 -40.05
CA LEU D 115 -74.32 -21.61 -39.19
C LEU D 115 -73.18 -20.99 -40.01
N PHE D 116 -72.86 -21.60 -41.16
CA PHE D 116 -71.73 -21.16 -41.98
C PHE D 116 -72.13 -19.91 -42.76
N LYS D 117 -72.21 -18.80 -42.04
CA LYS D 117 -72.67 -17.52 -42.55
C LYS D 117 -71.57 -16.47 -42.65
N ALA D 118 -70.53 -16.59 -41.81
CA ALA D 118 -69.62 -15.48 -41.51
C ALA D 118 -69.00 -14.82 -42.74
N GLU D 119 -69.01 -15.49 -43.90
CA GLU D 119 -68.49 -14.85 -45.11
C GLU D 119 -69.41 -13.78 -45.68
N LYS D 120 -70.58 -13.52 -45.07
CA LYS D 120 -71.42 -12.44 -45.54
C LYS D 120 -70.80 -11.07 -45.30
N LEU D 121 -69.84 -10.98 -44.38
CA LEU D 121 -69.18 -9.71 -44.07
C LEU D 121 -68.16 -9.30 -45.12
N GLN D 122 -67.53 -10.28 -45.80
CA GLN D 122 -66.47 -9.94 -46.74
C GLN D 122 -67.00 -9.61 -48.14
N ILE D 123 -68.14 -10.17 -48.53
CA ILE D 123 -68.73 -9.86 -49.83
C ILE D 123 -69.71 -8.70 -49.62
N VAL D 124 -69.17 -7.48 -49.65
CA VAL D 124 -69.99 -6.27 -49.55
C VAL D 124 -69.69 -5.34 -50.72
N ASN D 125 -68.47 -5.41 -51.25
CA ASN D 125 -68.07 -4.49 -52.31
C ASN D 125 -67.18 -5.15 -53.36
N GLN D 126 -67.20 -6.48 -53.45
CA GLN D 126 -66.26 -7.22 -54.29
C GLN D 126 -66.99 -7.70 -55.54
N LEU D 127 -66.85 -6.94 -56.62
CA LEU D 127 -67.49 -7.17 -57.92
C LEU D 127 -69.00 -7.35 -57.77
N PRO D 128 -69.75 -6.26 -57.60
CA PRO D 128 -71.20 -6.37 -57.55
C PRO D 128 -71.78 -6.77 -58.91
N ALA D 129 -73.00 -7.31 -58.86
CA ALA D 129 -73.75 -7.72 -60.05
C ALA D 129 -73.00 -8.76 -60.88
N ASN D 130 -72.56 -9.83 -60.22
CA ASN D 130 -71.82 -10.87 -60.93
C ASN D 130 -71.95 -12.17 -60.15
N MET D 131 -72.47 -13.22 -60.78
CA MET D 131 -72.72 -14.47 -60.09
C MET D 131 -71.62 -15.50 -60.29
N VAL D 132 -70.91 -15.47 -61.42
CA VAL D 132 -69.72 -16.31 -61.57
C VAL D 132 -68.60 -15.82 -60.67
N HIS D 133 -68.65 -14.55 -60.26
CA HIS D 133 -67.79 -14.06 -59.19
C HIS D 133 -68.13 -14.72 -57.86
N LEU D 134 -69.43 -14.78 -57.53
CA LEU D 134 -69.85 -15.41 -56.28
C LEU D 134 -69.71 -16.93 -56.30
N TYR D 135 -69.55 -17.54 -57.47
CA TYR D 135 -69.40 -18.99 -57.52
C TYR D 135 -68.04 -19.43 -56.99
N SER D 136 -67.00 -18.62 -57.21
CA SER D 136 -65.65 -18.97 -56.79
C SER D 136 -65.27 -18.41 -55.43
N ILE D 137 -66.17 -17.66 -54.78
CA ILE D 137 -65.88 -17.15 -53.45
C ILE D 137 -66.11 -18.24 -52.39
N VAL D 138 -67.34 -18.73 -52.29
CA VAL D 138 -67.71 -19.74 -51.32
C VAL D 138 -67.85 -21.08 -52.02
N GLU D 139 -67.29 -22.12 -51.43
CA GLU D 139 -67.34 -23.47 -51.96
C GLU D 139 -68.68 -24.14 -51.65
N GLU D 140 -68.89 -25.29 -52.30
CA GLU D 140 -70.03 -26.20 -52.08
C GLU D 140 -71.38 -25.48 -52.06
N CYS D 141 -71.48 -24.38 -52.80
CA CYS D 141 -72.75 -23.70 -53.00
C CYS D 141 -73.34 -23.93 -54.38
N ASP D 142 -72.57 -24.46 -55.32
CA ASP D 142 -73.12 -24.87 -56.61
C ASP D 142 -73.98 -26.12 -56.51
N ALA D 143 -73.84 -26.89 -55.43
CA ALA D 143 -74.65 -28.07 -55.21
C ALA D 143 -75.61 -27.91 -54.04
N ARG D 144 -75.72 -26.71 -53.48
CA ARG D 144 -76.66 -26.41 -52.41
C ARG D 144 -77.63 -25.29 -52.74
N PHE D 145 -77.19 -24.28 -53.50
CA PHE D 145 -78.07 -23.19 -53.91
C PHE D 145 -78.58 -23.45 -55.33
N ASP D 146 -79.50 -24.42 -55.42
CA ASP D 146 -80.26 -24.67 -56.64
C ASP D 146 -81.73 -24.23 -56.47
N GLU D 147 -81.94 -23.18 -55.71
CA GLU D 147 -83.27 -22.61 -55.44
C GLU D 147 -83.35 -21.22 -56.05
N LYS D 148 -84.44 -20.52 -55.75
CA LYS D 148 -84.58 -19.12 -56.15
C LYS D 148 -83.88 -18.16 -55.18
N THR D 149 -83.07 -18.68 -54.26
CA THR D 149 -82.29 -17.82 -53.38
C THR D 149 -81.21 -17.09 -54.15
N ILE D 150 -80.46 -17.81 -54.99
CA ILE D 150 -79.26 -17.24 -55.59
C ILE D 150 -79.61 -16.22 -56.67
N GLU D 151 -80.84 -16.27 -57.19
CA GLU D 151 -81.34 -15.17 -58.00
C GLU D 151 -81.78 -14.00 -57.13
N GLU D 152 -82.33 -14.27 -55.93
CA GLU D 152 -82.78 -13.19 -55.06
C GLU D 152 -81.60 -12.46 -54.43
N MET D 153 -80.49 -13.16 -54.19
CA MET D 153 -79.28 -12.52 -53.68
C MET D 153 -78.59 -11.66 -54.75
N LEU D 154 -78.83 -11.94 -56.03
CA LEU D 154 -78.21 -11.14 -57.08
C LEU D 154 -78.79 -9.73 -57.14
N GLU D 155 -80.11 -9.62 -57.03
CA GLU D 155 -80.74 -8.31 -57.18
C GLU D 155 -80.50 -7.44 -55.95
N ILE D 156 -80.23 -8.04 -54.80
CA ILE D 156 -79.84 -7.29 -53.61
C ILE D 156 -78.46 -6.66 -53.82
N ILE D 157 -77.52 -7.44 -54.35
CA ILE D 157 -76.17 -6.92 -54.57
C ILE D 157 -76.17 -5.90 -55.70
N SER D 158 -76.96 -6.13 -56.74
CA SER D 158 -77.08 -5.12 -57.80
C SER D 158 -77.94 -3.95 -57.37
N GLY D 159 -78.86 -4.15 -56.43
CA GLY D 159 -79.58 -3.04 -55.84
C GLY D 159 -78.72 -2.22 -54.91
N TYR D 160 -77.68 -2.83 -54.34
CA TYR D 160 -76.65 -2.07 -53.64
C TYR D 160 -75.82 -1.23 -54.60
N ALA D 161 -75.71 -1.65 -55.85
CA ALA D 161 -74.97 -0.88 -56.86
C ALA D 161 -75.84 0.21 -57.45
N ASP E 2 -18.12 -31.81 59.50
CA ASP E 2 -19.46 -32.34 59.26
C ASP E 2 -20.47 -31.22 59.03
N GLN E 3 -19.98 -30.06 58.59
CA GLN E 3 -20.82 -28.88 58.45
C GLN E 3 -21.69 -28.93 57.20
N GLU E 4 -21.47 -29.90 56.31
CA GLU E 4 -22.38 -30.14 55.21
C GLU E 4 -23.75 -30.63 55.68
N ASN E 5 -23.84 -31.13 56.91
CA ASN E 5 -25.06 -31.76 57.39
C ASN E 5 -26.22 -30.79 57.58
N GLU E 6 -25.97 -29.48 57.55
CA GLU E 6 -27.02 -28.49 57.78
C GLU E 6 -27.30 -27.60 56.58
N ARG E 7 -26.26 -27.24 55.81
CA ARG E 7 -26.39 -26.21 54.80
C ARG E 7 -26.34 -26.75 53.37
N ASN E 8 -25.77 -27.95 53.16
CA ASN E 8 -25.87 -28.58 51.85
C ASN E 8 -27.30 -29.00 51.54
N ILE E 9 -28.05 -29.43 52.57
CA ILE E 9 -29.47 -29.72 52.36
C ILE E 9 -30.27 -28.44 52.18
N SER E 10 -29.83 -27.35 52.81
CA SER E 10 -30.48 -26.06 52.61
C SER E 10 -30.20 -25.48 51.22
N ARG E 11 -29.11 -25.89 50.58
CA ARG E 11 -28.93 -25.58 49.17
C ARG E 11 -30.00 -26.27 48.32
N LEU E 12 -30.23 -27.56 48.56
CA LEU E 12 -31.30 -28.28 47.90
C LEU E 12 -32.67 -27.80 48.34
N TRP E 13 -32.77 -27.19 49.53
CA TRP E 13 -34.05 -26.68 49.99
C TRP E 13 -34.52 -25.49 49.15
N ARG E 14 -33.65 -24.48 49.00
CA ARG E 14 -33.99 -23.37 48.13
C ARG E 14 -33.99 -23.75 46.65
N ALA E 15 -33.28 -24.82 46.30
CA ALA E 15 -33.40 -25.39 44.96
C ALA E 15 -34.77 -26.02 44.75
N PHE E 16 -35.33 -26.64 45.80
CA PHE E 16 -36.64 -27.27 45.70
C PHE E 16 -37.75 -26.23 45.64
N ARG E 17 -37.54 -25.06 46.25
CA ARG E 17 -38.51 -23.98 46.13
C ARG E 17 -38.58 -23.47 44.69
N THR E 18 -37.44 -23.44 44.01
CA THR E 18 -37.37 -22.82 42.68
C THR E 18 -38.15 -23.63 41.65
N VAL E 19 -38.20 -24.95 41.83
CA VAL E 19 -39.00 -25.80 40.95
C VAL E 19 -40.48 -25.57 41.20
N LYS E 20 -40.90 -25.45 42.47
CA LYS E 20 -42.32 -25.34 42.77
C LYS E 20 -42.89 -23.99 42.33
N GLU E 21 -42.09 -22.92 42.41
CA GLU E 21 -42.55 -21.64 41.87
C GLU E 21 -42.56 -21.66 40.35
N MET E 22 -41.67 -22.45 39.74
CA MET E 22 -41.65 -22.59 38.29
C MET E 22 -42.88 -23.34 37.80
N VAL E 23 -43.28 -24.40 38.49
CA VAL E 23 -44.50 -25.12 38.13
C VAL E 23 -45.74 -24.26 38.43
N LYS E 24 -45.65 -23.38 39.43
CA LYS E 24 -46.79 -22.53 39.76
C LYS E 24 -47.06 -21.50 38.68
N ASP E 25 -46.08 -20.65 38.39
CA ASP E 25 -46.29 -19.53 37.49
C ASP E 25 -46.38 -19.92 36.02
N ARG E 26 -46.00 -21.16 35.67
CA ARG E 26 -46.28 -21.66 34.33
C ARG E 26 -47.78 -21.86 34.10
N GLY E 27 -48.54 -22.24 35.14
CA GLY E 27 -49.96 -22.42 34.96
C GLY E 27 -50.57 -23.56 35.74
N TYR E 28 -49.78 -24.25 36.56
CA TYR E 28 -50.22 -25.48 37.19
C TYR E 28 -50.59 -25.22 38.65
N PHE E 29 -51.45 -26.08 39.18
CA PHE E 29 -52.26 -25.75 40.36
C PHE E 29 -51.45 -25.98 41.62
N ILE E 30 -50.91 -24.91 42.19
CA ILE E 30 -50.26 -24.94 43.50
C ILE E 30 -50.92 -23.87 44.35
N THR E 31 -51.12 -24.16 45.64
CA THR E 31 -51.52 -23.12 46.56
C THR E 31 -50.30 -22.32 47.02
N GLN E 32 -50.57 -21.14 47.59
CA GLN E 32 -49.51 -20.17 47.81
C GLN E 32 -48.62 -20.53 48.99
N GLU E 33 -49.16 -21.23 49.99
CA GLU E 33 -48.41 -21.55 51.20
C GLU E 33 -47.47 -22.75 51.03
N GLU E 34 -47.34 -23.30 49.83
CA GLU E 34 -46.38 -24.39 49.63
C GLU E 34 -45.04 -23.91 49.10
N VAL E 35 -45.00 -22.79 48.39
CA VAL E 35 -43.72 -22.29 47.87
C VAL E 35 -42.86 -21.65 48.96
N GLU E 36 -43.47 -21.15 50.04
CA GLU E 36 -42.72 -20.74 51.21
C GLU E 36 -42.93 -21.71 52.36
N LEU E 37 -41.92 -21.81 53.22
CA LEU E 37 -41.93 -22.66 54.39
C LEU E 37 -40.70 -22.32 55.23
N PRO E 38 -40.71 -22.66 56.52
CA PRO E 38 -39.47 -22.66 57.29
C PRO E 38 -38.59 -23.84 56.94
N LEU E 39 -37.32 -23.74 57.32
CA LEU E 39 -36.36 -24.79 57.00
C LEU E 39 -36.67 -26.09 57.77
N GLU E 40 -37.20 -25.96 58.99
CA GLU E 40 -37.43 -27.14 59.82
C GLU E 40 -38.60 -27.98 59.33
N ASP E 41 -39.57 -27.36 58.66
CA ASP E 41 -40.66 -28.15 58.08
C ASP E 41 -40.18 -29.06 56.97
N PHE E 42 -39.22 -28.60 56.17
CA PHE E 42 -38.57 -29.50 55.21
C PHE E 42 -37.64 -30.49 55.91
N LYS E 43 -37.03 -30.08 57.01
CA LYS E 43 -36.06 -30.93 57.70
C LYS E 43 -36.72 -32.01 58.53
N ALA E 44 -37.95 -31.79 58.99
CA ALA E 44 -38.61 -32.76 59.84
C ALA E 44 -39.20 -33.91 59.03
N LYS E 45 -40.10 -33.60 58.10
CA LYS E 45 -40.99 -34.61 57.55
C LYS E 45 -40.56 -35.16 56.19
N TYR E 46 -39.71 -34.45 55.44
CA TYR E 46 -39.43 -34.81 54.06
C TYR E 46 -37.98 -35.19 53.81
N CYS E 47 -37.18 -35.41 54.87
CA CYS E 47 -35.85 -35.97 54.71
C CYS E 47 -35.61 -37.00 55.81
N ASP E 48 -34.47 -37.68 55.71
CA ASP E 48 -34.09 -38.64 56.73
C ASP E 48 -33.69 -37.91 58.01
N SER E 49 -34.14 -38.44 59.15
CA SER E 49 -33.96 -37.77 60.42
C SER E 49 -32.55 -37.90 60.98
N MET E 50 -31.70 -38.74 60.38
CA MET E 50 -30.32 -38.81 60.84
C MET E 50 -29.47 -37.66 60.33
N GLY E 51 -29.88 -37.01 59.24
CA GLY E 51 -29.22 -35.80 58.78
C GLY E 51 -29.15 -35.64 57.28
N ARG E 52 -29.18 -36.74 56.54
CA ARG E 52 -29.16 -36.63 55.09
C ARG E 52 -30.58 -36.51 54.55
N PRO E 53 -30.74 -36.03 53.32
CA PRO E 53 -32.03 -36.11 52.65
C PRO E 53 -32.14 -37.36 51.77
N GLN E 54 -33.38 -37.77 51.54
CA GLN E 54 -33.69 -38.78 50.54
C GLN E 54 -33.94 -38.11 49.18
N ARG E 55 -33.98 -38.94 48.14
CA ARG E 55 -34.05 -38.44 46.77
C ARG E 55 -35.26 -38.97 46.00
N LYS E 56 -36.21 -39.61 46.67
CA LYS E 56 -37.35 -40.22 46.01
C LYS E 56 -38.69 -39.67 46.47
N MET E 57 -38.90 -39.56 47.79
CA MET E 57 -40.24 -39.31 48.32
C MET E 57 -40.72 -37.88 48.06
N MET E 58 -39.79 -36.92 47.91
CA MET E 58 -40.21 -35.55 47.67
C MET E 58 -40.53 -35.27 46.20
N SER E 59 -40.70 -36.30 45.38
CA SER E 59 -41.26 -36.12 44.06
C SER E 59 -42.67 -35.53 44.14
N PHE E 60 -43.14 -35.04 42.99
CA PHE E 60 -44.42 -34.33 42.94
C PHE E 60 -45.14 -34.70 41.65
N GLN E 61 -46.41 -34.35 41.59
CA GLN E 61 -47.18 -34.40 40.35
C GLN E 61 -48.25 -33.30 40.40
N ALA E 62 -48.34 -32.52 39.33
CA ALA E 62 -49.12 -31.30 39.34
C ALA E 62 -50.12 -31.31 38.20
N ASN E 63 -51.36 -30.92 38.50
CA ASN E 63 -52.43 -30.71 37.55
C ASN E 63 -52.53 -29.24 37.14
N PRO E 64 -53.12 -28.95 35.99
CA PRO E 64 -53.36 -27.56 35.62
C PRO E 64 -54.46 -26.93 36.47
N THR E 65 -54.45 -25.61 36.52
CA THR E 65 -55.46 -24.86 37.25
C THR E 65 -56.73 -24.72 36.41
N GLU E 66 -57.77 -24.12 37.01
CA GLU E 66 -59.08 -24.09 36.39
C GLU E 66 -59.14 -23.14 35.20
N GLU E 67 -58.29 -22.11 35.18
CA GLU E 67 -58.35 -21.10 34.14
C GLU E 67 -57.39 -21.36 32.98
N SER E 68 -56.32 -22.13 33.18
CA SER E 68 -55.37 -22.38 32.12
C SER E 68 -55.94 -23.28 31.04
N ILE E 69 -56.91 -24.13 31.37
CA ILE E 69 -57.49 -25.03 30.37
C ILE E 69 -58.31 -24.27 29.35
N SER E 70 -58.86 -23.11 29.73
CA SER E 70 -59.52 -22.25 28.76
C SER E 70 -58.51 -21.55 27.86
N LYS E 71 -57.35 -21.18 28.41
CA LYS E 71 -56.32 -20.53 27.61
C LYS E 71 -55.51 -21.55 26.80
N PHE E 72 -55.25 -22.72 27.37
CA PHE E 72 -54.53 -23.78 26.68
C PHE E 72 -55.42 -25.03 26.59
N PRO E 73 -55.86 -25.43 25.40
CA PRO E 73 -56.74 -26.59 25.31
C PRO E 73 -56.04 -27.92 25.54
N ASP E 74 -54.83 -28.09 25.00
CA ASP E 74 -54.16 -29.39 24.94
C ASP E 74 -52.90 -29.36 25.78
N MET E 75 -53.06 -29.55 27.09
CA MET E 75 -51.93 -29.68 28.01
C MET E 75 -52.43 -30.37 29.27
N GLY E 76 -51.66 -31.33 29.78
CA GLY E 76 -52.08 -32.11 30.92
C GLY E 76 -51.22 -31.99 32.15
N SER E 77 -50.86 -33.12 32.74
CA SER E 77 -50.19 -33.17 34.03
C SER E 77 -48.67 -33.25 33.85
N LEU E 78 -47.96 -32.74 34.86
CA LEU E 78 -46.51 -32.64 34.84
C LEU E 78 -45.92 -33.57 35.89
N TRP E 79 -44.71 -34.06 35.63
CA TRP E 79 -44.11 -35.12 36.44
C TRP E 79 -42.63 -34.85 36.56
N VAL E 80 -42.13 -34.82 37.80
CA VAL E 80 -40.78 -34.34 38.10
C VAL E 80 -40.17 -35.20 39.19
N GLU E 81 -38.97 -35.73 38.93
CA GLU E 81 -38.26 -36.56 39.90
C GLU E 81 -36.78 -36.21 39.90
N PHE E 82 -36.14 -36.47 41.03
CA PHE E 82 -34.71 -36.23 41.23
C PHE E 82 -33.93 -37.49 40.86
N CYS E 83 -32.66 -37.53 41.25
CA CYS E 83 -31.84 -38.72 41.17
C CYS E 83 -30.92 -38.77 42.38
N ASP E 84 -30.57 -39.99 42.79
CA ASP E 84 -29.70 -40.18 43.95
C ASP E 84 -28.21 -40.27 43.59
N GLU E 85 -27.86 -41.04 42.56
CA GLU E 85 -26.43 -41.12 42.28
C GLU E 85 -25.97 -39.89 41.48
N PRO E 86 -24.74 -39.42 41.74
CA PRO E 86 -24.24 -38.24 41.02
C PRO E 86 -23.75 -38.52 39.60
N SER E 87 -24.09 -39.67 39.03
CA SER E 87 -23.65 -40.00 37.68
C SER E 87 -24.78 -40.67 36.92
N VAL E 88 -25.15 -40.10 35.76
CA VAL E 88 -26.19 -40.69 34.93
C VAL E 88 -25.69 -41.99 34.31
N GLY E 89 -26.53 -43.01 34.34
CA GLY E 89 -26.30 -44.23 33.59
C GLY E 89 -27.47 -44.51 32.66
N VAL E 90 -27.16 -45.12 31.51
CA VAL E 90 -28.11 -45.20 30.42
C VAL E 90 -29.34 -46.02 30.79
N LYS E 91 -29.26 -46.83 31.84
CA LYS E 91 -30.42 -47.59 32.28
C LYS E 91 -31.40 -46.72 33.07
N THR E 92 -30.90 -45.89 33.99
CA THR E 92 -31.81 -45.13 34.86
C THR E 92 -32.52 -43.99 34.15
N MET E 93 -32.00 -43.52 33.01
CA MET E 93 -32.79 -42.61 32.19
C MET E 93 -33.93 -43.34 31.49
N LYS E 94 -33.65 -44.54 30.94
CA LYS E 94 -34.71 -45.33 30.34
C LYS E 94 -35.72 -45.80 31.38
N THR E 95 -35.27 -46.08 32.61
CA THR E 95 -36.20 -46.29 33.71
C THR E 95 -37.07 -45.07 33.95
N PHE E 96 -36.47 -43.87 33.91
CA PHE E 96 -37.23 -42.65 34.09
C PHE E 96 -38.17 -42.37 32.92
N VAL E 97 -37.77 -42.75 31.70
CA VAL E 97 -38.57 -42.44 30.52
C VAL E 97 -39.83 -43.31 30.47
N ILE E 98 -39.71 -44.59 30.82
CA ILE E 98 -40.78 -45.55 30.56
C ILE E 98 -41.98 -45.33 31.49
N HIS E 99 -41.92 -44.32 32.36
CA HIS E 99 -43.13 -43.91 33.06
C HIS E 99 -44.03 -43.07 32.17
N ILE E 100 -43.44 -42.13 31.42
CA ILE E 100 -44.22 -41.18 30.64
C ILE E 100 -45.01 -41.89 29.55
N GLN E 101 -44.48 -43.01 29.04
CA GLN E 101 -45.03 -43.66 27.86
C GLN E 101 -46.42 -44.25 28.08
N GLU E 102 -46.86 -44.43 29.33
CA GLU E 102 -48.18 -44.99 29.55
C GLU E 102 -48.98 -44.35 30.68
N LYS E 103 -48.42 -43.38 31.42
CA LYS E 103 -49.17 -42.76 32.50
C LYS E 103 -49.90 -41.49 32.05
N ASN E 104 -50.24 -41.42 30.76
CA ASN E 104 -50.96 -40.29 30.17
C ASN E 104 -50.23 -38.96 30.39
N PHE E 105 -48.90 -38.99 30.37
CA PHE E 105 -48.12 -37.77 30.55
C PHE E 105 -47.77 -37.17 29.20
N GLN E 106 -47.90 -35.84 29.09
CA GLN E 106 -47.48 -35.15 27.88
C GLN E 106 -46.01 -34.74 27.91
N THR E 107 -45.44 -34.57 29.10
CA THR E 107 -44.03 -34.20 29.23
C THR E 107 -43.59 -34.48 30.67
N GLY E 108 -42.28 -34.47 30.87
CA GLY E 108 -41.72 -34.66 32.20
C GLY E 108 -40.46 -33.81 32.36
N ILE E 109 -39.97 -33.75 33.59
CA ILE E 109 -38.81 -32.94 33.94
C ILE E 109 -37.85 -33.78 34.77
N PHE E 110 -36.60 -33.86 34.31
CA PHE E 110 -35.53 -34.57 35.02
C PHE E 110 -34.66 -33.52 35.70
N VAL E 111 -34.91 -33.28 36.98
CA VAL E 111 -34.07 -32.38 37.77
C VAL E 111 -32.78 -33.12 38.12
N TYR E 112 -31.66 -32.64 37.59
CA TYR E 112 -30.39 -33.35 37.58
C TYR E 112 -29.44 -32.62 38.52
N GLN E 113 -28.31 -33.25 38.85
CA GLN E 113 -27.57 -32.88 40.05
C GLN E 113 -26.10 -32.52 39.83
N ASN E 114 -25.47 -33.04 38.79
CA ASN E 114 -24.00 -32.98 38.69
C ASN E 114 -23.62 -32.79 37.22
N ASN E 115 -22.40 -33.15 36.86
CA ASN E 115 -22.00 -33.09 35.46
C ASN E 115 -22.46 -34.34 34.71
N ILE E 116 -22.61 -34.19 33.39
CA ILE E 116 -23.39 -35.12 32.58
C ILE E 116 -22.42 -36.08 31.89
N THR E 117 -22.94 -37.29 31.55
CA THR E 117 -22.27 -38.07 30.51
C THR E 117 -22.90 -37.77 29.15
N PRO E 118 -22.11 -37.81 28.07
CA PRO E 118 -22.68 -37.55 26.74
C PRO E 118 -23.62 -38.65 26.26
N SER E 119 -23.71 -39.76 26.97
CA SER E 119 -24.65 -40.83 26.66
C SER E 119 -26.06 -40.56 27.19
N ALA E 120 -26.27 -39.43 27.87
CA ALA E 120 -27.56 -39.10 28.48
C ALA E 120 -28.48 -38.31 27.56
N MET E 121 -28.19 -38.29 26.25
CA MET E 121 -29.04 -37.60 25.29
C MET E 121 -29.60 -38.51 24.21
N LYS E 122 -29.11 -39.74 24.09
CA LYS E 122 -29.45 -40.55 22.93
C LYS E 122 -30.88 -41.06 22.97
N LEU E 123 -31.43 -41.29 24.17
CA LEU E 123 -32.79 -41.80 24.33
C LEU E 123 -33.76 -40.75 24.85
N VAL E 124 -33.40 -39.48 24.75
CA VAL E 124 -34.24 -38.38 25.26
C VAL E 124 -35.42 -38.18 24.31
N PRO E 125 -35.22 -38.08 22.98
CA PRO E 125 -36.38 -38.03 22.08
C PRO E 125 -37.06 -39.38 21.94
N SER E 126 -38.23 -39.53 22.56
CA SER E 126 -39.01 -40.76 22.50
C SER E 126 -40.30 -40.57 21.71
N ILE E 127 -40.33 -39.58 20.82
CA ILE E 127 -41.52 -38.98 20.22
C ILE E 127 -42.72 -38.99 21.17
N PRO E 128 -42.70 -38.21 22.24
CA PRO E 128 -43.93 -37.95 22.98
C PRO E 128 -44.64 -36.74 22.40
N PRO E 129 -45.78 -36.33 22.98
CA PRO E 129 -46.34 -35.02 22.60
C PRO E 129 -45.51 -33.83 23.06
N ALA E 130 -44.59 -34.02 24.00
CA ALA E 130 -43.60 -33.00 24.34
C ALA E 130 -42.40 -33.67 24.99
N THR E 131 -41.21 -33.45 24.44
CA THR E 131 -40.03 -34.13 24.94
C THR E 131 -39.66 -33.58 26.32
N ILE E 132 -38.98 -34.40 27.11
CA ILE E 132 -38.64 -34.06 28.49
C ILE E 132 -37.46 -33.09 28.51
N GLU E 133 -37.20 -32.50 29.68
CA GLU E 133 -36.16 -31.51 29.86
C GLU E 133 -35.15 -32.01 30.89
N THR E 134 -34.12 -31.20 31.14
CA THR E 134 -33.07 -31.55 32.08
C THR E 134 -32.46 -30.28 32.64
N PHE E 135 -32.37 -30.17 33.95
CA PHE E 135 -31.89 -28.98 34.63
C PHE E 135 -30.63 -29.31 35.44
N ASN E 136 -30.25 -28.37 36.31
CA ASN E 136 -29.24 -28.62 37.33
C ASN E 136 -29.43 -27.58 38.43
N GLU E 137 -29.10 -27.96 39.66
CA GLU E 137 -29.15 -27.01 40.77
C GLU E 137 -27.98 -26.04 40.77
N ALA E 138 -26.98 -26.24 39.90
CA ALA E 138 -25.98 -25.21 39.69
C ALA E 138 -26.59 -23.91 39.19
N ALA E 139 -27.70 -24.00 38.45
CA ALA E 139 -28.50 -22.82 38.12
C ALA E 139 -29.77 -22.71 38.96
N LEU E 140 -30.37 -23.83 39.34
CA LEU E 140 -31.68 -23.83 39.98
C LEU E 140 -31.62 -23.59 41.48
N VAL E 141 -30.48 -23.15 42.01
CA VAL E 141 -30.43 -22.83 43.44
C VAL E 141 -31.23 -21.57 43.73
N VAL E 142 -31.33 -20.65 42.77
CA VAL E 142 -32.16 -19.47 42.89
C VAL E 142 -32.56 -19.05 41.48
N ASN E 143 -33.81 -18.61 41.33
CA ASN E 143 -34.32 -18.36 39.99
C ASN E 143 -33.72 -17.09 39.40
N ILE E 144 -33.69 -17.04 38.06
CA ILE E 144 -33.35 -15.81 37.35
C ILE E 144 -34.50 -14.81 37.45
N THR E 145 -35.73 -15.29 37.64
CA THR E 145 -36.92 -14.46 37.55
C THR E 145 -36.89 -13.31 38.57
N HIS E 146 -36.36 -13.55 39.76
CA HIS E 146 -36.38 -12.53 40.80
C HIS E 146 -35.09 -11.71 40.78
N HIS E 147 -34.91 -10.99 39.68
CA HIS E 147 -33.71 -10.21 39.44
C HIS E 147 -34.07 -8.99 38.61
N GLU E 148 -33.47 -7.85 38.93
CA GLU E 148 -33.89 -6.58 38.34
C GLU E 148 -33.39 -6.40 36.91
N LEU E 149 -32.48 -7.24 36.44
CA LEU E 149 -31.98 -7.11 35.08
C LEU E 149 -32.93 -7.73 34.06
N VAL E 150 -33.57 -8.84 34.42
CA VAL E 150 -34.53 -9.49 33.53
C VAL E 150 -35.93 -9.01 33.88
N PRO E 151 -36.76 -8.63 32.90
CA PRO E 151 -38.13 -8.24 33.19
C PRO E 151 -39.11 -9.40 33.11
N LYS E 152 -40.40 -9.09 33.29
CA LYS E 152 -41.43 -10.11 33.51
C LYS E 152 -41.89 -10.67 32.16
N HIS E 153 -41.37 -11.84 31.80
CA HIS E 153 -41.91 -12.57 30.66
C HIS E 153 -43.28 -13.15 31.01
N ILE E 154 -44.19 -13.12 30.03
CA ILE E 154 -45.46 -13.84 30.13
C ILE E 154 -45.76 -14.48 28.78
N ARG E 155 -46.00 -15.79 28.80
CA ARG E 155 -46.35 -16.53 27.60
C ARG E 155 -47.80 -16.25 27.20
N LEU E 156 -48.02 -16.05 25.90
CA LEU E 156 -49.35 -15.89 25.35
C LEU E 156 -49.63 -16.99 24.33
N SER E 157 -50.90 -17.16 24.02
CA SER E 157 -51.38 -18.33 23.28
C SER E 157 -51.48 -18.05 21.80
N SER E 158 -51.71 -19.13 21.04
CA SER E 158 -51.85 -19.07 19.59
C SER E 158 -53.24 -18.63 19.13
N ASP E 159 -54.20 -18.49 20.05
CA ASP E 159 -55.50 -17.97 19.68
C ASP E 159 -55.46 -16.49 19.29
N GLU E 160 -54.46 -15.75 19.77
CA GLU E 160 -54.30 -14.35 19.42
C GLU E 160 -53.06 -14.08 18.57
N LYS E 161 -52.17 -15.07 18.43
CA LYS E 161 -51.01 -14.90 17.57
C LYS E 161 -51.40 -14.77 16.10
N ARG E 162 -52.50 -15.43 15.70
CA ARG E 162 -53.00 -15.26 14.35
C ARG E 162 -53.49 -13.84 14.09
N GLU E 163 -54.01 -13.17 15.11
CA GLU E 163 -54.53 -11.81 14.97
C GLU E 163 -53.63 -10.77 15.62
N LEU E 164 -52.51 -11.18 16.22
CA LEU E 164 -51.45 -10.23 16.55
C LEU E 164 -50.65 -9.85 15.31
N LEU E 165 -50.34 -10.83 14.47
CA LEU E 165 -49.59 -10.58 13.24
C LEU E 165 -50.42 -9.88 12.17
N LYS E 166 -51.72 -9.75 12.37
CA LYS E 166 -52.56 -8.92 11.52
C LYS E 166 -52.68 -7.49 12.02
N ARG E 167 -52.33 -7.22 13.29
CA ARG E 167 -52.34 -5.86 13.77
C ARG E 167 -51.20 -5.04 13.16
N TYR E 168 -50.12 -5.69 12.77
CA TYR E 168 -49.05 -5.07 12.02
C TYR E 168 -48.96 -5.56 10.58
N ARG E 169 -49.76 -6.56 10.21
CA ARG E 169 -49.84 -7.05 8.83
C ARG E 169 -48.48 -7.55 8.34
N LEU E 170 -47.82 -8.34 9.17
CA LEU E 170 -46.48 -8.83 8.92
C LEU E 170 -46.47 -10.35 8.99
N LYS E 171 -45.51 -10.96 8.28
CA LYS E 171 -45.45 -12.42 8.21
C LYS E 171 -44.72 -12.98 9.43
N GLU E 172 -44.47 -14.30 9.41
CA GLU E 172 -44.03 -15.00 10.61
C GLU E 172 -42.52 -14.83 10.84
N SER E 173 -41.73 -15.13 9.82
CA SER E 173 -40.27 -15.19 9.96
C SER E 173 -39.59 -13.87 9.67
N GLN E 174 -40.10 -12.79 10.28
CA GLN E 174 -39.40 -11.50 10.22
C GLN E 174 -39.51 -10.73 11.54
N LEU E 175 -39.76 -11.42 12.64
CA LEU E 175 -39.81 -10.87 13.98
C LEU E 175 -38.46 -11.05 14.67
N PRO E 176 -38.17 -10.24 15.70
CA PRO E 176 -36.96 -10.48 16.49
C PRO E 176 -37.06 -11.81 17.21
N ARG E 177 -36.00 -12.61 17.13
CA ARG E 177 -36.05 -14.00 17.54
C ARG E 177 -35.21 -14.21 18.80
N ILE E 178 -35.76 -14.99 19.73
CA ILE E 178 -35.02 -15.54 20.86
C ILE E 178 -34.69 -16.99 20.57
N GLN E 179 -33.45 -17.38 20.86
CA GLN E 179 -33.06 -18.77 20.65
C GLN E 179 -33.33 -19.58 21.92
N ARG E 180 -33.34 -20.90 21.77
CA ARG E 180 -33.48 -21.80 22.90
C ARG E 180 -32.14 -21.90 23.64
N ALA E 181 -32.07 -22.84 24.59
CA ALA E 181 -30.88 -23.10 25.42
C ALA E 181 -30.46 -21.87 26.21
N ASP E 182 -31.40 -20.98 26.52
CA ASP E 182 -31.16 -19.85 27.39
C ASP E 182 -31.99 -19.96 28.67
N PRO E 183 -31.54 -19.33 29.77
CA PRO E 183 -32.20 -19.55 31.07
C PRO E 183 -33.63 -19.02 31.16
N VAL E 184 -34.18 -18.52 30.06
CA VAL E 184 -35.59 -18.18 29.99
C VAL E 184 -36.42 -19.29 29.35
N ALA E 185 -35.93 -19.89 28.27
CA ALA E 185 -36.58 -21.08 27.73
C ALA E 185 -36.41 -22.29 28.63
N LEU E 186 -35.40 -22.30 29.49
CA LEU E 186 -35.29 -23.31 30.55
C LEU E 186 -36.08 -22.96 31.81
N TYR E 187 -36.82 -21.84 31.81
CA TYR E 187 -37.74 -21.56 32.90
C TYR E 187 -39.21 -21.55 32.48
N LEU E 188 -39.50 -21.31 31.20
CA LEU E 188 -40.87 -21.29 30.72
C LEU E 188 -41.21 -22.46 29.80
N GLY E 189 -40.21 -23.21 29.35
CA GLY E 189 -40.46 -24.37 28.51
C GLY E 189 -41.01 -24.01 27.15
N LEU E 190 -40.20 -23.36 26.31
CA LEU E 190 -40.67 -22.84 25.04
C LEU E 190 -40.65 -23.94 23.99
N LYS E 191 -41.83 -24.26 23.45
CA LYS E 191 -41.90 -24.93 22.16
C LYS E 191 -41.32 -24.04 21.08
N ARG E 192 -40.76 -24.65 20.04
CA ARG E 192 -40.26 -23.88 18.90
C ARG E 192 -41.43 -23.36 18.07
N GLY E 193 -41.62 -22.03 18.09
CA GLY E 193 -42.55 -21.42 17.15
C GLY E 193 -43.71 -20.64 17.73
N GLU E 194 -43.55 -20.07 18.93
CA GLU E 194 -44.58 -19.21 19.50
C GLU E 194 -43.94 -17.98 20.12
N VAL E 195 -44.70 -16.89 20.14
CA VAL E 195 -44.20 -15.60 20.56
C VAL E 195 -44.38 -15.46 22.06
N VAL E 196 -43.66 -14.50 22.65
CA VAL E 196 -43.80 -14.19 24.07
C VAL E 196 -43.77 -12.67 24.24
N LYS E 197 -44.77 -12.13 24.92
CA LYS E 197 -44.84 -10.70 25.17
C LYS E 197 -44.02 -10.33 26.40
N ILE E 198 -43.14 -9.35 26.24
CA ILE E 198 -42.19 -8.97 27.29
C ILE E 198 -42.31 -7.47 27.51
N ILE E 199 -42.43 -7.08 28.78
CA ILE E 199 -42.48 -5.67 29.15
C ILE E 199 -41.08 -5.18 29.49
N ARG E 200 -40.92 -3.87 29.50
CA ARG E 200 -39.69 -3.23 29.95
C ARG E 200 -40.04 -1.99 30.77
N LYS E 201 -39.08 -1.55 31.57
CA LYS E 201 -39.24 -0.37 32.44
C LYS E 201 -38.04 0.55 32.26
N SER E 202 -38.09 1.42 31.26
CA SER E 202 -37.02 2.36 31.00
C SER E 202 -37.40 3.74 31.53
N GLU E 203 -36.39 4.51 31.93
CA GLU E 203 -36.60 5.87 32.44
C GLU E 203 -36.50 6.89 31.30
N THR E 204 -37.30 6.66 30.26
CA THR E 204 -37.64 7.74 29.32
C THR E 204 -39.10 7.78 28.91
N SER E 205 -39.85 6.68 29.01
CA SER E 205 -41.23 6.63 28.53
C SER E 205 -42.12 5.79 29.44
N GLY E 206 -41.76 5.69 30.71
CA GLY E 206 -42.50 4.83 31.62
C GLY E 206 -42.26 3.36 31.33
N ARG E 207 -43.24 2.67 30.76
CA ARG E 207 -43.07 1.28 30.39
C ARG E 207 -43.60 1.06 28.97
N TYR E 208 -43.09 0.00 28.35
CA TYR E 208 -43.53 -0.42 27.02
C TYR E 208 -43.28 -1.91 26.88
N ALA E 209 -43.82 -2.49 25.81
CA ALA E 209 -43.76 -3.93 25.62
C ALA E 209 -43.37 -4.24 24.18
N SER E 210 -42.48 -5.21 24.02
CA SER E 210 -42.07 -5.73 22.73
C SER E 210 -42.45 -7.21 22.61
N TYR E 211 -42.32 -7.73 21.40
CA TYR E 211 -42.68 -9.10 21.09
C TYR E 211 -41.45 -9.81 20.50
N ARG E 212 -41.35 -11.11 20.77
CA ARG E 212 -40.17 -11.87 20.37
C ARG E 212 -40.55 -13.32 20.12
N ILE E 213 -40.32 -13.79 18.90
CA ILE E 213 -40.64 -15.16 18.50
C ILE E 213 -39.51 -16.08 18.94
N CYS E 214 -39.87 -17.30 19.33
CA CYS E 214 -38.92 -18.33 19.73
C CYS E 214 -38.81 -19.36 18.61
N MET E 215 -37.62 -19.45 18.02
CA MET E 215 -37.33 -20.51 17.05
C MET E 215 -36.32 -21.49 17.61
N GLU F 71 -53.80 -5.39 -0.39
CA GLU F 71 -52.65 -5.15 -1.25
C GLU F 71 -53.04 -4.32 -2.46
N LYS F 72 -54.09 -3.50 -2.31
CA LYS F 72 -54.62 -2.72 -3.41
C LYS F 72 -54.84 -1.30 -2.91
N ALA F 73 -55.62 -0.53 -3.67
CA ALA F 73 -55.95 0.84 -3.29
C ALA F 73 -56.77 0.86 -2.00
N ILE F 74 -56.60 1.93 -1.24
CA ILE F 74 -57.19 2.06 0.09
C ILE F 74 -58.02 3.34 0.09
N PRO F 75 -59.34 3.25 0.31
CA PRO F 75 -60.19 4.43 0.22
C PRO F 75 -60.07 5.31 1.47
N LYS F 76 -60.86 6.39 1.47
CA LYS F 76 -60.73 7.45 2.46
C LYS F 76 -61.09 7.00 3.87
N ASP F 77 -61.94 5.98 4.00
CA ASP F 77 -62.43 5.60 5.32
C ASP F 77 -61.39 4.85 6.14
N GLN F 78 -60.73 3.86 5.56
CA GLN F 78 -59.74 3.08 6.31
C GLN F 78 -58.33 3.66 6.14
N ARG F 79 -58.22 4.94 6.48
CA ARG F 79 -56.99 5.71 6.31
C ARG F 79 -56.36 5.86 7.69
N ALA F 80 -55.22 5.19 7.91
CA ALA F 80 -54.69 5.05 9.26
C ALA F 80 -53.23 5.49 9.36
N THR F 81 -52.85 6.55 8.66
CA THR F 81 -51.53 7.13 8.90
C THR F 81 -51.63 8.63 9.15
N THR F 82 -50.48 9.32 9.13
CA THR F 82 -50.48 10.73 9.49
C THR F 82 -51.02 11.57 8.34
N PRO F 83 -51.70 12.68 8.65
CA PRO F 83 -52.14 13.61 7.60
C PRO F 83 -51.12 14.70 7.32
N TYR F 84 -49.88 14.50 7.74
CA TYR F 84 -48.91 15.59 7.83
C TYR F 84 -47.84 15.49 6.75
N MET F 85 -47.54 16.63 6.14
CA MET F 85 -46.65 16.71 4.98
C MET F 85 -45.23 16.78 5.51
N THR F 86 -44.52 15.65 5.48
CA THR F 86 -43.30 15.48 6.27
C THR F 86 -42.12 16.22 5.66
N LYS F 87 -40.99 16.17 6.39
CA LYS F 87 -39.79 16.90 6.00
C LYS F 87 -39.21 16.41 4.68
N TYR F 88 -39.42 15.14 4.35
CA TYR F 88 -38.91 14.56 3.11
C TYR F 88 -39.85 14.71 1.93
N GLU F 89 -41.08 15.16 2.16
CA GLU F 89 -42.00 15.35 1.06
C GLU F 89 -41.69 16.63 0.29
N ARG F 90 -41.48 17.73 1.00
CA ARG F 90 -41.29 19.03 0.37
C ARG F 90 -39.93 19.18 -0.29
N ALA F 91 -39.00 18.25 -0.08
CA ALA F 91 -37.80 18.19 -0.92
C ALA F 91 -38.02 17.39 -2.20
N ARG F 92 -38.97 16.46 -2.20
CA ARG F 92 -39.22 15.62 -3.37
C ARG F 92 -40.23 16.26 -4.32
N ILE F 93 -41.34 16.77 -3.77
CA ILE F 93 -42.37 17.39 -4.61
C ILE F 93 -41.83 18.64 -5.27
N LEU F 94 -41.17 19.50 -4.49
CA LEU F 94 -40.44 20.62 -5.07
C LEU F 94 -39.26 20.14 -5.91
N GLY F 95 -38.68 18.99 -5.57
CA GLY F 95 -37.58 18.47 -6.36
C GLY F 95 -38.02 18.02 -7.74
N THR F 96 -39.21 17.44 -7.85
CA THR F 96 -39.68 16.95 -9.15
C THR F 96 -40.48 18.00 -9.91
N ARG F 97 -40.91 19.07 -9.26
CA ARG F 97 -41.71 20.08 -9.96
C ARG F 97 -40.83 20.98 -10.82
N ALA F 98 -39.65 21.34 -10.31
CA ALA F 98 -38.77 22.25 -11.03
C ALA F 98 -38.21 21.62 -12.30
N LEU F 99 -38.06 20.30 -12.30
CA LEU F 99 -37.68 19.60 -13.53
C LEU F 99 -38.79 19.63 -14.56
N GLN F 100 -40.05 19.64 -14.12
CA GLN F 100 -41.16 19.82 -15.05
C GLN F 100 -41.20 21.24 -15.60
N ILE F 101 -40.91 22.22 -14.74
CA ILE F 101 -40.84 23.61 -15.19
C ILE F 101 -39.73 23.77 -16.22
N SER F 102 -38.58 23.14 -15.97
CA SER F 102 -37.45 23.24 -16.88
C SER F 102 -37.68 22.44 -18.16
N MET F 103 -38.69 21.56 -18.19
CA MET F 103 -39.11 20.89 -19.41
C MET F 103 -40.40 21.49 -19.97
N ASN F 104 -40.59 22.80 -19.76
CA ASN F 104 -41.58 23.61 -20.46
C ASN F 104 -43.01 23.21 -20.15
N ALA F 105 -43.25 22.55 -19.02
CA ALA F 105 -44.62 22.34 -18.57
C ALA F 105 -45.19 23.63 -18.01
N PRO F 106 -46.41 24.02 -18.39
CA PRO F 106 -46.92 25.34 -17.99
C PRO F 106 -47.37 25.36 -16.53
N VAL F 107 -47.02 26.44 -15.84
CA VAL F 107 -47.36 26.58 -14.44
C VAL F 107 -48.69 27.35 -14.34
N PHE F 108 -49.35 27.24 -13.19
CA PHE F 108 -50.70 27.78 -13.06
C PHE F 108 -50.74 29.18 -12.42
N VAL F 109 -49.70 29.59 -11.71
CA VAL F 109 -49.84 30.67 -10.75
C VAL F 109 -49.53 32.00 -11.43
N ASP F 110 -49.97 33.09 -10.80
CA ASP F 110 -49.63 34.43 -11.27
C ASP F 110 -48.17 34.73 -10.95
N LEU F 111 -47.26 34.34 -11.83
CA LEU F 111 -45.88 34.80 -11.74
C LEU F 111 -45.74 36.23 -12.26
N GLU F 112 -44.82 36.98 -11.65
CA GLU F 112 -44.27 38.19 -12.24
C GLU F 112 -43.01 37.79 -13.03
N GLY F 113 -42.15 38.76 -13.34
CA GLY F 113 -40.89 38.40 -13.95
C GLY F 113 -40.00 37.62 -13.00
N GLU F 114 -39.89 36.31 -13.23
CA GLU F 114 -38.95 35.46 -12.50
C GLU F 114 -38.11 34.63 -13.45
N THR F 115 -37.07 34.03 -12.89
CA THR F 115 -36.19 33.11 -13.60
C THR F 115 -36.17 31.86 -12.73
N ASP F 116 -35.17 31.00 -12.91
CA ASP F 116 -34.73 30.12 -11.83
C ASP F 116 -35.85 29.14 -11.48
N PRO F 117 -36.03 28.06 -12.27
CA PRO F 117 -37.27 27.26 -12.17
C PRO F 117 -37.50 26.62 -10.81
N LEU F 118 -36.52 26.62 -9.91
CA LEU F 118 -36.80 26.22 -8.52
C LEU F 118 -37.63 27.27 -7.81
N ARG F 119 -37.24 28.55 -7.90
CA ARG F 119 -37.88 29.57 -7.10
C ARG F 119 -39.31 29.83 -7.53
N ILE F 120 -39.62 29.60 -8.81
CA ILE F 120 -41.01 29.65 -9.27
C ILE F 120 -41.82 28.47 -8.73
N ALA F 121 -41.16 27.37 -8.37
CA ALA F 121 -41.87 26.22 -7.79
C ALA F 121 -42.25 26.46 -6.34
N MET F 122 -41.29 26.89 -5.51
CA MET F 122 -41.59 27.04 -4.09
C MET F 122 -42.45 28.26 -3.80
N LYS F 123 -42.56 29.21 -4.73
CA LYS F 123 -43.61 30.21 -4.63
C LYS F 123 -44.98 29.58 -4.92
N GLU F 124 -45.06 28.75 -5.95
CA GLU F 124 -46.33 28.16 -6.37
C GLU F 124 -46.81 27.09 -5.39
N LEU F 125 -45.92 26.54 -4.57
CA LEU F 125 -46.32 25.66 -3.48
C LEU F 125 -47.14 26.39 -2.43
N ALA F 126 -46.89 27.69 -2.24
CA ALA F 126 -47.56 28.43 -1.16
C ALA F 126 -49.06 28.57 -1.40
N GLU F 127 -49.50 28.54 -2.65
CA GLU F 127 -50.93 28.54 -2.94
C GLU F 127 -51.51 27.14 -3.09
N LYS F 128 -50.67 26.10 -2.95
CA LYS F 128 -51.11 24.71 -2.88
C LYS F 128 -51.85 24.28 -4.14
N LYS F 129 -51.24 24.59 -5.30
CA LYS F 129 -51.81 24.24 -6.60
C LYS F 129 -50.95 23.22 -7.33
N ILE F 130 -50.25 22.37 -6.60
CA ILE F 130 -49.49 21.28 -7.22
C ILE F 130 -50.46 20.24 -7.79
N PRO F 131 -50.33 19.86 -9.07
CA PRO F 131 -51.21 18.84 -9.66
C PRO F 131 -50.64 17.43 -9.52
N LEU F 132 -50.32 17.03 -8.29
CA LEU F 132 -49.69 15.75 -8.03
C LEU F 132 -50.44 15.02 -6.91
N VAL F 133 -49.99 13.81 -6.62
CA VAL F 133 -50.52 13.00 -5.53
C VAL F 133 -49.46 12.00 -5.11
N ILE F 134 -49.29 11.84 -3.80
CA ILE F 134 -48.26 10.98 -3.24
C ILE F 134 -48.88 9.63 -2.90
N ARG F 135 -48.21 8.55 -3.32
CA ARG F 135 -48.62 7.19 -3.00
C ARG F 135 -47.64 6.60 -2.00
N ARG F 136 -48.00 6.63 -0.72
CA ARG F 136 -47.19 6.03 0.32
C ARG F 136 -47.41 4.52 0.34
N TYR F 137 -46.34 3.77 0.60
CA TYR F 137 -46.44 2.32 0.74
C TYR F 137 -46.41 1.92 2.21
N LEU F 138 -47.36 1.08 2.61
CA LEU F 138 -47.20 0.26 3.79
C LEU F 138 -46.11 -0.79 3.55
N PRO F 139 -45.45 -1.27 4.60
CA PRO F 139 -44.33 -2.21 4.38
C PRO F 139 -44.77 -3.60 3.92
N ASP F 140 -46.08 -3.90 3.94
CA ASP F 140 -46.59 -5.16 3.43
C ASP F 140 -46.93 -5.10 1.94
N GLY F 141 -46.47 -4.08 1.24
CA GLY F 141 -46.80 -3.91 -0.17
C GLY F 141 -48.21 -3.45 -0.45
N SER F 142 -48.74 -2.56 0.38
CA SER F 142 -50.09 -2.04 0.22
C SER F 142 -50.04 -0.55 -0.09
N PHE F 143 -51.03 -0.08 -0.84
CA PHE F 143 -51.07 1.33 -1.20
C PHE F 143 -51.54 2.18 -0.02
N GLU F 144 -51.28 3.48 -0.13
CA GLU F 144 -52.01 4.50 0.63
C GLU F 144 -51.77 5.84 -0.05
N ASP F 145 -52.86 6.55 -0.37
CA ASP F 145 -52.79 7.71 -1.23
C ASP F 145 -53.18 8.97 -0.48
N TRP F 146 -52.60 10.09 -0.90
CA TRP F 146 -52.82 11.40 -0.29
C TRP F 146 -52.63 12.46 -1.36
N SER F 147 -53.69 13.19 -1.69
CA SER F 147 -53.55 14.31 -2.62
C SER F 147 -52.76 15.43 -1.96
N VAL F 148 -51.94 16.12 -2.76
CA VAL F 148 -50.99 17.07 -2.22
C VAL F 148 -51.65 18.34 -1.70
N GLU F 149 -52.93 18.57 -2.03
CA GLU F 149 -53.66 19.66 -1.40
C GLU F 149 -54.20 19.26 -0.03
N GLU F 150 -54.43 17.96 0.20
CA GLU F 150 -54.96 17.50 1.48
C GLU F 150 -53.91 17.57 2.58
N LEU F 151 -52.63 17.52 2.23
CA LEU F 151 -51.57 17.68 3.21
C LEU F 151 -51.54 19.12 3.74
N ILE F 152 -51.11 19.26 4.99
CA ILE F 152 -50.95 20.57 5.62
C ILE F 152 -49.52 20.69 6.13
N VAL F 153 -48.99 21.91 6.06
CA VAL F 153 -47.64 22.18 6.52
C VAL F 153 -47.66 23.28 7.58
N PHE G 2 -59.31 -4.42 -40.76
CA PHE G 2 -60.69 -4.02 -40.44
C PHE G 2 -61.23 -4.80 -39.25
N ILE G 3 -60.32 -5.38 -38.46
CA ILE G 3 -60.67 -6.06 -37.23
C ILE G 3 -59.95 -5.38 -36.07
N LEU G 4 -60.46 -5.60 -34.87
CA LEU G 4 -59.89 -5.05 -33.65
C LEU G 4 -59.13 -6.11 -32.88
N SER G 5 -58.13 -5.65 -32.11
CA SER G 5 -57.23 -6.54 -31.38
C SER G 5 -56.97 -5.94 -30.00
N LYS G 6 -57.42 -6.63 -28.97
CA LYS G 6 -57.27 -6.15 -27.59
C LYS G 6 -55.82 -6.27 -27.17
N ILE G 7 -55.11 -5.14 -27.17
CA ILE G 7 -53.68 -5.10 -26.85
C ILE G 7 -53.46 -4.08 -25.74
N ALA G 8 -52.32 -4.22 -25.07
CA ALA G 8 -51.99 -3.35 -23.95
C ALA G 8 -50.52 -2.96 -24.02
N ASP G 9 -50.25 -1.69 -23.74
CA ASP G 9 -48.89 -1.16 -23.79
C ASP G 9 -48.87 0.13 -22.98
N LEU G 10 -47.68 0.47 -22.47
CA LEU G 10 -47.46 1.72 -21.77
C LEU G 10 -46.83 2.74 -22.71
N VAL G 11 -47.15 4.02 -22.46
CA VAL G 11 -46.76 5.10 -23.36
C VAL G 11 -46.36 6.31 -22.52
N ARG G 12 -45.32 7.00 -22.96
CA ARG G 12 -44.79 8.15 -22.24
C ARG G 12 -45.52 9.42 -22.66
N ILE G 13 -45.37 10.47 -21.85
CA ILE G 13 -45.94 11.77 -22.13
C ILE G 13 -44.88 12.84 -21.88
N PRO G 14 -44.51 13.63 -22.89
CA PRO G 14 -43.61 14.75 -22.63
C PRO G 14 -44.32 15.84 -21.83
N PRO G 15 -43.58 16.59 -21.01
CA PRO G 15 -44.25 17.51 -20.06
C PRO G 15 -44.90 18.71 -20.74
N ASP G 16 -44.49 19.08 -21.95
CA ASP G 16 -45.09 20.22 -22.63
C ASP G 16 -46.45 19.92 -23.24
N GLN G 17 -46.87 18.65 -23.26
CA GLN G 17 -48.24 18.30 -23.60
C GLN G 17 -49.13 18.14 -22.36
N PHE G 18 -48.73 18.73 -21.23
CA PHE G 18 -49.61 18.78 -20.07
C PHE G 18 -50.76 19.77 -20.26
N HIS G 19 -50.59 20.76 -21.15
CA HIS G 19 -51.65 21.75 -21.34
C HIS G 19 -52.80 21.17 -22.16
N ARG G 20 -52.51 20.27 -23.10
CA ARG G 20 -53.55 19.59 -23.86
C ARG G 20 -54.15 18.47 -23.03
N ASP G 21 -55.43 18.18 -23.29
CA ASP G 21 -56.15 17.18 -22.51
C ASP G 21 -55.59 15.78 -22.76
N THR G 22 -56.04 14.84 -21.93
CA THR G 22 -55.35 13.56 -21.80
C THR G 22 -55.61 12.65 -22.99
N ILE G 23 -56.86 12.58 -23.46
CA ILE G 23 -57.23 11.58 -24.46
C ILE G 23 -56.57 11.90 -25.79
N SER G 24 -56.53 13.18 -26.17
CA SER G 24 -55.81 13.57 -27.38
C SER G 24 -54.31 13.40 -27.22
N ALA G 25 -53.78 13.59 -26.00
CA ALA G 25 -52.35 13.45 -25.78
C ALA G 25 -51.92 11.99 -25.85
N ILE G 26 -52.68 11.08 -25.24
CA ILE G 26 -52.36 9.67 -25.31
C ILE G 26 -52.61 9.11 -26.71
N THR G 27 -53.51 9.73 -27.48
CA THR G 27 -53.70 9.34 -28.87
C THR G 27 -52.52 9.79 -29.73
N HIS G 28 -52.06 11.02 -29.53
CA HIS G 28 -51.02 11.59 -30.39
C HIS G 28 -49.72 10.82 -30.26
N GLN G 29 -49.28 10.56 -29.03
CA GLN G 29 -48.01 9.87 -28.81
C GLN G 29 -48.08 8.41 -29.22
N LEU G 30 -49.27 7.80 -29.22
CA LEU G 30 -49.41 6.44 -29.72
C LEU G 30 -49.59 6.39 -31.23
N ASN G 31 -49.99 7.50 -31.86
CA ASN G 31 -50.14 7.51 -33.31
C ASN G 31 -48.79 7.29 -34.01
N ASN G 32 -47.84 8.19 -33.77
CA ASN G 32 -46.54 8.11 -34.44
C ASN G 32 -45.70 6.93 -33.95
N LYS G 33 -46.10 6.27 -32.86
CA LYS G 33 -45.58 4.95 -32.55
C LYS G 33 -46.22 3.86 -33.40
N PHE G 34 -47.49 3.99 -33.73
CA PHE G 34 -48.25 2.94 -34.39
C PHE G 34 -48.74 3.34 -35.80
N ALA G 35 -48.20 4.41 -36.37
CA ALA G 35 -48.59 4.82 -37.71
C ALA G 35 -47.72 4.12 -38.74
N ASN G 36 -48.36 3.42 -39.68
CA ASN G 36 -47.68 2.74 -40.77
C ASN G 36 -46.65 1.74 -40.25
N LYS G 37 -47.02 1.02 -39.19
CA LYS G 37 -46.14 0.03 -38.59
C LYS G 37 -46.72 -1.37 -38.74
N ILE G 38 -45.84 -2.36 -38.70
CA ILE G 38 -46.23 -3.77 -38.66
C ILE G 38 -46.20 -4.22 -37.20
N ILE G 39 -47.04 -5.21 -36.87
CA ILE G 39 -47.01 -5.78 -35.53
C ILE G 39 -46.41 -7.17 -35.63
N PRO G 40 -45.49 -7.55 -34.74
CA PRO G 40 -44.99 -8.93 -34.73
C PRO G 40 -46.10 -9.96 -34.52
N ASN G 41 -46.23 -10.87 -35.49
CA ASN G 41 -47.17 -11.99 -35.46
C ASN G 41 -48.64 -11.55 -35.40
N VAL G 42 -48.94 -10.30 -35.75
CA VAL G 42 -50.34 -9.87 -35.80
C VAL G 42 -50.68 -9.34 -37.18
N GLY G 43 -50.04 -8.25 -37.59
CA GLY G 43 -50.40 -7.61 -38.84
C GLY G 43 -49.95 -6.16 -38.85
N LEU G 44 -50.69 -5.36 -39.62
CA LEU G 44 -50.34 -3.96 -39.88
C LEU G 44 -51.35 -3.07 -39.17
N CYS G 45 -50.90 -2.39 -38.11
CA CYS G 45 -51.74 -1.44 -37.41
C CYS G 45 -51.85 -0.14 -38.18
N ILE G 46 -53.04 0.44 -38.17
CA ILE G 46 -53.33 1.68 -38.89
C ILE G 46 -53.49 2.86 -37.93
N THR G 47 -54.50 2.83 -37.08
CA THR G 47 -54.83 3.98 -36.25
C THR G 47 -55.58 3.49 -35.01
N ILE G 48 -55.29 4.11 -33.86
CA ILE G 48 -55.92 3.72 -32.62
C ILE G 48 -57.42 3.99 -32.70
N TYR G 49 -58.22 2.99 -32.34
CA TYR G 49 -59.66 3.11 -32.43
C TYR G 49 -60.25 3.87 -31.25
N ASP G 50 -60.09 3.33 -30.03
CA ASP G 50 -60.70 3.90 -28.85
C ASP G 50 -59.73 3.72 -27.67
N LEU G 51 -60.25 3.94 -26.47
CA LEU G 51 -59.51 3.74 -25.23
C LEU G 51 -60.44 3.10 -24.22
N LEU G 52 -60.08 1.90 -23.77
CA LEU G 52 -60.99 1.10 -22.94
C LEU G 52 -60.94 1.53 -21.48
N THR G 53 -59.79 1.32 -20.83
CA THR G 53 -59.59 1.72 -19.44
C THR G 53 -58.15 2.18 -19.25
N VAL G 54 -57.98 3.21 -18.42
CA VAL G 54 -56.69 3.85 -18.21
C VAL G 54 -56.42 3.97 -16.72
N GLU G 55 -55.19 3.65 -16.32
CA GLU G 55 -54.79 3.63 -14.92
C GLU G 55 -54.26 5.01 -14.53
N GLU G 56 -53.58 5.10 -13.39
CA GLU G 56 -53.08 6.37 -12.89
C GLU G 56 -51.64 6.57 -13.38
N GLY G 57 -51.29 7.84 -13.61
CA GLY G 57 -49.99 8.15 -14.19
C GLY G 57 -48.86 8.11 -13.18
N GLN G 58 -47.84 7.32 -13.49
CA GLN G 58 -46.67 7.16 -12.65
C GLN G 58 -45.50 8.00 -13.19
N LEU G 59 -44.46 8.13 -12.38
CA LEU G 59 -43.32 8.97 -12.72
C LEU G 59 -42.02 8.22 -12.46
N LYS G 60 -41.13 8.23 -13.44
CA LYS G 60 -39.75 7.80 -13.21
C LYS G 60 -38.97 8.92 -12.54
N PRO G 61 -38.21 8.63 -11.49
CA PRO G 61 -37.59 9.71 -10.71
C PRO G 61 -36.42 10.37 -11.43
N GLY G 62 -35.73 9.65 -12.31
CA GLY G 62 -34.63 10.25 -13.04
C GLY G 62 -35.05 11.16 -14.17
N ASP G 63 -36.21 10.91 -14.77
CA ASP G 63 -36.68 11.65 -15.94
C ASP G 63 -37.68 12.73 -15.57
N GLY G 64 -38.68 12.40 -14.76
CA GLY G 64 -39.62 13.37 -14.23
C GLY G 64 -40.86 13.60 -15.09
N SER G 65 -40.96 12.94 -16.25
CA SER G 65 -42.16 13.04 -17.06
C SER G 65 -43.24 12.13 -16.49
N SER G 66 -44.39 12.08 -17.16
CA SER G 66 -45.50 11.25 -16.73
C SER G 66 -45.63 10.07 -17.69
N TYR G 67 -45.59 8.86 -17.14
CA TYR G 67 -45.66 7.63 -17.93
C TYR G 67 -46.91 6.87 -17.52
N ILE G 68 -47.70 6.45 -18.52
CA ILE G 68 -49.02 5.89 -18.28
C ILE G 68 -49.18 4.62 -19.11
N ASN G 69 -49.82 3.62 -18.52
CA ASN G 69 -50.20 2.39 -19.21
C ASN G 69 -51.71 2.38 -19.43
N VAL G 70 -52.14 1.63 -20.45
CA VAL G 70 -53.52 1.70 -20.92
C VAL G 70 -53.79 0.43 -21.72
N THR G 71 -55.06 0.06 -21.82
CA THR G 71 -55.50 -1.00 -22.71
C THR G 71 -56.44 -0.44 -23.75
N PHE G 72 -56.24 -0.84 -25.01
CA PHE G 72 -57.00 -0.29 -26.12
C PHE G 72 -56.86 -1.22 -27.32
N ARG G 73 -57.87 -1.22 -28.18
CA ARG G 73 -57.81 -1.94 -29.43
C ARG G 73 -57.71 -0.95 -30.59
N ALA G 74 -57.12 -1.40 -31.68
CA ALA G 74 -56.95 -0.60 -32.88
C ALA G 74 -57.32 -1.42 -34.11
N VAL G 75 -57.38 -0.75 -35.25
CA VAL G 75 -57.77 -1.40 -36.49
C VAL G 75 -56.55 -2.04 -37.14
N VAL G 76 -56.75 -3.23 -37.69
CA VAL G 76 -55.67 -3.99 -38.33
C VAL G 76 -56.30 -4.82 -39.44
N PHE G 77 -55.62 -4.83 -40.59
CA PHE G 77 -56.21 -5.38 -41.82
C PHE G 77 -55.82 -6.85 -41.95
N LYS G 78 -56.74 -7.73 -41.57
CA LYS G 78 -56.57 -9.17 -41.73
C LYS G 78 -57.83 -9.67 -42.44
N PRO G 79 -57.77 -9.84 -43.77
CA PRO G 79 -58.97 -10.25 -44.50
C PRO G 79 -59.46 -11.65 -44.15
N PHE G 80 -58.72 -12.67 -44.61
CA PHE G 80 -59.10 -14.06 -44.49
C PHE G 80 -58.01 -14.86 -45.21
N LEU G 81 -58.10 -16.18 -45.14
CA LEU G 81 -57.23 -17.04 -45.93
C LEU G 81 -57.84 -17.41 -47.29
N GLY G 82 -58.91 -16.73 -47.69
CA GLY G 82 -59.52 -16.98 -48.99
C GLY G 82 -60.12 -15.74 -49.61
N GLU G 83 -59.58 -14.57 -49.26
CA GLU G 83 -60.24 -13.30 -49.59
C GLU G 83 -59.99 -12.93 -51.05
N ILE G 84 -61.08 -12.69 -51.78
CA ILE G 84 -61.00 -12.11 -53.12
C ILE G 84 -60.79 -10.60 -53.00
N VAL G 85 -59.83 -10.08 -53.74
CA VAL G 85 -59.54 -8.65 -53.73
C VAL G 85 -58.98 -8.27 -55.10
N THR G 86 -59.22 -7.01 -55.50
CA THR G 86 -58.72 -6.47 -56.76
C THR G 86 -57.65 -5.43 -56.47
N GLY G 87 -56.38 -5.85 -56.57
CA GLY G 87 -55.26 -4.94 -56.45
C GLY G 87 -54.75 -4.50 -57.81
N TRP G 88 -53.60 -3.83 -57.78
CA TRP G 88 -52.92 -3.38 -58.99
C TRP G 88 -51.55 -4.04 -59.08
N ILE G 89 -50.73 -3.56 -60.02
CA ILE G 89 -49.41 -4.11 -60.25
C ILE G 89 -48.43 -2.98 -60.53
N SER G 90 -47.15 -3.22 -60.24
CA SER G 90 -46.10 -2.25 -60.55
C SER G 90 -44.81 -2.88 -61.04
N LYS G 91 -44.75 -4.21 -61.18
CA LYS G 91 -43.52 -4.88 -61.59
C LYS G 91 -43.85 -6.26 -62.11
N CYS G 92 -43.05 -6.72 -63.08
CA CYS G 92 -43.21 -8.05 -63.66
C CYS G 92 -41.85 -8.75 -63.69
N THR G 93 -41.82 -9.99 -63.23
CA THR G 93 -40.57 -10.74 -63.09
C THR G 93 -40.73 -12.06 -63.84
N ALA G 94 -39.60 -12.73 -64.09
CA ALA G 94 -39.55 -13.83 -65.03
C ALA G 94 -39.86 -15.18 -64.41
N GLU G 95 -39.97 -15.26 -63.08
CA GLU G 95 -40.33 -16.50 -62.40
C GLU G 95 -41.69 -16.44 -61.72
N GLY G 96 -42.19 -15.24 -61.42
CA GLY G 96 -43.53 -15.08 -60.87
C GLY G 96 -44.14 -13.79 -61.35
N ILE G 97 -44.80 -13.07 -60.45
CA ILE G 97 -45.39 -11.79 -60.79
C ILE G 97 -45.49 -10.95 -59.52
N LYS G 98 -45.15 -9.67 -59.64
CA LYS G 98 -45.05 -8.77 -58.49
C LYS G 98 -46.36 -7.99 -58.32
N VAL G 99 -47.41 -8.71 -57.96
CA VAL G 99 -48.73 -8.11 -57.79
C VAL G 99 -48.86 -7.67 -56.33
N SER G 100 -49.01 -6.37 -56.12
CA SER G 100 -49.21 -5.81 -54.78
C SER G 100 -50.12 -4.62 -54.87
N LEU G 101 -50.88 -4.37 -53.80
CA LEU G 101 -51.88 -3.32 -53.80
C LEU G 101 -51.19 -1.95 -53.86
N LEU G 102 -51.52 -1.16 -54.87
CA LEU G 102 -50.97 0.19 -55.02
C LEU G 102 -51.64 1.15 -54.05
N GLY G 103 -50.82 1.92 -53.33
CA GLY G 103 -51.34 2.88 -52.37
C GLY G 103 -50.88 2.68 -50.94
N ILE G 104 -50.78 1.43 -50.49
CA ILE G 104 -50.55 1.10 -49.08
C ILE G 104 -49.19 0.45 -48.89
N PHE G 105 -48.98 -0.73 -49.46
CA PHE G 105 -47.76 -1.49 -49.21
C PHE G 105 -47.38 -2.24 -50.48
N ASP G 106 -46.08 -2.51 -50.61
CA ASP G 106 -45.54 -3.06 -51.86
C ASP G 106 -44.47 -4.11 -51.59
N ASP G 107 -44.56 -4.80 -50.45
CA ASP G 107 -43.61 -5.85 -50.08
C ASP G 107 -44.14 -7.24 -50.37
N ILE G 108 -44.83 -7.42 -51.50
CA ILE G 108 -45.58 -8.64 -51.78
C ILE G 108 -44.98 -9.32 -53.00
N PHE G 109 -44.71 -10.61 -52.88
CA PHE G 109 -44.50 -11.49 -54.01
C PHE G 109 -45.49 -12.65 -53.90
N ILE G 110 -46.33 -12.80 -54.92
CA ILE G 110 -47.31 -13.87 -54.99
C ILE G 110 -46.99 -14.74 -56.19
N PRO G 111 -46.94 -16.07 -56.05
CA PRO G 111 -46.60 -16.92 -57.19
C PRO G 111 -47.81 -17.31 -58.03
N GLN G 112 -47.61 -18.17 -59.02
CA GLN G 112 -48.69 -18.83 -59.74
C GLN G 112 -48.41 -20.33 -59.78
N ASN G 113 -48.90 -21.03 -58.78
CA ASN G 113 -48.76 -22.48 -58.67
C ASN G 113 -50.11 -23.19 -58.75
N MET G 114 -51.18 -22.48 -59.10
CA MET G 114 -52.52 -23.04 -59.20
C MET G 114 -53.13 -22.81 -60.58
N LEU G 115 -52.30 -22.71 -61.61
CA LEU G 115 -52.76 -22.40 -62.95
C LEU G 115 -52.36 -23.55 -63.90
N PHE G 116 -52.56 -23.32 -65.19
CA PHE G 116 -52.44 -24.38 -66.18
C PHE G 116 -50.97 -24.57 -66.56
N GLU G 117 -50.74 -25.32 -67.64
CA GLU G 117 -49.46 -25.94 -67.94
C GLU G 117 -48.68 -25.19 -69.02
N GLY G 118 -49.13 -24.00 -69.39
CA GLY G 118 -48.43 -23.21 -70.38
C GLY G 118 -47.94 -21.88 -69.83
N CYS G 119 -47.43 -21.89 -68.60
CA CYS G 119 -47.13 -20.68 -67.84
C CYS G 119 -45.61 -20.55 -67.74
N TYR G 120 -45.07 -19.54 -68.42
CA TYR G 120 -43.66 -19.19 -68.31
C TYR G 120 -43.54 -17.69 -68.57
N TYR G 121 -42.34 -17.23 -68.92
CA TYR G 121 -42.09 -15.82 -69.15
C TYR G 121 -41.74 -15.57 -70.61
N THR G 122 -42.33 -14.52 -71.16
CA THR G 122 -42.04 -14.02 -72.50
C THR G 122 -41.58 -12.58 -72.42
N PRO G 123 -40.32 -12.27 -72.71
CA PRO G 123 -39.80 -10.90 -72.55
C PRO G 123 -40.25 -9.96 -73.67
N GLU G 124 -41.55 -9.83 -73.85
CA GLU G 124 -42.15 -8.92 -74.82
C GLU G 124 -43.30 -8.17 -74.17
N GLU G 125 -43.01 -7.59 -73.00
CA GLU G 125 -43.94 -6.93 -72.09
C GLU G 125 -45.17 -7.80 -71.77
N SER G 126 -45.06 -9.11 -71.97
CA SER G 126 -46.16 -10.03 -71.73
C SER G 126 -45.83 -10.95 -70.56
N ALA G 127 -46.87 -11.59 -70.02
CA ALA G 127 -46.66 -12.63 -69.02
C ALA G 127 -46.20 -13.92 -69.69
N TRP G 128 -47.05 -14.49 -70.52
CA TRP G 128 -46.69 -15.59 -71.40
C TRP G 128 -47.63 -15.55 -72.60
N ILE G 129 -47.51 -16.55 -73.48
CA ILE G 129 -48.36 -16.64 -74.66
C ILE G 129 -49.56 -17.54 -74.35
N TRP G 130 -50.75 -17.08 -74.75
CA TRP G 130 -51.98 -17.59 -74.16
C TRP G 130 -52.69 -18.52 -75.13
N PRO G 131 -53.17 -19.69 -74.65
CA PRO G 131 -53.94 -20.62 -75.49
C PRO G 131 -55.36 -20.14 -75.74
N LYS G 137 -58.85 -13.52 -75.36
CA LYS G 137 -57.84 -13.38 -74.32
C LYS G 137 -57.19 -12.00 -74.38
N LEU G 138 -57.56 -11.14 -73.45
CA LEU G 138 -57.10 -9.76 -73.43
C LEU G 138 -55.99 -9.59 -72.40
N TYR G 139 -54.88 -9.00 -72.82
CA TYR G 139 -53.70 -8.86 -71.97
C TYR G 139 -53.99 -7.90 -70.81
N PHE G 140 -53.08 -7.90 -69.84
CA PHE G 140 -53.19 -7.04 -68.67
C PHE G 140 -51.82 -6.47 -68.34
N ASP G 141 -51.81 -5.24 -67.81
CA ASP G 141 -50.57 -4.48 -67.67
C ASP G 141 -50.69 -3.59 -66.44
N VAL G 142 -49.84 -2.57 -66.38
CA VAL G 142 -49.71 -1.74 -65.19
C VAL G 142 -50.94 -0.85 -65.03
N ASN G 143 -51.22 -0.48 -63.77
CA ASN G 143 -52.13 0.62 -63.43
C ASN G 143 -53.58 0.30 -63.83
N GLU G 144 -54.04 -0.89 -63.44
CA GLU G 144 -55.41 -1.30 -63.68
C GLU G 144 -55.78 -2.36 -62.66
N LYS G 145 -57.08 -2.51 -62.44
CA LYS G 145 -57.59 -3.39 -61.40
C LYS G 145 -57.38 -4.85 -61.76
N ILE G 146 -56.60 -5.56 -60.93
CA ILE G 146 -56.23 -6.95 -61.18
C ILE G 146 -56.69 -7.76 -59.98
N ARG G 147 -57.50 -8.78 -60.24
CA ARG G 147 -58.13 -9.55 -59.18
C ARG G 147 -57.28 -10.76 -58.80
N PHE G 148 -57.01 -10.90 -57.50
CA PHE G 148 -56.18 -11.98 -56.99
C PHE G 148 -56.63 -12.28 -55.56
N ARG G 149 -56.41 -13.52 -55.13
CA ARG G 149 -56.83 -13.94 -53.81
C ARG G 149 -55.62 -14.22 -52.92
N ILE G 150 -55.90 -14.70 -51.71
CA ILE G 150 -54.91 -14.86 -50.66
C ILE G 150 -55.05 -16.27 -50.08
N GLU G 151 -53.92 -16.93 -49.85
CA GLU G 151 -53.91 -18.20 -49.14
C GLU G 151 -53.21 -18.12 -47.79
N ARG G 152 -51.95 -17.67 -47.76
CA ARG G 152 -51.15 -17.71 -46.55
C ARG G 152 -50.40 -16.41 -46.38
N GLU G 153 -49.67 -16.31 -45.26
CA GLU G 153 -48.72 -15.23 -45.03
C GLU G 153 -47.58 -15.77 -44.19
N VAL G 154 -46.44 -15.08 -44.24
CA VAL G 154 -45.24 -15.50 -43.53
C VAL G 154 -44.75 -14.37 -42.65
N PHE G 155 -44.47 -14.68 -41.38
CA PHE G 155 -44.02 -13.71 -40.39
C PHE G 155 -42.69 -14.19 -39.83
N VAL G 156 -41.64 -13.38 -40.01
CA VAL G 156 -40.36 -13.61 -39.35
C VAL G 156 -39.85 -12.30 -38.78
N ASP G 157 -39.20 -12.38 -37.63
CA ASP G 157 -38.79 -11.20 -36.86
C ASP G 157 -37.38 -11.40 -36.31
N VAL G 158 -36.50 -11.97 -37.14
CA VAL G 158 -35.14 -12.33 -36.72
C VAL G 158 -34.15 -11.45 -37.47
N LYS G 159 -33.17 -10.92 -36.74
CA LYS G 159 -32.17 -10.02 -37.31
C LYS G 159 -30.79 -10.64 -37.13
N PRO G 160 -30.27 -11.33 -38.15
CA PRO G 160 -28.89 -11.81 -38.06
C PRO G 160 -27.87 -10.75 -38.42
N LYS G 161 -27.46 -9.97 -37.42
CA LYS G 161 -26.51 -8.88 -37.65
C LYS G 161 -25.16 -9.44 -38.10
N SER G 162 -24.52 -8.75 -39.04
CA SER G 162 -23.20 -9.14 -39.50
C SER G 162 -22.21 -7.99 -39.34
N GLU G 189 -33.67 -6.28 -51.62
CA GLU G 189 -33.62 -6.41 -50.17
C GLU G 189 -34.52 -7.55 -49.70
N LYS G 190 -35.68 -7.68 -50.35
CA LYS G 190 -36.70 -8.68 -50.01
C LYS G 190 -37.06 -8.59 -48.53
N PRO G 191 -37.83 -7.59 -48.12
CA PRO G 191 -38.27 -7.50 -46.74
C PRO G 191 -39.29 -8.58 -46.39
N PRO G 192 -38.94 -9.51 -45.50
CA PRO G 192 -39.76 -10.71 -45.30
C PRO G 192 -40.78 -10.59 -44.18
N ALA G 193 -41.04 -9.37 -43.69
CA ALA G 193 -41.86 -9.21 -42.49
C ALA G 193 -43.33 -9.53 -42.76
N TYR G 194 -43.89 -8.99 -43.83
CA TYR G 194 -45.32 -9.12 -44.13
C TYR G 194 -45.46 -9.39 -45.63
N ALA G 195 -45.46 -10.67 -46.00
CA ALA G 195 -45.53 -11.11 -47.39
C ALA G 195 -46.69 -12.10 -47.53
N LEU G 196 -47.52 -11.88 -48.54
CA LEU G 196 -48.72 -12.68 -48.76
C LEU G 196 -48.50 -13.70 -49.87
N LEU G 197 -49.36 -14.71 -49.89
CA LEU G 197 -49.38 -15.74 -50.92
C LEU G 197 -50.65 -15.62 -51.74
N GLY G 198 -50.51 -15.63 -53.06
CA GLY G 198 -51.64 -15.43 -53.95
C GLY G 198 -51.60 -16.39 -55.12
N SER G 199 -52.78 -16.62 -55.69
CA SER G 199 -52.90 -17.48 -56.86
C SER G 199 -54.13 -17.07 -57.65
N CYS G 200 -54.24 -17.64 -58.86
CA CYS G 200 -55.21 -17.20 -59.85
C CYS G 200 -55.89 -18.42 -60.47
N GLN G 201 -56.44 -19.29 -59.62
CA GLN G 201 -56.73 -20.65 -60.05
C GLN G 201 -57.95 -20.74 -60.97
N THR G 202 -58.94 -19.88 -60.80
CA THR G 202 -60.18 -20.00 -61.56
C THR G 202 -60.13 -19.07 -62.78
N ASP G 203 -61.27 -19.00 -63.48
CA ASP G 203 -61.40 -18.17 -64.67
C ASP G 203 -61.61 -16.70 -64.29
N GLY G 204 -61.32 -15.82 -65.23
CA GLY G 204 -61.40 -14.39 -64.98
C GLY G 204 -60.32 -13.81 -64.11
N MET G 205 -59.24 -14.55 -63.87
CA MET G 205 -58.20 -14.13 -62.93
C MET G 205 -57.01 -13.58 -63.72
N GLY G 206 -56.61 -12.36 -63.40
CA GLY G 206 -55.54 -11.69 -64.11
C GLY G 206 -55.94 -10.29 -64.50
N LEU G 207 -57.24 -10.08 -64.67
CA LEU G 207 -57.80 -8.77 -65.00
C LEU G 207 -59.28 -8.80 -64.68
N VAL G 208 -59.77 -7.73 -64.04
CA VAL G 208 -61.19 -7.65 -63.71
C VAL G 208 -62.05 -7.31 -64.93
N SER G 209 -61.45 -6.82 -66.02
CA SER G 209 -62.20 -6.51 -67.22
C SER G 209 -62.57 -7.74 -68.03
N TRP G 210 -62.11 -8.93 -67.63
CA TRP G 210 -62.56 -10.16 -68.27
C TRP G 210 -64.00 -10.51 -67.91
N TRP G 211 -64.49 -10.03 -66.76
CA TRP G 211 -65.89 -10.14 -66.38
C TRP G 211 -66.49 -8.73 -66.25
N GLU G 212 -67.73 -8.68 -65.79
CA GLU G 212 -68.47 -7.43 -65.60
C GLU G 212 -68.54 -6.62 -66.89
N MET H 1 -51.01 65.29 42.07
CA MET H 1 -51.76 64.83 43.24
C MET H 1 -52.91 63.92 42.83
N SER H 2 -53.35 64.06 41.58
CA SER H 2 -54.35 63.16 41.02
C SER H 2 -53.73 61.90 40.42
N ASN H 3 -52.47 61.95 40.00
CA ASN H 3 -51.82 60.81 39.36
C ASN H 3 -50.86 60.08 40.28
N THR H 4 -50.53 60.66 41.44
CA THR H 4 -49.63 60.00 42.38
C THR H 4 -50.33 58.83 43.06
N LEU H 5 -49.65 57.68 43.13
CA LEU H 5 -50.21 56.50 43.76
C LEU H 5 -49.63 56.23 45.14
N PHE H 6 -48.43 56.73 45.42
CA PHE H 6 -47.69 56.34 46.61
C PHE H 6 -46.55 57.32 46.82
N ASP H 7 -46.29 57.67 48.08
CA ASP H 7 -45.26 58.64 48.41
C ASP H 7 -44.87 58.51 49.86
N ASP H 8 -43.56 58.44 50.14
CA ASP H 8 -43.03 58.42 51.48
C ASP H 8 -41.71 59.19 51.49
N ILE H 9 -41.05 59.20 52.65
CA ILE H 9 -39.75 59.85 52.82
C ILE H 9 -38.79 58.79 53.33
N PHE H 10 -37.70 58.57 52.60
CA PHE H 10 -36.77 57.50 52.91
C PHE H 10 -35.39 58.05 53.26
N GLN H 11 -34.75 57.44 54.25
CA GLN H 11 -33.35 57.70 54.57
C GLN H 11 -32.51 56.52 54.12
N VAL H 12 -31.37 56.80 53.50
CA VAL H 12 -30.54 55.69 53.01
C VAL H 12 -29.67 55.16 54.12
N SER H 13 -29.25 53.89 53.97
CA SER H 13 -28.44 53.22 54.98
C SER H 13 -27.08 52.81 54.46
N GLU H 14 -27.01 52.14 53.31
CA GLU H 14 -25.78 51.53 52.83
C GLU H 14 -25.62 51.78 51.34
N VAL H 15 -24.39 52.12 50.93
CA VAL H 15 -24.05 52.36 49.55
C VAL H 15 -23.06 51.29 49.11
N ASP H 16 -23.44 50.47 48.14
CA ASP H 16 -22.66 49.32 47.69
C ASP H 16 -22.30 49.46 46.22
N PRO H 17 -21.16 50.06 45.90
CA PRO H 17 -20.64 50.03 44.51
C PRO H 17 -19.78 48.79 44.25
N GLY H 18 -20.42 47.62 44.32
CA GLY H 18 -19.69 46.36 44.20
C GLY H 18 -19.30 45.98 42.79
N ARG H 19 -18.01 46.10 42.50
CA ARG H 19 -17.41 45.71 41.23
C ARG H 19 -17.99 46.45 40.03
N TYR H 20 -18.54 47.64 40.26
CA TYR H 20 -18.92 48.56 39.18
C TYR H 20 -18.13 49.85 39.33
N ASN H 21 -18.40 50.81 38.43
CA ASN H 21 -17.73 52.09 38.46
C ASN H 21 -18.67 53.28 38.40
N LYS H 22 -19.92 53.10 38.03
CA LYS H 22 -20.82 54.23 37.80
C LYS H 22 -22.23 53.99 38.31
N VAL H 23 -22.56 52.79 38.79
CA VAL H 23 -23.88 52.45 39.31
C VAL H 23 -23.69 51.68 40.60
N CYS H 24 -24.38 52.10 41.66
CA CYS H 24 -24.29 51.43 42.95
C CYS H 24 -25.68 51.08 43.45
N ARG H 25 -25.75 50.00 44.23
CA ARG H 25 -27.00 49.58 44.85
C ARG H 25 -27.06 50.16 46.26
N ILE H 26 -28.20 50.77 46.59
CA ILE H 26 -28.35 51.46 47.86
C ILE H 26 -29.46 50.80 48.67
N GLU H 27 -29.35 50.94 49.99
CA GLU H 27 -30.37 50.52 50.93
C GLU H 27 -31.01 51.75 51.56
N ALA H 28 -32.29 51.63 51.90
CA ALA H 28 -33.06 52.77 52.37
C ALA H 28 -33.75 52.42 53.69
N ALA H 29 -34.33 53.44 54.31
CA ALA H 29 -35.03 53.27 55.58
C ALA H 29 -36.17 54.27 55.65
N SER H 30 -37.40 53.77 55.80
CA SER H 30 -38.58 54.62 55.88
C SER H 30 -38.64 55.28 57.25
N THR H 31 -38.70 56.61 57.27
CA THR H 31 -38.58 57.35 58.52
C THR H 31 -39.92 57.64 59.18
N THR H 32 -41.04 57.49 58.48
CA THR H 32 -42.36 57.71 59.06
C THR H 32 -43.10 56.40 59.23
N GLN H 33 -43.29 55.65 58.15
CA GLN H 33 -43.74 54.26 58.24
C GLN H 33 -42.56 53.41 58.68
N ASP H 34 -42.84 52.38 59.49
CA ASP H 34 -41.78 51.51 59.98
C ASP H 34 -42.03 50.06 59.58
N GLN H 35 -42.51 49.85 58.37
CA GLN H 35 -42.65 48.49 57.84
C GLN H 35 -41.97 48.32 56.49
N CYS H 36 -42.05 49.31 55.61
CA CYS H 36 -41.54 49.20 54.25
C CYS H 36 -40.08 49.63 54.13
N LYS H 37 -39.41 49.07 53.12
CA LYS H 37 -38.06 49.45 52.74
C LYS H 37 -37.86 49.00 51.30
N LEU H 38 -36.78 49.46 50.67
CA LEU H 38 -36.50 49.03 49.31
C LEU H 38 -35.01 49.02 49.04
N THR H 39 -34.66 48.42 47.91
CA THR H 39 -33.32 48.45 47.33
C THR H 39 -33.40 49.18 45.99
N LEU H 40 -32.41 50.01 45.69
CA LEU H 40 -32.45 50.78 44.46
C LEU H 40 -31.06 50.87 43.85
N ASP H 41 -31.02 50.89 42.51
CA ASP H 41 -29.84 51.20 41.74
C ASP H 41 -29.87 52.66 41.30
N ILE H 42 -28.69 53.26 41.25
CA ILE H 42 -28.57 54.70 40.99
C ILE H 42 -27.24 54.97 40.31
N ASN H 43 -27.28 55.75 39.23
CA ASN H 43 -26.08 56.17 38.50
C ASN H 43 -25.57 57.46 39.15
N VAL H 44 -24.55 57.34 39.99
CA VAL H 44 -24.15 58.41 40.89
C VAL H 44 -23.07 59.29 40.28
N GLU H 45 -22.85 59.17 38.97
CA GLU H 45 -22.08 60.22 38.29
C GLU H 45 -22.85 61.53 38.26
N LEU H 46 -24.18 61.46 38.11
CA LEU H 46 -25.01 62.64 37.92
C LEU H 46 -26.06 62.79 39.00
N PHE H 47 -25.97 62.02 40.08
CA PHE H 47 -26.80 62.21 41.27
C PHE H 47 -26.09 61.65 42.47
N PRO H 48 -25.16 62.41 43.06
CA PRO H 48 -24.33 61.87 44.14
C PRO H 48 -25.13 61.76 45.43
N VAL H 49 -25.10 60.58 46.04
CA VAL H 49 -25.78 60.31 47.29
C VAL H 49 -24.82 59.62 48.24
N ALA H 50 -24.71 60.14 49.47
CA ALA H 50 -23.92 59.53 50.52
C ALA H 50 -24.84 58.86 51.54
N ALA H 51 -24.26 57.99 52.35
CA ALA H 51 -25.03 57.22 53.31
C ALA H 51 -25.56 58.12 54.42
N GLN H 52 -26.63 57.65 55.07
CA GLN H 52 -27.34 58.39 56.11
C GLN H 52 -27.78 59.77 55.59
N ASP H 53 -28.59 59.73 54.53
CA ASP H 53 -29.11 60.92 53.89
C ASP H 53 -30.59 60.72 53.57
N SER H 54 -31.39 61.75 53.80
CA SER H 54 -32.83 61.67 53.59
C SER H 54 -33.17 62.12 52.17
N LEU H 55 -34.19 61.49 51.60
CA LEU H 55 -34.65 61.84 50.26
C LEU H 55 -36.10 61.40 50.11
N THR H 56 -36.75 61.90 49.06
CA THR H 56 -38.13 61.59 48.76
C THR H 56 -38.19 60.69 47.53
N VAL H 57 -38.98 59.62 47.62
CA VAL H 57 -39.34 58.83 46.45
C VAL H 57 -40.83 58.99 46.19
N THR H 58 -41.20 58.97 44.91
CA THR H 58 -42.58 59.19 44.50
C THR H 58 -42.81 58.49 43.17
N ILE H 59 -43.81 57.63 43.12
CA ILE H 59 -44.14 56.88 41.92
C ILE H 59 -45.44 57.43 41.36
N ALA H 60 -45.41 57.87 40.10
CA ALA H 60 -46.56 58.45 39.42
C ALA H 60 -46.82 57.71 38.11
N SER H 61 -47.79 58.20 37.36
CA SER H 61 -48.08 57.71 36.02
C SER H 61 -48.85 58.78 35.27
N SER H 62 -48.55 58.93 33.98
CA SER H 62 -49.18 59.94 33.12
C SER H 62 -48.94 61.34 33.69
N LEU H 63 -47.68 61.74 33.66
CA LEU H 63 -47.16 62.91 34.37
C LEU H 63 -47.64 64.24 33.79
N ASN H 64 -48.56 64.31 32.83
CA ASN H 64 -48.90 65.60 32.23
C ASN H 64 -49.71 66.51 33.15
N LEU H 65 -50.02 66.05 34.36
CA LEU H 65 -50.51 66.91 35.45
C LEU H 65 -51.95 67.35 35.22
N GLU H 66 -52.49 67.08 34.03
CA GLU H 66 -53.84 67.50 33.69
C GLU H 66 -54.27 66.74 32.44
N ASP H 67 -55.56 66.84 32.13
CA ASP H 67 -56.14 66.25 30.92
C ASP H 67 -55.88 64.75 30.84
N SER H 74 -49.20 61.55 17.82
CA SER H 74 -48.48 61.88 16.59
C SER H 74 -48.82 60.90 15.47
N ALA H 75 -49.39 59.76 15.85
CA ALA H 75 -49.61 58.63 14.94
C ALA H 75 -48.31 58.22 14.24
N THR H 76 -47.22 58.22 15.00
CA THR H 76 -45.92 57.82 14.49
C THR H 76 -45.34 56.60 15.20
N ARG H 77 -45.95 56.14 16.30
CA ARG H 77 -45.60 54.94 17.04
C ARG H 77 -44.23 55.04 17.71
N SER H 78 -43.52 56.14 17.56
CA SER H 78 -42.25 56.35 18.23
C SER H 78 -42.50 57.02 19.58
N TRP H 79 -41.43 57.55 20.20
CA TRP H 79 -41.56 58.40 21.37
C TRP H 79 -40.90 59.75 21.07
N ARG H 80 -41.55 60.81 21.52
CA ARG H 80 -40.98 62.14 21.43
C ARG H 80 -40.98 62.80 22.81
N PRO H 81 -40.04 63.72 23.05
CA PRO H 81 -40.10 64.55 24.26
C PRO H 81 -41.18 65.60 24.12
N PRO H 82 -41.67 66.14 25.23
CA PRO H 82 -42.50 67.35 25.17
C PRO H 82 -41.67 68.58 24.85
N GLN H 83 -42.38 69.69 24.66
CA GLN H 83 -41.76 70.94 24.27
C GLN H 83 -40.98 71.53 25.45
N ALA H 84 -40.21 72.59 25.15
CA ALA H 84 -39.34 73.17 26.16
C ALA H 84 -40.16 73.90 27.23
N GLY H 85 -41.05 74.81 26.80
CA GLY H 85 -41.90 75.49 27.74
C GLY H 85 -43.19 74.73 28.00
N ASP H 86 -43.21 73.94 29.07
CA ASP H 86 -44.39 73.15 29.45
C ASP H 86 -44.34 72.91 30.95
N ARG H 87 -45.37 73.36 31.66
CA ARG H 87 -45.54 72.97 33.05
C ARG H 87 -46.03 71.53 33.13
N SER H 88 -45.46 70.77 34.07
CA SER H 88 -45.72 69.34 34.18
C SER H 88 -45.37 68.89 35.58
N LEU H 89 -45.60 67.61 35.85
CA LEU H 89 -45.13 67.01 37.08
C LEU H 89 -43.63 66.83 37.06
N ALA H 90 -43.01 66.88 38.24
CA ALA H 90 -41.56 66.72 38.40
C ALA H 90 -40.79 67.77 37.61
N ASP H 91 -41.30 69.00 37.60
CA ASP H 91 -40.52 70.17 37.19
C ASP H 91 -39.70 70.76 38.32
N ASP H 92 -39.75 70.15 39.52
CA ASP H 92 -39.06 70.68 40.68
C ASP H 92 -38.13 69.66 41.33
N TYR H 93 -38.04 68.45 40.80
CA TYR H 93 -37.24 67.39 41.38
C TYR H 93 -35.87 67.36 40.71
N ASP H 94 -35.12 66.28 40.94
CA ASP H 94 -33.79 66.14 40.36
C ASP H 94 -33.64 64.97 39.38
N TYR H 95 -34.46 63.93 39.50
CA TYR H 95 -34.11 62.64 38.91
C TYR H 95 -35.36 61.78 38.82
N VAL H 96 -35.81 61.50 37.58
CA VAL H 96 -36.88 60.54 37.35
C VAL H 96 -36.38 59.45 36.42
N MET H 97 -37.03 58.29 36.47
CA MET H 97 -36.65 57.17 35.63
C MET H 97 -37.85 56.57 34.89
N TYR H 98 -37.64 55.43 34.24
CA TYR H 98 -38.67 54.78 33.44
C TYR H 98 -38.44 53.27 33.49
N GLY H 99 -39.53 52.51 33.53
CA GLY H 99 -39.42 51.06 33.49
C GLY H 99 -40.76 50.41 33.72
N THR H 100 -40.73 49.08 33.80
CA THR H 100 -41.91 48.25 33.94
C THR H 100 -41.81 47.39 35.20
N ALA H 101 -42.97 47.09 35.78
CA ALA H 101 -43.06 45.99 36.75
C ALA H 101 -43.37 44.70 35.99
N TYR H 102 -42.90 43.58 36.53
CA TYR H 102 -43.11 42.30 35.85
C TYR H 102 -43.57 41.15 36.74
N LYS H 103 -43.34 41.17 38.05
CA LYS H 103 -43.87 40.11 38.90
C LYS H 103 -44.18 40.62 40.29
N PHE H 104 -45.27 40.12 40.86
CA PHE H 104 -45.65 40.38 42.24
C PHE H 104 -45.61 39.08 43.03
N GLU H 105 -45.13 39.15 44.27
CA GLU H 105 -45.09 37.99 45.15
C GLU H 105 -45.12 38.46 46.59
N GLU H 106 -45.65 37.63 47.47
CA GLU H 106 -45.80 37.97 48.88
C GLU H 106 -44.55 37.57 49.65
N VAL H 107 -44.07 38.48 50.51
CA VAL H 107 -42.92 38.19 51.35
C VAL H 107 -43.29 37.24 52.47
N SER H 108 -44.21 37.67 53.33
CA SER H 108 -44.73 36.84 54.41
C SER H 108 -46.21 37.17 54.56
N LYS H 109 -46.79 36.84 55.72
CA LYS H 109 -48.13 37.31 56.05
C LYS H 109 -48.19 38.83 56.04
N ASP H 110 -49.28 39.35 55.45
CA ASP H 110 -49.55 40.75 55.10
C ASP H 110 -48.32 41.54 54.67
N LEU H 111 -47.44 40.90 53.90
CA LEU H 111 -46.26 41.56 53.33
C LEU H 111 -46.11 41.10 51.88
N ILE H 112 -46.33 42.01 50.94
CA ILE H 112 -46.18 41.71 49.52
C ILE H 112 -45.08 42.58 48.95
N ALA H 113 -44.34 42.02 47.99
CA ALA H 113 -43.22 42.70 47.36
C ALA H 113 -43.54 43.08 45.92
N VAL H 114 -42.89 44.15 45.45
CA VAL H 114 -43.14 44.72 44.14
C VAL H 114 -41.81 44.84 43.42
N TYR H 115 -41.75 44.35 42.18
CA TYR H 115 -40.50 44.22 41.43
C TYR H 115 -40.55 45.07 40.17
N TYR H 116 -39.96 46.26 40.23
CA TYR H 116 -39.75 47.08 39.05
C TYR H 116 -38.39 46.80 38.44
N SER H 117 -38.29 47.01 37.12
CA SER H 117 -37.02 46.93 36.43
C SER H 117 -36.95 48.07 35.42
N PHE H 118 -35.99 48.96 35.60
CA PHE H 118 -35.87 50.17 34.77
C PHE H 118 -34.84 49.97 33.67
N GLY H 119 -35.04 48.93 32.86
CA GLY H 119 -34.03 48.56 31.89
C GLY H 119 -32.83 47.94 32.56
N GLY H 120 -33.04 46.87 33.31
CA GLY H 120 -31.98 46.17 34.02
C GLY H 120 -31.84 46.68 35.44
N LEU H 121 -31.89 48.00 35.61
CA LEU H 121 -31.81 48.58 36.94
C LEU H 121 -33.12 48.31 37.67
N LEU H 122 -33.05 47.59 38.79
CA LEU H 122 -34.23 47.07 39.45
C LEU H 122 -34.48 47.79 40.77
N MET H 123 -35.69 47.59 41.30
CA MET H 123 -36.07 48.10 42.61
C MET H 123 -37.01 47.10 43.25
N ARG H 124 -36.70 46.70 44.48
CA ARG H 124 -37.52 45.74 45.23
C ARG H 124 -37.98 46.40 46.52
N LEU H 125 -39.26 46.76 46.59
CA LEU H 125 -39.88 47.22 47.82
C LEU H 125 -40.97 46.25 48.25
N GLU H 126 -41.18 46.15 49.56
CA GLU H 126 -42.27 45.38 50.12
C GLU H 126 -43.18 46.30 50.94
N GLY H 127 -44.46 45.95 50.99
CA GLY H 127 -45.43 46.77 51.69
C GLY H 127 -46.37 45.95 52.56
N ASN H 128 -47.38 46.61 53.12
CA ASN H 128 -48.31 45.98 54.04
C ASN H 128 -49.74 46.40 53.68
N TYR H 129 -50.05 46.35 52.39
CA TYR H 129 -51.30 46.79 51.77
C TYR H 129 -51.52 48.29 51.86
N ARG H 130 -50.58 49.05 52.44
CA ARG H 130 -50.64 50.50 52.32
C ARG H 130 -50.47 50.95 50.87
N ASN H 131 -49.58 50.29 50.14
CA ASN H 131 -49.37 50.56 48.72
C ASN H 131 -50.32 49.71 47.87
N LEU H 132 -51.62 49.95 48.05
CA LEU H 132 -52.63 49.11 47.41
C LEU H 132 -52.86 49.48 45.96
N ASN H 133 -52.48 50.69 45.56
CA ASN H 133 -52.84 51.21 44.24
C ASN H 133 -51.98 50.65 43.12
N ASN H 134 -50.87 49.99 43.44
CA ASN H 134 -49.85 49.66 42.45
C ASN H 134 -50.33 48.48 41.61
N LEU H 135 -50.77 48.76 40.39
CA LEU H 135 -51.09 47.71 39.45
C LEU H 135 -49.80 47.06 38.91
N LYS H 136 -49.98 45.91 38.28
CA LYS H 136 -48.92 45.28 37.50
C LYS H 136 -49.00 45.71 36.03
N GLN H 137 -48.99 47.01 35.82
CA GLN H 137 -49.21 47.61 34.51
C GLN H 137 -47.88 47.95 33.86
N GLU H 138 -47.92 48.73 32.77
CA GLU H 138 -46.73 48.94 31.96
C GLU H 138 -45.85 50.06 32.49
N ASN H 139 -46.38 51.28 32.59
CA ASN H 139 -45.56 52.46 32.77
C ASN H 139 -45.76 53.02 34.18
N ALA H 140 -44.65 53.16 34.91
CA ALA H 140 -44.58 53.99 36.11
C ALA H 140 -43.23 54.69 36.19
N TYR H 141 -43.23 55.93 36.67
CA TYR H 141 -42.00 56.70 36.86
C TYR H 141 -41.71 56.83 38.35
N LEU H 142 -40.44 56.70 38.72
CA LEU H 142 -39.94 57.22 39.98
C LEU H 142 -39.76 58.73 39.92
N LEU H 143 -39.88 59.37 41.09
CA LEU H 143 -39.69 60.81 41.22
C LEU H 143 -38.90 61.06 42.50
N ILE H 144 -37.73 61.68 42.36
CA ILE H 144 -36.79 61.83 43.46
C ILE H 144 -36.41 63.30 43.59
N ARG H 145 -36.61 63.87 44.77
CA ARG H 145 -35.89 65.06 45.19
C ARG H 145 -34.80 64.68 46.19
N ARG H 146 -33.84 65.59 46.35
CA ARG H 146 -32.79 65.41 47.34
C ARG H 146 -33.28 65.78 48.73
N MET I 1 19.10 -27.92 47.24
CA MET I 1 18.87 -27.99 48.68
C MET I 1 20.18 -28.03 49.45
N LEU I 2 21.18 -27.30 48.95
CA LEU I 2 22.52 -27.28 49.54
C LEU I 2 23.08 -28.70 49.66
N SER I 3 22.80 -29.52 48.64
CA SER I 3 23.27 -30.90 48.60
C SER I 3 24.63 -30.96 47.89
N PHE I 4 25.63 -30.40 48.56
CA PHE I 4 27.00 -30.45 48.05
C PHE I 4 27.62 -31.80 48.39
N CYS I 5 28.25 -32.42 47.39
CA CYS I 5 28.98 -33.67 47.60
C CYS I 5 30.46 -33.35 47.70
N PRO I 6 31.13 -33.71 48.78
CA PRO I 6 32.55 -33.34 48.94
C PRO I 6 33.46 -33.98 47.90
N SER I 7 34.50 -33.23 47.55
CA SER I 7 35.49 -33.54 46.52
C SER I 7 34.92 -33.59 45.10
N CYS I 8 33.64 -33.28 44.92
CA CYS I 8 33.15 -32.98 43.58
C CYS I 8 32.18 -31.82 43.49
N ASN I 9 31.53 -31.43 44.59
CA ASN I 9 30.68 -30.24 44.67
C ASN I 9 29.46 -30.33 43.75
N ASN I 10 29.13 -31.53 43.28
CA ASN I 10 28.22 -31.65 42.13
C ASN I 10 26.77 -31.56 42.58
N MET I 11 26.31 -32.55 43.33
CA MET I 11 24.89 -32.74 43.64
C MET I 11 24.82 -33.96 44.56
N LEU I 12 23.65 -34.15 45.18
CA LEU I 12 23.30 -35.45 45.75
C LEU I 12 22.02 -35.97 45.12
N LEU I 13 21.82 -37.27 45.25
CA LEU I 13 20.69 -37.97 44.64
C LEU I 13 20.22 -39.06 45.58
N ILE I 14 18.92 -39.09 45.86
CA ILE I 14 18.35 -40.15 46.70
C ILE I 14 18.26 -41.42 45.87
N THR I 15 19.06 -42.42 46.23
CA THR I 15 19.19 -43.65 45.46
C THR I 15 18.36 -44.75 46.10
N SER I 16 17.61 -45.48 45.27
CA SER I 16 16.94 -46.69 45.73
C SER I 16 17.99 -47.75 46.03
N GLY I 17 18.27 -47.96 47.30
CA GLY I 17 19.33 -48.84 47.72
C GLY I 17 18.93 -50.31 47.72
N ASP I 18 19.79 -51.11 48.35
CA ASP I 18 19.50 -52.53 48.55
C ASP I 18 18.29 -52.71 49.47
N SER I 19 17.40 -53.63 49.07
CA SER I 19 16.11 -53.85 49.73
C SER I 19 15.29 -52.57 49.81
N GLY I 20 15.39 -51.73 48.78
CA GLY I 20 14.58 -50.53 48.72
C GLY I 20 14.90 -49.46 49.74
N VAL I 21 16.10 -49.50 50.33
CA VAL I 21 16.45 -48.51 51.35
C VAL I 21 16.77 -47.19 50.68
N TYR I 22 16.57 -46.09 51.41
CA TYR I 22 16.74 -44.75 50.85
C TYR I 22 18.10 -44.20 51.27
N THR I 23 19.13 -44.68 50.59
CA THR I 23 20.47 -44.11 50.70
C THR I 23 20.65 -43.00 49.68
N LEU I 24 21.49 -42.03 50.01
CA LEU I 24 21.72 -40.89 49.13
C LEU I 24 23.14 -40.98 48.57
N ALA I 25 23.26 -40.82 47.25
CA ALA I 25 24.52 -41.00 46.56
C ALA I 25 24.43 -40.33 45.20
N CYS I 26 25.49 -39.63 44.81
CA CYS I 26 25.52 -38.98 43.51
C CYS I 26 26.15 -39.90 42.48
N ARG I 27 25.87 -39.61 41.20
CA ARG I 27 26.65 -40.21 40.13
C ARG I 27 27.92 -39.40 39.88
N SER I 28 28.79 -39.98 39.05
CA SER I 28 30.05 -39.35 38.63
C SER I 28 30.97 -39.01 39.81
N CYS I 29 30.73 -39.65 40.97
CA CYS I 29 31.65 -39.57 42.10
C CYS I 29 31.34 -40.71 43.08
N PRO I 30 32.32 -41.54 43.42
CA PRO I 30 32.05 -42.67 44.33
C PRO I 30 31.91 -42.22 45.79
N TYR I 31 30.71 -41.76 46.12
CA TYR I 31 30.41 -41.25 47.45
C TYR I 31 29.01 -41.71 47.86
N GLU I 32 28.84 -41.98 49.15
CA GLU I 32 27.58 -42.46 49.67
C GLU I 32 27.37 -41.93 51.08
N PHE I 33 26.12 -42.01 51.54
CA PHE I 33 25.73 -41.59 52.88
C PHE I 33 24.34 -42.10 53.19
N PRO I 34 24.07 -42.50 54.45
CA PRO I 34 22.73 -42.98 54.83
C PRO I 34 21.69 -41.87 54.86
N MET J 1 17.06 44.75 0.38
CA MET J 1 18.23 45.13 -0.40
C MET J 1 18.76 46.50 0.01
N ILE J 2 18.51 47.50 -0.82
CA ILE J 2 18.87 48.88 -0.52
C ILE J 2 17.78 49.50 0.35
N VAL J 3 18.06 50.68 0.89
CA VAL J 3 17.14 51.35 1.82
C VAL J 3 15.80 51.61 1.13
N PRO J 4 14.68 51.34 1.78
CA PRO J 4 13.38 51.64 1.16
C PRO J 4 13.15 53.14 1.05
N VAL J 5 12.42 53.54 0.01
CA VAL J 5 12.30 54.95 -0.32
C VAL J 5 11.37 55.69 0.62
N ARG J 6 10.47 54.99 1.31
CA ARG J 6 9.53 55.64 2.23
C ARG J 6 9.39 54.81 3.49
N CYS J 7 8.90 55.45 4.54
CA CYS J 7 8.50 54.75 5.75
C CYS J 7 7.31 53.84 5.49
N PHE J 8 7.27 52.73 6.23
CA PHE J 8 6.16 51.79 6.10
C PHE J 8 4.88 52.36 6.69
N SER J 9 4.97 53.03 7.84
CA SER J 9 3.77 53.39 8.60
C SER J 9 3.23 54.78 8.26
N CYS J 10 4.07 55.81 8.32
CA CYS J 10 3.57 57.18 8.14
C CYS J 10 3.52 57.58 6.66
N GLY J 11 4.67 57.60 6.00
CA GLY J 11 4.68 57.85 4.57
C GLY J 11 5.63 58.94 4.10
N LYS J 12 6.54 59.37 4.95
CA LYS J 12 7.59 60.27 4.51
C LYS J 12 8.72 59.48 3.86
N VAL J 13 9.68 60.21 3.30
CA VAL J 13 10.75 59.62 2.50
C VAL J 13 11.97 59.40 3.39
N VAL J 14 12.60 58.23 3.26
CA VAL J 14 13.95 58.02 3.75
C VAL J 14 14.82 57.45 2.64
N GLY J 15 15.37 58.34 1.82
CA GLY J 15 16.30 57.94 0.78
C GLY J 15 17.51 58.84 0.74
N ASP J 16 17.41 59.99 1.42
CA ASP J 16 18.52 60.91 1.58
C ASP J 16 19.22 60.76 2.92
N LYS J 17 18.65 59.97 3.84
CA LYS J 17 19.11 59.90 5.22
C LYS J 17 19.90 58.63 5.52
N TRP J 18 20.08 57.75 4.53
CA TRP J 18 20.77 56.49 4.81
C TRP J 18 22.27 56.69 4.82
N GLU J 19 22.83 57.23 3.73
CA GLU J 19 24.27 57.42 3.68
C GLU J 19 24.72 58.58 4.57
N SER J 20 23.80 59.49 4.92
CA SER J 20 24.11 60.52 5.90
C SER J 20 24.18 59.95 7.31
N TYR J 21 23.39 58.91 7.59
CA TYR J 21 23.47 58.25 8.88
C TYR J 21 24.80 57.53 9.06
N LEU J 22 25.30 56.90 7.99
CA LEU J 22 26.65 56.34 8.04
C LEU J 22 27.69 57.42 8.26
N ASN J 23 27.50 58.58 7.64
CA ASN J 23 28.46 59.69 7.76
C ASN J 23 28.52 60.24 9.18
N LEU J 24 27.51 59.96 10.00
CA LEU J 24 27.52 60.23 11.42
C LEU J 24 28.12 59.09 12.24
N LEU J 25 28.86 58.19 11.61
CA LEU J 25 29.44 57.10 12.40
C LEU J 25 30.95 56.96 12.25
N GLN J 26 31.50 57.11 11.04
CA GLN J 26 32.96 56.99 10.94
C GLN J 26 33.64 58.23 11.48
N GLU J 27 33.16 59.42 11.11
CA GLU J 27 33.48 60.66 11.79
C GLU J 27 32.37 61.02 12.77
N ASP J 28 32.74 61.81 13.78
CA ASP J 28 31.84 62.18 14.87
C ASP J 28 31.22 60.94 15.52
N GLU J 29 32.10 60.16 16.16
CA GLU J 29 31.68 58.95 16.84
C GLU J 29 30.67 59.26 17.94
N LEU J 30 29.49 58.68 17.82
CA LEU J 30 28.31 59.16 18.53
C LEU J 30 27.39 57.99 18.81
N ASP J 31 26.49 58.17 19.78
CA ASP J 31 25.43 57.21 20.01
C ASP J 31 24.46 57.18 18.84
N GLU J 32 24.06 55.97 18.44
CA GLU J 32 23.20 55.80 17.28
C GLU J 32 21.79 56.30 17.55
N GLY J 33 21.36 56.28 18.81
CA GLY J 33 20.05 56.82 19.14
C GLY J 33 19.95 58.31 18.97
N THR J 34 20.91 59.06 19.53
CA THR J 34 20.88 60.51 19.43
C THR J 34 21.38 61.03 18.08
N ALA J 35 21.92 60.16 17.23
CA ALA J 35 22.43 60.60 15.94
C ALA J 35 21.29 60.99 15.00
N LEU J 36 20.27 60.11 14.88
CA LEU J 36 19.17 60.38 13.97
C LEU J 36 18.27 61.51 14.48
N SER J 37 18.25 61.74 15.79
CA SER J 37 17.54 62.90 16.33
C SER J 37 18.17 64.20 15.85
N ARG J 38 19.49 64.21 15.71
CA ARG J 38 20.17 65.32 15.03
C ARG J 38 19.83 65.33 13.54
N LEU J 39 19.65 64.15 12.94
CA LEU J 39 19.31 64.08 11.52
C LEU J 39 17.85 64.46 11.29
N GLY J 40 16.97 64.12 12.22
CA GLY J 40 15.62 64.67 12.19
C GLY J 40 14.49 63.67 12.09
N LEU J 41 14.74 62.41 12.43
CA LEU J 41 13.69 61.40 12.48
C LEU J 41 12.97 61.53 13.82
N LYS J 42 12.07 62.50 13.89
CA LYS J 42 11.39 62.81 15.15
C LYS J 42 10.39 61.72 15.54
N ARG J 43 9.67 61.17 14.57
CA ARG J 43 8.60 60.25 14.89
C ARG J 43 9.15 58.90 15.35
N TYR J 44 8.24 58.02 15.77
CA TYR J 44 8.62 56.70 16.26
C TYR J 44 8.82 55.70 15.13
N CYS J 45 7.92 55.68 14.16
CA CYS J 45 7.93 54.66 13.11
C CYS J 45 9.01 54.90 12.07
N CYS J 46 9.59 56.10 12.01
CA CYS J 46 10.72 56.33 11.12
C CYS J 46 12.03 55.84 11.70
N ARG J 47 12.13 55.70 13.02
CA ARG J 47 13.37 55.24 13.64
C ARG J 47 13.65 53.78 13.31
N ARG J 48 12.61 52.95 13.21
CA ARG J 48 12.79 51.53 12.96
C ARG J 48 13.20 51.23 11.53
N MET J 49 12.99 52.17 10.60
CA MET J 49 13.28 51.91 9.20
C MET J 49 14.77 51.90 8.90
N ILE J 50 15.58 52.58 9.69
CA ILE J 50 17.02 52.65 9.45
C ILE J 50 17.84 51.97 10.53
N LEU J 51 17.25 51.64 11.68
CA LEU J 51 17.98 50.88 12.69
C LEU J 51 18.14 49.42 12.26
N THR J 52 17.10 48.85 11.67
CA THR J 52 17.03 47.42 11.41
C THR J 52 17.32 47.05 9.96
N HIS J 53 17.66 48.02 9.12
CA HIS J 53 17.85 47.76 7.70
C HIS J 53 19.22 47.14 7.47
N VAL J 54 19.26 45.84 7.19
CA VAL J 54 20.47 45.22 6.69
C VAL J 54 20.73 45.70 5.27
N ASP J 55 21.96 46.15 5.01
CA ASP J 55 22.33 46.62 3.68
C ASP J 55 22.96 45.47 2.91
N LEU J 56 22.12 44.65 2.29
CA LEU J 56 22.58 43.46 1.59
C LEU J 56 23.26 43.78 0.26
N ILE J 57 23.12 45.01 -0.25
CA ILE J 57 23.60 45.31 -1.59
C ILE J 57 25.12 45.40 -1.66
N GLU J 58 25.79 45.65 -0.54
CA GLU J 58 27.24 45.73 -0.54
C GLU J 58 27.91 44.36 -0.50
N LYS J 59 27.14 43.28 -0.59
CA LYS J 59 27.68 41.95 -0.80
C LYS J 59 27.26 41.33 -2.12
N PHE J 60 26.14 41.76 -2.71
CA PHE J 60 25.72 41.22 -4.00
C PHE J 60 26.67 41.66 -5.11
N LEU J 61 27.12 42.92 -5.07
CA LEU J 61 27.80 43.51 -6.22
C LEU J 61 29.19 42.94 -6.45
N ARG J 62 29.78 42.25 -5.46
CA ARG J 62 31.07 41.62 -5.68
C ARG J 62 30.97 40.35 -6.52
N TYR J 63 29.75 39.88 -6.79
CA TYR J 63 29.53 38.71 -7.65
C TYR J 63 29.14 39.11 -9.06
N ASN J 64 29.72 40.20 -9.58
CA ASN J 64 29.30 40.72 -10.87
C ASN J 64 29.83 39.86 -12.01
N PRO J 65 29.09 39.76 -13.11
CA PRO J 65 29.58 39.01 -14.28
C PRO J 65 30.59 39.77 -15.12
N LEU J 66 30.86 41.04 -14.81
CA LEU J 66 31.76 41.87 -15.60
C LEU J 66 33.07 42.13 -14.86
N GLU J 67 33.52 41.16 -14.07
CA GLU J 67 34.81 41.21 -13.39
C GLU J 67 34.92 42.42 -12.46
N PRO K 42 -28.29 66.16 -16.08
CA PRO K 42 -27.63 65.67 -14.86
C PRO K 42 -27.59 64.15 -14.79
N ASP K 43 -26.64 63.62 -14.03
CA ASP K 43 -26.51 62.18 -13.86
C ASP K 43 -27.48 61.68 -12.79
N ARG K 44 -27.96 60.45 -12.97
CA ARG K 44 -28.90 59.84 -12.05
C ARG K 44 -28.42 58.48 -11.55
N GLU K 45 -27.14 58.16 -11.72
CA GLU K 45 -26.51 57.06 -11.00
C GLU K 45 -25.97 57.57 -9.65
N LYS K 46 -26.91 58.01 -8.82
CA LYS K 46 -26.61 58.65 -7.54
C LYS K 46 -27.71 58.33 -6.54
N ILE K 47 -27.86 59.22 -5.54
CA ILE K 47 -28.81 59.07 -4.43
C ILE K 47 -30.15 58.57 -4.94
N LYS K 48 -30.63 57.48 -4.36
CA LYS K 48 -31.76 56.74 -4.92
C LYS K 48 -32.58 56.16 -3.78
N LEU K 49 -33.86 56.50 -3.76
CA LEU K 49 -34.74 56.11 -2.66
C LEU K 49 -35.03 54.61 -2.73
N LEU K 50 -34.80 53.92 -1.61
CA LEU K 50 -35.15 52.51 -1.48
C LEU K 50 -36.67 52.38 -1.39
N THR K 51 -37.29 51.91 -2.48
CA THR K 51 -38.75 51.87 -2.54
C THR K 51 -39.34 50.83 -1.61
N GLN K 52 -38.65 49.71 -1.40
CA GLN K 52 -39.20 48.62 -0.60
C GLN K 52 -39.08 48.86 0.90
N ALA K 53 -38.30 49.85 1.32
CA ALA K 53 -37.98 50.06 2.73
C ALA K 53 -38.41 51.44 3.21
N THR K 54 -39.35 52.08 2.52
CA THR K 54 -39.83 53.40 2.86
C THR K 54 -41.28 53.32 3.34
N SER K 55 -41.72 54.39 3.99
CA SER K 55 -43.10 54.50 4.45
C SER K 55 -44.04 54.80 3.26
N GLU K 56 -45.33 54.72 3.54
CA GLU K 56 -46.33 55.00 2.52
C GLU K 56 -46.36 56.47 2.13
N ASP K 57 -45.90 57.36 3.01
CA ASP K 57 -45.75 58.78 2.71
C ASP K 57 -44.28 59.15 2.86
N GLY K 58 -44.00 60.45 2.81
CA GLY K 58 -42.63 60.90 2.88
C GLY K 58 -42.10 61.10 4.28
N THR K 59 -42.56 60.28 5.23
CA THR K 59 -42.05 60.39 6.60
C THR K 59 -40.76 59.59 6.79
N SER K 60 -40.72 58.36 6.26
CA SER K 60 -39.58 57.48 6.42
C SER K 60 -38.97 57.21 5.05
N ALA K 61 -37.64 57.26 4.97
CA ALA K 61 -36.98 57.08 3.69
C ALA K 61 -35.63 56.39 3.90
N SER K 62 -35.09 55.86 2.81
CA SER K 62 -33.83 55.14 2.82
C SER K 62 -33.16 55.36 1.48
N PHE K 63 -31.95 55.90 1.48
CA PHE K 63 -31.29 56.34 0.27
C PHE K 63 -30.07 55.48 -0.04
N GLN K 64 -29.51 55.71 -1.23
CA GLN K 64 -28.49 54.86 -1.84
C GLN K 64 -27.40 55.77 -2.40
N ILE K 65 -26.39 56.07 -1.59
CA ILE K 65 -25.33 56.99 -1.99
C ILE K 65 -24.16 56.17 -2.52
N VAL K 66 -23.70 56.53 -3.72
CA VAL K 66 -22.67 55.80 -4.43
C VAL K 66 -21.36 56.56 -4.36
N GLU K 67 -20.27 55.84 -4.07
CA GLU K 67 -18.90 56.35 -4.15
C GLU K 67 -18.56 57.39 -3.07
N GLU K 68 -19.14 57.28 -1.88
CA GLU K 68 -18.61 57.99 -0.72
C GLU K 68 -18.55 57.06 0.47
N ASP K 69 -17.40 57.07 1.16
CA ASP K 69 -17.19 56.30 2.37
C ASP K 69 -17.51 57.15 3.60
N HIS K 70 -16.95 56.75 4.75
CA HIS K 70 -17.11 57.47 6.01
C HIS K 70 -16.77 58.95 5.94
N THR K 71 -16.02 59.37 4.91
CA THR K 71 -15.60 60.77 4.83
C THR K 71 -16.80 61.71 4.69
N LEU K 72 -17.77 61.36 3.86
CA LEU K 72 -18.95 62.19 3.73
C LEU K 72 -20.05 61.77 4.71
N GLY K 73 -20.24 60.47 4.90
CA GLY K 73 -21.35 59.97 5.68
C GLY K 73 -21.28 60.30 7.17
N ASN K 74 -20.07 60.55 7.68
CA ASN K 74 -19.93 60.96 9.08
C ASN K 74 -20.24 62.43 9.28
N ALA K 75 -19.95 63.29 8.30
CA ALA K 75 -20.26 64.70 8.44
C ALA K 75 -21.76 64.94 8.34
N LEU K 76 -22.44 64.25 7.43
CA LEU K 76 -23.86 64.48 7.20
C LEU K 76 -24.71 64.04 8.39
N ARG K 77 -24.22 63.10 9.20
CA ARG K 77 -24.91 62.70 10.41
C ARG K 77 -24.96 63.84 11.43
N TYR K 78 -23.88 64.62 11.52
CA TYR K 78 -23.81 65.66 12.54
C TYR K 78 -24.73 66.84 12.22
N VAL K 79 -24.79 67.25 10.95
CA VAL K 79 -25.60 68.41 10.61
C VAL K 79 -27.09 68.07 10.68
N ILE K 80 -27.46 66.86 10.27
CA ILE K 80 -28.87 66.48 10.30
C ILE K 80 -29.36 66.32 11.73
N MET K 81 -28.52 65.78 12.60
CA MET K 81 -28.94 65.48 13.97
C MET K 81 -29.22 66.74 14.78
N LYS K 82 -28.66 67.89 14.38
CA LYS K 82 -28.94 69.13 15.10
C LYS K 82 -30.27 69.75 14.70
N ASN K 83 -30.91 69.26 13.65
CA ASN K 83 -32.21 69.78 13.25
C ASN K 83 -33.27 69.25 14.22
N PRO K 84 -34.07 70.13 14.84
CA PRO K 84 -35.02 69.68 15.85
C PRO K 84 -36.27 69.00 15.30
N ASP K 85 -36.28 68.63 14.02
CA ASP K 85 -37.41 67.90 13.45
C ASP K 85 -37.18 66.41 13.32
N VAL K 86 -35.93 65.96 13.30
CA VAL K 86 -35.60 64.56 13.07
C VAL K 86 -35.43 63.86 14.41
N GLU K 87 -35.71 62.55 14.43
CA GLU K 87 -35.41 61.71 15.57
C GLU K 87 -34.34 60.66 15.28
N PHE K 88 -33.86 60.57 14.04
CA PHE K 88 -33.14 59.37 13.60
C PHE K 88 -32.31 59.71 12.38
N CYS K 89 -30.99 59.51 12.48
CA CYS K 89 -30.09 59.76 11.34
C CYS K 89 -28.85 58.89 11.55
N GLY K 90 -28.80 57.77 10.84
CA GLY K 90 -27.70 56.84 10.95
C GLY K 90 -27.31 56.28 9.61
N TYR K 91 -26.09 55.73 9.55
CA TYR K 91 -25.57 55.17 8.31
C TYR K 91 -24.72 53.96 8.64
N SER K 92 -24.56 53.11 7.62
CA SER K 92 -23.59 52.01 7.66
C SER K 92 -23.39 51.50 6.25
N ILE K 93 -22.13 51.31 5.85
CA ILE K 93 -21.82 50.66 4.59
C ILE K 93 -22.03 49.16 4.73
N PRO K 94 -22.67 48.51 3.76
CA PRO K 94 -22.98 47.09 3.90
C PRO K 94 -21.76 46.20 3.80
N HIS K 95 -20.91 46.46 2.80
CA HIS K 95 -19.84 45.55 2.45
C HIS K 95 -18.66 46.31 1.88
N PRO K 96 -17.51 46.32 2.55
CA PRO K 96 -16.43 47.25 2.18
C PRO K 96 -15.71 46.90 0.89
N SER K 97 -16.01 45.76 0.26
CA SER K 97 -15.38 45.44 -1.02
C SER K 97 -16.01 46.22 -2.16
N GLU K 98 -17.34 46.35 -2.16
CA GLU K 98 -18.01 47.27 -3.06
C GLU K 98 -18.01 48.68 -2.46
N ASN K 99 -18.50 49.64 -3.25
CA ASN K 99 -18.34 51.06 -2.93
C ASN K 99 -19.69 51.74 -3.03
N LEU K 100 -20.42 51.75 -1.91
CA LEU K 100 -21.69 52.44 -1.82
C LEU K 100 -22.00 52.71 -0.36
N LEU K 101 -22.85 53.70 -0.12
CA LEU K 101 -23.27 54.09 1.23
C LEU K 101 -24.78 54.03 1.33
N ASN K 102 -25.27 53.69 2.52
CA ASN K 102 -26.71 53.72 2.82
C ASN K 102 -26.93 54.68 3.99
N ILE K 103 -27.71 55.73 3.74
CA ILE K 103 -28.07 56.71 4.76
C ILE K 103 -29.54 56.56 5.11
N ARG K 104 -29.85 56.63 6.40
CA ARG K 104 -31.18 56.31 6.89
C ARG K 104 -31.63 57.44 7.81
N ILE K 105 -32.68 58.14 7.43
CA ILE K 105 -33.19 59.28 8.18
C ILE K 105 -34.69 59.16 8.35
N GLN K 106 -35.18 59.62 9.51
CA GLN K 106 -36.51 59.25 9.98
C GLN K 106 -36.94 60.25 11.04
N THR K 107 -38.11 60.86 10.85
CA THR K 107 -38.44 62.11 11.52
C THR K 107 -39.89 62.07 11.97
N TYR K 108 -40.34 63.17 12.55
CA TYR K 108 -41.73 63.32 12.98
C TYR K 108 -42.59 63.77 11.79
N GLY K 109 -43.82 64.18 12.07
CA GLY K 109 -44.78 64.52 11.04
C GLY K 109 -44.79 65.97 10.58
N GLU K 110 -43.81 66.77 10.98
CA GLU K 110 -43.80 68.18 10.58
C GLU K 110 -43.43 68.33 9.11
N THR K 111 -42.21 67.92 8.75
CA THR K 111 -41.72 68.00 7.38
C THR K 111 -41.36 66.61 6.88
N THR K 112 -41.32 66.49 5.55
CA THR K 112 -41.11 65.20 4.92
C THR K 112 -39.62 64.81 4.97
N ALA K 113 -39.35 63.56 4.60
CA ALA K 113 -37.99 63.04 4.76
C ALA K 113 -37.07 63.51 3.65
N VAL K 114 -37.58 63.62 2.43
CA VAL K 114 -36.76 64.11 1.33
C VAL K 114 -36.47 65.61 1.52
N ASP K 115 -37.35 66.31 2.23
CA ASP K 115 -37.09 67.70 2.62
C ASP K 115 -36.04 67.79 3.72
N ALA K 116 -35.81 66.71 4.46
CA ALA K 116 -35.02 66.81 5.69
C ALA K 116 -33.54 66.97 5.37
N LEU K 117 -32.99 66.05 4.56
CA LEU K 117 -31.55 66.09 4.30
C LEU K 117 -31.19 67.21 3.33
N GLN K 118 -32.12 67.56 2.42
CA GLN K 118 -31.88 68.69 1.52
C GLN K 118 -31.83 70.01 2.27
N LYS K 119 -32.45 70.09 3.45
CA LYS K 119 -32.15 71.18 4.37
C LYS K 119 -30.74 71.03 4.93
N GLY K 120 -30.36 69.82 5.33
CA GLY K 120 -29.06 69.62 5.94
C GLY K 120 -27.93 69.68 4.94
N LEU K 121 -28.17 69.18 3.72
CA LEU K 121 -27.16 69.26 2.68
C LEU K 121 -26.89 70.71 2.28
N LYS K 122 -27.92 71.55 2.33
CA LYS K 122 -27.74 72.99 2.18
C LYS K 122 -27.04 73.59 3.39
N ASP K 123 -27.06 72.90 4.53
CA ASP K 123 -26.72 73.49 5.82
C ASP K 123 -25.27 73.26 6.24
N LEU K 124 -24.61 72.23 5.72
CA LEU K 124 -23.18 72.11 5.92
C LEU K 124 -22.38 72.89 4.88
N MET K 125 -23.02 73.38 3.83
CA MET K 125 -22.31 74.08 2.76
C MET K 125 -21.76 75.40 3.25
N ASP K 126 -22.59 76.21 3.92
CA ASP K 126 -22.10 77.43 4.54
C ASP K 126 -21.30 77.15 5.80
N LEU K 127 -21.51 76.00 6.44
CA LEU K 127 -20.64 75.59 7.54
C LEU K 127 -19.23 75.32 7.03
N CYS K 128 -19.11 74.81 5.80
CA CYS K 128 -17.82 74.79 5.13
C CYS K 128 -17.35 76.21 4.81
N ASP K 129 -18.28 77.09 4.42
CA ASP K 129 -17.90 78.42 3.96
C ASP K 129 -17.46 79.32 5.12
N VAL K 130 -18.02 79.10 6.31
CA VAL K 130 -17.63 79.93 7.45
C VAL K 130 -16.24 79.56 7.94
N VAL K 131 -15.79 78.33 7.67
CA VAL K 131 -14.42 77.95 8.00
C VAL K 131 -13.45 78.47 6.95
N GLU K 132 -13.89 78.50 5.68
CA GLU K 132 -13.04 79.00 4.62
C GLU K 132 -12.79 80.49 4.76
N SER K 133 -13.81 81.26 5.13
CA SER K 133 -13.66 82.70 5.24
C SER K 133 -12.83 83.07 6.46
N LYS K 134 -13.03 82.39 7.58
CA LYS K 134 -12.31 82.73 8.81
C LYS K 134 -10.85 82.33 8.71
N PHE K 135 -10.54 81.27 7.96
CA PHE K 135 -9.16 80.81 7.83
C PHE K 135 -8.35 81.73 6.93
N THR K 136 -8.96 82.20 5.83
CA THR K 136 -8.19 82.86 4.78
C THR K 136 -7.77 84.27 5.16
N GLU K 137 -8.43 84.89 6.15
CA GLU K 137 -8.04 86.20 6.61
C GLU K 137 -7.03 86.14 7.75
N LYS K 138 -6.87 84.97 8.37
CA LYS K 138 -5.90 84.80 9.45
C LYS K 138 -4.51 84.52 8.91
N ILE K 139 -4.41 83.89 7.75
CA ILE K 139 -3.10 83.48 7.21
C ILE K 139 -2.35 84.70 6.69
N LYS K 140 -3.05 85.63 6.05
CA LYS K 140 -2.37 86.79 5.47
C LYS K 140 -1.96 87.80 6.54
N SER K 141 -2.68 87.85 7.66
CA SER K 141 -2.21 88.63 8.80
C SER K 141 -1.05 87.94 9.50
N MET K 142 -1.15 86.63 9.72
CA MET K 142 -0.13 85.83 10.40
C MET K 142 0.23 86.41 11.76
N THR L 26 22.48 43.14 -32.26
CA THR L 26 22.85 41.74 -32.04
C THR L 26 23.22 41.49 -30.59
N LEU L 27 24.52 41.63 -30.30
CA LEU L 27 25.06 41.54 -28.94
C LEU L 27 24.76 40.16 -28.34
N LYS L 28 25.38 39.15 -28.94
CA LYS L 28 25.04 37.77 -28.65
C LYS L 28 25.69 37.25 -27.36
N TYR L 29 25.75 35.92 -27.25
CA TYR L 29 26.10 35.24 -26.01
C TYR L 29 27.39 35.78 -25.39
N ILE L 30 27.40 35.84 -24.07
CA ILE L 30 28.58 36.24 -23.30
C ILE L 30 29.00 35.07 -22.42
N CYS L 31 30.28 35.08 -22.04
CA CYS L 31 30.82 34.03 -21.18
C CYS L 31 30.42 34.26 -19.72
N ALA L 32 30.77 33.30 -18.87
CA ALA L 32 30.43 33.41 -17.45
C ALA L 32 31.33 34.40 -16.73
N GLU L 33 32.65 34.30 -16.92
CA GLU L 33 33.58 35.23 -16.30
C GLU L 33 34.50 35.94 -17.29
N CYS L 34 34.65 35.41 -18.50
CA CYS L 34 35.42 36.12 -19.52
C CYS L 34 34.68 37.35 -20.01
N SER L 35 33.35 37.28 -20.06
CA SER L 35 32.48 38.39 -20.44
C SER L 35 32.84 38.92 -21.83
N SER L 36 33.03 37.99 -22.77
CA SER L 36 33.46 38.32 -24.12
C SER L 36 32.35 38.00 -25.09
N LYS L 37 31.94 38.99 -25.89
CA LYS L 37 30.77 38.85 -26.75
C LYS L 37 31.12 37.95 -27.93
N LEU L 38 30.57 36.74 -27.96
CA LEU L 38 30.79 35.80 -29.04
C LEU L 38 29.44 35.42 -29.63
N SER L 39 29.33 35.43 -30.95
CA SER L 39 28.16 34.93 -31.66
C SER L 39 28.50 33.59 -32.30
N LEU L 40 28.07 32.51 -31.66
CA LEU L 40 28.35 31.18 -32.20
C LEU L 40 27.50 30.92 -33.43
N SER L 41 28.13 30.44 -34.50
CA SER L 41 27.39 29.95 -35.65
C SER L 41 26.80 28.58 -35.34
N ARG L 42 25.70 28.25 -35.99
CA ARG L 42 24.81 27.22 -35.50
C ARG L 42 25.35 25.82 -35.74
N THR L 43 25.15 24.95 -34.75
CA THR L 43 25.58 23.55 -34.76
C THR L 43 27.09 23.43 -35.02
N ASP L 44 27.87 24.24 -34.33
CA ASP L 44 29.32 24.22 -34.49
C ASP L 44 30.06 23.92 -33.20
N ALA L 45 29.80 24.69 -32.14
CA ALA L 45 30.54 24.56 -30.89
C ALA L 45 29.64 25.02 -29.74
N VAL L 46 30.13 24.84 -28.53
CA VAL L 46 29.38 25.22 -27.34
C VAL L 46 30.31 25.96 -26.38
N ARG L 47 31.61 25.94 -26.67
CA ARG L 47 32.58 26.61 -25.84
C ARG L 47 32.63 28.10 -26.18
N CYS L 48 33.45 28.84 -25.44
CA CYS L 48 33.72 30.24 -25.71
C CYS L 48 35.17 30.42 -26.14
N LYS L 49 35.45 31.58 -26.73
CA LYS L 49 36.82 31.96 -27.03
C LYS L 49 37.39 32.79 -25.88
N ASP L 50 38.70 33.05 -25.96
CA ASP L 50 39.43 33.90 -25.01
C ASP L 50 39.40 33.34 -23.59
N CYS L 51 38.93 32.10 -23.41
CA CYS L 51 38.91 31.41 -22.14
C CYS L 51 38.50 29.96 -22.41
N GLY L 52 38.96 29.07 -21.54
CA GLY L 52 38.61 27.66 -21.69
C GLY L 52 37.30 27.26 -21.04
N HIS L 53 36.40 28.22 -20.87
CA HIS L 53 35.21 28.00 -20.06
C HIS L 53 34.08 27.50 -20.96
N ARG L 54 33.11 26.81 -20.34
CA ARG L 54 32.09 26.10 -21.11
C ARG L 54 30.68 26.49 -20.67
N ILE L 55 30.48 27.72 -20.21
CA ILE L 55 29.14 28.22 -19.87
C ILE L 55 28.92 29.54 -20.58
N LEU L 56 27.83 29.64 -21.33
CA LEU L 56 27.47 30.84 -22.07
C LEU L 56 26.11 31.34 -21.62
N LEU L 57 25.97 32.66 -21.51
CA LEU L 57 24.71 33.28 -21.10
C LEU L 57 24.27 34.27 -22.17
N LYS L 58 22.97 34.34 -22.40
CA LYS L 58 22.42 35.25 -23.40
C LYS L 58 22.41 36.68 -22.89
N ALA L 59 22.93 37.59 -23.71
CA ALA L 59 22.88 39.01 -23.38
C ALA L 59 21.45 39.55 -23.58
N ARG L 60 21.11 40.57 -22.80
CA ARG L 60 19.71 40.91 -22.62
C ARG L 60 19.22 41.74 -23.80
N THR L 61 17.99 41.48 -24.23
CA THR L 61 17.49 42.02 -25.49
C THR L 61 17.33 43.54 -25.41
N LYS L 62 17.24 44.16 -26.58
CA LYS L 62 17.14 45.61 -26.71
C LYS L 62 15.72 46.09 -26.96
N ARG L 63 14.77 45.17 -27.13
CA ARG L 63 13.39 45.55 -27.44
C ARG L 63 12.74 46.21 -26.23
N LEU L 64 11.92 47.22 -26.49
CA LEU L 64 11.27 47.95 -25.41
C LEU L 64 10.29 47.05 -24.67
N VAL L 65 10.32 47.15 -23.34
CA VAL L 65 9.44 46.38 -22.47
C VAL L 65 8.67 47.36 -21.58
N GLN L 66 7.42 47.00 -21.28
CA GLN L 66 6.49 47.88 -20.61
C GLN L 66 6.27 47.39 -19.19
N PHE L 67 6.10 48.33 -18.26
CA PHE L 67 5.84 48.01 -16.87
C PHE L 67 4.87 49.00 -16.26
N GLU L 68 4.14 48.53 -15.25
CA GLU L 68 3.46 49.41 -14.31
C GLU L 68 4.44 49.89 -13.25
N ALA L 69 3.98 50.81 -12.42
CA ALA L 69 4.80 51.44 -11.39
C ALA L 69 4.16 51.29 -10.02
N ARG L 70 3.66 50.09 -9.73
CA ARG L 70 3.00 49.81 -8.46
C ARG L 70 3.19 48.35 -8.06
N ILE M 71 59.17 6.15 59.66
CA ILE M 71 59.89 5.83 60.87
C ILE M 71 60.85 4.67 60.61
N GLU M 72 60.33 3.45 60.61
CA GLU M 72 61.12 2.28 60.30
C GLU M 72 61.19 2.07 58.79
N GLU M 73 62.06 1.15 58.37
CA GLU M 73 62.11 0.70 56.98
C GLU M 73 62.45 -0.78 56.93
N PHE M 74 61.76 -1.50 56.05
CA PHE M 74 62.04 -2.91 55.80
C PHE M 74 62.46 -3.07 54.34
N PRO M 75 63.76 -3.18 54.07
CA PRO M 75 64.20 -3.24 52.66
C PRO M 75 63.89 -4.58 52.03
N LEU M 76 63.53 -4.53 50.74
CA LEU M 76 63.27 -5.73 49.95
C LEU M 76 64.14 -5.71 48.70
N LYS M 77 64.53 -6.89 48.24
CA LYS M 77 65.16 -7.06 46.94
C LYS M 77 64.54 -8.26 46.24
N ILE M 78 64.66 -8.26 44.91
CA ILE M 78 64.14 -9.35 44.08
C ILE M 78 65.33 -10.20 43.64
N SER M 79 65.27 -11.50 43.94
CA SER M 79 66.29 -12.46 43.51
C SER M 79 65.58 -13.68 42.89
N GLY M 80 65.20 -13.56 41.62
CA GLY M 80 64.62 -14.69 40.93
C GLY M 80 64.83 -14.66 39.43
N GLU M 81 65.45 -15.72 38.90
CA GLU M 81 65.56 -15.93 37.47
C GLU M 81 65.47 -17.42 37.18
N GLU M 82 65.20 -17.74 35.91
CA GLU M 82 65.43 -19.07 35.34
C GLU M 82 64.43 -20.10 35.85
N GLU M 83 63.60 -19.72 36.83
CA GLU M 83 62.70 -20.66 37.50
C GLU M 83 61.27 -20.19 37.29
N SER M 84 60.46 -21.03 36.63
CA SER M 84 59.05 -20.72 36.37
C SER M 84 58.18 -21.46 37.37
N LEU M 85 58.09 -20.91 38.58
CA LEU M 85 57.33 -21.55 39.64
C LEU M 85 55.85 -21.22 39.49
N HIS M 86 55.00 -22.22 39.71
CA HIS M 86 53.57 -22.11 39.46
C HIS M 86 52.79 -22.22 40.76
N VAL M 87 51.54 -21.74 40.72
CA VAL M 87 50.64 -21.77 41.85
C VAL M 87 49.34 -22.44 41.42
N PHE M 88 48.93 -23.46 42.16
CA PHE M 88 47.66 -24.15 41.93
C PHE M 88 46.57 -23.57 42.82
N GLN M 89 45.33 -23.73 42.37
CA GLN M 89 44.16 -23.26 43.10
C GLN M 89 43.16 -24.38 43.24
N TYR M 90 42.90 -24.80 44.48
CA TYR M 90 41.97 -25.90 44.74
C TYR M 90 40.55 -25.33 44.75
N ALA M 91 39.81 -25.55 43.66
CA ALA M 91 38.41 -25.14 43.60
C ALA M 91 37.49 -26.00 44.46
N ASN M 92 37.98 -27.13 44.98
CA ASN M 92 37.19 -27.95 45.88
C ASN M 92 37.42 -27.61 47.34
N ARG M 93 38.69 -27.57 47.76
CA ARG M 93 39.01 -27.63 49.19
C ARG M 93 38.97 -26.23 49.80
N PRO M 94 38.21 -26.02 50.87
CA PRO M 94 38.27 -24.76 51.59
C PRO M 94 39.53 -24.68 52.45
N ARG M 95 39.72 -23.50 53.05
CA ARG M 95 40.84 -23.31 53.95
C ARG M 95 40.55 -23.84 55.35
N LEU M 96 39.55 -23.26 56.02
CA LEU M 96 39.34 -23.48 57.44
C LEU M 96 38.07 -24.29 57.68
N VAL M 97 38.14 -25.18 58.67
CA VAL M 97 37.01 -25.98 59.12
C VAL M 97 36.74 -25.57 60.57
N GLY M 98 35.82 -24.62 60.75
CA GLY M 98 35.59 -24.05 62.07
C GLY M 98 36.78 -23.26 62.57
N ARG M 99 37.23 -22.30 61.75
CA ARG M 99 38.28 -21.34 62.06
C ARG M 99 39.67 -22.00 62.07
N LYS M 100 39.73 -23.33 62.03
CA LYS M 100 41.00 -24.02 62.03
C LYS M 100 41.34 -24.50 60.63
N PRO M 101 42.47 -24.10 60.04
CA PRO M 101 42.77 -24.53 58.68
C PRO M 101 43.13 -26.01 58.63
N ALA M 102 42.65 -26.68 57.59
CA ALA M 102 42.93 -28.10 57.41
C ALA M 102 44.31 -28.27 56.76
N GLU M 103 44.61 -29.47 56.32
CA GLU M 103 45.87 -29.77 55.65
C GLU M 103 45.69 -29.79 54.14
N HIS M 104 46.80 -29.72 53.42
CA HIS M 104 46.70 -29.94 51.99
C HIS M 104 46.93 -31.43 51.68
N PRO M 105 46.21 -32.01 50.73
CA PRO M 105 46.24 -33.46 50.57
C PRO M 105 47.55 -33.92 49.97
N PHE M 106 47.75 -35.24 50.02
CA PHE M 106 49.00 -35.86 49.57
C PHE M 106 48.88 -36.21 48.09
N ILE M 107 49.74 -35.59 47.27
CA ILE M 107 49.76 -35.85 45.84
C ILE M 107 50.39 -37.20 45.58
N SER M 108 49.63 -38.10 44.94
CA SER M 108 50.20 -39.37 44.50
C SER M 108 51.16 -39.17 43.33
N ALA M 109 50.70 -38.51 42.27
CA ALA M 109 51.54 -38.26 41.11
C ALA M 109 50.98 -37.04 40.36
N ALA M 110 51.72 -36.62 39.35
CA ALA M 110 51.35 -35.47 38.54
C ALA M 110 51.39 -35.84 37.06
N ARG M 111 51.13 -34.85 36.21
CA ARG M 111 51.02 -35.06 34.77
C ARG M 111 51.11 -33.69 34.10
N TYR M 112 52.06 -33.54 33.17
CA TYR M 112 52.23 -32.29 32.45
C TYR M 112 52.41 -32.56 30.97
N LYS M 113 51.89 -31.66 30.15
CA LYS M 113 52.12 -31.66 28.71
C LYS M 113 52.58 -30.26 28.29
N PRO M 114 53.71 -30.14 27.61
CA PRO M 114 54.11 -28.83 27.07
C PRO M 114 53.27 -28.42 25.88
N LYS M 115 53.40 -27.13 25.55
CA LYS M 115 52.74 -26.45 24.43
C LYS M 115 51.25 -26.28 24.67
N SER M 116 50.74 -26.89 25.73
CA SER M 116 49.36 -26.64 26.19
C SER M 116 49.25 -26.46 27.68
N HIS M 117 50.26 -26.82 28.47
CA HIS M 117 50.51 -26.31 29.82
C HIS M 117 49.49 -26.83 30.82
N LEU M 118 48.91 -28.00 30.56
CA LEU M 118 47.94 -28.58 31.48
C LEU M 118 48.64 -29.16 32.70
N TRP M 119 47.95 -29.14 33.83
CA TRP M 119 48.45 -29.74 35.06
C TRP M 119 47.39 -30.74 35.55
N GLU M 120 47.63 -32.02 35.29
CA GLU M 120 46.66 -33.07 35.62
C GLU M 120 47.11 -33.71 36.94
N ILE M 121 46.56 -33.23 38.04
CA ILE M 121 46.95 -33.68 39.37
C ILE M 121 46.04 -34.83 39.79
N ASP M 122 46.62 -35.90 40.31
CA ASP M 122 45.88 -37.06 40.78
C ASP M 122 45.73 -36.98 42.30
N ILE M 123 44.54 -37.31 42.79
CA ILE M 123 44.33 -37.46 44.22
C ILE M 123 43.71 -38.83 44.51
N PRO M 124 44.07 -39.48 45.61
CA PRO M 124 43.39 -40.73 45.98
C PRO M 124 42.36 -40.54 47.08
N LEU M 125 41.39 -41.46 47.15
CA LEU M 125 40.19 -41.31 47.97
C LEU M 125 40.32 -42.13 49.25
N ASP M 126 39.34 -41.98 50.12
CA ASP M 126 39.23 -42.85 51.28
C ASP M 126 38.58 -44.18 50.89
N GLU M 127 38.78 -45.18 51.74
CA GLU M 127 38.39 -46.55 51.43
C GLU M 127 36.96 -46.83 51.91
N GLN M 128 36.62 -48.11 52.03
CA GLN M 128 35.26 -48.63 51.99
C GLN M 128 34.25 -47.87 52.86
N ALA M 129 34.71 -47.15 53.90
CA ALA M 129 33.76 -46.45 54.76
C ALA M 129 32.93 -45.43 53.99
N PHE M 130 33.58 -44.60 53.17
CA PHE M 130 32.84 -43.67 52.34
C PHE M 130 33.13 -43.91 50.86
N TYR M 131 33.08 -45.15 50.41
CA TYR M 131 33.57 -45.46 49.07
C TYR M 131 32.51 -46.06 48.15
N ASN M 132 31.71 -47.02 48.64
CA ASN M 132 30.67 -47.68 47.85
C ASN M 132 31.29 -48.33 46.62
N LYS M 133 32.13 -49.34 46.88
CA LYS M 133 32.98 -49.91 45.84
C LYS M 133 32.19 -50.73 44.82
N ASP M 134 31.06 -51.32 45.22
CA ASP M 134 30.34 -52.19 44.29
C ASP M 134 29.53 -51.42 43.25
N LYS M 135 29.38 -50.11 43.43
CA LYS M 135 28.92 -49.25 42.34
C LYS M 135 30.09 -48.81 41.45
N ALA M 136 31.28 -48.67 42.02
CA ALA M 136 32.46 -48.23 41.29
C ALA M 136 33.04 -49.35 40.42
N GLU M 137 33.13 -50.57 40.97
CA GLU M 137 33.71 -51.68 40.21
C GLU M 137 32.78 -52.11 39.07
N SER M 138 31.47 -52.09 39.29
CA SER M 138 30.54 -52.67 38.33
C SER M 138 30.24 -51.76 37.14
N GLU M 139 30.63 -50.48 37.17
CA GLU M 139 30.31 -49.57 36.09
C GLU M 139 31.50 -49.15 35.25
N TRP M 140 32.63 -48.80 35.87
CA TRP M 140 33.75 -48.22 35.12
C TRP M 140 35.10 -48.89 35.40
N ASN M 141 35.27 -49.56 36.53
CA ASN M 141 36.48 -50.30 36.87
C ASN M 141 37.72 -49.41 36.94
N GLY M 142 37.54 -48.11 37.15
CA GLY M 142 38.64 -47.21 37.41
C GLY M 142 38.51 -46.62 38.80
N VAL M 143 39.35 -47.07 39.73
CA VAL M 143 39.05 -46.93 41.14
C VAL M 143 40.19 -46.20 41.87
N ASN M 144 39.82 -45.60 43.00
CA ASN M 144 40.72 -44.96 43.96
C ASN M 144 41.47 -43.77 43.38
N VAL M 145 40.98 -43.19 42.28
CA VAL M 145 41.67 -42.07 41.64
C VAL M 145 40.64 -40.98 41.36
N GLN M 146 40.85 -39.80 41.94
CA GLN M 146 40.20 -38.57 41.52
C GLN M 146 41.25 -37.66 40.92
N THR M 147 41.18 -37.43 39.62
CA THR M 147 42.08 -36.49 38.97
C THR M 147 41.35 -35.18 38.66
N LEU M 148 42.12 -34.11 38.51
CA LEU M 148 41.55 -32.79 38.31
C LEU M 148 42.49 -31.96 37.44
N LYS M 149 41.91 -31.19 36.54
CA LYS M 149 42.66 -30.46 35.51
C LYS M 149 42.71 -28.97 35.85
N GLY M 150 43.82 -28.34 35.50
CA GLY M 150 43.95 -26.90 35.61
C GLY M 150 44.73 -26.30 34.46
N VAL M 151 44.14 -25.31 33.79
CA VAL M 151 44.79 -24.64 32.67
C VAL M 151 45.65 -23.51 33.21
N GLY M 152 46.93 -23.53 32.85
CA GLY M 152 47.85 -22.48 33.29
C GLY M 152 47.68 -21.23 32.44
N VAL M 153 47.49 -20.10 33.11
CA VAL M 153 47.30 -18.83 32.44
C VAL M 153 48.40 -17.87 32.87
N GLU M 154 48.69 -16.89 32.02
CA GLU M 154 49.82 -16.00 32.19
C GLU M 154 49.34 -14.60 32.55
N ASN M 155 50.07 -13.94 33.45
CA ASN M 155 49.80 -12.55 33.78
C ASN M 155 51.09 -11.89 34.23
N ASN M 156 51.07 -10.56 34.27
CA ASN M 156 52.23 -9.80 34.71
C ASN M 156 52.13 -9.48 36.19
N GLY M 157 53.27 -9.13 36.78
CA GLY M 157 53.31 -8.93 38.21
C GLY M 157 53.21 -10.23 38.97
N GLN M 158 52.47 -10.19 40.08
CA GLN M 158 52.19 -11.36 40.92
C GLN M 158 53.47 -12.01 41.42
N TYR M 159 54.20 -11.26 42.24
CA TYR M 159 55.44 -11.74 42.85
C TYR M 159 55.14 -12.49 44.15
N ALA M 160 55.87 -13.58 44.36
CA ALA M 160 55.78 -14.34 45.59
C ALA M 160 56.95 -13.96 46.50
N ALA M 161 56.67 -13.84 47.80
CA ALA M 161 57.68 -13.37 48.74
C ALA M 161 57.67 -14.20 50.01
N PHE M 162 58.86 -14.53 50.50
CA PHE M 162 59.07 -15.00 51.86
C PHE M 162 59.81 -13.90 52.63
N VAL M 163 59.64 -13.88 53.94
CA VAL M 163 60.35 -12.91 54.77
C VAL M 163 61.51 -13.60 55.48
N LYS M 164 62.58 -12.83 55.70
CA LYS M 164 63.58 -13.09 56.71
C LYS M 164 63.30 -12.16 57.89
N ASP M 165 64.08 -12.31 58.97
CA ASP M 165 64.09 -11.27 60.00
C ASP M 165 64.59 -9.96 59.40
N MET M 166 63.68 -9.01 59.23
CA MET M 166 63.98 -7.67 58.68
C MET M 166 64.55 -7.75 57.27
N GLN M 167 64.23 -8.83 56.55
CA GLN M 167 64.52 -8.95 55.12
C GLN M 167 63.35 -9.65 54.45
N VAL M 168 63.07 -9.28 53.21
CA VAL M 168 61.99 -9.91 52.45
C VAL M 168 62.39 -9.99 50.99
N TYR M 169 62.34 -11.20 50.42
CA TYR M 169 62.90 -11.51 49.11
C TYR M 169 61.78 -12.00 48.20
N LEU M 170 61.83 -11.59 46.94
CA LEU M 170 60.72 -11.78 46.01
C LEU M 170 61.19 -12.52 44.76
N VAL M 171 60.21 -13.00 44.00
CA VAL M 171 60.45 -13.83 42.81
C VAL M 171 59.21 -13.73 41.94
N PRO M 172 59.35 -13.63 40.61
CA PRO M 172 58.17 -13.59 39.75
C PRO M 172 57.56 -14.95 39.52
N ILE M 173 56.23 -14.99 39.52
CA ILE M 173 55.48 -16.20 39.21
C ILE M 173 55.17 -16.19 37.73
N GLU M 174 55.38 -17.33 37.06
CA GLU M 174 55.31 -17.32 35.61
C GLU M 174 53.92 -17.68 35.09
N ARG M 175 53.29 -18.71 35.64
CA ARG M 175 51.93 -19.05 35.28
C ARG M 175 51.12 -19.37 36.54
N VAL M 176 49.80 -19.30 36.39
CA VAL M 176 48.85 -19.66 37.44
C VAL M 176 47.79 -20.58 36.83
N ALA M 177 47.56 -21.72 37.46
CA ALA M 177 46.53 -22.65 37.02
C ALA M 177 45.40 -22.72 38.05
N GLN M 178 44.19 -22.99 37.55
CA GLN M 178 42.99 -23.11 38.37
C GLN M 178 42.44 -24.52 38.19
N LEU M 179 42.49 -25.31 39.26
CA LEU M 179 42.25 -26.75 39.17
C LEU M 179 40.76 -27.03 39.32
N LYS M 180 40.15 -27.56 38.25
CA LYS M 180 38.78 -28.06 38.22
C LYS M 180 38.77 -29.57 38.14
N PRO M 181 37.77 -30.24 38.74
CA PRO M 181 37.79 -31.71 38.78
C PRO M 181 37.51 -32.36 37.43
N PHE M 182 38.57 -32.89 36.81
CA PHE M 182 38.47 -33.53 35.51
C PHE M 182 38.04 -34.99 35.72
N PHE M 183 36.79 -35.30 35.38
CA PHE M 183 36.26 -36.64 35.62
C PHE M 183 36.79 -37.56 34.53
N LYS M 184 37.79 -38.38 34.89
CA LYS M 184 38.51 -39.18 33.90
C LYS M 184 37.67 -40.35 33.41
N TYR M 185 37.02 -41.06 34.34
CA TYR M 185 36.55 -42.40 34.07
C TYR M 185 35.21 -42.40 33.35
N ILE M 186 34.34 -41.44 33.65
CA ILE M 186 33.06 -41.40 32.96
C ILE M 186 33.23 -40.91 31.53
N ASP M 187 34.29 -40.14 31.27
CA ASP M 187 34.74 -39.92 29.90
C ASP M 187 35.21 -41.23 29.28
N ASP M 188 35.97 -42.03 30.04
CA ASP M 188 36.49 -43.30 29.57
C ASP M 188 35.44 -44.40 29.55
N ALA M 189 34.29 -44.20 30.22
CA ALA M 189 33.25 -45.22 30.23
C ALA M 189 32.49 -45.28 28.91
N ASN M 190 32.37 -44.15 28.20
CA ASN M 190 31.60 -44.13 26.97
C ASN M 190 32.45 -44.34 25.72
N VAL M 191 33.77 -44.21 25.82
CA VAL M 191 34.62 -44.46 24.66
C VAL M 191 34.70 -45.95 24.37
N THR M 192 34.46 -46.80 25.38
CA THR M 192 34.28 -48.23 25.13
C THR M 192 32.87 -48.54 24.64
N ARG M 193 31.89 -47.74 25.07
CA ARG M 193 30.50 -47.99 24.68
C ARG M 193 30.29 -47.71 23.20
N LYS M 194 30.98 -46.71 22.65
CA LYS M 194 30.90 -46.45 21.23
C LYS M 194 31.71 -47.46 20.42
N GLN M 195 32.80 -47.97 21.00
CA GLN M 195 33.66 -48.91 20.26
C GLN M 195 32.97 -50.26 20.09
N GLU M 196 32.21 -50.69 21.09
CA GLU M 196 31.45 -51.93 20.95
C GLU M 196 30.27 -51.78 20.02
N ASP M 197 29.74 -50.55 19.89
CA ASP M 197 28.59 -50.33 19.02
C ASP M 197 28.99 -50.43 17.55
N ALA M 198 30.25 -50.11 17.22
CA ALA M 198 30.72 -50.25 15.85
C ALA M 198 30.87 -51.71 15.46
N ARG M 199 31.40 -52.54 16.36
CA ARG M 199 31.72 -53.92 16.04
C ARG M 199 30.50 -54.83 16.03
N ARG M 200 29.35 -54.36 16.52
CA ARG M 200 28.12 -55.12 16.37
C ARG M 200 27.66 -55.16 14.91
N ASN M 201 27.59 -54.00 14.27
CA ASN M 201 27.21 -53.89 12.86
C ASN M 201 28.19 -52.96 12.17
N PRO M 202 29.39 -53.46 11.83
CA PRO M 202 30.34 -52.68 11.04
C PRO M 202 29.92 -52.64 9.58
N ASN M 203 29.74 -51.44 9.04
CA ASN M 203 29.27 -51.25 7.66
C ASN M 203 30.29 -50.43 6.89
N PRO M 204 31.09 -51.04 6.00
CA PRO M 204 32.08 -50.33 5.20
C PRO M 204 31.45 -49.49 4.09
N MET M 214 43.65 -44.76 -0.72
CA MET M 214 42.41 -44.00 -0.59
C MET M 214 42.67 -42.63 0.01
N SER M 215 43.88 -42.12 -0.23
CA SER M 215 44.22 -40.75 0.16
C SER M 215 45.30 -40.26 -0.80
N VAL M 216 44.94 -39.32 -1.68
CA VAL M 216 45.87 -38.72 -2.61
C VAL M 216 45.79 -37.20 -2.47
N LYS M 217 46.93 -36.54 -2.68
CA LYS M 217 47.15 -35.14 -2.34
C LYS M 217 46.08 -34.21 -2.91
N SER M 218 45.98 -33.01 -2.33
CA SER M 218 45.04 -31.98 -2.73
C SER M 218 45.79 -30.66 -2.83
N VAL M 219 45.06 -29.60 -3.22
CA VAL M 219 45.67 -28.33 -3.57
C VAL M 219 45.03 -27.24 -2.72
N ASN M 220 45.86 -26.38 -2.14
CA ASN M 220 45.39 -25.19 -1.44
C ASN M 220 44.71 -24.25 -2.42
N ASP M 221 43.45 -23.91 -2.15
CA ASP M 221 42.65 -23.05 -3.00
C ASP M 221 42.38 -21.72 -2.32
N PRO M 222 42.43 -20.60 -3.05
CA PRO M 222 42.18 -19.29 -2.44
C PRO M 222 40.71 -18.95 -2.26
N SER M 223 39.80 -19.90 -2.43
CA SER M 223 38.38 -19.73 -2.18
C SER M 223 37.89 -20.78 -1.21
N GLN M 224 38.68 -21.08 -0.19
CA GLN M 224 38.37 -22.13 0.77
C GLN M 224 39.07 -21.81 2.09
N ASN M 225 38.41 -22.17 3.18
CA ASN M 225 38.95 -21.93 4.52
C ASN M 225 39.44 -23.23 5.14
N ARG M 226 40.33 -23.08 6.11
CA ARG M 226 40.92 -24.20 6.83
C ARG M 226 40.80 -23.95 8.32
N LEU M 227 40.63 -25.04 9.08
CA LEU M 227 40.39 -24.92 10.52
C LEU M 227 41.62 -24.37 11.24
N THR M 228 41.40 -23.36 12.06
CA THR M 228 42.49 -22.67 12.77
C THR M 228 41.87 -21.94 13.96
N GLY M 229 42.72 -21.32 14.76
CA GLY M 229 42.26 -20.58 15.92
C GLY M 229 42.18 -21.46 17.15
N SER M 230 41.01 -21.46 17.80
CA SER M 230 40.90 -22.04 19.14
C SER M 230 40.76 -23.55 19.10
N LEU M 231 40.08 -24.09 18.09
CA LEU M 231 39.96 -25.54 17.99
C LEU M 231 41.25 -26.20 17.49
N LEU M 232 42.11 -25.44 16.82
CA LEU M 232 43.44 -25.93 16.49
C LEU M 232 44.29 -26.12 17.74
N ALA M 233 44.03 -25.34 18.79
CA ALA M 233 44.71 -25.57 20.06
C ALA M 233 44.26 -26.87 20.72
N HIS M 234 43.01 -27.29 20.48
CA HIS M 234 42.58 -28.61 20.92
C HIS M 234 43.09 -29.72 20.04
N LYS M 235 43.49 -29.41 18.80
CA LYS M 235 44.13 -30.38 17.92
C LYS M 235 45.58 -30.66 18.30
N VAL M 236 46.21 -29.77 19.08
CA VAL M 236 47.57 -29.97 19.54
C VAL M 236 47.65 -30.21 21.04
N ALA M 237 46.53 -30.19 21.75
CA ALA M 237 46.51 -30.50 23.18
C ALA M 237 46.08 -31.92 23.47
N ASP M 238 45.80 -32.72 22.44
CA ASP M 238 45.35 -34.10 22.61
C ASP M 238 46.48 -35.12 22.49
N GLU M 239 47.44 -34.89 21.59
CA GLU M 239 48.55 -35.82 21.36
C GLU M 239 49.87 -35.06 21.47
N GLU M 240 50.45 -35.08 22.67
CA GLU M 240 51.79 -34.55 22.89
C GLU M 240 52.40 -35.27 24.09
N ALA M 241 53.70 -35.02 24.30
CA ALA M 241 54.48 -35.85 25.19
C ALA M 241 54.15 -35.52 26.65
N ASN M 242 53.64 -36.51 27.37
CA ASN M 242 53.52 -36.42 28.82
C ASN M 242 54.89 -36.49 29.48
N ILE M 243 54.98 -35.91 30.67
CA ILE M 243 56.15 -36.08 31.55
C ILE M 243 55.64 -36.56 32.90
N GLU M 244 56.15 -37.70 33.36
CA GLU M 244 55.76 -38.27 34.64
C GLU M 244 56.57 -37.60 35.75
N LEU M 245 55.91 -36.76 36.54
CA LEU M 245 56.61 -36.02 37.58
C LEU M 245 56.82 -36.89 38.81
N THR M 246 58.01 -36.81 39.38
CA THR M 246 58.30 -37.39 40.70
C THR M 246 58.03 -36.33 41.76
N TRP M 247 56.87 -36.42 42.41
CA TRP M 247 56.48 -35.40 43.38
C TRP M 247 57.32 -35.53 44.63
N ALA M 248 57.98 -34.45 45.02
CA ALA M 248 58.92 -34.41 46.12
C ALA M 248 58.57 -33.23 47.03
N GLU M 249 59.32 -33.11 48.13
CA GLU M 249 59.08 -32.02 49.08
C GLU M 249 60.45 -31.55 49.58
N GLY M 250 60.90 -30.41 49.04
CA GLY M 250 62.24 -29.93 49.23
C GLY M 250 62.30 -28.72 50.14
N THR M 251 62.26 -27.55 49.52
CA THR M 251 61.91 -26.22 49.99
C THR M 251 63.03 -25.54 50.76
N PHE M 252 64.13 -26.24 51.08
CA PHE M 252 65.28 -25.57 51.67
C PHE M 252 66.39 -25.30 50.66
N GLU M 253 66.45 -26.07 49.58
CA GLU M 253 67.48 -25.85 48.56
C GLU M 253 67.23 -24.53 47.82
N GLN M 254 65.97 -24.28 47.45
CA GLN M 254 65.60 -23.01 46.84
C GLN M 254 65.66 -21.86 47.85
N PHE M 255 65.48 -22.17 49.14
CA PHE M 255 65.43 -21.10 50.13
C PHE M 255 66.77 -20.40 50.27
N LYS M 256 67.84 -21.17 50.53
CA LYS M 256 69.16 -20.57 50.67
C LYS M 256 69.72 -20.10 49.33
N ASP M 257 69.20 -20.64 48.21
CA ASP M 257 69.64 -20.17 46.90
C ASP M 257 69.29 -18.71 46.68
N THR M 258 68.17 -18.24 47.27
CA THR M 258 67.85 -16.82 47.22
C THR M 258 68.66 -16.01 48.23
N ILE M 259 69.03 -16.62 49.35
CA ILE M 259 69.72 -15.87 50.40
C ILE M 259 71.13 -15.50 49.95
N VAL M 260 71.83 -16.41 49.28
CA VAL M 260 73.20 -16.16 48.87
C VAL M 260 73.28 -15.17 47.72
N LYS M 261 72.20 -15.03 46.96
CA LYS M 261 72.18 -14.09 45.83
C LYS M 261 71.68 -12.73 46.31
N GLU M 262 72.41 -11.67 45.94
CA GLU M 262 71.98 -10.31 46.20
C GLU M 262 71.17 -9.76 45.02
N LYS N 274 30.22 11.20 54.06
CA LYS N 274 29.18 10.18 54.10
C LYS N 274 29.77 8.80 53.88
N GLU N 275 29.51 8.21 52.70
CA GLU N 275 30.03 6.89 52.39
C GLU N 275 31.46 6.92 51.88
N ALA N 276 32.01 8.10 51.61
CA ALA N 276 33.45 8.23 51.36
C ALA N 276 34.26 8.04 52.62
N ALA N 277 33.68 8.29 53.80
CA ALA N 277 34.42 8.12 55.04
C ALA N 277 34.50 6.67 55.49
N ALA N 278 33.54 5.83 55.08
CA ALA N 278 33.60 4.43 55.41
C ALA N 278 34.69 3.68 54.66
N GLU N 279 35.28 4.29 53.64
CA GLU N 279 36.37 3.65 52.90
C GLU N 279 37.68 3.77 53.65
N LEU N 280 37.99 4.99 54.14
CA LEU N 280 39.32 5.27 54.66
C LEU N 280 39.54 4.60 56.01
N GLU N 281 38.50 4.48 56.84
CA GLU N 281 38.66 3.85 58.13
C GLU N 281 38.92 2.35 58.01
N LEU N 282 38.35 1.70 56.98
CA LEU N 282 38.63 0.30 56.76
C LEU N 282 40.03 0.09 56.20
N LEU N 283 40.46 1.00 55.31
CA LEU N 283 41.85 0.98 54.85
C LEU N 283 42.81 1.37 55.97
N ASN N 284 42.34 2.19 56.92
CA ASN N 284 43.10 2.43 58.14
C ASN N 284 43.26 1.16 58.96
N ALA N 285 42.15 0.43 59.16
CA ALA N 285 42.20 -0.84 59.87
C ALA N 285 42.89 -1.92 59.05
N ASP N 286 43.01 -1.75 57.73
CA ASP N 286 43.73 -2.73 56.91
C ASP N 286 45.24 -2.61 57.06
N HIS N 287 45.74 -1.46 57.51
CA HIS N 287 47.16 -1.34 57.84
C HIS N 287 47.51 -2.22 59.03
N GLN N 288 46.69 -2.19 60.08
CA GLN N 288 47.02 -2.89 61.32
C GLN N 288 46.84 -4.39 61.18
N HIS N 289 45.85 -4.84 60.41
CA HIS N 289 45.64 -6.27 60.20
C HIS N 289 46.76 -6.92 59.40
N ILE N 290 47.47 -6.15 58.58
CA ILE N 290 48.58 -6.70 57.82
C ILE N 290 49.92 -6.47 58.52
N LEU N 291 50.02 -5.45 59.38
CA LEU N 291 51.25 -5.24 60.14
C LEU N 291 51.43 -6.31 61.20
N ARG N 292 50.31 -6.81 61.76
CA ARG N 292 50.37 -7.99 62.62
C ARG N 292 50.79 -9.23 61.83
N LYS N 293 50.32 -9.35 60.59
CA LYS N 293 50.56 -10.57 59.84
C LYS N 293 52.00 -10.67 59.35
N LEU N 294 52.63 -9.54 59.02
CA LEU N 294 54.05 -9.53 58.69
C LEU N 294 54.94 -9.65 59.92
N LYS N 295 54.38 -9.52 61.11
CA LYS N 295 55.13 -9.67 62.36
C LYS N 295 55.10 -11.12 62.85
N LYS N 296 53.95 -11.78 62.75
CA LYS N 296 53.85 -13.19 63.15
C LYS N 296 54.61 -14.09 62.20
N MET N 297 54.86 -13.63 60.97
CA MET N 297 55.43 -14.44 59.90
C MET N 297 56.94 -14.32 59.85
N ASN N 298 57.54 -13.60 60.80
CA ASN N 298 58.98 -13.44 60.87
C ASN N 298 59.72 -14.74 61.15
N ASN N 299 59.03 -15.75 61.66
CA ASN N 299 59.65 -17.02 62.02
C ASN N 299 59.92 -17.92 60.82
N LYS N 300 59.79 -17.39 59.60
CA LYS N 300 60.05 -18.04 58.30
C LYS N 300 59.74 -19.53 58.24
N PRO N 301 58.54 -19.98 58.67
CA PRO N 301 58.27 -21.42 58.79
C PRO N 301 57.83 -22.02 57.45
N GLU N 302 58.58 -21.70 56.40
CA GLU N 302 58.24 -22.00 55.01
C GLU N 302 56.84 -21.51 54.68
N ARG N 303 56.63 -20.22 54.91
CA ARG N 303 55.37 -19.54 54.64
C ARG N 303 55.55 -18.64 53.43
N PHE N 304 54.45 -18.34 52.75
CA PHE N 304 54.50 -17.56 51.53
C PHE N 304 53.31 -16.61 51.48
N MET N 305 53.51 -15.47 50.81
CA MET N 305 52.41 -14.65 50.33
C MET N 305 52.76 -14.09 48.96
N VAL N 306 51.74 -13.96 48.12
CA VAL N 306 51.89 -13.43 46.77
C VAL N 306 51.34 -12.01 46.76
N PHE N 307 52.03 -11.12 46.07
CA PHE N 307 51.48 -9.80 45.79
C PHE N 307 52.05 -9.23 44.50
N GLN N 308 51.27 -8.36 43.87
CA GLN N 308 51.50 -7.91 42.50
C GLN N 308 52.19 -6.56 42.49
N LEU N 309 53.32 -6.48 41.78
CA LEU N 309 53.96 -5.18 41.64
C LEU N 309 53.57 -4.54 40.31
N PRO N 310 53.38 -3.22 40.29
CA PRO N 310 53.16 -2.53 39.00
C PRO N 310 54.41 -2.58 38.13
N THR N 311 54.25 -3.11 36.92
CA THR N 311 55.29 -3.06 35.90
C THR N 311 55.27 -1.69 35.22
N ARG N 312 55.96 -1.59 34.09
CA ARG N 312 56.03 -0.37 33.28
C ARG N 312 56.62 0.78 34.11
N LEU N 313 57.90 0.63 34.41
CA LEU N 313 58.60 1.63 35.21
C LEU N 313 58.79 2.91 34.40
N PRO N 314 58.48 4.08 34.97
CA PRO N 314 58.65 5.36 34.27
C PRO N 314 60.07 5.90 34.37
N VAL N 360 63.41 -4.03 45.90
CA VAL N 360 64.26 -2.91 45.50
C VAL N 360 64.19 -1.80 46.52
N GLY N 361 62.97 -1.36 46.85
CA GLY N 361 62.77 -0.26 47.77
C GLY N 361 62.80 -0.70 49.23
N SER N 362 61.85 -0.20 50.01
CA SER N 362 61.81 -0.51 51.44
C SER N 362 60.39 -0.30 51.95
N ILE N 363 59.80 -1.34 52.53
CA ILE N 363 58.55 -1.19 53.28
C ILE N 363 58.82 -0.35 54.51
N ARG N 364 58.04 0.71 54.70
CA ARG N 364 58.25 1.66 55.79
C ARG N 364 56.98 1.84 56.60
N VAL N 365 57.15 2.44 57.77
CA VAL N 365 56.05 2.78 58.67
C VAL N 365 56.04 4.30 58.83
N HIS N 366 54.92 4.92 58.46
CA HIS N 366 54.77 6.36 58.54
C HIS N 366 54.14 6.74 59.89
N LYS N 367 53.62 7.97 59.98
CA LYS N 367 53.07 8.49 61.22
C LYS N 367 51.82 7.72 61.63
N SER N 368 51.88 7.07 62.80
CA SER N 368 50.79 6.26 63.34
C SER N 368 50.36 5.14 62.37
N GLY N 369 51.35 4.38 61.91
CA GLY N 369 51.06 3.16 61.17
C GLY N 369 50.52 3.34 59.76
N LYS N 370 51.30 3.93 58.88
CA LYS N 370 50.92 4.05 57.47
C LYS N 370 52.03 3.47 56.61
N LEU N 371 51.64 2.74 55.57
CA LEU N 371 52.55 1.88 54.83
C LEU N 371 52.78 2.41 53.43
N SER N 372 54.03 2.40 52.99
CA SER N 372 54.38 2.84 51.65
C SER N 372 55.69 2.17 51.25
N VAL N 373 55.91 2.06 49.94
CA VAL N 373 57.19 1.60 49.41
C VAL N 373 57.71 2.66 48.44
N LYS N 374 59.04 2.69 48.28
CA LYS N 374 59.69 3.55 47.30
C LYS N 374 60.62 2.66 46.47
N ILE N 375 60.06 1.97 45.48
CA ILE N 375 60.86 1.03 44.71
C ILE N 375 61.64 1.71 43.59
N GLY N 376 61.28 2.94 43.21
CA GLY N 376 62.09 3.73 42.32
C GLY N 376 63.18 4.50 43.04
N ASN N 377 64.05 5.12 42.26
CA ASN N 377 65.02 6.05 42.84
C ASN N 377 64.30 7.23 43.48
N VAL N 378 63.22 7.71 42.85
CA VAL N 378 62.33 8.68 43.45
C VAL N 378 60.89 8.19 43.51
N VAL N 379 60.49 7.24 42.66
CA VAL N 379 59.08 6.91 42.45
C VAL N 379 58.51 6.29 43.71
N MET N 380 57.53 6.96 44.30
CA MET N 380 56.90 6.53 45.55
C MET N 380 55.59 5.80 45.24
N ASP N 381 55.33 4.72 45.97
CA ASP N 381 54.06 4.01 45.88
C ASP N 381 53.46 3.96 47.28
N ILE N 382 52.50 4.84 47.56
CA ILE N 382 51.85 4.85 48.86
C ILE N 382 50.94 3.65 49.03
N GLY N 383 50.10 3.38 48.02
CA GLY N 383 49.00 2.46 48.18
C GLY N 383 49.42 1.01 48.34
N LYS N 384 49.10 0.40 49.48
CA LYS N 384 49.15 -1.04 49.66
C LYS N 384 47.91 -1.48 50.43
N GLY N 385 47.33 -2.61 50.06
CA GLY N 385 46.16 -3.09 50.76
C GLY N 385 45.92 -4.58 50.66
N ALA N 386 45.74 -5.23 51.80
CA ALA N 386 45.39 -6.65 51.88
C ALA N 386 43.92 -6.82 51.56
N GLU N 387 43.59 -7.13 50.31
CA GLU N 387 42.19 -7.28 49.93
C GLU N 387 42.07 -8.40 48.89
N THR N 388 41.66 -9.57 49.35
CA THR N 388 40.92 -10.55 48.58
C THR N 388 40.41 -11.63 49.54
N THR N 389 39.17 -12.06 49.37
CA THR N 389 38.59 -13.09 50.21
C THR N 389 38.32 -14.34 49.40
N PHE N 390 38.92 -15.45 49.80
CA PHE N 390 39.10 -16.61 48.93
C PHE N 390 39.12 -17.87 49.79
N LEU N 391 38.23 -18.80 49.49
CA LEU N 391 38.16 -20.06 50.23
C LEU N 391 38.88 -21.19 49.51
N GLN N 392 40.14 -20.96 49.14
CA GLN N 392 40.89 -21.88 48.31
C GLN N 392 42.29 -22.09 48.90
N ASP N 393 42.83 -23.29 48.69
CA ASP N 393 44.16 -23.64 49.15
C ASP N 393 45.12 -23.49 47.98
N VAL N 394 45.97 -22.47 48.04
CA VAL N 394 46.92 -22.16 46.98
C VAL N 394 48.32 -22.52 47.44
N ILE N 395 49.08 -23.16 46.56
CA ILE N 395 50.36 -23.77 46.90
C ILE N 395 51.39 -23.37 45.86
N ALA N 396 52.49 -22.78 46.31
CA ALA N 396 53.58 -22.42 45.41
C ALA N 396 54.48 -23.63 45.19
N LEU N 397 54.71 -23.96 43.91
CA LEU N 397 55.53 -25.11 43.55
C LEU N 397 56.32 -24.81 42.29
N SER N 398 57.54 -25.31 42.23
CA SER N 398 58.49 -25.00 41.17
C SER N 398 58.53 -26.14 40.15
N ILE N 399 58.78 -25.77 38.89
CA ILE N 399 59.10 -26.72 37.83
C ILE N 399 60.42 -26.31 37.20
N ALA N 400 61.04 -27.27 36.52
CA ALA N 400 62.34 -27.03 35.86
C ALA N 400 62.49 -28.01 34.71
N ASP N 401 62.32 -27.50 33.48
CA ASP N 401 62.86 -28.10 32.27
C ASP N 401 62.27 -29.48 31.98
N ASP N 402 61.04 -29.70 32.44
CA ASP N 402 60.28 -30.93 32.16
C ASP N 402 61.03 -32.18 32.63
N ALA N 403 61.39 -32.19 33.91
CA ALA N 403 62.21 -33.26 34.47
C ALA N 403 61.69 -33.59 35.85
N SER N 404 62.48 -34.35 36.61
CA SER N 404 62.09 -34.75 37.96
C SER N 404 62.22 -33.59 38.92
N SER N 405 61.37 -32.58 38.76
CA SER N 405 61.53 -31.30 39.47
C SER N 405 60.19 -30.82 40.00
N ALA N 406 59.46 -31.71 40.67
CA ALA N 406 58.19 -31.37 41.29
C ALA N 406 58.41 -31.24 42.79
N GLU N 407 58.39 -30.00 43.29
CA GLU N 407 58.65 -29.71 44.70
C GLU N 407 57.51 -28.86 45.24
N LEU N 408 56.85 -29.36 46.27
CA LEU N 408 55.89 -28.55 47.02
C LEU N 408 56.64 -27.76 48.08
N LEU N 409 56.59 -26.43 48.00
CA LEU N 409 57.33 -25.61 48.94
C LEU N 409 56.50 -25.23 50.16
N GLY N 410 55.34 -24.61 49.93
CA GLY N 410 54.46 -24.23 51.03
C GLY N 410 53.17 -23.65 50.49
N ARG N 411 52.25 -23.39 51.40
CA ARG N 411 50.99 -22.75 51.06
C ARG N 411 51.05 -21.26 51.36
N VAL N 412 50.02 -20.54 50.92
CA VAL N 412 50.03 -19.08 50.91
C VAL N 412 48.99 -18.60 51.91
N ASP N 413 49.39 -17.68 52.79
CA ASP N 413 48.51 -17.21 53.84
C ASP N 413 47.62 -16.05 53.38
N GLY N 414 48.20 -15.06 52.70
CA GLY N 414 47.48 -13.85 52.37
C GLY N 414 47.89 -13.32 51.01
N LYS N 415 47.27 -12.21 50.62
CA LYS N 415 47.57 -11.55 49.36
C LYS N 415 47.31 -10.06 49.51
N ILE N 416 48.34 -9.25 49.29
CA ILE N 416 48.18 -7.79 49.31
C ILE N 416 48.40 -7.26 47.91
N VAL N 417 48.28 -5.95 47.72
CA VAL N 417 48.54 -5.31 46.44
C VAL N 417 49.44 -4.10 46.65
N VAL N 418 49.99 -3.60 45.54
CA VAL N 418 50.77 -2.37 45.53
C VAL N 418 50.16 -1.44 44.48
N THR N 419 49.82 -0.22 44.89
CA THR N 419 49.16 0.74 44.00
C THR N 419 49.93 2.05 43.98
N PRO N 420 50.35 2.53 42.83
CA PRO N 420 50.98 3.86 42.75
C PRO N 420 49.93 4.95 42.94
N GLN N 421 50.24 5.92 43.81
CA GLN N 421 49.28 6.97 44.12
C GLN N 421 49.29 8.03 43.02
N ILE N 422 48.10 8.56 42.72
CA ILE N 422 47.98 9.69 41.80
C ILE N 422 46.98 10.70 42.37
N SER O 36 -18.95 -29.73 -31.13
CA SER O 36 -19.98 -30.01 -30.15
C SER O 36 -19.43 -29.89 -28.73
N LEU O 37 -18.90 -28.71 -28.40
CA LEU O 37 -18.25 -28.50 -27.12
C LEU O 37 -19.25 -28.20 -26.01
N GLU O 38 -20.47 -27.77 -26.35
CA GLU O 38 -21.48 -27.47 -25.33
C GLU O 38 -21.82 -28.71 -24.52
N GLN O 39 -21.86 -29.88 -25.15
CA GLN O 39 -22.33 -31.09 -24.50
C GLN O 39 -21.21 -31.96 -23.94
N ARG O 40 -19.98 -31.83 -24.44
CA ARG O 40 -18.93 -32.79 -24.13
C ARG O 40 -18.31 -32.56 -22.76
N THR O 41 -18.78 -31.57 -22.00
CA THR O 41 -18.08 -31.11 -20.80
C THR O 41 -18.86 -31.36 -19.53
N LEU O 42 -20.06 -30.80 -19.42
CA LEU O 42 -20.80 -30.75 -18.15
C LEU O 42 -21.96 -31.73 -18.10
N ASN O 43 -21.77 -32.95 -18.59
CA ASN O 43 -22.88 -33.88 -18.70
C ASN O 43 -22.48 -35.27 -18.24
N PRO O 44 -22.95 -35.71 -17.07
CA PRO O 44 -22.89 -37.14 -16.73
C PRO O 44 -23.96 -37.97 -17.42
N ASP O 45 -24.15 -39.19 -16.92
CA ASP O 45 -25.17 -40.11 -17.44
C ASP O 45 -26.56 -39.50 -17.56
N LEU O 46 -26.82 -38.39 -16.88
CA LEU O 46 -28.09 -37.68 -17.06
C LEU O 46 -28.30 -37.24 -18.51
N PHE O 47 -27.22 -37.01 -19.26
CA PHE O 47 -27.36 -36.69 -20.68
C PHE O 47 -27.85 -37.88 -21.49
N LEU O 48 -27.67 -39.10 -20.98
CA LEU O 48 -28.26 -40.28 -21.60
C LEU O 48 -29.73 -40.45 -21.23
N TYR O 49 -30.04 -40.33 -19.93
CA TYR O 49 -31.39 -40.61 -19.46
C TYR O 49 -32.40 -39.57 -19.96
N LYS O 50 -31.96 -38.33 -20.16
CA LYS O 50 -32.90 -37.28 -20.53
C LYS O 50 -33.38 -37.44 -21.96
N GLU O 51 -32.48 -37.78 -22.89
CA GLU O 51 -32.78 -37.81 -24.31
C GLU O 51 -33.38 -39.13 -24.76
N LEU O 52 -33.14 -40.21 -24.02
CA LEU O 52 -33.63 -41.52 -24.41
C LEU O 52 -35.14 -41.63 -24.22
N VAL O 53 -35.69 -40.98 -23.20
CA VAL O 53 -37.14 -40.83 -23.11
C VAL O 53 -37.64 -39.71 -24.02
N LYS O 54 -36.74 -38.82 -24.45
CA LYS O 54 -37.07 -37.81 -25.45
C LYS O 54 -37.01 -38.39 -26.87
N ALA O 55 -36.44 -39.58 -27.02
CA ALA O 55 -36.29 -40.20 -28.34
C ALA O 55 -37.63 -40.64 -28.91
N HIS O 56 -38.29 -41.60 -28.25
CA HIS O 56 -39.61 -42.06 -28.66
C HIS O 56 -40.52 -42.10 -27.43
N LEU O 57 -41.00 -40.92 -27.05
CA LEU O 57 -42.00 -40.66 -26.02
C LEU O 57 -42.20 -39.15 -26.01
N GLY O 58 -43.26 -38.71 -25.34
CA GLY O 58 -43.59 -37.29 -25.37
C GLY O 58 -42.53 -36.44 -24.70
N GLU O 59 -42.44 -35.19 -25.16
CA GLU O 59 -41.41 -34.28 -24.66
C GLU O 59 -41.71 -33.78 -23.26
N ARG O 60 -43.00 -33.74 -22.89
CA ARG O 60 -43.41 -33.30 -21.56
C ARG O 60 -42.87 -34.19 -20.44
N ALA O 61 -42.53 -35.44 -20.73
CA ALA O 61 -42.02 -36.33 -19.68
C ALA O 61 -40.51 -36.43 -19.67
N ALA O 62 -39.81 -35.88 -20.68
CA ALA O 62 -38.36 -35.90 -20.65
C ALA O 62 -37.80 -34.97 -19.60
N SER O 63 -38.47 -33.85 -19.35
CA SER O 63 -38.01 -32.86 -18.37
C SER O 63 -38.34 -33.23 -16.93
N VAL O 64 -39.34 -34.08 -16.70
CA VAL O 64 -39.72 -34.38 -15.32
C VAL O 64 -38.74 -35.36 -14.68
N ILE O 65 -38.33 -36.39 -15.41
CA ILE O 65 -37.38 -37.35 -14.83
C ILE O 65 -35.96 -36.82 -14.90
N GLY O 66 -35.69 -35.83 -15.76
CA GLY O 66 -34.47 -35.05 -15.64
C GLY O 66 -34.39 -34.28 -14.34
N MET O 67 -35.54 -33.82 -13.83
CA MET O 67 -35.57 -33.20 -12.51
C MET O 67 -35.41 -34.24 -11.41
N LEU O 68 -35.97 -35.45 -11.60
CA LEU O 68 -35.84 -36.47 -10.57
C LEU O 68 -34.41 -36.97 -10.46
N VAL O 69 -33.75 -37.23 -11.59
CA VAL O 69 -32.40 -37.76 -11.54
C VAL O 69 -31.43 -36.69 -11.02
N ALA O 70 -31.68 -35.42 -11.36
CA ALA O 70 -30.81 -34.34 -10.89
C ALA O 70 -30.93 -34.13 -9.39
N LEU O 71 -32.16 -34.15 -8.86
CA LEU O 71 -32.41 -33.76 -7.48
C LEU O 71 -32.71 -34.95 -6.58
N GLY O 72 -32.74 -36.17 -7.13
CA GLY O 72 -32.92 -37.36 -6.32
C GLY O 72 -34.38 -37.76 -6.17
N ARG O 73 -34.97 -37.44 -5.02
CA ARG O 73 -36.32 -37.89 -4.71
C ARG O 73 -37.16 -36.71 -4.23
N LEU O 74 -38.44 -36.73 -4.58
CA LEU O 74 -39.31 -35.57 -4.40
C LEU O 74 -40.75 -36.01 -4.61
N SER O 75 -41.67 -35.27 -4.01
CA SER O 75 -43.10 -35.49 -4.23
C SER O 75 -43.63 -34.59 -5.35
N VAL O 76 -44.87 -34.88 -5.77
CA VAL O 76 -45.49 -34.12 -6.84
C VAL O 76 -45.87 -32.73 -6.36
N ARG O 77 -46.22 -32.60 -5.08
CA ARG O 77 -46.68 -31.31 -4.53
C ARG O 77 -45.64 -30.22 -4.68
N GLU O 78 -44.37 -30.55 -4.45
CA GLU O 78 -43.28 -29.60 -4.66
C GLU O 78 -42.44 -29.92 -5.89
N LEU O 79 -42.90 -30.87 -6.73
CA LEU O 79 -42.37 -30.98 -8.08
C LEU O 79 -42.73 -29.77 -8.94
N VAL O 80 -43.86 -29.12 -8.63
CA VAL O 80 -44.45 -28.16 -9.56
C VAL O 80 -43.57 -26.94 -9.72
N GLU O 81 -42.98 -26.45 -8.63
CA GLU O 81 -42.18 -25.24 -8.70
C GLU O 81 -40.73 -25.49 -9.12
N LYS O 82 -40.28 -26.75 -9.13
CA LYS O 82 -38.94 -27.05 -9.61
C LYS O 82 -38.88 -26.93 -11.13
N ILE O 83 -39.85 -27.53 -11.82
CA ILE O 83 -40.06 -27.30 -13.25
C ILE O 83 -40.82 -25.99 -13.42
N ASP O 84 -40.96 -25.54 -14.66
CA ASP O 84 -41.69 -24.31 -14.96
C ASP O 84 -42.44 -24.48 -16.26
N GLY O 85 -43.76 -24.53 -16.19
CA GLY O 85 -44.59 -24.59 -17.38
C GLY O 85 -45.48 -25.81 -17.47
N MET O 86 -45.60 -26.56 -16.37
CA MET O 86 -46.47 -27.72 -16.31
C MET O 86 -47.39 -27.60 -15.10
N ASP O 87 -48.69 -27.72 -15.33
CA ASP O 87 -49.66 -27.54 -14.26
C ASP O 87 -49.71 -28.77 -13.35
N VAL O 88 -50.41 -28.61 -12.23
CA VAL O 88 -50.37 -29.61 -11.17
C VAL O 88 -51.00 -30.92 -11.65
N ASP O 89 -52.22 -30.83 -12.19
CA ASP O 89 -52.84 -32.00 -12.81
C ASP O 89 -52.12 -32.41 -14.09
N SER O 90 -51.49 -31.46 -14.79
CA SER O 90 -50.75 -31.79 -15.99
C SER O 90 -49.48 -32.58 -15.71
N VAL O 91 -48.92 -32.44 -14.50
CA VAL O 91 -47.87 -33.37 -14.08
C VAL O 91 -48.43 -34.77 -13.92
N LYS O 92 -49.61 -34.90 -13.30
CA LYS O 92 -50.14 -36.22 -12.97
C LYS O 92 -50.54 -36.99 -14.22
N THR O 93 -51.08 -36.29 -15.22
CA THR O 93 -51.31 -36.91 -16.53
C THR O 93 -49.99 -37.31 -17.17
N THR O 94 -48.97 -36.46 -17.06
CA THR O 94 -47.65 -36.79 -17.60
C THR O 94 -46.99 -37.91 -16.79
N LEU O 95 -47.19 -37.91 -15.47
CA LEU O 95 -46.58 -38.93 -14.64
C LEU O 95 -47.24 -40.29 -14.81
N VAL O 96 -48.57 -40.31 -14.96
CA VAL O 96 -49.25 -41.58 -15.24
C VAL O 96 -48.94 -42.06 -16.65
N SER O 97 -48.58 -41.16 -17.56
CA SER O 97 -48.10 -41.59 -18.87
C SER O 97 -46.75 -42.30 -18.74
N LEU O 98 -45.90 -41.82 -17.84
CA LEU O 98 -44.59 -42.43 -17.62
C LEU O 98 -44.67 -43.61 -16.65
N THR O 99 -45.76 -43.71 -15.89
CA THR O 99 -45.92 -44.81 -14.94
C THR O 99 -46.09 -46.14 -15.65
N GLN O 100 -46.81 -46.14 -16.78
CA GLN O 100 -47.30 -47.39 -17.35
C GLN O 100 -46.17 -48.25 -17.92
N LEU O 101 -45.10 -47.62 -18.40
CA LEU O 101 -43.97 -48.38 -18.94
C LEU O 101 -43.01 -48.85 -17.86
N ARG O 102 -43.35 -48.63 -16.57
CA ARG O 102 -42.49 -49.00 -15.45
C ARG O 102 -41.12 -48.34 -15.56
N CYS O 103 -41.11 -47.02 -15.69
CA CYS O 103 -39.87 -46.28 -15.79
C CYS O 103 -39.47 -45.56 -14.51
N VAL O 104 -40.38 -45.45 -13.54
CA VAL O 104 -40.06 -44.92 -12.22
C VAL O 104 -40.60 -45.87 -11.16
N LYS O 105 -40.31 -45.54 -9.90
CA LYS O 105 -40.74 -46.34 -8.75
C LYS O 105 -41.14 -45.40 -7.63
N TYR O 106 -42.42 -45.44 -7.24
CA TYR O 106 -42.84 -44.61 -6.12
C TYR O 106 -42.64 -45.35 -4.80
N LEU O 107 -42.72 -44.59 -3.71
CA LEU O 107 -42.66 -45.16 -2.36
C LEU O 107 -43.42 -44.22 -1.43
N GLN O 108 -44.17 -44.81 -0.50
CA GLN O 108 -45.04 -44.05 0.38
C GLN O 108 -44.54 -44.08 1.82
N GLU O 109 -44.56 -42.91 2.46
CA GLU O 109 -44.45 -42.76 3.90
C GLU O 109 -45.43 -41.70 4.36
N THR O 110 -46.00 -41.89 5.56
CA THR O 110 -46.94 -40.95 6.13
C THR O 110 -46.34 -40.27 7.34
N ALA O 111 -46.86 -39.07 7.63
CA ALA O 111 -46.63 -38.41 8.90
C ALA O 111 -47.67 -38.86 9.92
N ILE O 112 -47.28 -38.88 11.19
CA ILE O 112 -48.18 -39.37 12.22
C ILE O 112 -49.33 -38.41 12.43
N SER O 113 -49.03 -37.12 12.62
CA SER O 113 -50.07 -36.11 12.69
C SER O 113 -50.59 -35.70 11.32
N GLY O 114 -49.83 -35.96 10.26
CA GLY O 114 -50.20 -35.56 8.92
C GLY O 114 -50.90 -36.66 8.15
N LYS O 115 -51.12 -36.39 6.87
CA LYS O 115 -51.73 -37.36 5.96
C LYS O 115 -50.65 -38.27 5.39
N LYS O 116 -51.00 -39.09 4.40
CA LYS O 116 -50.05 -39.90 3.68
C LYS O 116 -49.41 -39.11 2.54
N THR O 117 -48.10 -39.30 2.35
CA THR O 117 -47.37 -38.71 1.24
C THR O 117 -46.74 -39.81 0.41
N THR O 118 -46.54 -39.54 -0.88
CA THR O 118 -46.01 -40.51 -1.82
C THR O 118 -44.79 -39.90 -2.52
N TYR O 119 -43.60 -40.41 -2.18
CA TYR O 119 -42.40 -40.02 -2.89
C TYR O 119 -42.30 -40.75 -4.24
N TYR O 120 -41.40 -40.27 -5.09
CA TYR O 120 -41.19 -40.85 -6.41
C TYR O 120 -39.70 -40.89 -6.71
N TYR O 121 -39.21 -42.07 -7.07
CA TYR O 121 -37.80 -42.26 -7.41
C TYR O 121 -37.67 -42.46 -8.92
N TYR O 122 -36.45 -42.79 -9.35
CA TYR O 122 -36.18 -43.18 -10.73
C TYR O 122 -35.79 -44.64 -10.78
N ASN O 123 -36.27 -45.35 -11.79
CA ASN O 123 -36.02 -46.77 -11.93
C ASN O 123 -34.83 -47.00 -12.87
N GLU O 124 -33.85 -47.77 -12.41
CA GLU O 124 -32.61 -47.89 -13.16
C GLU O 124 -32.75 -48.84 -14.34
N GLU O 125 -33.55 -49.90 -14.19
CA GLU O 125 -33.61 -50.96 -15.18
C GLU O 125 -34.83 -50.88 -16.09
N GLY O 126 -35.89 -50.18 -15.65
CA GLY O 126 -37.05 -50.00 -16.52
C GLY O 126 -36.74 -49.15 -17.73
N ILE O 127 -35.88 -48.15 -17.57
CA ILE O 127 -35.45 -47.35 -18.71
C ILE O 127 -34.40 -48.08 -19.56
N HIS O 128 -33.79 -49.14 -19.03
CA HIS O 128 -32.96 -50.00 -19.85
C HIS O 128 -33.78 -50.82 -20.86
N ILE O 129 -35.07 -51.02 -20.60
CA ILE O 129 -35.86 -51.91 -21.46
C ILE O 129 -36.05 -51.28 -22.84
N LEU O 130 -36.46 -50.01 -22.88
CA LEU O 130 -36.53 -49.30 -24.14
C LEU O 130 -35.17 -48.88 -24.68
N LEU O 131 -34.11 -49.02 -23.88
CA LEU O 131 -32.76 -48.96 -24.42
C LEU O 131 -32.41 -50.25 -25.17
N TYR O 132 -32.59 -51.39 -24.52
CA TYR O 132 -32.24 -52.68 -25.08
C TYR O 132 -33.30 -53.23 -26.02
N SER O 133 -34.24 -52.38 -26.47
CA SER O 133 -35.48 -52.86 -27.06
C SER O 133 -35.25 -53.55 -28.40
N GLY O 134 -34.20 -53.16 -29.12
CA GLY O 134 -33.87 -53.86 -30.35
C GLY O 134 -33.33 -55.26 -30.12
N LEU O 135 -32.61 -55.47 -29.02
CA LEU O 135 -31.88 -56.71 -28.82
C LEU O 135 -32.70 -57.76 -28.08
N ILE O 136 -33.83 -57.37 -27.48
CA ILE O 136 -34.79 -58.34 -26.97
C ILE O 136 -35.37 -59.18 -28.09
N ILE O 137 -35.51 -58.59 -29.29
CA ILE O 137 -36.14 -59.29 -30.40
C ILE O 137 -35.23 -60.39 -30.93
N ASP O 138 -33.94 -60.09 -31.09
CA ASP O 138 -33.04 -61.04 -31.73
C ASP O 138 -32.64 -62.19 -30.82
N GLU O 139 -32.87 -62.08 -29.52
CA GLU O 139 -32.52 -63.17 -28.62
C GLU O 139 -33.62 -64.22 -28.52
N ILE O 140 -34.89 -63.80 -28.67
CA ILE O 140 -36.01 -64.73 -28.61
C ILE O 140 -35.89 -65.80 -29.69
N ILE O 141 -35.57 -65.38 -30.91
CA ILE O 141 -35.36 -66.32 -32.01
C ILE O 141 -34.14 -67.20 -31.74
N THR O 142 -33.08 -66.63 -31.16
CA THR O 142 -31.86 -67.40 -30.96
C THR O 142 -31.95 -68.34 -29.76
N GLN O 143 -32.72 -67.99 -28.72
CA GLN O 143 -32.90 -68.94 -27.62
C GLN O 143 -33.90 -70.03 -27.99
N MET O 144 -34.91 -69.71 -28.80
CA MET O 144 -35.97 -70.65 -29.16
C MET O 144 -35.70 -71.18 -30.56
N ARG O 145 -34.86 -72.20 -30.64
CA ARG O 145 -34.70 -72.99 -31.86
C ARG O 145 -35.23 -74.40 -31.60
N VAL O 146 -36.55 -74.53 -31.66
CA VAL O 146 -37.24 -75.81 -31.72
C VAL O 146 -38.15 -75.76 -32.94
N ASN O 147 -38.58 -74.55 -33.28
CA ASN O 147 -39.45 -74.28 -34.42
C ASN O 147 -38.64 -73.72 -35.58
N ASP O 148 -39.06 -74.06 -36.79
CA ASP O 148 -38.39 -73.58 -37.99
C ASP O 148 -39.44 -73.37 -39.08
N GLU O 149 -39.45 -72.16 -39.63
CA GLU O 149 -40.50 -71.67 -40.52
C GLU O 149 -41.89 -71.89 -39.90
N GLU O 150 -42.09 -71.18 -38.79
CA GLU O 150 -43.38 -71.12 -38.13
C GLU O 150 -44.18 -69.92 -38.63
N GLU O 151 -45.50 -70.00 -38.46
CA GLU O 151 -46.38 -68.91 -38.86
C GLU O 151 -46.49 -67.82 -37.81
N HIS O 152 -45.73 -67.90 -36.71
CA HIS O 152 -45.64 -66.82 -35.74
C HIS O 152 -44.24 -66.22 -35.67
N LYS O 153 -43.41 -66.45 -36.69
CA LYS O 153 -42.17 -65.69 -36.85
C LYS O 153 -42.44 -64.19 -36.87
N GLN O 154 -43.45 -63.78 -37.65
CA GLN O 154 -43.94 -62.41 -37.56
C GLN O 154 -44.59 -62.12 -36.21
N LEU O 155 -45.27 -63.11 -35.63
CA LEU O 155 -46.14 -62.85 -34.49
C LEU O 155 -45.41 -62.93 -33.15
N VAL O 156 -44.49 -63.88 -32.97
CA VAL O 156 -43.76 -63.94 -31.70
C VAL O 156 -42.76 -62.79 -31.59
N ALA O 157 -42.30 -62.23 -32.71
CA ALA O 157 -41.57 -60.98 -32.65
C ALA O 157 -42.49 -59.78 -32.44
N GLU O 158 -43.74 -59.88 -32.90
CA GLU O 158 -44.75 -58.87 -32.57
C GLU O 158 -45.22 -58.97 -31.14
N ILE O 159 -45.27 -60.18 -30.58
CA ILE O 159 -45.74 -60.36 -29.21
C ILE O 159 -44.78 -59.73 -28.21
N VAL O 160 -43.47 -59.89 -28.44
CA VAL O 160 -42.49 -59.19 -27.60
C VAL O 160 -42.63 -57.68 -27.76
N GLN O 161 -42.96 -57.21 -28.96
CA GLN O 161 -43.32 -55.81 -29.16
C GLN O 161 -44.73 -55.49 -28.69
N ASN O 162 -45.55 -56.49 -28.38
CA ASN O 162 -46.90 -56.27 -27.87
C ASN O 162 -47.02 -56.47 -26.36
N VAL O 163 -45.95 -56.89 -25.69
CA VAL O 163 -46.04 -57.16 -24.26
C VAL O 163 -45.50 -55.97 -23.46
N ILE O 164 -44.61 -55.18 -24.05
CA ILE O 164 -43.95 -54.11 -23.31
C ILE O 164 -44.15 -52.73 -23.92
N SER O 165 -44.62 -52.62 -25.17
CA SER O 165 -44.78 -51.31 -25.77
C SER O 165 -45.93 -50.54 -25.14
N LEU O 166 -47.05 -51.22 -24.85
CA LEU O 166 -48.14 -50.58 -24.14
C LEU O 166 -47.91 -50.48 -22.64
N GLY O 167 -46.95 -51.25 -22.12
CA GLY O 167 -46.63 -51.20 -20.69
C GLY O 167 -46.91 -52.52 -20.02
N SER O 168 -47.86 -52.54 -19.10
CA SER O 168 -48.30 -53.77 -18.45
C SER O 168 -49.37 -54.44 -19.28
N LEU O 169 -49.47 -55.76 -19.14
CA LEU O 169 -50.23 -56.56 -20.08
C LEU O 169 -50.73 -57.81 -19.37
N THR O 170 -51.95 -58.23 -19.70
CA THR O 170 -52.57 -59.44 -19.16
C THR O 170 -53.10 -60.28 -20.31
N VAL O 171 -53.69 -61.42 -19.96
CA VAL O 171 -53.99 -62.45 -20.96
C VAL O 171 -55.19 -62.02 -21.80
N GLU O 172 -56.20 -61.44 -21.17
CA GLU O 172 -57.45 -61.13 -21.86
C GLU O 172 -57.29 -60.02 -22.90
N ASP O 173 -56.19 -59.28 -22.89
CA ASP O 173 -56.06 -58.08 -23.69
C ASP O 173 -55.60 -58.34 -25.12
N TYR O 174 -55.09 -59.54 -25.44
CA TYR O 174 -54.68 -59.85 -26.79
C TYR O 174 -55.57 -60.88 -27.48
N LEU O 175 -56.36 -61.65 -26.74
CA LEU O 175 -57.38 -62.48 -27.37
C LEU O 175 -58.58 -61.65 -27.82
N SER O 176 -58.78 -60.47 -27.22
CA SER O 176 -59.85 -59.57 -27.62
C SER O 176 -59.50 -58.71 -28.83
N SER O 177 -58.53 -59.15 -29.63
CA SER O 177 -58.12 -58.45 -30.84
C SER O 177 -59.10 -58.78 -31.97
N VAL O 178 -58.71 -58.44 -33.21
CA VAL O 178 -59.58 -58.69 -34.36
C VAL O 178 -59.73 -60.19 -34.60
N THR O 179 -58.76 -61.00 -34.17
CA THR O 179 -58.82 -62.44 -34.39
C THR O 179 -59.73 -63.05 -33.34
N SER O 180 -60.85 -63.61 -33.77
CA SER O 180 -61.76 -64.31 -32.87
C SER O 180 -61.15 -65.60 -32.35
N ASP O 181 -60.84 -66.52 -33.25
CA ASP O 181 -59.99 -67.67 -32.93
C ASP O 181 -58.65 -67.59 -33.68
N SER O 182 -58.68 -67.73 -35.00
CA SER O 182 -57.47 -67.84 -35.81
C SER O 182 -56.42 -68.76 -35.18
N MET O 183 -56.87 -69.90 -34.67
CA MET O 183 -56.07 -70.78 -33.81
C MET O 183 -55.50 -70.03 -32.61
N LYS O 184 -56.40 -69.46 -31.81
CA LYS O 184 -55.97 -68.79 -30.58
C LYS O 184 -55.49 -69.79 -29.54
N TYR O 185 -56.01 -71.02 -29.56
CA TYR O 185 -55.61 -72.00 -28.57
C TYR O 185 -54.15 -72.43 -28.75
N THR O 186 -53.66 -72.39 -29.98
CA THR O 186 -52.22 -72.55 -30.20
C THR O 186 -51.45 -71.35 -29.66
N ILE O 187 -51.95 -70.14 -29.91
CA ILE O 187 -51.19 -68.94 -29.55
C ILE O 187 -51.25 -68.71 -28.04
N SER O 188 -52.38 -69.03 -27.41
CA SER O 188 -52.45 -68.95 -25.96
C SER O 188 -51.56 -69.98 -25.30
N SER O 189 -51.54 -71.21 -25.83
CA SER O 189 -50.67 -72.25 -25.28
C SER O 189 -49.25 -72.15 -25.78
N LEU O 190 -48.98 -71.27 -26.75
CA LEU O 190 -47.60 -70.99 -27.14
C LEU O 190 -46.82 -70.32 -26.01
N PHE O 191 -47.50 -69.53 -25.18
CA PHE O 191 -46.83 -68.69 -24.21
C PHE O 191 -46.36 -69.46 -22.98
N VAL O 192 -46.98 -70.59 -22.66
CA VAL O 192 -46.51 -71.36 -21.52
C VAL O 192 -45.16 -72.00 -21.82
N GLN O 193 -44.88 -72.28 -23.09
CA GLN O 193 -43.52 -72.62 -23.50
C GLN O 193 -42.58 -71.41 -23.38
N LEU O 194 -43.13 -70.21 -23.55
CA LEU O 194 -42.34 -68.99 -23.62
C LEU O 194 -42.26 -68.25 -22.29
N CYS O 195 -43.18 -68.50 -21.36
CA CYS O 195 -43.19 -67.85 -20.05
C CYS O 195 -42.58 -68.72 -18.96
N GLU O 196 -42.81 -70.04 -19.00
CA GLU O 196 -42.35 -70.92 -17.93
C GLU O 196 -40.87 -71.25 -18.02
N MET O 197 -40.19 -70.86 -19.10
CA MET O 197 -38.74 -70.84 -19.09
C MET O 197 -38.16 -69.63 -18.36
N GLY O 198 -38.98 -68.63 -18.05
CA GLY O 198 -38.58 -67.51 -17.23
C GLY O 198 -38.89 -66.18 -17.88
N TYR O 199 -38.33 -65.13 -17.28
CA TYR O 199 -38.23 -63.77 -17.82
C TYR O 199 -39.56 -63.23 -18.34
N LEU O 200 -40.68 -63.80 -17.90
CA LEU O 200 -42.01 -63.22 -18.09
C LEU O 200 -42.79 -63.30 -16.79
N ILE O 201 -42.16 -62.88 -15.70
CA ILE O 201 -42.75 -63.06 -14.37
C ILE O 201 -43.90 -62.09 -14.18
N GLN O 202 -44.97 -62.56 -13.55
CA GLN O 202 -46.07 -61.71 -13.09
C GLN O 202 -45.55 -60.46 -12.41
N ILE O 203 -46.13 -59.31 -12.78
CA ILE O 203 -45.73 -58.06 -12.15
C ILE O 203 -46.43 -57.92 -10.81
N SER O 204 -45.83 -57.16 -9.92
CA SER O 204 -46.36 -56.94 -8.58
C SER O 204 -45.83 -55.61 -8.07
N LYS O 205 -45.94 -55.38 -6.76
CA LYS O 205 -45.33 -54.21 -6.15
C LYS O 205 -43.90 -54.46 -5.70
N LEU O 206 -43.43 -55.71 -5.72
CA LEU O 206 -42.18 -56.05 -5.06
C LEU O 206 -41.00 -55.50 -5.85
N HIS O 207 -40.89 -55.88 -7.12
CA HIS O 207 -39.89 -55.33 -8.03
C HIS O 207 -40.21 -53.92 -8.49
N TYR O 208 -41.42 -53.44 -8.22
CA TYR O 208 -41.86 -52.12 -8.64
C TYR O 208 -41.62 -51.06 -7.57
N THR O 209 -41.43 -51.47 -6.32
CA THR O 209 -40.93 -50.58 -5.28
C THR O 209 -39.43 -50.78 -5.11
N PRO O 210 -38.70 -49.74 -4.72
CA PRO O 210 -37.24 -49.87 -4.60
C PRO O 210 -36.82 -50.80 -3.49
N ILE O 211 -35.56 -51.23 -3.57
CA ILE O 211 -35.06 -52.32 -2.75
C ILE O 211 -34.62 -51.83 -1.38
N GLU O 212 -33.95 -50.68 -1.33
CA GLU O 212 -33.56 -50.08 -0.06
C GLU O 212 -34.78 -49.78 0.81
N ASP O 213 -35.80 -49.14 0.25
CA ASP O 213 -37.00 -48.89 1.05
C ASP O 213 -37.77 -50.18 1.32
N LEU O 214 -37.65 -51.19 0.46
CA LEU O 214 -38.18 -52.50 0.81
C LEU O 214 -37.43 -53.10 1.98
N TRP O 215 -36.11 -52.84 2.06
CA TRP O 215 -35.29 -53.33 3.16
C TRP O 215 -35.56 -52.58 4.46
N GLN O 216 -36.18 -51.41 4.39
CA GLN O 216 -36.43 -50.61 5.59
C GLN O 216 -37.55 -51.20 6.43
N PHE O 217 -38.77 -51.24 5.87
CA PHE O 217 -39.95 -51.49 6.71
C PHE O 217 -40.08 -52.94 7.15
N LEU O 218 -39.27 -53.85 6.62
CA LEU O 218 -39.16 -55.19 7.18
C LEU O 218 -38.11 -55.29 8.27
N TYR O 219 -37.25 -54.28 8.44
CA TYR O 219 -36.21 -54.35 9.45
C TYR O 219 -36.75 -54.03 10.84
N GLU O 220 -37.59 -52.99 10.97
CA GLU O 220 -38.15 -52.67 12.28
C GLU O 220 -39.27 -53.62 12.67
N LYS O 221 -39.87 -54.33 11.72
CA LYS O 221 -40.94 -55.28 12.05
C LYS O 221 -40.39 -56.46 12.84
N HIS O 222 -39.26 -57.02 12.40
CA HIS O 222 -38.58 -58.05 13.17
C HIS O 222 -37.85 -57.47 14.37
N TYR O 223 -37.51 -56.18 14.34
CA TYR O 223 -36.96 -55.52 15.51
C TYR O 223 -38.01 -55.27 16.58
N LYS O 224 -39.28 -55.13 16.19
CA LYS O 224 -40.38 -55.08 17.13
C LYS O 224 -41.04 -56.44 17.36
N ASN O 225 -40.53 -57.50 16.74
CA ASN O 225 -40.92 -58.85 17.13
C ASN O 225 -40.27 -59.29 18.43
N ILE O 226 -39.13 -58.70 18.77
CA ILE O 226 -38.44 -58.95 20.04
C ILE O 226 -38.71 -57.75 20.96
N PRO O 227 -39.55 -57.89 21.98
CA PRO O 227 -39.79 -56.77 22.89
C PRO O 227 -38.77 -56.64 24.01
N ARG O 228 -39.10 -55.79 24.98
CA ARG O 228 -38.34 -55.65 26.22
C ARG O 228 -38.27 -56.99 26.95
N ASN O 229 -37.34 -57.04 27.93
CA ASN O 229 -37.06 -58.12 28.89
C ASN O 229 -36.25 -59.27 28.28
N SER O 230 -35.51 -59.00 27.21
CA SER O 230 -34.44 -59.86 26.72
C SER O 230 -33.14 -59.07 26.83
N PRO O 231 -32.59 -58.94 28.03
CA PRO O 231 -31.69 -57.81 28.32
C PRO O 231 -30.25 -57.99 27.86
N LEU O 232 -29.78 -59.22 27.78
CA LEU O 232 -28.35 -59.46 27.64
C LEU O 232 -27.89 -59.24 26.20
N SER O 233 -26.72 -58.61 26.07
CA SER O 233 -26.05 -58.38 24.79
C SER O 233 -26.94 -57.56 23.83
N ASP O 234 -27.16 -56.30 24.23
CA ASP O 234 -28.00 -55.42 23.42
C ASP O 234 -27.41 -55.18 22.04
N LEU O 235 -26.08 -55.24 21.90
CA LEU O 235 -25.46 -55.12 20.59
C LEU O 235 -25.51 -56.41 19.79
N LYS O 236 -25.92 -57.52 20.40
CA LYS O 236 -26.24 -58.75 19.68
C LYS O 236 -27.71 -58.88 19.36
N LYS O 237 -28.59 -58.14 20.05
CA LYS O 237 -30.02 -58.24 19.79
C LYS O 237 -30.41 -57.58 18.47
N ARG O 238 -29.56 -56.72 17.91
CA ARG O 238 -29.83 -56.17 16.60
C ARG O 238 -29.66 -57.21 15.50
N SER O 239 -28.87 -58.26 15.76
CA SER O 239 -28.69 -59.32 14.78
C SER O 239 -29.94 -60.20 14.65
N GLN O 240 -30.80 -60.22 15.67
CA GLN O 240 -31.98 -61.08 15.63
C GLN O 240 -32.91 -60.66 14.50
N ALA O 241 -33.19 -59.35 14.39
CA ALA O 241 -33.91 -58.87 13.22
C ALA O 241 -33.07 -58.94 11.96
N LYS O 242 -31.74 -58.82 12.10
CA LYS O 242 -30.88 -58.75 10.92
C LYS O 242 -30.71 -60.10 10.25
N MET O 243 -30.60 -61.18 11.03
CA MET O 243 -30.57 -62.51 10.45
C MET O 243 -31.93 -62.94 9.94
N ASN O 244 -33.01 -62.49 10.59
CA ASN O 244 -34.35 -62.79 10.11
C ASN O 244 -34.69 -61.99 8.86
N ALA O 245 -34.06 -60.84 8.65
CA ALA O 245 -34.26 -60.08 7.42
C ALA O 245 -33.72 -60.82 6.21
N LYS O 246 -32.51 -61.41 6.34
CA LYS O 246 -31.88 -62.05 5.20
C LYS O 246 -32.65 -63.30 4.77
N THR O 247 -33.22 -64.03 5.74
CA THR O 247 -34.03 -65.19 5.41
C THR O 247 -35.31 -64.80 4.68
N ASP O 248 -35.90 -63.68 5.09
CA ASP O 248 -37.14 -63.20 4.45
C ASP O 248 -36.85 -62.47 3.15
N PHE O 249 -35.77 -61.67 3.11
CA PHE O 249 -35.49 -60.88 1.93
C PHE O 249 -35.16 -61.75 0.73
N ALA O 250 -34.60 -62.95 0.95
CA ALA O 250 -34.47 -63.91 -0.13
C ALA O 250 -35.82 -64.51 -0.50
N LYS O 251 -36.71 -64.67 0.48
CA LYS O 251 -38.02 -65.27 0.22
C LYS O 251 -38.95 -64.28 -0.48
N ILE O 252 -38.87 -63.00 -0.12
CA ILE O 252 -39.72 -62.00 -0.77
C ILE O 252 -39.32 -61.81 -2.23
N ILE O 253 -38.02 -61.85 -2.55
CA ILE O 253 -37.64 -61.78 -3.97
C ILE O 253 -37.88 -63.10 -4.69
N ASN O 254 -38.11 -64.19 -3.96
CA ASN O 254 -38.43 -65.46 -4.58
C ASN O 254 -39.91 -65.61 -4.87
N LYS O 255 -40.76 -64.83 -4.20
CA LYS O 255 -42.19 -64.81 -4.50
C LYS O 255 -42.50 -64.52 -5.97
N PRO O 256 -41.83 -63.59 -6.67
CA PRO O 256 -42.04 -63.51 -8.12
C PRO O 256 -41.34 -64.63 -8.87
N ASN O 257 -40.22 -65.12 -8.32
CA ASN O 257 -39.56 -66.26 -8.93
C ASN O 257 -40.31 -67.56 -8.68
N GLU O 258 -41.19 -67.58 -7.68
CA GLU O 258 -42.03 -68.75 -7.41
C GLU O 258 -43.00 -69.00 -8.56
N LEU O 259 -42.76 -70.08 -9.32
CA LEU O 259 -43.50 -70.34 -10.54
C LEU O 259 -44.69 -71.28 -10.32
N SER O 260 -44.95 -71.68 -9.07
CA SER O 260 -46.07 -72.57 -8.78
C SER O 260 -47.41 -71.85 -8.71
N GLN O 261 -47.41 -70.51 -8.72
CA GLN O 261 -48.64 -69.73 -8.64
C GLN O 261 -49.00 -69.05 -9.94
N ILE O 262 -48.29 -69.36 -11.02
CA ILE O 262 -48.62 -68.86 -12.34
C ILE O 262 -49.08 -69.98 -13.27
N LEU O 263 -49.60 -71.07 -12.70
CA LEU O 263 -50.09 -72.20 -13.47
C LEU O 263 -51.57 -72.45 -13.19
N THR O 264 -52.30 -72.84 -14.22
CA THR O 264 -53.67 -73.33 -14.12
C THR O 264 -53.75 -74.61 -14.96
N VAL O 265 -53.73 -75.76 -14.30
CA VAL O 265 -53.93 -77.04 -14.99
C VAL O 265 -55.43 -77.21 -15.21
N ASP O 266 -55.87 -76.99 -16.45
CA ASP O 266 -57.28 -76.93 -16.76
C ASP O 266 -57.80 -78.32 -17.09
N PRO O 267 -58.74 -78.87 -16.33
CA PRO O 267 -59.18 -80.25 -16.59
C PRO O 267 -60.00 -80.42 -17.87
N LYS O 268 -60.56 -79.35 -18.42
CA LYS O 268 -61.23 -79.44 -19.71
C LYS O 268 -60.43 -78.76 -20.82
N THR O 269 -60.51 -79.34 -22.01
CA THR O 269 -60.03 -78.81 -23.29
C THR O 269 -58.56 -78.38 -23.29
N SER O 270 -57.82 -78.73 -22.24
CA SER O 270 -56.46 -78.21 -22.10
C SER O 270 -55.64 -79.17 -21.25
N LEU O 271 -54.33 -78.97 -21.26
CA LEU O 271 -53.40 -79.73 -20.44
C LEU O 271 -52.57 -78.85 -19.52
N ARG O 272 -52.11 -77.70 -20.00
CA ARG O 272 -51.31 -76.78 -19.18
C ARG O 272 -51.48 -75.37 -19.73
N ILE O 273 -51.84 -74.44 -18.85
CA ILE O 273 -52.02 -73.04 -19.23
C ILE O 273 -51.74 -72.18 -18.00
N VAL O 274 -51.30 -70.95 -18.23
CA VAL O 274 -51.08 -69.99 -17.15
C VAL O 274 -52.41 -69.49 -16.63
N LYS O 275 -52.38 -68.79 -15.50
CA LYS O 275 -53.57 -68.15 -14.98
C LYS O 275 -53.93 -66.95 -15.85
N PRO O 276 -55.15 -66.88 -16.39
CA PRO O 276 -55.48 -65.80 -17.33
C PRO O 276 -55.66 -64.44 -16.69
N THR O 277 -55.81 -64.37 -15.38
CA THR O 277 -56.01 -63.09 -14.70
C THR O 277 -54.71 -62.50 -14.18
N VAL O 278 -53.61 -62.69 -14.90
CA VAL O 278 -52.27 -62.33 -14.42
C VAL O 278 -51.72 -61.23 -15.31
N SER O 279 -51.32 -60.12 -14.68
CA SER O 279 -50.61 -59.05 -15.37
C SER O 279 -49.12 -59.32 -15.35
N LEU O 280 -48.48 -59.23 -16.52
CA LEU O 280 -47.07 -59.59 -16.65
C LEU O 280 -46.41 -58.67 -17.66
N THR O 281 -45.09 -58.49 -17.50
CA THR O 281 -44.25 -57.84 -18.49
C THR O 281 -42.96 -58.64 -18.68
N ILE O 282 -41.98 -58.06 -19.36
CA ILE O 282 -40.68 -58.72 -19.48
C ILE O 282 -39.96 -58.67 -18.13
N ASN O 283 -39.05 -59.62 -17.93
CA ASN O 283 -38.09 -59.57 -16.84
C ASN O 283 -36.68 -59.65 -17.42
N LEU O 284 -35.86 -58.64 -17.14
CA LEU O 284 -34.54 -58.52 -17.75
C LEU O 284 -33.52 -59.41 -17.09
N ASP O 285 -33.86 -60.04 -15.97
CA ASP O 285 -32.86 -60.74 -15.16
C ASP O 285 -32.29 -61.95 -15.90
N ARG O 286 -33.14 -62.74 -16.55
CA ARG O 286 -32.65 -63.79 -17.43
C ARG O 286 -31.99 -63.21 -18.67
N PHE O 287 -32.52 -62.09 -19.18
CA PHE O 287 -31.95 -61.49 -20.38
C PHE O 287 -30.53 -61.02 -20.13
N MET O 288 -30.27 -60.43 -18.96
CA MET O 288 -28.93 -59.96 -18.66
C MET O 288 -27.99 -61.14 -18.42
N LYS O 289 -28.49 -62.21 -17.80
CA LYS O 289 -27.71 -63.44 -17.69
C LYS O 289 -27.51 -64.08 -19.06
N GLY O 290 -28.54 -64.03 -19.91
CA GLY O 290 -28.40 -64.55 -21.26
C GLY O 290 -27.45 -63.73 -22.10
N ARG O 291 -27.41 -62.42 -21.89
CA ARG O 291 -26.42 -61.58 -22.55
C ARG O 291 -25.03 -61.85 -21.99
N ARG O 292 -24.93 -62.23 -20.72
CA ARG O 292 -23.64 -62.57 -20.13
C ARG O 292 -23.09 -63.85 -20.74
N SER O 293 -23.95 -64.84 -20.97
CA SER O 293 -23.51 -66.06 -21.63
C SER O 293 -23.19 -65.81 -23.09
N LYS O 294 -23.81 -64.79 -23.69
CA LYS O 294 -23.44 -64.41 -25.06
C LYS O 294 -22.03 -63.81 -25.10
N GLN O 295 -21.59 -63.21 -23.99
CA GLN O 295 -20.27 -62.61 -23.94
C GLN O 295 -19.17 -63.64 -23.73
N LEU O 296 -19.45 -64.70 -22.98
CA LEU O 296 -18.41 -65.66 -22.60
C LEU O 296 -17.97 -66.50 -23.80
N ILE O 297 -18.89 -66.76 -24.74
CA ILE O 297 -18.55 -67.62 -25.86
C ILE O 297 -17.61 -66.92 -26.83
N ASN O 298 -17.66 -65.59 -26.88
CA ASN O 298 -16.67 -64.84 -27.63
C ASN O 298 -15.28 -64.98 -27.01
N LEU O 299 -15.20 -64.95 -25.69
CA LEU O 299 -13.92 -65.22 -25.02
C LEU O 299 -13.48 -66.66 -25.25
N ALA O 300 -14.43 -67.58 -25.41
CA ALA O 300 -14.08 -68.97 -25.72
C ALA O 300 -13.45 -69.07 -27.11
N LYS O 301 -14.05 -68.39 -28.10
CA LYS O 301 -13.59 -68.52 -29.48
C LYS O 301 -12.23 -67.86 -29.70
N THR O 302 -11.82 -66.97 -28.79
CA THR O 302 -10.50 -66.38 -28.87
C THR O 302 -9.43 -67.32 -28.31
N ARG O 303 -9.69 -67.94 -27.17
CA ARG O 303 -8.70 -68.75 -26.47
C ARG O 303 -8.76 -70.22 -26.83
N VAL O 304 -9.71 -70.64 -27.66
CA VAL O 304 -9.73 -71.98 -28.25
C VAL O 304 -10.29 -71.87 -29.66
N GLY O 305 -10.09 -72.92 -30.46
CA GLY O 305 -10.48 -72.92 -31.86
C GLY O 305 -11.97 -73.06 -32.07
N SER O 306 -12.34 -73.63 -33.22
CA SER O 306 -13.73 -73.70 -33.63
C SER O 306 -14.48 -74.89 -33.07
N VAL O 307 -13.77 -75.97 -32.72
CA VAL O 307 -14.45 -77.20 -32.32
C VAL O 307 -14.94 -77.10 -30.88
N THR O 308 -14.12 -76.53 -30.00
CA THR O 308 -14.48 -76.45 -28.58
C THR O 308 -15.45 -75.30 -28.33
N ALA O 309 -15.43 -74.27 -29.17
CA ALA O 309 -16.40 -73.18 -29.04
C ALA O 309 -17.83 -73.65 -29.29
N GLN O 310 -18.01 -74.61 -30.21
CA GLN O 310 -19.34 -75.19 -30.40
C GLN O 310 -19.72 -76.07 -29.22
N VAL O 311 -18.74 -76.68 -28.54
CA VAL O 311 -19.04 -77.49 -27.38
C VAL O 311 -19.47 -76.62 -26.20
N TYR O 312 -18.78 -75.50 -25.99
CA TYR O 312 -19.00 -74.69 -24.79
C TYR O 312 -20.35 -73.99 -24.84
N LYS O 313 -20.87 -73.72 -26.04
CA LYS O 313 -22.13 -72.99 -26.15
C LYS O 313 -23.32 -73.86 -25.76
N ILE O 314 -23.23 -75.16 -26.01
CA ILE O 314 -24.38 -76.04 -25.80
C ILE O 314 -24.63 -76.25 -24.31
N ALA O 315 -23.57 -76.49 -23.54
CA ALA O 315 -23.72 -76.75 -22.12
C ALA O 315 -24.18 -75.52 -21.35
N LEU O 316 -23.86 -74.33 -21.85
CA LEU O 316 -24.25 -73.11 -21.14
C LEU O 316 -25.74 -72.81 -21.31
N ARG O 317 -26.33 -73.17 -22.45
CA ARG O 317 -27.74 -72.86 -22.70
C ARG O 317 -28.65 -73.64 -21.76
N LEU O 318 -28.22 -74.82 -21.30
CA LEU O 318 -29.03 -75.61 -20.39
C LEU O 318 -29.17 -74.93 -19.03
N THR O 319 -28.17 -74.16 -18.60
CA THR O 319 -28.16 -73.57 -17.27
C THR O 319 -28.38 -72.06 -17.30
N GLU O 320 -28.85 -71.53 -18.42
CA GLU O 320 -29.10 -70.08 -18.50
C GLU O 320 -30.31 -69.68 -17.67
N GLN O 321 -31.31 -70.57 -17.56
CA GLN O 321 -32.58 -70.19 -16.96
C GLN O 321 -32.47 -70.08 -15.44
N LYS O 322 -31.53 -70.78 -14.83
CA LYS O 322 -31.21 -70.63 -13.41
C LYS O 322 -29.70 -70.49 -13.27
N SER O 323 -29.25 -69.30 -12.86
CA SER O 323 -27.84 -69.01 -12.68
C SER O 323 -27.68 -68.13 -11.45
N PRO O 324 -26.46 -67.86 -10.98
CA PRO O 324 -26.27 -66.80 -9.99
C PRO O 324 -26.68 -65.45 -10.55
N LYS O 325 -27.16 -64.59 -9.65
CA LYS O 325 -27.71 -63.30 -10.08
C LYS O 325 -26.60 -62.36 -10.50
N ILE O 326 -26.84 -61.59 -11.57
CA ILE O 326 -25.83 -60.67 -12.07
C ILE O 326 -25.89 -59.33 -11.33
N ARG O 327 -27.08 -58.89 -10.96
CA ARG O 327 -27.25 -57.63 -10.26
C ARG O 327 -26.90 -57.75 -8.79
N ASP O 328 -27.17 -58.92 -8.19
CA ASP O 328 -26.93 -59.23 -6.79
C ASP O 328 -27.59 -58.19 -5.89
N PRO O 329 -28.93 -58.24 -5.74
CA PRO O 329 -29.62 -57.21 -4.95
C PRO O 329 -29.25 -57.21 -3.48
N LEU O 330 -28.69 -58.32 -2.97
CA LEU O 330 -28.25 -58.34 -1.58
C LEU O 330 -27.01 -57.50 -1.35
N THR O 331 -26.13 -57.41 -2.35
CA THR O 331 -24.95 -56.56 -2.26
C THR O 331 -25.22 -55.14 -2.74
N GLN O 332 -26.43 -54.86 -3.21
CA GLN O 332 -26.77 -53.50 -3.65
C GLN O 332 -26.82 -52.55 -2.46
N THR O 333 -27.49 -52.96 -1.38
CA THR O 333 -27.60 -52.13 -0.18
C THR O 333 -27.59 -53.03 1.05
N GLY O 334 -27.28 -52.43 2.18
CA GLY O 334 -27.27 -53.14 3.44
C GLY O 334 -26.11 -52.74 4.35
N LEU O 335 -25.60 -53.68 5.13
CA LEU O 335 -24.46 -53.41 6.01
C LEU O 335 -23.15 -53.81 5.33
N LEU O 336 -22.84 -53.13 4.24
CA LEU O 336 -21.62 -53.36 3.48
C LEU O 336 -20.39 -52.72 4.12
N GLN O 337 -20.51 -52.18 5.34
CA GLN O 337 -19.43 -51.39 5.92
C GLN O 337 -18.34 -52.29 6.52
N ASP O 338 -18.75 -53.31 7.28
CA ASP O 338 -17.84 -54.04 8.16
C ASP O 338 -17.42 -55.35 7.51
N LEU O 339 -16.13 -55.68 7.67
CA LEU O 339 -15.53 -56.75 6.88
C LEU O 339 -16.02 -58.13 7.31
N GLU O 340 -16.49 -58.28 8.55
CA GLU O 340 -17.01 -59.56 9.01
C GLU O 340 -18.33 -59.92 8.33
N GLU O 341 -19.05 -58.93 7.82
CA GLU O 341 -20.23 -59.18 7.00
C GLU O 341 -19.99 -58.93 5.51
N ALA O 342 -19.09 -58.00 5.17
CA ALA O 342 -18.83 -57.72 3.76
C ALA O 342 -18.15 -58.90 3.07
N LYS O 343 -17.42 -59.72 3.83
CA LYS O 343 -16.91 -60.98 3.30
C LYS O 343 -17.99 -62.05 3.24
N SER O 344 -19.02 -61.94 4.09
CA SER O 344 -20.10 -62.91 4.09
C SER O 344 -21.08 -62.72 2.94
N PHE O 345 -20.96 -61.63 2.17
CA PHE O 345 -21.79 -61.49 0.98
C PHE O 345 -21.29 -62.30 -0.20
N GLN O 346 -20.07 -62.86 -0.12
CA GLN O 346 -19.58 -63.78 -1.14
C GLN O 346 -19.21 -65.15 -0.62
N ASP O 347 -19.06 -65.32 0.71
CA ASP O 347 -18.81 -66.64 1.27
C ASP O 347 -20.01 -67.57 1.03
N GLU O 348 -21.21 -67.11 1.39
CA GLU O 348 -22.41 -67.88 1.08
C GLU O 348 -22.75 -67.83 -0.40
N ALA O 349 -22.42 -66.73 -1.08
CA ALA O 349 -22.76 -66.60 -2.49
C ALA O 349 -21.92 -67.51 -3.36
N GLU O 350 -20.65 -67.71 -2.99
CA GLU O 350 -19.87 -68.79 -3.60
C GLU O 350 -20.47 -70.15 -3.25
N LEU O 351 -20.82 -70.35 -1.98
CA LEU O 351 -21.35 -71.64 -1.54
C LEU O 351 -22.70 -71.95 -2.18
N VAL O 352 -23.44 -70.93 -2.62
CA VAL O 352 -24.61 -71.15 -3.46
C VAL O 352 -24.21 -71.78 -4.79
N GLU O 353 -23.11 -71.31 -5.39
CA GLU O 353 -22.85 -71.62 -6.79
C GLU O 353 -22.47 -73.09 -6.98
N GLU O 354 -21.56 -73.62 -6.15
CA GLU O 354 -21.14 -75.00 -6.37
C GLU O 354 -22.15 -75.99 -5.80
N LYS O 355 -22.93 -75.59 -4.81
CA LYS O 355 -23.84 -76.49 -4.11
C LYS O 355 -25.28 -76.32 -4.57
N THR O 356 -25.49 -75.79 -5.78
CA THR O 356 -26.83 -75.71 -6.38
C THR O 356 -27.09 -76.92 -7.26
N PRO O 357 -28.20 -77.64 -7.06
CA PRO O 357 -28.44 -78.85 -7.84
C PRO O 357 -28.77 -78.60 -9.30
N GLY O 358 -29.16 -77.39 -9.67
CA GLY O 358 -29.70 -77.13 -10.99
C GLY O 358 -28.71 -76.83 -12.09
N LEU O 359 -27.41 -76.89 -11.82
CA LEU O 359 -26.40 -76.62 -12.86
C LEU O 359 -25.26 -77.62 -12.89
N THR O 360 -25.04 -78.38 -11.82
CA THR O 360 -23.88 -79.27 -11.74
C THR O 360 -24.08 -80.47 -12.64
N PHE O 361 -23.61 -80.40 -13.88
CA PHE O 361 -23.88 -81.42 -14.88
C PHE O 361 -22.80 -82.50 -14.85
N ASN O 362 -23.21 -83.72 -15.16
CA ASN O 362 -22.40 -84.91 -14.95
C ASN O 362 -21.58 -85.30 -16.18
N ALA O 363 -21.66 -84.52 -17.26
CA ALA O 363 -21.00 -84.82 -18.53
C ALA O 363 -21.42 -86.18 -19.10
N ILE O 364 -22.69 -86.52 -18.96
CA ILE O 364 -23.25 -87.66 -19.69
C ILE O 364 -24.50 -87.18 -20.40
N ASP O 365 -25.01 -86.01 -20.00
CA ASP O 365 -26.19 -85.43 -20.62
C ASP O 365 -25.87 -84.70 -21.92
N LEU O 366 -24.61 -84.28 -22.10
CA LEU O 366 -24.27 -83.33 -23.16
C LEU O 366 -24.12 -83.98 -24.52
N ALA O 367 -23.93 -85.30 -24.57
CA ALA O 367 -23.67 -85.95 -25.85
C ALA O 367 -24.93 -86.06 -26.70
N ARG O 368 -26.10 -86.09 -26.07
CA ARG O 368 -27.34 -86.20 -26.84
C ARG O 368 -27.85 -84.84 -27.33
N HIS O 369 -27.49 -83.75 -26.66
CA HIS O 369 -28.04 -82.44 -26.98
C HIS O 369 -27.38 -81.81 -28.21
N LEU O 370 -26.20 -82.27 -28.59
CA LEU O 370 -25.53 -81.74 -29.78
C LEU O 370 -26.19 -82.29 -31.05
N PRO O 371 -26.40 -81.44 -32.06
CA PRO O 371 -26.97 -81.87 -33.34
C PRO O 371 -25.95 -82.59 -34.21
N SER O 449 -20.85 -89.90 -27.76
CA SER O 449 -19.39 -89.97 -27.85
C SER O 449 -18.74 -89.53 -26.54
N ALA O 450 -18.71 -90.43 -25.56
CA ALA O 450 -18.30 -90.07 -24.21
C ALA O 450 -16.82 -89.76 -24.10
N SER O 451 -16.01 -90.23 -25.05
CA SER O 451 -14.58 -89.91 -25.06
C SER O 451 -14.32 -88.48 -25.52
N LEU O 452 -15.03 -88.03 -26.55
CA LEU O 452 -14.77 -86.70 -27.11
C LEU O 452 -15.26 -85.60 -26.16
N ILE O 453 -16.42 -85.80 -25.53
CA ILE O 453 -16.93 -84.78 -24.61
C ILE O 453 -16.16 -84.77 -23.31
N ASN O 454 -15.38 -85.81 -23.02
CA ASN O 454 -14.32 -85.72 -22.03
C ASN O 454 -13.12 -84.97 -22.58
N SER O 455 -12.72 -85.27 -23.82
CA SER O 455 -11.47 -84.73 -24.35
C SER O 455 -11.58 -83.23 -24.63
N HIS O 456 -12.68 -82.79 -25.25
CA HIS O 456 -12.87 -81.38 -25.51
C HIS O 456 -13.13 -80.58 -24.24
N LEU O 457 -13.61 -81.22 -23.17
CA LEU O 457 -13.80 -80.56 -21.88
C LEU O 457 -12.58 -80.68 -20.98
N LYS O 458 -11.64 -81.56 -21.32
CA LYS O 458 -10.43 -81.73 -20.52
C LYS O 458 -9.57 -80.46 -20.55
N ILE O 459 -9.50 -79.79 -21.70
CA ILE O 459 -8.67 -78.60 -21.84
C ILE O 459 -9.29 -77.37 -21.19
N LEU O 460 -10.57 -77.43 -20.82
CA LEU O 460 -11.17 -76.32 -20.07
C LEU O 460 -10.66 -76.27 -18.64
N ALA O 461 -10.27 -77.40 -18.08
CA ALA O 461 -9.61 -77.43 -16.78
C ALA O 461 -8.13 -77.06 -16.87
N SER O 462 -7.50 -77.26 -18.02
CA SER O 462 -6.07 -77.05 -18.14
C SER O 462 -5.72 -75.56 -18.24
N SER O 463 -6.58 -74.79 -18.90
CA SER O 463 -6.27 -73.39 -19.16
C SER O 463 -6.38 -72.56 -17.88
N ASN O 464 -5.58 -71.50 -17.81
CA ASN O 464 -5.52 -70.66 -16.63
C ASN O 464 -6.68 -69.67 -16.54
N PHE O 465 -7.59 -69.69 -17.51
CA PHE O 465 -8.82 -68.89 -17.42
C PHE O 465 -9.86 -69.73 -16.70
N PRO O 466 -10.26 -69.38 -15.48
CA PRO O 466 -11.00 -70.32 -14.60
C PRO O 466 -12.47 -70.48 -14.98
N PHE O 467 -12.71 -71.08 -16.15
CA PHE O 467 -14.03 -71.54 -16.53
C PHE O 467 -13.99 -73.05 -16.71
N LEU O 468 -14.94 -73.75 -16.09
CA LEU O 468 -14.86 -75.19 -15.86
C LEU O 468 -13.53 -75.57 -15.21
N ASN O 469 -13.14 -74.81 -14.18
CA ASN O 469 -11.82 -74.99 -13.59
C ASN O 469 -11.85 -76.03 -12.47
N GLU O 470 -12.61 -75.76 -11.41
CA GLU O 470 -12.61 -76.59 -10.21
C GLU O 470 -13.90 -77.38 -10.12
N THR O 471 -13.79 -78.65 -9.71
CA THR O 471 -14.93 -79.55 -9.71
C THR O 471 -14.61 -80.76 -8.82
N LYS O 472 -15.64 -81.56 -8.58
CA LYS O 472 -15.68 -82.93 -8.07
C LYS O 472 -15.57 -83.92 -9.23
N PRO O 473 -14.75 -84.96 -9.10
CA PRO O 473 -14.44 -85.80 -10.28
C PRO O 473 -15.66 -86.58 -10.74
N GLY O 474 -16.07 -86.31 -11.99
CA GLY O 474 -17.27 -86.86 -12.59
C GLY O 474 -18.34 -85.82 -12.87
N VAL O 475 -18.42 -84.78 -12.05
CA VAL O 475 -19.35 -83.68 -12.26
C VAL O 475 -18.54 -82.47 -12.73
N TYR O 476 -19.21 -81.54 -13.42
CA TYR O 476 -18.55 -80.33 -13.88
C TYR O 476 -19.51 -79.16 -13.79
N TYR O 477 -18.95 -77.99 -13.50
CA TYR O 477 -19.71 -76.74 -13.43
C TYR O 477 -18.75 -75.59 -13.58
N VAL O 478 -19.22 -74.50 -14.17
CA VAL O 478 -18.42 -73.30 -14.40
C VAL O 478 -18.68 -72.32 -13.25
N PRO O 479 -17.65 -71.72 -12.67
CA PRO O 479 -17.86 -70.69 -11.65
C PRO O 479 -18.02 -69.30 -12.27
N TYR O 480 -18.65 -68.43 -11.51
CA TYR O 480 -18.80 -67.03 -11.90
C TYR O 480 -18.14 -66.05 -10.93
N SER O 481 -18.07 -66.37 -9.65
CA SER O 481 -17.51 -65.43 -8.67
C SER O 481 -16.02 -65.23 -8.82
N LYS O 482 -15.31 -66.16 -9.47
CA LYS O 482 -13.88 -66.01 -9.74
C LYS O 482 -13.58 -65.95 -11.23
N LEU O 483 -14.58 -65.70 -12.07
CA LEU O 483 -14.42 -65.73 -13.51
C LEU O 483 -14.57 -64.35 -14.13
N MET O 484 -15.70 -63.68 -13.90
CA MET O 484 -16.01 -62.42 -14.58
C MET O 484 -15.03 -61.28 -14.26
N PRO O 485 -14.31 -61.28 -13.14
CA PRO O 485 -13.20 -60.31 -13.03
C PRO O 485 -12.08 -60.57 -14.01
N VAL O 486 -11.87 -61.82 -14.43
CA VAL O 486 -10.96 -62.09 -15.53
C VAL O 486 -11.56 -61.65 -16.86
N LEU O 487 -12.89 -61.75 -16.99
CA LEU O 487 -13.57 -61.15 -18.13
C LEU O 487 -13.46 -59.63 -18.11
N LYS O 488 -13.62 -59.02 -16.93
CA LYS O 488 -13.41 -57.57 -16.81
C LYS O 488 -11.96 -57.20 -17.10
N SER O 489 -11.01 -58.06 -16.72
CA SER O 489 -9.62 -57.83 -17.06
C SER O 489 -9.29 -58.18 -18.51
N SER O 490 -10.21 -58.79 -19.24
CA SER O 490 -9.95 -59.18 -20.62
C SER O 490 -10.39 -58.09 -21.60
N VAL O 491 -11.63 -57.61 -21.47
CA VAL O 491 -12.15 -56.63 -22.42
C VAL O 491 -11.54 -55.26 -22.18
N TYR O 492 -10.97 -55.02 -21.00
CA TYR O 492 -10.38 -53.74 -20.69
C TYR O 492 -9.07 -53.52 -21.46
N GLU O 493 -8.25 -54.56 -21.55
CA GLU O 493 -6.88 -54.38 -22.01
C GLU O 493 -6.80 -54.26 -23.52
N TYR O 494 -7.58 -55.06 -24.25
CA TYR O 494 -7.47 -55.07 -25.70
C TYR O 494 -8.07 -53.81 -26.32
N VAL O 495 -9.03 -53.18 -25.65
CA VAL O 495 -9.56 -51.91 -26.12
C VAL O 495 -8.48 -50.84 -26.06
N ILE O 496 -7.66 -50.84 -25.01
CA ILE O 496 -6.50 -49.96 -24.96
C ILE O 496 -5.52 -50.30 -26.08
N ALA O 497 -5.36 -51.59 -26.38
CA ALA O 497 -4.51 -51.99 -27.49
C ALA O 497 -5.09 -51.61 -28.86
N SER O 498 -6.37 -51.27 -28.92
CA SER O 498 -6.97 -50.83 -30.17
C SER O 498 -6.92 -49.32 -30.35
N THR O 499 -7.25 -48.56 -29.30
CA THR O 499 -7.38 -47.11 -29.42
C THR O 499 -6.04 -46.39 -29.48
N LEU O 500 -4.97 -47.02 -29.02
CA LEU O 500 -3.61 -46.54 -29.27
C LEU O 500 -2.72 -47.75 -29.53
N GLY O 501 -1.41 -47.51 -29.51
CA GLY O 501 -0.45 -48.50 -29.94
C GLY O 501 -0.38 -49.74 -29.06
N PRO O 502 0.01 -50.86 -29.67
CA PRO O 502 0.19 -52.10 -28.90
C PRO O 502 1.36 -52.06 -27.93
N SER O 503 2.25 -51.08 -28.02
CA SER O 503 3.23 -50.87 -26.96
C SER O 503 2.54 -50.53 -25.65
N ALA O 504 1.43 -49.80 -25.71
CA ALA O 504 0.69 -49.45 -24.50
C ALA O 504 0.06 -50.68 -23.85
N MET O 505 -0.28 -51.68 -24.66
CA MET O 505 -0.68 -52.98 -24.12
C MET O 505 0.46 -53.62 -23.33
N ARG O 506 1.70 -53.42 -23.78
CA ARG O 506 2.85 -54.04 -23.12
C ARG O 506 3.12 -53.40 -21.77
N LEU O 507 3.02 -52.07 -21.69
CA LEU O 507 3.27 -51.38 -20.42
C LEU O 507 2.14 -51.64 -19.42
N SER O 508 0.92 -51.83 -19.90
CA SER O 508 -0.20 -52.10 -18.98
C SER O 508 -0.02 -53.43 -18.28
N ARG O 509 0.38 -54.47 -19.02
CA ARG O 509 0.56 -55.79 -18.42
C ARG O 509 1.81 -55.88 -17.55
N CYS O 510 2.79 -55.00 -17.78
CA CYS O 510 3.98 -55.01 -16.94
C CYS O 510 3.68 -54.52 -15.53
N ILE O 511 2.71 -53.60 -15.39
CA ILE O 511 2.30 -53.09 -14.09
C ILE O 511 1.29 -54.02 -13.41
N ARG O 512 0.69 -54.94 -14.16
CA ARG O 512 -0.28 -55.89 -13.62
C ARG O 512 0.36 -56.80 -12.57
N ASP O 513 1.30 -57.65 -13.00
CA ASP O 513 1.89 -58.61 -12.06
C ASP O 513 2.94 -57.95 -11.17
N ASN O 514 3.70 -57.01 -11.73
CA ASN O 514 4.69 -56.26 -10.96
C ASN O 514 4.00 -55.00 -10.45
N LYS O 515 3.79 -54.92 -9.13
CA LYS O 515 3.08 -53.81 -8.54
C LYS O 515 4.05 -52.71 -8.11
N LEU O 516 3.65 -51.46 -8.39
CA LEU O 516 4.37 -50.27 -7.95
C LEU O 516 5.80 -50.27 -8.48
N VAL O 517 5.91 -50.10 -9.80
CA VAL O 517 7.17 -50.20 -10.51
C VAL O 517 7.74 -48.81 -10.70
N SER O 518 9.07 -48.69 -10.61
CA SER O 518 9.73 -47.42 -10.87
C SER O 518 10.19 -47.36 -12.33
N GLU O 519 10.98 -46.34 -12.67
CA GLU O 519 11.34 -46.08 -14.06
C GLU O 519 12.63 -46.74 -14.48
N LYS O 520 13.37 -47.36 -13.56
CA LYS O 520 14.55 -48.15 -13.89
C LYS O 520 14.21 -49.60 -14.23
N ILE O 521 13.33 -50.23 -13.44
CA ILE O 521 13.01 -51.63 -13.60
C ILE O 521 12.07 -51.88 -14.79
N ILE O 522 11.39 -50.85 -15.29
CA ILE O 522 10.59 -51.04 -16.50
C ILE O 522 11.49 -51.37 -17.69
N ASN O 523 12.71 -50.84 -17.71
CA ASN O 523 13.69 -51.24 -18.71
C ASN O 523 14.33 -52.59 -18.39
N SER O 524 14.16 -53.10 -17.17
CA SER O 524 14.67 -54.41 -16.79
C SER O 524 13.65 -55.52 -16.97
N THR O 525 12.37 -55.22 -16.77
CA THR O 525 11.30 -56.20 -16.96
C THR O 525 10.86 -56.26 -18.41
N ALA O 526 10.40 -55.12 -18.96
CA ALA O 526 10.17 -54.99 -20.38
C ALA O 526 11.44 -54.48 -21.06
N LEU O 527 11.39 -54.34 -22.38
CA LEU O 527 12.56 -53.88 -23.13
C LEU O 527 12.07 -53.20 -24.41
N MET O 528 11.99 -51.88 -24.37
CA MET O 528 11.91 -51.05 -25.57
C MET O 528 12.86 -49.88 -25.41
N LYS O 529 12.99 -49.08 -26.46
CA LYS O 529 13.88 -47.93 -26.43
C LYS O 529 13.32 -46.85 -25.51
N GLU O 530 14.23 -46.07 -24.94
CA GLU O 530 13.91 -45.28 -23.76
C GLU O 530 13.08 -44.05 -24.10
N LYS O 531 13.27 -43.47 -25.29
CA LYS O 531 12.58 -42.25 -25.67
C LYS O 531 11.13 -42.48 -26.10
N ASP O 532 10.74 -43.72 -26.38
CA ASP O 532 9.44 -43.98 -26.98
C ASP O 532 8.38 -44.31 -25.94
N ILE O 533 8.76 -44.73 -24.75
CA ILE O 533 7.78 -45.14 -23.74
C ILE O 533 7.13 -43.91 -23.11
N ARG O 534 7.87 -42.82 -22.97
CA ARG O 534 7.33 -41.59 -22.38
C ARG O 534 6.31 -40.94 -23.29
N SER O 535 6.46 -41.09 -24.61
CA SER O 535 5.44 -40.71 -25.58
C SER O 535 4.32 -41.72 -25.69
N THR O 536 4.30 -42.74 -24.83
CA THR O 536 3.21 -43.70 -24.73
C THR O 536 2.65 -43.80 -23.32
N LEU O 537 3.51 -43.74 -22.29
CA LEU O 537 3.03 -43.82 -20.91
C LEU O 537 2.18 -42.62 -20.55
N ALA O 538 2.61 -41.42 -20.97
CA ALA O 538 1.88 -40.20 -20.63
C ALA O 538 0.47 -40.19 -21.22
N SER O 539 0.28 -40.89 -22.34
CA SER O 539 -1.07 -41.11 -22.85
C SER O 539 -1.92 -41.93 -21.89
N LEU O 540 -1.29 -42.77 -21.08
CA LEU O 540 -2.03 -43.58 -20.10
C LEU O 540 -2.20 -42.90 -18.75
N ILE O 541 -1.41 -41.85 -18.47
CA ILE O 541 -1.72 -41.00 -17.33
C ILE O 541 -2.99 -40.19 -17.60
N ARG O 542 -3.16 -39.71 -18.84
CA ARG O 542 -4.28 -38.84 -19.17
C ARG O 542 -5.63 -39.53 -19.09
N TYR O 543 -5.66 -40.86 -19.19
CA TYR O 543 -6.91 -41.61 -19.19
C TYR O 543 -7.10 -42.42 -17.92
N ASN O 544 -6.25 -42.19 -16.90
CA ASN O 544 -6.40 -42.77 -15.57
C ASN O 544 -6.40 -44.29 -15.60
N SER O 545 -5.44 -44.86 -16.33
CA SER O 545 -5.15 -46.28 -16.20
C SER O 545 -3.95 -46.54 -15.31
N VAL O 546 -2.98 -45.63 -15.30
CA VAL O 546 -1.86 -45.66 -14.37
C VAL O 546 -1.97 -44.44 -13.46
N GLU O 547 -1.35 -44.54 -12.29
CA GLU O 547 -1.45 -43.50 -11.27
C GLU O 547 -0.04 -43.13 -10.80
N ILE O 548 0.03 -42.16 -9.90
CA ILE O 548 1.30 -41.63 -9.39
C ILE O 548 1.35 -41.87 -7.90
N GLN O 549 2.47 -42.43 -7.43
CA GLN O 549 2.79 -42.48 -6.01
C GLN O 549 4.08 -41.71 -5.77
N GLU O 550 4.06 -40.82 -4.79
CA GLU O 550 5.17 -39.91 -4.55
C GLU O 550 5.88 -40.29 -3.26
N VAL O 551 7.21 -40.20 -3.27
CA VAL O 551 8.03 -40.42 -2.08
C VAL O 551 8.92 -39.20 -1.88
N PRO O 552 8.84 -38.50 -0.75
CA PRO O 552 9.66 -37.30 -0.58
C PRO O 552 11.04 -37.61 -0.02
N ARG O 553 12.09 -37.17 -0.71
CA ARG O 553 13.44 -37.28 -0.17
C ARG O 553 13.72 -36.18 0.85
N THR O 554 13.16 -35.00 0.64
CA THR O 554 13.36 -33.84 1.51
C THR O 554 12.03 -33.47 2.16
N ALA O 555 12.04 -32.34 2.87
CA ALA O 555 10.86 -31.88 3.59
C ALA O 555 9.91 -31.12 2.66
N ASP O 556 8.63 -31.13 3.03
CA ASP O 556 7.60 -30.29 2.41
C ASP O 556 7.41 -30.62 0.93
N ARG O 557 7.55 -31.89 0.56
CA ARG O 557 7.11 -32.38 -0.75
C ARG O 557 7.83 -31.66 -1.90
N SER O 558 9.13 -31.44 -1.73
CA SER O 558 9.90 -30.74 -2.75
C SER O 558 10.03 -31.61 -4.00
N ALA O 559 9.56 -31.07 -5.13
CA ALA O 559 9.25 -31.89 -6.30
C ALA O 559 10.49 -32.45 -6.97
N SER O 560 11.60 -31.71 -6.94
CA SER O 560 12.83 -32.18 -7.59
C SER O 560 13.45 -33.33 -6.81
N ARG O 561 13.48 -33.25 -5.49
CA ARG O 561 14.03 -34.32 -4.65
C ARG O 561 12.94 -35.34 -4.37
N ALA O 562 12.57 -36.07 -5.43
CA ALA O 562 11.54 -37.09 -5.36
C ALA O 562 11.61 -37.97 -6.60
N VAL O 563 11.24 -39.24 -6.43
CA VAL O 563 10.94 -40.11 -7.56
C VAL O 563 9.47 -40.50 -7.45
N PHE O 564 8.93 -41.03 -8.55
CA PHE O 564 7.50 -41.19 -8.73
C PHE O 564 7.17 -42.64 -9.06
N LEU O 565 6.38 -43.27 -8.20
CA LEU O 565 6.01 -44.67 -8.33
C LEU O 565 4.61 -44.79 -8.91
N PHE O 566 4.27 -45.98 -9.38
CA PHE O 566 3.03 -46.21 -10.11
C PHE O 566 2.13 -47.17 -9.34
N ARG O 567 0.98 -47.48 -9.94
CA ARG O 567 0.03 -48.48 -9.43
C ARG O 567 -0.96 -48.78 -10.54
N CYS O 568 -1.64 -49.92 -10.41
CA CYS O 568 -2.76 -50.21 -11.29
C CYS O 568 -4.05 -49.57 -10.78
N LYS O 569 -4.35 -49.74 -9.49
CA LYS O 569 -5.55 -49.19 -8.85
C LYS O 569 -6.81 -49.68 -9.58
N GLU O 570 -7.06 -50.97 -9.37
CA GLU O 570 -7.97 -51.75 -10.22
C GLU O 570 -9.40 -51.20 -10.26
N THR O 571 -9.77 -50.33 -9.32
CA THR O 571 -11.17 -49.89 -9.24
C THR O 571 -11.42 -48.58 -9.98
N HIS O 572 -10.51 -47.61 -9.88
CA HIS O 572 -10.63 -46.38 -10.66
C HIS O 572 -10.45 -46.61 -12.15
N SER O 573 -9.75 -47.67 -12.56
CA SER O 573 -9.33 -47.80 -13.95
C SER O 573 -10.48 -48.25 -14.86
N TYR O 574 -11.53 -48.86 -14.30
CA TYR O 574 -12.73 -49.20 -15.06
C TYR O 574 -13.76 -48.07 -15.02
N ASN O 575 -13.90 -47.41 -13.87
CA ASN O 575 -14.94 -46.41 -13.67
C ASN O 575 -14.74 -45.15 -14.49
N PHE O 576 -13.51 -44.86 -14.92
CA PHE O 576 -13.31 -43.79 -15.90
C PHE O 576 -13.97 -44.14 -17.23
N MET O 577 -13.63 -45.29 -17.81
CA MET O 577 -14.04 -45.56 -19.18
C MET O 577 -15.50 -46.01 -19.27
N ARG O 578 -16.10 -46.45 -18.17
CA ARG O 578 -17.52 -46.78 -18.20
C ARG O 578 -18.37 -45.54 -18.45
N GLN O 579 -17.98 -44.40 -17.87
CA GLN O 579 -18.63 -43.14 -18.19
C GLN O 579 -18.13 -42.56 -19.51
N ASN O 580 -16.95 -42.97 -19.97
CA ASN O 580 -16.48 -42.59 -21.29
C ASN O 580 -17.24 -43.31 -22.40
N LEU O 581 -17.95 -44.39 -22.06
CA LEU O 581 -18.85 -45.05 -23.01
C LEU O 581 -20.30 -44.68 -22.79
N GLU O 582 -20.71 -44.40 -21.55
CA GLU O 582 -22.09 -43.98 -21.30
C GLU O 582 -22.37 -42.65 -21.98
N TRP O 583 -21.40 -41.73 -21.95
CA TRP O 583 -21.51 -40.51 -22.74
C TRP O 583 -21.44 -40.82 -24.23
N ASN O 584 -20.60 -41.80 -24.61
CA ASN O 584 -20.51 -42.16 -26.03
C ASN O 584 -21.73 -42.92 -26.50
N MET O 585 -22.41 -43.63 -25.60
CA MET O 585 -23.77 -44.09 -25.92
C MET O 585 -24.72 -42.92 -26.09
N ALA O 586 -24.50 -41.85 -25.34
CA ALA O 586 -25.42 -40.73 -25.34
C ALA O 586 -25.14 -39.72 -26.44
N ASN O 587 -23.92 -39.72 -26.99
CA ASN O 587 -23.55 -38.70 -27.96
C ASN O 587 -24.14 -38.98 -29.34
N LEU O 588 -24.12 -40.24 -29.77
CA LEU O 588 -24.45 -40.54 -31.17
C LEU O 588 -25.94 -40.50 -31.44
N LEU O 589 -26.79 -40.80 -30.44
CA LEU O 589 -28.22 -40.70 -30.68
C LEU O 589 -28.75 -39.28 -30.51
N PHE O 590 -27.91 -38.35 -30.05
CA PHE O 590 -28.25 -36.93 -30.22
C PHE O 590 -28.23 -36.54 -31.68
N LYS O 591 -27.32 -37.12 -32.46
CA LYS O 591 -27.30 -36.91 -33.91
C LYS O 591 -28.36 -37.73 -34.62
N LYS O 592 -29.15 -38.52 -33.90
CA LYS O 592 -30.28 -39.22 -34.51
C LYS O 592 -31.48 -38.30 -34.66
N GLU O 593 -31.99 -37.77 -33.55
CA GLU O 593 -33.16 -36.91 -33.62
C GLU O 593 -32.84 -35.52 -34.14
N LYS O 594 -31.59 -35.06 -33.95
CA LYS O 594 -31.17 -33.83 -34.61
C LYS O 594 -31.16 -33.98 -36.12
N LEU O 595 -30.82 -35.18 -36.61
CA LEU O 595 -30.93 -35.47 -38.04
C LEU O 595 -32.37 -35.47 -38.50
N LYS O 596 -33.30 -35.85 -37.61
CA LYS O 596 -34.72 -35.77 -37.91
C LYS O 596 -35.27 -34.36 -37.84
N GLN O 597 -34.54 -33.42 -37.24
CA GLN O 597 -35.03 -32.04 -37.20
C GLN O 597 -34.95 -31.39 -38.57
N GLU O 598 -33.81 -31.51 -39.24
CA GLU O 598 -33.75 -31.22 -40.67
C GLU O 598 -34.37 -32.37 -41.46
N ASN O 599 -34.73 -32.07 -42.71
CA ASN O 599 -35.46 -33.01 -43.56
C ASN O 599 -36.76 -33.47 -42.92
N SER O 600 -37.42 -32.57 -42.18
CA SER O 600 -38.65 -32.90 -41.50
C SER O 600 -39.89 -32.67 -42.34
N THR O 601 -39.77 -31.90 -43.43
CA THR O 601 -40.93 -31.59 -44.25
C THR O 601 -41.37 -32.77 -45.10
N LEU O 602 -40.52 -33.77 -45.31
CA LEU O 602 -40.85 -34.92 -46.15
C LEU O 602 -41.11 -36.20 -45.38
N LEU O 603 -40.56 -36.34 -44.18
CA LEU O 603 -40.97 -37.47 -43.33
C LEU O 603 -42.41 -37.31 -42.86
N LYS O 604 -42.87 -36.06 -42.70
CA LYS O 604 -44.30 -35.83 -42.47
C LYS O 604 -45.11 -36.20 -43.71
N LYS O 605 -44.55 -35.97 -44.90
CA LYS O 605 -45.19 -36.40 -46.13
C LYS O 605 -45.10 -37.91 -46.31
N ALA O 606 -43.99 -38.52 -45.88
CA ALA O 606 -43.84 -39.97 -45.95
C ALA O 606 -44.65 -40.69 -44.87
N ASN O 607 -45.15 -39.97 -43.87
CA ASN O 607 -46.11 -40.53 -42.92
C ASN O 607 -47.54 -40.17 -43.27
N ARG O 608 -47.77 -39.54 -44.43
CA ARG O 608 -49.09 -39.10 -44.85
C ARG O 608 -49.68 -39.96 -45.97
N ASP O 609 -48.84 -40.52 -46.85
CA ASP O 609 -49.35 -41.31 -47.95
C ASP O 609 -50.03 -42.60 -47.48
N ASP O 610 -49.57 -43.16 -46.37
CA ASP O 610 -50.14 -44.40 -45.84
C ASP O 610 -50.67 -44.21 -44.43
N LEU O 619 -45.19 -37.98 -54.85
CA LEU O 619 -44.03 -38.84 -55.04
C LEU O 619 -43.01 -38.19 -55.99
N LEU O 620 -42.36 -37.14 -55.51
CA LEU O 620 -41.48 -36.36 -56.38
C LEU O 620 -40.20 -37.15 -56.66
N PRO O 621 -39.70 -37.13 -57.89
CA PRO O 621 -38.59 -38.03 -58.23
C PRO O 621 -37.26 -37.62 -57.60
N SER O 622 -36.94 -36.33 -57.62
CA SER O 622 -35.64 -35.89 -57.11
C SER O 622 -35.59 -35.87 -55.59
N GLU O 623 -36.75 -35.72 -54.93
CA GLU O 623 -36.79 -35.68 -53.48
C GLU O 623 -36.65 -37.07 -52.85
N LEU O 624 -36.90 -38.13 -53.63
CA LEU O 624 -36.82 -39.48 -53.10
C LEU O 624 -35.40 -39.86 -52.74
N ASN O 625 -34.40 -39.28 -53.42
CA ASN O 625 -33.01 -39.60 -53.13
C ASN O 625 -32.60 -39.09 -51.75
N GLN O 626 -33.00 -37.86 -51.40
CA GLN O 626 -32.61 -37.33 -50.09
C GLN O 626 -33.42 -37.93 -48.95
N LEU O 627 -34.37 -38.83 -49.24
CA LEU O 627 -34.93 -39.71 -48.22
C LEU O 627 -34.12 -40.99 -48.05
N LYS O 628 -33.32 -41.37 -49.05
CA LYS O 628 -32.46 -42.53 -48.91
C LYS O 628 -31.14 -42.21 -48.23
N MET O 629 -30.55 -41.05 -48.54
CA MET O 629 -29.28 -40.68 -47.92
C MET O 629 -29.42 -40.37 -46.44
N VAL O 630 -30.62 -40.00 -45.98
CA VAL O 630 -30.89 -39.91 -44.55
C VAL O 630 -31.36 -41.26 -44.01
N ASN O 631 -31.35 -42.30 -44.84
CA ASN O 631 -31.78 -43.62 -44.40
C ASN O 631 -30.64 -44.59 -44.17
N GLU O 632 -29.65 -44.66 -45.05
CA GLU O 632 -28.53 -45.58 -44.82
C GLU O 632 -27.55 -45.05 -43.79
N ARG O 633 -27.57 -43.75 -43.51
CA ARG O 633 -26.65 -43.18 -42.53
C ARG O 633 -27.13 -43.44 -41.10
N GLU O 634 -28.44 -43.32 -40.86
CA GLU O 634 -28.99 -43.77 -39.59
C GLU O 634 -29.00 -45.29 -39.48
N LEU O 635 -28.98 -46.00 -40.61
CA LEU O 635 -28.79 -47.45 -40.56
C LEU O 635 -27.41 -47.82 -40.03
N ASN O 636 -26.41 -46.97 -40.28
CA ASN O 636 -25.09 -47.18 -39.69
C ASN O 636 -25.07 -46.91 -38.19
N VAL O 637 -26.02 -46.14 -37.68
CA VAL O 637 -25.98 -45.72 -36.29
C VAL O 637 -26.31 -46.90 -35.36
N PHE O 638 -27.38 -47.63 -35.68
CA PHE O 638 -27.82 -48.71 -34.79
C PHE O 638 -26.82 -49.86 -34.78
N ALA O 639 -26.11 -50.07 -35.88
CA ALA O 639 -24.99 -51.02 -35.86
C ALA O 639 -23.85 -50.49 -34.99
N ARG O 640 -23.52 -49.21 -35.11
CA ARG O 640 -22.50 -48.61 -34.26
C ARG O 640 -22.98 -48.40 -32.83
N LEU O 641 -24.29 -48.42 -32.60
CA LEU O 641 -24.81 -48.40 -31.23
C LEU O 641 -24.76 -49.78 -30.60
N SER O 642 -24.88 -50.84 -31.40
CA SER O 642 -24.90 -52.19 -30.86
C SER O 642 -23.50 -52.69 -30.49
N ARG O 643 -22.48 -52.28 -31.26
CA ARG O 643 -21.15 -52.83 -31.06
C ARG O 643 -20.53 -52.33 -29.75
N LEU O 644 -20.69 -51.04 -29.45
CA LEU O 644 -20.19 -50.52 -28.20
C LEU O 644 -21.13 -50.78 -27.03
N LEU O 645 -22.35 -51.24 -27.30
CA LEU O 645 -23.23 -51.69 -26.22
C LEU O 645 -22.68 -52.94 -25.55
N SER O 646 -22.07 -53.83 -26.33
CA SER O 646 -21.45 -55.03 -25.77
C SER O 646 -20.16 -54.70 -25.04
N LEU O 647 -19.40 -53.72 -25.54
CA LEU O 647 -18.17 -53.31 -24.85
C LEU O 647 -18.46 -52.58 -23.55
N TRP O 648 -19.69 -52.08 -23.37
CA TRP O 648 -20.07 -51.38 -22.14
C TRP O 648 -20.65 -52.33 -21.10
N GLU O 649 -21.52 -53.25 -21.53
CA GLU O 649 -22.32 -54.05 -20.62
C GLU O 649 -21.50 -55.01 -19.76
N VAL O 650 -20.22 -55.21 -20.09
CA VAL O 650 -19.37 -56.05 -19.26
C VAL O 650 -19.03 -55.36 -17.94
N PHE O 651 -19.13 -54.03 -17.90
CA PHE O 651 -18.79 -53.26 -16.72
C PHE O 651 -19.96 -53.11 -15.76
N GLN O 652 -21.03 -53.87 -15.95
CA GLN O 652 -22.14 -53.93 -15.00
C GLN O 652 -22.03 -55.12 -14.04
N MET O 653 -21.05 -55.99 -14.22
CA MET O 653 -20.87 -57.15 -13.35
C MET O 653 -20.11 -56.70 -12.11
N ALA O 654 -20.81 -56.01 -11.22
CA ALA O 654 -20.22 -55.48 -10.00
C ALA O 654 -20.48 -56.41 -8.81
N LEU P 11 72.28 -47.83 2.72
CA LEU P 11 71.39 -46.76 2.25
C LEU P 11 70.53 -47.25 1.08
N SER P 12 71.13 -47.29 -0.11
CA SER P 12 70.37 -47.70 -1.29
C SER P 12 70.08 -49.20 -1.26
N ASP P 13 71.05 -50.01 -0.81
CA ASP P 13 70.91 -51.45 -0.87
C ASP P 13 69.81 -51.97 0.04
N ASN P 14 69.60 -51.29 1.18
CA ASN P 14 68.48 -51.63 2.05
C ASN P 14 67.14 -51.32 1.38
N ALA P 15 67.09 -50.30 0.54
CA ALA P 15 65.89 -50.05 -0.25
C ALA P 15 65.75 -51.04 -1.41
N LYS P 16 66.86 -51.57 -1.92
CA LYS P 16 66.78 -52.55 -3.00
C LYS P 16 66.28 -53.89 -2.51
N THR P 17 66.53 -54.22 -1.24
CA THR P 17 66.03 -55.47 -0.68
C THR P 17 64.52 -55.42 -0.45
N LEU P 18 64.01 -54.29 0.02
CA LEU P 18 62.61 -54.25 0.48
C LEU P 18 61.63 -54.28 -0.69
N HIS P 19 61.97 -53.60 -1.80
CA HIS P 19 61.03 -53.59 -2.91
C HIS P 19 61.03 -54.91 -3.67
N SER P 20 62.14 -55.64 -3.63
CA SER P 20 62.15 -57.01 -4.13
C SER P 20 61.25 -57.92 -3.31
N GLN P 21 61.10 -57.62 -2.02
CA GLN P 21 60.09 -58.30 -1.21
C GLN P 21 58.69 -57.81 -1.54
N MET P 22 58.54 -56.53 -1.91
CA MET P 22 57.23 -56.03 -2.27
C MET P 22 56.76 -56.62 -3.61
N MET P 23 57.67 -56.80 -4.55
CA MET P 23 57.34 -57.40 -5.84
C MET P 23 57.46 -58.92 -5.82
N SER P 24 57.82 -59.50 -4.68
CA SER P 24 57.97 -60.95 -4.58
C SER P 24 56.63 -61.67 -4.75
N LYS P 25 55.62 -61.22 -4.00
CA LYS P 25 54.30 -61.83 -4.05
C LYS P 25 53.47 -61.22 -5.18
N GLY P 26 52.48 -62.00 -5.62
CA GLY P 26 51.50 -61.48 -6.57
C GLY P 26 50.65 -60.37 -5.97
N ILE P 27 50.35 -59.38 -6.81
CA ILE P 27 49.93 -58.03 -6.43
C ILE P 27 48.87 -58.02 -5.32
N GLY P 28 48.01 -59.03 -5.27
CA GLY P 28 47.10 -59.19 -4.16
C GLY P 28 47.81 -59.48 -2.84
N ALA P 29 46.97 -59.77 -1.84
CA ALA P 29 47.42 -60.00 -0.46
C ALA P 29 48.24 -58.79 0.03
N LEU P 30 47.52 -57.68 0.16
CA LEU P 30 48.12 -56.36 0.36
C LEU P 30 48.91 -56.30 1.66
N PHE P 31 50.18 -55.95 1.55
CA PHE P 31 51.12 -56.10 2.66
C PHE P 31 50.88 -55.05 3.74
N THR P 32 51.42 -55.30 4.92
CA THR P 32 51.29 -54.37 6.03
C THR P 32 52.57 -54.41 6.87
N GLN P 33 52.59 -53.62 7.94
CA GLN P 33 53.80 -53.51 8.75
C GLN P 33 53.98 -54.69 9.69
N GLN P 34 52.88 -55.30 10.14
CA GLN P 34 52.97 -56.34 11.18
C GLN P 34 53.70 -57.57 10.67
N GLU P 35 53.66 -57.82 9.37
CA GLU P 35 54.48 -58.85 8.75
C GLU P 35 55.78 -58.31 8.16
N LEU P 36 55.88 -56.99 7.96
CA LEU P 36 57.08 -56.42 7.35
C LEU P 36 58.24 -56.41 8.34
N GLN P 37 57.98 -56.07 9.60
CA GLN P 37 59.04 -56.11 10.61
C GLN P 37 59.43 -57.55 10.94
N LYS P 38 58.50 -58.50 10.78
CA LYS P 38 58.88 -59.91 10.75
C LYS P 38 59.76 -60.23 9.57
N GLN P 39 59.54 -59.57 8.43
CA GLN P 39 60.26 -59.88 7.20
C GLN P 39 61.56 -59.08 7.08
N MET P 40 61.51 -57.78 7.37
CA MET P 40 62.68 -56.91 7.33
C MET P 40 62.78 -56.19 8.66
N GLY P 41 63.42 -56.84 9.63
CA GLY P 41 63.57 -56.28 10.96
C GLY P 41 65.00 -56.24 11.44
N ILE P 42 65.94 -56.21 10.50
CA ILE P 42 67.36 -56.14 10.87
C ILE P 42 67.68 -54.79 11.51
N GLY P 43 66.96 -53.74 11.13
CA GLY P 43 67.06 -52.46 11.79
C GLY P 43 65.89 -52.19 12.71
N SER P 44 66.07 -51.22 13.60
CA SER P 44 64.98 -50.76 14.44
C SER P 44 63.99 -49.92 13.64
N LEU P 45 62.81 -49.72 14.20
CA LEU P 45 61.73 -49.03 13.50
C LEU P 45 62.06 -47.58 13.23
N THR P 46 63.02 -47.00 13.95
CA THR P 46 63.36 -45.59 13.77
C THR P 46 64.04 -45.32 12.43
N ASP P 47 64.93 -46.21 11.99
CA ASP P 47 65.56 -46.04 10.67
C ASP P 47 64.90 -46.87 9.57
N LEU P 48 64.05 -47.85 9.93
CA LEU P 48 63.29 -48.54 8.89
C LEU P 48 62.31 -47.60 8.21
N MET P 49 61.60 -46.79 8.99
CA MET P 49 60.68 -45.80 8.43
C MET P 49 61.41 -44.77 7.58
N SER P 50 62.64 -44.42 7.97
CA SER P 50 63.34 -43.32 7.31
C SER P 50 63.74 -43.66 5.88
N ILE P 51 64.00 -44.93 5.59
CA ILE P 51 64.27 -45.32 4.22
C ILE P 51 62.97 -45.54 3.45
N VAL P 52 61.88 -45.88 4.15
CA VAL P 52 60.59 -46.02 3.48
C VAL P 52 60.03 -44.65 3.13
N GLN P 53 60.21 -43.66 4.02
CA GLN P 53 59.90 -42.29 3.68
C GLN P 53 60.82 -41.75 2.59
N GLU P 54 62.07 -42.22 2.57
CA GLU P 54 62.94 -41.94 1.41
C GLU P 54 62.47 -42.71 0.18
N LEU P 55 61.86 -43.88 0.38
CA LEU P 55 61.28 -44.62 -0.74
C LEU P 55 59.95 -43.99 -1.16
N LEU P 56 59.25 -43.34 -0.22
CA LEU P 56 58.18 -42.42 -0.59
C LEU P 56 58.73 -41.21 -1.32
N ASP P 57 59.93 -40.75 -0.96
CA ASP P 57 60.57 -39.69 -1.73
C ASP P 57 61.03 -40.20 -3.10
N LYS P 58 61.30 -41.49 -3.22
CA LYS P 58 61.51 -42.13 -4.51
C LYS P 58 60.21 -42.69 -5.08
N ASN P 59 59.06 -42.24 -4.57
CA ASN P 59 57.72 -42.34 -5.13
C ASN P 59 57.41 -43.68 -5.79
N LEU P 60 57.85 -44.79 -5.19
CA LEU P 60 57.48 -46.11 -5.66
C LEU P 60 56.40 -46.74 -4.78
N ILE P 61 56.63 -46.77 -3.47
CA ILE P 61 55.64 -47.29 -2.53
C ILE P 61 54.45 -46.34 -2.46
N LYS P 62 53.25 -46.90 -2.42
CA LYS P 62 52.04 -46.13 -2.14
C LYS P 62 51.39 -46.67 -0.87
N LEU P 63 50.43 -45.92 -0.36
CA LEU P 63 49.78 -46.23 0.92
C LEU P 63 48.30 -46.47 0.67
N VAL P 64 47.91 -47.75 0.62
CA VAL P 64 46.55 -48.13 0.35
C VAL P 64 45.85 -48.36 1.68
N LYS P 65 44.52 -48.50 1.65
CA LYS P 65 43.72 -48.50 2.87
C LYS P 65 42.80 -49.72 2.86
N GLN P 66 42.97 -50.59 3.85
CA GLN P 66 41.91 -51.45 4.34
C GLN P 66 41.34 -50.82 5.61
N ASN P 67 40.03 -50.93 5.77
CA ASN P 67 39.28 -49.95 6.55
C ASN P 67 39.74 -49.89 8.01
N ASP P 68 39.82 -48.67 8.53
CA ASP P 68 40.06 -48.31 9.93
C ASP P 68 41.50 -48.54 10.40
N GLU P 69 42.45 -48.82 9.50
CA GLU P 69 43.78 -49.19 9.95
C GLU P 69 44.81 -48.86 8.87
N LEU P 70 46.07 -48.99 9.24
CA LEU P 70 47.19 -48.57 8.39
C LEU P 70 47.64 -49.72 7.49
N LYS P 71 47.80 -49.44 6.20
CA LYS P 71 48.04 -50.49 5.22
C LYS P 71 48.99 -49.95 4.14
N PHE P 72 49.78 -50.85 3.57
CA PHE P 72 50.76 -50.51 2.55
C PHE P 72 50.49 -51.31 1.28
N GLN P 73 51.02 -50.81 0.16
CA GLN P 73 50.98 -51.56 -1.09
C GLN P 73 52.09 -51.08 -2.01
N GLY P 74 52.91 -52.02 -2.50
CA GLY P 74 53.92 -51.71 -3.48
C GLY P 74 53.40 -51.91 -4.90
N VAL P 75 53.84 -51.05 -5.81
CA VAL P 75 53.49 -51.16 -7.22
C VAL P 75 54.76 -51.31 -8.04
N LEU P 76 54.58 -51.68 -9.30
CA LEU P 76 55.71 -52.05 -10.14
C LEU P 76 56.50 -50.82 -10.59
N GLU P 77 57.74 -51.07 -11.02
CA GLU P 77 58.60 -50.00 -11.50
C GLU P 77 58.22 -49.49 -12.88
N SER P 78 57.48 -50.30 -13.66
CA SER P 78 57.21 -49.97 -15.05
C SER P 78 56.31 -48.75 -15.17
N GLU P 79 55.26 -48.67 -14.35
CA GLU P 79 54.42 -47.48 -14.33
C GLU P 79 55.01 -46.34 -13.52
N ALA P 80 56.00 -46.62 -12.66
CA ALA P 80 56.61 -45.56 -11.87
C ALA P 80 57.45 -44.64 -12.74
N GLN P 81 58.14 -45.21 -13.75
CA GLN P 81 58.99 -44.39 -14.62
C GLN P 81 58.17 -43.49 -15.53
N LYS P 82 57.03 -43.99 -16.03
CA LYS P 82 56.27 -43.19 -16.98
C LYS P 82 55.52 -42.06 -16.31
N LYS P 83 55.15 -42.23 -15.04
CA LYS P 83 54.51 -41.14 -14.29
C LYS P 83 55.52 -40.13 -13.77
N ALA P 84 56.80 -40.52 -13.65
CA ALA P 84 57.84 -39.57 -13.29
C ALA P 84 58.14 -38.58 -14.41
N THR P 85 57.75 -38.90 -15.64
CA THR P 85 57.88 -37.94 -16.74
C THR P 85 56.97 -36.74 -16.53
N MET P 86 55.81 -36.94 -15.91
CA MET P 86 54.85 -35.86 -15.71
C MET P 86 55.36 -34.89 -14.64
N SER P 87 54.69 -33.74 -14.55
CA SER P 87 54.96 -32.76 -13.52
C SER P 87 54.15 -33.08 -12.27
N ALA P 88 54.13 -32.13 -11.32
CA ALA P 88 53.43 -32.33 -10.06
C ALA P 88 51.93 -32.51 -10.27
N GLU P 89 51.29 -31.52 -10.92
CA GLU P 89 49.84 -31.59 -11.10
C GLU P 89 49.46 -32.60 -12.18
N GLU P 90 50.37 -32.91 -13.11
CA GLU P 90 50.05 -33.86 -14.18
C GLU P 90 49.90 -35.27 -13.63
N ALA P 91 50.88 -35.71 -12.83
CA ALA P 91 50.81 -37.04 -12.21
C ALA P 91 49.81 -37.10 -11.08
N LEU P 92 49.46 -35.95 -10.49
CA LEU P 92 48.52 -35.94 -9.37
C LEU P 92 47.12 -36.33 -9.83
N VAL P 93 46.67 -35.79 -10.96
CA VAL P 93 45.35 -36.15 -11.48
C VAL P 93 45.36 -37.56 -12.07
N TYR P 94 46.52 -38.06 -12.50
CA TYR P 94 46.60 -39.42 -13.03
C TYR P 94 46.43 -40.45 -11.94
N SER P 95 46.68 -40.09 -10.68
CA SER P 95 46.49 -41.01 -9.57
C SER P 95 45.02 -41.24 -9.28
N TYR P 96 44.18 -40.22 -9.53
CA TYR P 96 42.75 -40.35 -9.23
C TYR P 96 42.06 -41.32 -10.18
N ILE P 97 42.40 -41.27 -11.47
CA ILE P 97 41.76 -42.16 -12.44
C ILE P 97 42.18 -43.60 -12.20
N GLU P 98 43.47 -43.83 -11.89
CA GLU P 98 43.94 -45.19 -11.66
C GLU P 98 43.48 -45.73 -10.31
N ALA P 99 43.10 -44.86 -9.39
CA ALA P 99 42.45 -45.31 -8.16
C ALA P 99 41.03 -45.80 -8.44
N SER P 100 40.34 -45.19 -9.40
CA SER P 100 39.01 -45.64 -9.77
C SER P 100 39.07 -46.97 -10.50
N GLY P 101 39.76 -47.00 -11.64
CA GLY P 101 40.11 -48.26 -12.27
C GLY P 101 39.00 -48.95 -13.04
N ARG P 102 37.97 -49.43 -12.34
CA ARG P 102 37.01 -50.37 -12.91
C ARG P 102 35.71 -49.71 -13.36
N GLU P 103 35.20 -48.74 -12.61
CA GLU P 103 33.95 -48.07 -12.96
C GLU P 103 34.16 -46.66 -13.48
N GLY P 104 35.40 -46.27 -13.77
CA GLY P 104 35.65 -44.92 -14.23
C GLY P 104 35.48 -43.89 -13.11
N ILE P 105 35.47 -42.62 -13.53
CA ILE P 105 35.30 -41.51 -12.61
C ILE P 105 34.78 -40.32 -13.41
N TRP P 106 33.93 -39.52 -12.77
CA TRP P 106 33.25 -38.42 -13.44
C TRP P 106 34.09 -37.15 -13.36
N SER P 107 34.15 -36.43 -14.49
CA SER P 107 35.09 -35.32 -14.63
C SER P 107 34.83 -34.23 -13.59
N LYS P 108 33.55 -33.96 -13.29
CA LYS P 108 33.23 -32.94 -12.30
C LYS P 108 33.62 -33.38 -10.90
N THR P 109 33.57 -34.69 -10.61
CA THR P 109 33.99 -35.15 -9.29
C THR P 109 35.50 -35.07 -9.14
N ILE P 110 36.24 -35.19 -10.24
CA ILE P 110 37.70 -35.03 -10.21
C ILE P 110 38.05 -33.59 -9.83
N LYS P 111 37.31 -32.63 -10.37
CA LYS P 111 37.50 -31.23 -9.98
C LYS P 111 37.21 -31.02 -8.50
N ALA P 112 36.23 -31.74 -7.95
CA ALA P 112 35.91 -31.59 -6.54
C ALA P 112 37.03 -32.12 -5.63
N ARG P 113 37.76 -33.15 -6.06
CA ARG P 113 38.80 -33.73 -5.23
C ARG P 113 40.15 -33.06 -5.42
N THR P 114 40.24 -32.01 -6.23
CA THR P 114 41.50 -31.30 -6.47
C THR P 114 41.48 -29.86 -5.99
N ASN P 115 40.37 -29.15 -6.17
CA ASN P 115 40.18 -27.71 -6.10
C ASN P 115 40.74 -27.02 -7.35
N LEU P 116 41.40 -27.74 -8.25
CA LEU P 116 41.82 -27.17 -9.52
C LEU P 116 40.58 -26.92 -10.38
N HIS P 117 40.44 -25.70 -10.90
CA HIS P 117 39.20 -25.32 -11.57
C HIS P 117 39.19 -25.85 -13.00
N GLN P 118 38.15 -25.47 -13.75
CA GLN P 118 37.78 -26.25 -14.94
C GLN P 118 38.81 -26.16 -16.04
N HIS P 119 39.57 -25.07 -16.12
CA HIS P 119 40.50 -24.91 -17.22
C HIS P 119 41.77 -25.73 -17.01
N VAL P 120 42.30 -25.74 -15.79
CA VAL P 120 43.60 -26.37 -15.56
C VAL P 120 43.49 -27.88 -15.53
N VAL P 121 42.32 -28.43 -15.22
CA VAL P 121 42.15 -29.87 -15.26
C VAL P 121 41.97 -30.35 -16.69
N LEU P 122 41.25 -29.58 -17.52
CA LEU P 122 41.00 -29.99 -18.89
C LEU P 122 42.25 -29.82 -19.76
N LYS P 123 43.09 -28.83 -19.44
CA LYS P 123 44.34 -28.65 -20.15
C LYS P 123 45.33 -29.76 -19.82
N CYS P 124 45.21 -30.36 -18.63
CA CYS P 124 46.13 -31.42 -18.23
C CYS P 124 45.81 -32.71 -18.98
N LEU P 125 44.54 -33.12 -18.99
CA LEU P 125 44.17 -34.39 -19.57
C LEU P 125 44.14 -34.34 -21.10
N LYS P 126 44.06 -33.13 -21.67
CA LYS P 126 44.25 -32.99 -23.12
C LYS P 126 45.63 -33.48 -23.53
N SER P 127 46.65 -33.18 -22.73
CA SER P 127 47.98 -33.75 -22.98
C SER P 127 48.02 -35.22 -22.64
N LEU P 128 47.21 -35.66 -21.67
CA LEU P 128 47.35 -37.00 -21.12
C LEU P 128 46.79 -38.06 -22.06
N GLU P 129 45.77 -37.71 -22.86
CA GLU P 129 45.28 -38.63 -23.86
C GLU P 129 46.29 -38.85 -24.99
N SER P 130 47.06 -37.82 -25.33
CA SER P 130 48.12 -37.98 -26.31
C SER P 130 49.25 -38.84 -25.79
N GLN P 131 49.40 -38.94 -24.47
CA GLN P 131 50.32 -39.87 -23.83
C GLN P 131 49.74 -41.26 -23.70
N ARG P 132 48.53 -41.48 -24.20
CA ARG P 132 47.98 -42.83 -24.43
C ARG P 132 47.83 -43.60 -23.13
N TYR P 133 47.39 -42.91 -22.08
CA TYR P 133 47.18 -43.53 -20.78
C TYR P 133 45.72 -43.52 -20.35
N VAL P 134 44.84 -42.91 -21.13
CA VAL P 134 43.47 -42.64 -20.71
C VAL P 134 42.57 -42.61 -21.93
N LYS P 135 41.46 -43.35 -21.86
CA LYS P 135 40.43 -43.32 -22.90
C LYS P 135 39.10 -42.88 -22.30
N SER P 136 38.16 -42.54 -23.17
CA SER P 136 36.85 -42.08 -22.77
C SER P 136 35.79 -43.04 -23.28
N VAL P 137 34.95 -43.55 -22.39
CA VAL P 137 33.89 -44.48 -22.73
C VAL P 137 32.54 -43.81 -22.50
N LYS P 138 31.49 -44.41 -23.07
CA LYS P 138 30.12 -43.94 -22.91
C LYS P 138 29.40 -44.90 -21.96
N SER P 139 29.02 -44.40 -20.79
CA SER P 139 28.36 -45.20 -19.78
C SER P 139 26.87 -44.87 -19.74
N VAL P 140 26.08 -45.83 -19.28
CA VAL P 140 24.64 -45.83 -19.53
C VAL P 140 23.81 -45.66 -18.26
N LYS P 141 24.36 -45.93 -17.08
CA LYS P 141 23.62 -45.71 -15.84
C LYS P 141 23.50 -44.24 -15.51
N PHE P 142 24.38 -43.41 -16.06
CA PHE P 142 24.16 -41.96 -16.17
C PHE P 142 24.66 -41.54 -17.55
N PRO P 143 23.77 -41.40 -18.53
CA PRO P 143 24.20 -41.06 -19.89
C PRO P 143 24.74 -39.65 -19.98
N THR P 144 25.56 -39.45 -21.02
CA THR P 144 26.12 -38.15 -21.39
C THR P 144 26.91 -37.53 -20.24
N ARG P 145 27.80 -38.33 -19.65
CA ARG P 145 28.75 -37.85 -18.66
C ARG P 145 30.14 -38.29 -19.07
N LYS P 146 31.16 -37.53 -18.66
CA LYS P 146 32.52 -37.84 -19.05
C LYS P 146 33.10 -38.90 -18.12
N ILE P 147 33.41 -40.07 -18.66
CA ILE P 147 33.92 -41.19 -17.89
C ILE P 147 35.29 -41.57 -18.44
N TYR P 148 36.29 -41.63 -17.57
CA TYR P 148 37.66 -41.92 -17.97
C TYR P 148 38.12 -43.22 -17.34
N MET P 149 38.86 -44.02 -18.10
CA MET P 149 39.53 -45.20 -17.57
C MET P 149 40.94 -45.27 -18.15
N LEU P 150 41.64 -46.36 -17.83
CA LEU P 150 42.92 -46.68 -18.46
C LEU P 150 42.63 -47.37 -19.79
N TYR P 151 43.65 -47.99 -20.38
CA TYR P 151 43.46 -48.89 -21.51
C TYR P 151 43.12 -50.31 -21.08
N SER P 152 42.80 -50.52 -19.80
CA SER P 152 42.61 -51.85 -19.26
C SER P 152 41.19 -52.37 -19.46
N LEU P 153 40.27 -51.52 -19.90
CA LEU P 153 39.01 -51.93 -20.52
C LEU P 153 38.16 -52.73 -19.55
N GLN P 154 37.54 -52.03 -18.59
CA GLN P 154 36.47 -52.58 -17.76
C GLN P 154 35.16 -51.84 -18.08
N PRO P 155 34.43 -52.26 -19.10
CA PRO P 155 33.03 -51.78 -19.24
C PRO P 155 32.03 -52.73 -18.61
N SER P 156 32.12 -52.86 -17.28
CA SER P 156 31.15 -53.66 -16.55
C SER P 156 29.75 -53.04 -16.59
N VAL P 157 29.68 -51.72 -16.69
CA VAL P 157 28.41 -51.03 -16.91
C VAL P 157 28.00 -51.17 -18.37
N GLU P 169 20.11 -57.65 -24.44
CA GLU P 169 21.36 -57.41 -23.72
C GLU P 169 21.84 -55.97 -23.88
N LEU P 170 22.23 -55.61 -25.09
CA LEU P 170 22.72 -54.27 -25.37
C LEU P 170 21.56 -53.29 -25.47
N ASP P 171 21.82 -52.04 -25.07
CA ASP P 171 20.75 -51.07 -24.85
C ASP P 171 20.03 -50.68 -26.14
N ILE P 172 20.73 -50.68 -27.27
CA ILE P 172 20.14 -50.28 -28.54
C ILE P 172 19.31 -51.43 -29.09
N GLU P 173 18.53 -51.17 -30.14
CA GLU P 173 17.45 -52.03 -30.58
C GLU P 173 18.03 -53.22 -31.34
N PHE P 174 17.16 -53.94 -32.06
CA PHE P 174 17.41 -55.23 -32.72
C PHE P 174 17.37 -56.40 -31.75
N ILE P 175 16.71 -56.22 -30.60
CA ILE P 175 16.35 -57.35 -29.75
C ILE P 175 15.22 -58.14 -30.39
N ASN P 176 14.39 -57.48 -31.21
CA ASN P 176 13.27 -58.15 -31.85
C ASN P 176 13.71 -59.27 -32.78
N SER P 177 14.89 -59.13 -33.40
CA SER P 177 15.39 -60.20 -34.26
C SER P 177 15.65 -61.47 -33.45
N LEU P 178 16.15 -61.32 -32.23
CA LEU P 178 16.18 -62.44 -31.30
C LEU P 178 14.78 -62.87 -30.89
N LEU P 179 13.85 -61.91 -30.81
CA LEU P 179 12.56 -62.14 -30.18
C LEU P 179 11.57 -62.79 -31.15
N THR P 180 11.63 -62.42 -32.43
CA THR P 180 10.65 -62.90 -33.39
C THR P 180 10.90 -64.35 -33.80
N ILE P 181 12.13 -64.85 -33.64
CA ILE P 181 12.43 -66.23 -34.01
C ILE P 181 12.01 -67.20 -32.92
N VAL P 182 12.13 -66.80 -31.65
CA VAL P 182 11.83 -67.70 -30.55
C VAL P 182 10.33 -67.93 -30.41
N TRP P 183 9.50 -67.02 -30.94
CA TRP P 183 8.07 -67.31 -31.03
C TRP P 183 7.79 -68.39 -32.05
N ARG P 184 8.54 -68.41 -33.15
CA ARG P 184 8.29 -69.39 -34.21
C ARG P 184 8.62 -70.81 -33.75
N PHE P 185 9.60 -70.95 -32.86
CA PHE P 185 9.94 -72.27 -32.33
C PHE P 185 8.85 -72.81 -31.42
N ILE P 186 8.14 -71.93 -30.72
CA ILE P 186 7.04 -72.37 -29.84
C ILE P 186 5.73 -72.47 -30.60
N SER P 187 5.62 -71.88 -31.78
CA SER P 187 4.37 -71.92 -32.54
C SER P 187 4.03 -73.34 -32.98
N GLU P 188 5.05 -74.09 -33.43
CA GLU P 188 4.84 -75.50 -33.73
C GLU P 188 4.72 -76.36 -32.48
N ASN P 189 5.26 -75.89 -31.36
CA ASN P 189 5.30 -76.66 -30.11
C ASN P 189 6.00 -78.01 -30.32
N THR P 218 12.39 -73.75 -20.30
CA THR P 218 13.27 -72.71 -20.79
C THR P 218 14.61 -73.28 -21.25
N GLN P 219 14.90 -74.51 -20.82
CA GLN P 219 16.14 -75.16 -21.24
C GLN P 219 16.10 -75.59 -22.71
N GLU P 220 14.90 -75.83 -23.24
CA GLU P 220 14.78 -76.25 -24.64
C GLU P 220 15.14 -75.15 -25.61
N ILE P 221 15.16 -73.89 -25.17
CA ILE P 221 15.51 -72.79 -26.05
C ILE P 221 17.03 -72.69 -26.22
N LEU P 222 17.79 -73.11 -25.20
CA LEU P 222 19.21 -72.76 -25.14
C LEU P 222 20.03 -73.49 -26.19
N GLU P 223 19.63 -74.69 -26.58
CA GLU P 223 20.30 -75.37 -27.68
C GLU P 223 19.94 -74.77 -29.03
N PHE P 224 18.72 -74.23 -29.17
CA PHE P 224 18.28 -73.72 -30.45
C PHE P 224 18.93 -72.39 -30.80
N ILE P 225 19.26 -71.58 -29.79
CA ILE P 225 19.80 -70.25 -30.03
C ILE P 225 21.28 -70.26 -30.37
N THR P 226 21.96 -71.39 -30.18
CA THR P 226 23.37 -71.47 -30.54
C THR P 226 23.57 -71.48 -32.05
N ALA P 227 22.69 -72.15 -32.77
CA ALA P 227 22.81 -72.31 -34.22
C ALA P 227 22.25 -71.09 -34.95
N ALA P 228 22.11 -71.23 -36.27
CA ALA P 228 21.45 -70.27 -37.15
C ALA P 228 22.16 -68.93 -37.21
N GLN P 229 23.48 -68.94 -36.99
CA GLN P 229 24.37 -67.78 -37.15
C GLN P 229 23.82 -66.50 -36.52
N VAL P 230 23.19 -66.64 -35.35
CA VAL P 230 22.62 -65.46 -34.70
C VAL P 230 23.76 -64.58 -34.16
N ALA P 231 23.62 -63.27 -34.35
CA ALA P 231 24.67 -62.32 -34.00
C ALA P 231 24.68 -62.05 -32.49
N ASN P 232 25.13 -63.05 -31.74
CA ASN P 232 25.21 -62.94 -30.29
C ASN P 232 26.62 -63.29 -29.83
N VAL P 233 26.94 -62.90 -28.59
CA VAL P 233 28.28 -63.12 -28.07
C VAL P 233 28.26 -63.85 -26.73
N GLU P 234 27.21 -63.63 -25.94
CA GLU P 234 27.04 -64.29 -24.64
C GLU P 234 25.56 -64.37 -24.31
N LEU P 235 25.04 -65.57 -24.14
CA LEU P 235 23.71 -65.79 -23.62
C LEU P 235 23.76 -66.46 -22.25
N THR P 236 22.61 -66.49 -21.58
CA THR P 236 22.48 -67.08 -20.27
C THR P 236 21.03 -67.50 -20.08
N PRO P 237 20.75 -68.51 -19.26
CA PRO P 237 19.36 -68.87 -18.98
C PRO P 237 18.54 -67.75 -18.36
N SER P 238 19.20 -66.79 -17.68
CA SER P 238 18.46 -65.64 -17.16
C SER P 238 17.98 -64.73 -18.27
N ASN P 239 18.71 -64.65 -19.38
CA ASN P 239 18.34 -63.74 -20.46
C ASN P 239 17.10 -64.24 -21.21
N ILE P 240 16.99 -65.56 -21.38
CA ILE P 240 15.83 -66.11 -22.08
C ILE P 240 14.58 -65.99 -21.22
N ARG P 241 14.74 -66.07 -19.89
CA ARG P 241 13.62 -65.77 -19.00
C ARG P 241 13.16 -64.32 -19.15
N SER P 242 14.10 -63.39 -19.32
CA SER P 242 13.73 -62.00 -19.56
C SER P 242 13.20 -61.82 -20.99
N LEU P 243 13.76 -62.54 -21.95
CA LEU P 243 13.32 -62.43 -23.34
C LEU P 243 11.92 -62.99 -23.55
N CYS P 244 11.47 -63.91 -22.70
CA CYS P 244 10.17 -64.54 -22.90
C CYS P 244 9.02 -63.74 -22.29
N GLU P 245 9.26 -63.00 -21.21
CA GLU P 245 8.16 -62.38 -20.48
C GLU P 245 7.64 -61.12 -21.17
N VAL P 246 8.39 -60.58 -22.14
CA VAL P 246 7.85 -59.52 -22.99
C VAL P 246 6.68 -60.04 -23.81
N LEU P 247 6.78 -61.28 -24.29
CA LEU P 247 5.69 -61.89 -25.05
C LEU P 247 4.51 -62.23 -24.14
N VAL P 248 4.77 -62.48 -22.86
CA VAL P 248 3.69 -62.70 -21.90
C VAL P 248 2.86 -61.45 -21.73
N TYR P 249 3.50 -60.28 -21.75
CA TYR P 249 2.78 -59.03 -21.61
C TYR P 249 1.99 -58.69 -22.87
N ASP P 250 2.44 -59.15 -24.02
CA ASP P 250 1.70 -59.00 -25.27
C ASP P 250 0.65 -60.08 -25.47
N ASP P 251 0.59 -61.08 -24.58
CA ASP P 251 -0.24 -62.27 -24.74
C ASP P 251 0.02 -62.97 -26.07
N LYS P 252 1.28 -63.02 -26.48
CA LYS P 252 1.67 -63.85 -27.61
C LYS P 252 1.77 -65.32 -27.24
N LEU P 253 2.20 -65.62 -26.01
CA LEU P 253 2.10 -66.96 -25.46
C LEU P 253 2.01 -66.87 -23.94
N GLU P 254 1.80 -68.01 -23.30
CA GLU P 254 1.30 -68.09 -21.94
C GLU P 254 2.30 -68.84 -21.07
N LYS P 255 2.29 -68.55 -19.77
CA LYS P 255 3.16 -69.18 -18.80
C LYS P 255 2.37 -70.19 -17.97
N VAL P 256 2.75 -71.46 -18.05
CA VAL P 256 2.09 -72.52 -17.29
C VAL P 256 3.13 -73.35 -16.55
N THR P 257 2.79 -73.72 -15.31
CA THR P 257 3.56 -74.62 -14.45
C THR P 257 4.98 -74.10 -14.20
N HIS P 258 5.11 -72.78 -14.07
CA HIS P 258 6.28 -72.10 -13.48
C HIS P 258 7.53 -72.15 -14.35
N ASP P 259 7.55 -73.00 -15.38
CA ASP P 259 8.57 -72.88 -16.42
C ASP P 259 8.08 -73.18 -17.83
N CYS P 260 6.94 -73.83 -18.01
CA CYS P 260 6.50 -74.20 -19.36
C CYS P 260 5.75 -73.04 -20.00
N TYR P 261 5.55 -73.14 -21.31
CA TYR P 261 4.94 -72.07 -22.08
C TYR P 261 4.08 -72.66 -23.18
N ARG P 262 2.83 -72.19 -23.27
CA ARG P 262 1.93 -72.54 -24.35
C ARG P 262 1.49 -71.27 -25.07
N VAL P 263 1.07 -71.44 -26.33
CA VAL P 263 0.77 -70.33 -27.21
C VAL P 263 -0.68 -69.92 -27.04
N THR P 264 -0.92 -68.61 -27.01
CA THR P 264 -2.27 -68.07 -26.85
C THR P 264 -3.02 -67.97 -28.19
N LEU P 265 -2.56 -68.70 -29.20
CA LEU P 265 -3.15 -68.72 -30.55
C LEU P 265 -3.37 -67.30 -31.08
N GLU P 266 -2.29 -66.53 -31.09
CA GLU P 266 -2.24 -65.30 -31.86
C GLU P 266 -1.98 -65.57 -33.35
N SER P 267 -1.64 -66.80 -33.71
CA SER P 267 -1.35 -67.12 -35.11
C SER P 267 -2.57 -66.90 -36.00
N ILE P 268 -3.76 -67.25 -35.51
CA ILE P 268 -4.98 -66.95 -36.26
C ILE P 268 -5.24 -65.45 -36.29
N LEU P 269 -4.84 -64.72 -35.25
CA LEU P 269 -4.90 -63.26 -35.32
C LEU P 269 -3.76 -62.69 -36.15
N GLN P 270 -2.62 -63.39 -36.20
CA GLN P 270 -1.51 -62.94 -37.04
C GLN P 270 -1.85 -63.09 -38.52
N MET P 271 -2.07 -64.32 -38.96
CA MET P 271 -2.29 -64.68 -40.37
C MET P 271 -1.47 -63.85 -41.36
N ILE P 293 -15.41 -58.12 -29.30
CA ILE P 293 -15.36 -58.67 -30.66
C ILE P 293 -13.96 -59.18 -30.99
N PHE P 294 -12.95 -58.56 -30.39
CA PHE P 294 -11.58 -59.09 -30.33
C PHE P 294 -10.99 -59.36 -31.71
N ASN P 295 -11.45 -58.65 -32.74
CA ASN P 295 -10.91 -58.79 -34.09
C ASN P 295 -10.60 -57.41 -34.64
N TYR P 296 -9.38 -56.94 -34.37
CA TYR P 296 -8.98 -55.57 -34.70
C TYR P 296 -8.36 -55.45 -36.09
N PHE P 297 -7.90 -56.55 -36.67
CA PHE P 297 -7.51 -56.60 -38.07
C PHE P 297 -8.71 -56.61 -39.00
N LYS P 298 -8.44 -56.29 -40.27
CA LYS P 298 -9.40 -56.09 -41.36
C LYS P 298 -10.50 -55.09 -41.01
N MET P 299 -10.30 -54.26 -39.98
CA MET P 299 -11.30 -53.29 -39.57
C MET P 299 -10.88 -51.91 -40.09
N PHE P 300 -11.18 -51.67 -41.37
CA PHE P 300 -10.83 -50.35 -41.88
C PHE P 300 -12.02 -49.39 -41.78
N PRO P 301 -11.80 -48.16 -41.34
CA PRO P 301 -12.91 -47.24 -41.12
C PRO P 301 -13.25 -46.47 -42.39
N ALA P 302 -14.36 -45.73 -42.32
CA ALA P 302 -14.75 -44.84 -43.41
C ALA P 302 -14.02 -43.50 -43.29
N SER P 303 -14.25 -42.78 -42.19
CA SER P 303 -13.42 -41.67 -41.72
C SER P 303 -13.51 -40.44 -42.61
N LYS P 304 -14.19 -40.54 -43.76
CA LYS P 304 -14.31 -39.41 -44.67
C LYS P 304 -15.77 -39.19 -45.04
N HIS P 305 -16.20 -37.94 -44.98
CA HIS P 305 -17.56 -37.52 -45.29
C HIS P 305 -18.61 -38.18 -44.38
N ASP P 306 -18.21 -38.62 -43.20
CA ASP P 306 -19.15 -39.21 -42.23
C ASP P 306 -19.01 -38.48 -40.91
N LYS P 307 -19.98 -37.61 -40.59
CA LYS P 307 -19.91 -36.88 -39.34
C LYS P 307 -20.29 -37.74 -38.13
N GLU P 308 -20.90 -38.90 -38.35
CA GLU P 308 -21.45 -39.72 -37.27
C GLU P 308 -20.50 -40.86 -36.93
N VAL P 309 -19.32 -40.48 -36.42
CA VAL P 309 -18.33 -41.45 -35.98
C VAL P 309 -18.21 -41.39 -34.46
N VAL P 310 -17.53 -42.39 -33.91
CA VAL P 310 -17.36 -42.51 -32.46
C VAL P 310 -15.88 -42.43 -32.14
N TYR P 311 -15.53 -41.60 -31.16
CA TYR P 311 -14.14 -41.37 -30.78
C TYR P 311 -13.96 -41.74 -29.32
N PHE P 312 -12.75 -42.17 -28.97
CA PHE P 312 -12.46 -42.49 -27.57
C PHE P 312 -12.04 -41.26 -26.77
N ASP P 313 -11.38 -40.29 -27.40
CA ASP P 313 -11.11 -39.01 -26.78
C ASP P 313 -12.34 -38.11 -26.86
N GLU P 314 -12.13 -36.80 -26.75
CA GLU P 314 -13.16 -35.75 -26.89
C GLU P 314 -14.31 -35.91 -25.90
N TRP P 315 -14.12 -36.73 -24.86
CA TRP P 315 -14.90 -36.61 -23.63
C TRP P 315 -14.21 -35.81 -22.55
N THR P 316 -12.88 -35.76 -22.55
CA THR P 316 -12.15 -34.83 -21.71
C THR P 316 -12.03 -33.46 -22.37
N PHE Q 36 -11.28 -32.98 -35.42
CA PHE Q 36 -10.31 -32.37 -34.51
C PHE Q 36 -9.77 -33.35 -33.46
N PRO Q 37 -10.59 -34.27 -32.95
CA PRO Q 37 -10.02 -35.36 -32.14
C PRO Q 37 -9.73 -36.59 -32.97
N SER Q 38 -8.61 -37.23 -32.65
CA SER Q 38 -8.08 -38.38 -33.36
C SER Q 38 -8.52 -39.68 -32.67
N ILE Q 39 -7.84 -40.78 -32.98
CA ILE Q 39 -7.92 -42.10 -32.35
C ILE Q 39 -9.37 -42.55 -32.13
N PRO Q 40 -10.06 -43.00 -33.17
CA PRO Q 40 -11.43 -43.48 -33.00
C PRO Q 40 -11.46 -44.84 -32.31
N LEU Q 41 -12.66 -45.28 -31.96
CA LEU Q 41 -12.83 -46.66 -31.54
C LEU Q 41 -12.57 -47.60 -32.71
N PRO Q 42 -12.26 -48.88 -32.43
CA PRO Q 42 -12.06 -49.84 -33.53
C PRO Q 42 -13.34 -50.27 -34.22
N ILE Q 43 -14.52 -49.94 -33.69
CA ILE Q 43 -15.78 -50.38 -34.31
C ILE Q 43 -16.24 -49.25 -35.22
N ASN Q 44 -15.72 -49.27 -36.44
CA ASN Q 44 -16.23 -48.43 -37.54
C ASN Q 44 -16.21 -49.29 -38.80
N GLY Q 45 -17.29 -50.04 -39.03
CA GLY Q 45 -17.31 -51.00 -40.10
C GLY Q 45 -18.59 -50.93 -40.92
N PRO Q 46 -18.55 -51.48 -42.13
CA PRO Q 46 -19.78 -51.59 -42.93
C PRO Q 46 -20.76 -52.55 -42.27
N ILE Q 47 -22.03 -52.17 -42.28
CA ILE Q 47 -23.05 -52.98 -41.62
C ILE Q 47 -23.26 -54.28 -42.40
N THR Q 48 -23.33 -55.39 -41.67
CA THR Q 48 -23.46 -56.71 -42.26
C THR Q 48 -24.93 -57.12 -42.28
N ASN Q 49 -25.26 -58.10 -43.14
CA ASN Q 49 -26.62 -58.59 -43.23
C ASN Q 49 -27.05 -59.37 -41.99
N LYS Q 50 -26.13 -59.65 -41.07
CA LYS Q 50 -26.51 -60.26 -39.80
C LYS Q 50 -27.27 -59.29 -38.91
N GLU Q 51 -27.00 -58.00 -39.02
CA GLU Q 51 -27.56 -57.01 -38.11
C GLU Q 51 -28.30 -55.87 -38.79
N ARG Q 52 -28.31 -55.82 -40.13
CA ARG Q 52 -29.15 -54.83 -40.80
C ARG Q 52 -30.63 -55.19 -40.74
N SER Q 53 -30.96 -56.47 -40.55
CA SER Q 53 -32.33 -56.83 -40.18
C SER Q 53 -32.61 -56.51 -38.72
N LEU Q 54 -31.58 -56.55 -37.87
CA LEU Q 54 -31.75 -56.17 -36.47
C LEU Q 54 -31.96 -54.66 -36.33
N ALA Q 55 -31.41 -53.86 -37.25
CA ALA Q 55 -31.63 -52.43 -37.23
C ALA Q 55 -33.02 -52.04 -37.71
N VAL Q 56 -33.72 -52.95 -38.38
CA VAL Q 56 -35.11 -52.70 -38.73
C VAL Q 56 -35.98 -52.64 -37.49
N LYS Q 57 -35.67 -53.47 -36.49
CA LYS Q 57 -36.53 -53.63 -35.33
C LYS Q 57 -36.50 -52.41 -34.41
N TYR Q 58 -35.55 -51.51 -34.58
CA TYR Q 58 -35.52 -50.28 -33.79
C TYR Q 58 -36.56 -49.28 -34.28
N ILE Q 59 -36.54 -48.97 -35.58
CA ILE Q 59 -37.24 -47.78 -36.07
C ILE Q 59 -38.75 -48.01 -36.06
N ASN Q 60 -39.20 -49.23 -36.30
CA ASN Q 60 -40.63 -49.53 -36.19
C ASN Q 60 -41.09 -49.65 -34.75
N PHE Q 61 -40.17 -49.91 -33.82
CA PHE Q 61 -40.53 -49.87 -32.40
C PHE Q 61 -40.78 -48.45 -31.94
N GLY Q 62 -39.99 -47.49 -32.41
CA GLY Q 62 -40.25 -46.10 -32.12
C GLY Q 62 -41.51 -45.57 -32.80
N LYS Q 63 -41.81 -46.07 -34.00
CA LYS Q 63 -43.06 -45.71 -34.66
C LYS Q 63 -44.27 -46.36 -33.98
N THR Q 64 -44.07 -47.47 -33.28
CA THR Q 64 -45.17 -48.10 -32.54
C THR Q 64 -45.55 -47.24 -31.34
N VAL Q 65 -44.57 -46.81 -30.55
CA VAL Q 65 -44.86 -46.18 -29.27
C VAL Q 65 -45.22 -44.71 -29.45
N LYS Q 66 -44.49 -44.01 -30.33
CA LYS Q 66 -44.74 -42.58 -30.51
C LYS Q 66 -46.08 -42.32 -31.19
N ASP Q 67 -46.46 -43.17 -32.14
CA ASP Q 67 -47.81 -43.17 -32.68
C ASP Q 67 -48.82 -43.88 -31.81
N GLY Q 68 -48.43 -44.30 -30.60
CA GLY Q 68 -49.35 -44.86 -29.65
C GLY Q 68 -50.10 -43.80 -28.87
N PRO Q 69 -50.31 -44.04 -27.57
CA PRO Q 69 -51.08 -43.09 -26.77
C PRO Q 69 -50.30 -41.87 -26.34
N PHE Q 70 -48.97 -41.97 -26.26
CA PHE Q 70 -48.18 -41.02 -25.47
C PHE Q 70 -47.32 -40.15 -26.38
N SER R 61 48.56 12.14 -73.81
CA SER R 61 49.81 11.40 -73.79
C SER R 61 49.59 9.93 -74.14
N GLY R 62 50.03 9.52 -75.32
CA GLY R 62 49.84 8.16 -75.77
C GLY R 62 50.83 7.19 -75.16
N ILE R 63 50.70 6.94 -73.87
CA ILE R 63 51.56 6.01 -73.16
C ILE R 63 51.05 4.59 -73.32
N VAL R 64 51.88 3.60 -72.97
CA VAL R 64 51.55 2.19 -73.12
C VAL R 64 51.60 1.54 -71.74
N PRO R 65 50.51 0.95 -71.25
CA PRO R 65 50.55 0.26 -69.95
C PRO R 65 51.20 -1.10 -70.10
N THR R 66 52.31 -1.30 -69.40
CA THR R 66 52.99 -2.59 -69.36
C THR R 66 52.35 -3.51 -68.32
N LEU R 67 52.52 -4.81 -68.55
CA LEU R 67 51.89 -5.85 -67.74
C LEU R 67 52.98 -6.64 -67.03
N GLN R 68 52.89 -6.75 -65.70
CA GLN R 68 53.99 -7.29 -64.92
C GLN R 68 53.90 -8.78 -64.68
N ASN R 69 52.72 -9.32 -64.38
CA ASN R 69 52.66 -10.73 -64.01
C ASN R 69 51.30 -11.32 -64.35
N ILE R 70 51.34 -12.59 -64.73
CA ILE R 70 50.16 -13.36 -65.09
C ILE R 70 49.81 -14.29 -63.94
N VAL R 71 48.64 -14.93 -64.03
CA VAL R 71 48.45 -16.27 -63.47
C VAL R 71 47.88 -17.15 -64.58
N ALA R 72 48.08 -18.45 -64.42
CA ALA R 72 47.51 -19.44 -65.34
C ALA R 72 47.54 -20.80 -64.67
N THR R 73 46.41 -21.50 -64.68
CA THR R 73 46.33 -22.85 -64.15
C THR R 73 45.74 -23.79 -65.20
N VAL R 74 46.18 -25.04 -65.14
CA VAL R 74 45.64 -26.10 -65.99
C VAL R 74 45.25 -27.27 -65.08
N THR R 75 44.28 -28.05 -65.54
CA THR R 75 43.95 -29.29 -64.87
C THR R 75 44.95 -30.38 -65.25
N LEU R 76 45.14 -31.33 -64.33
CA LEU R 76 45.91 -32.54 -64.62
C LEU R 76 45.15 -33.73 -64.06
N GLY R 77 44.59 -34.56 -64.95
CA GLY R 77 43.82 -35.71 -64.56
C GLY R 77 44.64 -36.91 -64.10
N CYS R 78 45.94 -36.74 -63.94
CA CYS R 78 46.81 -37.78 -63.41
C CYS R 78 47.13 -37.49 -61.95
N ARG R 79 47.11 -38.53 -61.11
CA ARG R 79 47.46 -38.38 -59.72
C ARG R 79 48.96 -38.20 -59.56
N LEU R 80 49.36 -37.37 -58.60
CA LEU R 80 50.75 -37.01 -58.37
C LEU R 80 51.22 -37.62 -57.07
N ASP R 81 52.47 -38.08 -57.06
CA ASP R 81 53.16 -38.52 -55.85
C ASP R 81 54.30 -37.58 -55.53
N LEU R 82 54.31 -37.05 -54.31
CA LEU R 82 55.28 -36.03 -53.93
C LEU R 82 56.68 -36.61 -53.75
N LYS R 83 56.78 -37.91 -53.49
CA LYS R 83 58.08 -38.54 -53.27
C LYS R 83 58.86 -38.66 -54.58
N THR R 84 58.19 -39.06 -55.66
CA THR R 84 58.86 -39.47 -56.89
C THR R 84 59.10 -38.32 -57.87
N VAL R 85 58.67 -37.10 -57.54
CA VAL R 85 58.84 -35.98 -58.45
C VAL R 85 59.65 -34.84 -57.83
N ALA R 86 59.83 -34.82 -56.52
CA ALA R 86 60.57 -33.77 -55.84
C ALA R 86 61.98 -34.19 -55.45
N LEU R 87 62.17 -35.45 -55.08
CA LEU R 87 63.42 -35.92 -54.50
C LEU R 87 64.51 -36.16 -55.51
N HIS R 88 64.21 -36.13 -56.81
CA HIS R 88 65.21 -36.31 -57.85
C HIS R 88 65.05 -35.25 -58.93
N ALA R 89 64.89 -34.00 -58.50
CA ALA R 89 64.91 -32.83 -59.36
C ALA R 89 66.04 -31.90 -58.91
N ARG R 90 66.05 -30.70 -59.47
CA ARG R 90 67.06 -29.70 -59.11
C ARG R 90 66.48 -28.57 -58.28
N ASN R 91 65.28 -28.11 -58.59
CA ASN R 91 64.61 -27.05 -57.83
C ASN R 91 63.76 -27.65 -56.71
N ALA R 92 64.37 -28.51 -55.91
CA ALA R 92 63.63 -29.33 -54.95
C ALA R 92 63.26 -28.50 -53.73
N GLU R 93 61.95 -28.35 -53.50
CA GLU R 93 61.42 -27.70 -52.31
C GLU R 93 60.22 -28.51 -51.83
N TYR R 94 60.36 -29.17 -50.68
CA TYR R 94 59.23 -29.86 -50.07
C TYR R 94 59.48 -29.95 -48.57
N ASN R 95 58.84 -29.07 -47.80
CA ASN R 95 58.75 -29.20 -46.36
C ASN R 95 57.30 -29.44 -45.96
N PRO R 96 56.91 -30.68 -45.62
CA PRO R 96 55.47 -31.00 -45.53
C PRO R 96 54.74 -30.25 -44.44
N LYS R 97 55.40 -29.98 -43.31
CA LYS R 97 54.77 -29.20 -42.25
C LYS R 97 54.74 -27.70 -42.56
N ARG R 98 55.56 -27.24 -43.51
CA ARG R 98 55.50 -25.86 -43.96
C ARG R 98 54.51 -25.67 -45.10
N PHE R 99 54.55 -26.55 -46.10
CA PHE R 99 53.67 -26.45 -47.26
C PHE R 99 53.52 -27.83 -47.87
N ALA R 100 52.34 -28.09 -48.43
CA ALA R 100 51.94 -29.43 -48.83
C ALA R 100 52.18 -29.70 -50.32
N ALA R 101 53.03 -28.91 -50.97
CA ALA R 101 53.32 -29.10 -52.38
C ALA R 101 54.74 -28.60 -52.66
N VAL R 102 55.07 -28.46 -53.94
CA VAL R 102 56.43 -28.24 -54.39
C VAL R 102 56.44 -27.02 -55.30
N ILE R 103 57.48 -26.20 -55.19
CA ILE R 103 57.70 -25.07 -56.10
C ILE R 103 58.93 -25.34 -56.96
N MET R 104 58.77 -25.18 -58.27
CA MET R 104 59.89 -25.13 -59.20
C MET R 104 60.29 -23.67 -59.41
N ARG R 105 61.59 -23.41 -59.41
CA ARG R 105 62.10 -22.06 -59.66
C ARG R 105 63.15 -22.13 -60.77
N ILE R 106 62.74 -21.84 -62.00
CA ILE R 106 63.65 -21.62 -63.12
C ILE R 106 63.53 -20.16 -63.53
N ARG R 107 64.67 -19.55 -63.83
CA ARG R 107 64.71 -18.12 -64.11
C ARG R 107 64.85 -17.78 -65.58
N GLU R 108 64.82 -18.79 -66.46
CA GLU R 108 64.40 -18.59 -67.84
C GLU R 108 63.28 -19.58 -68.17
N PRO R 109 62.06 -19.10 -68.47
CA PRO R 109 61.70 -17.69 -68.61
C PRO R 109 61.14 -17.06 -67.33
N LYS R 110 61.89 -17.21 -66.22
CA LYS R 110 61.76 -16.40 -65.00
C LYS R 110 60.40 -16.56 -64.31
N THR R 111 59.66 -17.61 -64.65
CA THR R 111 58.35 -17.85 -64.05
C THR R 111 58.46 -19.02 -63.05
N THR R 112 57.35 -19.24 -62.34
CA THR R 112 57.33 -20.19 -61.22
C THR R 112 56.23 -21.23 -61.44
N ALA R 113 56.53 -22.47 -61.10
CA ALA R 113 55.62 -23.60 -61.29
C ALA R 113 55.14 -24.07 -59.91
N LEU R 114 53.86 -23.82 -59.62
CA LEU R 114 53.23 -24.31 -58.41
C LEU R 114 52.41 -25.55 -58.74
N ILE R 115 52.62 -26.62 -57.97
CA ILE R 115 51.90 -27.86 -58.17
C ILE R 115 51.01 -28.11 -56.95
N PHE R 116 50.27 -29.22 -56.96
CA PHE R 116 49.47 -29.62 -55.81
C PHE R 116 49.58 -31.12 -55.62
N ALA R 117 49.20 -31.57 -54.41
CA ALA R 117 49.28 -32.99 -54.08
C ALA R 117 48.26 -33.81 -54.86
N SER R 118 47.07 -33.24 -55.11
CA SER R 118 46.08 -33.92 -55.92
C SER R 118 46.48 -34.03 -57.39
N GLY R 119 47.34 -33.13 -57.87
CA GLY R 119 47.84 -33.21 -59.22
C GLY R 119 47.79 -31.91 -59.99
N LYS R 120 46.95 -30.98 -59.56
CA LYS R 120 46.74 -29.75 -60.30
C LYS R 120 47.97 -28.85 -60.21
N MET R 121 48.06 -27.91 -61.16
CA MET R 121 49.26 -27.11 -61.34
C MET R 121 48.85 -25.72 -61.80
N VAL R 122 49.59 -24.70 -61.34
CA VAL R 122 49.31 -23.31 -61.68
C VAL R 122 50.64 -22.58 -61.83
N VAL R 123 50.78 -21.80 -62.90
CA VAL R 123 52.01 -21.09 -63.21
C VAL R 123 51.81 -19.60 -62.99
N THR R 124 52.86 -18.94 -62.54
CA THR R 124 52.83 -17.51 -62.26
C THR R 124 54.26 -16.98 -62.33
N GLY R 125 54.44 -15.83 -62.97
CA GLY R 125 55.77 -15.23 -63.03
C GLY R 125 56.25 -14.89 -64.43
N ALA R 126 55.35 -14.62 -65.35
CA ALA R 126 55.71 -14.22 -66.69
C ALA R 126 55.19 -12.83 -67.00
N LYS R 127 55.94 -12.11 -67.85
CA LYS R 127 55.49 -10.80 -68.34
C LYS R 127 54.45 -10.95 -69.44
N SER R 128 54.81 -11.69 -70.50
CA SER R 128 53.96 -11.82 -71.67
C SER R 128 53.04 -13.03 -71.56
N GLU R 129 51.97 -13.01 -72.38
CA GLU R 129 51.01 -14.10 -72.36
C GLU R 129 51.61 -15.38 -72.92
N ASP R 130 52.23 -15.30 -74.10
CA ASP R 130 52.91 -16.46 -74.67
C ASP R 130 54.16 -16.84 -73.90
N ASP R 131 54.73 -15.91 -73.12
CA ASP R 131 55.87 -16.24 -72.27
C ASP R 131 55.49 -17.30 -71.24
N SER R 132 54.30 -17.17 -70.65
CA SER R 132 53.79 -18.20 -69.76
C SER R 132 53.51 -19.51 -70.50
N LYS R 133 53.14 -19.42 -71.78
CA LYS R 133 52.70 -20.59 -72.52
C LYS R 133 53.86 -21.55 -72.78
N LEU R 134 54.98 -21.01 -73.28
CA LEU R 134 56.11 -21.86 -73.66
C LEU R 134 56.70 -22.59 -72.45
N ALA R 135 56.68 -21.95 -71.28
CA ALA R 135 57.15 -22.61 -70.07
C ALA R 135 56.12 -23.58 -69.50
N SER R 136 54.83 -23.38 -69.80
CA SER R 136 53.79 -24.23 -69.23
C SER R 136 53.90 -25.66 -69.73
N ARG R 137 54.47 -25.85 -70.92
CA ARG R 137 54.73 -27.19 -71.46
C ARG R 137 56.15 -27.66 -71.17
N LYS R 138 57.09 -26.74 -70.94
CA LYS R 138 58.40 -27.14 -70.43
C LYS R 138 58.29 -27.61 -68.98
N TYR R 139 57.39 -27.01 -68.20
CA TYR R 139 57.13 -27.48 -66.85
C TYR R 139 56.61 -28.92 -66.85
N ALA R 140 55.70 -29.23 -67.77
CA ALA R 140 55.19 -30.59 -67.90
C ALA R 140 56.17 -31.53 -68.59
N ARG R 141 57.32 -31.03 -69.05
CA ARG R 141 58.34 -31.92 -69.59
C ARG R 141 59.12 -32.63 -68.49
N ILE R 142 59.17 -32.05 -67.30
CA ILE R 142 59.80 -32.72 -66.15
C ILE R 142 58.92 -33.88 -65.67
N ILE R 143 57.60 -33.71 -65.71
CA ILE R 143 56.67 -34.79 -65.37
C ILE R 143 56.52 -35.79 -66.51
N GLN R 144 57.16 -35.53 -67.66
CA GLN R 144 57.35 -36.56 -68.67
C GLN R 144 58.51 -37.48 -68.36
N LYS R 145 59.44 -37.07 -67.49
CA LYS R 145 60.49 -37.97 -67.06
C LYS R 145 59.91 -39.14 -66.26
N ILE R 146 59.16 -38.82 -65.21
CA ILE R 146 58.42 -39.85 -64.49
C ILE R 146 57.25 -40.31 -65.35
N GLY R 147 56.92 -41.60 -65.25
CA GLY R 147 55.88 -42.16 -66.10
C GLY R 147 54.48 -41.72 -65.72
N PHE R 148 54.18 -40.44 -65.94
CA PHE R 148 52.90 -39.86 -65.59
C PHE R 148 52.20 -39.33 -66.84
N ALA R 149 50.87 -39.19 -66.75
CA ALA R 149 50.07 -38.94 -67.94
C ALA R 149 50.24 -37.51 -68.43
N ALA R 150 50.18 -36.54 -67.51
CA ALA R 150 50.27 -35.11 -67.83
C ALA R 150 49.18 -34.71 -68.81
N LYS R 151 47.93 -34.84 -68.35
CA LYS R 151 46.76 -34.48 -69.15
C LYS R 151 46.36 -33.05 -68.82
N PHE R 152 46.96 -32.09 -69.52
CA PHE R 152 46.60 -30.69 -69.41
C PHE R 152 45.75 -30.29 -70.62
N THR R 153 44.58 -29.71 -70.35
CA THR R 153 43.62 -29.41 -71.40
C THR R 153 43.35 -27.92 -71.55
N ASP R 154 42.90 -27.25 -70.49
CA ASP R 154 42.44 -25.87 -70.56
C ASP R 154 43.47 -24.93 -69.93
N PHE R 155 44.12 -24.13 -70.75
CA PHE R 155 45.10 -23.14 -70.29
C PHE R 155 44.37 -21.84 -69.94
N LYS R 156 43.63 -21.89 -68.84
CA LYS R 156 42.82 -20.76 -68.44
C LYS R 156 43.65 -19.72 -67.68
N ILE R 157 43.19 -18.47 -67.75
CA ILE R 157 43.87 -17.33 -67.16
C ILE R 157 42.83 -16.48 -66.44
N GLN R 158 43.11 -16.12 -65.18
CA GLN R 158 42.16 -15.37 -64.39
C GLN R 158 42.74 -14.17 -63.64
N ASN R 159 44.02 -13.85 -63.83
CA ASN R 159 44.56 -12.63 -63.26
C ASN R 159 45.74 -12.14 -64.10
N ILE R 160 45.68 -10.88 -64.52
CA ILE R 160 46.78 -10.20 -65.18
C ILE R 160 46.93 -8.82 -64.56
N VAL R 161 48.13 -8.49 -64.09
CA VAL R 161 48.38 -7.24 -63.37
C VAL R 161 49.22 -6.32 -64.23
N GLY R 162 48.90 -5.03 -64.19
CA GLY R 162 49.58 -4.03 -65.00
C GLY R 162 49.73 -2.69 -64.31
N SER R 163 50.90 -2.07 -64.46
CA SER R 163 51.17 -0.76 -63.89
C SER R 163 51.50 0.24 -65.00
N CYS R 164 51.34 1.52 -64.68
CA CYS R 164 51.66 2.59 -65.61
C CYS R 164 52.26 3.76 -64.86
N ASP R 165 52.80 4.72 -65.60
CA ASP R 165 53.30 5.98 -65.05
C ASP R 165 52.72 7.13 -65.85
N VAL R 166 51.86 7.93 -65.22
CA VAL R 166 51.19 9.03 -65.92
C VAL R 166 51.83 10.38 -65.59
N LYS R 167 52.57 10.49 -64.49
CA LYS R 167 53.62 11.49 -64.30
C LYS R 167 53.04 12.91 -64.22
N PHE R 168 52.10 13.11 -63.29
CA PHE R 168 51.73 14.45 -62.85
C PHE R 168 51.01 14.33 -61.52
N PRO R 169 51.33 15.18 -60.54
CA PRO R 169 50.67 15.08 -59.23
C PRO R 169 49.19 15.40 -59.30
N ILE R 170 48.41 14.69 -58.49
CA ILE R 170 46.96 14.83 -58.45
C ILE R 170 46.50 15.03 -57.02
N ARG R 171 45.33 15.65 -56.88
CA ARG R 171 44.53 15.51 -55.67
C ARG R 171 43.92 14.12 -55.60
N LEU R 172 43.57 13.71 -54.38
CA LEU R 172 42.88 12.43 -54.19
C LEU R 172 41.62 12.62 -53.35
N GLU R 173 41.59 13.64 -52.49
CA GLU R 173 40.45 13.82 -51.60
C GLU R 173 39.25 14.41 -52.30
N GLY R 174 39.43 15.04 -53.46
CA GLY R 174 38.31 15.63 -54.17
C GLY R 174 37.38 14.59 -54.78
N LEU R 175 37.97 13.59 -55.46
CA LEU R 175 37.18 12.46 -55.95
C LEU R 175 36.80 11.47 -54.85
N ALA R 176 37.46 11.53 -53.68
CA ALA R 176 36.92 10.83 -52.52
C ALA R 176 35.68 11.52 -51.97
N PHE R 177 35.50 12.81 -52.27
CA PHE R 177 34.27 13.52 -51.92
C PHE R 177 33.28 13.57 -53.07
N SER R 178 33.77 13.65 -54.31
CA SER R 178 32.90 13.68 -55.49
C SER R 178 32.45 12.27 -55.87
N HIS R 179 33.39 11.41 -56.24
CA HIS R 179 33.09 10.01 -56.55
C HIS R 179 33.26 9.11 -55.32
N GLY R 180 32.67 9.54 -54.20
CA GLY R 180 32.69 8.77 -52.97
C GLY R 180 31.52 7.84 -52.80
N THR R 181 30.50 7.99 -53.65
CA THR R 181 29.32 7.13 -53.63
C THR R 181 29.63 5.70 -54.04
N PHE R 182 30.74 5.46 -54.71
CA PHE R 182 31.13 4.10 -55.08
C PHE R 182 32.50 3.71 -54.55
N SER R 183 33.51 4.56 -54.69
CA SER R 183 34.86 4.20 -54.27
C SER R 183 35.36 5.14 -53.18
N SER R 184 36.18 4.60 -52.29
CA SER R 184 36.65 5.30 -51.11
C SER R 184 38.03 4.75 -50.76
N TYR R 185 38.60 5.25 -49.66
CA TYR R 185 39.89 4.76 -49.17
C TYR R 185 40.09 5.26 -47.76
N GLU R 186 41.19 4.81 -47.14
CA GLU R 186 41.68 5.29 -45.87
C GLU R 186 43.19 5.52 -46.00
N PRO R 187 43.74 6.49 -45.27
CA PRO R 187 45.18 6.75 -45.36
C PRO R 187 46.01 5.94 -44.38
N GLU R 188 45.41 5.54 -43.26
CA GLU R 188 46.19 5.13 -42.10
C GLU R 188 46.61 3.65 -42.11
N LEU R 189 45.86 2.77 -42.79
CA LEU R 189 46.41 1.43 -43.03
C LEU R 189 47.34 1.42 -44.24
N PHE R 190 46.93 2.02 -45.34
CA PHE R 190 47.69 2.00 -46.57
C PHE R 190 47.71 3.39 -47.20
N PRO R 191 48.83 3.82 -47.78
CA PRO R 191 48.90 5.17 -48.35
C PRO R 191 48.14 5.34 -49.66
N GLY R 192 47.72 4.25 -50.30
CA GLY R 192 47.12 4.35 -51.61
C GLY R 192 45.60 4.44 -51.59
N LEU R 193 45.05 4.99 -52.67
CA LEU R 193 43.61 5.02 -52.90
C LEU R 193 43.20 3.84 -53.75
N ILE R 194 42.31 3.00 -53.21
CA ILE R 194 41.73 1.90 -53.97
C ILE R 194 40.57 2.43 -54.80
N TYR R 195 40.58 2.17 -56.10
CA TYR R 195 39.50 2.55 -56.98
C TYR R 195 38.81 1.32 -57.56
N ARG R 196 37.49 1.36 -57.61
CA ARG R 196 36.69 0.27 -58.18
C ARG R 196 35.96 0.79 -59.41
N MET R 197 35.77 -0.09 -60.39
CA MET R 197 34.94 0.19 -61.55
C MET R 197 34.09 -1.04 -61.86
N VAL R 198 32.78 -0.92 -61.69
CA VAL R 198 31.88 -2.06 -61.84
C VAL R 198 31.56 -2.32 -63.31
N LYS R 199 31.96 -1.42 -64.20
CA LYS R 199 31.65 -1.58 -65.62
C LYS R 199 32.32 -2.82 -66.22
N PRO R 200 33.58 -3.13 -65.94
CA PRO R 200 34.06 -4.51 -66.10
C PRO R 200 34.14 -5.32 -64.80
N LYS R 201 33.63 -4.78 -63.69
CA LYS R 201 33.83 -5.34 -62.35
C LYS R 201 35.33 -5.52 -62.05
N ILE R 202 36.01 -4.38 -61.95
CA ILE R 202 37.45 -4.37 -61.78
C ILE R 202 37.79 -3.61 -60.51
N VAL R 203 38.93 -3.94 -59.91
CA VAL R 203 39.52 -3.15 -58.85
C VAL R 203 40.90 -2.67 -59.29
N LEU R 204 41.33 -1.55 -58.72
CA LEU R 204 42.65 -0.99 -59.03
C LEU R 204 43.02 0.01 -57.94
N LEU R 205 44.32 0.17 -57.73
CA LEU R 205 44.83 1.07 -56.71
C LEU R 205 45.65 2.16 -57.39
N ILE R 206 45.47 3.40 -56.93
CA ILE R 206 46.18 4.54 -57.49
C ILE R 206 47.05 5.17 -56.40
N PHE R 207 47.87 6.13 -56.81
CA PHE R 207 48.85 6.75 -55.93
C PHE R 207 48.70 8.27 -55.99
N VAL R 208 49.61 8.96 -55.30
CA VAL R 208 49.78 10.40 -55.45
C VAL R 208 50.97 10.74 -56.34
N SER R 209 51.81 9.76 -56.65
CA SER R 209 52.95 9.92 -57.55
C SER R 209 52.56 9.86 -59.02
N GLY R 210 51.29 9.61 -59.33
CA GLY R 210 50.84 9.43 -60.69
C GLY R 210 51.08 8.06 -61.27
N LYS R 211 51.60 7.11 -60.49
CA LYS R 211 51.67 5.72 -60.90
C LYS R 211 50.36 5.01 -60.55
N ILE R 212 49.83 4.24 -61.48
CA ILE R 212 48.57 3.55 -61.32
C ILE R 212 48.75 2.09 -61.70
N VAL R 213 48.37 1.19 -60.81
CA VAL R 213 48.44 -0.25 -61.06
C VAL R 213 47.04 -0.77 -61.34
N LEU R 214 46.96 -1.81 -62.18
CA LEU R 214 45.71 -2.47 -62.51
C LEU R 214 45.87 -3.96 -62.22
N THR R 215 45.00 -4.49 -61.36
CA THR R 215 44.98 -5.92 -61.06
C THR R 215 43.54 -6.42 -61.09
N GLY R 216 43.39 -7.73 -60.92
CA GLY R 216 42.08 -8.33 -60.75
C GLY R 216 41.28 -8.55 -62.02
N ALA R 217 41.92 -8.56 -63.18
CA ALA R 217 41.25 -8.80 -64.44
C ALA R 217 41.55 -10.22 -64.91
N LYS R 218 40.50 -10.97 -65.27
CA LYS R 218 40.70 -12.31 -65.81
C LYS R 218 41.28 -12.24 -67.23
N GLN R 219 40.67 -11.43 -68.09
CA GLN R 219 41.05 -11.37 -69.49
C GLN R 219 42.08 -10.27 -69.71
N ARG R 220 43.03 -10.53 -70.61
CA ARG R 220 44.04 -9.53 -70.93
C ARG R 220 43.44 -8.32 -71.63
N GLU R 221 42.38 -8.55 -72.43
CA GLU R 221 41.71 -7.46 -73.12
C GLU R 221 41.16 -6.43 -72.14
N GLU R 222 40.67 -6.88 -70.99
CA GLU R 222 39.77 -6.08 -70.17
C GLU R 222 40.50 -4.97 -69.42
N ILE R 223 41.83 -5.04 -69.33
CA ILE R 223 42.58 -3.95 -68.71
C ILE R 223 42.62 -2.74 -69.62
N TYR R 224 42.52 -2.94 -70.93
CA TYR R 224 42.83 -1.86 -71.88
C TYR R 224 41.73 -0.81 -71.87
N GLN R 225 40.50 -1.19 -72.24
CA GLN R 225 39.43 -0.21 -72.36
C GLN R 225 39.01 0.34 -71.00
N ALA R 226 39.32 -0.36 -69.92
CA ALA R 226 39.17 0.21 -68.58
C ALA R 226 40.20 1.31 -68.33
N PHE R 227 41.39 1.19 -68.92
CA PHE R 227 42.49 2.07 -68.56
C PHE R 227 42.33 3.47 -69.17
N GLU R 228 41.70 3.58 -70.33
CA GLU R 228 41.36 4.91 -70.85
C GLU R 228 40.06 5.44 -70.26
N ALA R 229 39.22 4.58 -69.68
CA ALA R 229 37.96 5.05 -69.12
C ALA R 229 38.19 5.78 -67.81
N ILE R 230 39.23 5.40 -67.06
CA ILE R 230 39.54 6.02 -65.77
C ILE R 230 40.31 7.31 -65.91
N TYR R 231 40.79 7.65 -67.11
CA TYR R 231 41.57 8.86 -67.30
C TYR R 231 40.74 10.15 -67.20
N PRO R 232 39.52 10.22 -67.76
CA PRO R 232 38.80 11.50 -67.69
C PRO R 232 38.38 11.87 -66.28
N VAL R 233 38.12 10.89 -65.41
CA VAL R 233 37.88 11.20 -63.99
C VAL R 233 39.18 11.49 -63.25
N LEU R 234 40.31 11.05 -63.79
CA LEU R 234 41.60 11.29 -63.15
C LEU R 234 42.12 12.70 -63.46
N SER R 235 42.08 13.09 -64.73
CA SER R 235 42.49 14.43 -65.14
C SER R 235 41.45 15.49 -64.83
N GLU R 236 40.33 15.10 -64.21
CA GLU R 236 39.33 16.08 -63.78
C GLU R 236 39.92 17.10 -62.82
N PHE R 237 40.86 16.68 -61.98
CA PHE R 237 41.32 17.48 -60.84
C PHE R 237 42.71 18.02 -61.18
N ARG R 238 42.74 19.22 -61.76
CA ARG R 238 43.96 19.90 -62.15
C ARG R 238 44.52 20.77 -61.02
N LYS R 239 43.97 20.63 -59.80
CA LYS R 239 44.34 21.41 -58.62
C LYS R 239 44.44 22.90 -58.95
N MET R 240 43.30 23.46 -59.32
CA MET R 240 43.22 24.87 -59.69
C MET R 240 43.51 25.78 -58.49
N PRO S 2 -10.11 13.66 -37.08
CA PRO S 2 -9.36 14.72 -37.77
C PRO S 2 -10.26 15.60 -38.64
N VAL S 3 -11.44 15.09 -38.98
CA VAL S 3 -12.38 15.78 -39.86
C VAL S 3 -13.64 16.09 -39.06
N CYS S 4 -14.07 17.35 -39.12
CA CYS S 4 -15.23 17.77 -38.36
C CYS S 4 -16.51 17.18 -38.98
N LYS S 5 -17.60 17.26 -38.22
CA LYS S 5 -18.82 16.56 -38.59
C LYS S 5 -19.78 17.39 -39.45
N ASN S 6 -19.62 18.71 -39.49
CA ASN S 6 -20.51 19.54 -40.30
C ASN S 6 -19.80 20.31 -41.39
N CYS S 7 -18.70 21.00 -41.05
CA CYS S 7 -17.93 21.75 -42.04
C CYS S 7 -16.69 21.02 -42.50
N HIS S 8 -16.38 19.85 -41.92
CA HIS S 8 -15.32 18.97 -42.40
C HIS S 8 -13.95 19.66 -42.36
N GLY S 9 -13.72 20.46 -41.32
CA GLY S 9 -12.41 21.04 -41.13
C GLY S 9 -11.39 20.00 -40.73
N THR S 10 -10.12 20.30 -41.03
CA THR S 10 -9.02 19.39 -40.77
C THR S 10 -8.12 19.82 -39.61
N GLU S 11 -8.24 21.06 -39.14
CA GLU S 11 -7.39 21.56 -38.07
C GLU S 11 -8.15 21.61 -36.75
N PHE S 12 -7.57 21.01 -35.72
CA PHE S 12 -8.14 20.99 -34.38
C PHE S 12 -7.17 21.66 -33.41
N GLU S 13 -7.70 22.51 -32.54
CA GLU S 13 -6.89 23.34 -31.66
C GLU S 13 -7.24 23.04 -30.21
N ARG S 14 -6.26 22.57 -29.45
CA ARG S 14 -6.47 22.17 -28.06
C ARG S 14 -6.46 23.42 -27.19
N ASP S 15 -7.64 23.83 -26.72
CA ASP S 15 -7.73 24.92 -25.77
C ASP S 15 -7.47 24.41 -24.36
N LEU S 16 -6.59 25.11 -23.63
CA LEU S 16 -6.10 24.64 -22.34
C LEU S 16 -6.25 25.69 -21.25
N SER S 17 -7.10 26.70 -21.45
CA SER S 17 -7.19 27.79 -20.48
C SER S 17 -8.16 27.49 -19.36
N ASN S 18 -9.15 26.64 -19.61
CA ASN S 18 -10.27 26.44 -18.69
C ASN S 18 -10.26 25.02 -18.10
N ALA S 19 -9.08 24.40 -18.06
CA ALA S 19 -8.84 23.11 -17.42
C ALA S 19 -9.69 21.99 -18.01
N ASN S 20 -10.19 22.18 -19.23
CA ASN S 20 -10.96 21.17 -19.93
C ASN S 20 -10.13 20.36 -20.92
N ASN S 21 -9.17 21.02 -21.58
CA ASN S 21 -8.25 20.38 -22.53
C ASN S 21 -9.02 19.70 -23.66
N ASP S 22 -10.01 20.41 -24.20
CA ASP S 22 -10.91 19.81 -25.17
C ASP S 22 -10.28 19.84 -26.57
N LEU S 23 -11.05 19.37 -27.55
CA LEU S 23 -10.63 19.36 -28.95
C LEU S 23 -11.73 20.01 -29.76
N VAL S 24 -11.40 21.05 -30.51
CA VAL S 24 -12.40 21.80 -31.26
C VAL S 24 -11.70 22.51 -32.42
N CYS S 25 -12.41 22.66 -33.53
CA CYS S 25 -11.91 23.36 -34.69
C CYS S 25 -12.20 24.86 -34.59
N LYS S 26 -11.43 25.64 -35.34
CA LYS S 26 -11.63 27.08 -35.38
C LYS S 26 -12.82 27.49 -36.24
N ALA S 27 -13.28 26.62 -37.13
CA ALA S 27 -14.24 27.04 -38.16
C ALA S 27 -15.63 27.25 -37.56
N CYS S 28 -16.23 26.18 -37.04
CA CYS S 28 -17.61 26.24 -36.56
C CYS S 28 -17.73 26.22 -35.04
N GLY S 29 -16.95 25.40 -34.36
CA GLY S 29 -16.97 25.34 -32.92
C GLY S 29 -17.61 24.10 -32.31
N VAL S 30 -17.68 23.00 -33.05
CA VAL S 30 -18.16 21.72 -32.51
C VAL S 30 -16.97 20.95 -31.94
N VAL S 31 -17.11 20.49 -30.69
CA VAL S 31 -16.05 19.70 -30.07
C VAL S 31 -15.99 18.33 -30.73
N SER S 32 -14.77 17.78 -30.78
CA SER S 32 -14.58 16.43 -31.33
C SER S 32 -14.69 15.37 -30.24
N GLU S 33 -13.78 15.40 -29.26
CA GLU S 33 -13.83 14.50 -28.12
C GLU S 33 -13.40 15.26 -26.88
N ASP S 34 -14.31 15.40 -25.91
CA ASP S 34 -13.95 15.89 -24.60
C ASP S 34 -13.67 14.72 -23.65
N ASN S 35 -13.40 15.05 -22.38
CA ASN S 35 -12.93 14.11 -21.38
C ASN S 35 -11.72 13.33 -21.90
N PRO S 36 -10.54 13.96 -21.96
CA PRO S 36 -9.37 13.27 -22.51
C PRO S 36 -8.94 12.11 -21.61
N ILE S 37 -8.32 11.12 -22.24
CA ILE S 37 -7.90 9.89 -21.57
C ILE S 37 -6.38 9.85 -21.63
N VAL S 38 -5.74 10.28 -20.56
CA VAL S 38 -4.28 10.23 -20.44
C VAL S 38 -3.88 8.91 -19.79
N SER S 39 -2.75 8.36 -20.23
CA SER S 39 -2.23 7.12 -19.69
C SER S 39 -1.26 7.45 -18.56
N GLU S 40 -1.67 7.19 -17.32
CA GLU S 40 -0.89 7.57 -16.16
C GLU S 40 0.36 6.69 -16.03
N LEU S 73 14.64 -16.46 -31.37
CA LEU S 73 15.36 -17.53 -30.67
C LEU S 73 15.94 -17.04 -29.35
N GLU S 74 15.98 -17.92 -28.35
CA GLU S 74 16.55 -17.54 -27.07
C GLU S 74 18.06 -17.36 -27.15
N SER S 75 18.74 -18.22 -27.92
CA SER S 75 20.17 -18.05 -28.12
C SER S 75 20.49 -16.83 -28.99
N ARG S 76 19.56 -16.45 -29.87
CA ARG S 76 19.74 -15.21 -30.63
C ARG S 76 19.69 -14.00 -29.70
N GLU S 77 18.80 -14.02 -28.70
CA GLU S 77 18.75 -12.94 -27.72
C GLU S 77 19.93 -12.99 -26.76
N ALA S 78 20.44 -14.19 -26.49
CA ALA S 78 21.56 -14.33 -25.55
C ALA S 78 22.88 -13.89 -26.16
N THR S 79 23.08 -14.16 -27.45
CA THR S 79 24.36 -13.87 -28.08
C THR S 79 24.59 -12.38 -28.30
N LEU S 80 23.52 -11.59 -28.34
CA LEU S 80 23.68 -10.14 -28.41
C LEU S 80 23.69 -9.49 -27.04
N ASN S 81 23.07 -10.13 -26.04
CA ASN S 81 23.18 -9.65 -24.67
C ASN S 81 24.61 -9.73 -24.17
N ASN S 82 25.33 -10.80 -24.55
CA ASN S 82 26.77 -10.83 -24.34
C ASN S 82 27.47 -9.77 -25.17
N ALA S 83 27.01 -9.55 -26.40
CA ALA S 83 27.63 -8.53 -27.25
C ALA S 83 27.31 -7.12 -26.77
N ARG S 84 26.22 -6.94 -26.03
CA ARG S 84 25.91 -5.64 -25.45
C ARG S 84 26.94 -5.25 -24.41
N ARG S 85 27.27 -6.18 -23.51
CA ARG S 85 28.22 -5.89 -22.45
C ARG S 85 29.62 -5.65 -22.99
N LYS S 86 29.97 -6.27 -24.12
CA LYS S 86 31.29 -6.04 -24.70
C LYS S 86 31.39 -4.64 -25.28
N LEU S 87 30.32 -4.15 -25.92
CA LEU S 87 30.31 -2.76 -26.35
C LEU S 87 30.23 -1.84 -25.13
N ARG S 88 29.50 -2.26 -24.10
CA ARG S 88 29.49 -1.55 -22.82
C ARG S 88 30.86 -1.56 -22.17
N ALA S 89 31.66 -2.59 -22.44
CA ALA S 89 32.98 -2.71 -21.84
C ALA S 89 33.93 -1.66 -22.39
N VAL S 90 34.18 -1.70 -23.70
CA VAL S 90 35.26 -0.89 -24.27
C VAL S 90 34.88 0.58 -24.35
N SER S 91 33.58 0.89 -24.35
CA SER S 91 33.15 2.29 -24.30
C SER S 91 33.52 2.94 -22.97
N TYR S 92 33.54 2.16 -21.90
CA TYR S 92 33.93 2.69 -20.60
C TYR S 92 35.42 3.04 -20.57
N ALA S 93 36.26 2.16 -21.14
CA ALA S 93 37.70 2.33 -21.05
C ALA S 93 38.22 3.41 -21.99
N LEU S 94 37.49 3.71 -23.05
CA LEU S 94 37.89 4.68 -24.06
C LEU S 94 37.21 6.03 -23.87
N HIS S 95 36.44 6.19 -22.78
CA HIS S 95 35.71 7.43 -22.50
C HIS S 95 34.78 7.79 -23.65
N ILE S 96 34.14 6.79 -24.23
CA ILE S 96 33.16 7.01 -25.28
C ILE S 96 31.88 7.58 -24.68
N PRO S 97 31.35 8.68 -25.21
CA PRO S 97 30.00 9.11 -24.79
C PRO S 97 28.94 8.15 -25.32
N GLU S 98 27.98 7.84 -24.45
CA GLU S 98 27.16 6.64 -24.62
C GLU S 98 26.26 6.68 -25.85
N TYR S 99 26.04 7.85 -26.44
CA TYR S 99 25.18 7.92 -27.61
C TYR S 99 25.85 7.37 -28.87
N ILE S 100 27.11 6.96 -28.79
CA ILE S 100 27.71 6.17 -29.85
C ILE S 100 27.52 4.67 -29.61
N THR S 101 27.54 4.25 -28.35
CA THR S 101 27.48 2.82 -28.01
C THR S 101 26.17 2.20 -28.51
N ASP S 102 25.05 2.84 -28.18
CA ASP S 102 23.76 2.35 -28.65
C ASP S 102 23.62 2.48 -30.16
N ALA S 103 24.24 3.50 -30.77
CA ALA S 103 24.22 3.60 -32.22
C ALA S 103 25.09 2.53 -32.86
N ALA S 104 26.22 2.19 -32.22
CA ALA S 104 27.08 1.13 -32.75
C ALA S 104 26.45 -0.25 -32.63
N PHE S 105 25.53 -0.43 -31.69
CA PHE S 105 24.81 -1.69 -31.56
C PHE S 105 23.94 -1.98 -32.79
N GLN S 106 23.44 -0.93 -33.45
CA GLN S 106 22.68 -1.14 -34.68
C GLN S 106 23.55 -1.67 -35.81
N TRP S 107 24.83 -1.27 -35.86
CA TRP S 107 25.72 -1.78 -36.88
C TRP S 107 25.99 -3.28 -36.69
N TYR S 108 26.30 -3.67 -35.44
CA TYR S 108 26.54 -5.07 -35.13
C TYR S 108 25.29 -5.92 -35.34
N LYS S 109 24.11 -5.36 -35.11
CA LYS S 109 22.88 -6.12 -35.20
C LYS S 109 22.57 -6.53 -36.63
N LEU S 110 22.76 -5.62 -37.59
CA LEU S 110 22.49 -5.96 -38.98
C LEU S 110 23.66 -6.71 -39.62
N ALA S 111 24.89 -6.44 -39.16
CA ALA S 111 26.04 -7.23 -39.60
C ALA S 111 26.01 -8.64 -39.05
N LEU S 112 25.27 -8.87 -37.95
CA LEU S 112 24.98 -10.22 -37.50
C LEU S 112 24.18 -10.98 -38.55
N ALA S 113 23.26 -10.31 -39.23
CA ALA S 113 22.37 -10.99 -40.17
C ALA S 113 23.10 -11.39 -41.44
N ASN S 114 24.18 -10.67 -41.80
CA ASN S 114 24.90 -10.92 -43.03
C ASN S 114 25.99 -11.97 -42.89
N ASN S 115 25.95 -12.76 -41.82
CA ASN S 115 26.84 -13.92 -41.63
C ASN S 115 28.30 -13.50 -41.63
N PHE S 116 28.61 -12.32 -41.11
CA PHE S 116 29.98 -11.82 -41.08
C PHE S 116 30.72 -12.22 -39.81
N VAL S 117 30.01 -12.49 -38.72
CA VAL S 117 30.64 -12.69 -37.42
C VAL S 117 31.18 -14.11 -37.26
N GLN S 118 30.67 -15.07 -38.03
CA GLN S 118 31.04 -16.46 -37.85
C GLN S 118 32.47 -16.72 -38.30
N GLY S 119 33.24 -17.35 -37.43
CA GLY S 119 34.66 -17.63 -37.69
C GLY S 119 35.62 -16.60 -37.13
N ARG S 120 35.31 -15.31 -37.34
CA ARG S 120 36.21 -14.26 -36.90
C ARG S 120 36.16 -14.08 -35.40
N ARG S 121 37.12 -13.32 -34.88
CA ARG S 121 37.25 -13.13 -33.44
C ARG S 121 36.18 -12.19 -32.92
N SER S 122 35.55 -12.57 -31.82
CA SER S 122 34.53 -11.71 -31.21
C SER S 122 35.17 -10.44 -30.64
N GLN S 123 36.36 -10.55 -30.06
CA GLN S 123 37.04 -9.38 -29.52
C GLN S 123 37.56 -8.46 -30.61
N ASN S 124 37.70 -8.95 -31.84
CA ASN S 124 38.11 -8.14 -32.98
C ASN S 124 36.92 -7.45 -33.64
N VAL S 125 35.81 -8.17 -33.81
CA VAL S 125 34.77 -7.70 -34.71
C VAL S 125 33.99 -6.55 -34.09
N ILE S 126 33.96 -6.46 -32.76
CA ILE S 126 33.32 -5.34 -32.10
C ILE S 126 34.20 -4.09 -32.19
N ALA S 127 35.52 -4.27 -32.27
CA ALA S 127 36.42 -3.12 -32.33
C ALA S 127 36.29 -2.40 -33.67
N SER S 128 36.17 -3.15 -34.76
CA SER S 128 35.89 -2.54 -36.05
C SER S 128 34.47 -1.97 -36.12
N CYS S 129 33.52 -2.62 -35.43
CA CYS S 129 32.14 -2.14 -35.45
C CYS S 129 32.00 -0.81 -34.72
N LEU S 130 32.68 -0.69 -33.57
CA LEU S 130 32.61 0.57 -32.81
C LEU S 130 33.32 1.70 -33.55
N TYR S 131 34.40 1.39 -34.27
CA TYR S 131 35.20 2.43 -34.91
C TYR S 131 34.44 3.09 -36.05
N VAL S 132 33.49 2.39 -36.67
CA VAL S 132 32.69 3.00 -37.72
C VAL S 132 31.83 4.12 -37.15
N ALA S 133 31.17 3.85 -36.01
CA ALA S 133 30.33 4.87 -35.38
C ALA S 133 31.16 5.97 -34.74
N CYS S 134 32.46 5.76 -34.55
CA CYS S 134 33.35 6.84 -34.13
C CYS S 134 33.57 7.86 -35.23
N ARG S 135 33.60 7.42 -36.49
CA ARG S 135 33.89 8.34 -37.58
C ARG S 135 32.64 8.89 -38.26
N LYS S 136 31.48 8.26 -38.06
CA LYS S 136 30.24 8.91 -38.44
C LYS S 136 29.96 10.11 -37.53
N GLU S 137 30.33 9.99 -36.26
CA GLU S 137 30.20 11.08 -35.30
C GLU S 137 31.35 12.07 -35.40
N LYS S 138 32.46 11.66 -36.03
CA LYS S 138 33.65 12.49 -36.20
C LYS S 138 34.21 12.93 -34.85
N THR S 139 34.69 11.94 -34.10
CA THR S 139 35.34 12.15 -32.82
C THR S 139 36.86 12.11 -33.00
N HIS S 140 37.56 12.39 -31.90
CA HIS S 140 39.02 12.37 -31.87
C HIS S 140 39.61 10.97 -31.79
N HIS S 141 38.78 9.94 -31.60
CA HIS S 141 39.29 8.60 -31.34
C HIS S 141 39.83 7.98 -32.61
N MET S 142 41.15 7.81 -32.68
CA MET S 142 41.81 7.18 -33.80
C MET S 142 41.90 5.68 -33.55
N LEU S 143 42.25 4.90 -34.58
CA LEU S 143 42.01 3.47 -34.54
C LEU S 143 42.96 2.73 -33.60
N ILE S 144 44.22 3.17 -33.50
CA ILE S 144 45.21 2.35 -32.83
C ILE S 144 45.00 2.33 -31.32
N ASP S 145 44.25 3.30 -30.79
CA ASP S 145 43.86 3.26 -29.39
C ASP S 145 42.97 2.06 -29.08
N PHE S 146 42.24 1.57 -30.08
CA PHE S 146 41.53 0.31 -29.92
C PHE S 146 42.50 -0.87 -29.93
N SER S 147 43.56 -0.79 -30.74
CA SER S 147 44.50 -1.89 -30.86
C SER S 147 45.42 -2.02 -29.65
N SER S 148 45.55 -0.95 -28.86
CA SER S 148 46.55 -0.95 -27.80
C SER S 148 46.18 -1.86 -26.64
N ARG S 149 44.94 -1.75 -26.15
CA ARG S 149 44.60 -2.42 -24.89
C ARG S 149 44.39 -3.93 -25.07
N LEU S 150 43.95 -4.37 -26.25
CA LEU S 150 43.95 -5.79 -26.54
C LEU S 150 45.32 -6.31 -26.95
N GLN S 151 46.33 -5.42 -27.04
CA GLN S 151 47.73 -5.81 -27.18
C GLN S 151 47.97 -6.62 -28.45
N VAL S 152 47.26 -6.25 -29.53
CA VAL S 152 47.42 -6.94 -30.81
C VAL S 152 48.04 -5.97 -31.80
N SER S 153 48.28 -6.46 -33.02
CA SER S 153 48.80 -5.59 -34.07
C SER S 153 47.70 -4.66 -34.57
N VAL S 154 48.11 -3.47 -35.02
CA VAL S 154 47.17 -2.54 -35.64
C VAL S 154 46.64 -3.12 -36.95
N TYR S 155 47.53 -3.71 -37.74
CA TYR S 155 47.18 -4.13 -39.10
C TYR S 155 46.20 -5.29 -39.12
N SER S 156 46.09 -6.04 -38.02
CA SER S 156 45.04 -7.04 -37.91
C SER S 156 43.67 -6.39 -37.77
N ILE S 157 43.57 -5.34 -36.95
CA ILE S 157 42.28 -4.71 -36.71
C ILE S 157 41.81 -3.96 -37.96
N GLY S 158 42.74 -3.34 -38.69
CA GLY S 158 42.37 -2.67 -39.92
C GLY S 158 42.10 -3.62 -41.07
N ALA S 159 42.59 -4.85 -40.98
CA ALA S 159 42.32 -5.84 -42.03
C ALA S 159 40.84 -6.20 -42.07
N THR S 160 40.28 -6.61 -40.93
CA THR S 160 38.85 -6.90 -40.87
C THR S 160 37.99 -5.65 -41.00
N PHE S 161 38.56 -4.46 -40.77
CA PHE S 161 37.82 -3.23 -41.03
C PHE S 161 37.60 -3.03 -42.52
N LEU S 162 38.61 -3.32 -43.35
CA LEU S 162 38.45 -3.24 -44.79
C LEU S 162 37.54 -4.35 -45.31
N LYS S 163 37.73 -5.58 -44.80
CA LYS S 163 36.92 -6.70 -45.23
C LYS S 163 35.48 -6.61 -44.76
N MET S 164 35.20 -5.78 -43.75
CA MET S 164 33.81 -5.51 -43.38
C MET S 164 33.20 -4.43 -44.28
N VAL S 165 33.90 -3.31 -44.45
CA VAL S 165 33.29 -2.13 -45.04
C VAL S 165 32.95 -2.33 -46.51
N LYS S 166 33.59 -3.30 -47.16
CA LYS S 166 33.21 -3.69 -48.51
C LYS S 166 31.92 -4.51 -48.51
N LYS S 167 31.71 -5.35 -47.50
CA LYS S 167 30.69 -6.39 -47.57
C LYS S 167 29.28 -5.83 -47.38
N LEU S 168 29.09 -4.95 -46.40
CA LEU S 168 27.78 -4.35 -46.14
C LEU S 168 27.63 -2.98 -46.78
N HIS S 169 28.57 -2.57 -47.63
CA HIS S 169 28.38 -1.49 -48.60
C HIS S 169 28.17 -0.12 -47.93
N ILE S 170 29.10 0.26 -47.05
CA ILE S 170 29.15 1.65 -46.61
C ILE S 170 29.68 2.48 -47.77
N THR S 171 28.83 3.35 -48.33
CA THR S 171 29.26 4.26 -49.38
C THR S 171 29.66 5.63 -48.82
N GLU S 172 28.73 6.31 -48.15
CA GLU S 172 29.03 7.60 -47.56
C GLU S 172 29.77 7.43 -46.24
N LEU S 173 30.87 8.18 -46.09
CA LEU S 173 31.71 8.10 -44.90
C LEU S 173 32.64 9.31 -44.87
N PRO S 174 32.67 10.06 -43.77
CA PRO S 174 33.43 11.32 -43.76
C PRO S 174 34.93 11.06 -43.73
N LEU S 175 35.67 12.07 -44.17
CA LEU S 175 37.13 11.99 -44.18
C LEU S 175 37.67 12.27 -42.78
N ALA S 176 38.77 11.61 -42.44
CA ALA S 176 39.45 11.84 -41.16
C ALA S 176 40.20 13.16 -41.25
N ASP S 177 39.52 14.25 -40.94
CA ASP S 177 40.16 15.56 -40.90
C ASP S 177 41.15 15.65 -39.74
N PRO S 178 42.43 15.94 -39.99
CA PRO S 178 43.39 16.03 -38.89
C PRO S 178 43.21 17.25 -38.02
N SER S 179 42.36 18.20 -38.43
CA SER S 179 42.07 19.37 -37.59
C SER S 179 41.41 18.99 -36.28
N LEU S 180 40.75 17.84 -36.21
CA LEU S 180 40.13 17.40 -34.97
C LEU S 180 41.17 17.13 -33.87
N PHE S 181 42.32 16.59 -34.24
CA PHE S 181 43.21 15.99 -33.26
C PHE S 181 44.00 17.01 -32.44
N ILE S 182 44.06 18.27 -32.90
CA ILE S 182 44.92 19.25 -32.22
C ILE S 182 44.35 19.61 -30.86
N GLN S 183 43.09 20.07 -30.82
CA GLN S 183 42.51 20.60 -29.59
C GLN S 183 42.18 19.52 -28.57
N HIS S 184 42.27 18.24 -28.93
CA HIS S 184 42.23 17.17 -27.95
C HIS S 184 43.60 16.82 -27.38
N PHE S 185 44.68 17.11 -28.11
CA PHE S 185 46.02 16.78 -27.63
C PHE S 185 46.46 17.69 -26.50
N ALA S 186 45.94 18.93 -26.46
CA ALA S 186 46.51 19.95 -25.59
C ALA S 186 46.17 19.74 -24.13
N GLU S 187 45.08 19.04 -23.82
CA GLU S 187 44.69 18.82 -22.44
C GLU S 187 45.66 17.90 -21.71
N LYS S 188 46.06 16.80 -22.36
CA LYS S 188 47.02 15.87 -21.76
C LYS S 188 48.46 16.28 -22.00
N LEU S 189 48.70 17.40 -22.69
CA LEU S 189 50.05 17.85 -23.00
C LEU S 189 50.62 18.76 -21.91
N ASP S 190 50.00 18.75 -20.73
CA ASP S 190 50.44 19.38 -19.48
C ASP S 190 51.13 20.73 -19.69
N LEU S 191 50.59 21.54 -20.59
CA LEU S 191 51.22 22.80 -20.96
C LEU S 191 50.74 23.90 -20.01
N ALA S 192 51.05 25.16 -20.33
CA ALA S 192 50.78 26.26 -19.42
C ALA S 192 49.29 26.58 -19.38
N ASP S 193 48.96 27.59 -18.58
CA ASP S 193 47.58 28.08 -18.47
C ASP S 193 47.08 28.66 -19.79
N LYS S 194 47.96 29.24 -20.59
CA LYS S 194 47.58 29.86 -21.87
C LYS S 194 47.44 28.78 -22.95
N LYS S 195 46.42 27.96 -22.78
CA LYS S 195 46.19 26.76 -23.59
C LYS S 195 45.33 27.02 -24.81
N ILE S 196 44.81 28.24 -24.98
CA ILE S 196 43.99 28.58 -26.13
C ILE S 196 44.84 29.25 -27.21
N LYS S 197 45.83 30.03 -26.80
CA LYS S 197 46.76 30.60 -27.78
C LYS S 197 47.69 29.56 -28.38
N VAL S 198 47.91 28.42 -27.70
CA VAL S 198 48.79 27.40 -28.26
C VAL S 198 48.10 26.54 -29.30
N VAL S 199 46.78 26.66 -29.43
CA VAL S 199 46.03 25.91 -30.43
C VAL S 199 45.43 26.83 -31.49
N LYS S 200 45.29 28.12 -31.21
CA LYS S 200 44.83 29.07 -32.23
C LYS S 200 45.88 29.26 -33.31
N ASP S 201 47.14 29.46 -32.90
CA ASP S 201 48.24 29.55 -33.86
C ASP S 201 48.46 28.22 -34.57
N ALA S 202 48.13 27.11 -33.90
CA ALA S 202 48.30 25.78 -34.49
C ALA S 202 47.34 25.56 -35.65
N VAL S 203 46.08 25.98 -35.50
CA VAL S 203 45.10 25.76 -36.57
C VAL S 203 45.34 26.73 -37.73
N LYS S 204 45.97 27.89 -37.48
CA LYS S 204 46.50 28.67 -38.59
C LYS S 204 47.60 27.90 -39.31
N LEU S 205 48.47 27.24 -38.56
CA LEU S 205 49.48 26.38 -39.17
C LEU S 205 48.83 25.16 -39.82
N ALA S 206 47.73 24.66 -39.25
CA ALA S 206 47.09 23.47 -39.80
C ALA S 206 46.37 23.77 -41.11
N GLN S 207 45.81 24.97 -41.26
CA GLN S 207 45.24 25.34 -42.55
C GLN S 207 46.33 25.75 -43.53
N ARG S 208 47.49 26.20 -43.03
CA ARG S 208 48.66 26.36 -43.87
C ARG S 208 49.26 25.02 -44.24
N MET S 209 49.13 24.03 -43.35
CA MET S 209 49.56 22.67 -43.68
C MET S 209 48.73 22.08 -44.79
N SER S 210 47.46 22.49 -44.89
CA SER S 210 46.49 21.78 -45.73
C SER S 210 46.64 22.14 -47.19
N LYS S 211 46.63 23.44 -47.50
CA LYS S 211 46.73 23.87 -48.90
C LYS S 211 48.10 23.55 -49.48
N ASP S 212 49.14 23.55 -48.67
CA ASP S 212 50.43 23.04 -49.13
C ASP S 212 50.40 21.52 -49.19
N TRP S 213 51.30 20.97 -50.01
CA TRP S 213 51.24 19.55 -50.37
C TRP S 213 52.21 18.75 -49.50
N MET S 214 51.82 18.55 -48.25
CA MET S 214 52.55 17.65 -47.36
C MET S 214 51.82 16.34 -47.11
N PHE S 215 50.53 16.39 -46.81
CA PHE S 215 49.75 15.20 -46.48
C PHE S 215 48.68 15.01 -47.56
N GLU S 216 48.86 13.99 -48.39
CA GLU S 216 47.81 13.54 -49.29
C GLU S 216 47.69 12.02 -49.24
N GLY S 217 48.82 11.35 -49.06
CA GLY S 217 48.85 9.90 -48.96
C GLY S 217 49.50 9.46 -47.67
N ARG S 218 49.96 10.43 -46.88
CA ARG S 218 50.63 10.17 -45.61
C ARG S 218 49.58 9.98 -44.52
N ARG S 219 50.03 9.96 -43.27
CA ARG S 219 49.21 9.57 -42.13
C ARG S 219 48.56 10.79 -41.48
N PRO S 220 47.31 10.69 -41.07
CA PRO S 220 46.70 11.79 -40.31
C PRO S 220 47.36 12.06 -38.98
N ALA S 221 47.66 11.02 -38.21
CA ALA S 221 48.29 11.23 -36.90
C ALA S 221 49.74 11.67 -37.03
N GLY S 222 50.37 11.44 -38.18
CA GLY S 222 51.73 11.89 -38.40
C GLY S 222 51.81 13.40 -38.57
N ILE S 223 51.04 13.93 -39.51
CA ILE S 223 51.12 15.36 -39.82
C ILE S 223 50.41 16.19 -38.75
N ALA S 224 49.40 15.62 -38.09
CA ALA S 224 48.76 16.34 -36.98
C ALA S 224 49.63 16.40 -35.75
N GLY S 225 50.65 15.55 -35.66
CA GLY S 225 51.63 15.63 -34.59
C GLY S 225 52.82 16.49 -34.91
N ALA S 226 52.99 16.87 -36.18
CA ALA S 226 54.07 17.75 -36.59
C ALA S 226 53.70 19.22 -36.48
N CYS S 227 52.43 19.56 -36.68
CA CYS S 227 52.01 20.95 -36.59
C CYS S 227 52.02 21.43 -35.13
N ILE S 228 51.57 20.58 -34.21
CA ILE S 228 51.60 20.94 -32.80
C ILE S 228 53.03 20.94 -32.27
N LEU S 229 53.95 20.27 -32.96
CA LEU S 229 55.35 20.32 -32.59
C LEU S 229 55.93 21.71 -32.83
N LEU S 230 55.57 22.33 -33.95
CA LEU S 230 56.16 23.63 -34.30
C LEU S 230 55.53 24.75 -33.49
N ALA S 231 54.23 24.67 -33.21
CA ALA S 231 53.58 25.71 -32.42
C ALA S 231 54.03 25.67 -30.96
N CYS S 232 54.30 24.48 -30.42
CA CYS S 232 54.75 24.38 -29.04
C CYS S 232 56.15 24.94 -28.86
N ARG S 233 57.04 24.74 -29.85
CA ARG S 233 58.42 25.19 -29.68
C ARG S 233 58.56 26.70 -29.82
N MET S 234 57.69 27.34 -30.60
CA MET S 234 57.84 28.78 -30.85
C MET S 234 57.29 29.63 -29.72
N ASN S 235 56.74 29.03 -28.67
CA ASN S 235 56.38 29.76 -27.46
C ASN S 235 56.91 29.11 -26.19
N ASN S 236 56.89 27.78 -26.12
CA ASN S 236 57.41 27.04 -24.98
C ASN S 236 58.57 26.16 -25.47
N LEU S 237 59.14 25.39 -24.54
CA LEU S 237 60.09 24.34 -24.91
C LEU S 237 59.65 23.00 -24.32
N ARG S 238 58.35 22.80 -24.13
CA ARG S 238 57.87 21.54 -23.57
C ARG S 238 58.05 20.37 -24.53
N ARG S 239 58.23 20.64 -25.83
CA ARG S 239 58.41 19.55 -26.78
C ARG S 239 59.78 18.92 -26.62
N THR S 240 59.80 17.60 -26.44
CA THR S 240 61.05 16.85 -26.25
C THR S 240 61.24 15.78 -27.32
N HIS S 241 60.46 15.82 -28.40
CA HIS S 241 60.33 14.76 -29.40
C HIS S 241 59.84 13.43 -28.81
N THR S 242 59.42 13.43 -27.55
CA THR S 242 59.03 12.21 -26.86
C THR S 242 57.68 12.34 -26.16
N GLU S 243 57.38 13.50 -25.58
CA GLU S 243 56.10 13.71 -24.93
C GLU S 243 54.96 13.74 -25.93
N ILE S 244 55.18 14.38 -27.09
CA ILE S 244 54.19 14.37 -28.15
C ILE S 244 54.10 12.99 -28.80
N VAL S 245 55.18 12.21 -28.74
CA VAL S 245 55.09 10.81 -29.15
C VAL S 245 54.27 10.01 -28.14
N ALA S 246 54.45 10.29 -26.85
CA ALA S 246 53.66 9.65 -25.81
C ALA S 246 52.17 9.98 -25.94
N VAL S 247 51.83 11.06 -26.64
CA VAL S 247 50.44 11.37 -26.95
C VAL S 247 50.04 10.80 -28.30
N SER S 248 50.82 11.07 -29.34
CA SER S 248 50.40 10.74 -30.70
C SER S 248 50.71 9.30 -31.08
N HIS S 249 51.58 8.62 -30.34
CA HIS S 249 51.88 7.20 -30.54
C HIS S 249 52.43 6.95 -31.95
N VAL S 250 53.24 7.88 -32.44
CA VAL S 250 53.94 7.73 -33.70
C VAL S 250 55.42 8.03 -33.45
N ALA S 251 56.30 7.26 -34.10
CA ALA S 251 57.67 7.17 -33.67
C ALA S 251 58.42 8.49 -33.89
N GLU S 252 59.67 8.53 -33.42
CA GLU S 252 60.40 9.78 -33.33
C GLU S 252 61.06 10.16 -34.64
N GLU S 253 61.64 9.19 -35.36
CA GLU S 253 62.38 9.51 -36.56
C GLU S 253 61.49 9.79 -37.76
N THR S 254 60.25 9.31 -37.75
CA THR S 254 59.32 9.61 -38.84
C THR S 254 58.74 11.01 -38.78
N LEU S 255 58.82 11.68 -37.64
CA LEU S 255 58.42 13.08 -37.55
C LEU S 255 59.58 14.04 -37.80
N GLN S 256 60.82 13.60 -37.63
CA GLN S 256 61.96 14.45 -37.96
C GLN S 256 61.99 14.79 -39.44
N GLN S 257 61.57 13.85 -40.29
CA GLN S 257 61.44 14.13 -41.72
C GLN S 257 60.38 15.19 -41.99
N ARG S 258 59.34 15.24 -41.17
CA ARG S 258 58.18 16.08 -41.47
C ARG S 258 58.50 17.57 -41.35
N LEU S 259 59.34 17.95 -40.39
CA LEU S 259 59.79 19.35 -40.36
C LEU S 259 60.84 19.63 -41.43
N ASN S 260 61.64 18.64 -41.79
CA ASN S 260 62.52 18.82 -42.95
C ASN S 260 61.74 18.77 -44.25
N GLU S 261 60.59 18.08 -44.26
CA GLU S 261 59.65 18.23 -45.36
C GLU S 261 59.11 19.65 -45.44
N PHE S 262 58.81 20.26 -44.29
CA PHE S 262 58.23 21.60 -44.29
C PHE S 262 59.27 22.66 -44.65
N LYS S 263 60.55 22.39 -44.38
CA LYS S 263 61.53 23.47 -44.36
C LYS S 263 61.92 23.91 -45.77
N ASN S 264 62.01 22.96 -46.70
CA ASN S 264 62.58 23.22 -48.02
C ASN S 264 61.55 23.03 -49.12
N THR S 265 60.31 23.48 -48.90
CA THR S 265 59.27 23.42 -49.93
C THR S 265 59.07 24.76 -50.62
N LYS S 266 58.66 25.79 -49.86
CA LYS S 266 58.53 27.14 -50.38
C LYS S 266 58.28 28.13 -49.25
N ALA S 267 59.01 29.25 -49.25
CA ALA S 267 58.80 30.37 -48.34
C ALA S 267 58.89 29.99 -46.87
N ALA S 268 59.42 28.81 -46.55
CA ALA S 268 59.58 28.45 -45.13
C ALA S 268 60.73 29.18 -44.47
N LYS S 269 61.73 29.60 -45.25
CA LYS S 269 62.83 30.39 -44.70
C LYS S 269 62.37 31.76 -44.20
N LEU S 270 61.22 32.25 -44.69
CA LEU S 270 60.57 33.38 -44.06
C LEU S 270 60.13 33.06 -42.63
N SER S 271 59.64 31.84 -42.41
CA SER S 271 59.02 31.49 -41.13
C SER S 271 59.90 30.60 -40.26
N VAL S 272 61.19 30.53 -40.55
CA VAL S 272 62.09 29.77 -39.69
C VAL S 272 62.41 30.55 -38.42
N GLN S 273 62.79 31.82 -38.58
CA GLN S 273 63.37 32.61 -37.50
C GLN S 273 62.43 33.69 -36.96
N LYS S 274 61.49 34.15 -37.77
CA LYS S 274 60.78 35.39 -37.46
C LYS S 274 59.46 35.38 -38.25
N PHE S 275 58.94 36.57 -38.56
CA PHE S 275 57.73 36.72 -39.35
C PHE S 275 56.52 36.14 -38.60
N ARG S 276 55.94 36.95 -37.71
CA ARG S 276 54.61 36.71 -37.16
C ARG S 276 53.65 36.10 -38.18
N GLU S 277 52.84 35.15 -37.70
CA GLU S 277 52.23 34.10 -38.49
C GLU S 277 50.97 34.57 -39.23
N ASN S 278 51.09 35.64 -40.02
CA ASN S 278 49.94 36.21 -40.70
C ASN S 278 50.18 36.35 -42.21
N ASP S 279 50.75 35.32 -42.81
CA ASP S 279 50.87 35.25 -44.27
C ASP S 279 49.64 34.55 -44.86
N VAL S 280 49.19 35.07 -46.01
CA VAL S 280 48.09 34.46 -46.77
C VAL S 280 48.62 34.27 -48.19
N GLU S 281 49.16 33.09 -48.48
CA GLU S 281 49.73 32.78 -49.79
C GLU S 281 49.45 31.32 -50.11
N ASP S 282 49.68 30.96 -51.38
CA ASP S 282 49.56 29.59 -51.85
C ASP S 282 50.89 28.97 -52.24
N GLY S 283 51.75 29.72 -52.93
CA GLY S 283 53.06 29.22 -53.30
C GLY S 283 53.00 28.11 -54.34
N GLU S 284 54.13 27.41 -54.48
CA GLU S 284 54.22 26.29 -55.38
C GLU S 284 53.58 25.05 -54.78
N ALA S 285 53.16 24.14 -55.66
CA ALA S 285 52.54 22.87 -55.26
C ALA S 285 53.48 21.74 -55.65
N ARG S 286 54.25 21.25 -54.68
CA ARG S 286 55.26 20.22 -54.90
C ARG S 286 55.09 19.14 -53.84
N PRO S 287 54.26 18.14 -54.10
CA PRO S 287 54.33 16.91 -53.32
C PRO S 287 55.59 16.13 -53.65
N PRO S 288 56.18 15.44 -52.67
CA PRO S 288 57.49 14.79 -52.88
C PRO S 288 57.40 13.54 -53.74
N SER S 289 56.20 13.05 -54.04
CA SER S 289 56.05 11.77 -54.73
C SER S 289 56.38 11.83 -56.21
N PHE S 290 56.43 13.03 -56.81
CA PHE S 290 57.00 13.17 -58.13
C PHE S 290 58.33 13.91 -58.15
N VAL S 291 58.70 14.55 -57.03
CA VAL S 291 60.06 15.05 -56.87
C VAL S 291 61.04 13.89 -56.88
N LYS S 292 60.65 12.75 -56.28
CA LYS S 292 61.43 11.53 -56.39
C LYS S 292 61.38 10.97 -57.81
N ASN S 293 60.32 11.26 -58.55
CA ASN S 293 60.23 10.78 -59.93
C ASN S 293 61.12 11.60 -60.87
N ARG S 294 61.25 12.90 -60.62
CA ARG S 294 62.19 13.71 -61.38
C ARG S 294 63.64 13.44 -60.99
N LYS S 295 63.86 12.87 -59.80
CA LYS S 295 65.19 12.38 -59.44
C LYS S 295 65.57 11.13 -60.21
N LYS S 296 64.59 10.38 -60.71
CA LYS S 296 64.90 9.17 -61.48
C LYS S 296 65.47 9.52 -62.85
N GLU S 297 64.97 10.58 -63.47
CA GLU S 297 65.41 10.97 -64.80
C GLU S 297 66.65 11.84 -64.72
N CYS S 438 41.93 13.62 -80.88
CA CYS S 438 41.19 12.38 -80.99
C CYS S 438 41.67 11.35 -79.98
N PRO S 439 40.74 10.60 -79.40
CA PRO S 439 41.09 9.58 -78.41
C PRO S 439 41.64 8.33 -79.10
N ARG S 440 42.00 7.34 -78.27
CA ARG S 440 42.56 6.11 -78.79
C ARG S 440 41.49 5.25 -79.44
N ASN S 441 41.74 4.83 -80.67
CA ASN S 441 40.85 3.89 -81.34
C ASN S 441 41.02 2.49 -80.76
N LEU S 442 40.06 1.62 -81.08
CA LEU S 442 39.96 0.35 -80.37
C LEU S 442 41.05 -0.63 -80.82
N HIS S 443 41.22 -0.80 -82.12
CA HIS S 443 42.17 -1.80 -82.63
C HIS S 443 43.48 -1.14 -83.06
N LEU S 444 44.18 -0.60 -82.06
CA LEU S 444 45.56 -0.18 -82.21
C LEU S 444 46.50 -0.91 -81.25
N LEU S 445 46.02 -1.26 -80.07
CA LEU S 445 46.76 -2.10 -79.14
C LEU S 445 46.88 -3.51 -79.69
N PRO S 446 48.00 -4.19 -79.41
CA PRO S 446 48.06 -5.62 -79.70
C PRO S 446 47.10 -6.37 -78.79
N THR S 447 46.40 -7.34 -79.38
CA THR S 447 45.35 -8.07 -78.69
C THR S 447 45.95 -9.22 -77.87
N THR S 448 45.07 -10.09 -77.37
CA THR S 448 45.47 -11.27 -76.60
C THR S 448 45.26 -12.57 -77.36
N ASP S 449 44.42 -12.58 -78.39
CA ASP S 449 44.21 -13.79 -79.18
C ASP S 449 45.33 -14.01 -80.17
N THR S 450 46.12 -12.98 -80.46
CA THR S 450 47.30 -13.14 -81.31
C THR S 450 48.38 -13.94 -80.61
N TYR S 451 48.43 -13.87 -79.28
CA TYR S 451 49.38 -14.64 -78.49
C TYR S 451 48.83 -16.02 -78.13
N LEU S 452 47.51 -16.18 -78.11
CA LEU S 452 46.92 -17.50 -77.88
C LEU S 452 47.18 -18.44 -79.05
N SER S 453 47.30 -17.89 -80.26
CA SER S 453 47.51 -18.68 -81.47
C SER S 453 48.98 -18.79 -81.86
N LYS S 454 49.91 -18.42 -80.97
CA LYS S 454 51.33 -18.54 -81.30
C LYS S 454 51.77 -19.99 -81.30
N VAL S 455 51.69 -20.65 -80.14
CA VAL S 455 52.05 -22.05 -80.00
C VAL S 455 50.77 -22.87 -80.10
N SER S 456 50.81 -23.93 -80.92
CA SER S 456 49.64 -24.78 -81.07
C SER S 456 49.31 -25.48 -79.76
N ASP S 457 48.02 -25.59 -79.47
CA ASP S 457 47.56 -25.99 -78.13
C ASP S 457 47.35 -27.51 -78.09
N ASP S 458 48.43 -28.24 -78.30
CA ASP S 458 48.42 -29.69 -78.21
C ASP S 458 48.20 -30.13 -76.76
N PRO S 459 47.09 -30.80 -76.45
CA PRO S 459 46.79 -31.12 -75.04
C PRO S 459 47.64 -32.27 -74.52
N ASP S 460 47.92 -33.25 -75.37
CA ASP S 460 48.74 -34.39 -75.00
C ASP S 460 50.21 -34.21 -75.34
N ASN S 461 50.51 -33.50 -76.42
CA ASN S 461 51.89 -33.31 -76.86
C ASN S 461 52.51 -32.07 -76.22
N LEU S 462 53.83 -32.12 -76.03
CA LEU S 462 54.58 -30.94 -75.64
C LEU S 462 55.93 -30.86 -76.35
N GLU S 463 56.17 -31.69 -77.37
CA GLU S 463 57.49 -31.89 -77.94
C GLU S 463 57.75 -30.99 -79.15
N ASP S 464 57.12 -29.81 -79.19
CA ASP S 464 57.45 -28.78 -80.14
C ASP S 464 58.12 -27.56 -79.51
N VAL S 465 58.15 -27.49 -78.17
CA VAL S 465 58.78 -26.39 -77.46
C VAL S 465 59.94 -26.93 -76.65
N ASP S 466 60.58 -27.98 -77.17
CA ASP S 466 61.70 -28.61 -76.50
C ASP S 466 62.91 -27.67 -76.48
N ASP S 467 63.89 -28.04 -75.67
CA ASP S 467 65.17 -27.35 -75.61
C ASP S 467 66.23 -28.35 -75.17
N GLU S 468 67.38 -27.85 -74.73
CA GLU S 468 68.51 -28.69 -74.39
C GLU S 468 68.95 -28.56 -72.93
N GLU S 469 68.73 -27.42 -72.29
CA GLU S 469 69.10 -27.24 -70.90
C GLU S 469 68.01 -27.70 -69.94
N LEU S 470 66.74 -27.45 -70.27
CA LEU S 470 65.65 -28.05 -69.51
C LEU S 470 65.47 -29.52 -69.84
N ASN S 471 66.00 -29.98 -70.99
CA ASN S 471 66.14 -31.41 -71.22
C ASN S 471 67.22 -32.01 -70.33
N ALA S 472 68.25 -31.23 -70.01
CA ALA S 472 69.27 -31.61 -69.04
C ALA S 472 68.83 -31.36 -67.60
N HIS S 473 67.66 -30.76 -67.39
CA HIS S 473 67.16 -30.50 -66.05
C HIS S 473 66.71 -31.79 -65.40
N LEU S 474 67.61 -32.42 -64.66
CA LEU S 474 67.42 -33.77 -64.13
C LEU S 474 68.47 -34.01 -63.07
N LEU S 475 68.20 -34.98 -62.19
CA LEU S 475 68.98 -35.11 -60.97
C LEU S 475 70.42 -35.55 -61.27
N ASN S 476 71.27 -35.36 -60.27
CA ASN S 476 72.58 -36.00 -60.24
C ASN S 476 72.40 -37.42 -59.72
N GLU S 477 72.68 -38.41 -60.57
CA GLU S 477 72.24 -39.78 -60.29
C GLU S 477 73.07 -40.42 -59.18
N GLU S 478 74.38 -40.13 -59.15
CA GLU S 478 75.20 -40.64 -58.06
C GLU S 478 75.11 -39.80 -56.80
N ALA S 479 74.63 -38.56 -56.90
CA ALA S 479 74.40 -37.72 -55.74
C ALA S 479 72.94 -37.78 -55.27
N SER S 480 72.19 -38.81 -55.66
CA SER S 480 70.83 -38.99 -55.15
C SER S 480 70.86 -39.42 -53.69
N LYS S 481 71.40 -40.61 -53.42
CA LYS S 481 71.51 -41.11 -52.05
C LYS S 481 72.45 -40.26 -51.20
N LEU S 482 73.31 -39.47 -51.85
CA LEU S 482 73.98 -38.37 -51.14
C LEU S 482 72.98 -37.34 -50.66
N LYS S 483 72.02 -36.96 -51.50
CA LYS S 483 71.17 -35.82 -51.17
C LYS S 483 70.02 -36.20 -50.26
N GLU S 484 69.38 -37.36 -50.48
CA GLU S 484 68.25 -37.72 -49.63
C GLU S 484 68.69 -38.09 -48.23
N ARG S 485 69.94 -38.50 -48.05
CA ARG S 485 70.48 -38.68 -46.70
C ARG S 485 70.54 -37.37 -45.94
N ILE S 486 70.86 -36.27 -46.65
CA ILE S 486 70.74 -34.95 -46.06
C ILE S 486 69.27 -34.57 -45.87
N TRP S 487 68.43 -34.93 -46.84
CA TRP S 487 67.01 -34.63 -46.73
C TRP S 487 66.33 -35.43 -45.63
N ILE S 488 66.73 -36.69 -45.45
CA ILE S 488 66.22 -37.47 -44.32
C ILE S 488 66.92 -37.10 -43.03
N GLY S 489 68.09 -36.47 -43.10
CA GLY S 489 68.80 -36.02 -41.91
C GLY S 489 68.25 -34.74 -41.31
N LEU S 490 67.45 -33.99 -42.07
CA LEU S 490 66.77 -32.80 -41.57
C LEU S 490 65.31 -33.01 -41.21
N ASN S 491 64.68 -34.09 -41.69
CA ASN S 491 63.24 -34.24 -41.61
C ASN S 491 62.87 -35.11 -40.41
N ALA S 492 61.89 -34.65 -39.62
CA ALA S 492 61.23 -35.49 -38.63
C ALA S 492 59.71 -35.31 -38.63
N ASP S 493 59.15 -34.60 -39.61
CA ASP S 493 57.71 -34.37 -39.62
C ASP S 493 56.94 -35.63 -39.99
N PHE S 494 57.41 -36.38 -40.98
CA PHE S 494 56.76 -37.65 -41.31
C PHE S 494 57.04 -38.72 -40.27
N LEU S 495 58.08 -38.55 -39.46
CA LEU S 495 58.39 -39.49 -38.39
C LEU S 495 57.23 -39.57 -37.40
N LEU S 496 56.87 -38.44 -36.77
CA LEU S 496 55.77 -38.45 -35.81
C LEU S 496 54.42 -38.60 -36.51
N GLU S 497 54.35 -38.27 -37.79
CA GLU S 497 53.19 -38.62 -38.60
C GLU S 497 53.00 -40.13 -38.68
N GLN S 498 54.10 -40.88 -38.72
CA GLN S 498 54.01 -42.33 -38.89
C GLN S 498 53.38 -43.01 -37.68
N GLU S 499 53.90 -42.77 -36.49
CA GLU S 499 53.32 -43.43 -35.32
C GLU S 499 51.95 -42.85 -34.95
N SER S 500 51.64 -41.64 -35.43
CA SER S 500 50.27 -41.15 -35.31
C SER S 500 49.36 -41.81 -36.34
N LYS S 501 49.89 -42.06 -37.54
CA LYS S 501 49.16 -42.89 -38.51
C LYS S 501 49.03 -44.32 -38.00
N ARG S 502 50.07 -44.83 -37.34
CA ARG S 502 49.97 -46.11 -36.65
C ARG S 502 49.07 -46.03 -35.42
N LEU S 503 48.86 -44.84 -34.88
CA LEU S 503 47.90 -44.67 -33.80
C LEU S 503 46.46 -44.62 -34.28
N LYS S 504 46.24 -44.28 -35.57
CA LYS S 504 44.89 -44.32 -36.11
C LYS S 504 44.32 -45.72 -36.09
N GLN S 505 45.17 -46.74 -36.29
CA GLN S 505 44.73 -48.12 -36.19
C GLN S 505 44.64 -48.59 -34.75
N GLU S 506 45.46 -48.02 -33.86
CA GLU S 506 45.47 -48.49 -32.47
C GLU S 506 44.24 -48.01 -31.72
N ALA S 507 43.74 -46.81 -32.05
CA ALA S 507 42.51 -46.30 -31.45
C ALA S 507 41.26 -46.96 -32.02
N ASP S 508 41.37 -47.70 -33.13
CA ASP S 508 40.23 -48.42 -33.67
C ASP S 508 39.78 -49.53 -32.73
N ILE S 509 40.73 -50.27 -32.15
CA ILE S 509 40.40 -51.31 -31.18
C ILE S 509 40.30 -50.78 -29.76
N ALA S 510 40.61 -49.52 -29.52
CA ALA S 510 40.45 -48.91 -28.21
C ALA S 510 39.09 -48.25 -28.08
N CYS T 280 67.10 30.72 -36.45
CA CYS T 280 66.66 29.81 -35.40
C CYS T 280 66.07 28.54 -36.00
N LYS T 281 66.94 27.61 -36.39
CA LYS T 281 66.56 26.39 -37.09
C LYS T 281 65.49 25.62 -36.32
N PRO T 282 64.59 24.92 -37.00
CA PRO T 282 63.45 24.28 -36.31
C PRO T 282 63.81 23.01 -35.55
N ASN T 283 65.04 22.52 -35.61
CA ASN T 283 65.44 21.33 -34.87
C ASN T 283 66.23 21.72 -33.61
N PHE T 284 65.61 21.51 -32.45
CA PHE T 284 66.23 21.51 -31.13
C PHE T 284 66.92 22.82 -30.77
N PRO T 285 66.18 23.89 -30.48
CA PRO T 285 66.71 24.92 -29.57
C PRO T 285 66.29 24.66 -28.13
N ILE T 286 67.23 24.84 -27.21
CA ILE T 286 66.92 24.85 -25.78
C ILE T 286 66.64 26.31 -25.41
N GLY T 287 65.37 26.65 -25.24
CA GLY T 287 65.06 28.06 -25.19
C GLY T 287 64.05 28.64 -24.21
N GLN T 288 63.33 27.83 -23.43
CA GLN T 288 62.56 28.35 -22.30
C GLN T 288 62.10 27.22 -21.39
N ILE T 289 61.14 27.56 -20.52
CA ILE T 289 60.96 26.94 -19.20
C ILE T 289 61.02 25.42 -19.27
N SER T 290 60.20 24.83 -20.14
CA SER T 290 60.24 23.41 -20.48
C SER T 290 60.07 22.56 -19.21
N GLU T 291 58.85 22.63 -18.69
CA GLU T 291 58.48 22.00 -17.43
C GLU T 291 58.43 20.48 -17.56
N ASN T 292 59.04 19.78 -16.60
CA ASN T 292 58.97 18.32 -16.52
C ASN T 292 59.49 17.64 -17.78
N PHE T 293 60.73 18.00 -18.15
CA PHE T 293 61.40 17.33 -19.25
C PHE T 293 62.41 16.29 -18.77
N GLU T 294 62.65 16.19 -17.46
CA GLU T 294 63.69 15.28 -16.98
C GLU T 294 63.25 13.83 -17.10
N LYS T 295 61.98 13.54 -16.80
CA LYS T 295 61.46 12.19 -16.99
C LYS T 295 61.47 11.81 -18.47
N SER T 296 61.30 12.78 -19.35
CA SER T 296 61.49 12.55 -20.78
C SER T 296 62.95 12.32 -21.12
N LYS T 297 63.87 12.89 -20.32
CA LYS T 297 65.29 12.89 -20.70
C LYS T 297 65.90 11.51 -20.49
N MET T 298 65.79 10.96 -19.29
CA MET T 298 66.48 9.70 -19.03
C MET T 298 65.73 8.50 -19.61
N ALA T 299 64.48 8.68 -20.04
CA ALA T 299 63.83 7.64 -20.82
C ALA T 299 64.51 7.47 -22.17
N LYS T 300 64.92 8.57 -22.79
CA LYS T 300 65.58 8.47 -24.10
C LYS T 300 66.94 7.80 -23.97
N LYS T 301 67.65 8.09 -22.89
CA LYS T 301 68.98 7.51 -22.68
C LYS T 301 68.90 6.04 -22.28
N ALA T 302 67.73 5.59 -21.83
CA ALA T 302 67.54 4.19 -21.47
C ALA T 302 67.10 3.35 -22.66
N LYS T 303 66.40 3.95 -23.63
CA LYS T 303 65.98 3.18 -24.79
C LYS T 303 67.13 2.94 -25.74
N LEU T 304 68.13 3.83 -25.73
CA LEU T 304 69.35 3.58 -26.51
C LEU T 304 70.19 2.50 -25.84
N GLU T 305 70.11 2.42 -24.50
CA GLU T 305 70.84 1.39 -23.77
C GLU T 305 70.19 0.02 -23.96
N LYS T 306 68.87 -0.01 -24.13
CA LYS T 306 68.17 -1.28 -24.24
C LYS T 306 68.50 -1.98 -25.57
N ARG T 307 68.57 -1.20 -26.65
CA ARG T 307 68.78 -1.78 -27.97
C ARG T 307 70.20 -2.31 -28.14
N ARG T 308 71.15 -1.79 -27.36
CA ARG T 308 72.54 -2.20 -27.50
C ARG T 308 72.81 -3.52 -26.79
N HIS T 309 72.01 -3.84 -25.76
CA HIS T 309 72.07 -5.16 -25.15
C HIS T 309 71.39 -6.22 -26.00
N LEU T 310 70.49 -5.81 -26.91
CA LEU T 310 69.95 -6.73 -27.90
C LEU T 310 70.99 -7.07 -28.95
N ARG T 311 72.01 -6.22 -29.12
CA ARG T 311 73.08 -6.51 -30.08
C ARG T 311 73.98 -7.62 -29.58
N GLU T 312 74.16 -7.76 -28.27
CA GLU T 312 75.15 -8.69 -27.74
C GLU T 312 74.58 -10.09 -27.52
N LEU T 313 73.25 -10.23 -27.49
CA LEU T 313 72.66 -11.56 -27.63
C LEU T 313 72.99 -12.14 -29.00
N ARG T 314 73.09 -11.28 -30.01
CA ARG T 314 73.39 -11.70 -31.38
C ARG T 314 74.88 -12.03 -31.52
N MET T 315 75.75 -11.20 -30.96
CA MET T 315 77.18 -11.40 -31.10
C MET T 315 77.63 -12.67 -30.39
N ARG T 316 76.97 -13.02 -29.29
CA ARG T 316 77.33 -14.23 -28.56
C ARG T 316 76.76 -15.46 -29.24
N ALA T 317 75.67 -15.30 -30.01
CA ALA T 317 75.02 -16.41 -30.68
C ALA T 317 75.65 -16.76 -32.02
N ARG T 318 76.39 -15.82 -32.62
CA ARG T 318 77.12 -16.12 -33.84
C ARG T 318 78.18 -17.19 -33.60
N GLN T 319 79.01 -17.01 -32.57
CA GLN T 319 80.06 -17.94 -32.15
C GLN T 319 80.77 -18.64 -33.30
N THR T 360 58.34 -33.38 -3.63
CA THR T 360 57.13 -32.92 -2.98
C THR T 360 56.16 -34.08 -2.76
N ALA T 361 56.70 -35.24 -2.39
CA ALA T 361 55.87 -36.37 -1.99
C ALA T 361 55.38 -36.19 -0.56
N ILE T 362 54.48 -37.09 -0.15
CA ILE T 362 53.84 -37.01 1.16
C ILE T 362 54.82 -37.47 2.23
N GLN T 363 54.78 -36.84 3.40
CA GLN T 363 55.73 -37.05 4.45
C GLN T 363 55.01 -37.48 5.73
N LEU T 364 55.60 -38.41 6.47
CA LEU T 364 55.07 -38.89 7.73
C LEU T 364 56.13 -38.77 8.82
N LYS T 365 55.74 -39.10 10.05
CA LYS T 365 56.66 -39.12 11.17
C LYS T 365 56.20 -40.16 12.17
N LEU T 366 57.07 -40.43 13.15
CA LEU T 366 56.87 -41.52 14.12
C LEU T 366 56.77 -40.93 15.52
N ASN T 367 55.54 -40.73 15.99
CA ASN T 367 55.34 -40.23 17.34
C ASN T 367 55.52 -41.35 18.36
N PRO T 368 55.92 -41.02 19.59
CA PRO T 368 55.79 -41.99 20.69
C PRO T 368 54.35 -42.29 21.05
N ASP T 369 53.44 -41.32 20.89
CA ASP T 369 52.03 -41.56 21.19
C ASP T 369 51.36 -42.39 20.10
N GLY T 370 51.23 -41.80 18.90
CA GLY T 370 50.80 -42.54 17.74
C GLY T 370 51.90 -42.71 16.72
N THR T 371 52.51 -43.90 16.68
CA THR T 371 53.53 -44.18 15.68
C THR T 371 52.88 -44.40 14.32
N MET T 372 53.66 -44.14 13.27
CA MET T 372 53.24 -44.40 11.88
C MET T 372 52.07 -43.51 11.50
N ALA T 373 52.10 -42.27 11.98
CA ALA T 373 51.10 -41.25 11.68
C ALA T 373 51.63 -40.31 10.61
N ILE T 374 50.74 -39.88 9.71
CA ILE T 374 51.12 -39.12 8.53
C ILE T 374 50.63 -37.68 8.72
N ASP T 375 51.42 -36.73 8.23
CA ASP T 375 51.18 -35.32 8.50
C ASP T 375 50.03 -34.79 7.65
N GLU T 376 49.07 -34.16 8.31
CA GLU T 376 47.89 -33.64 7.62
C GLU T 376 48.22 -32.41 6.78
N GLU T 377 49.30 -31.69 7.08
CA GLU T 377 49.64 -30.50 6.30
C GLU T 377 50.42 -30.86 5.05
N THR T 378 51.17 -31.96 5.07
CA THR T 378 51.89 -32.43 3.89
C THR T 378 50.96 -33.13 2.91
N MET T 379 49.77 -33.55 3.37
CA MET T 379 48.78 -34.12 2.47
C MET T 379 48.36 -33.15 1.37
N VAL T 380 48.32 -31.85 1.67
CA VAL T 380 47.97 -30.85 0.67
C VAL T 380 49.20 -30.03 0.33
N VAL T 381 49.15 -29.39 -0.84
CA VAL T 381 50.23 -28.57 -1.36
C VAL T 381 49.72 -27.15 -1.55
N ASP T 382 50.64 -26.19 -1.43
CA ASP T 382 50.27 -24.78 -1.41
C ASP T 382 50.27 -24.16 -2.81
N ARG T 383 51.12 -24.67 -3.70
CA ARG T 383 51.20 -24.26 -5.10
C ARG T 383 51.59 -22.81 -5.30
N HIS T 384 52.08 -22.14 -4.26
CA HIS T 384 52.56 -20.76 -4.38
C HIS T 384 53.89 -20.51 -3.71
N LYS T 385 54.28 -21.30 -2.71
CA LYS T 385 55.58 -21.07 -2.06
C LYS T 385 56.72 -21.30 -3.03
N ASN T 386 56.58 -22.30 -3.93
CA ASN T 386 57.60 -22.54 -4.95
C ASN T 386 57.64 -21.39 -5.96
N ALA T 387 56.49 -20.81 -6.30
CA ALA T 387 56.48 -19.69 -7.23
C ALA T 387 57.02 -18.42 -6.59
N SER T 388 56.80 -18.24 -5.28
CA SER T 388 57.20 -16.99 -4.63
C SER T 388 58.70 -16.90 -4.42
N ILE T 389 59.39 -18.04 -4.41
CA ILE T 389 60.85 -18.03 -4.22
C ILE T 389 61.53 -17.35 -5.40
N GLU T 390 61.18 -17.75 -6.62
CA GLU T 390 61.79 -17.12 -7.79
C GLU T 390 61.28 -15.69 -8.00
N ASN T 391 60.03 -15.42 -7.60
CA ASN T 391 59.49 -14.07 -7.80
C ASN T 391 60.15 -13.07 -6.86
N GLU T 392 60.56 -13.52 -5.67
CA GLU T 392 61.42 -12.70 -4.82
C GLU T 392 62.77 -12.44 -5.47
N TYR T 393 63.33 -13.42 -6.15
CA TYR T 393 64.63 -13.28 -6.81
C TYR T 393 64.48 -12.86 -8.27
N LYS T 394 63.68 -11.82 -8.50
CA LYS T 394 63.63 -11.13 -9.77
C LYS T 394 63.98 -9.65 -9.56
N GLU T 395 64.43 -9.01 -10.63
CA GLU T 395 64.91 -7.64 -10.54
C GLU T 395 63.74 -6.67 -10.43
N LYS T 396 63.88 -5.69 -9.55
CA LYS T 396 62.86 -4.68 -9.32
C LYS T 396 63.22 -3.40 -10.06
N VAL T 397 62.26 -2.83 -10.78
CA VAL T 397 62.45 -1.60 -11.53
C VAL T 397 61.20 -0.74 -11.36
N ASP T 398 61.39 0.58 -11.44
CA ASP T 398 60.33 1.55 -11.23
C ASP T 398 59.84 2.04 -12.59
N GLU T 399 58.57 1.78 -12.88
CA GLU T 399 58.03 2.06 -14.21
C GLU T 399 57.86 3.56 -14.41
N ASN T 400 58.47 4.08 -15.47
CA ASN T 400 58.26 5.44 -15.91
C ASN T 400 57.22 5.45 -17.00
N PRO T 401 56.04 6.04 -16.79
CA PRO T 401 54.97 5.96 -17.81
C PRO T 401 55.35 6.53 -19.17
N PHE T 402 56.52 7.15 -19.31
CA PHE T 402 56.99 7.53 -20.63
C PHE T 402 57.67 6.38 -21.37
N ALA T 403 58.13 5.37 -20.65
CA ALA T 403 58.97 4.33 -21.25
C ALA T 403 58.17 3.34 -22.09
N ASN T 404 56.86 3.23 -21.86
CA ASN T 404 56.05 2.18 -22.44
C ASN T 404 55.55 2.53 -23.84
N LEU T 405 55.96 3.68 -24.38
CA LEU T 405 55.44 4.20 -25.63
C LEU T 405 55.43 3.13 -26.73
N TYR T 406 54.40 3.18 -27.57
CA TYR T 406 54.15 2.17 -28.58
C TYR T 406 53.74 2.85 -29.87
N ASN T 407 54.13 2.26 -31.00
CA ASN T 407 53.70 2.79 -32.28
C ASN T 407 53.11 1.69 -33.18
N TYR T 408 52.98 2.00 -34.47
CA TYR T 408 52.58 0.99 -35.45
C TYR T 408 53.56 -0.17 -35.49
N GLY T 409 54.84 0.09 -35.28
CA GLY T 409 55.81 -0.98 -35.14
C GLY T 409 55.81 -1.57 -33.75
N SER T 410 54.69 -2.19 -33.36
CA SER T 410 54.56 -2.87 -32.09
C SER T 410 53.67 -4.10 -32.27
N TYR T 411 54.05 -5.18 -31.58
CA TYR T 411 53.26 -6.41 -31.54
C TYR T 411 53.03 -6.98 -32.93
N GLY T 412 54.04 -6.88 -33.79
CA GLY T 412 53.98 -7.44 -35.13
C GLY T 412 55.22 -8.24 -35.45
N ARG T 413 55.06 -9.45 -35.97
CA ARG T 413 56.19 -10.34 -36.15
C ARG T 413 57.11 -9.82 -37.25
N GLY T 414 58.36 -10.27 -37.20
CA GLY T 414 59.43 -9.65 -37.95
C GLY T 414 60.41 -8.96 -37.02
N SER T 415 61.70 -9.03 -37.37
CA SER T 415 62.76 -8.53 -36.52
C SER T 415 63.84 -7.93 -37.41
N TYR T 416 65.00 -7.64 -36.82
CA TYR T 416 66.11 -7.03 -37.54
C TYR T 416 67.03 -8.14 -38.03
N THR T 417 67.25 -8.20 -39.34
CA THR T 417 68.19 -9.15 -39.91
C THR T 417 69.62 -8.66 -39.79
N ASP T 418 70.48 -9.51 -39.24
CA ASP T 418 71.90 -9.24 -39.18
C ASP T 418 72.50 -9.20 -40.58
N PRO T 419 73.08 -8.08 -41.02
CA PRO T 419 73.47 -7.95 -42.42
C PRO T 419 74.59 -8.91 -42.79
N TRP T 420 74.63 -9.26 -44.07
CA TRP T 420 75.44 -10.37 -44.55
C TRP T 420 76.87 -9.91 -44.80
N THR T 421 77.82 -10.83 -44.61
CA THR T 421 79.22 -10.59 -44.84
C THR T 421 79.72 -11.38 -46.03
N VAL T 422 80.89 -10.97 -46.54
CA VAL T 422 81.47 -11.59 -47.73
C VAL T 422 82.04 -12.96 -47.40
N GLU T 423 82.43 -13.20 -46.14
CA GLU T 423 82.80 -14.55 -45.72
C GLU T 423 81.63 -15.51 -45.86
N GLU T 424 80.40 -15.01 -45.69
CA GLU T 424 79.23 -15.86 -45.87
C GLU T 424 78.90 -16.10 -47.35
N MET T 425 79.35 -15.21 -48.24
CA MET T 425 78.96 -15.30 -49.65
C MET T 425 79.62 -16.49 -50.34
N ILE T 426 80.83 -16.86 -49.93
CA ILE T 426 81.48 -18.03 -50.51
C ILE T 426 80.78 -19.31 -50.06
N LYS T 427 80.15 -19.30 -48.89
CA LYS T 427 79.24 -20.38 -48.53
C LYS T 427 77.83 -20.17 -49.06
N PHE T 428 77.56 -19.03 -49.72
CA PHE T 428 76.26 -18.76 -50.32
C PHE T 428 76.28 -19.00 -51.82
N TYR T 429 77.29 -18.49 -52.52
CA TYR T 429 77.43 -18.72 -53.95
C TYR T 429 77.60 -20.21 -54.25
N LYS T 430 78.45 -20.89 -53.48
CA LYS T 430 78.76 -22.29 -53.76
C LYS T 430 77.59 -23.21 -53.41
N ALA T 431 76.87 -22.90 -52.33
CA ALA T 431 75.65 -23.65 -52.04
C ALA T 431 74.57 -23.37 -53.06
N LEU T 432 74.60 -22.19 -53.70
CA LEU T 432 73.75 -21.88 -54.83
C LEU T 432 74.35 -22.36 -56.15
N SER T 433 75.65 -22.65 -56.18
CA SER T 433 76.27 -23.24 -57.36
C SER T 433 76.03 -24.75 -57.43
N MET T 434 76.01 -25.44 -56.29
CA MET T 434 75.86 -26.88 -56.32
C MET T 434 74.43 -27.28 -56.68
N TRP T 435 73.45 -26.77 -55.95
CA TRP T 435 72.06 -27.04 -56.27
C TRP T 435 71.50 -25.91 -57.13
N GLY T 436 70.26 -26.09 -57.60
CA GLY T 436 69.60 -25.04 -58.34
C GLY T 436 69.18 -23.86 -57.48
N THR T 437 68.15 -24.06 -56.66
CA THR T 437 67.82 -23.13 -55.58
C THR T 437 67.02 -23.92 -54.54
N ASP T 438 67.69 -24.34 -53.47
CA ASP T 438 67.09 -25.25 -52.50
C ASP T 438 67.24 -24.67 -51.10
N PHE T 439 66.15 -24.08 -50.59
CA PHE T 439 66.18 -23.29 -49.36
C PHE T 439 66.09 -24.15 -48.11
N ASN T 440 65.90 -25.46 -48.26
CA ASN T 440 65.67 -26.35 -47.13
C ASN T 440 66.97 -26.57 -46.35
N LEU T 441 68.01 -27.02 -47.04
CA LEU T 441 69.24 -27.47 -46.40
C LEU T 441 70.25 -26.34 -46.20
N ILE T 442 70.11 -25.24 -46.96
CA ILE T 442 71.00 -24.10 -46.78
C ILE T 442 70.63 -23.30 -45.54
N SER T 443 69.41 -23.52 -45.00
CA SER T 443 69.00 -22.81 -43.80
C SER T 443 69.83 -23.23 -42.60
N GLN T 444 70.06 -24.55 -42.43
CA GLN T 444 70.83 -25.03 -41.30
C GLN T 444 72.32 -24.71 -41.47
N LEU T 445 72.76 -24.48 -42.70
CA LEU T 445 74.16 -24.10 -42.95
C LEU T 445 74.49 -22.78 -42.25
N TYR T 446 73.52 -21.87 -42.19
CA TYR T 446 73.61 -20.65 -41.40
C TYR T 446 72.79 -20.83 -40.13
N PRO T 447 73.41 -21.30 -39.05
CA PRO T 447 72.69 -22.10 -38.04
C PRO T 447 71.54 -21.37 -37.37
N TYR T 448 71.68 -20.08 -37.08
CA TYR T 448 70.63 -19.32 -36.42
C TYR T 448 69.89 -18.37 -37.36
N ARG T 449 70.08 -18.50 -38.66
CA ARG T 449 69.22 -17.84 -39.63
C ARG T 449 68.05 -18.76 -39.97
N SER T 450 66.91 -18.15 -40.32
CA SER T 450 65.69 -18.89 -40.56
C SER T 450 65.32 -18.88 -42.04
N ARG T 451 64.31 -19.70 -42.35
CA ARG T 451 63.95 -20.02 -43.72
C ARG T 451 63.41 -18.80 -44.48
N LYS T 452 62.84 -17.83 -43.76
CA LYS T 452 62.13 -16.74 -44.40
C LYS T 452 63.06 -15.66 -44.94
N GLN T 453 64.00 -15.18 -44.12
CA GLN T 453 64.82 -14.06 -44.57
C GLN T 453 65.89 -14.49 -45.56
N VAL T 454 66.26 -15.77 -45.58
CA VAL T 454 67.25 -16.24 -46.55
C VAL T 454 66.62 -16.39 -47.93
N LYS T 455 65.30 -16.63 -47.98
CA LYS T 455 64.58 -16.58 -49.24
C LYS T 455 64.55 -15.16 -49.80
N ALA T 456 64.40 -14.16 -48.92
CA ALA T 456 64.48 -12.77 -49.38
C ALA T 456 65.88 -12.37 -49.79
N LYS T 457 66.91 -13.05 -49.28
CA LYS T 457 68.27 -12.77 -49.74
C LYS T 457 68.48 -13.25 -51.17
N PHE T 458 67.72 -14.26 -51.60
CA PHE T 458 67.71 -14.61 -53.01
C PHE T 458 67.01 -13.54 -53.85
N VAL T 459 66.02 -12.85 -53.27
CA VAL T 459 65.19 -11.94 -54.05
C VAL T 459 65.88 -10.59 -54.24
N ASN T 460 66.47 -10.04 -53.18
CA ASN T 460 67.05 -8.70 -53.27
C ASN T 460 68.31 -8.69 -54.12
N GLU T 461 69.02 -9.83 -54.21
CA GLU T 461 70.22 -9.91 -55.02
C GLU T 461 69.91 -9.94 -56.51
N GLU T 462 68.66 -10.20 -56.88
CA GLU T 462 68.26 -10.14 -58.28
C GLU T 462 68.37 -8.72 -58.82
N LYS T 463 68.02 -7.72 -58.00
CA LYS T 463 68.20 -6.34 -58.40
C LYS T 463 69.60 -5.84 -58.10
N LYS T 464 70.25 -6.36 -57.06
CA LYS T 464 71.56 -5.87 -56.64
C LYS T 464 72.66 -6.37 -57.57
N ARG T 465 72.83 -7.69 -57.64
CA ARG T 465 73.82 -8.33 -58.49
C ARG T 465 73.10 -9.29 -59.44
N PRO T 466 72.50 -8.77 -60.52
CA PRO T 466 71.82 -9.67 -61.45
C PRO T 466 72.76 -10.51 -62.30
N ILE T 467 73.99 -10.05 -62.53
CA ILE T 467 74.88 -10.77 -63.43
C ILE T 467 75.73 -11.81 -62.70
N LEU T 468 76.05 -11.59 -61.42
CA LEU T 468 76.80 -12.58 -60.65
C LEU T 468 75.95 -13.83 -60.38
N ILE T 469 74.64 -13.65 -60.23
CA ILE T 469 73.74 -14.81 -60.12
C ILE T 469 73.61 -15.52 -61.46
N GLU T 470 73.70 -14.78 -62.57
CA GLU T 470 73.48 -15.37 -63.89
C GLU T 470 74.62 -16.28 -64.34
N LEU T 471 75.75 -16.28 -63.62
CA LEU T 471 76.81 -17.23 -63.88
C LEU T 471 76.53 -18.59 -63.25
N ALA T 472 75.62 -18.66 -62.27
CA ALA T 472 75.46 -19.86 -61.46
C ALA T 472 74.63 -20.92 -62.20
N LEU T 473 73.55 -20.52 -62.86
CA LEU T 473 72.71 -21.48 -63.56
C LEU T 473 73.29 -21.90 -64.89
N ARG T 474 74.18 -21.10 -65.47
CA ARG T 474 74.98 -21.55 -66.60
C ARG T 474 75.93 -22.68 -66.19
N SER T 475 76.44 -22.62 -64.96
CA SER T 475 77.30 -23.66 -64.40
C SER T 475 76.47 -24.90 -64.10
N LYS T 476 76.55 -25.89 -65.00
CA LYS T 476 75.89 -27.19 -64.84
C LYS T 476 76.98 -28.24 -65.02
N LEU T 477 77.71 -28.47 -63.94
CA LEU T 477 78.93 -29.28 -63.83
C LEU T 477 79.33 -29.24 -62.36
N PRO T 478 80.12 -30.19 -61.87
CA PRO T 478 80.75 -30.00 -60.57
C PRO T 478 81.73 -28.83 -60.63
N PRO T 479 81.64 -27.91 -59.68
CA PRO T 479 82.44 -26.68 -59.75
C PRO T 479 83.91 -26.89 -59.42
N ASN T 480 84.62 -25.77 -59.26
CA ASN T 480 85.99 -25.77 -58.76
C ASN T 480 86.11 -26.61 -57.50
N PHE T 481 86.93 -27.66 -57.55
CA PHE T 481 86.84 -28.72 -56.55
C PHE T 481 87.47 -28.25 -55.24
N ASP T 482 86.72 -27.40 -54.53
CA ASP T 482 87.04 -26.99 -53.17
C ASP T 482 85.89 -27.23 -52.21
N GLU T 483 84.74 -27.70 -52.69
CA GLU T 483 83.60 -28.02 -51.85
C GLU T 483 83.72 -29.38 -51.16
N TYR T 484 84.81 -30.12 -51.41
CA TYR T 484 84.97 -31.44 -50.83
C TYR T 484 85.05 -31.39 -49.32
N CYS T 485 85.62 -30.31 -48.77
CA CYS T 485 85.57 -30.10 -47.33
C CYS T 485 84.15 -29.75 -46.88
N CYS T 486 83.52 -28.78 -47.56
CA CYS T 486 82.17 -28.39 -47.22
C CYS T 486 81.14 -29.45 -47.62
N GLU T 487 81.52 -30.41 -48.46
CA GLU T 487 80.70 -31.61 -48.64
C GLU T 487 80.66 -32.44 -47.37
N ILE T 488 81.79 -32.53 -46.66
CA ILE T 488 81.89 -33.41 -45.50
C ILE T 488 81.78 -32.64 -44.19
N LYS T 489 82.02 -31.33 -44.19
CA LYS T 489 81.74 -30.52 -43.01
C LYS T 489 80.26 -30.55 -42.66
N LYS T 490 79.40 -30.61 -43.68
CA LYS T 490 77.99 -30.88 -43.44
C LYS T 490 77.76 -32.29 -42.93
N ASN T 491 78.60 -33.24 -43.37
CA ASN T 491 78.38 -34.65 -43.05
C ASN T 491 78.93 -35.04 -41.67
N ILE T 492 79.92 -34.31 -41.16
CA ILE T 492 80.57 -34.73 -39.91
C ILE T 492 79.75 -34.38 -38.67
N GLY T 493 78.63 -33.68 -38.83
CA GLY T 493 77.70 -33.49 -37.74
C GLY T 493 76.82 -34.71 -37.57
N THR T 494 76.97 -35.41 -36.43
CA THR T 494 76.19 -36.60 -36.11
C THR T 494 76.37 -37.66 -37.20
N VAL T 495 77.59 -38.20 -37.22
CA VAL T 495 77.98 -39.17 -38.24
C VAL T 495 77.20 -40.46 -38.02
N ALA T 496 76.21 -40.71 -38.87
CA ALA T 496 75.46 -41.95 -38.86
C ALA T 496 74.83 -42.15 -40.22
N ASP T 497 74.64 -43.43 -40.59
CA ASP T 497 74.05 -43.75 -41.88
C ASP T 497 72.56 -43.43 -41.87
N PHE T 498 72.21 -42.18 -42.22
CA PHE T 498 70.84 -41.71 -42.07
C PHE T 498 69.88 -42.41 -43.03
N ASN T 499 70.39 -43.00 -44.11
CA ASN T 499 69.52 -43.75 -45.02
C ASN T 499 69.00 -45.03 -44.39
N GLU T 500 69.68 -45.54 -43.36
CA GLU T 500 69.20 -46.71 -42.62
C GLU T 500 69.09 -46.48 -41.12
N LYS T 501 69.52 -45.33 -40.61
CA LYS T 501 69.34 -45.05 -39.19
C LYS T 501 67.87 -44.82 -38.86
N LEU T 502 67.14 -44.18 -39.77
CA LEU T 502 65.72 -43.92 -39.52
C LEU T 502 64.90 -45.18 -39.61
N ILE T 503 65.34 -46.14 -40.43
CA ILE T 503 64.61 -47.39 -40.62
C ILE T 503 64.63 -48.23 -39.35
N GLU T 504 65.80 -48.32 -38.71
CA GLU T 504 65.99 -49.34 -37.67
C GLU T 504 65.25 -48.98 -36.38
N LEU T 505 65.18 -47.69 -36.04
CA LEU T 505 64.46 -47.33 -34.82
C LEU T 505 62.97 -47.19 -35.06
N GLN T 506 62.55 -46.94 -36.31
CA GLN T 506 61.14 -46.99 -36.64
C GLN T 506 60.60 -48.41 -36.48
N ASN T 507 61.41 -49.42 -36.81
CA ASN T 507 61.00 -50.80 -36.60
C ASN T 507 60.93 -51.13 -35.11
N GLU T 508 61.75 -50.46 -34.30
CA GLU T 508 61.63 -50.60 -32.85
C GLU T 508 60.32 -50.01 -32.35
N HIS T 509 59.87 -48.92 -32.96
CA HIS T 509 58.69 -48.22 -32.46
C HIS T 509 57.44 -49.06 -32.67
N LYS T 510 57.31 -49.68 -33.84
CA LYS T 510 56.16 -50.55 -34.10
C LYS T 510 56.25 -51.84 -33.31
N HIS T 511 57.46 -52.22 -32.86
CA HIS T 511 57.60 -53.38 -31.98
C HIS T 511 57.04 -53.08 -30.60
N HIS T 512 57.28 -51.87 -30.09
CA HIS T 512 56.69 -51.48 -28.82
C HIS T 512 55.18 -51.32 -28.94
N MET T 513 54.70 -50.85 -30.09
CA MET T 513 53.26 -50.71 -30.30
C MET T 513 52.60 -52.07 -30.44
N LYS T 514 53.29 -53.04 -31.03
CA LYS T 514 52.75 -54.39 -31.12
C LYS T 514 52.72 -55.05 -29.75
N GLU T 515 53.69 -54.74 -28.89
CA GLU T 515 53.74 -55.36 -27.57
C GLU T 515 52.67 -54.77 -26.66
N ILE T 516 52.39 -53.48 -26.79
CA ILE T 516 51.29 -52.89 -26.02
C ILE T 516 49.95 -53.30 -26.62
N GLU T 517 49.94 -53.64 -27.91
CA GLU T 517 48.74 -54.23 -28.51
C GLU T 517 48.56 -55.66 -28.01
N GLU T 518 49.66 -56.38 -27.78
CA GLU T 518 49.56 -57.66 -27.09
C GLU T 518 49.08 -57.47 -25.66
N ALA T 519 49.58 -56.42 -24.99
CA ALA T 519 49.13 -56.12 -23.64
C ALA T 519 47.68 -55.66 -23.63
N LYS T 520 47.23 -55.08 -24.75
CA LYS T 520 45.84 -54.63 -24.87
C LYS T 520 44.88 -55.82 -24.83
N ASN T 521 45.07 -56.77 -25.74
CA ASN T 521 44.09 -57.84 -25.89
C ASN T 521 44.18 -58.85 -24.75
N THR T 522 45.39 -59.06 -24.20
CA THR T 522 45.53 -59.99 -23.08
C THR T 522 44.90 -59.41 -21.82
N ALA T 523 44.86 -58.08 -21.70
CA ALA T 523 44.06 -57.47 -20.65
C ALA T 523 42.58 -57.61 -20.92
N LYS T 524 42.19 -57.68 -22.19
CA LYS T 524 40.77 -57.73 -22.55
C LYS T 524 40.20 -59.11 -22.30
N GLU T 525 40.97 -60.16 -22.57
CA GLU T 525 40.44 -61.52 -22.51
C GLU T 525 40.27 -61.98 -21.07
N GLU T 526 41.19 -61.57 -20.19
CA GLU T 526 41.05 -61.93 -18.78
C GLU T 526 39.92 -61.16 -18.12
N ASP T 527 39.57 -59.99 -18.66
CA ASP T 527 38.50 -59.19 -18.07
C ASP T 527 37.15 -59.82 -18.33
N GLN T 528 36.90 -60.26 -19.57
CA GLN T 528 35.67 -60.98 -19.88
C GLN T 528 35.62 -62.33 -19.17
N THR T 529 36.78 -62.95 -18.94
CA THR T 529 36.81 -64.22 -18.23
C THR T 529 36.40 -64.04 -16.77
N ALA T 530 36.81 -62.94 -16.15
CA ALA T 530 36.58 -62.76 -14.72
C ALA T 530 35.13 -62.42 -14.42
N GLN T 531 34.53 -61.52 -15.22
CA GLN T 531 33.17 -61.09 -14.95
C GLN T 531 32.13 -62.06 -15.47
N ARG T 532 32.52 -62.99 -16.34
CA ARG T 532 31.67 -64.15 -16.64
C ARG T 532 31.48 -65.02 -15.40
N LEU T 533 32.52 -65.14 -14.58
CA LEU T 533 32.39 -65.88 -13.32
C LEU T 533 31.49 -65.15 -12.33
N ASN T 534 31.48 -63.81 -12.36
CA ASN T 534 30.54 -63.06 -11.55
C ASN T 534 29.10 -63.19 -12.08
N ASP T 535 28.95 -63.40 -13.40
CA ASP T 535 27.62 -63.60 -13.95
C ASP T 535 27.07 -64.97 -13.57
N ALA T 536 27.94 -65.96 -13.38
CA ALA T 536 27.49 -67.27 -12.92
C ALA T 536 27.01 -67.23 -11.48
N ASN T 537 27.76 -66.56 -10.60
CA ASN T 537 27.40 -66.46 -9.20
C ASN T 537 26.39 -65.33 -8.98
ZN ZN X . -14.44 -4.93 -30.38
ZN ZN Y . -16.49 -46.75 -1.88
ZN ZN Z . -27.61 -13.35 -22.31
ZN ZN AA . 30.24 -36.86 44.37
ZN ZN BA . 7.63 56.85 9.94
ZN ZN CA . 35.47 32.77 -21.66
ZN ZN DA . -15.98 22.26 -37.75
#